data_6E88
#
_entry.id   6E88
#
_cell.length_a   1
_cell.length_b   1
_cell.length_c   1
_cell.angle_alpha   90
_cell.angle_beta   90
_cell.angle_gamma   90
#
_symmetry.space_group_name_H-M   'P 1'
#
loop_
_entity.id
_entity.type
_entity.pdbx_description
1 polymer 'Tubulin alpha-2 chain'
2 polymer 'Tubulin beta-2 chain'
3 non-polymer "GUANOSINE-5'-TRIPHOSPHATE"
4 non-polymer "GUANOSINE-5'-DIPHOSPHATE"
#
loop_
_entity_poly.entity_id
_entity_poly.type
_entity_poly.pdbx_seq_one_letter_code
_entity_poly.pdbx_strand_id
1 'polypeptide(L)'
;MREVISIHVGQAGVQIGNACWELYCLEHGIQPDGTMPTQSTNEGESFTTFFSDTGSGRYVPRSIFVDLEPTVVDEIRTGT
YKKLFHPEQMITGKEDAANNYARGHYTVGKELIDTVLDRIRRLADNCSGLQGFFVFHSFGGGTGSGFTSLLMERLSVDYG
KKSKLEFSIYPAPQVSTAVVEPYNSILTTHTTLEHSDCAFMVDNEAIYDICRRNLDVERPSYTNLNRIISQVVSSITASL
RFDGALNVDLNEFQTNLVPYPRIHFPLAAYTPLISAEKAYHEALSVSDITNSCFEPANQMVKCDPRHGKYMAVCLLYRGD
VVPKDVNTAIAAIKTKRTIQFVDWCPTGFKVGINYQPPTVVPGGDLAKVPRAVCMLSNTTAIAEAWSRLDYKFDLMYAKR
AFVHWYVGEGMEEGEFTEAREDLAALEKDYEEVG
;
A,C,H,L,I,M
2 'polypeptide(L)'
;MREIVHVQAGQCGNQIGSKFWEVISDEHGIQPDGTFKGETDLQLERIDVYYNEANNGKYVPRAVLVDLEPGTMDSVRSGP
FGQLFRPDNFVFGQSGAGNNWAKGHYTEGAELVDNVLDVIRKEAEGCDCLQGFQLTHSLGGGTGSGMGTLLISKIREEYP
DRIMSSFSVVPSPKVSDTVVEPYNATLSVHQLVENTDETYCIDNEALYDICYRTLKLTNPTYGDLNHLVSLTMSGVTTCL
RFPGQLNADLRKLAVNMVPFPRLHFFMPGFAPLSAKGTQAYRALTVAELTQQMFDAKNMMAACDPRHGRYLTVAAMFRGR
MSMREVDEQMLNVQNKNSSYFVEWIPNNVKTAVCDIPPRGLKMAATFVGNSTAIQELFKRISEQFTAMFRRKAFLHWYTG
EGMDEMEFTEAESNMNDLISEYQQYQ
;
B,D,J,N,K,O
#
loop_
_chem_comp.id
_chem_comp.type
_chem_comp.name
_chem_comp.formula
GDP RNA linking GUANOSINE-5'-DIPHOSPHATE 'C10 H15 N5 O11 P2'
GTP non-polymer GUANOSINE-5'-TRIPHOSPHATE 'C10 H16 N5 O14 P3'
#
# COMPACT_ATOMS: atom_id res chain seq x y z
N MET A 1 -53.54 -52.30 -23.88
CA MET A 1 -52.85 -52.98 -24.97
C MET A 1 -51.36 -53.04 -24.69
N ARG A 2 -50.55 -53.08 -25.75
CA ARG A 2 -49.10 -53.06 -25.58
C ARG A 2 -48.66 -51.65 -25.18
N GLU A 3 -47.76 -51.57 -24.18
CA GLU A 3 -47.30 -50.30 -23.61
C GLU A 3 -45.84 -50.45 -23.22
N VAL A 4 -45.00 -49.53 -23.70
CA VAL A 4 -43.56 -49.60 -23.50
C VAL A 4 -43.11 -48.38 -22.70
N ILE A 5 -42.24 -48.62 -21.72
CA ILE A 5 -41.74 -47.60 -20.79
C ILE A 5 -40.31 -47.25 -21.17
N SER A 6 -39.97 -45.96 -21.10
CA SER A 6 -38.63 -45.47 -21.38
C SER A 6 -38.00 -44.94 -20.10
N ILE A 7 -36.71 -45.18 -19.92
CA ILE A 7 -35.95 -44.68 -18.78
C ILE A 7 -34.73 -43.94 -19.30
N HIS A 8 -34.45 -42.77 -18.73
CA HIS A 8 -33.37 -41.91 -19.21
C HIS A 8 -32.43 -41.63 -18.06
N VAL A 9 -31.25 -42.24 -18.09
CA VAL A 9 -30.29 -42.18 -17.01
C VAL A 9 -29.00 -41.55 -17.53
N GLY A 10 -28.59 -40.45 -16.94
CA GLY A 10 -27.41 -39.74 -17.37
C GLY A 10 -27.75 -38.58 -18.29
N GLN A 11 -26.74 -37.73 -18.54
CA GLN A 11 -26.94 -36.58 -19.41
C GLN A 11 -27.14 -37.00 -20.86
N ALA A 12 -26.54 -38.12 -21.27
CA ALA A 12 -26.87 -38.70 -22.57
C ALA A 12 -28.29 -39.23 -22.59
N GLY A 13 -28.80 -39.65 -21.44
CA GLY A 13 -30.21 -39.98 -21.36
C GLY A 13 -31.11 -38.77 -21.46
N VAL A 14 -30.62 -37.60 -21.07
CA VAL A 14 -31.47 -36.41 -21.00
C VAL A 14 -31.76 -35.88 -22.40
N GLN A 15 -30.71 -35.53 -23.15
CA GLN A 15 -30.92 -34.79 -24.39
C GLN A 15 -31.22 -35.68 -25.59
N ILE A 16 -30.82 -36.95 -25.56
CA ILE A 16 -31.30 -37.88 -26.58
C ILE A 16 -32.80 -38.13 -26.39
N GLY A 17 -33.24 -38.23 -25.14
CA GLY A 17 -34.66 -38.27 -24.85
C GLY A 17 -35.36 -36.95 -25.15
N ASN A 18 -34.62 -35.84 -25.10
CA ASN A 18 -35.18 -34.55 -25.52
C ASN A 18 -35.35 -34.44 -27.02
N ALA A 19 -34.79 -35.38 -27.79
CA ALA A 19 -34.97 -35.39 -29.23
C ALA A 19 -35.99 -36.44 -29.66
N CYS A 20 -35.94 -37.63 -29.05
CA CYS A 20 -36.80 -38.73 -29.46
C CYS A 20 -38.26 -38.45 -29.13
N TRP A 21 -38.53 -37.95 -27.93
CA TRP A 21 -39.90 -37.58 -27.56
C TRP A 21 -40.32 -36.30 -28.27
N GLU A 22 -39.36 -35.45 -28.64
CA GLU A 22 -39.66 -34.33 -29.51
C GLU A 22 -40.07 -34.79 -30.90
N LEU A 23 -39.40 -35.83 -31.41
CA LEU A 23 -39.70 -36.33 -32.75
C LEU A 23 -41.05 -37.04 -32.79
N TYR A 24 -41.42 -37.72 -31.71
CA TYR A 24 -42.66 -38.50 -31.70
C TYR A 24 -43.88 -37.61 -31.65
N CYS A 25 -43.75 -36.41 -31.07
CA CYS A 25 -44.80 -35.41 -31.14
C CYS A 25 -45.08 -34.95 -32.56
N LEU A 26 -44.08 -35.01 -33.44
CA LEU A 26 -44.32 -34.70 -34.84
C LEU A 26 -44.97 -35.86 -35.56
N GLU A 27 -44.52 -37.09 -35.30
CA GLU A 27 -44.99 -38.24 -36.06
C GLU A 27 -46.36 -38.74 -35.62
N HIS A 28 -46.92 -38.21 -34.54
CA HIS A 28 -48.29 -38.51 -34.16
C HIS A 28 -49.18 -37.28 -34.15
N GLY A 29 -48.63 -36.09 -34.32
CA GLY A 29 -49.45 -34.89 -34.34
C GLY A 29 -49.87 -34.41 -32.96
N ILE A 30 -48.98 -34.50 -31.98
CA ILE A 30 -49.29 -34.11 -30.61
C ILE A 30 -48.56 -32.81 -30.29
N GLN A 31 -49.31 -31.82 -29.81
CA GLN A 31 -48.72 -30.54 -29.45
C GLN A 31 -47.91 -30.69 -28.16
N PRO A 32 -46.81 -29.93 -28.02
CA PRO A 32 -45.91 -30.15 -26.87
C PRO A 32 -46.45 -29.69 -25.53
N ASP A 33 -47.59 -28.97 -25.49
CA ASP A 33 -48.12 -28.53 -24.21
C ASP A 33 -48.69 -29.68 -23.40
N GLY A 34 -49.18 -30.72 -24.06
CA GLY A 34 -49.67 -31.89 -23.36
C GLY A 34 -50.93 -32.49 -23.96
N THR A 35 -51.72 -31.66 -24.63
CA THR A 35 -52.95 -32.10 -25.26
C THR A 35 -52.72 -32.31 -26.76
N MET A 36 -53.74 -32.81 -27.43
CA MET A 36 -53.64 -33.05 -28.86
C MET A 36 -54.63 -32.18 -29.61
N PRO A 37 -54.31 -31.79 -30.84
CA PRO A 37 -55.33 -31.22 -31.72
C PRO A 37 -56.20 -32.32 -32.32
N THR A 38 -57.46 -31.97 -32.56
CA THR A 38 -58.45 -32.93 -33.03
C THR A 38 -58.23 -33.37 -34.47
N GLN A 39 -57.36 -32.70 -35.22
CA GLN A 39 -57.06 -33.12 -36.58
C GLN A 39 -56.22 -34.38 -36.61
N SER A 40 -55.40 -34.62 -35.58
CA SER A 40 -54.45 -35.72 -35.57
C SER A 40 -54.99 -36.96 -34.86
N THR A 41 -56.31 -37.19 -34.91
CA THR A 41 -56.85 -38.43 -34.36
C THR A 41 -56.71 -39.58 -35.36
N ASN A 42 -56.95 -39.29 -36.64
CA ASN A 42 -56.77 -40.30 -37.68
C ASN A 42 -55.29 -40.66 -37.87
N GLU A 43 -54.39 -39.69 -37.72
CA GLU A 43 -52.97 -40.00 -37.63
C GLU A 43 -52.66 -40.80 -36.37
N GLY A 44 -53.35 -40.50 -35.27
CA GLY A 44 -53.17 -41.20 -34.02
C GLY A 44 -53.79 -42.59 -34.02
N GLU A 45 -53.18 -43.50 -34.77
CA GLU A 45 -53.68 -44.86 -34.91
C GLU A 45 -52.72 -45.78 -34.18
N SER A 46 -53.19 -46.32 -33.04
CA SER A 46 -52.42 -47.18 -32.13
C SER A 46 -51.16 -46.47 -31.64
N PHE A 47 -51.37 -45.36 -30.94
CA PHE A 47 -50.30 -44.62 -30.28
C PHE A 47 -50.22 -44.94 -28.80
N THR A 48 -50.87 -46.01 -28.36
CA THR A 48 -51.08 -46.26 -26.95
C THR A 48 -49.86 -46.87 -26.26
N THR A 49 -48.79 -47.15 -26.98
CA THR A 49 -47.64 -47.81 -26.35
C THR A 49 -46.82 -46.89 -25.48
N PHE A 50 -46.98 -45.57 -25.62
CA PHE A 50 -46.17 -44.59 -24.92
C PHE A 50 -46.98 -43.59 -24.10
N PHE A 51 -48.23 -43.35 -24.46
CA PHE A 51 -48.97 -42.19 -23.98
C PHE A 51 -50.25 -42.62 -23.28
N SER A 52 -50.29 -42.46 -21.96
CA SER A 52 -51.51 -42.63 -21.21
C SER A 52 -52.50 -41.52 -21.54
N ASP A 53 -53.78 -41.82 -21.39
CA ASP A 53 -54.82 -40.82 -21.61
C ASP A 53 -55.21 -40.21 -20.27
N THR A 54 -55.53 -38.91 -20.29
CA THR A 54 -55.82 -38.17 -19.06
C THR A 54 -56.85 -37.10 -19.37
N GLY A 55 -58.06 -37.29 -18.83
CA GLY A 55 -59.07 -36.24 -18.80
C GLY A 55 -59.68 -35.92 -20.15
N SER A 56 -58.90 -35.27 -21.02
CA SER A 56 -59.32 -35.01 -22.39
C SER A 56 -58.06 -34.98 -23.26
N GLY A 57 -57.69 -36.15 -23.79
CA GLY A 57 -56.59 -36.29 -24.72
C GLY A 57 -55.20 -35.91 -24.23
N ARG A 58 -55.03 -35.66 -22.94
CA ARG A 58 -53.76 -35.17 -22.44
C ARG A 58 -52.83 -36.34 -22.22
N TYR A 59 -51.70 -36.33 -22.91
CA TYR A 59 -50.90 -37.53 -23.13
C TYR A 59 -49.57 -37.39 -22.44
N VAL A 60 -49.43 -38.01 -21.27
CA VAL A 60 -48.15 -38.03 -20.57
C VAL A 60 -47.27 -39.11 -21.20
N PRO A 61 -45.97 -38.87 -21.37
CA PRO A 61 -45.09 -39.92 -21.86
C PRO A 61 -44.77 -40.90 -20.75
N ARG A 62 -44.86 -42.19 -21.07
CA ARG A 62 -44.42 -43.23 -20.15
C ARG A 62 -42.89 -43.24 -20.17
N SER A 63 -42.33 -42.31 -19.41
CA SER A 63 -40.91 -42.00 -19.49
C SER A 63 -40.43 -41.53 -18.12
N ILE A 64 -39.22 -41.95 -17.74
CA ILE A 64 -38.64 -41.62 -16.45
C ILE A 64 -37.28 -40.97 -16.69
N PHE A 65 -37.08 -39.81 -16.07
CA PHE A 65 -35.84 -39.05 -16.20
C PHE A 65 -35.06 -39.18 -14.90
N VAL A 66 -33.88 -39.80 -14.97
CA VAL A 66 -33.07 -40.09 -13.80
C VAL A 66 -31.74 -39.37 -13.97
N ASP A 67 -31.40 -38.50 -13.02
CA ASP A 67 -30.13 -37.79 -13.07
C ASP A 67 -29.69 -37.49 -11.64
N LEU A 68 -28.38 -37.55 -11.43
CA LEU A 68 -27.81 -37.16 -10.15
C LEU A 68 -27.55 -35.67 -10.05
N GLU A 69 -27.82 -34.92 -11.12
CA GLU A 69 -27.51 -33.50 -11.18
C GLU A 69 -28.74 -32.74 -11.66
N PRO A 70 -29.15 -31.68 -10.97
CA PRO A 70 -30.40 -30.99 -11.33
C PRO A 70 -30.26 -29.99 -12.46
N THR A 71 -29.07 -29.83 -13.04
CA THR A 71 -28.82 -28.73 -13.97
C THR A 71 -29.51 -28.96 -15.30
N VAL A 72 -29.18 -30.06 -15.99
CA VAL A 72 -29.72 -30.31 -17.31
C VAL A 72 -31.19 -30.73 -17.25
N VAL A 73 -31.66 -31.18 -16.07
CA VAL A 73 -33.08 -31.46 -15.90
C VAL A 73 -33.89 -30.17 -15.92
N ASP A 74 -33.30 -29.08 -15.43
CA ASP A 74 -33.97 -27.78 -15.46
C ASP A 74 -34.11 -27.22 -16.87
N GLU A 75 -33.30 -27.69 -17.81
CA GLU A 75 -33.50 -27.33 -19.22
C GLU A 75 -34.83 -27.88 -19.72
N ILE A 76 -35.20 -29.07 -19.26
CA ILE A 76 -36.53 -29.61 -19.55
C ILE A 76 -37.59 -28.80 -18.83
N ARG A 77 -37.30 -28.38 -17.60
CA ARG A 77 -38.22 -27.58 -16.81
C ARG A 77 -38.10 -26.07 -17.09
N THR A 78 -37.57 -25.69 -18.25
CA THR A 78 -37.59 -24.31 -18.72
C THR A 78 -38.23 -24.18 -20.09
N GLY A 79 -37.96 -25.11 -20.99
CA GLY A 79 -38.43 -25.03 -22.37
C GLY A 79 -39.90 -25.35 -22.51
N THR A 80 -40.31 -25.50 -23.77
CA THR A 80 -41.70 -25.76 -24.12
C THR A 80 -42.15 -27.15 -23.66
N TYR A 81 -41.22 -28.10 -23.56
CA TYR A 81 -41.54 -29.48 -23.20
C TYR A 81 -41.56 -29.69 -21.69
N LYS A 82 -41.80 -28.63 -20.92
CA LYS A 82 -41.96 -28.77 -19.47
C LYS A 82 -43.31 -29.35 -19.11
N LYS A 83 -44.38 -28.82 -19.70
CA LYS A 83 -45.74 -29.23 -19.35
C LYS A 83 -46.13 -30.57 -19.96
N LEU A 84 -45.30 -31.14 -20.83
CA LEU A 84 -45.63 -32.45 -21.40
C LEU A 84 -45.37 -33.58 -20.42
N PHE A 85 -44.23 -33.55 -19.74
CA PHE A 85 -43.85 -34.64 -18.85
C PHE A 85 -44.52 -34.48 -17.49
N HIS A 86 -44.50 -35.56 -16.72
CA HIS A 86 -45.10 -35.61 -15.39
C HIS A 86 -44.06 -35.26 -14.33
N PRO A 87 -44.44 -34.47 -13.32
CA PRO A 87 -43.44 -33.99 -12.36
C PRO A 87 -42.90 -35.09 -11.45
N GLU A 88 -43.76 -35.96 -10.92
CA GLU A 88 -43.25 -37.04 -10.08
C GLU A 88 -42.59 -38.15 -10.90
N GLN A 89 -42.72 -38.13 -12.21
CA GLN A 89 -41.84 -38.94 -13.04
C GLN A 89 -40.43 -38.38 -13.12
N MET A 90 -40.25 -37.08 -12.92
CA MET A 90 -38.93 -36.48 -12.86
C MET A 90 -38.41 -36.65 -11.43
N ILE A 91 -37.39 -37.48 -11.28
CA ILE A 91 -36.71 -37.66 -10.00
C ILE A 91 -35.28 -37.18 -10.19
N THR A 92 -34.88 -36.18 -9.42
CA THR A 92 -33.60 -35.53 -9.60
C THR A 92 -32.64 -35.88 -8.48
N GLY A 93 -31.35 -35.70 -8.75
CA GLY A 93 -30.32 -35.79 -7.75
C GLY A 93 -29.77 -34.41 -7.39
N LYS A 94 -28.92 -34.39 -6.40
CA LYS A 94 -28.32 -33.14 -5.96
C LYS A 94 -26.80 -33.13 -6.04
N GLU A 95 -26.15 -34.21 -5.61
CA GLU A 95 -24.70 -34.30 -5.56
C GLU A 95 -24.22 -35.20 -6.68
N ASP A 96 -23.17 -34.78 -7.38
CA ASP A 96 -22.76 -35.43 -8.61
C ASP A 96 -21.76 -36.55 -8.33
N ALA A 97 -21.71 -37.52 -9.23
CA ALA A 97 -20.80 -38.65 -9.11
C ALA A 97 -19.48 -38.45 -9.83
N ALA A 98 -19.46 -37.57 -10.84
CA ALA A 98 -18.25 -37.14 -11.56
C ALA A 98 -17.52 -38.31 -12.21
N ASN A 99 -18.26 -39.10 -13.00
CA ASN A 99 -17.74 -40.19 -13.84
C ASN A 99 -16.98 -41.23 -13.03
N ASN A 100 -17.46 -41.51 -11.83
CA ASN A 100 -16.84 -42.47 -10.93
C ASN A 100 -17.84 -43.58 -10.65
N TYR A 101 -17.35 -44.82 -10.56
CA TYR A 101 -18.24 -45.96 -10.49
C TYR A 101 -18.96 -46.02 -9.15
N ALA A 102 -18.21 -46.16 -8.05
CA ALA A 102 -18.82 -46.33 -6.74
C ALA A 102 -19.47 -45.06 -6.23
N ARG A 103 -19.17 -43.91 -6.83
CA ARG A 103 -19.97 -42.73 -6.56
C ARG A 103 -21.32 -42.79 -7.26
N GLY A 104 -21.41 -43.56 -8.35
CA GLY A 104 -22.65 -43.73 -9.06
C GLY A 104 -23.29 -45.09 -8.85
N HIS A 105 -22.56 -46.01 -8.22
CA HIS A 105 -23.09 -47.34 -7.94
C HIS A 105 -23.52 -47.49 -6.49
N TYR A 106 -22.95 -46.72 -5.58
CA TYR A 106 -23.27 -46.84 -4.15
C TYR A 106 -23.68 -45.53 -3.51
N THR A 107 -23.07 -44.42 -3.90
CA THR A 107 -23.11 -43.23 -3.04
C THR A 107 -24.43 -42.49 -3.15
N VAL A 108 -24.75 -41.95 -4.33
CA VAL A 108 -25.90 -41.07 -4.48
C VAL A 108 -27.02 -41.91 -5.09
N GLY A 109 -26.65 -43.01 -5.75
CA GLY A 109 -27.64 -43.87 -6.37
C GLY A 109 -28.49 -44.63 -5.36
N LYS A 110 -27.89 -45.10 -4.27
CA LYS A 110 -28.63 -45.89 -3.30
C LYS A 110 -29.53 -45.06 -2.41
N GLU A 111 -29.45 -43.73 -2.47
CA GLU A 111 -30.44 -42.89 -1.80
C GLU A 111 -31.62 -42.60 -2.70
N LEU A 112 -31.49 -42.85 -4.00
CA LEU A 112 -32.52 -42.53 -4.97
C LEU A 112 -33.05 -43.73 -5.73
N ILE A 113 -32.47 -44.92 -5.56
CA ILE A 113 -32.91 -46.08 -6.31
C ILE A 113 -34.27 -46.58 -5.80
N ASP A 114 -34.57 -46.37 -4.52
CA ASP A 114 -35.84 -46.81 -3.98
C ASP A 114 -36.98 -45.89 -4.37
N THR A 115 -36.68 -44.62 -4.69
CA THR A 115 -37.73 -43.71 -5.14
C THR A 115 -38.15 -44.02 -6.57
N VAL A 116 -37.20 -44.40 -7.42
CA VAL A 116 -37.50 -44.52 -8.84
C VAL A 116 -38.12 -45.88 -9.17
N LEU A 117 -37.78 -46.95 -8.44
CA LEU A 117 -38.36 -48.26 -8.72
C LEU A 117 -39.84 -48.32 -8.34
N ASP A 118 -40.28 -47.46 -7.42
CA ASP A 118 -41.72 -47.33 -7.20
C ASP A 118 -42.39 -46.71 -8.41
N ARG A 119 -41.80 -45.64 -8.95
CA ARG A 119 -42.35 -44.97 -10.12
C ARG A 119 -42.32 -45.87 -11.36
N ILE A 120 -41.39 -46.82 -11.41
CA ILE A 120 -41.47 -47.90 -12.38
C ILE A 120 -42.74 -48.71 -12.15
N ARG A 121 -42.96 -49.14 -10.90
CA ARG A 121 -44.06 -50.04 -10.59
C ARG A 121 -45.41 -49.31 -10.61
N ARG A 122 -45.42 -48.01 -10.26
CA ARG A 122 -46.64 -47.23 -10.33
C ARG A 122 -47.16 -47.13 -11.75
N LEU A 123 -46.25 -47.03 -12.73
CA LEU A 123 -46.67 -46.88 -14.11
C LEU A 123 -46.89 -48.22 -14.79
N ALA A 124 -46.12 -49.25 -14.43
CA ALA A 124 -46.18 -50.51 -15.15
C ALA A 124 -47.38 -51.36 -14.76
N ASP A 125 -48.05 -51.05 -13.64
CA ASP A 125 -49.24 -51.82 -13.26
C ASP A 125 -50.45 -51.48 -14.10
N ASN A 126 -50.41 -50.38 -14.86
CA ASN A 126 -51.46 -50.09 -15.84
C ASN A 126 -51.36 -51.01 -17.05
N CYS A 127 -50.20 -51.59 -17.30
CA CYS A 127 -49.94 -52.36 -18.51
C CYS A 127 -50.59 -53.73 -18.43
N SER A 128 -51.21 -54.15 -19.53
CA SER A 128 -51.54 -55.55 -19.74
C SER A 128 -50.67 -56.19 -20.81
N GLY A 129 -49.93 -55.38 -21.56
CA GLY A 129 -49.08 -55.86 -22.65
C GLY A 129 -47.68 -55.28 -22.59
N LEU A 130 -47.10 -55.21 -21.38
CA LEU A 130 -45.79 -54.59 -21.18
C LEU A 130 -44.70 -55.32 -21.96
N GLN A 131 -44.12 -54.63 -22.94
CA GLN A 131 -43.21 -55.25 -23.89
C GLN A 131 -41.75 -55.11 -23.48
N GLY A 132 -41.27 -53.87 -23.38
CA GLY A 132 -39.85 -53.67 -23.23
C GLY A 132 -39.50 -52.35 -22.58
N PHE A 133 -38.20 -52.10 -22.50
CA PHE A 133 -37.65 -50.93 -21.83
C PHE A 133 -36.70 -50.19 -22.76
N PHE A 134 -36.88 -48.88 -22.87
CA PHE A 134 -35.91 -48.00 -23.49
C PHE A 134 -35.07 -47.37 -22.39
N VAL A 135 -33.92 -47.96 -22.09
CA VAL A 135 -32.97 -47.39 -21.15
C VAL A 135 -31.81 -46.79 -21.94
N PHE A 136 -31.55 -45.51 -21.71
CA PHE A 136 -30.51 -44.76 -22.42
C PHE A 136 -29.43 -44.42 -21.41
N HIS A 137 -28.18 -44.71 -21.75
CA HIS A 137 -27.09 -44.47 -20.81
C HIS A 137 -25.80 -44.27 -21.60
N SER A 138 -24.75 -43.92 -20.87
CA SER A 138 -23.40 -43.82 -21.40
C SER A 138 -22.59 -45.03 -20.91
N PHE A 139 -21.29 -45.01 -21.22
CA PHE A 139 -20.38 -46.04 -20.77
C PHE A 139 -19.36 -45.56 -19.76
N GLY A 140 -19.10 -44.25 -19.72
CA GLY A 140 -18.12 -43.70 -18.80
C GLY A 140 -18.73 -42.86 -17.69
N GLY A 141 -20.06 -42.74 -17.69
CA GLY A 141 -20.72 -41.93 -16.70
C GLY A 141 -20.72 -42.57 -15.33
N GLY A 142 -20.78 -41.72 -14.31
CA GLY A 142 -20.96 -42.23 -12.96
C GLY A 142 -22.31 -42.88 -12.78
N THR A 143 -23.38 -42.15 -13.11
CA THR A 143 -24.68 -42.78 -13.23
C THR A 143 -24.87 -43.45 -14.59
N GLY A 144 -23.99 -43.15 -15.55
CA GLY A 144 -24.06 -43.83 -16.83
C GLY A 144 -23.60 -45.26 -16.76
N SER A 145 -22.67 -45.58 -15.85
CA SER A 145 -22.18 -46.93 -15.66
C SER A 145 -22.54 -47.51 -14.30
N GLY A 146 -22.37 -46.74 -13.23
CA GLY A 146 -22.54 -47.29 -11.89
C GLY A 146 -23.99 -47.53 -11.52
N PHE A 147 -24.87 -46.60 -11.91
CA PHE A 147 -26.28 -46.78 -11.61
C PHE A 147 -26.99 -47.66 -12.65
N THR A 148 -26.50 -47.64 -13.90
CA THR A 148 -27.14 -48.41 -14.97
C THR A 148 -26.98 -49.91 -14.74
N SER A 149 -25.79 -50.33 -14.31
CA SER A 149 -25.56 -51.73 -13.99
C SER A 149 -26.37 -52.17 -12.78
N LEU A 150 -26.52 -51.27 -11.80
CA LEU A 150 -27.31 -51.59 -10.62
C LEU A 150 -28.80 -51.60 -10.94
N LEU A 151 -29.24 -50.76 -11.88
CA LEU A 151 -30.66 -50.70 -12.23
C LEU A 151 -31.10 -51.95 -12.97
N MET A 152 -30.28 -52.44 -13.90
CA MET A 152 -30.58 -53.67 -14.60
C MET A 152 -30.39 -54.90 -13.72
N GLU A 153 -29.66 -54.75 -12.62
CA GLU A 153 -29.55 -55.82 -11.64
C GLU A 153 -30.84 -56.01 -10.86
N ARG A 154 -31.73 -55.02 -10.85
CA ARG A 154 -32.93 -55.06 -10.02
C ARG A 154 -34.21 -55.28 -10.80
N LEU A 155 -34.28 -54.80 -12.06
CA LEU A 155 -35.51 -54.99 -12.85
C LEU A 155 -35.64 -56.42 -13.35
N SER A 156 -34.52 -57.13 -13.55
CA SER A 156 -34.60 -58.54 -13.92
C SER A 156 -35.13 -59.39 -12.76
N VAL A 157 -34.91 -58.94 -11.52
CA VAL A 157 -35.55 -59.57 -10.38
C VAL A 157 -37.05 -59.30 -10.39
N ASP A 158 -37.45 -58.10 -10.81
CA ASP A 158 -38.85 -57.70 -10.76
C ASP A 158 -39.64 -58.32 -11.92
N TYR A 159 -39.23 -58.02 -13.16
CA TYR A 159 -40.03 -58.40 -14.31
C TYR A 159 -39.48 -59.59 -15.08
N GLY A 160 -38.16 -59.72 -15.22
CA GLY A 160 -37.60 -60.93 -15.78
C GLY A 160 -37.82 -61.11 -17.27
N LYS A 161 -38.81 -61.96 -17.60
CA LYS A 161 -39.11 -62.42 -18.95
C LYS A 161 -39.30 -61.28 -19.96
N LYS A 162 -39.85 -60.14 -19.52
CA LYS A 162 -40.12 -59.04 -20.43
C LYS A 162 -38.82 -58.39 -20.91
N SER A 163 -38.87 -57.85 -22.13
CA SER A 163 -37.67 -57.51 -22.87
C SER A 163 -37.07 -56.18 -22.41
N LYS A 164 -35.87 -55.88 -22.92
CA LYS A 164 -35.13 -54.66 -22.64
C LYS A 164 -34.37 -54.23 -23.88
N LEU A 165 -34.11 -52.92 -23.99
CA LEU A 165 -33.26 -52.38 -25.05
C LEU A 165 -32.40 -51.25 -24.51
N GLU A 166 -31.09 -51.31 -24.81
CA GLU A 166 -30.14 -50.31 -24.37
C GLU A 166 -29.57 -49.58 -25.59
N PHE A 167 -29.59 -48.25 -25.55
CA PHE A 167 -28.91 -47.42 -26.53
C PHE A 167 -27.79 -46.67 -25.84
N SER A 168 -26.61 -46.65 -26.47
CA SER A 168 -25.45 -45.96 -25.89
C SER A 168 -24.47 -45.57 -26.99
N ILE A 169 -23.40 -44.91 -26.58
CA ILE A 169 -22.40 -44.37 -27.49
C ILE A 169 -21.09 -45.14 -27.30
N TYR A 170 -20.57 -45.70 -28.38
CA TYR A 170 -19.28 -46.37 -28.33
C TYR A 170 -18.18 -45.34 -28.14
N PRO A 171 -17.32 -45.49 -27.15
CA PRO A 171 -16.20 -44.55 -26.98
C PRO A 171 -15.16 -44.73 -28.07
N ALA A 172 -14.82 -43.62 -28.72
CA ALA A 172 -13.89 -43.66 -29.83
C ALA A 172 -12.47 -43.93 -29.33
N PRO A 173 -11.67 -44.69 -30.11
CA PRO A 173 -10.30 -44.97 -29.68
C PRO A 173 -9.35 -43.80 -29.80
N GLN A 174 -9.74 -42.74 -30.51
CA GLN A 174 -8.87 -41.59 -30.73
C GLN A 174 -9.40 -40.33 -30.05
N VAL A 175 -10.65 -39.95 -30.32
CA VAL A 175 -11.20 -38.70 -29.84
C VAL A 175 -12.29 -39.00 -28.82
N SER A 176 -11.98 -38.78 -27.54
CA SER A 176 -12.96 -38.86 -26.46
C SER A 176 -12.45 -38.02 -25.30
N THR A 177 -13.34 -37.75 -24.35
CA THR A 177 -13.07 -36.72 -23.35
C THR A 177 -12.56 -37.29 -22.03
N ALA A 178 -13.35 -38.12 -21.37
CA ALA A 178 -13.01 -38.53 -20.01
C ALA A 178 -11.97 -39.63 -20.02
N VAL A 179 -10.96 -39.48 -19.16
CA VAL A 179 -9.85 -40.43 -19.10
C VAL A 179 -10.29 -41.74 -18.44
N VAL A 180 -11.33 -41.71 -17.60
CA VAL A 180 -11.83 -42.91 -16.95
C VAL A 180 -12.78 -43.72 -17.83
N GLU A 181 -12.98 -43.31 -19.09
CA GLU A 181 -13.82 -44.10 -19.98
C GLU A 181 -13.25 -45.47 -20.36
N PRO A 182 -11.94 -45.70 -20.51
CA PRO A 182 -11.46 -47.09 -20.54
C PRO A 182 -11.71 -47.86 -19.25
N TYR A 183 -11.75 -47.21 -18.10
CA TYR A 183 -12.06 -47.91 -16.85
C TYR A 183 -13.52 -48.31 -16.77
N ASN A 184 -14.42 -47.35 -16.99
CA ASN A 184 -15.84 -47.59 -16.73
C ASN A 184 -16.48 -48.46 -17.81
N SER A 185 -15.91 -48.46 -19.03
CA SER A 185 -16.44 -49.33 -20.08
C SER A 185 -16.19 -50.79 -19.76
N ILE A 186 -15.08 -51.10 -19.09
CA ILE A 186 -14.86 -52.45 -18.59
C ILE A 186 -15.81 -52.74 -17.44
N LEU A 187 -16.16 -51.72 -16.65
CA LEU A 187 -17.05 -51.92 -15.51
C LEU A 187 -18.49 -52.08 -15.95
N THR A 188 -18.93 -51.29 -16.94
CA THR A 188 -20.30 -51.41 -17.41
C THR A 188 -20.51 -52.61 -18.33
N THR A 189 -19.44 -53.34 -18.66
CA THR A 189 -19.59 -54.57 -19.42
C THR A 189 -19.58 -55.78 -18.49
N HIS A 190 -19.12 -55.58 -17.25
CA HIS A 190 -18.90 -56.66 -16.30
C HIS A 190 -20.19 -57.38 -15.93
N THR A 191 -21.11 -56.67 -15.28
CA THR A 191 -22.34 -57.31 -14.80
C THR A 191 -23.57 -57.00 -15.65
N THR A 192 -23.41 -56.27 -16.76
CA THR A 192 -24.52 -56.01 -17.65
C THR A 192 -24.62 -57.01 -18.79
N LEU A 193 -23.66 -57.94 -18.91
CA LEU A 193 -23.84 -59.06 -19.82
C LEU A 193 -25.02 -59.92 -19.40
N GLU A 194 -25.13 -60.20 -18.10
CA GLU A 194 -26.20 -61.03 -17.58
C GLU A 194 -27.54 -60.29 -17.52
N HIS A 195 -27.51 -58.96 -17.40
CA HIS A 195 -28.70 -58.19 -17.09
C HIS A 195 -29.15 -57.29 -18.24
N SER A 196 -28.81 -57.64 -19.48
CA SER A 196 -29.26 -56.84 -20.62
C SER A 196 -29.54 -57.75 -21.79
N ASP A 197 -30.69 -57.53 -22.44
CA ASP A 197 -31.03 -58.31 -23.63
C ASP A 197 -30.18 -57.88 -24.81
N CYS A 198 -30.14 -56.58 -25.10
CA CYS A 198 -29.34 -56.08 -26.20
C CYS A 198 -28.90 -54.65 -25.88
N ALA A 199 -27.73 -54.29 -26.39
CA ALA A 199 -27.16 -52.97 -26.18
C ALA A 199 -26.50 -52.51 -27.46
N PHE A 200 -26.82 -51.30 -27.89
CA PHE A 200 -26.34 -50.75 -29.15
C PHE A 200 -25.31 -49.66 -28.91
N MET A 201 -24.44 -49.46 -29.90
CA MET A 201 -23.32 -48.55 -29.79
C MET A 201 -23.22 -47.72 -31.06
N VAL A 202 -22.87 -46.43 -30.90
CA VAL A 202 -22.59 -45.54 -32.02
C VAL A 202 -21.33 -44.75 -31.68
N ASP A 203 -20.65 -44.26 -32.71
CA ASP A 203 -19.45 -43.45 -32.55
C ASP A 203 -19.77 -41.99 -32.76
N ASN A 204 -19.04 -41.14 -32.04
CA ASN A 204 -19.10 -39.70 -32.30
C ASN A 204 -18.53 -39.37 -33.68
N GLU A 205 -17.43 -40.02 -34.05
CA GLU A 205 -16.77 -39.72 -35.32
C GLU A 205 -17.52 -40.28 -36.52
N ALA A 206 -18.14 -41.46 -36.36
CA ALA A 206 -18.84 -42.07 -37.49
C ALA A 206 -20.12 -41.31 -37.84
N ILE A 207 -20.67 -40.56 -36.89
CA ILE A 207 -21.69 -39.59 -37.23
C ILE A 207 -21.09 -38.44 -38.04
N TYR A 208 -19.91 -37.97 -37.61
CA TYR A 208 -19.29 -36.77 -38.18
C TYR A 208 -18.92 -36.95 -39.65
N ASP A 209 -18.59 -38.18 -40.05
CA ASP A 209 -18.14 -38.43 -41.41
C ASP A 209 -19.25 -38.22 -42.43
N ILE A 210 -20.47 -38.62 -42.09
CA ILE A 210 -21.61 -38.38 -42.97
C ILE A 210 -22.11 -36.94 -42.81
N CYS A 211 -21.91 -36.34 -41.62
CA CYS A 211 -22.29 -34.95 -41.40
C CYS A 211 -21.47 -34.00 -42.26
N ARG A 212 -20.18 -34.27 -42.41
CA ARG A 212 -19.33 -33.37 -43.18
C ARG A 212 -19.46 -33.64 -44.68
N ARG A 213 -19.54 -34.91 -45.08
CA ARG A 213 -19.52 -35.23 -46.49
C ARG A 213 -20.90 -35.14 -47.12
N ASN A 214 -21.89 -35.79 -46.51
CA ASN A 214 -23.20 -35.90 -47.13
C ASN A 214 -24.19 -34.85 -46.63
N LEU A 215 -24.25 -34.60 -45.33
CA LEU A 215 -25.08 -33.53 -44.82
C LEU A 215 -24.51 -32.16 -45.12
N ASP A 216 -23.18 -32.07 -45.32
CA ASP A 216 -22.42 -30.82 -45.45
C ASP A 216 -22.69 -29.88 -44.29
N VAL A 217 -22.57 -30.42 -43.09
CA VAL A 217 -22.68 -29.64 -41.85
C VAL A 217 -21.26 -29.53 -41.30
N GLU A 218 -20.65 -28.36 -41.50
CA GLU A 218 -19.29 -28.13 -41.05
C GLU A 218 -19.22 -27.43 -39.70
N ARG A 219 -20.36 -27.12 -39.09
CA ARG A 219 -20.45 -26.80 -37.67
C ARG A 219 -21.49 -27.70 -37.00
N PRO A 220 -21.17 -28.96 -36.73
CA PRO A 220 -22.11 -29.77 -35.93
C PRO A 220 -21.79 -29.73 -34.45
N SER A 221 -22.83 -29.96 -33.66
CA SER A 221 -22.70 -30.02 -32.22
C SER A 221 -23.68 -31.06 -31.68
N TYR A 222 -23.93 -31.05 -30.38
CA TYR A 222 -24.82 -32.06 -29.80
C TYR A 222 -26.29 -31.77 -30.03
N THR A 223 -26.61 -30.67 -30.72
CA THR A 223 -27.97 -30.45 -31.19
C THR A 223 -28.32 -31.42 -32.32
N ASN A 224 -27.55 -31.39 -33.41
CA ASN A 224 -27.92 -32.15 -34.61
C ASN A 224 -27.55 -33.62 -34.50
N LEU A 225 -26.57 -33.96 -33.64
CA LEU A 225 -26.26 -35.37 -33.41
C LEU A 225 -27.37 -36.09 -32.67
N ASN A 226 -28.19 -35.38 -31.91
CA ASN A 226 -29.33 -36.02 -31.27
C ASN A 226 -30.45 -36.32 -32.25
N ARG A 227 -30.54 -35.53 -33.33
CA ARG A 227 -31.60 -35.75 -34.30
C ARG A 227 -31.32 -36.98 -35.17
N ILE A 228 -30.04 -37.22 -35.47
CA ILE A 228 -29.66 -38.31 -36.36
C ILE A 228 -29.84 -39.66 -35.67
N ILE A 229 -29.48 -39.72 -34.39
CA ILE A 229 -29.68 -40.95 -33.61
C ILE A 229 -31.16 -41.23 -33.43
N SER A 230 -31.97 -40.17 -33.23
CA SER A 230 -33.40 -40.33 -32.99
C SER A 230 -34.16 -40.86 -34.21
N GLN A 231 -33.63 -40.67 -35.41
CA GLN A 231 -34.24 -41.29 -36.59
C GLN A 231 -34.06 -42.81 -36.57
N VAL A 232 -32.92 -43.27 -36.07
CA VAL A 232 -32.70 -44.70 -35.90
C VAL A 232 -33.61 -45.25 -34.81
N VAL A 233 -33.86 -44.45 -33.78
CA VAL A 233 -34.78 -44.84 -32.71
C VAL A 233 -36.20 -44.91 -33.24
N SER A 234 -36.60 -43.92 -34.05
CA SER A 234 -37.97 -43.85 -34.55
C SER A 234 -38.27 -44.95 -35.57
N SER A 235 -37.25 -45.39 -36.32
CA SER A 235 -37.48 -46.38 -37.37
C SER A 235 -37.76 -47.75 -36.78
N ILE A 236 -37.26 -48.04 -35.58
CA ILE A 236 -37.59 -49.28 -34.90
C ILE A 236 -39.04 -49.24 -34.42
N THR A 237 -39.46 -48.11 -33.89
CA THR A 237 -40.81 -47.94 -33.39
C THR A 237 -41.86 -47.86 -34.49
N ALA A 238 -41.46 -47.61 -35.74
CA ALA A 238 -42.41 -47.59 -36.84
C ALA A 238 -42.98 -48.97 -37.15
N SER A 239 -42.28 -50.03 -36.76
CA SER A 239 -42.84 -51.37 -36.82
C SER A 239 -43.95 -51.59 -35.80
N LEU A 240 -44.02 -50.76 -34.75
CA LEU A 240 -44.98 -50.92 -33.67
C LEU A 240 -46.04 -49.83 -33.63
N ARG A 241 -45.68 -48.58 -33.96
CA ARG A 241 -46.61 -47.47 -33.88
C ARG A 241 -47.60 -47.44 -35.03
N PHE A 242 -47.38 -48.23 -36.08
CA PHE A 242 -48.23 -48.17 -37.26
C PHE A 242 -48.59 -49.58 -37.70
N ASP A 243 -49.37 -49.65 -38.78
CA ASP A 243 -49.88 -50.90 -39.31
C ASP A 243 -49.12 -51.23 -40.59
N GLY A 244 -48.23 -52.22 -40.52
CA GLY A 244 -47.43 -52.60 -41.66
C GLY A 244 -47.79 -53.98 -42.19
N ALA A 245 -47.37 -54.27 -43.43
CA ALA A 245 -47.70 -55.56 -44.03
C ALA A 245 -46.89 -56.68 -43.39
N LEU A 246 -45.61 -56.45 -43.12
CA LEU A 246 -44.75 -57.43 -42.46
C LEU A 246 -43.87 -56.67 -41.47
N ASN A 247 -44.28 -56.65 -40.21
CA ASN A 247 -43.60 -55.89 -39.18
C ASN A 247 -43.18 -56.81 -38.03
N VAL A 248 -42.58 -56.23 -37.01
CA VAL A 248 -41.79 -56.98 -36.03
C VAL A 248 -41.83 -56.27 -34.68
N ASP A 249 -42.08 -57.03 -33.61
CA ASP A 249 -42.08 -56.50 -32.26
C ASP A 249 -40.74 -56.78 -31.57
N LEU A 250 -40.64 -56.29 -30.32
CA LEU A 250 -39.35 -56.22 -29.64
C LEU A 250 -38.85 -57.59 -29.21
N ASN A 251 -39.77 -58.51 -28.88
CA ASN A 251 -39.37 -59.88 -28.57
C ASN A 251 -38.81 -60.59 -29.79
N GLU A 252 -39.23 -60.19 -30.98
CA GLU A 252 -38.78 -60.82 -32.21
C GLU A 252 -37.40 -60.33 -32.62
N PHE A 253 -37.05 -59.08 -32.28
CA PHE A 253 -35.73 -58.56 -32.61
C PHE A 253 -34.62 -59.34 -31.93
N GLN A 254 -34.76 -59.57 -30.63
CA GLN A 254 -33.75 -60.34 -29.91
C GLN A 254 -33.77 -61.82 -30.31
N THR A 255 -34.91 -62.33 -30.76
CA THR A 255 -34.98 -63.73 -31.16
C THR A 255 -34.19 -63.98 -32.44
N ASN A 256 -34.21 -63.02 -33.37
CA ASN A 256 -33.45 -63.18 -34.60
C ASN A 256 -31.98 -62.86 -34.39
N LEU A 257 -31.67 -61.81 -33.64
CA LEU A 257 -30.34 -61.20 -33.66
C LEU A 257 -29.42 -61.68 -32.55
N VAL A 258 -29.85 -62.61 -31.70
CA VAL A 258 -28.98 -63.10 -30.64
C VAL A 258 -28.68 -64.57 -30.91
N PRO A 259 -27.53 -64.90 -31.50
CA PRO A 259 -27.23 -66.30 -31.78
C PRO A 259 -26.76 -67.06 -30.55
N TYR A 260 -26.18 -66.34 -29.59
CA TYR A 260 -25.62 -66.88 -28.38
C TYR A 260 -25.84 -65.81 -27.32
N PRO A 261 -26.13 -66.18 -26.07
CA PRO A 261 -26.59 -65.17 -25.10
C PRO A 261 -25.52 -64.19 -24.63
N ARG A 262 -24.25 -64.42 -24.97
CA ARG A 262 -23.22 -63.45 -24.62
C ARG A 262 -22.94 -62.48 -25.75
N ILE A 263 -22.80 -62.96 -26.97
CA ILE A 263 -22.56 -62.10 -28.14
C ILE A 263 -23.94 -61.64 -28.62
N HIS A 264 -24.37 -60.49 -28.12
CA HIS A 264 -25.67 -59.94 -28.48
C HIS A 264 -25.57 -58.43 -28.67
N PHE A 265 -24.50 -57.98 -29.32
CA PHE A 265 -24.20 -56.55 -29.43
C PHE A 265 -24.01 -56.13 -30.89
N PRO A 266 -25.10 -55.90 -31.61
CA PRO A 266 -24.98 -55.32 -32.95
C PRO A 266 -24.96 -53.80 -32.88
N LEU A 267 -24.87 -53.19 -34.06
CA LEU A 267 -24.87 -51.76 -34.21
C LEU A 267 -25.92 -51.34 -35.23
N ALA A 268 -25.92 -50.07 -35.58
CA ALA A 268 -26.94 -49.49 -36.45
C ALA A 268 -26.31 -48.86 -37.68
N ALA A 269 -27.18 -48.52 -38.64
CA ALA A 269 -26.80 -47.78 -39.84
C ALA A 269 -28.06 -47.18 -40.44
N TYR A 270 -27.92 -46.04 -41.10
CA TYR A 270 -29.04 -45.35 -41.71
C TYR A 270 -28.65 -44.75 -43.05
N THR A 271 -29.53 -44.91 -44.02
CA THR A 271 -29.36 -44.41 -45.39
C THR A 271 -30.73 -44.30 -46.04
N PRO A 272 -30.96 -43.32 -46.93
CA PRO A 272 -30.11 -42.20 -47.34
C PRO A 272 -30.03 -41.07 -46.31
N LEU A 273 -28.82 -40.69 -45.96
CA LEU A 273 -28.56 -39.65 -44.97
C LEU A 273 -27.69 -38.60 -45.65
N ILE A 274 -28.34 -37.68 -46.37
CA ILE A 274 -27.67 -36.61 -47.11
C ILE A 274 -28.36 -35.30 -46.81
N SER A 275 -27.88 -34.24 -47.44
CA SER A 275 -28.46 -32.90 -47.28
C SER A 275 -29.71 -32.77 -48.13
N ALA A 276 -30.26 -31.55 -48.21
CA ALA A 276 -31.52 -31.31 -48.90
C ALA A 276 -31.35 -31.04 -50.39
N GLU A 277 -30.13 -30.80 -50.87
CA GLU A 277 -29.94 -30.44 -52.26
C GLU A 277 -29.56 -31.65 -53.12
N LYS A 278 -28.76 -32.57 -52.56
CA LYS A 278 -28.23 -33.68 -53.34
C LYS A 278 -29.28 -34.72 -53.69
N ALA A 279 -30.43 -34.73 -53.01
CA ALA A 279 -31.49 -35.65 -53.37
C ALA A 279 -32.26 -35.17 -54.60
N TYR A 280 -32.05 -33.92 -55.01
CA TYR A 280 -32.77 -33.39 -56.15
C TYR A 280 -32.23 -33.96 -57.46
N HIS A 281 -30.90 -34.06 -57.58
CA HIS A 281 -30.24 -34.56 -58.78
C HIS A 281 -30.08 -36.07 -58.78
N GLU A 282 -30.87 -36.80 -58.00
CA GLU A 282 -30.68 -38.24 -57.89
C GLU A 282 -31.99 -38.92 -57.55
N ALA A 283 -32.26 -40.04 -58.22
CA ALA A 283 -33.46 -40.83 -57.99
C ALA A 283 -33.04 -42.06 -57.18
N LEU A 284 -33.24 -42.00 -55.87
CA LEU A 284 -32.78 -43.03 -54.94
C LEU A 284 -33.74 -44.21 -55.02
N SER A 285 -33.29 -45.30 -55.65
CA SER A 285 -34.14 -46.47 -55.78
C SER A 285 -33.89 -47.41 -54.60
N VAL A 286 -34.48 -48.61 -54.67
CA VAL A 286 -34.25 -49.61 -53.63
C VAL A 286 -32.82 -50.15 -53.73
N SER A 287 -32.37 -50.46 -54.94
CA SER A 287 -31.02 -50.99 -55.13
C SER A 287 -29.94 -49.94 -54.90
N ASP A 288 -30.30 -48.66 -54.89
CA ASP A 288 -29.34 -47.61 -54.59
C ASP A 288 -28.92 -47.65 -53.13
N ILE A 289 -29.88 -47.47 -52.24
CA ILE A 289 -29.53 -47.30 -50.83
C ILE A 289 -29.26 -48.62 -50.13
N THR A 290 -29.76 -49.74 -50.67
CA THR A 290 -29.46 -51.03 -50.06
C THR A 290 -28.01 -51.43 -50.34
N ASN A 291 -27.50 -51.11 -51.53
CA ASN A 291 -26.07 -51.24 -51.76
C ASN A 291 -25.27 -50.20 -50.99
N SER A 292 -25.90 -49.07 -50.64
CA SER A 292 -25.25 -48.08 -49.77
C SER A 292 -25.20 -48.53 -48.32
N CYS A 293 -25.98 -49.56 -47.95
CA CYS A 293 -25.97 -50.05 -46.58
C CYS A 293 -24.64 -50.72 -46.23
N PHE A 294 -24.00 -51.36 -47.19
CA PHE A 294 -22.90 -52.26 -46.92
C PHE A 294 -21.57 -51.74 -47.45
N GLU A 295 -21.36 -50.45 -47.34
CA GLU A 295 -20.08 -49.80 -47.61
C GLU A 295 -19.61 -49.09 -46.36
N PRO A 296 -18.29 -49.06 -46.09
CA PRO A 296 -17.81 -48.63 -44.76
C PRO A 296 -17.99 -47.16 -44.45
N ALA A 297 -18.42 -46.34 -45.41
CA ALA A 297 -18.76 -44.95 -45.15
C ALA A 297 -20.21 -44.77 -44.67
N ASN A 298 -20.86 -45.85 -44.22
CA ASN A 298 -22.25 -45.80 -43.82
C ASN A 298 -22.48 -46.42 -42.44
N GLN A 299 -21.52 -47.17 -41.92
CA GLN A 299 -21.63 -47.73 -40.57
C GLN A 299 -21.59 -46.64 -39.51
N MET A 300 -22.31 -46.87 -38.41
CA MET A 300 -22.37 -45.88 -37.34
C MET A 300 -21.34 -46.11 -36.26
N VAL A 301 -20.50 -47.13 -36.38
CA VAL A 301 -19.33 -47.29 -35.53
C VAL A 301 -18.11 -47.33 -36.43
N LYS A 302 -17.15 -46.45 -36.17
CA LYS A 302 -15.95 -46.35 -36.99
C LYS A 302 -15.07 -47.56 -36.73
N CYS A 303 -15.22 -48.59 -37.57
CA CYS A 303 -14.39 -49.78 -37.51
C CYS A 303 -14.28 -50.35 -38.92
N ASP A 304 -13.80 -51.59 -39.03
CA ASP A 304 -13.63 -52.24 -40.32
C ASP A 304 -14.71 -53.30 -40.52
N PRO A 305 -15.77 -53.01 -41.27
CA PRO A 305 -16.80 -54.03 -41.50
C PRO A 305 -16.34 -55.14 -42.44
N ARG A 306 -15.37 -54.87 -43.30
CA ARG A 306 -14.85 -55.90 -44.19
C ARG A 306 -13.93 -56.86 -43.45
N HIS A 307 -13.31 -56.40 -42.37
CA HIS A 307 -12.56 -57.28 -41.49
C HIS A 307 -13.44 -57.94 -40.43
N GLY A 308 -14.71 -57.56 -40.36
CA GLY A 308 -15.69 -58.28 -39.57
C GLY A 308 -16.46 -59.29 -40.43
N LYS A 309 -17.05 -60.26 -39.76
CA LYS A 309 -17.80 -61.31 -40.43
C LYS A 309 -19.26 -61.20 -40.02
N TYR A 310 -20.13 -60.96 -40.99
CA TYR A 310 -21.55 -60.79 -40.72
C TYR A 310 -22.19 -62.10 -40.30
N MET A 311 -23.03 -62.04 -39.27
CA MET A 311 -23.70 -63.21 -38.74
C MET A 311 -25.21 -63.13 -38.84
N ALA A 312 -25.81 -61.99 -38.56
CA ALA A 312 -27.26 -61.83 -38.63
C ALA A 312 -27.54 -60.37 -38.96
N VAL A 313 -27.82 -60.09 -40.23
CA VAL A 313 -28.04 -58.73 -40.69
C VAL A 313 -29.54 -58.49 -40.77
N CYS A 314 -30.00 -57.46 -40.06
CA CYS A 314 -31.42 -57.16 -39.94
C CYS A 314 -31.74 -55.90 -40.75
N LEU A 315 -32.88 -55.92 -41.44
CA LEU A 315 -33.26 -54.83 -42.33
C LEU A 315 -34.69 -54.41 -42.07
N LEU A 316 -34.89 -53.12 -41.80
CA LEU A 316 -36.22 -52.54 -41.66
C LEU A 316 -36.35 -51.40 -42.65
N TYR A 317 -37.25 -51.55 -43.61
CA TYR A 317 -37.47 -50.51 -44.61
C TYR A 317 -38.67 -49.67 -44.22
N ARG A 318 -38.67 -48.43 -44.69
CA ARG A 318 -39.78 -47.52 -44.46
C ARG A 318 -40.14 -46.85 -45.78
N GLY A 319 -41.42 -46.53 -45.93
CA GLY A 319 -41.91 -45.96 -47.16
C GLY A 319 -42.47 -47.01 -48.09
N ASP A 320 -43.07 -46.51 -49.17
CA ASP A 320 -43.75 -47.37 -50.15
C ASP A 320 -42.70 -48.11 -50.98
N VAL A 321 -42.37 -49.32 -50.55
CA VAL A 321 -41.35 -50.15 -51.18
C VAL A 321 -42.01 -51.45 -51.62
N VAL A 322 -41.81 -51.83 -52.88
CA VAL A 322 -42.34 -53.09 -53.39
C VAL A 322 -41.37 -54.20 -52.99
N PRO A 323 -41.85 -55.42 -52.76
CA PRO A 323 -40.95 -56.48 -52.27
C PRO A 323 -40.20 -57.23 -53.36
N LYS A 324 -40.48 -56.92 -54.64
CA LYS A 324 -39.84 -57.65 -55.73
C LYS A 324 -38.36 -57.34 -55.82
N ASP A 325 -38.02 -56.05 -55.94
CA ASP A 325 -36.62 -55.66 -55.96
C ASP A 325 -35.95 -55.84 -54.60
N VAL A 326 -36.73 -55.87 -53.51
CA VAL A 326 -36.20 -56.28 -52.22
C VAL A 326 -35.69 -57.71 -52.30
N ASN A 327 -36.52 -58.61 -52.84
CA ASN A 327 -36.12 -60.00 -53.04
C ASN A 327 -35.06 -60.14 -54.12
N THR A 328 -34.80 -59.08 -54.89
CA THR A 328 -33.71 -59.04 -55.85
C THR A 328 -32.44 -58.46 -55.25
N ALA A 329 -32.54 -57.32 -54.54
CA ALA A 329 -31.35 -56.59 -54.13
C ALA A 329 -30.59 -57.33 -53.03
N ILE A 330 -31.30 -57.94 -52.07
CA ILE A 330 -30.66 -58.77 -51.08
C ILE A 330 -30.03 -60.01 -51.74
N ALA A 331 -30.69 -60.53 -52.76
CA ALA A 331 -30.04 -61.54 -53.61
C ALA A 331 -28.89 -60.94 -54.41
N ALA A 332 -29.02 -59.67 -54.82
CA ALA A 332 -27.92 -59.01 -55.54
C ALA A 332 -26.76 -58.69 -54.61
N ILE A 333 -27.03 -58.51 -53.31
CA ILE A 333 -25.96 -58.47 -52.32
C ILE A 333 -25.23 -59.81 -52.30
N LYS A 334 -25.98 -60.90 -52.35
CA LYS A 334 -25.40 -62.24 -52.35
C LYS A 334 -24.66 -62.55 -53.65
N THR A 335 -24.96 -61.84 -54.74
CA THR A 335 -24.14 -61.98 -55.94
C THR A 335 -22.75 -61.41 -55.72
N LYS A 336 -22.62 -60.37 -54.89
CA LYS A 336 -21.32 -59.90 -54.48
C LYS A 336 -20.76 -60.81 -53.40
N ARG A 337 -19.44 -60.92 -53.35
CA ARG A 337 -18.79 -61.88 -52.46
C ARG A 337 -18.04 -61.23 -51.32
N THR A 338 -17.94 -59.90 -51.29
CA THR A 338 -17.23 -59.22 -50.20
C THR A 338 -17.99 -59.30 -48.89
N ILE A 339 -19.32 -59.42 -48.96
CA ILE A 339 -20.14 -59.60 -47.78
C ILE A 339 -19.91 -61.04 -47.32
N GLN A 340 -19.12 -61.20 -46.27
CA GLN A 340 -18.75 -62.51 -45.76
C GLN A 340 -19.70 -62.94 -44.65
N PHE A 341 -20.11 -64.19 -44.69
CA PHE A 341 -20.93 -64.78 -43.66
C PHE A 341 -20.08 -65.73 -42.82
N VAL A 342 -20.71 -66.44 -41.91
CA VAL A 342 -20.12 -67.60 -41.29
C VAL A 342 -20.63 -68.82 -42.05
N ASP A 343 -19.93 -69.95 -41.91
CA ASP A 343 -20.26 -71.13 -42.69
C ASP A 343 -21.58 -71.75 -42.26
N TRP A 344 -22.02 -71.50 -41.02
CA TRP A 344 -23.21 -72.16 -40.52
C TRP A 344 -24.49 -71.33 -40.64
N CYS A 345 -24.38 -70.05 -40.97
CA CYS A 345 -25.57 -69.19 -41.06
C CYS A 345 -25.67 -68.52 -42.42
N PRO A 346 -26.33 -69.14 -43.41
CA PRO A 346 -26.72 -68.40 -44.61
C PRO A 346 -28.06 -67.70 -44.41
N THR A 347 -28.90 -68.24 -43.53
CA THR A 347 -30.25 -67.72 -43.30
C THR A 347 -30.28 -66.84 -42.07
N GLY A 348 -29.61 -65.69 -42.17
CA GLY A 348 -29.61 -64.72 -41.10
C GLY A 348 -30.20 -63.39 -41.53
N PHE A 349 -31.27 -63.45 -42.32
CA PHE A 349 -31.88 -62.27 -42.90
C PHE A 349 -33.21 -62.00 -42.22
N LYS A 350 -33.58 -60.72 -42.17
CA LYS A 350 -34.86 -60.30 -41.60
C LYS A 350 -35.51 -59.32 -42.56
N VAL A 351 -36.79 -59.52 -42.84
CA VAL A 351 -37.53 -58.73 -43.81
C VAL A 351 -38.56 -57.90 -43.07
N GLY A 352 -38.46 -56.58 -43.20
CA GLY A 352 -39.44 -55.69 -42.62
C GLY A 352 -39.69 -54.47 -43.48
N ILE A 353 -40.94 -54.25 -43.88
CA ILE A 353 -41.32 -53.13 -44.74
C ILE A 353 -42.55 -52.48 -44.12
N ASN A 354 -42.45 -51.20 -43.79
CA ASN A 354 -43.57 -50.43 -43.29
C ASN A 354 -44.03 -49.44 -44.36
N TYR A 355 -45.31 -49.09 -44.30
CA TYR A 355 -45.90 -48.19 -45.28
C TYR A 355 -45.47 -46.75 -45.09
N GLN A 356 -45.18 -46.36 -43.86
CA GLN A 356 -44.96 -44.94 -43.58
C GLN A 356 -43.52 -44.54 -43.89
N PRO A 357 -43.31 -43.53 -44.74
CA PRO A 357 -41.96 -43.01 -44.93
C PRO A 357 -41.54 -42.16 -43.74
N PRO A 358 -40.23 -42.01 -43.51
CA PRO A 358 -39.78 -41.17 -42.40
C PRO A 358 -40.03 -39.70 -42.67
N THR A 359 -40.55 -39.01 -41.67
CA THR A 359 -40.81 -37.58 -41.76
C THR A 359 -39.70 -36.84 -41.02
N VAL A 360 -39.18 -35.80 -41.66
CA VAL A 360 -38.00 -35.11 -41.18
C VAL A 360 -38.39 -34.05 -40.15
N VAL A 361 -37.42 -33.66 -39.34
CA VAL A 361 -37.60 -32.68 -38.28
C VAL A 361 -37.82 -31.29 -38.88
N PRO A 362 -38.65 -30.45 -38.26
CA PRO A 362 -38.83 -29.07 -38.79
C PRO A 362 -37.61 -28.22 -38.51
N GLY A 363 -37.18 -27.48 -39.54
CA GLY A 363 -35.98 -26.67 -39.45
C GLY A 363 -34.68 -27.44 -39.43
N GLY A 364 -34.71 -28.74 -39.71
CA GLY A 364 -33.52 -29.56 -39.67
C GLY A 364 -32.72 -29.49 -40.94
N ASP A 365 -31.72 -30.38 -41.01
CA ASP A 365 -30.80 -30.44 -42.13
C ASP A 365 -31.11 -31.56 -43.10
N LEU A 366 -32.13 -32.36 -42.83
CA LEU A 366 -32.43 -33.54 -43.64
C LEU A 366 -33.36 -33.18 -44.81
N ALA A 367 -33.72 -34.19 -45.58
CA ALA A 367 -34.61 -34.05 -46.71
C ALA A 367 -35.69 -35.12 -46.67
N LYS A 368 -36.88 -34.76 -47.13
CA LYS A 368 -38.02 -35.67 -47.15
C LYS A 368 -37.79 -36.72 -48.24
N VAL A 369 -37.39 -37.91 -47.83
CA VAL A 369 -37.13 -39.02 -48.73
C VAL A 369 -38.09 -40.15 -48.39
N PRO A 370 -38.78 -40.76 -49.36
CA PRO A 370 -39.67 -41.88 -49.04
C PRO A 370 -38.94 -43.12 -48.57
N ARG A 371 -37.84 -43.50 -49.21
CA ARG A 371 -37.12 -44.71 -48.89
C ARG A 371 -36.12 -44.45 -47.78
N ALA A 372 -35.99 -45.40 -46.85
CA ALA A 372 -34.97 -45.36 -45.81
C ALA A 372 -34.78 -46.76 -45.24
N VAL A 373 -33.55 -47.02 -44.79
CA VAL A 373 -33.16 -48.32 -44.25
C VAL A 373 -32.52 -48.09 -42.89
N CYS A 374 -32.97 -48.85 -41.89
CA CYS A 374 -32.29 -48.92 -40.59
C CYS A 374 -31.58 -50.27 -40.55
N MET A 375 -30.30 -50.27 -40.91
CA MET A 375 -29.53 -51.51 -41.00
C MET A 375 -28.99 -51.89 -39.62
N LEU A 376 -29.20 -53.14 -39.24
CA LEU A 376 -28.64 -53.71 -38.02
C LEU A 376 -27.79 -54.90 -38.42
N SER A 377 -26.51 -54.88 -38.05
CA SER A 377 -25.57 -55.88 -38.55
C SER A 377 -24.66 -56.32 -37.42
N ASN A 378 -24.99 -57.43 -36.77
CA ASN A 378 -24.08 -58.04 -35.81
C ASN A 378 -22.94 -58.70 -36.56
N THR A 379 -21.70 -58.40 -36.15
CA THR A 379 -20.54 -58.86 -36.88
C THR A 379 -19.38 -59.09 -35.94
N THR A 380 -18.28 -59.59 -36.49
CA THR A 380 -17.06 -59.81 -35.74
C THR A 380 -16.11 -58.61 -35.79
N ALA A 381 -16.56 -57.49 -36.35
CA ALA A 381 -15.82 -56.24 -36.21
C ALA A 381 -15.98 -55.62 -34.83
N ILE A 382 -16.93 -56.12 -34.03
CA ILE A 382 -17.03 -55.71 -32.65
C ILE A 382 -15.83 -56.20 -31.87
N ALA A 383 -15.31 -57.39 -32.20
CA ALA A 383 -14.11 -57.91 -31.55
C ALA A 383 -12.90 -57.05 -31.82
N GLU A 384 -12.78 -56.52 -33.03
CA GLU A 384 -11.70 -55.59 -33.33
C GLU A 384 -11.91 -54.26 -32.62
N ALA A 385 -13.17 -53.93 -32.31
CA ALA A 385 -13.47 -52.80 -31.45
C ALA A 385 -13.33 -53.13 -29.97
N TRP A 386 -13.20 -54.41 -29.61
CA TRP A 386 -12.86 -54.73 -28.22
C TRP A 386 -11.38 -54.57 -27.94
N SER A 387 -10.52 -54.98 -28.89
CA SER A 387 -9.08 -54.97 -28.67
C SER A 387 -8.52 -53.55 -28.60
N ARG A 388 -9.19 -52.60 -29.26
CA ARG A 388 -8.75 -51.22 -29.18
C ARG A 388 -9.06 -50.61 -27.83
N LEU A 389 -10.02 -51.16 -27.09
CA LEU A 389 -10.36 -50.67 -25.78
C LEU A 389 -9.74 -51.50 -24.66
N ASP A 390 -9.47 -52.79 -24.92
CA ASP A 390 -8.74 -53.59 -23.95
C ASP A 390 -7.27 -53.21 -23.88
N TYR A 391 -6.75 -52.54 -24.91
CA TYR A 391 -5.39 -52.02 -24.85
C TYR A 391 -5.30 -50.80 -23.94
N LYS A 392 -6.35 -49.97 -23.93
CA LYS A 392 -6.34 -48.76 -23.11
C LYS A 392 -6.47 -49.05 -21.63
N PHE A 393 -7.27 -50.06 -21.28
CA PHE A 393 -7.62 -50.29 -19.88
C PHE A 393 -6.44 -50.85 -19.10
N ASP A 394 -5.71 -51.80 -19.67
CA ASP A 394 -4.75 -52.56 -18.88
C ASP A 394 -3.48 -51.78 -18.57
N LEU A 395 -3.02 -50.95 -19.50
CA LEU A 395 -1.75 -50.27 -19.30
C LEU A 395 -1.85 -49.14 -18.28
N MET A 396 -2.98 -48.42 -18.24
CA MET A 396 -3.20 -47.49 -17.15
C MET A 396 -3.46 -48.21 -15.84
N TYR A 397 -4.00 -49.42 -15.90
CA TYR A 397 -4.21 -50.22 -14.69
C TYR A 397 -2.89 -50.74 -14.13
N ALA A 398 -1.91 -50.98 -15.01
CA ALA A 398 -0.64 -51.57 -14.57
C ALA A 398 0.16 -50.62 -13.70
N LYS A 399 0.14 -49.32 -14.03
CA LYS A 399 0.77 -48.31 -13.18
C LYS A 399 -0.09 -47.93 -11.99
N ARG A 400 -1.33 -48.44 -11.92
CA ARG A 400 -2.31 -48.13 -10.89
C ARG A 400 -2.60 -46.63 -10.80
N ALA A 401 -2.71 -45.98 -11.96
CA ALA A 401 -3.11 -44.58 -11.99
C ALA A 401 -4.60 -44.45 -11.73
N PHE A 402 -4.98 -43.34 -11.08
CA PHE A 402 -6.36 -42.93 -10.80
C PHE A 402 -7.11 -43.94 -9.94
N VAL A 403 -6.40 -44.78 -9.19
CA VAL A 403 -7.05 -45.74 -8.32
C VAL A 403 -7.53 -45.06 -7.05
N HIS A 404 -6.89 -43.96 -6.64
CA HIS A 404 -7.16 -43.30 -5.37
C HIS A 404 -8.50 -42.56 -5.33
N TRP A 405 -9.31 -42.64 -6.37
CA TRP A 405 -10.69 -42.20 -6.29
C TRP A 405 -11.62 -43.38 -6.06
N TYR A 406 -11.29 -44.54 -6.63
CA TYR A 406 -12.12 -45.73 -6.51
C TYR A 406 -12.05 -46.40 -5.15
N VAL A 407 -11.04 -46.07 -4.34
CA VAL A 407 -10.79 -46.83 -3.12
C VAL A 407 -11.82 -46.49 -2.04
N GLY A 408 -11.88 -45.22 -1.64
CA GLY A 408 -12.65 -44.84 -0.47
C GLY A 408 -14.15 -44.74 -0.66
N GLU A 409 -14.65 -45.00 -1.86
CA GLU A 409 -16.06 -44.82 -2.16
C GLU A 409 -16.88 -46.10 -1.99
N GLY A 410 -16.30 -47.13 -1.38
CA GLY A 410 -17.02 -48.37 -1.18
C GLY A 410 -16.84 -49.34 -2.35
N MET A 411 -15.59 -49.63 -2.70
CA MET A 411 -15.32 -50.39 -3.90
C MET A 411 -14.02 -51.15 -3.71
N GLU A 412 -13.93 -52.33 -4.35
CA GLU A 412 -12.80 -53.23 -4.20
C GLU A 412 -12.00 -53.25 -5.50
N GLU A 413 -10.70 -53.52 -5.36
CA GLU A 413 -9.78 -53.49 -6.49
C GLU A 413 -9.68 -54.84 -7.20
N GLY A 414 -10.05 -55.94 -6.53
CA GLY A 414 -10.08 -57.23 -7.19
C GLY A 414 -11.18 -57.37 -8.21
N GLU A 415 -12.20 -56.51 -8.14
CA GLU A 415 -13.25 -56.48 -9.14
C GLU A 415 -12.72 -56.01 -10.49
N PHE A 416 -11.64 -55.22 -10.50
CA PHE A 416 -10.96 -54.89 -11.74
C PHE A 416 -10.29 -56.10 -12.37
N THR A 417 -9.81 -57.03 -11.55
CA THR A 417 -9.10 -58.20 -12.07
C THR A 417 -10.08 -59.22 -12.66
N GLU A 418 -11.24 -59.39 -12.02
CA GLU A 418 -12.22 -60.37 -12.50
C GLU A 418 -12.85 -59.93 -13.81
N ALA A 419 -12.98 -58.63 -14.04
CA ALA A 419 -13.49 -58.14 -15.31
C ALA A 419 -12.48 -58.30 -16.44
N ARG A 420 -11.20 -58.47 -16.11
CA ARG A 420 -10.21 -58.71 -17.16
C ARG A 420 -10.34 -60.10 -17.74
N GLU A 421 -10.49 -61.12 -16.89
CA GLU A 421 -10.72 -62.47 -17.36
C GLU A 421 -12.12 -62.62 -17.96
N ASP A 422 -13.05 -61.75 -17.57
CA ASP A 422 -14.39 -61.77 -18.14
C ASP A 422 -14.39 -61.23 -19.58
N LEU A 423 -13.67 -60.15 -19.83
CA LEU A 423 -13.64 -59.56 -21.16
C LEU A 423 -12.64 -60.22 -22.09
N ALA A 424 -11.74 -61.04 -21.55
CA ALA A 424 -10.76 -61.72 -22.39
C ALA A 424 -11.40 -62.84 -23.22
N ALA A 425 -12.26 -63.64 -22.58
CA ALA A 425 -12.94 -64.71 -23.31
C ALA A 425 -14.09 -64.20 -24.16
N LEU A 426 -14.55 -62.97 -23.93
CA LEU A 426 -15.67 -62.43 -24.71
C LEU A 426 -15.24 -62.19 -26.14
N GLU A 427 -14.15 -61.44 -26.34
CA GLU A 427 -13.62 -61.22 -27.68
C GLU A 427 -13.00 -62.48 -28.28
N LYS A 428 -12.70 -63.47 -27.46
CA LYS A 428 -12.33 -64.79 -27.97
C LYS A 428 -13.50 -65.47 -28.67
N ASP A 429 -14.71 -65.30 -28.14
CA ASP A 429 -15.89 -66.00 -28.64
C ASP A 429 -16.32 -65.54 -30.02
N TYR A 430 -15.93 -64.33 -30.45
CA TYR A 430 -16.12 -63.93 -31.84
C TYR A 430 -15.29 -64.81 -32.77
N GLU A 431 -14.07 -65.14 -32.36
CA GLU A 431 -13.21 -66.00 -33.16
C GLU A 431 -13.53 -67.47 -32.94
N GLU A 432 -14.09 -67.81 -31.76
CA GLU A 432 -14.46 -69.20 -31.50
C GLU A 432 -15.69 -69.60 -32.30
N VAL A 433 -16.73 -68.76 -32.29
CA VAL A 433 -17.90 -69.01 -33.12
C VAL A 433 -17.56 -68.81 -34.59
N GLY A 434 -16.83 -67.75 -34.91
CA GLY A 434 -16.42 -67.47 -36.27
C GLY A 434 -15.38 -68.43 -36.81
N MET B 1 -27.94 -25.36 -3.06
CA MET B 1 -27.84 -26.81 -3.19
C MET B 1 -26.39 -27.24 -3.03
N ARG B 2 -25.67 -27.35 -4.15
CA ARG B 2 -24.22 -27.54 -4.11
C ARG B 2 -23.60 -26.20 -3.76
N GLU B 3 -23.04 -26.09 -2.55
CA GLU B 3 -22.69 -24.79 -2.01
C GLU B 3 -21.21 -24.70 -1.67
N ILE B 4 -20.63 -23.55 -1.98
CA ILE B 4 -19.19 -23.32 -1.90
C ILE B 4 -18.96 -21.97 -1.22
N VAL B 5 -18.13 -21.98 -0.16
CA VAL B 5 -17.71 -20.74 0.47
C VAL B 5 -16.37 -20.36 -0.12
N HIS B 6 -16.03 -19.07 -0.04
CA HIS B 6 -14.77 -18.53 -0.51
C HIS B 6 -14.12 -17.74 0.62
N VAL B 7 -12.94 -18.18 1.04
CA VAL B 7 -12.28 -17.63 2.22
C VAL B 7 -10.97 -16.99 1.77
N GLN B 8 -10.69 -15.79 2.29
CA GLN B 8 -9.49 -15.03 1.95
C GLN B 8 -8.69 -14.80 3.23
N ALA B 9 -7.38 -15.03 3.16
CA ALA B 9 -6.50 -14.86 4.31
C ALA B 9 -5.13 -14.41 3.83
N GLY B 10 -4.56 -13.43 4.52
CA GLY B 10 -3.31 -12.84 4.07
C GLY B 10 -3.54 -11.73 3.08
N GLN B 11 -2.56 -10.81 2.97
CA GLN B 11 -2.73 -9.60 2.18
C GLN B 11 -2.85 -9.88 0.69
N CYS B 12 -2.28 -11.00 0.23
CA CYS B 12 -2.39 -11.38 -1.18
C CYS B 12 -3.81 -11.76 -1.54
N GLY B 13 -4.35 -12.79 -0.89
CA GLY B 13 -5.66 -13.31 -1.25
C GLY B 13 -6.82 -12.40 -0.89
N ASN B 14 -6.58 -11.37 -0.06
CA ASN B 14 -7.66 -10.46 0.30
C ASN B 14 -7.99 -9.52 -0.85
N GLN B 15 -6.98 -9.12 -1.63
CA GLN B 15 -7.22 -8.21 -2.74
C GLN B 15 -7.38 -8.91 -4.08
N ILE B 16 -7.14 -10.21 -4.15
CA ILE B 16 -7.42 -10.95 -5.38
C ILE B 16 -8.93 -11.07 -5.58
N GLY B 17 -9.64 -11.46 -4.54
CA GLY B 17 -11.09 -11.60 -4.63
C GLY B 17 -11.80 -10.27 -4.78
N SER B 18 -11.19 -9.18 -4.29
CA SER B 18 -11.80 -7.86 -4.31
C SER B 18 -12.04 -7.36 -5.72
N LYS B 19 -11.25 -7.84 -6.69
CA LYS B 19 -11.60 -7.65 -8.08
C LYS B 19 -12.32 -8.86 -8.65
N PHE B 20 -12.15 -10.04 -8.02
CA PHE B 20 -12.76 -11.25 -8.56
C PHE B 20 -14.26 -11.33 -8.30
N TRP B 21 -14.73 -10.87 -7.13
CA TRP B 21 -16.16 -10.84 -6.87
C TRP B 21 -16.89 -9.87 -7.80
N GLU B 22 -16.20 -8.87 -8.32
CA GLU B 22 -16.80 -7.88 -9.22
C GLU B 22 -17.25 -8.52 -10.52
N VAL B 23 -16.41 -9.39 -11.10
CA VAL B 23 -16.78 -10.10 -12.32
C VAL B 23 -17.92 -11.08 -12.03
N ILE B 24 -17.84 -11.77 -10.89
CA ILE B 24 -18.92 -12.65 -10.46
C ILE B 24 -20.19 -11.85 -10.19
N SER B 25 -20.03 -10.61 -9.71
CA SER B 25 -21.18 -9.71 -9.61
C SER B 25 -21.70 -9.33 -10.99
N ASP B 26 -20.80 -9.10 -11.94
CA ASP B 26 -21.20 -8.59 -13.23
C ASP B 26 -21.63 -9.67 -14.20
N GLU B 27 -21.19 -10.92 -13.99
CA GLU B 27 -21.64 -12.00 -14.86
C GLU B 27 -23.05 -12.47 -14.53
N HIS B 28 -23.59 -12.05 -13.38
CA HIS B 28 -24.92 -12.48 -12.97
C HIS B 28 -25.88 -11.32 -12.79
N GLY B 29 -25.47 -10.11 -13.16
CA GLY B 29 -26.37 -8.97 -13.19
C GLY B 29 -26.85 -8.46 -11.84
N ILE B 30 -25.94 -8.31 -10.89
CA ILE B 30 -26.30 -7.75 -9.59
C ILE B 30 -25.53 -6.46 -9.36
N GLN B 31 -25.78 -5.83 -8.21
CA GLN B 31 -25.33 -4.47 -7.91
C GLN B 31 -24.52 -4.49 -6.60
N PRO B 32 -23.85 -3.39 -6.20
CA PRO B 32 -23.25 -3.39 -4.84
C PRO B 32 -24.28 -3.47 -3.73
N ASP B 33 -25.51 -3.08 -3.98
CA ASP B 33 -26.62 -3.39 -3.07
C ASP B 33 -27.09 -4.83 -3.19
N GLY B 34 -26.56 -5.59 -4.15
CA GLY B 34 -27.06 -6.92 -4.40
C GLY B 34 -28.35 -6.97 -5.19
N THR B 35 -28.79 -5.84 -5.73
CA THR B 35 -30.04 -5.79 -6.48
C THR B 35 -29.86 -6.48 -7.82
N PHE B 36 -30.67 -7.52 -8.07
CA PHE B 36 -30.60 -8.25 -9.33
C PHE B 36 -31.12 -7.37 -10.46
N LYS B 37 -30.28 -7.12 -11.46
CA LYS B 37 -30.68 -6.38 -12.65
C LYS B 37 -30.38 -7.15 -13.93
N GLY B 38 -30.24 -8.47 -13.83
CA GLY B 38 -30.07 -9.27 -15.03
C GLY B 38 -31.36 -9.35 -15.83
N GLU B 39 -31.23 -9.14 -17.14
CA GLU B 39 -32.39 -9.12 -18.01
C GLU B 39 -32.93 -10.53 -18.26
N THR B 40 -32.05 -11.46 -18.60
CA THR B 40 -32.43 -12.85 -18.75
C THR B 40 -32.20 -13.58 -17.43
N ASP B 41 -33.13 -14.47 -17.08
CA ASP B 41 -33.04 -15.30 -15.89
C ASP B 41 -31.96 -16.39 -15.97
N LEU B 42 -31.19 -16.46 -17.06
CA LEU B 42 -30.00 -17.29 -17.09
C LEU B 42 -28.95 -16.82 -16.09
N GLN B 43 -28.96 -15.53 -15.76
CA GLN B 43 -28.07 -14.99 -14.73
C GLN B 43 -28.63 -15.15 -13.32
N LEU B 44 -29.82 -15.72 -13.17
CA LEU B 44 -30.43 -15.91 -11.85
C LEU B 44 -30.58 -17.37 -11.45
N GLU B 45 -30.74 -18.29 -12.41
CA GLU B 45 -31.14 -19.66 -12.09
C GLU B 45 -30.06 -20.45 -11.36
N ARG B 46 -28.82 -19.96 -11.33
CA ARG B 46 -27.76 -20.52 -10.49
C ARG B 46 -27.05 -19.41 -9.73
N ILE B 47 -27.83 -18.47 -9.18
CA ILE B 47 -27.25 -17.42 -8.37
C ILE B 47 -26.98 -17.91 -6.95
N ASP B 48 -27.59 -19.02 -6.55
CA ASP B 48 -27.56 -19.45 -5.16
C ASP B 48 -26.23 -20.06 -4.73
N VAL B 49 -25.39 -20.45 -5.69
CA VAL B 49 -24.20 -21.23 -5.38
C VAL B 49 -23.16 -20.43 -4.59
N TYR B 50 -23.11 -19.11 -4.80
CA TYR B 50 -22.16 -18.26 -4.09
C TYR B 50 -22.86 -17.21 -3.23
N TYR B 51 -24.16 -17.34 -3.01
CA TYR B 51 -24.92 -16.29 -2.35
C TYR B 51 -25.97 -16.88 -1.42
N ASN B 52 -26.36 -16.10 -0.42
CA ASN B 52 -27.44 -16.45 0.50
C ASN B 52 -28.40 -15.27 0.54
N GLU B 53 -29.46 -15.35 -0.26
CA GLU B 53 -30.45 -14.27 -0.31
C GLU B 53 -31.20 -14.18 1.00
N ALA B 54 -31.41 -12.94 1.46
CA ALA B 54 -32.07 -12.70 2.74
C ALA B 54 -32.72 -11.32 2.67
N ASN B 55 -34.02 -11.26 2.96
CA ASN B 55 -34.76 -10.03 3.23
C ASN B 55 -34.75 -9.05 2.07
N ASN B 56 -35.49 -9.39 1.01
CA ASN B 56 -35.76 -8.60 -0.19
C ASN B 56 -34.57 -8.48 -1.13
N GLY B 57 -33.83 -9.57 -1.30
CA GLY B 57 -32.99 -9.74 -2.47
C GLY B 57 -31.61 -9.11 -2.41
N LYS B 58 -31.21 -8.56 -1.27
CA LYS B 58 -29.84 -8.09 -1.13
C LYS B 58 -28.96 -9.31 -0.94
N TYR B 59 -28.45 -9.83 -2.06
CA TYR B 59 -27.61 -11.03 -2.03
C TYR B 59 -26.29 -10.72 -1.33
N VAL B 60 -25.92 -11.55 -0.37
CA VAL B 60 -24.61 -11.41 0.26
C VAL B 60 -23.72 -12.52 -0.28
N PRO B 61 -22.48 -12.20 -0.63
CA PRO B 61 -21.55 -13.25 -1.07
C PRO B 61 -21.15 -14.13 0.10
N ARG B 62 -21.02 -15.42 -0.18
CA ARG B 62 -20.66 -16.39 0.85
C ARG B 62 -19.14 -16.31 1.01
N ALA B 63 -18.71 -15.29 1.76
CA ALA B 63 -17.30 -14.91 1.81
C ALA B 63 -16.89 -14.65 3.25
N VAL B 64 -15.66 -15.02 3.58
CA VAL B 64 -15.07 -14.79 4.88
C VAL B 64 -13.79 -14.00 4.68
N LEU B 65 -13.63 -12.90 5.42
CA LEU B 65 -12.50 -12.00 5.25
C LEU B 65 -11.71 -11.95 6.55
N VAL B 66 -10.50 -12.50 6.53
CA VAL B 66 -9.69 -12.64 7.73
C VAL B 66 -8.37 -11.91 7.50
N ASP B 67 -7.94 -11.14 8.50
CA ASP B 67 -6.63 -10.50 8.49
C ASP B 67 -6.12 -10.47 9.92
N LEU B 68 -4.80 -10.33 10.06
CA LEU B 68 -4.21 -10.14 11.38
C LEU B 68 -4.12 -8.67 11.78
N GLU B 69 -4.53 -7.75 10.93
CA GLU B 69 -4.53 -6.33 11.24
C GLU B 69 -5.75 -5.71 10.58
N PRO B 70 -6.22 -4.56 11.08
CA PRO B 70 -7.31 -3.85 10.42
C PRO B 70 -6.91 -3.00 9.22
N GLY B 71 -5.72 -3.22 8.65
CA GLY B 71 -5.29 -2.39 7.53
C GLY B 71 -6.02 -2.74 6.24
N THR B 72 -6.07 -4.03 5.89
CA THR B 72 -6.72 -4.45 4.67
C THR B 72 -8.23 -4.53 4.79
N MET B 73 -8.78 -4.35 5.99
CA MET B 73 -10.23 -4.39 6.15
C MET B 73 -10.90 -3.18 5.54
N ASP B 74 -10.47 -1.97 5.94
CA ASP B 74 -11.14 -0.74 5.54
C ASP B 74 -10.95 -0.43 4.06
N SER B 75 -9.81 -0.84 3.49
CA SER B 75 -9.54 -0.59 2.08
C SER B 75 -10.52 -1.37 1.19
N VAL B 76 -10.81 -2.62 1.55
CA VAL B 76 -11.84 -3.37 0.85
C VAL B 76 -13.22 -2.82 1.21
N ARG B 77 -13.38 -2.37 2.45
CA ARG B 77 -14.68 -1.90 2.92
C ARG B 77 -15.05 -0.56 2.30
N SER B 78 -14.11 0.38 2.26
CA SER B 78 -14.39 1.67 1.66
C SER B 78 -14.19 1.67 0.15
N GLY B 79 -13.61 0.61 -0.41
CA GLY B 79 -13.32 0.54 -1.82
C GLY B 79 -14.53 0.18 -2.66
N PRO B 80 -14.28 -0.38 -3.85
CA PRO B 80 -15.38 -0.76 -4.73
C PRO B 80 -16.08 -2.01 -4.24
N PHE B 81 -17.42 -2.01 -4.38
CA PHE B 81 -18.32 -3.06 -3.89
C PHE B 81 -18.11 -3.33 -2.40
N GLY B 82 -17.97 -2.27 -1.61
CA GLY B 82 -17.79 -2.44 -0.18
C GLY B 82 -19.07 -2.67 0.60
N GLN B 83 -20.21 -2.23 0.05
CA GLN B 83 -21.48 -2.38 0.75
C GLN B 83 -22.09 -3.77 0.57
N LEU B 84 -21.48 -4.61 -0.27
CA LEU B 84 -22.07 -5.90 -0.60
C LEU B 84 -21.77 -6.97 0.44
N PHE B 85 -20.68 -6.83 1.19
CA PHE B 85 -20.23 -7.89 2.08
C PHE B 85 -20.94 -7.81 3.43
N ARG B 86 -21.15 -8.96 4.03
CA ARG B 86 -21.83 -9.02 5.32
C ARG B 86 -20.88 -8.62 6.45
N PRO B 87 -21.26 -7.65 7.28
CA PRO B 87 -20.36 -7.22 8.38
C PRO B 87 -20.24 -8.22 9.51
N ASP B 88 -21.01 -9.31 9.49
CA ASP B 88 -20.81 -10.39 10.46
C ASP B 88 -19.47 -11.09 10.27
N ASN B 89 -18.96 -11.11 9.04
CA ASN B 89 -17.78 -11.89 8.70
C ASN B 89 -16.48 -11.13 8.89
N PHE B 90 -16.53 -9.85 9.24
CA PHE B 90 -15.32 -9.03 9.35
C PHE B 90 -14.54 -9.35 10.62
N VAL B 91 -13.95 -10.54 10.67
CA VAL B 91 -13.22 -11.01 11.84
C VAL B 91 -11.74 -10.77 11.61
N PHE B 92 -11.08 -10.15 12.58
CA PHE B 92 -9.66 -9.85 12.42
C PHE B 92 -8.98 -9.74 13.78
N GLY B 93 -7.65 -9.81 13.75
CA GLY B 93 -6.84 -9.63 14.92
C GLY B 93 -6.11 -8.30 14.91
N GLN B 94 -5.18 -8.15 15.87
CA GLN B 94 -4.45 -6.90 16.02
C GLN B 94 -2.94 -7.10 16.02
N SER B 95 -2.44 -8.17 15.41
CA SER B 95 -1.01 -8.47 15.46
C SER B 95 -0.26 -8.10 14.19
N GLY B 96 -0.63 -8.71 13.06
CA GLY B 96 0.23 -8.69 11.89
C GLY B 96 1.30 -9.77 12.00
N ALA B 97 1.47 -10.57 10.95
CA ALA B 97 2.36 -11.72 11.05
C ALA B 97 3.83 -11.32 11.01
N GLY B 98 4.15 -10.20 10.36
CA GLY B 98 5.53 -9.79 10.21
C GLY B 98 6.37 -10.73 9.38
N ASN B 99 5.75 -11.47 8.46
CA ASN B 99 6.35 -12.55 7.68
C ASN B 99 7.03 -13.58 8.58
N ASN B 100 6.21 -14.24 9.40
CA ASN B 100 6.68 -15.28 10.31
C ASN B 100 5.64 -16.39 10.30
N TRP B 101 6.10 -17.61 10.00
CA TRP B 101 5.17 -18.74 9.88
C TRP B 101 4.63 -19.16 11.24
N ALA B 102 5.52 -19.31 12.22
CA ALA B 102 5.11 -19.78 13.54
C ALA B 102 4.30 -18.73 14.30
N LYS B 103 4.39 -17.46 13.92
CA LYS B 103 3.41 -16.49 14.39
C LYS B 103 2.05 -16.75 13.75
N GLY B 104 2.02 -16.96 12.43
CA GLY B 104 0.76 -17.22 11.76
C GLY B 104 0.19 -18.60 12.05
N HIS B 105 1.03 -19.52 12.49
CA HIS B 105 0.58 -20.89 12.77
C HIS B 105 0.41 -21.17 14.25
N TYR B 106 1.44 -20.93 15.07
CA TYR B 106 1.44 -21.32 16.47
C TYR B 106 1.09 -20.19 17.42
N THR B 107 1.59 -18.98 17.16
CA THR B 107 1.55 -17.91 18.15
C THR B 107 0.30 -17.04 18.00
N GLU B 108 0.14 -16.38 16.86
CA GLU B 108 -0.94 -15.42 16.71
C GLU B 108 -2.13 -16.00 15.95
N GLY B 109 -1.87 -16.86 14.97
CA GLY B 109 -2.94 -17.49 14.22
C GLY B 109 -3.75 -18.47 15.04
N ALA B 110 -3.17 -19.02 16.10
CA ALA B 110 -3.91 -19.95 16.97
C ALA B 110 -4.98 -19.24 17.79
N GLU B 111 -4.92 -17.92 17.90
CA GLU B 111 -5.96 -17.18 18.63
C GLU B 111 -7.17 -16.92 17.74
N LEU B 112 -6.94 -16.45 16.52
CA LEU B 112 -8.03 -16.02 15.65
C LEU B 112 -8.65 -17.17 14.87
N VAL B 113 -8.08 -18.37 14.95
CA VAL B 113 -8.62 -19.52 14.23
C VAL B 113 -9.96 -19.97 14.81
N ASP B 114 -10.21 -19.70 16.10
CA ASP B 114 -11.43 -20.18 16.73
C ASP B 114 -12.65 -19.36 16.32
N ASN B 115 -12.46 -18.08 16.02
CA ASN B 115 -13.58 -17.20 15.74
C ASN B 115 -14.20 -17.51 14.38
N VAL B 116 -13.36 -17.67 13.36
CA VAL B 116 -13.88 -17.96 12.02
C VAL B 116 -14.20 -19.42 11.84
N LEU B 117 -13.75 -20.30 12.75
CA LEU B 117 -14.11 -21.70 12.69
C LEU B 117 -15.60 -21.89 12.87
N ASP B 118 -16.21 -21.11 13.76
CA ASP B 118 -17.65 -21.12 13.88
C ASP B 118 -18.32 -20.44 12.69
N VAL B 119 -17.62 -19.51 12.04
CA VAL B 119 -18.16 -18.84 10.87
C VAL B 119 -18.15 -19.79 9.67
N ILE B 120 -17.10 -20.63 9.58
CA ILE B 120 -17.12 -21.76 8.64
C ILE B 120 -18.26 -22.70 8.97
N ARG B 121 -18.51 -22.91 10.27
CA ARG B 121 -19.61 -23.78 10.69
C ARG B 121 -20.98 -23.16 10.39
N LYS B 122 -21.10 -21.83 10.57
CA LYS B 122 -22.41 -21.19 10.59
C LYS B 122 -23.08 -21.20 9.22
N GLU B 123 -22.35 -20.79 8.18
CA GLU B 123 -22.92 -20.82 6.83
C GLU B 123 -23.04 -22.23 6.28
N ALA B 124 -22.33 -23.20 6.86
CA ALA B 124 -22.45 -24.58 6.42
C ALA B 124 -23.59 -25.30 7.12
N GLU B 125 -24.11 -24.74 8.22
CA GLU B 125 -25.28 -25.32 8.87
C GLU B 125 -26.57 -24.96 8.14
N GLY B 126 -26.61 -23.82 7.44
CA GLY B 126 -27.79 -23.39 6.74
C GLY B 126 -27.96 -23.93 5.34
N CYS B 127 -27.27 -25.01 4.99
CA CYS B 127 -27.36 -25.59 3.66
C CYS B 127 -27.63 -27.08 3.76
N ASP B 128 -28.10 -27.65 2.65
CA ASP B 128 -28.48 -29.06 2.62
C ASP B 128 -27.27 -29.98 2.51
N CYS B 129 -26.35 -29.67 1.60
CA CYS B 129 -25.20 -30.53 1.35
C CYS B 129 -24.10 -29.70 0.71
N LEU B 130 -23.01 -29.50 1.43
CA LEU B 130 -21.90 -28.70 0.92
C LEU B 130 -21.18 -29.45 -0.20
N GLN B 131 -20.39 -28.71 -0.97
CA GLN B 131 -19.73 -29.23 -2.16
C GLN B 131 -18.21 -29.13 -2.11
N GLY B 132 -17.67 -28.06 -1.56
CA GLY B 132 -16.24 -27.89 -1.52
C GLY B 132 -15.89 -26.44 -1.23
N PHE B 133 -14.63 -26.24 -0.87
CA PHE B 133 -14.16 -24.93 -0.46
C PHE B 133 -13.15 -24.39 -1.47
N GLN B 134 -13.15 -23.07 -1.62
CA GLN B 134 -12.14 -22.38 -2.41
C GLN B 134 -11.46 -21.33 -1.55
N LEU B 135 -10.14 -21.28 -1.61
CA LEU B 135 -9.32 -20.51 -0.68
C LEU B 135 -8.25 -19.75 -1.45
N THR B 136 -8.18 -18.44 -1.21
CA THR B 136 -7.14 -17.59 -1.78
C THR B 136 -6.26 -17.06 -0.68
N HIS B 137 -4.96 -17.30 -0.81
CA HIS B 137 -3.98 -16.87 0.17
C HIS B 137 -2.63 -16.77 -0.52
N SER B 138 -1.56 -16.65 0.26
CA SER B 138 -0.22 -16.55 -0.28
C SER B 138 0.63 -17.73 0.17
N LEU B 139 1.77 -17.91 -0.52
CA LEU B 139 2.82 -18.80 -0.07
C LEU B 139 4.14 -18.09 0.16
N GLY B 140 4.23 -16.81 -0.19
CA GLY B 140 5.45 -16.06 0.02
C GLY B 140 5.44 -15.30 1.33
N GLY B 141 4.29 -14.73 1.67
CA GLY B 141 4.15 -13.92 2.86
C GLY B 141 4.05 -14.73 4.14
N GLY B 142 3.59 -14.06 5.19
CA GLY B 142 3.53 -14.69 6.50
C GLY B 142 2.12 -14.91 7.03
N THR B 143 1.19 -14.03 6.69
CA THR B 143 -0.15 -14.13 7.22
C THR B 143 -0.92 -15.27 6.57
N GLY B 144 -1.10 -15.21 5.25
CA GLY B 144 -1.84 -16.23 4.56
C GLY B 144 -1.13 -17.57 4.50
N SER B 145 0.20 -17.55 4.44
CA SER B 145 0.97 -18.79 4.42
C SER B 145 1.14 -19.41 5.80
N GLY B 146 0.79 -18.69 6.85
CA GLY B 146 0.90 -19.22 8.20
C GLY B 146 -0.43 -19.54 8.82
N MET B 147 -1.44 -18.72 8.54
CA MET B 147 -2.78 -18.90 9.09
C MET B 147 -3.68 -19.74 8.19
N GLY B 148 -3.70 -19.46 6.88
CA GLY B 148 -4.42 -20.29 5.94
C GLY B 148 -3.85 -21.68 5.79
N THR B 149 -2.58 -21.88 6.14
CA THR B 149 -1.99 -23.21 6.22
C THR B 149 -2.70 -24.07 7.27
N LEU B 150 -2.91 -23.51 8.46
CA LEU B 150 -3.51 -24.25 9.56
C LEU B 150 -5.01 -24.45 9.37
N LEU B 151 -5.66 -23.61 8.55
CA LEU B 151 -7.11 -23.71 8.37
C LEU B 151 -7.51 -24.99 7.66
N ILE B 152 -6.70 -25.44 6.70
CA ILE B 152 -6.98 -26.68 5.98
C ILE B 152 -6.83 -27.88 6.90
N SER B 153 -5.98 -27.76 7.93
CA SER B 153 -5.80 -28.85 8.89
C SER B 153 -6.99 -29.00 9.84
N LYS B 154 -7.95 -28.08 9.80
CA LYS B 154 -9.16 -28.19 10.62
C LYS B 154 -10.44 -28.31 9.81
N ILE B 155 -10.37 -28.12 8.48
CA ILE B 155 -11.53 -28.38 7.64
C ILE B 155 -11.82 -29.87 7.56
N ARG B 156 -10.76 -30.68 7.48
CA ARG B 156 -10.90 -32.14 7.37
C ARG B 156 -11.49 -32.76 8.63
N GLU B 157 -11.35 -32.09 9.78
CA GLU B 157 -12.03 -32.56 10.98
C GLU B 157 -13.53 -32.29 10.90
N GLU B 158 -13.92 -31.18 10.29
CA GLU B 158 -15.33 -30.89 10.07
C GLU B 158 -15.89 -31.66 8.87
N TYR B 159 -15.18 -31.62 7.75
CA TYR B 159 -15.67 -32.20 6.50
C TYR B 159 -14.54 -32.96 5.83
N PRO B 160 -14.38 -34.25 6.17
CA PRO B 160 -13.36 -35.07 5.50
C PRO B 160 -13.79 -35.59 4.13
N ASP B 161 -14.84 -35.04 3.53
CA ASP B 161 -15.44 -35.60 2.33
C ASP B 161 -15.20 -34.79 1.06
N ARG B 162 -15.28 -33.47 1.14
CA ARG B 162 -15.37 -32.66 -0.06
C ARG B 162 -14.00 -32.24 -0.55
N ILE B 163 -13.99 -31.29 -1.49
CA ILE B 163 -12.77 -30.86 -2.16
C ILE B 163 -12.29 -29.55 -1.59
N MET B 164 -11.02 -29.24 -1.82
CA MET B 164 -10.35 -28.08 -1.24
C MET B 164 -9.56 -27.37 -2.32
N SER B 165 -10.04 -26.20 -2.74
CA SER B 165 -9.33 -25.38 -3.71
C SER B 165 -8.48 -24.37 -2.95
N SER B 166 -7.16 -24.51 -3.08
CA SER B 166 -6.21 -23.63 -2.40
C SER B 166 -5.42 -22.89 -3.46
N PHE B 167 -5.93 -21.74 -3.88
CA PHE B 167 -5.28 -20.93 -4.91
C PHE B 167 -4.30 -20.00 -4.19
N SER B 168 -3.03 -20.04 -4.59
CA SER B 168 -2.00 -19.24 -3.94
C SER B 168 -0.87 -18.94 -4.91
N VAL B 169 -0.29 -17.75 -4.75
CA VAL B 169 0.86 -17.37 -5.57
C VAL B 169 2.10 -18.11 -5.10
N VAL B 170 3.06 -18.24 -6.01
CA VAL B 170 4.27 -19.02 -5.74
C VAL B 170 5.50 -18.18 -6.07
N PRO B 171 6.67 -18.49 -5.49
CA PRO B 171 7.89 -17.77 -5.87
C PRO B 171 8.30 -18.02 -7.31
N SER B 172 9.12 -17.10 -7.84
CA SER B 172 9.69 -17.04 -9.18
C SER B 172 11.20 -17.25 -9.13
N PRO B 173 11.81 -17.80 -10.18
CA PRO B 173 13.27 -17.98 -10.15
C PRO B 173 14.06 -16.69 -10.33
N LYS B 174 13.46 -15.65 -10.90
CA LYS B 174 14.21 -14.46 -11.29
C LYS B 174 14.51 -13.55 -10.10
N VAL B 175 13.47 -13.00 -9.47
CA VAL B 175 13.61 -12.06 -8.37
C VAL B 175 12.74 -12.54 -7.22
N SER B 176 13.34 -12.77 -6.06
CA SER B 176 12.58 -13.10 -4.88
C SER B 176 11.82 -11.88 -4.36
N ASP B 177 10.66 -12.13 -3.76
CA ASP B 177 9.82 -11.05 -3.26
C ASP B 177 10.05 -10.71 -1.80
N THR B 178 10.18 -11.72 -0.94
CA THR B 178 10.48 -11.51 0.47
C THR B 178 11.75 -12.28 0.84
N VAL B 179 12.25 -12.01 2.05
CA VAL B 179 13.53 -12.56 2.47
C VAL B 179 13.37 -14.02 2.90
N VAL B 180 12.27 -14.34 3.59
CA VAL B 180 12.04 -15.68 4.10
C VAL B 180 11.12 -16.42 3.15
N GLU B 181 11.15 -16.02 1.88
CA GLU B 181 10.32 -16.65 0.86
C GLU B 181 10.61 -18.13 0.62
N PRO B 182 11.85 -18.65 0.62
CA PRO B 182 12.00 -20.12 0.62
C PRO B 182 11.61 -20.78 1.93
N TYR B 183 11.59 -20.04 3.05
CA TYR B 183 11.09 -20.60 4.29
C TYR B 183 9.58 -20.71 4.29
N ASN B 184 8.89 -19.75 3.68
CA ASN B 184 7.43 -19.79 3.64
C ASN B 184 6.90 -20.77 2.61
N ALA B 185 7.77 -21.32 1.76
CA ALA B 185 7.33 -22.26 0.73
C ALA B 185 7.40 -23.71 1.21
N THR B 186 8.56 -24.13 1.72
CA THR B 186 8.76 -25.53 2.11
C THR B 186 7.89 -25.90 3.31
N LEU B 187 7.70 -24.95 4.24
CA LEU B 187 6.90 -25.23 5.41
C LEU B 187 5.41 -25.24 5.09
N SER B 188 4.99 -24.51 4.06
CA SER B 188 3.59 -24.50 3.67
C SER B 188 3.23 -25.76 2.89
N VAL B 189 4.04 -26.10 1.88
CA VAL B 189 3.79 -27.27 1.01
C VAL B 189 3.85 -28.57 1.80
N HIS B 190 4.62 -28.57 2.90
CA HIS B 190 4.58 -29.66 3.89
C HIS B 190 3.17 -29.94 4.40
N GLN B 191 2.35 -28.90 4.56
CA GLN B 191 0.96 -29.08 4.92
C GLN B 191 0.04 -29.11 3.71
N LEU B 192 0.50 -28.63 2.56
CA LEU B 192 -0.34 -28.66 1.36
C LEU B 192 -0.39 -30.04 0.72
N VAL B 193 0.69 -30.81 0.81
CA VAL B 193 0.65 -32.17 0.27
C VAL B 193 -0.05 -33.14 1.20
N GLU B 194 -0.42 -32.70 2.41
CA GLU B 194 -1.10 -33.55 3.37
C GLU B 194 -2.61 -33.57 3.16
N ASN B 195 -3.24 -32.41 3.00
CA ASN B 195 -4.70 -32.33 3.09
C ASN B 195 -5.34 -31.45 2.03
N THR B 196 -4.68 -31.17 0.91
CA THR B 196 -5.27 -30.33 -0.13
C THR B 196 -5.51 -31.14 -1.39
N ASP B 197 -6.29 -30.57 -2.30
CA ASP B 197 -6.67 -31.26 -3.52
C ASP B 197 -6.23 -30.57 -4.80
N GLU B 198 -6.06 -29.25 -4.80
CA GLU B 198 -5.44 -28.57 -5.93
C GLU B 198 -4.81 -27.26 -5.49
N THR B 199 -3.65 -26.96 -6.07
CA THR B 199 -2.99 -25.66 -5.97
C THR B 199 -2.66 -25.19 -7.38
N TYR B 200 -2.86 -23.90 -7.64
CA TYR B 200 -2.50 -23.32 -8.92
C TYR B 200 -1.29 -22.41 -8.70
N CYS B 201 -0.13 -22.89 -9.15
CA CYS B 201 1.13 -22.18 -8.97
C CYS B 201 1.22 -21.07 -10.01
N ILE B 202 0.81 -19.86 -9.61
CA ILE B 202 0.84 -18.70 -10.48
C ILE B 202 2.07 -17.87 -10.12
N ASP B 203 2.97 -17.68 -11.08
CA ASP B 203 4.13 -16.84 -10.86
C ASP B 203 3.77 -15.37 -11.03
N ASN B 204 4.30 -14.55 -10.11
CA ASN B 204 4.16 -13.10 -10.27
C ASN B 204 4.98 -12.58 -11.43
N GLU B 205 6.07 -13.27 -11.77
CA GLU B 205 6.98 -12.81 -12.81
C GLU B 205 6.35 -12.93 -14.20
N ALA B 206 5.79 -14.10 -14.52
CA ALA B 206 5.30 -14.36 -15.86
C ALA B 206 4.00 -13.61 -16.16
N LEU B 207 3.30 -13.12 -15.14
CA LEU B 207 2.10 -12.33 -15.39
C LEU B 207 2.43 -11.00 -16.07
N TYR B 208 3.62 -10.44 -15.79
CA TYR B 208 4.04 -9.25 -16.53
C TYR B 208 4.34 -9.60 -17.97
N ASP B 209 4.96 -10.76 -18.20
CA ASP B 209 5.30 -11.21 -19.55
C ASP B 209 4.05 -11.48 -20.38
N ILE B 210 2.95 -11.86 -19.73
CA ILE B 210 1.66 -11.86 -20.39
C ILE B 210 1.25 -10.44 -20.75
N CYS B 211 1.36 -9.52 -19.78
CA CYS B 211 0.92 -8.15 -20.02
C CYS B 211 1.85 -7.37 -20.93
N TYR B 212 3.15 -7.70 -20.93
CA TYR B 212 4.11 -6.94 -21.71
C TYR B 212 4.02 -7.25 -23.21
N ARG B 213 3.62 -8.47 -23.56
CA ARG B 213 3.56 -8.90 -24.95
C ARG B 213 2.16 -8.87 -25.53
N THR B 214 1.20 -9.48 -24.84
CA THR B 214 -0.17 -9.50 -25.33
C THR B 214 -0.86 -8.17 -25.08
N LEU B 215 -0.94 -7.77 -23.81
CA LEU B 215 -1.65 -6.55 -23.46
C LEU B 215 -0.86 -5.29 -23.79
N LYS B 216 0.47 -5.39 -23.88
CA LYS B 216 1.38 -4.28 -24.19
C LYS B 216 1.26 -3.13 -23.19
N LEU B 217 0.85 -3.43 -21.96
CA LEU B 217 0.53 -2.39 -21.00
C LEU B 217 1.78 -1.96 -20.25
N THR B 218 2.11 -0.67 -20.36
CA THR B 218 3.32 -0.13 -19.75
C THR B 218 3.18 0.06 -18.26
N ASN B 219 1.96 0.22 -17.75
CA ASN B 219 1.70 0.54 -16.35
C ASN B 219 0.87 -0.57 -15.74
N PRO B 220 1.50 -1.64 -15.23
CA PRO B 220 0.73 -2.72 -14.60
C PRO B 220 0.16 -2.33 -13.24
N THR B 221 -1.14 -2.05 -13.21
CA THR B 221 -1.83 -1.82 -11.96
C THR B 221 -2.16 -3.18 -11.33
N TYR B 222 -2.05 -3.26 -10.00
CA TYR B 222 -2.36 -4.50 -9.30
C TYR B 222 -3.83 -4.89 -9.39
N GLY B 223 -4.71 -3.94 -9.74
CA GLY B 223 -6.06 -4.32 -10.11
C GLY B 223 -6.11 -5.10 -11.41
N ASP B 224 -5.13 -4.87 -12.29
CA ASP B 224 -5.16 -5.51 -13.61
C ASP B 224 -4.49 -6.87 -13.60
N LEU B 225 -3.50 -7.09 -12.72
CA LEU B 225 -2.87 -8.40 -12.66
C LEU B 225 -3.81 -9.43 -12.02
N ASN B 226 -4.54 -9.02 -10.98
CA ASN B 226 -5.56 -9.90 -10.40
C ASN B 226 -6.77 -10.04 -11.29
N HIS B 227 -6.98 -9.08 -12.20
CA HIS B 227 -8.05 -9.19 -13.20
C HIS B 227 -7.83 -10.37 -14.14
N LEU B 228 -6.57 -10.67 -14.45
CA LEU B 228 -6.26 -11.87 -15.21
C LEU B 228 -6.32 -13.12 -14.35
N VAL B 229 -6.18 -12.97 -13.03
CA VAL B 229 -6.46 -14.07 -12.13
C VAL B 229 -7.96 -14.23 -11.98
N SER B 230 -8.71 -13.13 -12.09
CA SER B 230 -10.16 -13.16 -11.90
C SER B 230 -10.85 -13.92 -13.02
N LEU B 231 -10.47 -13.66 -14.27
CA LEU B 231 -11.12 -14.34 -15.39
C LEU B 231 -10.70 -15.80 -15.50
N THR B 232 -9.59 -16.18 -14.87
CA THR B 232 -9.20 -17.59 -14.86
C THR B 232 -10.12 -18.39 -13.94
N MET B 233 -10.43 -17.86 -12.76
CA MET B 233 -11.21 -18.59 -11.79
C MET B 233 -12.69 -18.67 -12.17
N SER B 234 -13.22 -17.66 -12.86
CA SER B 234 -14.63 -17.68 -13.23
C SER B 234 -14.89 -18.68 -14.35
N GLY B 235 -13.90 -18.94 -15.20
CA GLY B 235 -14.05 -19.94 -16.24
C GLY B 235 -14.02 -21.36 -15.73
N VAL B 236 -13.48 -21.59 -14.54
CA VAL B 236 -13.42 -22.93 -13.99
C VAL B 236 -14.80 -23.39 -13.53
N THR B 237 -15.52 -22.51 -12.85
CA THR B 237 -16.83 -22.85 -12.29
C THR B 237 -17.98 -22.46 -13.20
N THR B 238 -17.77 -22.46 -14.52
CA THR B 238 -18.84 -22.07 -15.43
C THR B 238 -19.89 -23.15 -15.60
N CYS B 239 -19.57 -24.41 -15.26
CA CYS B 239 -20.55 -25.48 -15.43
C CYS B 239 -21.60 -25.44 -14.33
N LEU B 240 -21.18 -25.15 -13.10
CA LEU B 240 -22.10 -25.10 -11.97
C LEU B 240 -23.01 -23.88 -12.03
N ARG B 241 -22.67 -22.88 -12.84
CA ARG B 241 -23.43 -21.64 -12.90
C ARG B 241 -24.17 -21.43 -14.20
N PHE B 242 -23.88 -22.23 -15.23
CA PHE B 242 -24.49 -22.03 -16.54
C PHE B 242 -24.73 -23.38 -17.18
N PRO B 243 -25.80 -23.52 -17.97
CA PRO B 243 -26.04 -24.78 -18.69
C PRO B 243 -25.17 -24.92 -19.93
N GLY B 244 -25.40 -25.98 -20.70
CA GLY B 244 -24.64 -26.20 -21.91
C GLY B 244 -24.82 -27.62 -22.40
N GLN B 245 -24.03 -27.97 -23.41
CA GLN B 245 -24.09 -29.32 -23.97
C GLN B 245 -23.28 -30.33 -23.18
N LEU B 246 -22.43 -29.89 -22.26
CA LEU B 246 -21.63 -30.81 -21.45
C LEU B 246 -21.24 -30.08 -20.18
N ASN B 247 -21.73 -30.54 -19.03
CA ASN B 247 -21.43 -29.93 -17.75
C ASN B 247 -20.42 -30.76 -16.97
N ALA B 248 -19.56 -30.07 -16.22
CA ALA B 248 -18.41 -30.69 -15.55
C ALA B 248 -18.12 -29.93 -14.28
N ASP B 249 -18.47 -30.49 -13.13
CA ASP B 249 -18.28 -29.79 -11.87
C ASP B 249 -16.81 -29.82 -11.44
N LEU B 250 -16.54 -29.27 -10.26
CA LEU B 250 -15.18 -29.19 -9.75
C LEU B 250 -14.63 -30.57 -9.41
N ARG B 251 -15.51 -31.50 -9.00
CA ARG B 251 -15.06 -32.86 -8.75
C ARG B 251 -14.69 -33.58 -10.04
N LYS B 252 -15.43 -33.30 -11.13
CA LYS B 252 -15.06 -33.90 -12.41
C LYS B 252 -13.77 -33.30 -12.94
N LEU B 253 -13.53 -32.01 -12.65
CA LEU B 253 -12.23 -31.43 -12.94
C LEU B 253 -11.15 -32.00 -12.03
N ALA B 254 -11.53 -32.44 -10.83
CA ALA B 254 -10.56 -33.10 -9.95
C ALA B 254 -10.25 -34.50 -10.43
N VAL B 255 -11.28 -35.33 -10.61
CA VAL B 255 -11.09 -36.77 -10.84
C VAL B 255 -10.44 -37.05 -12.20
N ASN B 256 -10.57 -36.16 -13.18
CA ASN B 256 -9.98 -36.42 -14.49
C ASN B 256 -8.49 -36.18 -14.48
N MET B 257 -7.99 -35.36 -13.57
CA MET B 257 -6.64 -34.85 -13.67
C MET B 257 -5.66 -35.55 -12.74
N VAL B 258 -5.92 -35.54 -11.44
CA VAL B 258 -4.93 -35.96 -10.44
C VAL B 258 -4.76 -37.48 -10.45
N PRO B 259 -3.56 -37.99 -10.79
CA PRO B 259 -3.41 -39.44 -10.97
C PRO B 259 -3.01 -40.17 -9.70
N PHE B 260 -2.43 -39.44 -8.76
CA PHE B 260 -1.84 -39.98 -7.54
C PHE B 260 -2.02 -38.91 -6.47
N PRO B 261 -2.22 -39.29 -5.20
CA PRO B 261 -2.70 -38.31 -4.20
C PRO B 261 -1.74 -37.18 -3.83
N ARG B 262 -0.58 -37.06 -4.48
CA ARG B 262 0.28 -35.90 -4.33
C ARG B 262 0.31 -35.00 -5.55
N LEU B 263 0.27 -35.56 -6.75
CA LEU B 263 0.53 -34.79 -7.97
C LEU B 263 -0.76 -34.09 -8.41
N HIS B 264 -0.99 -32.93 -7.83
CA HIS B 264 -2.16 -32.13 -8.14
C HIS B 264 -1.79 -30.66 -8.25
N PHE B 265 -0.62 -30.39 -8.81
CA PHE B 265 -0.03 -29.05 -8.83
C PHE B 265 -0.08 -28.56 -10.27
N PHE B 266 -1.10 -27.77 -10.58
CA PHE B 266 -1.50 -27.52 -11.96
C PHE B 266 -1.29 -26.05 -12.29
N MET B 267 -0.91 -25.78 -13.55
CA MET B 267 -0.84 -24.38 -13.93
C MET B 267 -1.99 -24.03 -14.87
N PRO B 268 -2.56 -22.83 -14.74
CA PRO B 268 -3.70 -22.44 -15.57
C PRO B 268 -3.27 -21.70 -16.82
N GLY B 269 -4.23 -21.55 -17.73
CA GLY B 269 -4.00 -20.84 -18.98
C GLY B 269 -5.29 -20.25 -19.49
N PHE B 270 -5.17 -19.16 -20.26
CA PHE B 270 -6.34 -18.48 -20.79
C PHE B 270 -6.05 -17.91 -22.16
N ALA B 271 -7.02 -18.04 -23.07
CA ALA B 271 -6.98 -17.49 -24.39
C ALA B 271 -8.40 -17.05 -24.74
N PRO B 272 -8.57 -15.95 -25.50
CA PRO B 272 -7.59 -15.05 -26.12
C PRO B 272 -7.01 -14.00 -25.18
N LEU B 273 -5.80 -13.54 -25.50
CA LEU B 273 -5.12 -12.49 -24.75
C LEU B 273 -4.34 -11.65 -25.75
N SER B 274 -4.74 -10.39 -25.91
CA SER B 274 -4.01 -9.44 -26.73
C SER B 274 -4.42 -8.03 -26.32
N ALA B 275 -3.81 -7.05 -26.98
CA ALA B 275 -4.10 -5.65 -26.69
C ALA B 275 -5.36 -5.18 -27.40
N LYS B 276 -5.57 -3.86 -27.44
CA LYS B 276 -6.78 -3.30 -28.04
C LYS B 276 -6.78 -3.39 -29.56
N GLY B 277 -5.70 -2.90 -30.18
CA GLY B 277 -5.71 -2.66 -31.62
C GLY B 277 -5.59 -3.91 -32.48
N THR B 278 -5.26 -5.06 -31.89
CA THR B 278 -5.11 -6.29 -32.66
C THR B 278 -6.37 -7.14 -32.64
N GLN B 279 -7.55 -6.51 -32.54
CA GLN B 279 -8.80 -7.25 -32.47
C GLN B 279 -9.18 -7.83 -33.83
N ALA B 280 -9.38 -6.96 -34.82
CA ALA B 280 -9.86 -7.40 -36.13
C ALA B 280 -8.79 -8.09 -36.97
N TYR B 281 -7.51 -7.82 -36.72
CA TYR B 281 -6.44 -8.31 -37.58
C TYR B 281 -6.15 -9.79 -37.40
N ARG B 282 -6.64 -10.43 -36.35
CA ARG B 282 -6.49 -11.87 -36.18
C ARG B 282 -7.86 -12.53 -36.35
N ALA B 283 -7.87 -13.86 -36.24
CA ALA B 283 -9.06 -14.64 -36.50
C ALA B 283 -9.60 -15.26 -35.22
N LEU B 284 -10.93 -15.25 -35.09
CA LEU B 284 -11.60 -15.92 -33.98
C LEU B 284 -12.12 -17.28 -34.44
N THR B 285 -11.16 -18.16 -34.72
CA THR B 285 -11.46 -19.53 -35.14
C THR B 285 -11.10 -20.48 -33.99
N VAL B 286 -11.48 -21.73 -34.16
CA VAL B 286 -11.06 -22.76 -33.22
C VAL B 286 -9.56 -23.00 -33.34
N ALA B 287 -9.02 -22.87 -34.56
CA ALA B 287 -7.60 -23.12 -34.79
C ALA B 287 -6.72 -22.03 -34.21
N GLU B 288 -7.16 -20.77 -34.26
CA GLU B 288 -6.33 -19.69 -33.71
C GLU B 288 -6.35 -19.73 -32.19
N LEU B 289 -7.51 -20.04 -31.60
CA LEU B 289 -7.58 -20.17 -30.15
C LEU B 289 -6.93 -21.45 -29.63
N THR B 290 -6.67 -22.42 -30.51
CA THR B 290 -6.04 -23.65 -30.06
C THR B 290 -4.56 -23.44 -29.76
N GLN B 291 -3.82 -22.91 -30.74
CA GLN B 291 -2.37 -22.88 -30.63
C GLN B 291 -1.87 -21.82 -29.67
N GLN B 292 -2.72 -20.85 -29.32
CA GLN B 292 -2.36 -19.92 -28.25
C GLN B 292 -2.30 -20.63 -26.92
N MET B 293 -3.19 -21.60 -26.69
CA MET B 293 -3.27 -22.33 -25.42
C MET B 293 -2.04 -23.18 -25.15
N PHE B 294 -1.27 -23.53 -26.17
CA PHE B 294 -0.15 -24.45 -26.04
C PHE B 294 1.17 -23.76 -26.34
N ASP B 295 1.26 -22.48 -26.04
CA ASP B 295 2.46 -21.68 -26.19
C ASP B 295 3.08 -21.45 -24.82
N ALA B 296 4.39 -21.15 -24.82
CA ALA B 296 5.05 -20.71 -23.61
C ALA B 296 4.57 -19.33 -23.16
N LYS B 297 4.02 -18.56 -24.11
CA LYS B 297 3.42 -17.26 -23.78
C LYS B 297 2.24 -17.39 -22.84
N ASN B 298 1.38 -18.40 -23.07
CA ASN B 298 0.19 -18.57 -22.25
C ASN B 298 0.49 -19.25 -20.91
N MET B 299 1.73 -19.69 -20.69
CA MET B 299 2.11 -20.27 -19.40
C MET B 299 2.14 -19.17 -18.35
N MET B 300 1.11 -19.16 -17.48
CA MET B 300 1.02 -18.15 -16.44
C MET B 300 2.11 -18.28 -15.39
N ALA B 301 2.67 -19.47 -15.21
CA ALA B 301 3.87 -19.65 -14.42
C ALA B 301 5.08 -19.54 -15.34
N ALA B 302 6.23 -19.23 -14.74
CA ALA B 302 7.47 -19.06 -15.49
C ALA B 302 8.25 -20.37 -15.55
N CYS B 303 7.59 -21.39 -16.07
CA CYS B 303 8.22 -22.68 -16.34
C CYS B 303 8.05 -23.00 -17.81
N ASP B 304 8.98 -23.79 -18.34
CA ASP B 304 9.06 -23.97 -19.78
C ASP B 304 8.23 -25.19 -20.18
N PRO B 305 7.18 -25.04 -20.99
CA PRO B 305 6.29 -26.18 -21.29
C PRO B 305 6.93 -27.24 -22.16
N ARG B 306 7.94 -26.90 -22.97
CA ARG B 306 8.69 -27.89 -23.72
C ARG B 306 9.85 -28.49 -22.92
N HIS B 307 9.87 -28.28 -21.61
CA HIS B 307 10.77 -28.99 -20.70
C HIS B 307 10.00 -29.97 -19.82
N GLY B 308 8.79 -30.31 -20.22
CA GLY B 308 7.97 -31.26 -19.48
C GLY B 308 7.05 -32.01 -20.40
N ARG B 309 5.97 -32.57 -19.83
CA ARG B 309 5.02 -33.39 -20.56
C ARG B 309 3.63 -33.11 -20.01
N TYR B 310 2.67 -32.87 -20.90
CA TYR B 310 1.29 -32.70 -20.49
C TYR B 310 0.67 -34.06 -20.17
N LEU B 311 0.20 -34.21 -18.95
CA LEU B 311 -0.47 -35.44 -18.54
C LEU B 311 -1.96 -35.38 -18.81
N THR B 312 -2.66 -34.41 -18.20
CA THR B 312 -4.09 -34.24 -18.39
C THR B 312 -4.37 -32.83 -18.89
N VAL B 313 -4.92 -32.74 -20.10
CA VAL B 313 -5.25 -31.48 -20.75
C VAL B 313 -6.72 -31.19 -20.49
N ALA B 314 -7.00 -30.10 -19.79
CA ALA B 314 -8.36 -29.69 -19.49
C ALA B 314 -8.72 -28.49 -20.35
N ALA B 315 -9.71 -28.67 -21.22
CA ALA B 315 -10.14 -27.64 -22.16
C ALA B 315 -11.54 -27.19 -21.76
N MET B 316 -11.62 -26.09 -21.02
CA MET B 316 -12.89 -25.50 -20.62
C MET B 316 -13.19 -24.36 -21.58
N PHE B 317 -13.91 -24.67 -22.65
CA PHE B 317 -14.21 -23.70 -23.70
C PHE B 317 -15.52 -23.00 -23.41
N ARG B 318 -15.57 -21.71 -23.71
CA ARG B 318 -16.70 -20.87 -23.36
C ARG B 318 -17.18 -20.12 -24.59
N GLY B 319 -18.42 -20.37 -24.99
CA GLY B 319 -19.01 -19.74 -26.15
C GLY B 319 -19.68 -20.76 -27.06
N ARG B 320 -20.53 -20.24 -27.94
CA ARG B 320 -21.21 -21.06 -28.94
C ARG B 320 -20.17 -21.51 -29.96
N MET B 321 -19.83 -22.80 -29.91
CA MET B 321 -18.75 -23.35 -30.72
C MET B 321 -19.24 -24.61 -31.43
N SER B 322 -18.52 -24.97 -32.49
CA SER B 322 -18.77 -26.20 -33.22
C SER B 322 -17.99 -27.32 -32.54
N MET B 323 -18.70 -28.39 -32.15
CA MET B 323 -18.10 -29.46 -31.37
C MET B 323 -17.08 -30.26 -32.18
N ARG B 324 -17.31 -30.40 -33.48
CA ARG B 324 -16.44 -31.24 -34.31
C ARG B 324 -15.08 -30.60 -34.52
N GLU B 325 -15.05 -29.27 -34.65
CA GLU B 325 -13.76 -28.59 -34.77
C GLU B 325 -12.98 -28.64 -33.46
N VAL B 326 -13.69 -28.69 -32.33
CA VAL B 326 -13.03 -29.03 -31.07
C VAL B 326 -12.58 -30.48 -31.11
N ASP B 327 -13.42 -31.37 -31.64
CA ASP B 327 -13.04 -32.76 -31.78
C ASP B 327 -11.95 -32.97 -32.82
N GLU B 328 -11.84 -32.06 -33.78
CA GLU B 328 -10.82 -32.16 -34.81
C GLU B 328 -9.43 -31.84 -34.25
N GLN B 329 -9.30 -30.69 -33.61
CA GLN B 329 -7.97 -30.15 -33.33
C GLN B 329 -7.35 -30.76 -32.07
N MET B 330 -8.18 -31.21 -31.13
CA MET B 330 -7.64 -31.88 -29.95
C MET B 330 -7.04 -33.23 -30.31
N LEU B 331 -7.50 -33.84 -31.40
CA LEU B 331 -6.75 -34.94 -31.99
C LEU B 331 -5.46 -34.45 -32.61
N ASN B 332 -5.50 -33.29 -33.26
CA ASN B 332 -4.40 -32.85 -34.10
C ASN B 332 -3.19 -32.41 -33.28
N VAL B 333 -3.39 -32.03 -32.02
CA VAL B 333 -2.24 -31.64 -31.21
C VAL B 333 -1.42 -32.86 -30.82
N GLN B 334 -2.07 -34.01 -30.60
CA GLN B 334 -1.32 -35.20 -30.24
C GLN B 334 -0.65 -35.83 -31.46
N ASN B 335 -1.18 -35.60 -32.66
CA ASN B 335 -0.48 -35.98 -33.88
C ASN B 335 0.71 -35.09 -34.17
N LYS B 336 0.75 -33.89 -33.58
CA LYS B 336 1.91 -33.01 -33.67
C LYS B 336 2.87 -33.21 -32.52
N ASN B 337 2.35 -33.25 -31.29
CA ASN B 337 3.13 -33.08 -30.08
C ASN B 337 3.11 -34.33 -29.19
N SER B 338 3.31 -35.51 -29.80
CA SER B 338 3.26 -36.77 -29.05
C SER B 338 4.41 -36.88 -28.07
N SER B 339 5.55 -36.23 -28.35
CA SER B 339 6.62 -36.16 -27.36
C SER B 339 6.23 -35.27 -26.18
N TYR B 340 5.40 -34.26 -26.43
CA TYR B 340 5.00 -33.33 -25.39
C TYR B 340 3.96 -33.88 -24.44
N PHE B 341 3.49 -35.11 -24.64
CA PHE B 341 2.60 -35.76 -23.70
C PHE B 341 3.35 -36.87 -22.97
N VAL B 342 2.76 -37.29 -21.84
CA VAL B 342 3.12 -38.59 -21.28
C VAL B 342 2.63 -39.67 -22.24
N GLU B 343 3.44 -40.72 -22.38
CA GLU B 343 3.17 -41.71 -23.42
C GLU B 343 2.18 -42.78 -22.99
N TRP B 344 2.26 -43.24 -21.74
CA TRP B 344 1.47 -44.39 -21.32
C TRP B 344 0.05 -44.03 -20.92
N ILE B 345 -0.31 -42.75 -20.89
CA ILE B 345 -1.69 -42.32 -20.63
C ILE B 345 -2.30 -41.94 -21.98
N PRO B 346 -3.20 -42.74 -22.54
CA PRO B 346 -3.80 -42.39 -23.82
C PRO B 346 -4.92 -41.37 -23.65
N ASN B 347 -5.12 -40.59 -24.73
CA ASN B 347 -6.21 -39.63 -24.88
C ASN B 347 -6.17 -38.58 -23.76
N ASN B 348 -5.10 -37.79 -23.80
CA ASN B 348 -4.79 -36.86 -22.73
C ASN B 348 -5.71 -35.65 -22.68
N VAL B 349 -6.61 -35.47 -23.64
CA VAL B 349 -7.46 -34.28 -23.70
C VAL B 349 -8.76 -34.55 -22.98
N LYS B 350 -9.09 -33.71 -22.01
CA LYS B 350 -10.42 -33.65 -21.42
C LYS B 350 -11.10 -32.35 -21.85
N THR B 351 -12.29 -32.47 -22.41
CA THR B 351 -13.00 -31.34 -22.98
C THR B 351 -14.32 -31.12 -22.25
N ALA B 352 -14.53 -29.91 -21.76
CA ALA B 352 -15.81 -29.49 -21.20
C ALA B 352 -16.20 -28.18 -21.87
N VAL B 353 -17.39 -28.14 -22.45
CA VAL B 353 -17.82 -26.98 -23.23
C VAL B 353 -19.14 -26.48 -22.65
N CYS B 354 -19.12 -25.28 -22.09
CA CYS B 354 -20.33 -24.53 -21.84
C CYS B 354 -20.57 -23.56 -22.98
N ASP B 355 -21.84 -23.34 -23.30
CA ASP B 355 -22.22 -22.54 -24.45
C ASP B 355 -22.37 -21.06 -24.12
N ILE B 356 -21.73 -20.59 -23.06
CA ILE B 356 -21.80 -19.21 -22.63
C ILE B 356 -20.39 -18.65 -22.54
N PRO B 357 -20.04 -17.61 -23.29
CA PRO B 357 -18.71 -17.02 -23.19
C PRO B 357 -18.68 -16.00 -22.06
N PRO B 358 -17.49 -15.59 -21.59
CA PRO B 358 -17.43 -14.51 -20.61
C PRO B 358 -17.77 -13.17 -21.24
N ARG B 359 -18.02 -12.19 -20.38
CA ARG B 359 -18.43 -10.87 -20.83
C ARG B 359 -17.21 -10.12 -21.36
N GLY B 360 -17.29 -9.71 -22.62
CA GLY B 360 -16.20 -9.00 -23.28
C GLY B 360 -15.64 -9.70 -24.50
N LEU B 361 -16.06 -10.92 -24.80
CA LEU B 361 -15.54 -11.69 -25.93
C LEU B 361 -16.71 -12.32 -26.67
N LYS B 362 -16.38 -13.18 -27.64
CA LYS B 362 -17.36 -14.02 -28.30
C LYS B 362 -17.04 -15.50 -28.17
N MET B 363 -15.78 -15.85 -27.92
CA MET B 363 -15.35 -17.23 -27.81
C MET B 363 -14.04 -17.24 -27.04
N ALA B 364 -13.99 -17.98 -25.93
CA ALA B 364 -12.85 -17.98 -25.06
C ALA B 364 -12.47 -19.40 -24.71
N ALA B 365 -11.31 -19.55 -24.09
CA ALA B 365 -10.79 -20.86 -23.72
C ALA B 365 -10.10 -20.76 -22.37
N THR B 366 -10.52 -21.59 -21.43
CA THR B 366 -9.95 -21.63 -20.08
C THR B 366 -9.18 -22.92 -19.96
N PHE B 367 -7.85 -22.81 -19.87
CA PHE B 367 -6.96 -23.96 -19.87
C PHE B 367 -6.39 -24.20 -18.48
N VAL B 368 -6.35 -25.46 -18.07
CA VAL B 368 -5.59 -25.90 -16.91
C VAL B 368 -4.79 -27.12 -17.34
N GLY B 369 -3.48 -27.08 -17.14
CA GLY B 369 -2.61 -28.14 -17.61
C GLY B 369 -1.83 -28.77 -16.47
N ASN B 370 -1.21 -29.90 -16.80
CA ASN B 370 -0.34 -30.63 -15.88
C ASN B 370 0.95 -30.95 -16.64
N SER B 371 1.88 -30.01 -16.64
CA SER B 371 3.22 -30.24 -17.16
C SER B 371 4.09 -30.82 -16.05
N THR B 372 4.97 -31.76 -16.41
CA THR B 372 5.93 -32.26 -15.44
C THR B 372 7.18 -31.40 -15.37
N ALA B 373 7.19 -30.26 -16.06
CA ALA B 373 8.20 -29.22 -15.88
C ALA B 373 7.93 -28.37 -14.64
N ILE B 374 6.79 -28.57 -13.97
CA ILE B 374 6.53 -27.95 -12.67
C ILE B 374 7.34 -28.62 -11.57
N GLN B 375 7.98 -29.75 -11.88
CA GLN B 375 9.03 -30.33 -11.04
C GLN B 375 10.15 -29.33 -10.77
N GLU B 376 10.47 -28.50 -11.77
CA GLU B 376 11.51 -27.49 -11.60
C GLU B 376 11.10 -26.36 -10.67
N LEU B 377 9.80 -26.19 -10.42
CA LEU B 377 9.37 -25.21 -9.42
C LEU B 377 9.78 -25.64 -8.03
N PHE B 378 9.80 -26.93 -7.76
CA PHE B 378 10.23 -27.43 -6.47
C PHE B 378 11.68 -27.82 -6.46
N LYS B 379 12.34 -27.81 -7.62
CA LYS B 379 13.79 -27.95 -7.66
C LYS B 379 14.46 -26.64 -7.26
N ARG B 380 13.94 -25.50 -7.74
CA ARG B 380 14.61 -24.24 -7.52
C ARG B 380 14.42 -23.73 -6.08
N ILE B 381 13.33 -24.10 -5.43
CA ILE B 381 13.07 -23.58 -4.09
C ILE B 381 13.72 -24.48 -3.04
N SER B 382 13.87 -25.78 -3.33
CA SER B 382 14.53 -26.69 -2.40
C SER B 382 16.02 -26.39 -2.24
N GLU B 383 16.62 -25.71 -3.22
CA GLU B 383 18.00 -25.26 -3.04
C GLU B 383 18.06 -23.95 -2.26
N GLN B 384 17.13 -23.04 -2.52
CA GLN B 384 17.09 -21.78 -1.78
C GLN B 384 16.66 -22.00 -0.34
N PHE B 385 15.78 -22.98 -0.09
CA PHE B 385 15.44 -23.36 1.27
C PHE B 385 16.64 -23.95 2.00
N THR B 386 17.41 -24.79 1.31
CA THR B 386 18.65 -25.33 1.85
C THR B 386 19.86 -24.44 1.57
N ALA B 387 19.64 -23.21 1.14
CA ALA B 387 20.75 -22.26 1.03
C ALA B 387 21.05 -21.61 2.37
N MET B 388 20.01 -21.39 3.18
CA MET B 388 20.16 -20.69 4.45
C MET B 388 20.09 -21.59 5.67
N PHE B 389 19.58 -22.81 5.52
CA PHE B 389 19.60 -23.76 6.62
C PHE B 389 21.00 -24.28 6.88
N ARG B 390 21.85 -24.28 5.85
CA ARG B 390 23.23 -24.68 6.01
C ARG B 390 24.03 -23.68 6.85
N ARG B 391 23.57 -22.44 6.95
CA ARG B 391 24.20 -21.46 7.82
C ARG B 391 23.34 -21.12 9.03
N LYS B 392 22.15 -21.72 9.13
CA LYS B 392 21.24 -21.60 10.28
C LYS B 392 20.81 -20.16 10.54
N ALA B 393 20.70 -19.38 9.47
CA ALA B 393 20.27 -17.99 9.60
C ALA B 393 18.78 -17.91 9.86
N PHE B 394 18.36 -16.82 10.52
CA PHE B 394 16.97 -16.50 10.84
C PHE B 394 16.32 -17.57 11.73
N LEU B 395 17.15 -18.32 12.46
CA LEU B 395 16.61 -19.36 13.32
C LEU B 395 15.98 -18.76 14.57
N HIS B 396 16.43 -17.57 14.96
CA HIS B 396 15.91 -16.89 16.14
C HIS B 396 14.60 -16.17 15.89
N TRP B 397 14.06 -16.24 14.68
CA TRP B 397 12.68 -15.81 14.43
C TRP B 397 11.71 -16.98 14.40
N TYR B 398 12.22 -18.21 14.44
CA TYR B 398 11.40 -19.42 14.42
C TYR B 398 11.53 -20.22 15.70
N THR B 399 12.77 -20.53 16.11
CA THR B 399 12.99 -21.19 17.40
C THR B 399 12.67 -20.26 18.55
N GLY B 400 12.87 -18.95 18.36
CA GLY B 400 12.36 -17.97 19.31
C GLY B 400 10.85 -17.96 19.42
N GLU B 401 10.16 -18.36 18.35
CA GLU B 401 8.74 -18.66 18.44
C GLU B 401 8.48 -20.09 18.93
N GLY B 402 9.47 -20.98 18.80
CA GLY B 402 9.31 -22.34 19.26
C GLY B 402 9.17 -23.37 18.14
N MET B 403 9.95 -23.20 17.08
CA MET B 403 9.90 -24.12 15.95
C MET B 403 10.99 -25.17 16.09
N ASP B 404 10.70 -26.39 15.68
CA ASP B 404 11.66 -27.48 15.72
C ASP B 404 12.60 -27.40 14.52
N GLU B 405 13.84 -27.85 14.74
CA GLU B 405 14.76 -28.02 13.63
C GLU B 405 14.37 -29.21 12.77
N MET B 406 13.78 -30.24 13.38
CA MET B 406 13.30 -31.39 12.62
C MET B 406 12.09 -31.04 11.76
N GLU B 407 11.36 -29.98 12.13
CA GLU B 407 10.25 -29.49 11.32
C GLU B 407 10.74 -28.99 9.96
N PHE B 408 11.97 -28.49 9.90
CA PHE B 408 12.59 -28.19 8.61
C PHE B 408 12.90 -29.47 7.85
N THR B 409 13.61 -30.41 8.49
CA THR B 409 14.13 -31.56 7.77
C THR B 409 13.06 -32.57 7.40
N GLU B 410 11.99 -32.68 8.20
CA GLU B 410 10.86 -33.52 7.81
C GLU B 410 10.15 -32.97 6.58
N ALA B 411 10.01 -31.64 6.51
CA ALA B 411 9.52 -31.01 5.29
C ALA B 411 10.52 -31.14 4.15
N GLU B 412 11.82 -31.09 4.47
CA GLU B 412 12.85 -31.12 3.45
C GLU B 412 12.95 -32.49 2.79
N SER B 413 12.68 -33.56 3.54
CA SER B 413 12.67 -34.89 2.94
C SER B 413 11.44 -35.09 2.07
N ASN B 414 10.28 -34.61 2.53
CA ASN B 414 9.06 -34.72 1.75
C ASN B 414 9.02 -33.75 0.58
N MET B 415 9.81 -32.68 0.63
CA MET B 415 9.96 -31.82 -0.55
C MET B 415 10.73 -32.54 -1.65
N ASN B 416 11.77 -33.28 -1.29
CA ASN B 416 12.60 -33.94 -2.28
C ASN B 416 12.00 -35.23 -2.80
N ASP B 417 11.09 -35.86 -2.04
CA ASP B 417 10.35 -36.99 -2.57
C ASP B 417 9.31 -36.56 -3.60
N LEU B 418 8.90 -35.30 -3.55
CA LEU B 418 7.87 -34.79 -4.45
C LEU B 418 8.39 -34.71 -5.88
N ILE B 419 9.62 -34.23 -6.07
CA ILE B 419 10.19 -34.18 -7.42
C ILE B 419 10.60 -35.56 -7.90
N SER B 420 10.75 -36.54 -7.00
CA SER B 420 10.99 -37.90 -7.43
C SER B 420 9.75 -38.52 -8.07
N GLU B 421 8.56 -38.00 -7.73
CA GLU B 421 7.33 -38.58 -8.24
C GLU B 421 6.97 -38.03 -9.62
N TYR B 422 7.37 -36.80 -9.92
CA TYR B 422 7.34 -36.35 -11.32
C TYR B 422 8.37 -37.12 -12.15
N GLN B 423 9.50 -37.47 -11.54
CA GLN B 423 10.55 -38.23 -12.20
C GLN B 423 10.12 -39.68 -12.46
N GLN B 424 9.12 -40.17 -11.72
CA GLN B 424 8.70 -41.56 -11.82
C GLN B 424 8.11 -41.88 -13.18
N TYR B 425 7.39 -40.95 -13.78
CA TYR B 425 6.68 -41.21 -15.02
C TYR B 425 7.12 -40.33 -16.18
N GLN B 426 8.10 -39.46 -15.99
CA GLN B 426 8.54 -38.56 -17.05
C GLN B 426 9.33 -39.33 -18.11
N MET C 1 -6.40 1.21 18.05
CA MET C 1 -5.71 0.54 16.96
C MET C 1 -4.22 0.49 17.23
N ARG C 2 -3.41 0.46 16.18
CA ARG C 2 -1.97 0.50 16.35
C ARG C 2 -1.53 1.90 16.75
N GLU C 3 -0.63 1.98 17.75
CA GLU C 3 -0.19 3.24 18.32
C GLU C 3 1.28 3.11 18.72
N VAL C 4 2.12 4.03 18.25
CA VAL C 4 3.56 3.97 18.44
C VAL C 4 4.01 5.18 19.25
N ILE C 5 4.88 4.94 20.23
CA ILE C 5 5.37 5.95 21.16
C ILE C 5 6.79 6.31 20.78
N SER C 6 7.13 7.61 20.86
CA SER C 6 8.47 8.11 20.59
C SER C 6 9.10 8.64 21.88
N ILE C 7 10.40 8.40 22.04
CA ILE C 7 11.15 8.89 23.20
C ILE C 7 12.37 9.64 22.67
N HIS C 8 12.64 10.81 23.25
CA HIS C 8 13.71 11.68 22.76
C HIS C 8 14.65 11.97 23.93
N VAL C 9 15.83 11.36 23.88
CA VAL C 9 16.80 11.41 24.97
C VAL C 9 18.08 12.05 24.45
N GLY C 10 18.49 13.16 25.06
CA GLY C 10 19.67 13.87 24.63
C GLY C 10 19.32 15.03 23.71
N GLN C 11 20.32 15.88 23.46
CA GLN C 11 20.12 17.05 22.60
C GLN C 11 19.92 16.64 21.15
N ALA C 12 20.53 15.52 20.73
CA ALA C 12 20.20 14.95 19.42
C ALA C 12 18.78 14.42 19.41
N GLY C 13 18.27 13.98 20.56
CA GLY C 13 16.86 13.64 20.64
C GLY C 13 15.95 14.85 20.55
N VAL C 14 16.45 16.02 20.95
CA VAL C 14 15.58 17.20 21.01
C VAL C 14 15.29 17.74 19.62
N GLN C 15 16.33 18.11 18.87
CA GLN C 15 16.12 18.84 17.64
C GLN C 15 15.83 17.96 16.44
N ILE C 16 16.23 16.70 16.45
CA ILE C 16 15.75 15.77 15.43
C ILE C 16 14.26 15.52 15.62
N GLY C 17 13.82 15.40 16.87
CA GLY C 17 12.39 15.35 17.16
C GLY C 17 11.69 16.66 16.86
N ASN C 18 12.42 17.78 16.92
CA ASN C 18 11.86 19.06 16.52
C ASN C 18 11.69 19.19 15.01
N ALA C 19 12.26 18.26 14.24
CA ALA C 19 12.06 18.25 12.80
C ALA C 19 11.06 17.20 12.35
N CYS C 20 11.11 16.01 12.96
CA CYS C 20 10.25 14.90 12.55
C CYS C 20 8.79 15.18 12.88
N TRP C 21 8.53 15.68 14.09
CA TRP C 21 7.16 16.03 14.45
C TRP C 21 6.72 17.31 13.76
N GLU C 22 7.68 18.17 13.38
CA GLU C 22 7.38 19.30 12.52
C GLU C 22 6.97 18.85 11.13
N LEU C 23 7.64 17.81 10.61
CA LEU C 23 7.34 17.31 9.27
C LEU C 23 5.99 16.59 9.23
N TYR C 24 5.63 15.90 10.31
CA TYR C 24 4.40 15.12 10.30
C TYR C 24 3.17 16.01 10.36
N CYS C 25 3.30 17.19 10.94
CA CYS C 25 2.23 18.19 10.90
C CYS C 25 1.96 18.66 9.47
N LEU C 26 2.95 18.61 8.60
CA LEU C 26 2.72 18.93 7.19
C LEU C 26 2.07 17.77 6.47
N GLU C 27 2.53 16.54 6.72
CA GLU C 27 2.06 15.40 5.95
C GLU C 27 0.69 14.88 6.39
N HIS C 28 0.13 15.40 7.47
CA HIS C 28 -1.24 15.09 7.84
C HIS C 28 -2.14 16.32 7.87
N GLY C 29 -1.59 17.52 7.71
CA GLY C 29 -2.41 18.72 7.70
C GLY C 29 -2.83 19.18 9.08
N ILE C 30 -1.94 19.09 10.06
CA ILE C 30 -2.26 19.47 11.43
C ILE C 30 -1.54 20.77 11.75
N GLN C 31 -2.29 21.75 12.23
CA GLN C 31 -1.70 23.03 12.62
C GLN C 31 -0.89 22.88 13.91
N PRO C 32 0.20 23.63 14.04
CA PRO C 32 1.11 23.41 15.19
C PRO C 32 0.55 23.87 16.53
N ASP C 33 -0.57 24.58 16.58
CA ASP C 33 -1.11 25.02 17.87
C ASP C 33 -1.67 23.86 18.67
N GLY C 34 -2.16 22.82 18.00
CA GLY C 34 -2.64 21.64 18.69
C GLY C 34 -3.89 21.04 18.09
N THR C 35 -4.70 21.87 17.43
CA THR C 35 -5.94 21.43 16.79
C THR C 35 -5.69 21.23 15.30
N MET C 36 -6.70 20.72 14.62
CA MET C 36 -6.61 20.49 13.18
C MET C 36 -7.60 21.37 12.44
N PRO C 37 -7.29 21.76 11.22
CA PRO C 37 -8.32 22.34 10.34
C PRO C 37 -9.17 21.24 9.74
N THR C 38 -10.44 21.58 9.49
CA THR C 38 -11.42 20.61 9.02
C THR C 38 -11.20 20.18 7.58
N GLN C 39 -10.33 20.86 6.83
CA GLN C 39 -10.04 20.45 5.46
C GLN C 39 -9.18 19.19 5.42
N SER C 40 -8.37 18.96 6.46
CA SER C 40 -7.42 17.86 6.47
C SER C 40 -7.95 16.61 7.16
N THR C 41 -9.25 16.37 7.11
CA THR C 41 -9.80 15.13 7.66
C THR C 41 -9.65 13.99 6.66
N ASN C 42 -9.89 14.28 5.38
CA ASN C 42 -9.70 13.27 4.33
C ASN C 42 -8.23 12.93 4.14
N GLU C 43 -7.34 13.90 4.30
CA GLU C 43 -5.91 13.60 4.39
C GLU C 43 -5.60 12.80 5.63
N GLY C 44 -6.30 13.09 6.74
CA GLY C 44 -6.09 12.38 7.98
C GLY C 44 -6.70 10.99 7.97
N GLU C 45 -6.10 10.08 7.21
CA GLU C 45 -6.59 8.73 7.06
C GLU C 45 -5.62 7.80 7.79
N SER C 46 -6.10 7.25 8.93
CA SER C 46 -5.32 6.39 9.83
C SER C 46 -4.05 7.10 10.33
N PHE C 47 -4.27 8.21 11.03
CA PHE C 47 -3.22 8.95 11.69
C PHE C 47 -3.13 8.62 13.18
N THR C 48 -3.77 7.55 13.61
CA THR C 48 -3.97 7.28 15.02
C THR C 48 -2.76 6.68 15.71
N THR C 49 -1.68 6.41 14.98
CA THR C 49 -0.54 5.75 15.60
C THR C 49 0.29 6.68 16.48
N PHE C 50 0.12 7.99 16.34
CA PHE C 50 0.93 8.97 17.06
C PHE C 50 0.12 9.96 17.88
N PHE C 51 -1.15 10.20 17.53
CA PHE C 51 -1.89 11.36 18.01
C PHE C 51 -3.17 10.91 18.71
N SER C 52 -3.20 11.07 20.03
CA SER C 52 -4.43 10.88 20.79
C SER C 52 -5.42 11.99 20.45
N ASP C 53 -6.71 11.68 20.60
CA ASP C 53 -7.75 12.67 20.40
C ASP C 53 -8.14 13.28 21.74
N THR C 54 -8.47 14.57 21.73
CA THR C 54 -8.76 15.31 22.96
C THR C 54 -9.80 16.37 22.65
N GLY C 55 -11.01 16.17 23.19
CA GLY C 55 -12.01 17.21 23.23
C GLY C 55 -12.63 17.54 21.89
N SER C 56 -11.85 18.19 21.02
CA SER C 56 -12.27 18.47 19.65
C SER C 56 -11.01 18.51 18.78
N GLY C 57 -10.64 17.34 18.25
CA GLY C 57 -9.53 17.21 17.31
C GLY C 57 -8.16 17.59 17.80
N ARG C 58 -7.98 17.85 19.10
CA ARG C 58 -6.71 18.34 19.61
C ARG C 58 -5.78 17.17 19.81
N TYR C 59 -4.64 17.19 19.12
CA TYR C 59 -3.85 15.98 18.90
C TYR C 59 -2.50 16.13 19.58
N VAL C 60 -2.37 15.51 20.74
CA VAL C 60 -1.09 15.49 21.44
C VAL C 60 -0.20 14.42 20.81
N PRO C 61 1.09 14.67 20.65
CA PRO C 61 1.97 13.63 20.15
C PRO C 61 2.30 12.64 21.25
N ARG C 62 2.22 11.35 20.92
CA ARG C 62 2.67 10.31 21.84
C ARG C 62 4.20 10.31 21.81
N SER C 63 4.76 11.24 22.57
CA SER C 63 6.18 11.56 22.50
C SER C 63 6.65 12.02 23.87
N ILE C 64 7.86 11.60 24.24
CA ILE C 64 8.44 11.93 25.54
C ILE C 64 9.79 12.59 25.30
N PHE C 65 10.00 13.76 25.92
CA PHE C 65 11.23 14.51 25.80
C PHE C 65 12.01 14.37 27.10
N VAL C 66 13.19 13.76 27.03
CA VAL C 66 14.01 13.47 28.19
C VAL C 66 15.34 14.20 28.03
N ASP C 67 15.66 15.06 28.98
CA ASP C 67 16.93 15.78 28.94
C ASP C 67 17.37 16.07 30.37
N LEU C 68 18.68 16.03 30.58
CA LEU C 68 19.26 16.41 31.86
C LEU C 68 19.50 17.90 31.97
N GLU C 69 19.22 18.66 30.91
CA GLU C 69 19.53 20.08 30.85
C GLU C 69 18.29 20.83 30.37
N PRO C 70 17.89 21.89 31.08
CA PRO C 70 16.64 22.57 30.72
C PRO C 70 16.76 23.58 29.59
N THR C 71 17.95 23.75 29.02
CA THR C 71 18.19 24.85 28.09
C THR C 71 17.51 24.63 26.76
N VAL C 72 17.85 23.54 26.07
CA VAL C 72 17.30 23.29 24.74
C VAL C 72 15.84 22.86 24.81
N VAL C 73 15.37 22.40 25.97
CA VAL C 73 13.95 22.11 26.15
C VAL C 73 13.14 23.40 26.13
N ASP C 74 13.71 24.50 26.63
CA ASP C 74 13.04 25.79 26.61
C ASP C 74 12.90 26.36 25.20
N GLU C 75 13.71 25.89 24.25
CA GLU C 75 13.50 26.26 22.85
C GLU C 75 12.17 25.72 22.35
N ILE C 76 11.81 24.51 22.80
CA ILE C 76 10.49 23.97 22.50
C ILE C 76 9.43 24.78 23.23
N ARG C 77 9.72 25.18 24.47
CA ARG C 77 8.79 25.98 25.26
C ARG C 77 8.90 27.48 25.00
N THR C 78 9.42 27.88 23.84
CA THR C 78 9.40 29.26 23.38
C THR C 78 8.76 29.40 22.00
N GLY C 79 9.03 28.47 21.09
CA GLY C 79 8.56 28.56 19.73
C GLY C 79 7.09 28.22 19.59
N THR C 80 6.69 28.09 18.31
CA THR C 80 5.29 27.82 17.97
C THR C 80 4.85 26.43 18.41
N TYR C 81 5.79 25.48 18.51
CA TYR C 81 5.49 24.09 18.86
C TYR C 81 5.45 23.87 20.38
N LYS C 82 5.21 24.92 21.16
CA LYS C 82 5.06 24.78 22.60
C LYS C 82 3.69 24.18 22.96
N LYS C 83 2.63 24.73 22.37
CA LYS C 83 1.27 24.30 22.71
C LYS C 83 0.89 22.97 22.10
N LEU C 84 1.72 22.40 21.24
CA LEU C 84 1.41 21.10 20.64
C LEU C 84 1.67 19.96 21.63
N PHE C 85 2.80 19.99 22.31
CA PHE C 85 3.19 18.90 23.19
C PHE C 85 2.53 19.05 24.55
N HIS C 86 2.55 17.97 25.31
CA HIS C 86 1.96 17.89 26.63
C HIS C 86 2.99 18.25 27.70
N PRO C 87 2.60 19.02 28.71
CA PRO C 87 3.59 19.50 29.69
C PRO C 87 4.15 18.41 30.58
N GLU C 88 3.30 17.53 31.11
CA GLU C 88 3.82 16.44 31.94
C GLU C 88 4.47 15.34 31.12
N GLN C 89 4.35 15.37 29.79
CA GLN C 89 5.23 14.57 28.96
C GLN C 89 6.64 15.13 28.89
N MET C 90 6.80 16.43 29.10
CA MET C 90 8.12 17.04 29.17
C MET C 90 8.65 16.87 30.59
N ILE C 91 9.67 16.05 30.74
CA ILE C 91 10.36 15.86 32.01
C ILE C 91 11.78 16.35 31.82
N THR C 92 12.18 17.35 32.59
CA THR C 92 13.45 18.01 32.41
C THR C 92 14.41 17.65 33.54
N GLY C 93 15.70 17.83 33.27
CA GLY C 93 16.73 17.75 34.28
C GLY C 93 17.27 19.13 34.62
N LYS C 94 18.13 19.15 35.63
CA LYS C 94 18.73 20.40 36.07
C LYS C 94 20.25 20.42 35.99
N GLU C 95 20.90 19.33 36.42
CA GLU C 95 22.35 19.26 36.47
C GLU C 95 22.84 18.36 35.34
N ASP C 96 23.88 18.80 34.65
CA ASP C 96 24.29 18.16 33.41
C ASP C 96 25.29 17.05 33.69
N ALA C 97 25.35 16.07 32.77
CA ALA C 97 26.26 14.95 32.89
C ALA C 97 27.59 15.17 32.17
N ALA C 98 27.60 16.05 31.15
CA ALA C 98 28.81 16.48 30.44
C ALA C 98 29.55 15.32 29.78
N ASN C 99 28.81 14.54 29.00
CA ASN C 99 29.34 13.47 28.14
C ASN C 99 30.11 12.42 28.94
N ASN C 100 29.62 12.12 30.15
CA ASN C 100 30.26 11.16 31.04
C ASN C 100 29.26 10.05 31.32
N TYR C 101 29.76 8.81 31.40
CA TYR C 101 28.87 7.66 31.47
C TYR C 101 28.15 7.60 32.80
N ALA C 102 28.90 7.44 33.90
CA ALA C 102 28.29 7.25 35.20
C ALA C 102 27.64 8.53 35.73
N ARG C 103 27.92 9.68 35.13
CA ARG C 103 27.12 10.86 35.41
C ARG C 103 25.78 10.79 34.71
N GLY C 104 25.68 10.03 33.62
CA GLY C 104 24.43 9.86 32.91
C GLY C 104 23.81 8.50 33.11
N HIS C 105 24.56 7.57 33.72
CA HIS C 105 24.03 6.24 34.00
C HIS C 105 23.60 6.08 35.45
N TYR C 106 24.17 6.85 36.38
CA TYR C 106 23.85 6.71 37.79
C TYR C 106 23.43 8.01 38.45
N THR C 107 24.04 9.13 38.07
CA THR C 107 24.00 10.32 38.92
C THR C 107 22.66 11.06 38.83
N VAL C 108 22.35 11.60 37.66
CA VAL C 108 21.18 12.47 37.50
C VAL C 108 20.07 11.63 36.90
N GLY C 109 20.45 10.54 36.23
CA GLY C 109 19.46 9.67 35.61
C GLY C 109 18.61 8.91 36.59
N LYS C 110 19.21 8.43 37.69
CA LYS C 110 18.49 7.63 38.67
C LYS C 110 17.57 8.46 39.56
N GLU C 111 17.65 9.78 39.50
CA GLU C 111 16.66 10.61 40.18
C GLU C 111 15.47 10.90 39.28
N LEU C 112 15.60 10.65 37.97
CA LEU C 112 14.57 10.99 37.01
C LEU C 112 14.05 9.78 36.24
N ILE C 113 14.64 8.59 36.42
CA ILE C 113 14.20 7.44 35.64
C ILE C 113 12.85 6.93 36.16
N ASP C 114 12.55 7.13 37.44
CA ASP C 114 11.27 6.68 37.97
C ASP C 114 10.13 7.60 37.59
N THR C 115 10.42 8.86 37.27
CA THR C 115 9.37 9.78 36.84
C THR C 115 8.94 9.46 35.41
N VAL C 116 9.90 9.11 34.55
CA VAL C 116 9.60 8.99 33.14
C VAL C 116 8.97 7.63 32.79
N LEU C 117 9.34 6.56 33.51
CA LEU C 117 8.75 5.25 33.24
C LEU C 117 7.29 5.18 33.60
N ASP C 118 6.83 6.02 34.54
CA ASP C 118 5.40 6.15 34.77
C ASP C 118 4.72 6.77 33.56
N ARG C 119 5.31 7.85 33.02
CA ARG C 119 4.75 8.53 31.85
C ARG C 119 4.79 7.64 30.60
N ILE C 120 5.72 6.69 30.55
CA ILE C 120 5.64 5.61 29.57
C ILE C 120 4.37 4.79 29.81
N ARG C 121 4.17 4.35 31.05
CA ARG C 121 3.07 3.45 31.35
C ARG C 121 1.73 4.16 31.34
N ARG C 122 1.71 5.46 31.69
CA ARG C 122 0.47 6.24 31.62
C ARG C 122 -0.04 6.35 30.20
N LEU C 123 0.86 6.46 29.23
CA LEU C 123 0.43 6.62 27.85
C LEU C 123 0.22 5.27 27.16
N ALA C 124 1.00 4.25 27.52
CA ALA C 124 0.95 2.99 26.79
C ALA C 124 -0.25 2.13 27.18
N ASP C 125 -0.92 2.44 28.29
CA ASP C 125 -2.09 1.66 28.68
C ASP C 125 -3.32 1.99 27.83
N ASN C 126 -3.28 3.09 27.08
CA ASN C 126 -4.33 3.38 26.12
C ASN C 126 -4.23 2.48 24.89
N CYS C 127 -3.06 1.90 24.64
CA CYS C 127 -2.81 1.15 23.42
C CYS C 127 -3.45 -0.23 23.50
N SER C 128 -4.06 -0.64 22.38
CA SER C 128 -4.38 -2.04 22.17
C SER C 128 -3.52 -2.68 21.10
N GLY C 129 -2.77 -1.87 20.35
CA GLY C 129 -1.93 -2.32 19.26
C GLY C 129 -0.54 -1.74 19.32
N LEU C 130 0.05 -1.68 20.52
CA LEU C 130 1.35 -1.05 20.73
C LEU C 130 2.45 -1.77 19.95
N GLN C 131 3.02 -1.06 18.97
CA GLN C 131 3.94 -1.68 18.02
C GLN C 131 5.40 -1.53 18.43
N GLY C 132 5.87 -0.30 18.55
CA GLY C 132 7.30 -0.08 18.69
C GLY C 132 7.64 1.23 19.34
N PHE C 133 8.95 1.49 19.43
CA PHE C 133 9.48 2.65 20.11
C PHE C 133 10.42 3.40 19.18
N PHE C 134 10.24 4.72 19.07
CA PHE C 134 11.20 5.60 18.45
C PHE C 134 12.04 6.23 19.56
N VAL C 135 13.19 5.65 19.85
CA VAL C 135 14.13 6.22 20.80
C VAL C 135 15.29 6.83 20.02
N PHE C 136 15.55 8.11 20.25
CA PHE C 136 16.58 8.86 19.55
C PHE C 136 17.66 9.20 20.56
N HIS C 137 18.91 8.93 20.21
CA HIS C 137 20.00 9.16 21.15
C HIS C 137 21.30 9.37 20.37
N SER C 138 22.34 9.73 21.09
CA SER C 138 23.70 9.83 20.57
C SER C 138 24.51 8.64 21.04
N PHE C 139 25.80 8.66 20.73
CA PHE C 139 26.73 7.62 21.18
C PHE C 139 27.74 8.12 22.20
N GLY C 140 28.00 9.43 22.24
CA GLY C 140 28.97 9.96 23.17
C GLY C 140 28.35 10.80 24.27
N GLY C 141 27.03 10.91 24.27
CA GLY C 141 26.37 11.72 25.28
C GLY C 141 26.36 11.06 26.64
N GLY C 142 26.30 11.91 27.68
CA GLY C 142 26.14 11.39 29.02
C GLY C 142 24.78 10.72 29.20
N THR C 143 23.71 11.45 28.87
CA THR C 143 22.40 10.82 28.74
C THR C 143 22.22 10.17 27.38
N GLY C 144 23.09 10.48 26.42
CA GLY C 144 23.04 9.80 25.14
C GLY C 144 23.50 8.37 25.20
N SER C 145 24.43 8.06 26.10
CA SER C 145 24.93 6.70 26.29
C SER C 145 24.58 6.10 27.65
N GLY C 146 24.74 6.88 28.73
CA GLY C 146 24.57 6.31 30.06
C GLY C 146 23.12 6.07 30.42
N PHE C 147 22.24 6.99 30.04
CA PHE C 147 20.82 6.81 30.33
C PHE C 147 20.14 5.93 29.30
N THR C 148 20.62 5.96 28.05
CA THR C 148 19.97 5.19 26.98
C THR C 148 20.15 3.70 27.19
N SER C 149 21.34 3.27 27.62
CA SER C 149 21.58 1.87 27.93
C SER C 149 20.77 1.43 29.14
N LEU C 150 20.62 2.32 30.13
CA LEU C 150 19.82 1.98 31.30
C LEU C 150 18.34 1.97 30.98
N LEU C 151 17.89 2.81 30.05
CA LEU C 151 16.47 2.87 29.70
C LEU C 151 16.04 1.62 28.96
N MET C 152 16.87 1.14 28.02
CA MET C 152 16.56 -0.09 27.31
C MET C 152 16.77 -1.32 28.18
N GLU C 153 17.49 -1.17 29.28
CA GLU C 153 17.62 -2.25 30.26
C GLU C 153 16.31 -2.46 31.04
N ARG C 154 15.43 -1.47 31.06
CA ARG C 154 14.23 -1.52 31.89
C ARG C 154 12.95 -1.74 31.09
N LEU C 155 12.87 -1.26 29.84
CA LEU C 155 11.65 -1.45 29.07
C LEU C 155 11.52 -2.87 28.55
N SER C 156 12.64 -3.58 28.35
CA SER C 156 12.56 -4.99 27.97
C SER C 156 12.05 -5.85 29.11
N VAL C 157 12.26 -5.40 30.36
CA VAL C 157 11.63 -6.04 31.51
C VAL C 157 10.13 -5.78 31.49
N ASP C 158 9.73 -4.57 31.09
CA ASP C 158 8.32 -4.19 31.13
C ASP C 158 7.54 -4.81 29.97
N TYR C 159 7.94 -4.49 28.74
CA TYR C 159 7.15 -4.87 27.58
C TYR C 159 7.70 -6.05 26.81
N GLY C 160 9.02 -6.18 26.67
CA GLY C 160 9.58 -7.38 26.09
C GLY C 160 9.36 -7.55 24.61
N LYS C 161 8.38 -8.39 24.28
CA LYS C 161 8.08 -8.85 22.91
C LYS C 161 7.89 -7.72 21.92
N LYS C 162 7.33 -6.59 22.36
CA LYS C 162 7.06 -5.48 21.46
C LYS C 162 8.35 -4.82 20.98
N SER C 163 8.30 -4.27 19.76
CA SER C 163 9.49 -3.92 19.02
C SER C 163 10.08 -2.59 19.48
N LYS C 164 11.28 -2.28 18.98
CA LYS C 164 12.01 -1.06 19.27
C LYS C 164 12.78 -0.61 18.03
N LEU C 165 13.03 0.70 17.93
CA LEU C 165 13.87 1.25 16.88
C LEU C 165 14.73 2.38 17.42
N GLU C 166 16.03 2.33 17.12
CA GLU C 166 16.98 3.34 17.55
C GLU C 166 17.55 4.07 16.35
N PHE C 167 17.51 5.41 16.39
CA PHE C 167 18.20 6.24 15.42
C PHE C 167 19.32 6.99 16.12
N SER C 168 20.50 7.03 15.49
CA SER C 168 21.65 7.72 16.07
C SER C 168 22.62 8.12 14.96
N ILE C 169 23.69 8.78 15.38
CA ILE C 169 24.69 9.33 14.48
C ILE C 169 25.99 8.57 14.66
N TYR C 170 26.52 8.02 13.58
CA TYR C 170 27.82 7.36 13.62
C TYR C 170 28.91 8.39 13.81
N PRO C 171 29.78 8.23 14.81
CA PRO C 171 30.89 9.17 14.99
C PRO C 171 31.93 9.02 13.89
N ALA C 172 32.26 10.14 13.24
CA ALA C 172 33.19 10.11 12.13
C ALA C 172 34.61 9.83 12.63
N PRO C 173 35.42 9.10 11.85
CA PRO C 173 36.80 8.80 12.28
C PRO C 173 37.73 9.99 12.16
N GLN C 174 37.33 11.04 11.46
CA GLN C 174 38.20 12.20 11.24
C GLN C 174 37.67 13.46 11.93
N VAL C 175 36.41 13.82 11.67
CA VAL C 175 35.86 15.07 12.15
C VAL C 175 34.77 14.77 13.17
N SER C 176 35.08 14.98 14.45
CA SER C 176 34.09 14.88 15.52
C SER C 176 34.61 15.71 16.69
N THR C 177 33.72 15.98 17.65
CA THR C 177 33.98 17.00 18.66
C THR C 177 34.50 16.43 19.96
N ALA C 178 33.71 15.59 20.63
CA ALA C 178 34.05 15.17 21.98
C ALA C 178 35.11 14.08 21.96
N VAL C 179 36.11 14.23 22.83
CA VAL C 179 37.22 13.28 22.89
C VAL C 179 36.80 11.97 23.53
N VAL C 180 35.75 11.99 24.37
CA VAL C 180 35.26 10.78 25.02
C VAL C 180 34.32 9.97 24.13
N GLU C 181 34.11 10.38 22.88
CA GLU C 181 33.28 9.60 21.98
C GLU C 181 33.84 8.24 21.59
N PRO C 182 35.17 8.02 21.43
CA PRO C 182 35.65 6.63 21.40
C PRO C 182 35.40 5.85 22.68
N TYR C 183 35.36 6.49 23.84
CA TYR C 183 35.06 5.78 25.08
C TYR C 183 33.59 5.38 25.16
N ASN C 184 32.69 6.33 24.95
CA ASN C 184 31.27 6.08 25.20
C ASN C 184 30.64 5.22 24.12
N SER C 185 31.20 5.22 22.91
CA SER C 185 30.68 4.36 21.85
C SER C 185 30.94 2.89 22.16
N ILE C 186 32.05 2.58 22.83
CA ILE C 186 32.27 1.23 23.32
C ILE C 186 31.32 0.93 24.48
N LEU C 187 30.98 1.95 25.27
CA LEU C 187 30.10 1.74 26.40
C LEU C 187 28.64 1.58 25.96
N THR C 188 28.20 2.36 24.98
CA THR C 188 26.83 2.25 24.51
C THR C 188 26.63 1.05 23.59
N THR C 189 27.69 0.33 23.24
CA THR C 189 27.56 -0.91 22.48
C THR C 189 27.57 -2.11 23.41
N HIS C 190 28.03 -1.92 24.64
CA HIS C 190 28.26 -3.01 25.59
C HIS C 190 26.97 -3.73 25.96
N THR C 191 26.04 -3.03 26.61
CA THR C 191 24.83 -3.68 27.08
C THR C 191 23.61 -3.37 26.24
N THR C 192 23.76 -2.64 25.14
CA THR C 192 22.63 -2.38 24.24
C THR C 192 22.55 -3.38 23.10
N LEU C 193 23.51 -4.30 22.97
CA LEU C 193 23.34 -5.42 22.05
C LEU C 193 22.16 -6.28 22.47
N GLU C 194 22.05 -6.57 23.77
CA GLU C 194 20.98 -7.40 24.28
C GLU C 194 19.65 -6.68 24.35
N HIS C 195 19.66 -5.35 24.48
CA HIS C 195 18.46 -4.58 24.79
C HIS C 195 18.02 -3.68 23.65
N SER C 196 18.35 -4.02 22.41
CA SER C 196 17.89 -3.22 21.27
C SER C 196 17.63 -4.13 20.08
N ASP C 197 16.48 -3.90 19.45
CA ASP C 197 16.14 -4.68 18.26
C ASP C 197 16.99 -4.24 17.07
N CYS C 198 17.01 -2.93 16.80
CA CYS C 198 17.81 -2.42 15.70
C CYS C 198 18.24 -1.00 16.03
N ALA C 199 19.41 -0.63 15.51
CA ALA C 199 19.98 0.70 15.74
C ALA C 199 20.64 1.16 14.45
N PHE C 200 20.31 2.38 14.03
CA PHE C 200 20.78 2.93 12.78
C PHE C 200 21.81 4.03 13.02
N MET C 201 22.67 4.24 12.04
CA MET C 201 23.79 5.16 12.15
C MET C 201 23.88 6.01 10.89
N VAL C 202 24.23 7.29 11.04
CA VAL C 202 24.50 8.19 9.94
C VAL C 202 25.76 8.98 10.28
N ASP C 203 26.43 9.48 9.24
CA ASP C 203 27.64 10.29 9.41
C ASP C 203 27.30 11.77 9.21
N ASN C 204 28.03 12.62 9.94
CA ASN C 204 27.97 14.05 9.69
C ASN C 204 28.52 14.39 8.32
N GLU C 205 29.63 13.75 7.93
CA GLU C 205 30.28 14.06 6.67
C GLU C 205 29.54 13.49 5.47
N ALA C 206 28.93 12.32 5.62
CA ALA C 206 28.24 11.71 4.48
C ALA C 206 26.95 12.46 4.14
N ILE C 207 26.40 13.21 5.09
CA ILE C 207 25.37 14.18 4.76
C ILE C 207 25.96 15.33 3.96
N TYR C 208 27.14 15.81 4.39
CA TYR C 208 27.75 17.01 3.83
C TYR C 208 28.13 16.85 2.36
N ASP C 209 28.46 15.62 1.94
CA ASP C 209 28.92 15.38 0.58
C ASP C 209 27.80 15.60 -0.43
N ILE C 210 26.58 15.18 -0.09
CA ILE C 210 25.45 15.42 -0.97
C ILE C 210 24.94 16.86 -0.80
N CYS C 211 25.13 17.44 0.39
CA CYS C 211 24.74 18.84 0.62
C CYS C 211 25.55 19.79 -0.24
N ARG C 212 26.85 19.54 -0.39
CA ARG C 212 27.69 20.44 -1.15
C ARG C 212 27.57 20.19 -2.65
N ARG C 213 27.49 18.92 -3.05
CA ARG C 213 27.51 18.60 -4.47
C ARG C 213 26.13 18.68 -5.10
N ASN C 214 25.14 18.03 -4.49
CA ASN C 214 23.83 17.91 -5.10
C ASN C 214 22.84 18.96 -4.62
N LEU C 215 22.78 19.20 -3.30
CA LEU C 215 21.94 20.27 -2.79
C LEU C 215 22.51 21.64 -3.09
N ASP C 216 23.83 21.73 -3.28
CA ASP C 216 24.59 22.98 -3.41
C ASP C 216 24.31 23.92 -2.24
N VAL C 217 24.43 23.38 -1.04
CA VAL C 217 24.33 24.14 0.20
C VAL C 217 25.74 24.26 0.75
N GLU C 218 26.35 25.43 0.56
CA GLU C 218 27.71 25.67 1.01
C GLU C 218 27.78 26.37 2.36
N ARG C 219 26.63 26.66 2.98
CA ARG C 219 26.54 26.97 4.40
C ARG C 219 25.51 26.07 5.07
N PRO C 220 25.82 24.80 5.34
CA PRO C 220 24.90 23.98 6.12
C PRO C 220 25.22 24.02 7.60
N SER C 221 24.18 23.78 8.39
CA SER C 221 24.31 23.70 9.83
C SER C 221 23.34 22.66 10.37
N TYR C 222 23.09 22.65 11.67
CA TYR C 222 22.22 21.64 12.24
C TYR C 222 20.74 21.92 12.00
N THR C 223 20.42 23.03 11.32
CA THR C 223 19.05 23.24 10.85
C THR C 223 18.70 22.29 9.72
N ASN C 224 19.46 22.32 8.63
CA ASN C 224 19.09 21.56 7.44
C ASN C 224 19.48 20.10 7.53
N LEU C 225 20.46 19.75 8.38
CA LEU C 225 20.78 18.35 8.61
C LEU C 225 19.67 17.61 9.34
N ASN C 226 18.84 18.32 10.11
CA ASN C 226 17.71 17.67 10.76
C ASN C 226 16.60 17.37 9.76
N ARG C 227 16.50 18.17 8.69
CA ARG C 227 15.44 17.94 7.71
C ARG C 227 15.73 16.73 6.85
N ILE C 228 17.01 16.49 6.54
CA ILE C 228 17.39 15.41 5.64
C ILE C 228 17.22 14.05 6.33
N ILE C 229 17.58 13.98 7.62
CA ILE C 229 17.39 12.75 8.38
C ILE C 229 15.90 12.46 8.55
N SER C 230 15.09 13.51 8.76
CA SER C 230 13.67 13.34 9.00
C SER C 230 12.91 12.81 7.79
N GLN C 231 13.44 13.01 6.58
CA GLN C 231 12.83 12.41 5.41
C GLN C 231 13.01 10.90 5.41
N VAL C 232 14.16 10.43 5.90
CA VAL C 232 14.39 9.00 6.07
C VAL C 232 13.48 8.44 7.15
N VAL C 233 13.23 9.23 8.20
CA VAL C 233 12.31 8.82 9.26
C VAL C 233 10.88 8.76 8.72
N SER C 234 10.48 9.75 7.93
CA SER C 234 9.12 9.81 7.42
C SER C 234 8.83 8.73 6.40
N SER C 235 9.84 8.30 5.64
CA SER C 235 9.62 7.30 4.59
C SER C 235 9.33 5.92 5.18
N ILE C 236 9.85 5.63 6.38
CA ILE C 236 9.51 4.37 7.04
C ILE C 236 8.08 4.41 7.51
N THR C 237 7.64 5.54 8.05
CA THR C 237 6.29 5.71 8.56
C THR C 237 5.24 5.77 7.46
N ALA C 238 5.64 6.04 6.21
CA ALA C 238 4.69 6.06 5.11
C ALA C 238 4.13 4.68 4.80
N SER C 239 4.83 3.61 5.19
CA SER C 239 4.28 2.28 5.11
C SER C 239 3.18 2.05 6.13
N LEU C 240 3.11 2.87 7.18
CA LEU C 240 2.15 2.70 8.27
C LEU C 240 1.09 3.78 8.31
N ARG C 241 1.44 5.03 8.00
CA ARG C 241 0.49 6.14 8.08
C ARG C 241 -0.49 6.18 6.92
N PHE C 242 -0.28 5.39 5.87
CA PHE C 242 -1.13 5.45 4.69
C PHE C 242 -1.48 4.05 4.24
N ASP C 243 -2.25 3.98 3.17
CA ASP C 243 -2.76 2.73 2.63
C ASP C 243 -2.00 2.41 1.34
N GLY C 244 -1.11 1.43 1.41
CA GLY C 244 -0.31 1.05 0.27
C GLY C 244 -0.65 -0.32 -0.26
N ALA C 245 -0.25 -0.60 -1.51
CA ALA C 245 -0.55 -1.90 -2.11
C ALA C 245 0.25 -3.01 -1.48
N LEU C 246 1.54 -2.77 -1.21
CA LEU C 246 2.40 -3.76 -0.56
C LEU C 246 3.27 -3.00 0.42
N ASN C 247 2.87 -3.00 1.69
CA ASN C 247 3.54 -2.23 2.74
C ASN C 247 3.96 -3.15 3.87
N VAL C 248 4.57 -2.58 4.90
CA VAL C 248 5.36 -3.33 5.87
C VAL C 248 5.32 -2.61 7.22
N ASP C 249 5.08 -3.39 8.28
CA ASP C 249 5.07 -2.87 9.64
C ASP C 249 6.40 -3.15 10.33
N LEU C 250 6.51 -2.67 11.58
CA LEU C 250 7.80 -2.60 12.25
C LEU C 250 8.31 -3.97 12.68
N ASN C 251 7.40 -4.89 13.00
CA ASN C 251 7.80 -6.26 13.31
C ASN C 251 8.37 -6.96 12.09
N GLU C 252 7.94 -6.55 10.89
CA GLU C 252 8.39 -7.18 9.66
C GLU C 252 9.77 -6.67 9.24
N PHE C 253 10.11 -5.43 9.60
CA PHE C 253 11.44 -4.89 9.27
C PHE C 253 12.54 -5.68 9.95
N GLN C 254 12.41 -5.92 11.25
CA GLN C 254 13.43 -6.69 11.97
C GLN C 254 13.41 -8.15 11.56
N THR C 255 12.27 -8.67 11.11
CA THR C 255 12.21 -10.07 10.69
C THR C 255 13.01 -10.31 9.41
N ASN C 256 12.97 -9.34 8.49
CA ASN C 256 13.74 -9.49 7.25
C ASN C 256 15.21 -9.17 7.46
N LEU C 257 15.51 -8.12 8.22
CA LEU C 257 16.83 -7.50 8.20
C LEU C 257 17.76 -7.99 9.31
N VAL C 258 17.33 -8.92 10.15
CA VAL C 258 18.20 -9.41 11.22
C VAL C 258 18.51 -10.88 10.94
N PRO C 259 19.66 -11.20 10.35
CA PRO C 259 19.98 -12.60 10.05
C PRO C 259 20.45 -13.37 11.28
N TYR C 260 21.04 -12.64 12.24
CA TYR C 260 21.58 -13.19 13.45
C TYR C 260 21.37 -12.12 14.51
N PRO C 261 21.07 -12.50 15.76
CA PRO C 261 20.61 -11.50 16.75
C PRO C 261 21.68 -10.52 17.21
N ARG C 262 22.95 -10.74 16.88
CA ARG C 262 23.97 -9.77 17.23
C ARG C 262 24.25 -8.79 16.10
N ILE C 263 24.38 -9.27 14.87
CA ILE C 263 24.62 -8.39 13.72
C ILE C 263 23.24 -7.94 13.25
N HIS C 264 22.81 -6.79 13.75
CA HIS C 264 21.50 -6.25 13.39
C HIS C 264 21.60 -4.73 13.21
N PHE C 265 22.65 -4.28 12.56
CA PHE C 265 22.95 -2.85 12.46
C PHE C 265 23.14 -2.42 11.01
N PRO C 266 22.05 -2.20 10.28
CA PRO C 266 22.18 -1.60 8.95
C PRO C 266 22.18 -0.08 9.02
N LEU C 267 22.26 0.53 7.85
CA LEU C 267 22.25 1.98 7.72
C LEU C 267 21.20 2.38 6.69
N ALA C 268 21.19 3.67 6.35
CA ALA C 268 20.18 4.24 5.49
C ALA C 268 20.80 4.88 4.26
N ALA C 269 19.93 5.23 3.30
CA ALA C 269 20.29 5.98 2.11
C ALA C 269 19.03 6.57 1.51
N TYR C 270 19.18 7.72 0.85
CA TYR C 270 18.04 8.41 0.26
C TYR C 270 18.44 9.01 -1.08
N THR C 271 17.55 8.85 -2.07
CA THR C 271 17.72 9.37 -3.42
C THR C 271 16.35 9.47 -4.08
N PRO C 272 16.12 10.46 -4.95
CA PRO C 272 16.97 11.59 -5.36
C PRO C 272 17.03 12.70 -4.32
N LEU C 273 18.25 13.09 -3.97
CA LEU C 273 18.50 14.12 -2.98
C LEU C 273 19.36 15.18 -3.65
N ILE C 274 18.71 16.11 -4.36
CA ILE C 274 19.38 17.18 -5.09
C ILE C 274 18.66 18.49 -4.79
N SER C 275 19.14 19.57 -5.42
CA SER C 275 18.57 20.89 -5.24
C SER C 275 17.30 21.02 -6.09
N ALA C 276 16.75 22.23 -6.17
CA ALA C 276 15.49 22.47 -6.85
C ALA C 276 15.65 22.75 -8.34
N GLU C 277 16.88 22.99 -8.82
CA GLU C 277 17.07 23.37 -10.21
C GLU C 277 17.44 22.17 -11.07
N LYS C 278 18.25 21.25 -10.52
CA LYS C 278 18.79 20.15 -11.31
C LYS C 278 17.75 19.10 -11.66
N ALA C 279 16.60 19.08 -10.98
CA ALA C 279 15.53 18.16 -11.34
C ALA C 279 14.77 18.63 -12.57
N TYR C 280 14.97 19.89 -12.98
CA TYR C 280 14.24 20.43 -14.12
C TYR C 280 14.79 19.87 -15.43
N HIS C 281 16.12 19.79 -15.54
CA HIS C 281 16.78 19.29 -16.75
C HIS C 281 16.95 17.78 -16.77
N GLU C 282 16.16 17.04 -15.99
CA GLU C 282 16.37 15.61 -15.88
C GLU C 282 15.05 14.92 -15.55
N ALA C 283 14.79 13.80 -16.22
CA ALA C 283 13.60 12.99 -15.99
C ALA C 283 14.02 11.77 -15.19
N LEU C 284 13.82 11.82 -13.88
CA LEU C 284 14.29 10.78 -12.97
C LEU C 284 13.34 9.59 -13.06
N SER C 285 13.79 8.51 -13.68
CA SER C 285 12.94 7.33 -13.83
C SER C 285 13.20 6.39 -12.65
N VAL C 286 12.62 5.20 -12.71
CA VAL C 286 12.86 4.19 -11.69
C VAL C 286 14.28 3.66 -11.79
N SER C 287 14.73 3.35 -13.01
CA SER C 287 16.09 2.83 -13.20
C SER C 287 17.16 3.89 -12.96
N ASP C 288 16.79 5.17 -12.95
CA ASP C 288 17.75 6.23 -12.64
C ASP C 288 18.18 6.17 -11.19
N ILE C 289 17.21 6.35 -10.28
CA ILE C 289 17.56 6.50 -8.88
C ILE C 289 17.84 5.18 -8.19
N THR C 290 17.35 4.06 -8.73
CA THR C 290 17.65 2.77 -8.14
C THR C 290 19.10 2.37 -8.42
N ASN C 291 19.61 2.71 -9.60
CA ASN C 291 21.04 2.59 -9.84
C ASN C 291 21.83 3.63 -9.06
N SER C 292 21.20 4.76 -8.69
CA SER C 292 21.85 5.74 -7.83
C SER C 292 21.89 5.27 -6.38
N CYS C 293 21.13 4.25 -6.01
CA CYS C 293 21.14 3.75 -4.64
C CYS C 293 22.47 3.08 -4.29
N PHE C 294 23.12 2.45 -5.27
CA PHE C 294 24.23 1.55 -5.01
C PHE C 294 25.55 2.09 -5.53
N GLU C 295 25.75 3.39 -5.41
CA GLU C 295 27.02 4.04 -5.68
C GLU C 295 27.50 4.74 -4.42
N PRO C 296 28.81 4.78 -4.16
CA PRO C 296 29.29 5.19 -2.83
C PRO C 296 29.11 6.67 -2.51
N ALA C 297 28.66 7.49 -3.46
CA ALA C 297 28.31 8.88 -3.19
C ALA C 297 26.87 9.04 -2.70
N ASN C 298 26.22 7.97 -2.26
CA ASN C 298 24.84 7.99 -1.85
C ASN C 298 24.61 7.37 -0.48
N GLN C 299 25.58 6.62 0.04
CA GLN C 299 25.47 6.05 1.37
C GLN C 299 25.51 7.14 2.44
N MET C 300 24.79 6.90 3.54
CA MET C 300 24.71 7.87 4.61
C MET C 300 25.76 7.65 5.70
N VAL C 301 26.60 6.64 5.57
CA VAL C 301 27.77 6.48 6.41
C VAL C 301 28.99 6.45 5.51
N LYS C 302 29.95 7.33 5.78
CA LYS C 302 31.14 7.44 4.95
C LYS C 302 32.04 6.23 5.20
N CYS C 303 31.90 5.22 4.35
CA CYS C 303 32.73 4.03 4.42
C CYS C 303 32.83 3.46 3.00
N ASP C 304 33.32 2.23 2.88
CA ASP C 304 33.50 1.59 1.60
C ASP C 304 32.43 0.52 1.38
N PRO C 305 31.36 0.81 0.64
CA PRO C 305 30.33 -0.22 0.41
C PRO C 305 30.79 -1.32 -0.54
N ARG C 306 31.77 -1.03 -1.40
CA ARG C 306 32.29 -2.06 -2.30
C ARG C 306 33.21 -3.02 -1.57
N HIS C 307 33.83 -2.56 -0.48
CA HIS C 307 34.59 -3.44 0.40
C HIS C 307 33.72 -4.12 1.44
N GLY C 308 32.44 -3.74 1.53
CA GLY C 308 31.47 -4.47 2.30
C GLY C 308 30.71 -5.47 1.44
N LYS C 309 30.12 -6.45 2.11
CA LYS C 309 29.37 -7.51 1.44
C LYS C 309 27.90 -7.41 1.85
N TYR C 310 27.03 -7.17 0.87
CA TYR C 310 25.61 -7.00 1.15
C TYR C 310 24.99 -8.31 1.56
N MET C 311 24.14 -8.26 2.58
CA MET C 311 23.48 -9.44 3.11
C MET C 311 21.97 -9.38 3.01
N ALA C 312 21.37 -8.24 3.30
CA ALA C 312 19.92 -8.09 3.23
C ALA C 312 19.63 -6.63 2.92
N VAL C 313 19.34 -6.34 1.65
CA VAL C 313 19.13 -4.97 1.18
C VAL C 313 17.62 -4.74 1.12
N CYS C 314 17.15 -3.72 1.83
CA CYS C 314 15.74 -3.42 1.94
C CYS C 314 15.40 -2.17 1.15
N LEU C 315 14.26 -2.19 0.46
CA LEU C 315 13.89 -1.10 -0.43
C LEU C 315 12.45 -0.69 -0.15
N LEU C 316 12.24 0.60 0.11
CA LEU C 316 10.92 1.17 0.26
C LEU C 316 10.78 2.32 -0.73
N TYR C 317 9.87 2.16 -1.68
CA TYR C 317 9.65 3.21 -2.68
C TYR C 317 8.44 4.04 -2.28
N ARG C 318 8.43 5.29 -2.74
CA ARG C 318 7.32 6.20 -2.51
C ARG C 318 6.96 6.88 -3.81
N GLY C 319 5.67 7.19 -3.96
CA GLY C 319 5.18 7.76 -5.20
C GLY C 319 4.62 6.71 -6.13
N ASP C 320 4.02 7.21 -7.21
CA ASP C 320 3.35 6.36 -8.20
C ASP C 320 4.40 5.62 -9.03
N VAL C 321 4.74 4.41 -8.60
CA VAL C 321 5.76 3.59 -9.24
C VAL C 321 5.11 2.29 -9.69
N VAL C 322 5.32 1.93 -10.95
CA VAL C 322 4.79 0.66 -11.47
C VAL C 322 5.76 -0.45 -11.08
N PRO C 323 5.29 -1.68 -10.85
CA PRO C 323 6.19 -2.73 -10.37
C PRO C 323 6.94 -3.46 -11.46
N LYS C 324 6.66 -3.16 -12.74
CA LYS C 324 7.29 -3.87 -13.84
C LYS C 324 8.78 -3.55 -13.92
N ASP C 325 9.11 -2.27 -14.03
CA ASP C 325 10.51 -1.87 -14.06
C ASP C 325 11.18 -2.04 -12.70
N VAL C 326 10.41 -2.08 -11.61
CA VAL C 326 10.93 -2.51 -10.32
C VAL C 326 11.45 -3.93 -10.41
N ASN C 327 10.64 -4.83 -10.96
CA ASN C 327 11.03 -6.21 -11.17
C ASN C 327 12.10 -6.35 -12.24
N THR C 328 12.36 -5.28 -13.00
CA THR C 328 13.44 -5.23 -13.98
C THR C 328 14.71 -4.64 -13.37
N ALA C 329 14.60 -3.51 -12.66
CA ALA C 329 15.80 -2.78 -12.22
C ALA C 329 16.55 -3.51 -11.13
N ILE C 330 15.84 -4.13 -10.19
CA ILE C 330 16.50 -4.97 -9.19
C ILE C 330 17.13 -6.20 -9.86
N ALA C 331 16.47 -6.73 -10.90
CA ALA C 331 17.12 -7.72 -11.74
C ALA C 331 18.27 -7.11 -12.53
N ALA C 332 18.14 -5.84 -12.94
CA ALA C 332 19.23 -5.18 -13.65
C ALA C 332 20.39 -4.85 -12.72
N ILE C 333 20.12 -4.68 -11.43
CA ILE C 333 21.19 -4.64 -10.45
C ILE C 333 21.93 -5.97 -10.42
N LYS C 334 21.17 -7.07 -10.49
CA LYS C 334 21.77 -8.41 -10.49
C LYS C 334 22.52 -8.71 -11.78
N THR C 335 22.20 -7.99 -12.87
CA THR C 335 23.03 -8.10 -14.08
C THR C 335 24.42 -7.54 -13.86
N LYS C 336 24.54 -6.51 -13.03
CA LYS C 336 25.84 -6.02 -12.61
C LYS C 336 26.40 -6.94 -11.53
N ARG C 337 27.72 -7.05 -11.49
CA ARG C 337 28.37 -8.00 -10.60
C ARG C 337 29.13 -7.36 -9.45
N THR C 338 29.22 -6.03 -9.42
CA THR C 338 29.94 -5.35 -8.34
C THR C 338 29.17 -5.44 -7.02
N ILE C 339 27.84 -5.57 -7.08
CA ILE C 339 27.02 -5.77 -5.90
C ILE C 339 27.25 -7.20 -5.45
N GLN C 340 28.05 -7.36 -4.40
CA GLN C 340 28.43 -8.68 -3.92
C GLN C 340 27.48 -9.12 -2.80
N PHE C 341 27.08 -10.37 -2.85
CA PHE C 341 26.26 -10.96 -1.81
C PHE C 341 27.11 -11.92 -0.99
N VAL C 342 26.48 -12.64 -0.08
CA VAL C 342 27.09 -13.80 0.53
C VAL C 342 26.58 -15.02 -0.23
N ASP C 343 27.29 -16.15 -0.10
CA ASP C 343 26.96 -17.34 -0.89
C ASP C 343 25.64 -17.96 -0.46
N TRP C 344 25.21 -17.71 0.78
CA TRP C 344 24.02 -18.39 1.27
C TRP C 344 22.74 -17.56 1.16
N CYS C 345 22.83 -16.27 0.84
CA CYS C 345 21.64 -15.43 0.75
C CYS C 345 21.54 -14.75 -0.61
N PRO C 346 20.88 -15.37 -1.59
CA PRO C 346 20.48 -14.62 -2.79
C PRO C 346 19.14 -13.92 -2.59
N THR C 347 18.31 -14.48 -1.71
CA THR C 347 16.96 -13.97 -1.48
C THR C 347 16.92 -13.09 -0.23
N GLY C 348 17.58 -11.94 -0.33
CA GLY C 348 17.59 -10.97 0.75
C GLY C 348 16.99 -9.64 0.32
N PHE C 349 15.92 -9.70 -0.46
CA PHE C 349 15.30 -8.52 -1.04
C PHE C 349 13.97 -8.26 -0.36
N LYS C 350 13.58 -6.99 -0.29
CA LYS C 350 12.31 -6.58 0.27
C LYS C 350 11.66 -5.59 -0.68
N VAL C 351 10.38 -5.80 -0.95
CA VAL C 351 9.63 -5.01 -1.93
C VAL C 351 8.59 -4.18 -1.17
N GLY C 352 8.69 -2.86 -1.30
CA GLY C 352 7.69 -1.98 -0.72
C GLY C 352 7.45 -0.75 -1.56
N ILE C 353 6.19 -0.55 -1.96
CA ILE C 353 5.80 0.58 -2.80
C ILE C 353 4.57 1.22 -2.20
N ASN C 354 4.67 2.50 -1.86
CA ASN C 354 3.54 3.26 -1.34
C ASN C 354 3.08 4.25 -2.41
N TYR C 355 1.78 4.58 -2.35
CA TYR C 355 1.20 5.49 -3.33
C TYR C 355 1.62 6.93 -3.12
N GLN C 356 1.91 7.33 -1.89
CA GLN C 356 2.12 8.74 -1.62
C GLN C 356 3.56 9.14 -1.93
N PRO C 357 3.77 10.16 -2.75
CA PRO C 357 5.11 10.70 -2.94
C PRO C 357 5.54 11.53 -1.75
N PRO C 358 6.83 11.69 -1.52
CA PRO C 358 7.28 12.52 -0.41
C PRO C 358 7.03 14.00 -0.67
N THR C 359 6.50 14.68 0.34
CA THR C 359 6.24 16.11 0.26
C THR C 359 7.34 16.85 1.00
N VAL C 360 7.85 17.90 0.37
CA VAL C 360 9.04 18.60 0.85
C VAL C 360 8.64 19.64 1.88
N VAL C 361 9.61 20.04 2.69
CA VAL C 361 9.43 21.01 3.76
C VAL C 361 9.19 22.40 3.16
N PRO C 362 8.36 23.24 3.79
CA PRO C 362 8.17 24.61 3.28
C PRO C 362 9.40 25.47 3.55
N GLY C 363 9.82 26.22 2.53
CA GLY C 363 11.00 27.03 2.63
C GLY C 363 12.31 26.26 2.65
N GLY C 364 12.29 24.96 2.36
CA GLY C 364 13.48 24.16 2.39
C GLY C 364 14.29 24.24 1.12
N ASP C 365 15.28 23.35 1.05
CA ASP C 365 16.21 23.31 -0.08
C ASP C 365 15.91 22.18 -1.06
N LEU C 366 14.89 21.37 -0.80
CA LEU C 366 14.58 20.21 -1.60
C LEU C 366 13.66 20.58 -2.76
N ALA C 367 13.30 19.56 -3.55
CA ALA C 367 12.41 19.70 -4.68
C ALA C 367 11.35 18.62 -4.65
N LYS C 368 10.15 18.99 -5.10
CA LYS C 368 9.01 18.06 -5.13
C LYS C 368 9.25 17.03 -6.22
N VAL C 369 9.66 15.84 -5.81
CA VAL C 369 9.92 14.73 -6.73
C VAL C 369 8.96 13.60 -6.39
N PRO C 370 8.29 12.99 -7.37
CA PRO C 370 7.40 11.87 -7.05
C PRO C 370 8.12 10.61 -6.59
N ARG C 371 9.23 10.25 -7.23
CA ARG C 371 9.96 9.03 -6.92
C ARG C 371 10.96 9.30 -5.80
N ALA C 372 11.09 8.35 -4.88
CA ALA C 372 12.11 8.39 -3.84
C ALA C 372 12.32 6.99 -3.28
N VAL C 373 13.54 6.73 -2.83
CA VAL C 373 13.94 5.43 -2.30
C VAL C 373 14.57 5.64 -0.94
N CYS C 374 14.14 4.88 0.06
CA CYS C 374 14.81 4.81 1.35
C CYS C 374 15.53 3.46 1.39
N MET C 375 16.82 3.47 1.03
CA MET C 375 17.58 2.23 0.94
C MET C 375 18.13 1.85 2.30
N LEU C 376 17.92 0.60 2.68
CA LEU C 376 18.49 0.02 3.90
C LEU C 376 19.34 -1.17 3.49
N SER C 377 20.62 -1.14 3.85
CA SER C 377 21.58 -2.14 3.35
C SER C 377 22.49 -2.57 4.48
N ASN C 378 22.17 -3.68 5.12
CA ASN C 378 23.08 -4.30 6.07
C ASN C 378 24.23 -4.95 5.32
N THR C 379 25.45 -4.64 5.73
CA THR C 379 26.62 -5.09 5.00
C THR C 379 27.78 -5.32 5.94
N THR C 380 28.88 -5.81 5.38
CA THR C 380 30.11 -6.03 6.13
C THR C 380 31.04 -4.83 6.08
N ALA C 381 30.60 -3.71 5.53
CA ALA C 381 31.32 -2.45 5.67
C ALA C 381 31.17 -1.85 7.05
N ILE C 382 30.22 -2.35 7.85
CA ILE C 382 30.11 -1.95 9.25
C ILE C 382 31.32 -2.44 10.03
N ALA C 383 31.85 -3.62 9.68
CA ALA C 383 33.05 -4.14 10.33
C ALA C 383 34.26 -3.27 10.06
N GLU C 384 34.38 -2.74 8.85
CA GLU C 384 35.45 -1.79 8.56
C GLU C 384 35.23 -0.47 9.27
N ALA C 385 33.97 -0.15 9.59
CA ALA C 385 33.65 0.97 10.46
C ALA C 385 33.80 0.64 11.94
N TRP C 386 33.95 -0.65 12.30
CA TRP C 386 34.28 -0.98 13.68
C TRP C 386 35.77 -0.81 13.96
N SER C 387 36.62 -1.21 13.00
CA SER C 387 38.06 -1.19 13.24
C SER C 387 38.61 0.23 13.29
N ARG C 388 37.94 1.18 12.64
CA ARG C 388 38.38 2.57 12.73
C ARG C 388 38.07 3.17 14.09
N LEU C 389 37.10 2.60 14.82
CA LEU C 389 36.76 3.08 16.14
C LEU C 389 37.40 2.25 17.25
N ASP C 390 37.66 0.97 16.99
CA ASP C 390 38.40 0.16 17.95
C ASP C 390 39.87 0.54 18.02
N TYR C 391 40.38 1.24 16.99
CA TYR C 391 41.74 1.76 17.06
C TYR C 391 41.83 2.97 17.97
N LYS C 392 40.77 3.79 18.00
CA LYS C 392 40.77 5.01 18.82
C LYS C 392 40.65 4.69 20.29
N PHE C 393 39.86 3.68 20.64
CA PHE C 393 39.51 3.45 22.03
C PHE C 393 40.69 2.89 22.82
N ASP C 394 41.43 1.95 22.24
CA ASP C 394 42.38 1.18 23.02
C ASP C 394 43.65 1.96 23.34
N LEU C 395 44.11 2.81 22.42
CA LEU C 395 45.38 3.50 22.62
C LEU C 395 45.27 4.61 23.65
N MET C 396 44.14 5.32 23.68
CA MET C 396 43.91 6.25 24.78
C MET C 396 43.66 5.53 26.09
N TYR C 397 43.13 4.30 26.02
CA TYR C 397 42.92 3.50 27.23
C TYR C 397 44.24 2.98 27.78
N ALA C 398 45.23 2.76 26.91
CA ALA C 398 46.50 2.17 27.33
C ALA C 398 47.29 3.13 28.21
N LYS C 399 47.27 4.42 27.89
CA LYS C 399 47.89 5.43 28.74
C LYS C 399 47.03 5.80 29.94
N ARG C 400 45.80 5.28 30.00
CA ARG C 400 44.80 5.58 31.04
C ARG C 400 44.50 7.08 31.13
N ALA C 401 44.40 7.73 29.99
CA ALA C 401 43.99 9.13 29.97
C ALA C 401 42.49 9.25 30.23
N PHE C 402 42.12 10.36 30.87
CA PHE C 402 40.73 10.75 31.17
C PHE C 402 39.98 9.74 32.03
N VAL C 403 40.70 8.91 32.76
CA VAL C 403 40.06 7.93 33.63
C VAL C 403 39.57 8.60 34.90
N HIS C 404 40.21 9.70 35.32
CA HIS C 404 39.93 10.35 36.60
C HIS C 404 38.60 11.08 36.64
N TRP C 405 37.79 11.01 35.59
CA TRP C 405 36.39 11.44 35.68
C TRP C 405 35.47 10.25 35.90
N TYR C 406 35.81 9.09 35.33
CA TYR C 406 34.99 7.90 35.43
C TYR C 406 35.07 7.23 36.81
N VAL C 407 36.08 7.55 37.60
CA VAL C 407 36.33 6.78 38.83
C VAL C 407 35.30 7.11 39.90
N GLY C 408 35.24 8.38 40.32
CA GLY C 408 34.46 8.74 41.49
C GLY C 408 32.97 8.84 41.30
N GLU C 409 32.45 8.59 40.09
CA GLU C 409 31.05 8.76 39.79
C GLU C 409 30.24 7.48 39.95
N GLY C 410 30.81 6.45 40.56
CA GLY C 410 30.11 5.20 40.75
C GLY C 410 30.28 4.24 39.59
N MET C 411 31.53 3.95 39.23
CA MET C 411 31.81 3.20 38.02
C MET C 411 33.12 2.44 38.21
N GLU C 412 33.21 1.27 37.57
CA GLU C 412 34.35 0.39 37.70
C GLU C 412 35.16 0.37 36.40
N GLU C 413 36.46 0.11 36.54
CA GLU C 413 37.37 0.14 35.41
C GLU C 413 37.48 -1.20 34.70
N GLY C 414 37.12 -2.29 35.35
CA GLY C 414 37.09 -3.58 34.70
C GLY C 414 35.99 -3.73 33.67
N GLU C 415 34.97 -2.87 33.75
CA GLU C 415 33.92 -2.83 32.74
C GLU C 415 34.44 -2.35 31.40
N PHE C 416 35.52 -1.57 31.39
CA PHE C 416 36.20 -1.22 30.15
C PHE C 416 36.88 -2.44 29.52
N THR C 417 37.36 -3.36 30.34
CA THR C 417 38.06 -4.52 29.81
C THR C 417 37.10 -5.54 29.22
N GLU C 418 35.93 -5.72 29.84
CA GLU C 418 34.96 -6.70 29.36
C GLU C 418 34.33 -6.26 28.05
N ALA C 419 34.19 -4.96 27.83
CA ALA C 419 33.68 -4.46 26.56
C ALA C 419 34.69 -4.61 25.43
N ARG C 420 35.97 -4.78 25.76
CA ARG C 420 36.97 -5.00 24.70
C ARG C 420 36.84 -6.40 24.12
N GLU C 421 36.69 -7.41 24.97
CA GLU C 421 36.47 -8.77 24.49
C GLU C 421 35.08 -8.92 23.89
N ASP C 422 34.14 -8.06 24.28
CA ASP C 422 32.80 -8.08 23.71
C ASP C 422 32.79 -7.54 22.28
N LEU C 423 33.51 -6.44 22.04
CA LEU C 423 33.54 -5.84 20.70
C LEU C 423 34.54 -6.50 19.77
N ALA C 424 35.45 -7.33 20.30
CA ALA C 424 36.43 -7.99 19.46
C ALA C 424 35.79 -9.10 18.63
N ALA C 425 34.93 -9.91 19.25
CA ALA C 425 34.26 -10.98 18.54
C ALA C 425 33.10 -10.48 17.67
N LEU C 426 32.64 -9.24 17.92
CA LEU C 426 31.52 -8.71 17.15
C LEU C 426 31.94 -8.46 15.71
N GLU C 427 33.03 -7.70 15.51
CA GLU C 427 33.56 -7.47 14.18
C GLU C 427 34.17 -8.72 13.57
N LYS C 428 34.49 -9.72 14.38
CA LYS C 428 34.87 -11.03 13.86
C LYS C 428 33.71 -11.72 13.16
N ASP C 429 32.49 -11.55 13.70
CA ASP C 429 31.32 -12.25 13.19
C ASP C 429 30.88 -11.78 11.81
N TYR C 430 31.26 -10.58 11.39
CA TYR C 430 31.08 -10.18 10.00
C TYR C 430 31.90 -11.03 9.06
N GLU C 431 33.13 -11.36 9.48
CA GLU C 431 33.99 -12.22 8.67
C GLU C 431 33.68 -13.69 8.89
N GLU C 432 33.12 -14.05 10.05
CA GLU C 432 32.76 -15.43 10.30
C GLU C 432 31.53 -15.83 9.50
N VAL C 433 30.49 -14.99 9.53
CA VAL C 433 29.32 -15.26 8.70
C VAL C 433 29.65 -15.03 7.23
N GLY C 434 30.38 -13.96 6.92
CA GLY C 434 30.78 -13.68 5.55
C GLY C 434 31.84 -14.63 5.01
N MET D 1 19.30 28.11 39.14
CA MET D 1 19.40 26.65 39.01
C MET D 1 20.86 26.23 39.15
N ARG D 2 21.57 26.13 38.04
CA ARG D 2 23.01 25.93 38.07
C ARG D 2 23.64 27.28 38.42
N GLU D 3 24.20 27.39 39.62
CA GLU D 3 24.55 28.70 40.17
C GLU D 3 26.03 28.78 40.50
N ILE D 4 26.61 29.93 40.19
CA ILE D 4 28.05 30.18 40.26
C ILE D 4 28.28 31.51 40.95
N VAL D 5 29.11 31.52 42.00
CA VAL D 5 29.53 32.75 42.64
C VAL D 5 30.87 33.14 42.03
N HIS D 6 31.20 34.43 42.12
CA HIS D 6 32.46 34.98 41.63
C HIS D 6 33.11 35.75 42.77
N VAL D 7 34.29 35.32 43.18
CA VAL D 7 34.97 35.87 44.35
C VAL D 7 36.27 36.51 43.91
N GLN D 8 36.55 37.70 44.42
CA GLN D 8 37.75 38.47 44.08
C GLN D 8 38.55 38.71 45.35
N ALA D 9 39.86 38.49 45.28
CA ALA D 9 40.73 38.66 46.42
C ALA D 9 42.11 39.10 45.94
N GLY D 10 42.69 40.09 46.63
CA GLY D 10 43.93 40.68 46.17
C GLY D 10 43.69 41.80 45.18
N GLN D 11 44.67 42.71 45.07
CA GLN D 11 44.48 43.93 44.29
C GLN D 11 44.37 43.65 42.79
N CYS D 12 44.94 42.53 42.33
CA CYS D 12 44.83 42.16 40.92
C CYS D 12 43.39 41.77 40.56
N GLY D 13 42.85 40.74 41.22
CA GLY D 13 41.55 40.22 40.87
C GLY D 13 40.39 41.12 41.23
N ASN D 14 40.62 42.14 42.06
CA ASN D 14 39.55 43.05 42.42
C ASN D 14 39.22 44.01 41.28
N GLN D 15 40.22 44.40 40.50
CA GLN D 15 39.97 45.32 39.39
C GLN D 15 39.81 44.62 38.04
N ILE D 16 40.05 43.31 37.98
CA ILE D 16 39.77 42.58 36.75
C ILE D 16 38.27 42.45 36.55
N GLY D 17 37.55 42.05 37.61
CA GLY D 17 36.11 41.92 37.51
C GLY D 17 35.38 43.25 37.37
N SER D 18 36.00 44.33 37.87
CA SER D 18 35.39 45.66 37.84
C SER D 18 35.13 46.15 36.42
N LYS D 19 35.93 45.68 35.46
CA LYS D 19 35.56 45.87 34.06
C LYS D 19 34.84 44.65 33.51
N PHE D 20 35.02 43.48 34.13
CA PHE D 20 34.41 42.27 33.60
C PHE D 20 32.92 42.19 33.85
N TRP D 21 32.45 42.63 35.03
CA TRP D 21 31.02 42.67 35.29
C TRP D 21 30.28 43.63 34.38
N GLU D 22 30.97 44.64 33.85
CA GLU D 22 30.37 45.63 32.95
C GLU D 22 29.91 44.98 31.65
N VAL D 23 30.74 44.12 31.07
CA VAL D 23 30.36 43.41 29.85
C VAL D 23 29.25 42.42 30.13
N ILE D 24 29.32 41.73 31.28
CA ILE D 24 28.25 40.85 31.72
C ILE D 24 26.99 41.65 32.00
N SER D 25 27.14 42.89 32.47
CA SER D 25 25.99 43.79 32.58
C SER D 25 25.47 44.17 31.20
N ASP D 26 26.36 44.39 30.25
CA ASP D 26 25.94 44.92 28.96
C ASP D 26 25.51 43.83 27.99
N GLU D 27 25.95 42.58 28.19
CA GLU D 27 25.51 41.50 27.32
C GLU D 27 24.10 41.04 27.66
N HIS D 28 23.57 41.44 28.81
CA HIS D 28 22.25 41.01 29.23
C HIS D 28 21.28 42.17 29.42
N GLY D 29 21.68 43.38 29.05
CA GLY D 29 20.78 44.52 29.02
C GLY D 29 20.31 45.02 30.37
N ILE D 30 21.23 45.18 31.32
CA ILE D 30 20.85 45.73 32.62
C ILE D 30 21.62 47.03 32.85
N GLN D 31 21.38 47.66 33.99
CA GLN D 31 21.82 49.01 34.31
C GLN D 31 22.64 48.99 35.61
N PRO D 32 23.30 50.09 36.01
CA PRO D 32 23.91 50.10 37.36
C PRO D 32 22.90 50.02 38.48
N ASP D 33 21.65 50.40 38.24
CA ASP D 33 20.56 50.09 39.16
C ASP D 33 20.09 48.65 39.03
N GLY D 34 20.62 47.88 38.08
CA GLY D 34 20.12 46.56 37.81
C GLY D 34 18.83 46.51 37.04
N THR D 35 18.39 47.63 36.49
CA THR D 35 17.13 47.67 35.75
C THR D 35 17.31 46.98 34.41
N PHE D 36 16.50 45.95 34.16
CA PHE D 36 16.57 45.23 32.90
C PHE D 36 16.04 46.10 31.77
N LYS D 37 16.88 46.35 30.77
CA LYS D 37 16.46 47.10 29.59
C LYS D 37 16.76 46.33 28.31
N GLY D 38 16.91 45.01 28.40
CA GLY D 38 17.07 44.21 27.20
C GLY D 38 15.78 44.13 26.40
N GLU D 39 15.91 44.33 25.09
CA GLU D 39 14.74 44.35 24.23
C GLU D 39 14.20 42.95 23.97
N THR D 40 15.08 42.03 23.63
CA THR D 40 14.71 40.63 23.48
C THR D 40 14.93 39.90 24.80
N ASP D 41 14.01 39.00 25.15
CA ASP D 41 14.12 38.17 26.35
C ASP D 41 15.20 37.09 26.26
N LEU D 42 15.96 37.02 25.16
CA LEU D 42 17.16 36.19 25.13
C LEU D 42 18.21 36.67 26.12
N GLN D 43 18.20 37.95 26.46
CA GLN D 43 19.08 38.49 27.48
C GLN D 43 18.53 38.33 28.89
N LEU D 44 17.34 37.75 29.05
CA LEU D 44 16.75 37.56 30.36
C LEU D 44 16.60 36.10 30.76
N GLU D 45 16.43 35.18 29.80
CA GLU D 45 16.04 33.82 30.13
C GLU D 45 17.14 33.02 30.85
N ARG D 46 18.37 33.51 30.88
CA ARG D 46 19.43 32.96 31.71
C ARG D 46 20.15 34.07 32.47
N ILE D 47 19.36 35.01 33.02
CA ILE D 47 19.94 36.07 33.84
C ILE D 47 20.22 35.56 35.26
N ASP D 48 19.62 34.45 35.66
CA ASP D 48 19.64 34.01 37.05
C ASP D 48 20.98 33.42 37.46
N VAL D 49 21.83 33.04 36.51
CA VAL D 49 23.02 32.25 36.80
C VAL D 49 24.05 33.06 37.58
N TYR D 50 24.11 34.37 37.37
CA TYR D 50 25.05 35.23 38.09
C TYR D 50 24.35 36.27 38.96
N TYR D 51 23.05 36.14 39.18
CA TYR D 51 22.29 37.19 39.84
C TYR D 51 21.25 36.59 40.78
N ASN D 52 20.86 37.36 41.78
CA ASN D 52 19.78 37.01 42.70
C ASN D 52 18.83 38.19 42.75
N GLU D 53 17.76 38.11 41.96
CA GLU D 53 16.77 39.18 41.91
C GLU D 53 16.03 39.28 43.24
N ALA D 54 15.81 40.51 43.69
CA ALA D 54 15.15 40.74 44.97
C ALA D 54 14.51 42.12 44.91
N ASN D 55 13.20 42.17 45.21
CA ASN D 55 12.47 43.40 45.48
C ASN D 55 12.47 44.39 44.32
N ASN D 56 11.73 44.05 43.25
CA ASN D 56 11.44 44.85 42.06
C ASN D 56 12.63 44.96 41.11
N GLY D 57 13.38 43.88 40.94
CA GLY D 57 14.21 43.71 39.77
C GLY D 57 15.58 44.34 39.82
N LYS D 58 15.99 44.89 40.96
CA LYS D 58 17.36 45.37 41.09
C LYS D 58 18.25 44.15 41.28
N TYR D 59 18.76 43.63 40.16
CA TYR D 59 19.60 42.44 40.19
C TYR D 59 20.92 42.75 40.87
N VAL D 60 21.28 41.91 41.84
CA VAL D 60 22.59 42.06 42.46
C VAL D 60 23.50 40.96 41.92
N PRO D 61 24.74 41.28 41.56
CA PRO D 61 25.66 40.24 41.11
C PRO D 61 26.07 39.35 42.28
N ARG D 62 26.20 38.06 42.00
CA ARG D 62 26.58 37.09 43.03
C ARG D 62 28.09 37.17 43.18
N ALA D 63 28.53 38.20 43.92
CA ALA D 63 29.93 38.58 43.97
C ALA D 63 30.34 38.84 45.41
N VAL D 64 31.58 38.47 45.73
CA VAL D 64 32.17 38.70 47.04
C VAL D 64 33.45 39.50 46.83
N LEU D 65 33.62 40.59 47.56
CA LEU D 65 34.73 41.50 47.40
C LEU D 65 35.53 41.56 48.69
N VAL D 66 36.74 41.00 48.66
CA VAL D 66 37.57 40.86 49.85
C VAL D 66 38.87 41.60 49.62
N ASP D 67 39.31 42.36 50.63
CA ASP D 67 40.61 43.01 50.61
C ASP D 67 41.13 43.03 52.04
N LEU D 68 42.45 43.19 52.18
CA LEU D 68 43.04 43.37 53.50
C LEU D 68 43.14 44.84 53.90
N GLU D 69 42.72 45.76 53.05
CA GLU D 69 42.71 47.18 53.35
C GLU D 69 41.49 47.80 52.71
N PRO D 70 41.03 48.95 53.21
CA PRO D 70 39.92 49.65 52.55
C PRO D 70 40.32 50.51 51.35
N GLY D 71 41.50 50.30 50.78
CA GLY D 71 41.92 51.11 49.65
C GLY D 71 41.20 50.77 48.37
N THR D 72 41.15 49.48 48.03
CA THR D 72 40.49 49.06 46.79
C THR D 72 38.98 48.98 46.93
N MET D 73 38.43 49.15 48.13
CA MET D 73 36.99 49.10 48.30
C MET D 73 36.31 50.33 47.68
N ASP D 74 36.75 51.53 48.09
CA ASP D 74 36.06 52.76 47.69
C ASP D 74 36.25 53.08 46.22
N SER D 75 37.38 52.66 45.64
CA SER D 75 37.64 52.92 44.23
C SER D 75 36.67 52.14 43.34
N VAL D 76 36.39 50.88 43.71
CA VAL D 76 35.35 50.13 43.01
C VAL D 76 33.98 50.68 43.37
N ARG D 77 33.82 51.13 44.62
CA ARG D 77 32.52 51.59 45.09
C ARG D 77 32.14 52.93 44.48
N SER D 78 33.08 53.88 44.43
CA SER D 78 32.79 55.17 43.83
C SER D 78 32.98 55.16 42.32
N GLY D 79 33.56 54.11 41.77
CA GLY D 79 33.85 54.05 40.34
C GLY D 79 32.65 53.68 39.51
N PRO D 80 32.90 53.13 38.32
CA PRO D 80 31.78 52.75 37.44
C PRO D 80 31.08 51.49 37.93
N PHE D 81 29.75 51.49 37.81
CA PHE D 81 28.85 50.44 38.30
C PHE D 81 29.07 50.15 39.79
N GLY D 82 29.20 51.22 40.58
CA GLY D 82 29.39 51.05 42.00
C GLY D 82 28.12 50.81 42.78
N GLN D 83 26.99 51.25 42.25
CA GLN D 83 25.71 51.10 42.95
C GLN D 83 25.11 49.71 42.77
N LEU D 84 25.71 48.87 41.92
CA LEU D 84 25.13 47.58 41.59
C LEU D 84 25.44 46.51 42.63
N PHE D 85 26.52 46.65 43.38
CA PHE D 85 26.98 45.59 44.27
C PHE D 85 26.28 45.67 45.62
N ARG D 86 26.08 44.51 46.23
CA ARG D 86 25.40 44.46 47.51
C ARG D 86 26.35 44.85 48.63
N PRO D 87 25.98 45.82 49.47
CA PRO D 87 26.87 46.25 50.57
C PRO D 87 27.01 45.24 51.70
N ASP D 88 26.25 44.15 51.68
CA ASP D 88 26.44 43.08 52.65
C ASP D 88 27.78 42.39 52.44
N ASN D 89 28.29 42.37 51.21
CA ASN D 89 29.47 41.59 50.86
C ASN D 89 30.76 42.34 51.06
N PHE D 90 30.71 43.63 51.41
CA PHE D 90 31.92 44.45 51.51
C PHE D 90 32.71 44.12 52.77
N VAL D 91 33.30 42.95 52.82
CA VAL D 91 34.04 42.48 54.00
C VAL D 91 35.52 42.72 53.76
N PHE D 92 36.19 43.35 54.72
CA PHE D 92 37.60 43.65 54.55
C PHE D 92 38.28 43.75 55.91
N GLY D 93 39.61 43.69 55.88
CA GLY D 93 40.44 43.87 57.05
C GLY D 93 41.16 45.20 57.04
N GLN D 94 42.09 45.36 57.98
CA GLN D 94 42.82 46.61 58.15
C GLN D 94 44.33 46.41 58.14
N SER D 95 44.83 45.34 57.51
CA SER D 95 46.27 45.04 57.57
C SER D 95 47.00 45.42 56.29
N GLY D 96 46.63 44.81 55.16
CA GLY D 96 47.49 44.83 53.99
C GLY D 96 48.55 43.75 54.09
N ALA D 97 48.72 42.95 53.03
CA ALA D 97 49.62 41.81 53.13
C ALA D 97 51.08 42.22 53.08
N GLY D 98 51.40 43.34 52.43
CA GLY D 98 52.78 43.75 52.27
C GLY D 98 53.63 42.82 51.44
N ASN D 99 53.00 42.08 50.52
CA ASN D 99 53.61 41.00 49.74
C ASN D 99 54.28 39.96 50.64
N ASN D 100 53.48 39.31 51.46
CA ASN D 100 53.95 38.27 52.36
C ASN D 100 52.92 37.15 52.36
N TRP D 101 53.37 35.93 52.06
CA TRP D 101 52.44 34.80 51.94
C TRP D 101 51.91 34.38 53.29
N ALA D 102 52.81 34.23 54.29
CA ALA D 102 52.40 33.76 55.59
C ALA D 102 51.59 34.80 56.36
N LYS D 103 51.68 36.07 55.98
CA LYS D 103 50.69 37.04 56.46
C LYS D 103 49.33 36.76 55.83
N GLY D 104 49.30 36.56 54.51
CA GLY D 104 48.04 36.30 53.83
C GLY D 104 47.48 34.92 54.13
N HIS D 105 48.32 33.99 54.57
CA HIS D 105 47.88 32.64 54.84
C HIS D 105 47.71 32.35 56.33
N TYR D 106 48.74 32.60 57.14
CA TYR D 106 48.75 32.20 58.54
C TYR D 106 48.41 33.32 59.49
N THR D 107 48.90 34.54 59.24
CA THR D 107 48.85 35.61 60.23
C THR D 107 47.61 36.47 60.09
N GLU D 108 47.44 37.13 58.95
CA GLU D 108 46.35 38.09 58.80
C GLU D 108 45.17 37.51 58.04
N GLY D 109 45.42 36.65 57.06
CA GLY D 109 44.35 36.03 56.32
C GLY D 109 43.55 35.04 57.13
N ALA D 110 44.13 34.49 58.19
CA ALA D 110 43.41 33.56 59.06
C ALA D 110 42.33 34.26 59.89
N GLU D 111 42.39 35.58 60.01
CA GLU D 111 41.35 36.31 60.73
C GLU D 111 40.14 36.58 59.86
N LEU D 112 40.35 37.06 58.64
CA LEU D 112 39.26 37.48 57.77
C LEU D 112 38.65 36.33 56.99
N VAL D 113 39.23 35.12 57.07
CA VAL D 113 38.68 33.98 56.35
C VAL D 113 37.34 33.53 56.94
N ASP D 114 37.10 33.79 58.23
CA ASP D 114 35.87 33.31 58.86
C ASP D 114 34.66 34.12 58.45
N ASN D 115 34.85 35.40 58.16
CA ASN D 115 33.70 36.28 57.88
C ASN D 115 33.09 35.97 56.53
N VAL D 116 33.93 35.82 55.49
CA VAL D 116 33.40 35.53 54.17
C VAL D 116 33.09 34.06 53.98
N LEU D 117 33.54 33.19 54.90
CA LEU D 117 33.19 31.77 54.82
C LEU D 117 31.70 31.58 55.02
N ASP D 118 31.10 32.37 55.91
CA ASP D 118 29.64 32.35 56.04
C ASP D 118 28.98 33.03 54.85
N VAL D 119 29.67 33.97 54.20
CA VAL D 119 29.12 34.63 53.03
C VAL D 119 29.13 33.69 51.84
N ILE D 120 30.18 32.85 51.73
CA ILE D 120 30.16 31.72 50.79
C ILE D 120 29.02 30.77 51.13
N ARG D 121 28.77 30.56 52.42
CA ARG D 121 27.68 29.69 52.85
C ARG D 121 26.32 30.31 52.55
N LYS D 122 26.20 31.63 52.73
CA LYS D 122 24.88 32.27 52.77
C LYS D 122 24.21 32.26 51.40
N GLU D 123 24.92 32.67 50.35
CA GLU D 123 24.35 32.65 49.01
C GLU D 123 24.24 31.24 48.46
N ALA D 124 24.94 30.27 49.03
CA ALA D 124 24.83 28.89 48.58
C ALA D 124 23.69 28.16 49.30
N GLU D 125 23.17 28.72 50.39
CA GLU D 125 22.01 28.14 51.05
C GLU D 125 20.72 28.49 50.33
N GLY D 126 20.68 29.63 49.64
CA GLY D 126 19.49 30.06 48.93
C GLY D 126 19.31 29.52 47.54
N CYS D 127 20.01 28.45 47.18
CA CYS D 127 19.90 27.87 45.85
C CYS D 127 19.64 26.37 45.95
N ASP D 128 19.17 25.81 44.84
CA ASP D 128 18.79 24.40 44.81
C ASP D 128 20.00 23.48 44.68
N CYS D 129 20.93 23.79 43.78
CA CYS D 129 22.08 22.93 43.52
C CYS D 129 23.16 23.78 42.87
N LEU D 130 24.26 23.99 43.60
CA LEU D 130 25.36 24.78 43.08
C LEU D 130 26.08 24.04 41.96
N GLN D 131 26.87 24.79 41.18
CA GLN D 131 27.52 24.26 39.99
C GLN D 131 29.03 24.36 40.04
N GLY D 132 29.58 25.43 40.59
CA GLY D 132 31.01 25.61 40.63
C GLY D 132 31.36 27.05 40.91
N PHE D 133 32.63 27.26 41.26
CA PHE D 133 33.09 28.57 41.67
C PHE D 133 34.08 29.12 40.66
N GLN D 134 34.09 30.44 40.51
CA GLN D 134 35.09 31.13 39.73
C GLN D 134 35.78 32.19 40.59
N LEU D 135 37.10 32.24 40.52
CA LEU D 135 37.92 33.00 41.44
C LEU D 135 38.97 33.78 40.67
N THR D 136 39.04 35.08 40.91
CA THR D 136 40.08 35.93 40.33
C THR D 136 40.97 36.45 41.43
N HIS D 137 42.27 36.22 41.30
CA HIS D 137 43.25 36.66 42.28
C HIS D 137 44.60 36.77 41.57
N SER D 138 45.67 36.88 42.35
CA SER D 138 47.01 36.99 41.81
C SER D 138 47.87 35.81 42.25
N LEU D 139 48.99 35.64 41.55
CA LEU D 139 50.05 34.74 42.00
C LEU D 139 51.37 35.46 42.23
N GLY D 140 51.46 36.74 41.88
CA GLY D 140 52.68 37.50 42.08
C GLY D 140 52.66 38.25 43.40
N GLY D 141 51.51 38.82 43.74
CA GLY D 141 51.38 39.63 44.93
C GLY D 141 51.28 38.82 46.21
N GLY D 142 50.83 39.48 47.27
CA GLY D 142 50.77 38.85 48.57
C GLY D 142 49.38 38.63 49.11
N THR D 143 48.44 39.51 48.78
CA THR D 143 47.09 39.40 49.31
C THR D 143 46.33 38.26 48.66
N GLY D 144 46.15 38.33 47.34
CA GLY D 144 45.41 37.29 46.65
C GLY D 144 46.12 35.97 46.59
N SER D 145 47.46 35.98 46.53
CA SER D 145 48.22 34.75 46.49
C SER D 145 48.39 34.13 47.87
N GLY D 146 48.05 34.85 48.93
CA GLY D 146 48.17 34.31 50.27
C GLY D 146 46.83 33.98 50.90
N MET D 147 45.82 34.80 50.63
CA MET D 147 44.49 34.62 51.19
C MET D 147 43.59 33.78 50.29
N GLY D 148 43.57 34.06 48.98
CA GLY D 148 42.84 33.23 48.04
C GLY D 148 43.41 31.83 47.88
N THR D 149 44.69 31.65 48.24
CA THR D 149 45.28 30.32 48.30
C THR D 149 44.58 29.46 49.36
N LEU D 150 44.38 30.01 50.55
CA LEU D 150 43.78 29.27 51.65
C LEU D 150 42.28 29.07 51.46
N LEU D 151 41.62 29.90 50.65
CA LEU D 151 40.17 29.80 50.48
C LEU D 151 39.77 28.52 49.76
N ILE D 152 40.58 28.08 48.80
CA ILE D 152 40.29 26.83 48.08
C ILE D 152 40.46 25.63 49.00
N SER D 153 41.31 25.75 50.02
CA SER D 153 41.49 24.68 50.98
C SER D 153 40.31 24.51 51.94
N LYS D 154 39.35 25.42 51.91
CA LYS D 154 38.15 25.30 52.73
C LYS D 154 36.87 25.19 51.92
N ILE D 155 36.93 25.38 50.60
CA ILE D 155 35.75 25.12 49.76
C ILE D 155 35.48 23.63 49.67
N ARG D 156 36.55 22.82 49.59
CA ARG D 156 36.41 21.37 49.48
C ARG D 156 35.82 20.74 50.75
N GLU D 157 35.96 21.40 51.89
CA GLU D 157 35.28 20.93 53.10
C GLU D 157 33.78 21.19 53.03
N GLU D 158 33.39 22.32 52.41
CA GLU D 158 31.97 22.59 52.21
C GLU D 158 31.42 21.82 51.01
N TYR D 159 32.12 21.87 49.88
CA TYR D 159 31.63 21.29 48.62
C TYR D 159 32.75 20.52 47.95
N PRO D 160 32.93 19.24 48.29
CA PRO D 160 33.94 18.42 47.62
C PRO D 160 33.51 17.90 46.25
N ASP D 161 32.45 18.46 45.66
CA ASP D 161 31.84 17.89 44.46
C ASP D 161 32.08 18.70 43.19
N ARG D 162 32.00 20.03 43.27
CA ARG D 162 31.89 20.84 42.07
C ARG D 162 33.27 21.27 41.57
N ILE D 163 33.28 22.21 40.64
CA ILE D 163 34.49 22.64 39.95
C ILE D 163 34.97 23.96 40.53
N MET D 164 36.24 24.26 40.30
CA MET D 164 36.89 25.43 40.88
C MET D 164 37.68 26.15 39.79
N SER D 165 37.19 27.31 39.37
CA SER D 165 37.90 28.14 38.40
C SER D 165 38.76 29.16 39.15
N SER D 166 40.07 29.01 39.03
CA SER D 166 41.03 29.90 39.71
C SER D 166 41.81 30.64 38.63
N PHE D 167 41.30 31.78 38.21
CA PHE D 167 41.94 32.60 37.20
C PHE D 167 42.91 33.53 37.90
N SER D 168 44.18 33.50 37.50
CA SER D 168 45.21 34.30 38.15
C SER D 168 46.34 34.61 37.18
N VAL D 169 46.93 35.80 37.33
CA VAL D 169 48.06 36.17 36.51
C VAL D 169 49.31 35.45 36.97
N VAL D 170 50.27 35.32 36.06
CA VAL D 170 51.48 34.55 36.32
C VAL D 170 52.70 35.39 36.00
N PRO D 171 53.88 35.08 36.56
CA PRO D 171 55.10 35.80 36.19
C PRO D 171 55.50 35.55 34.73
N SER D 172 56.31 36.48 34.20
CA SER D 172 56.87 36.54 32.86
C SER D 172 58.39 36.34 32.92
N PRO D 173 59.00 35.78 31.86
CA PRO D 173 60.46 35.62 31.88
C PRO D 173 61.24 36.90 31.69
N LYS D 174 60.63 37.94 31.13
CA LYS D 174 61.38 39.13 30.74
C LYS D 174 61.68 40.04 31.93
N VAL D 175 60.65 40.58 32.55
CA VAL D 175 60.79 41.53 33.66
C VAL D 175 59.92 41.05 34.81
N SER D 176 60.54 40.82 35.97
CA SER D 176 59.78 40.48 37.16
C SER D 176 59.02 41.70 37.68
N ASP D 177 57.86 41.45 38.29
CA ASP D 177 57.02 42.53 38.78
C ASP D 177 57.25 42.85 40.25
N THR D 178 57.38 41.84 41.11
CA THR D 178 57.70 42.05 42.52
C THR D 178 58.97 41.29 42.88
N VAL D 179 59.47 41.56 44.09
CA VAL D 179 60.75 41.01 44.50
C VAL D 179 60.60 39.55 44.94
N VAL D 180 59.51 39.23 45.63
CA VAL D 180 59.28 37.89 46.14
C VAL D 180 58.37 37.14 45.19
N GLU D 181 58.38 37.55 43.92
CA GLU D 181 57.54 36.92 42.90
C GLU D 181 57.84 35.44 42.65
N PRO D 182 59.08 34.93 42.65
CA PRO D 182 59.23 33.46 42.65
C PRO D 182 58.86 32.80 43.96
N TYR D 183 58.84 33.54 45.07
CA TYR D 183 58.35 32.96 46.32
C TYR D 183 56.83 32.85 46.33
N ASN D 184 56.14 33.81 45.73
CA ASN D 184 54.69 33.76 45.68
C ASN D 184 54.15 32.79 44.66
N ALA D 185 55.01 32.24 43.80
CA ALA D 185 54.57 31.29 42.78
C ALA D 185 54.66 29.84 43.25
N THR D 186 55.81 29.43 43.76
CA THR D 186 56.01 28.03 44.14
C THR D 186 55.16 27.66 45.35
N LEU D 187 54.98 28.59 46.27
CA LEU D 187 54.17 28.32 47.46
C LEU D 187 52.68 28.31 47.14
N SER D 188 52.26 29.04 46.10
CA SER D 188 50.85 29.04 45.72
C SER D 188 50.49 27.78 44.94
N VAL D 189 51.30 27.44 43.93
CA VAL D 189 51.05 26.28 43.06
C VAL D 189 51.11 24.98 43.86
N HIS D 190 51.89 24.97 44.96
CA HIS D 190 51.86 23.89 45.94
C HIS D 190 50.45 23.60 46.45
N GLN D 191 49.64 24.64 46.62
CA GLN D 191 48.25 24.46 46.98
C GLN D 191 47.32 24.42 45.77
N LEU D 192 47.77 24.91 44.62
CA LEU D 192 46.92 24.88 43.43
C LEU D 192 46.87 23.49 42.79
N VAL D 193 47.96 22.72 42.87
CA VAL D 193 47.92 21.37 42.33
C VAL D 193 47.22 20.40 43.26
N GLU D 194 46.87 20.84 44.47
CA GLU D 194 46.19 19.99 45.44
C GLU D 194 44.67 19.95 45.23
N ASN D 195 44.04 21.12 45.07
CA ASN D 195 42.59 21.19 45.17
C ASN D 195 41.93 22.07 44.11
N THR D 196 42.59 22.35 43.00
CA THR D 196 41.99 23.19 41.96
C THR D 196 41.75 22.38 40.70
N ASP D 197 40.97 22.96 39.80
CA ASP D 197 40.57 22.27 38.57
C ASP D 197 41.02 22.96 37.30
N GLU D 198 41.18 24.28 37.29
CA GLU D 198 41.80 24.96 36.16
C GLU D 198 42.43 26.27 36.61
N THR D 199 43.59 26.58 36.01
CA THR D 199 44.23 27.88 36.12
C THR D 199 44.56 28.36 34.71
N TYR D 200 44.36 29.64 34.45
CA TYR D 200 44.71 30.23 33.16
C TYR D 200 45.92 31.14 33.38
N CYS D 201 47.08 30.66 32.93
CA CYS D 201 48.34 31.37 33.10
C CYS D 201 48.42 32.49 32.07
N ILE D 202 48.00 33.69 32.46
CA ILE D 202 48.03 34.86 31.59
C ILE D 202 49.25 35.69 31.96
N ASP D 203 50.15 35.88 30.99
CA ASP D 203 51.31 36.73 31.21
C ASP D 203 50.95 38.19 31.04
N ASN D 204 51.48 39.02 31.95
CA ASN D 204 51.33 40.46 31.81
C ASN D 204 52.15 40.99 30.64
N GLU D 205 53.23 40.30 30.29
CA GLU D 205 54.13 40.77 29.24
C GLU D 205 53.50 40.65 27.86
N ALA D 206 52.94 39.48 27.55
CA ALA D 206 52.45 39.23 26.20
C ALA D 206 51.15 39.95 25.91
N LEU D 207 50.45 40.45 26.93
CA LEU D 207 49.25 41.25 26.69
C LEU D 207 49.57 42.57 26.02
N TYR D 208 50.75 43.13 26.29
CA TYR D 208 51.16 44.33 25.55
C TYR D 208 51.47 43.98 24.10
N ASP D 209 52.10 42.82 23.87
CA ASP D 209 52.42 42.37 22.52
C ASP D 209 51.17 42.10 21.69
N ILE D 210 50.08 41.72 22.35
CA ILE D 210 48.78 41.71 21.69
C ILE D 210 48.37 43.13 21.34
N CYS D 211 48.49 44.06 22.29
CA CYS D 211 48.03 45.42 22.08
C CYS D 211 48.96 46.20 21.16
N TYR D 212 50.26 45.88 21.16
CA TYR D 212 51.21 46.64 20.37
C TYR D 212 51.11 46.34 18.87
N ARG D 213 50.72 45.12 18.52
CA ARG D 213 50.66 44.69 17.13
C ARG D 213 49.26 44.71 16.56
N THR D 214 48.30 44.09 17.26
CA THR D 214 46.93 44.08 16.76
C THR D 214 46.23 45.40 17.02
N LEU D 215 46.15 45.80 18.30
CA LEU D 215 45.44 47.02 18.65
C LEU D 215 46.23 48.28 18.31
N LYS D 216 47.57 48.18 18.21
CA LYS D 216 48.47 49.30 17.91
C LYS D 216 48.34 50.44 18.90
N LEU D 217 47.94 50.14 20.13
CA LEU D 217 47.63 51.19 21.11
C LEU D 217 48.88 51.62 21.85
N THR D 218 49.20 52.91 21.74
CA THR D 218 50.42 53.45 22.33
C THR D 218 50.29 53.63 23.84
N ASN D 219 49.06 53.79 24.34
CA ASN D 219 48.81 54.10 25.75
C ASN D 219 47.98 52.99 26.38
N PRO D 220 48.62 51.92 26.87
CA PRO D 220 47.85 50.85 27.50
C PRO D 220 47.29 51.22 28.86
N THR D 221 46.00 51.50 28.90
CA THR D 221 45.31 51.73 30.16
C THR D 221 44.98 50.38 30.78
N TYR D 222 45.10 50.29 32.11
CA TYR D 222 44.79 49.04 32.80
C TYR D 222 43.32 48.66 32.73
N GLY D 223 42.44 49.60 32.39
CA GLY D 223 41.09 49.22 32.02
C GLY D 223 41.03 48.44 30.72
N ASP D 224 42.00 48.68 29.83
CA ASP D 224 41.98 48.04 28.52
C ASP D 224 42.66 46.67 28.52
N LEU D 225 43.64 46.46 29.39
CA LEU D 225 44.27 45.15 29.45
C LEU D 225 43.34 44.12 30.09
N ASN D 226 42.62 44.51 31.13
CA ASN D 226 41.61 43.63 31.72
C ASN D 226 40.38 43.50 30.82
N HIS D 227 40.18 44.45 29.92
CA HIS D 227 39.10 44.34 28.94
C HIS D 227 39.32 43.18 27.99
N LEU D 228 40.58 42.87 27.68
CA LEU D 228 40.88 41.67 26.90
C LEU D 228 40.84 40.42 27.77
N VAL D 229 40.97 40.58 29.09
CA VAL D 229 40.71 39.47 29.99
C VAL D 229 39.20 39.30 30.15
N SER D 230 38.45 40.40 30.04
CA SER D 230 37.01 40.37 30.23
C SER D 230 36.31 39.60 29.11
N LEU D 231 36.68 39.88 27.86
CA LEU D 231 36.03 39.20 26.74
C LEU D 231 36.44 37.73 26.64
N THR D 232 37.56 37.35 27.25
CA THR D 232 37.96 35.95 27.27
C THR D 232 37.05 35.14 28.18
N MET D 233 36.74 35.67 29.37
CA MET D 233 35.96 34.94 30.36
C MET D 233 34.49 34.84 29.96
N SER D 234 33.96 35.86 29.29
CA SER D 234 32.54 35.83 28.91
C SER D 234 32.28 34.84 27.79
N GLY D 235 33.26 34.59 26.94
CA GLY D 235 33.11 33.59 25.90
C GLY D 235 33.15 32.16 26.40
N VAL D 236 33.70 31.94 27.60
CA VAL D 236 33.77 30.59 28.14
C VAL D 236 32.40 30.13 28.60
N THR D 237 31.66 31.01 29.30
CA THR D 237 30.36 30.66 29.86
C THR D 237 29.21 31.05 28.96
N THR D 238 29.41 31.06 27.64
CA THR D 238 28.34 31.44 26.74
C THR D 238 27.29 30.36 26.57
N CYS D 239 27.61 29.10 26.89
CA CYS D 239 26.64 28.03 26.73
C CYS D 239 25.59 28.06 27.83
N LEU D 240 26.01 28.36 29.07
CA LEU D 240 25.10 28.40 30.19
C LEU D 240 24.18 29.62 30.15
N ARG D 241 24.51 30.61 29.33
CA ARG D 241 23.76 31.85 29.28
C ARG D 241 23.01 32.05 27.98
N PHE D 242 23.29 31.26 26.95
CA PHE D 242 22.68 31.46 25.65
C PHE D 242 22.45 30.11 25.00
N PRO D 243 21.36 29.97 24.22
CA PRO D 243 21.13 28.71 23.49
C PRO D 243 21.99 28.58 22.25
N GLY D 244 21.76 27.52 21.49
CA GLY D 244 22.52 27.31 20.26
C GLY D 244 22.34 25.89 19.78
N GLN D 245 23.12 25.53 18.77
CA GLN D 245 23.07 24.19 18.20
C GLN D 245 23.88 23.18 18.99
N LEU D 246 24.74 23.63 19.91
CA LEU D 246 25.54 22.70 20.71
C LEU D 246 25.94 23.43 21.98
N ASN D 247 25.46 22.96 23.13
CA ASN D 247 25.75 23.58 24.41
C ASN D 247 26.77 22.75 25.18
N ALA D 248 27.63 23.44 25.93
CA ALA D 248 28.78 22.82 26.59
C ALA D 248 29.08 23.59 27.87
N ASP D 249 28.73 23.01 29.02
CA ASP D 249 28.93 23.72 30.28
C ASP D 249 30.40 23.69 30.69
N LEU D 250 30.67 24.24 31.89
CA LEU D 250 32.04 24.32 32.39
C LEU D 250 32.59 22.94 32.72
N ARG D 251 31.73 22.01 33.13
CA ARG D 251 32.18 20.65 33.38
C ARG D 251 32.53 19.93 32.09
N LYS D 252 31.80 20.21 31.00
CA LYS D 252 32.16 19.62 29.71
C LYS D 252 33.46 20.21 29.19
N LEU D 253 33.69 21.50 29.47
CA LEU D 253 34.99 22.09 29.18
C LEU D 253 36.07 21.52 30.08
N ALA D 254 35.69 21.08 31.28
CA ALA D 254 36.66 20.43 32.16
C ALA D 254 36.98 19.02 31.68
N VAL D 255 35.95 18.19 31.49
CA VAL D 255 36.14 16.76 31.26
C VAL D 255 36.79 16.47 29.91
N ASN D 256 36.65 17.36 28.93
CA ASN D 256 37.24 17.12 27.62
C ASN D 256 38.74 17.35 27.61
N MET D 257 39.23 18.18 28.53
CA MET D 257 40.58 18.70 28.42
C MET D 257 41.57 18.00 29.34
N VAL D 258 41.30 17.99 30.65
CA VAL D 258 42.30 17.57 31.63
C VAL D 258 42.48 16.06 31.63
N PRO D 259 43.67 15.56 31.28
CA PRO D 259 43.84 14.11 31.10
C PRO D 259 44.24 13.37 32.37
N PHE D 260 44.83 14.10 33.31
CA PHE D 260 45.42 13.56 34.52
C PHE D 260 45.25 14.64 35.59
N PRO D 261 45.05 14.25 36.86
CA PRO D 261 44.57 15.23 37.87
C PRO D 261 45.52 16.36 38.23
N ARG D 262 46.68 16.48 37.57
CA ARG D 262 47.54 17.65 37.73
C ARG D 262 47.56 18.55 36.51
N LEU D 263 47.52 17.99 35.30
CA LEU D 263 47.77 18.76 34.08
C LEU D 263 46.49 19.45 33.65
N HIS D 264 46.24 20.62 34.24
CA HIS D 264 45.07 21.42 33.93
C HIS D 264 45.44 22.88 33.82
N PHE D 265 46.61 23.16 33.25
CA PHE D 265 47.19 24.50 33.24
C PHE D 265 47.13 25.00 31.80
N PHE D 266 46.11 25.78 31.49
CA PHE D 266 45.70 26.04 30.12
C PHE D 266 45.91 27.51 29.78
N MET D 267 46.28 27.77 28.53
CA MET D 267 46.35 29.17 28.14
C MET D 267 45.19 29.53 27.22
N PRO D 268 44.62 30.72 27.36
CA PRO D 268 43.47 31.11 26.53
C PRO D 268 43.90 31.86 25.26
N GLY D 269 42.94 32.00 24.36
CA GLY D 269 43.16 32.72 23.12
C GLY D 269 41.86 33.30 22.61
N PHE D 270 41.97 34.39 21.84
CA PHE D 270 40.80 35.07 21.33
C PHE D 270 41.09 35.65 19.95
N ALA D 271 40.11 35.51 19.05
CA ALA D 271 40.14 36.07 17.71
C ALA D 271 38.72 36.51 17.37
N PRO D 272 38.54 37.60 16.62
CA PRO D 272 39.53 38.50 16.00
C PRO D 272 40.10 39.55 16.94
N LEU D 273 41.31 40.02 16.61
CA LEU D 273 41.99 41.07 17.37
C LEU D 273 42.76 41.92 16.36
N SER D 274 42.35 43.17 16.20
CA SER D 274 43.07 44.13 15.38
C SER D 274 42.66 45.53 15.79
N ALA D 275 43.27 46.52 15.14
CA ALA D 275 42.98 47.92 15.42
C ALA D 275 41.71 48.39 14.72
N LYS D 276 41.50 49.70 14.68
CA LYS D 276 40.28 50.25 14.10
C LYS D 276 40.29 50.18 12.57
N GLY D 277 41.36 50.67 11.94
CA GLY D 277 41.35 50.91 10.50
C GLY D 277 41.47 49.66 9.64
N THR D 278 41.80 48.52 10.22
CA THR D 278 41.94 47.28 9.47
C THR D 278 40.68 46.43 9.48
N GLN D 279 39.51 47.05 9.59
CA GLN D 279 38.26 46.30 9.66
C GLN D 279 37.88 45.74 8.31
N ALA D 280 37.68 46.60 7.31
CA ALA D 280 37.19 46.17 6.01
C ALA D 280 38.25 45.47 5.17
N TYR D 281 39.53 45.75 5.41
CA TYR D 281 40.59 45.27 4.55
C TYR D 281 40.90 43.79 4.72
N ARG D 282 40.42 43.14 5.77
CA ARG D 282 40.57 41.71 5.93
C ARG D 282 39.21 41.04 5.77
N ALA D 283 39.18 39.71 5.88
CA ALA D 283 38.00 38.92 5.62
C ALA D 283 37.47 38.30 6.91
N LEU D 284 36.15 38.31 7.04
CA LEU D 284 35.48 37.64 8.16
C LEU D 284 34.97 36.28 7.69
N THR D 285 35.92 35.40 7.41
CA THR D 285 35.62 34.04 7.01
C THR D 285 35.99 33.09 8.14
N VAL D 286 35.61 31.82 7.97
CA VAL D 286 36.04 30.80 8.91
C VAL D 286 37.54 30.56 8.77
N ALA D 287 38.08 30.70 7.56
CA ALA D 287 39.49 30.45 7.32
C ALA D 287 40.37 31.54 7.90
N GLU D 288 39.93 32.80 7.85
CA GLU D 288 40.76 33.87 8.40
C GLU D 288 40.74 33.84 9.92
N LEU D 289 39.59 33.52 10.51
CA LEU D 289 39.52 33.39 11.96
C LEU D 289 40.18 32.12 12.47
N THR D 290 40.44 31.14 11.60
CA THR D 290 41.07 29.91 12.05
C THR D 290 42.56 30.13 12.33
N GLN D 291 43.29 30.66 11.35
CA GLN D 291 44.75 30.69 11.45
C GLN D 291 45.24 31.75 12.42
N GLN D 292 44.39 32.72 12.77
CA GLN D 292 44.74 33.65 13.84
C GLN D 292 44.82 32.94 15.17
N MET D 293 43.94 31.97 15.40
CA MET D 293 43.86 31.23 16.66
C MET D 293 45.09 30.39 16.94
N PHE D 294 45.86 30.05 15.91
CA PHE D 294 46.98 29.13 16.04
C PHE D 294 48.31 29.81 15.73
N ASP D 295 48.38 31.10 16.03
CA ASP D 295 49.59 31.90 15.87
C ASP D 295 50.22 32.13 17.24
N ALA D 296 51.52 32.44 17.23
CA ALA D 296 52.19 32.88 18.46
C ALA D 296 51.70 34.26 18.89
N LYS D 297 51.14 35.03 17.96
CA LYS D 297 50.55 36.32 18.28
C LYS D 297 49.36 36.17 19.24
N ASN D 298 48.51 35.18 19.01
CA ASN D 298 47.32 34.99 19.83
C ASN D 298 47.64 34.32 21.16
N MET D 299 48.87 33.89 21.40
CA MET D 299 49.27 33.31 22.66
C MET D 299 49.29 34.40 23.72
N MET D 300 48.27 34.41 24.59
CA MET D 300 48.18 35.42 25.64
C MET D 300 49.27 35.29 26.68
N ALA D 301 49.83 34.10 26.86
CA ALA D 301 51.04 33.92 27.64
C ALA D 301 52.25 34.03 26.72
N ALA D 302 53.40 34.34 27.32
CA ALA D 302 54.64 34.52 26.56
C ALA D 302 55.42 33.21 26.50
N CYS D 303 54.77 32.19 25.97
CA CYS D 303 55.39 30.90 25.71
C CYS D 303 55.21 30.59 24.23
N ASP D 304 56.14 29.79 23.69
CA ASP D 304 56.22 29.61 22.25
C ASP D 304 55.39 28.40 21.86
N PRO D 305 54.34 28.55 21.05
CA PRO D 305 53.46 27.41 20.75
C PRO D 305 54.08 26.34 19.87
N ARG D 306 55.09 26.69 19.08
CA ARG D 306 55.85 25.70 18.31
C ARG D 306 57.01 25.11 19.10
N HIS D 307 57.04 25.32 20.42
CA HIS D 307 57.94 24.62 21.32
C HIS D 307 57.18 23.63 22.21
N GLY D 308 55.96 23.27 21.82
CA GLY D 308 55.15 22.33 22.56
C GLY D 308 54.22 21.58 21.63
N ARG D 309 53.16 21.02 22.20
CA ARG D 309 52.20 20.19 21.48
C ARG D 309 50.81 20.46 22.04
N TYR D 310 49.86 20.71 21.15
CA TYR D 310 48.47 20.88 21.56
C TYR D 310 47.86 19.51 21.89
N LEU D 311 47.39 19.36 23.12
CA LEU D 311 46.73 18.12 23.52
C LEU D 311 45.22 18.19 23.25
N THR D 312 44.54 19.14 23.86
CA THR D 312 43.10 19.32 23.70
C THR D 312 42.81 20.72 23.20
N VAL D 313 42.26 20.81 21.99
CA VAL D 313 41.93 22.08 21.34
C VAL D 313 40.46 22.37 21.59
N ALA D 314 40.18 23.45 22.30
CA ALA D 314 38.82 23.86 22.61
C ALA D 314 38.45 25.06 21.75
N ALA D 315 37.46 24.88 20.89
CA ALA D 315 37.02 25.91 19.96
C ALA D 315 35.62 26.35 20.35
N MET D 316 35.54 27.45 21.09
CA MET D 316 34.27 28.04 21.51
C MET D 316 33.96 29.18 20.54
N PHE D 317 33.23 28.87 19.48
CA PHE D 317 32.94 29.83 18.43
C PHE D 317 31.62 30.53 18.74
N ARG D 318 31.57 31.82 18.44
CA ARG D 318 30.43 32.66 18.79
C ARG D 318 29.96 33.41 17.56
N GLY D 319 28.71 33.16 17.17
CA GLY D 319 28.11 33.79 16.01
C GLY D 319 27.45 32.77 15.10
N ARG D 320 26.58 33.28 14.23
CA ARG D 320 25.91 32.46 13.23
C ARG D 320 26.93 32.01 12.21
N MET D 321 27.29 30.73 12.25
CA MET D 321 28.36 30.18 11.43
C MET D 321 27.87 28.92 10.73
N SER D 322 28.58 28.57 9.66
CA SER D 322 28.34 27.33 8.94
C SER D 322 29.12 26.21 9.61
N MET D 323 28.42 25.15 10.00
CA MET D 323 29.03 24.07 10.78
C MET D 323 30.04 23.28 9.97
N ARG D 324 29.80 23.13 8.66
CA ARG D 324 30.67 22.29 7.83
C ARG D 324 32.03 22.94 7.62
N GLU D 325 32.07 24.27 7.49
CA GLU D 325 33.35 24.96 7.36
C GLU D 325 34.13 24.91 8.66
N VAL D 326 33.43 24.87 9.80
CA VAL D 326 34.08 24.52 11.05
C VAL D 326 34.55 23.07 11.02
N ASP D 327 33.71 22.18 10.49
CA ASP D 327 34.10 20.78 10.34
C ASP D 327 35.18 20.59 9.30
N GLU D 328 35.28 21.51 8.33
CA GLU D 328 36.31 21.40 7.30
C GLU D 328 37.69 21.71 7.86
N GLN D 329 37.83 22.88 8.49
CA GLN D 329 39.14 23.41 8.78
C GLN D 329 39.77 22.81 10.03
N MET D 330 38.95 22.36 10.97
CA MET D 330 39.49 21.68 12.15
C MET D 330 40.09 20.33 11.78
N LEU D 331 39.64 19.72 10.69
CA LEU D 331 40.39 18.62 10.10
C LEU D 331 41.68 19.12 9.48
N ASN D 332 41.63 20.28 8.82
CA ASN D 332 42.73 20.72 7.98
C ASN D 332 43.94 21.17 8.79
N VAL D 333 43.74 21.55 10.06
CA VAL D 333 44.88 21.94 10.87
C VAL D 333 45.72 20.72 11.25
N GLN D 334 45.08 19.57 11.47
CA GLN D 334 45.82 18.38 11.82
C GLN D 334 46.50 17.75 10.60
N ASN D 335 45.96 17.99 9.41
CA ASN D 335 46.64 17.60 8.18
C ASN D 335 47.84 18.50 7.89
N LYS D 336 47.87 19.70 8.48
CA LYS D 336 49.04 20.59 8.38
C LYS D 336 50.00 20.39 9.53
N ASN D 337 49.48 20.34 10.76
CA ASN D 337 50.27 20.51 11.97
C ASN D 337 50.26 19.26 12.85
N SER D 338 50.45 18.08 12.24
CA SER D 338 50.42 16.83 12.99
C SER D 338 51.58 16.71 13.97
N SER D 339 52.71 17.36 13.69
CA SER D 339 53.78 17.43 14.68
C SER D 339 53.40 18.33 15.84
N TYR D 340 52.55 19.32 15.60
CA TYR D 340 52.16 20.27 16.65
C TYR D 340 51.12 19.71 17.61
N PHE D 341 50.66 18.48 17.41
CA PHE D 341 49.77 17.82 18.35
C PHE D 341 50.52 16.71 19.07
N VAL D 342 49.95 16.29 20.20
CA VAL D 342 50.31 14.99 20.76
C VAL D 342 49.82 13.91 19.80
N GLU D 343 50.63 12.86 19.66
CA GLU D 343 50.36 11.87 18.62
C GLU D 343 49.37 10.79 19.06
N TRP D 344 49.47 10.33 20.30
CA TRP D 344 48.68 9.18 20.72
C TRP D 344 47.25 9.54 21.12
N ILE D 345 46.89 10.82 21.16
CA ILE D 345 45.52 11.24 21.43
C ILE D 345 44.90 11.63 20.08
N PRO D 346 44.00 10.82 19.52
CA PRO D 346 43.39 11.17 18.24
C PRO D 346 42.28 12.19 18.41
N ASN D 347 42.07 12.97 17.34
CA ASN D 347 40.97 13.93 17.20
C ASN D 347 41.01 14.98 18.32
N ASN D 348 42.08 15.77 18.28
CA ASN D 348 42.40 16.70 19.34
C ASN D 348 41.47 17.91 19.40
N VAL D 349 40.57 18.09 18.44
CA VAL D 349 39.72 19.27 18.39
C VAL D 349 38.41 18.99 19.12
N LYS D 350 38.09 19.84 20.09
CA LYS D 350 36.76 19.89 20.69
C LYS D 350 36.08 21.19 20.26
N THR D 351 34.89 21.07 19.71
CA THR D 351 34.16 22.20 19.15
C THR D 351 32.85 22.40 19.88
N ALA D 352 32.64 23.62 20.37
CA ALA D 352 31.35 24.04 20.93
C ALA D 352 30.96 25.34 20.27
N VAL D 353 29.77 25.39 19.69
CA VAL D 353 29.33 26.54 18.92
C VAL D 353 28.01 27.04 19.50
N CYS D 354 28.04 28.24 20.06
CA CYS D 354 26.82 28.98 20.32
C CYS D 354 26.57 29.96 19.18
N ASP D 355 25.31 30.17 18.87
CA ASP D 355 24.91 30.97 17.72
C ASP D 355 24.76 32.45 18.05
N ILE D 356 25.41 32.92 19.11
CA ILE D 356 25.34 34.31 19.54
C ILE D 356 26.75 34.87 19.63
N PRO D 357 27.09 35.91 18.88
CA PRO D 357 28.42 36.50 18.98
C PRO D 357 28.45 37.52 20.10
N PRO D 358 29.64 37.92 20.57
CA PRO D 358 29.71 39.01 21.56
C PRO D 358 29.36 40.35 20.93
N ARG D 359 29.11 41.33 21.79
CA ARG D 359 28.70 42.65 21.35
C ARG D 359 29.91 43.41 20.81
N GLY D 360 29.83 43.82 19.55
CA GLY D 360 30.90 44.53 18.89
C GLY D 360 31.47 43.83 17.67
N LEU D 361 31.05 42.60 17.37
CA LEU D 361 31.56 41.84 16.23
C LEU D 361 30.39 41.21 15.50
N LYS D 362 30.71 40.35 14.53
CA LYS D 362 29.74 39.50 13.86
C LYS D 362 30.06 38.03 14.00
N MET D 363 31.32 37.69 14.24
CA MET D 363 31.76 36.31 14.35
C MET D 363 33.08 36.31 15.11
N ALA D 364 33.12 35.56 16.21
CA ALA D 364 34.28 35.57 17.09
C ALA D 364 34.65 34.14 17.44
N ALA D 365 35.82 34.00 18.04
CA ALA D 365 36.35 32.69 18.40
C ALA D 365 37.04 32.79 19.75
N THR D 366 36.62 31.94 20.70
CA THR D 366 37.20 31.91 22.03
C THR D 366 37.98 30.61 22.16
N PHE D 367 39.30 30.73 22.24
CA PHE D 367 40.19 29.58 22.24
C PHE D 367 40.78 29.35 23.63
N VAL D 368 40.82 28.09 24.04
CA VAL D 368 41.58 27.65 25.19
C VAL D 368 42.39 26.42 24.75
N GLY D 369 43.71 26.48 24.94
CA GLY D 369 44.57 25.43 24.46
C GLY D 369 45.36 24.79 25.60
N ASN D 370 45.98 23.66 25.27
CA ASN D 370 46.86 22.92 26.18
C ASN D 370 48.14 22.62 25.42
N SER D 371 49.07 23.57 25.42
CA SER D 371 50.40 23.33 24.90
C SER D 371 51.28 22.75 26.00
N THR D 372 52.16 21.82 25.63
CA THR D 372 53.13 21.32 26.59
C THR D 372 54.38 22.18 26.66
N ALA D 373 54.39 23.32 25.97
CA ALA D 373 55.39 24.36 26.16
C ALA D 373 55.12 25.21 27.40
N ILE D 374 53.98 25.01 28.08
CA ILE D 374 53.74 25.62 29.37
C ILE D 374 54.55 24.96 30.47
N GLN D 375 55.19 23.83 30.15
CA GLN D 375 56.24 23.25 30.98
C GLN D 375 57.35 24.25 31.25
N GLU D 376 57.68 25.08 30.24
CA GLU D 376 58.72 26.10 30.42
C GLU D 376 58.31 27.22 31.35
N LEU D 377 57.00 27.40 31.60
CA LEU D 377 56.58 28.36 32.61
C LEU D 377 57.01 27.94 34.00
N PHE D 378 57.01 26.65 34.27
CA PHE D 378 57.45 26.15 35.56
C PHE D 378 58.92 25.77 35.56
N LYS D 379 59.56 25.77 34.40
CA LYS D 379 61.01 25.65 34.35
C LYS D 379 61.69 26.95 34.76
N ARG D 380 61.16 28.08 34.27
CA ARG D 380 61.82 29.36 34.50
C ARG D 380 61.64 29.87 35.93
N ILE D 381 60.55 29.49 36.59
CA ILE D 381 60.30 30.00 37.93
C ILE D 381 60.95 29.10 38.98
N SER D 382 61.11 27.80 38.68
CA SER D 382 61.77 26.90 39.61
C SER D 382 63.26 27.20 39.76
N GLU D 383 63.86 27.88 38.78
CA GLU D 383 65.24 28.33 38.96
C GLU D 383 65.30 29.64 39.73
N GLN D 384 64.36 30.55 39.48
CA GLN D 384 64.32 31.81 40.23
C GLN D 384 63.90 31.58 41.67
N PHE D 385 63.02 30.60 41.91
CA PHE D 385 62.69 30.21 43.28
C PHE D 385 63.90 29.63 43.99
N THR D 386 64.67 28.80 43.31
CA THR D 386 65.91 28.26 43.84
C THR D 386 67.11 29.15 43.55
N ALA D 387 66.89 30.39 43.13
CA ALA D 387 67.99 31.34 43.01
C ALA D 387 68.29 31.99 44.35
N MET D 388 67.27 32.19 45.18
CA MET D 388 67.42 32.90 46.44
C MET D 388 67.36 32.00 47.65
N PHE D 389 66.84 30.77 47.50
CA PHE D 389 66.87 29.83 48.62
C PHE D 389 68.27 29.31 48.86
N ARG D 390 69.12 29.31 47.82
CA ARG D 390 70.51 28.92 47.99
C ARG D 390 71.31 29.91 48.82
N ARG D 391 70.84 31.15 48.92
CA ARG D 391 71.48 32.14 49.79
C ARG D 391 70.62 32.47 51.01
N LYS D 392 69.43 31.87 51.11
CA LYS D 392 68.53 31.98 52.27
C LYS D 392 68.09 33.43 52.53
N ALA D 393 67.97 34.20 51.46
CA ALA D 393 67.55 35.59 51.59
C ALA D 393 66.05 35.66 51.86
N PHE D 394 65.64 36.76 52.52
CA PHE D 394 64.25 37.06 52.85
C PHE D 394 63.61 36.01 53.74
N LEU D 395 64.43 35.25 54.46
CA LEU D 395 63.90 34.20 55.34
C LEU D 395 63.28 34.80 56.58
N HIS D 396 63.73 35.99 56.97
CA HIS D 396 63.22 36.68 58.15
C HIS D 396 61.88 37.38 57.91
N TRP D 397 61.34 37.32 56.70
CA TRP D 397 59.96 37.74 56.46
C TRP D 397 59.00 36.57 56.44
N TYR D 398 59.51 35.34 56.47
CA TYR D 398 58.70 34.13 56.46
C TYR D 398 58.84 33.32 57.74
N THR D 399 60.07 33.01 58.13
CA THR D 399 60.31 32.35 59.42
C THR D 399 59.98 33.29 60.58
N GLY D 400 60.18 34.59 60.39
CA GLY D 400 59.68 35.58 61.33
C GLY D 400 58.17 35.58 61.45
N GLU D 401 57.47 35.18 60.39
CA GLU D 401 56.05 34.87 60.49
C GLU D 401 55.81 33.46 60.97
N GLY D 402 56.79 32.56 60.84
CA GLY D 402 56.64 31.19 61.29
C GLY D 402 56.50 30.17 60.19
N MET D 403 57.26 30.34 59.11
CA MET D 403 57.22 29.42 57.98
C MET D 403 58.32 28.39 58.12
N ASP D 404 58.02 27.15 57.71
CA ASP D 404 58.98 26.07 57.73
C ASP D 404 59.92 26.15 56.54
N GLU D 405 61.16 25.71 56.75
CA GLU D 405 62.08 25.54 55.63
C GLU D 405 61.69 24.36 54.77
N MET D 406 61.11 23.32 55.38
CA MET D 406 60.62 22.17 54.62
C MET D 406 59.41 22.52 53.78
N GLU D 407 58.67 23.57 54.15
CA GLU D 407 57.56 24.06 53.34
C GLU D 407 58.04 24.57 51.98
N PHE D 408 59.28 25.07 51.92
CA PHE D 408 59.89 25.38 50.63
C PHE D 408 60.19 24.10 49.86
N THR D 409 60.90 23.16 50.49
CA THR D 409 61.44 22.00 49.78
C THR D 409 60.36 20.99 49.40
N GLU D 410 59.29 20.88 50.21
CA GLU D 410 58.17 20.03 49.82
C GLU D 410 57.45 20.59 48.60
N ALA D 411 57.31 21.92 48.53
CA ALA D 411 56.81 22.55 47.31
C ALA D 411 57.80 22.43 46.17
N GLU D 412 59.11 22.48 46.49
CA GLU D 412 60.13 22.45 45.45
C GLU D 412 60.23 21.09 44.80
N SER D 413 59.97 20.00 45.54
CA SER D 413 59.97 18.68 44.94
C SER D 413 58.73 18.48 44.08
N ASN D 414 57.57 18.96 44.55
CA ASN D 414 56.34 18.84 43.78
C ASN D 414 56.30 19.81 42.60
N MET D 415 57.08 20.89 42.65
CA MET D 415 57.22 21.74 41.47
C MET D 415 57.99 21.04 40.36
N ASN D 416 59.03 20.29 40.72
CA ASN D 416 59.87 19.63 39.73
C ASN D 416 59.27 18.34 39.21
N ASP D 417 58.37 17.72 39.97
CA ASP D 417 57.62 16.58 39.44
C ASP D 417 56.59 17.01 38.42
N LEU D 418 56.16 18.27 38.47
CA LEU D 418 55.13 18.78 37.57
C LEU D 418 55.64 18.85 36.13
N ILE D 419 56.87 19.34 35.95
CA ILE D 419 57.44 19.40 34.60
C ILE D 419 57.86 18.02 34.10
N SER D 420 58.00 17.04 35.00
CA SER D 420 58.24 15.67 34.56
C SER D 420 57.00 15.05 33.94
N GLU D 421 55.82 15.57 34.29
CA GLU D 421 54.59 14.99 33.78
C GLU D 421 54.22 15.53 32.40
N TYR D 422 54.60 16.78 32.10
CA TYR D 422 54.57 17.22 30.71
C TYR D 422 55.60 16.47 29.88
N GLN D 423 56.73 16.11 30.48
CA GLN D 423 57.78 15.35 29.81
C GLN D 423 57.36 13.91 29.55
N GLN D 424 56.36 13.42 30.29
CA GLN D 424 55.94 12.02 30.20
C GLN D 424 55.35 11.70 28.83
N TYR D 425 54.62 12.63 28.24
CA TYR D 425 53.90 12.37 27.00
C TYR D 425 54.33 13.25 25.84
N GLN D 426 55.31 14.13 26.04
CA GLN D 426 55.75 15.03 24.96
C GLN D 426 56.53 14.27 23.90
N MET E 1 -31.66 -49.61 -71.36
CA MET E 1 -31.28 -49.76 -72.76
C MET E 1 -29.80 -49.41 -72.94
N ARG E 2 -29.44 -48.95 -74.13
CA ARG E 2 -28.06 -48.52 -74.37
C ARG E 2 -27.82 -47.18 -73.68
N GLU E 3 -26.68 -47.07 -73.01
CA GLU E 3 -26.32 -45.90 -72.21
C GLU E 3 -24.82 -45.67 -72.30
N VAL E 4 -24.42 -44.45 -72.67
CA VAL E 4 -23.03 -44.12 -72.92
C VAL E 4 -22.59 -43.05 -71.92
N ILE E 5 -21.39 -43.23 -71.36
CA ILE E 5 -20.83 -42.36 -70.32
C ILE E 5 -19.74 -41.50 -70.96
N SER E 6 -19.68 -40.23 -70.56
CA SER E 6 -18.66 -39.30 -71.02
C SER E 6 -17.74 -38.92 -69.86
N ILE E 7 -16.45 -38.79 -70.15
CA ILE E 7 -15.46 -38.36 -69.16
C ILE E 7 -14.69 -37.18 -69.73
N HIS E 8 -14.49 -36.15 -68.92
CA HIS E 8 -13.87 -34.90 -69.37
C HIS E 8 -12.65 -34.64 -68.50
N VAL E 9 -11.46 -34.83 -69.06
CA VAL E 9 -10.21 -34.73 -68.32
C VAL E 9 -9.36 -33.63 -68.95
N GLY E 10 -9.01 -32.63 -68.16
CA GLY E 10 -8.25 -31.51 -68.65
C GLY E 10 -9.13 -30.33 -69.02
N GLN E 11 -8.48 -29.18 -69.25
CA GLN E 11 -9.22 -27.97 -69.60
C GLN E 11 -9.83 -28.07 -70.99
N ALA E 12 -9.19 -28.82 -71.89
CA ALA E 12 -9.83 -29.14 -73.16
C ALA E 12 -11.02 -30.06 -72.96
N GLY E 13 -10.98 -30.89 -71.91
CA GLY E 13 -12.16 -31.65 -71.55
C GLY E 13 -13.28 -30.78 -71.01
N VAL E 14 -12.94 -29.65 -70.40
CA VAL E 14 -13.94 -28.84 -69.72
C VAL E 14 -14.82 -28.10 -70.73
N GLN E 15 -14.21 -27.27 -71.58
CA GLN E 15 -15.00 -26.36 -72.40
C GLN E 15 -15.51 -26.99 -73.68
N ILE E 16 -14.87 -28.04 -74.19
CA ILE E 16 -15.48 -28.81 -75.27
C ILE E 16 -16.71 -29.54 -74.77
N GLY E 17 -16.65 -30.08 -73.54
CA GLY E 17 -17.84 -30.61 -72.91
C GLY E 17 -18.85 -29.55 -72.55
N ASN E 18 -18.40 -28.30 -72.35
CA ASN E 18 -19.33 -27.20 -72.14
C ASN E 18 -20.04 -26.79 -73.42
N ALA E 19 -19.60 -27.29 -74.58
CA ALA E 19 -20.29 -27.02 -75.83
C ALA E 19 -21.14 -28.20 -76.28
N CYS E 20 -20.62 -29.42 -76.13
CA CYS E 20 -21.33 -30.60 -76.62
C CYS E 20 -22.60 -30.88 -75.83
N TRP E 21 -22.52 -30.78 -74.49
CA TRP E 21 -23.70 -30.95 -73.67
C TRP E 21 -24.62 -29.74 -73.76
N GLU E 22 -24.06 -28.58 -74.10
CA GLU E 22 -24.88 -27.42 -74.43
C GLU E 22 -25.65 -27.64 -75.72
N LEU E 23 -25.01 -28.27 -76.71
CA LEU E 23 -25.65 -28.50 -78.00
C LEU E 23 -26.74 -29.57 -77.89
N TYR E 24 -26.55 -30.57 -77.04
CA TYR E 24 -27.50 -31.67 -76.95
C TYR E 24 -28.79 -31.24 -76.26
N CYS E 25 -28.71 -30.23 -75.39
CA CYS E 25 -29.91 -29.62 -74.82
C CYS E 25 -30.76 -28.94 -75.88
N LEU E 26 -30.16 -28.49 -76.97
CA LEU E 26 -30.94 -27.93 -78.07
C LEU E 26 -31.55 -29.04 -78.92
N GLU E 27 -30.78 -30.09 -79.21
CA GLU E 27 -31.24 -31.10 -80.15
C GLU E 27 -32.22 -32.10 -79.53
N HIS E 28 -32.45 -32.04 -78.23
CA HIS E 28 -33.51 -32.84 -77.60
C HIS E 28 -34.57 -31.98 -76.94
N GLY E 29 -34.38 -30.67 -76.85
CA GLY E 29 -35.38 -29.81 -76.25
C GLY E 29 -35.38 -29.83 -74.74
N ILE E 30 -34.20 -29.87 -74.12
CA ILE E 30 -34.08 -29.94 -72.67
C ILE E 30 -33.58 -28.59 -72.16
N GLN E 31 -34.30 -28.03 -71.20
CA GLN E 31 -33.90 -26.75 -70.61
C GLN E 31 -32.68 -26.94 -69.72
N PRO E 32 -31.78 -25.95 -69.66
CA PRO E 32 -30.51 -26.15 -68.95
C PRO E 32 -30.62 -26.21 -67.43
N ASP E 33 -31.79 -25.91 -66.85
CA ASP E 33 -31.91 -25.96 -65.40
C ASP E 33 -31.89 -27.39 -64.88
N GLY E 34 -32.35 -28.34 -65.68
CA GLY E 34 -32.30 -29.74 -65.30
C GLY E 34 -33.54 -30.53 -65.68
N THR E 35 -34.67 -29.86 -65.79
CA THR E 35 -35.93 -30.49 -66.16
C THR E 35 -36.19 -30.25 -67.65
N MET E 36 -37.26 -30.88 -68.14
CA MET E 36 -37.63 -30.73 -69.53
C MET E 36 -38.98 -30.05 -69.65
N PRO E 37 -39.22 -29.30 -70.72
CA PRO E 37 -40.58 -28.88 -71.04
C PRO E 37 -41.35 -30.01 -71.70
N THR E 38 -42.66 -30.02 -71.46
CA THR E 38 -43.52 -31.11 -71.92
C THR E 38 -43.74 -31.11 -73.42
N GLN E 39 -43.36 -30.03 -74.13
CA GLN E 39 -43.49 -30.01 -75.58
C GLN E 39 -42.46 -30.90 -76.25
N SER E 40 -41.31 -31.11 -75.62
CA SER E 40 -40.19 -31.84 -76.24
C SER E 40 -40.17 -33.31 -75.86
N THR E 41 -41.34 -33.92 -75.61
CA THR E 41 -41.37 -35.36 -75.37
C THR E 41 -41.35 -36.13 -76.68
N ASN E 42 -42.09 -35.65 -77.68
CA ASN E 42 -42.08 -36.27 -79.00
C ASN E 42 -40.74 -36.10 -79.70
N GLU E 43 -40.07 -34.96 -79.49
CA GLU E 43 -38.67 -34.83 -79.91
C GLU E 43 -37.77 -35.76 -79.12
N GLY E 44 -38.08 -35.97 -77.84
CA GLY E 44 -37.31 -36.86 -76.98
C GLY E 44 -37.58 -38.32 -77.27
N GLU E 45 -37.11 -38.79 -78.42
CA GLU E 45 -37.32 -40.17 -78.85
C GLU E 45 -35.99 -40.90 -78.76
N SER E 46 -35.90 -41.81 -77.77
CA SER E 46 -34.69 -42.58 -77.44
C SER E 46 -33.51 -41.66 -77.12
N PHE E 47 -33.69 -40.86 -76.08
CA PHE E 47 -32.64 -40.01 -75.53
C PHE E 47 -31.97 -40.62 -74.31
N THR E 48 -32.16 -41.92 -74.09
CA THR E 48 -31.80 -42.55 -72.84
C THR E 48 -30.32 -42.90 -72.75
N THR E 49 -29.54 -42.65 -73.80
CA THR E 49 -28.14 -43.06 -73.77
C THR E 49 -27.27 -42.16 -72.91
N PHE E 50 -27.75 -40.96 -72.56
CA PHE E 50 -26.97 -39.98 -71.82
C PHE E 50 -27.62 -39.50 -70.54
N PHE E 51 -28.95 -39.58 -70.43
CA PHE E 51 -29.69 -38.85 -69.41
C PHE E 51 -30.52 -39.82 -68.57
N SER E 52 -30.11 -39.99 -67.31
CA SER E 52 -30.92 -40.71 -66.34
C SER E 52 -32.17 -39.92 -66.01
N ASP E 53 -33.22 -40.62 -65.62
CA ASP E 53 -34.46 -39.97 -65.20
C ASP E 53 -34.46 -39.84 -63.68
N THR E 54 -35.03 -38.75 -63.19
CA THR E 54 -35.02 -38.45 -61.76
C THR E 54 -36.30 -37.71 -61.39
N GLY E 55 -37.16 -38.38 -60.64
CA GLY E 55 -38.29 -37.73 -59.99
C GLY E 55 -39.39 -37.31 -60.93
N SER E 56 -39.13 -36.27 -61.72
CA SER E 56 -40.06 -35.82 -62.75
C SER E 56 -39.23 -35.19 -63.87
N GLY E 57 -38.84 -36.03 -64.83
CA GLY E 57 -38.14 -35.60 -66.03
C GLY E 57 -36.79 -34.94 -65.85
N ARG E 58 -36.22 -34.96 -64.64
CA ARG E 58 -35.00 -34.23 -64.39
C ARG E 58 -33.82 -35.09 -64.84
N TYR E 59 -33.03 -34.56 -65.77
CA TYR E 59 -32.14 -35.38 -66.59
C TYR E 59 -30.70 -34.99 -66.29
N VAL E 60 -30.03 -35.80 -65.48
CA VAL E 60 -28.61 -35.58 -65.21
C VAL E 60 -27.81 -36.16 -66.37
N PRO E 61 -26.75 -35.50 -66.80
CA PRO E 61 -25.89 -36.08 -67.84
C PRO E 61 -25.00 -37.15 -67.25
N ARG E 62 -24.92 -38.27 -67.93
CA ARG E 62 -23.96 -39.32 -67.57
C ARG E 62 -22.58 -38.85 -68.01
N SER E 63 -21.98 -38.00 -67.18
CA SER E 63 -20.79 -37.25 -67.54
C SER E 63 -19.97 -37.00 -66.29
N ILE E 64 -18.65 -37.10 -66.42
CA ILE E 64 -17.73 -36.93 -65.31
C ILE E 64 -16.72 -35.85 -65.69
N PHE E 65 -16.56 -34.87 -64.81
CA PHE E 65 -15.63 -33.76 -65.02
C PHE E 65 -14.43 -33.95 -64.11
N VAL E 66 -13.26 -34.13 -64.71
CA VAL E 66 -12.04 -34.43 -63.97
C VAL E 66 -11.04 -33.32 -64.26
N ASP E 67 -10.59 -32.64 -63.22
CA ASP E 67 -9.60 -31.58 -63.37
C ASP E 67 -8.75 -31.51 -62.11
N LEU E 68 -7.47 -31.21 -62.30
CA LEU E 68 -6.58 -30.98 -61.18
C LEU E 68 -6.63 -29.55 -60.67
N GLU E 69 -7.41 -28.68 -61.32
CA GLU E 69 -7.45 -27.27 -61.00
C GLU E 69 -8.91 -26.83 -60.84
N PRO E 70 -9.26 -26.15 -59.75
CA PRO E 70 -10.67 -25.81 -59.51
C PRO E 70 -11.16 -24.58 -60.24
N THR E 71 -10.32 -23.93 -61.04
CA THR E 71 -10.65 -22.62 -61.59
C THR E 71 -11.71 -22.73 -62.68
N VAL E 72 -11.42 -23.47 -63.75
CA VAL E 72 -12.33 -23.56 -64.87
C VAL E 72 -13.56 -24.41 -64.54
N VAL E 73 -13.47 -25.25 -63.50
CA VAL E 73 -14.63 -25.99 -63.04
C VAL E 73 -15.65 -25.05 -62.41
N ASP E 74 -15.18 -23.97 -61.78
CA ASP E 74 -16.07 -22.98 -61.19
C ASP E 74 -16.83 -22.17 -62.25
N GLU E 75 -16.32 -22.13 -63.48
CA GLU E 75 -17.09 -21.52 -64.56
C GLU E 75 -18.36 -22.33 -64.83
N ILE E 76 -18.28 -23.64 -64.70
CA ILE E 76 -19.48 -24.47 -64.78
C ILE E 76 -20.35 -24.23 -63.56
N ARG E 77 -19.73 -24.05 -62.39
CA ARG E 77 -20.47 -23.78 -61.16
C ARG E 77 -20.78 -22.30 -60.95
N THR E 78 -20.79 -21.51 -62.02
CA THR E 78 -21.27 -20.14 -61.99
C THR E 78 -22.38 -19.88 -63.01
N GLY E 79 -22.25 -20.44 -64.20
CA GLY E 79 -23.18 -20.17 -65.28
C GLY E 79 -24.51 -20.91 -65.10
N THR E 80 -25.30 -20.86 -66.18
CA THR E 80 -26.63 -21.45 -66.19
C THR E 80 -26.58 -22.97 -66.11
N TYR E 81 -25.50 -23.59 -66.59
CA TYR E 81 -25.35 -25.04 -66.63
C TYR E 81 -24.80 -25.61 -65.33
N LYS E 82 -24.96 -24.89 -64.21
CA LYS E 82 -24.56 -25.40 -62.90
C LYS E 82 -25.54 -26.45 -62.40
N LYS E 83 -26.84 -26.15 -62.46
CA LYS E 83 -27.86 -27.02 -61.90
C LYS E 83 -28.15 -28.24 -62.77
N LEU E 84 -27.58 -28.30 -63.97
CA LEU E 84 -27.81 -29.46 -64.83
C LEU E 84 -26.98 -30.66 -64.38
N PHE E 85 -25.70 -30.45 -64.07
CA PHE E 85 -24.82 -31.54 -63.74
C PHE E 85 -24.96 -31.92 -62.27
N HIS E 86 -24.44 -33.09 -61.93
CA HIS E 86 -24.50 -33.65 -60.60
C HIS E 86 -23.25 -33.25 -59.81
N PRO E 87 -23.41 -32.89 -58.53
CA PRO E 87 -22.26 -32.38 -57.77
C PRO E 87 -21.20 -33.42 -57.47
N GLU E 88 -21.61 -34.62 -57.03
CA GLU E 88 -20.61 -35.66 -56.78
C GLU E 88 -20.07 -36.28 -58.06
N GLN E 89 -20.66 -35.99 -59.21
CA GLN E 89 -19.99 -36.26 -60.47
C GLN E 89 -18.86 -35.29 -60.75
N MET E 90 -18.90 -34.09 -60.19
CA MET E 90 -17.80 -33.14 -60.31
C MET E 90 -16.79 -33.47 -59.22
N ILE E 91 -15.62 -33.97 -59.63
CA ILE E 91 -14.51 -34.22 -58.73
C ILE E 91 -13.38 -33.29 -59.15
N THR E 92 -12.95 -32.44 -58.24
CA THR E 92 -11.99 -31.38 -58.54
C THR E 92 -10.64 -31.69 -57.90
N GLY E 93 -9.60 -31.07 -58.46
CA GLY E 93 -8.29 -31.06 -57.86
C GLY E 93 -7.96 -29.71 -57.26
N LYS E 94 -6.83 -29.66 -56.58
CA LYS E 94 -6.40 -28.42 -55.95
C LYS E 94 -5.04 -27.94 -56.43
N GLU E 95 -4.06 -28.83 -56.58
CA GLU E 95 -2.72 -28.47 -56.97
C GLU E 95 -2.48 -28.89 -58.41
N ASP E 96 -1.87 -28.01 -59.19
CA ASP E 96 -1.81 -28.19 -60.63
C ASP E 96 -0.56 -28.97 -61.02
N ALA E 97 -0.63 -29.64 -62.17
CA ALA E 97 0.48 -30.43 -62.68
C ALA E 97 1.39 -29.65 -63.63
N ALA E 98 0.85 -28.61 -64.26
CA ALA E 98 1.61 -27.66 -65.11
C ALA E 98 2.30 -28.36 -66.28
N ASN E 99 1.50 -29.13 -67.05
CA ASN E 99 1.90 -29.76 -68.30
C ASN E 99 3.11 -30.68 -68.14
N ASN E 100 3.16 -31.37 -67.01
CA ASN E 100 4.25 -32.28 -66.69
C ASN E 100 3.68 -33.68 -66.51
N TYR E 101 4.43 -34.69 -66.97
CA TYR E 101 3.88 -36.04 -67.03
C TYR E 101 3.71 -36.63 -65.64
N ALA E 102 4.82 -36.79 -64.91
CA ALA E 102 4.77 -37.45 -63.61
C ALA E 102 4.09 -36.60 -62.54
N ARG E 103 3.90 -35.31 -62.80
CA ARG E 103 3.02 -34.54 -61.94
C ARG E 103 1.56 -34.84 -62.22
N GLY E 104 1.25 -35.32 -63.43
CA GLY E 104 -0.11 -35.69 -63.78
C GLY E 104 -0.32 -37.19 -63.86
N HIS E 105 0.77 -37.95 -63.80
CA HIS E 105 0.67 -39.41 -63.83
C HIS E 105 0.83 -40.03 -62.46
N TYR E 106 1.52 -39.37 -61.53
CA TYR E 106 1.76 -39.92 -60.20
C TYR E 106 1.34 -38.99 -59.07
N THR E 107 1.52 -37.68 -59.23
CA THR E 107 1.54 -36.80 -58.06
C THR E 107 0.14 -36.50 -57.55
N VAL E 108 -0.68 -35.82 -58.34
CA VAL E 108 -1.97 -35.34 -57.88
C VAL E 108 -3.04 -36.31 -58.38
N GLY E 109 -2.70 -37.05 -59.44
CA GLY E 109 -3.63 -38.01 -60.00
C GLY E 109 -3.90 -39.21 -59.11
N LYS E 110 -2.86 -39.71 -58.45
CA LYS E 110 -3.00 -40.90 -57.62
C LYS E 110 -3.69 -40.62 -56.29
N GLU E 111 -3.92 -39.36 -55.94
CA GLU E 111 -4.76 -39.06 -54.78
C GLU E 111 -6.23 -38.94 -55.17
N LEU E 112 -6.50 -38.82 -56.47
CA LEU E 112 -7.87 -38.60 -56.94
C LEU E 112 -8.36 -39.70 -57.88
N ILE E 113 -7.52 -40.65 -58.27
CA ILE E 113 -7.95 -41.68 -59.21
C ILE E 113 -8.89 -42.68 -58.53
N ASP E 114 -8.75 -42.88 -57.22
CA ASP E 114 -9.62 -43.82 -56.54
C ASP E 114 -11.00 -43.22 -56.27
N THR E 115 -11.11 -41.89 -56.22
CA THR E 115 -12.41 -41.27 -56.04
C THR E 115 -13.24 -41.35 -57.30
N VAL E 116 -12.59 -41.20 -58.47
CA VAL E 116 -13.35 -41.07 -59.71
C VAL E 116 -13.75 -42.43 -60.28
N LEU E 117 -12.95 -43.47 -60.06
CA LEU E 117 -13.30 -44.80 -60.57
C LEU E 117 -14.49 -45.40 -59.85
N ASP E 118 -14.75 -44.97 -58.61
CA ASP E 118 -16.00 -45.34 -57.96
C ASP E 118 -17.18 -44.70 -58.67
N ARG E 119 -17.06 -43.40 -58.97
CA ARG E 119 -18.13 -42.66 -59.65
C ARG E 119 -18.35 -43.18 -61.08
N ILE E 120 -17.32 -43.77 -61.69
CA ILE E 120 -17.52 -44.56 -62.90
C ILE E 120 -18.41 -45.75 -62.60
N ARG E 121 -18.07 -46.51 -61.55
CA ARG E 121 -18.77 -47.76 -61.26
C ARG E 121 -20.15 -47.50 -60.66
N ARG E 122 -20.31 -46.39 -59.93
CA ARG E 122 -21.62 -46.03 -59.39
C ARG E 122 -22.63 -45.75 -60.50
N LEU E 123 -22.17 -45.15 -61.59
CA LEU E 123 -23.08 -44.81 -62.68
C LEU E 123 -23.24 -45.96 -63.67
N ALA E 124 -22.18 -46.75 -63.89
CA ALA E 124 -22.23 -47.76 -64.94
C ALA E 124 -22.99 -49.01 -64.53
N ASP E 125 -23.28 -49.19 -63.24
CA ASP E 125 -24.05 -50.35 -62.82
C ASP E 125 -25.53 -50.22 -63.12
N ASN E 126 -25.99 -49.02 -63.47
CA ASN E 126 -27.36 -48.84 -63.96
C ASN E 126 -27.51 -49.37 -65.38
N CYS E 127 -26.41 -49.48 -66.12
CA CYS E 127 -26.45 -49.82 -67.53
C CYS E 127 -26.73 -51.30 -67.72
N SER E 128 -27.59 -51.62 -68.69
CA SER E 128 -27.66 -52.96 -69.25
C SER E 128 -27.12 -53.03 -70.66
N GLY E 129 -26.89 -51.88 -71.28
CA GLY E 129 -26.41 -51.79 -72.65
C GLY E 129 -25.24 -50.84 -72.80
N LEU E 130 -24.29 -50.89 -71.86
CA LEU E 130 -23.16 -49.96 -71.83
C LEU E 130 -22.29 -50.11 -73.08
N GLN E 131 -22.27 -49.06 -73.90
CA GLN E 131 -21.65 -49.12 -75.22
C GLN E 131 -20.20 -48.63 -75.20
N GLY E 132 -19.98 -47.37 -74.83
CA GLY E 132 -18.69 -46.78 -75.03
C GLY E 132 -18.42 -45.61 -74.12
N PHE E 133 -17.26 -45.00 -74.32
CA PHE E 133 -16.77 -43.92 -73.48
C PHE E 133 -16.39 -42.72 -74.35
N PHE E 134 -16.88 -41.55 -73.97
CA PHE E 134 -16.41 -40.28 -74.52
C PHE E 134 -15.38 -39.70 -73.54
N VAL E 135 -14.10 -39.96 -73.80
CA VAL E 135 -13.03 -39.37 -73.02
C VAL E 135 -12.38 -38.27 -73.86
N PHE E 136 -12.34 -37.06 -73.30
CA PHE E 136 -11.81 -35.89 -73.99
C PHE E 136 -10.53 -35.48 -73.27
N HIS E 137 -9.46 -35.27 -74.02
CA HIS E 137 -8.18 -34.94 -73.41
C HIS E 137 -7.33 -34.17 -74.40
N SER E 138 -6.19 -33.70 -73.93
CA SER E 138 -5.16 -33.07 -74.75
C SER E 138 -4.01 -34.04 -74.93
N PHE E 139 -2.94 -33.55 -75.56
CA PHE E 139 -1.73 -34.33 -75.75
C PHE E 139 -0.54 -33.80 -74.95
N GLY E 140 -0.57 -32.53 -74.57
CA GLY E 140 0.54 -31.95 -73.83
C GLY E 140 0.19 -31.62 -72.39
N GLY E 141 -1.04 -31.93 -71.98
CA GLY E 141 -1.45 -31.61 -70.64
C GLY E 141 -0.84 -32.53 -69.60
N GLY E 142 -0.70 -32.02 -68.39
CA GLY E 142 -0.27 -32.85 -67.28
C GLY E 142 -1.29 -33.92 -66.95
N THR E 143 -2.54 -33.50 -66.72
CA THR E 143 -3.63 -34.45 -66.67
C THR E 143 -4.15 -34.79 -68.07
N GLY E 144 -3.76 -34.02 -69.08
CA GLY E 144 -4.13 -34.36 -70.44
C GLY E 144 -3.39 -35.56 -70.98
N SER E 145 -2.15 -35.78 -70.51
CA SER E 145 -1.35 -36.92 -70.92
C SER E 145 -1.06 -37.89 -69.78
N GLY E 146 -0.70 -37.38 -68.60
CA GLY E 146 -0.25 -38.26 -67.53
C GLY E 146 -1.39 -39.02 -66.87
N PHE E 147 -2.52 -38.34 -66.68
CA PHE E 147 -3.67 -39.01 -66.07
C PHE E 147 -4.48 -39.78 -67.11
N THR E 148 -4.49 -39.33 -68.36
CA THR E 148 -5.30 -39.98 -69.39
C THR E 148 -4.75 -41.36 -69.73
N SER E 149 -3.42 -41.48 -69.80
CA SER E 149 -2.81 -42.78 -70.05
C SER E 149 -3.01 -43.71 -68.86
N LEU E 150 -2.99 -43.18 -67.64
CA LEU E 150 -3.22 -44.00 -66.46
C LEU E 150 -4.69 -44.39 -66.35
N LEU E 151 -5.60 -43.52 -66.79
CA LEU E 151 -7.03 -43.83 -66.70
C LEU E 151 -7.42 -44.94 -67.64
N MET E 152 -6.91 -44.90 -68.88
CA MET E 152 -7.18 -45.98 -69.83
C MET E 152 -6.42 -47.25 -69.49
N GLU E 153 -5.40 -47.16 -68.64
CA GLU E 153 -4.72 -48.34 -68.15
C GLU E 153 -5.58 -49.11 -67.14
N ARG E 154 -6.58 -48.46 -66.56
CA ARG E 154 -7.37 -49.07 -65.49
C ARG E 154 -8.77 -49.48 -65.91
N LEU E 155 -9.39 -48.77 -66.87
CA LEU E 155 -10.74 -49.13 -67.30
C LEU E 155 -10.74 -50.37 -68.19
N SER E 156 -9.65 -50.63 -68.91
CA SER E 156 -9.55 -51.87 -69.68
C SER E 156 -9.43 -53.08 -68.78
N VAL E 157 -8.89 -52.90 -67.56
CA VAL E 157 -8.93 -53.94 -66.56
C VAL E 157 -10.35 -54.16 -66.06
N ASP E 158 -11.11 -53.08 -65.94
CA ASP E 158 -12.46 -53.16 -65.38
C ASP E 158 -13.45 -53.69 -66.41
N TYR E 159 -13.60 -53.00 -67.53
CA TYR E 159 -14.65 -53.32 -68.49
C TYR E 159 -14.17 -54.07 -69.71
N GLY E 160 -13.00 -53.74 -70.25
CA GLY E 160 -12.44 -54.55 -71.31
C GLY E 160 -13.14 -54.43 -72.65
N LYS E 161 -13.96 -55.43 -72.95
CA LYS E 161 -14.62 -55.63 -74.24
C LYS E 161 -15.39 -54.40 -74.72
N LYS E 162 -15.97 -53.63 -73.80
CA LYS E 162 -16.79 -52.48 -74.19
C LYS E 162 -15.91 -51.37 -74.77
N SER E 163 -16.51 -50.60 -75.69
CA SER E 163 -15.76 -49.73 -76.58
C SER E 163 -15.33 -48.43 -75.89
N LYS E 164 -14.49 -47.67 -76.60
CA LYS E 164 -13.98 -46.38 -76.14
C LYS E 164 -13.82 -45.45 -77.33
N LEU E 165 -13.90 -44.14 -77.08
CA LEU E 165 -13.61 -43.13 -78.09
C LEU E 165 -12.88 -41.95 -77.48
N GLU E 166 -11.80 -41.53 -78.12
CA GLU E 166 -10.98 -40.41 -77.67
C GLU E 166 -11.05 -39.28 -78.69
N PHE E 167 -11.35 -38.07 -78.22
CA PHE E 167 -11.25 -36.86 -79.03
C PHE E 167 -10.14 -35.99 -78.46
N SER E 168 -9.30 -35.45 -79.34
CA SER E 168 -8.18 -34.60 -78.93
C SER E 168 -7.78 -33.68 -80.07
N ILE E 169 -6.79 -32.84 -79.78
CA ILE E 169 -6.33 -31.81 -80.71
C ILE E 169 -4.91 -32.16 -81.14
N TYR E 170 -4.70 -32.26 -82.45
CA TYR E 170 -3.37 -32.49 -82.98
C TYR E 170 -2.52 -31.23 -82.78
N PRO E 171 -1.34 -31.36 -82.17
CA PRO E 171 -0.47 -30.18 -82.02
C PRO E 171 0.13 -29.76 -83.36
N ALA E 172 -0.04 -28.48 -83.68
CA ALA E 172 0.42 -27.97 -84.96
C ALA E 172 1.94 -27.90 -85.00
N PRO E 173 2.55 -28.15 -86.16
CA PRO E 173 4.02 -28.11 -86.24
C PRO E 173 4.59 -26.70 -86.24
N GLN E 174 3.75 -25.68 -86.43
CA GLN E 174 4.22 -24.29 -86.49
C GLN E 174 3.72 -23.46 -85.32
N VAL E 175 2.42 -23.44 -85.09
CA VAL E 175 1.81 -22.56 -84.09
C VAL E 175 1.25 -23.42 -82.96
N SER E 176 1.94 -23.43 -81.82
CA SER E 176 1.45 -24.06 -80.61
C SER E 176 2.15 -23.42 -79.43
N THR E 177 1.63 -23.66 -78.23
CA THR E 177 2.01 -22.87 -77.07
C THR E 177 3.07 -23.55 -76.21
N ALA E 178 2.77 -24.72 -75.65
CA ALA E 178 3.64 -25.31 -74.66
C ALA E 178 4.83 -26.00 -75.31
N VAL E 179 6.02 -25.76 -74.77
CA VAL E 179 7.25 -26.30 -75.33
C VAL E 179 7.36 -27.80 -75.05
N VAL E 180 6.72 -28.30 -73.99
CA VAL E 180 6.75 -29.71 -73.66
C VAL E 180 5.74 -30.53 -74.45
N GLU E 181 5.03 -29.93 -75.39
CA GLU E 181 4.11 -30.69 -76.22
C GLU E 181 4.78 -31.69 -77.17
N PRO E 182 5.97 -31.46 -77.75
CA PRO E 182 6.69 -32.58 -78.36
C PRO E 182 7.08 -33.68 -77.38
N TYR E 183 7.32 -33.36 -76.11
CA TYR E 183 7.64 -34.40 -75.14
C TYR E 183 6.42 -35.24 -74.79
N ASN E 184 5.32 -34.59 -74.41
CA ASN E 184 4.17 -35.31 -73.87
C ASN E 184 3.39 -36.04 -74.96
N SER E 185 3.47 -35.58 -76.21
CA SER E 185 2.80 -36.30 -77.29
C SER E 185 3.45 -37.65 -77.55
N ILE E 186 4.77 -37.75 -77.36
CA ILE E 186 5.43 -39.04 -77.41
C ILE E 186 5.04 -39.88 -76.20
N LEU E 187 4.79 -39.23 -75.06
CA LEU E 187 4.43 -39.96 -73.85
C LEU E 187 3.00 -40.45 -73.90
N THR E 188 2.08 -39.62 -74.40
CA THR E 188 0.69 -40.05 -74.49
C THR E 188 0.43 -41.00 -75.65
N THR E 189 1.43 -41.25 -76.49
CA THR E 189 1.29 -42.26 -77.54
C THR E 189 1.89 -43.59 -77.10
N HIS E 190 2.70 -43.55 -76.03
CA HIS E 190 3.48 -44.71 -75.59
C HIS E 190 2.58 -45.86 -75.14
N THR E 191 1.83 -45.65 -74.06
CA THR E 191 1.02 -46.73 -73.49
C THR E 191 -0.46 -46.62 -73.82
N THR E 192 -0.87 -45.64 -74.62
CA THR E 192 -2.25 -45.52 -75.04
C THR E 192 -2.54 -46.21 -76.37
N LEU E 193 -1.52 -46.74 -77.04
CA LEU E 193 -1.76 -47.61 -78.18
C LEU E 193 -2.50 -48.86 -77.76
N GLU E 194 -2.08 -49.46 -76.64
CA GLU E 194 -2.69 -50.68 -76.15
C GLU E 194 -4.03 -50.43 -75.48
N HIS E 195 -4.26 -49.23 -74.94
CA HIS E 195 -5.40 -48.97 -74.08
C HIS E 195 -6.40 -48.00 -74.70
N SER E 196 -6.47 -47.92 -76.02
CA SER E 196 -7.45 -47.05 -76.66
C SER E 196 -7.93 -47.69 -77.96
N ASP E 197 -9.25 -47.69 -78.14
CA ASP E 197 -9.82 -48.23 -79.37
C ASP E 197 -9.56 -47.29 -80.54
N CYS E 198 -9.91 -46.02 -80.38
CA CYS E 198 -9.69 -45.05 -81.43
C CYS E 198 -9.48 -43.68 -80.80
N ALA E 199 -8.67 -42.86 -81.48
CA ALA E 199 -8.35 -41.52 -81.00
C ALA E 199 -8.30 -40.58 -82.20
N PHE E 200 -9.00 -39.46 -82.10
CA PHE E 200 -9.15 -38.52 -83.20
C PHE E 200 -8.35 -37.25 -82.90
N MET E 201 -7.96 -36.56 -83.97
CA MET E 201 -7.09 -35.40 -83.89
C MET E 201 -7.64 -34.29 -84.79
N VAL E 202 -7.54 -33.05 -84.33
CA VAL E 202 -7.86 -31.87 -85.12
C VAL E 202 -6.77 -30.83 -84.91
N ASP E 203 -6.63 -29.93 -85.87
CA ASP E 203 -5.65 -28.86 -85.80
C ASP E 203 -6.33 -27.55 -85.42
N ASN E 204 -5.59 -26.71 -84.69
CA ASN E 204 -6.04 -25.35 -84.44
C ASN E 204 -6.09 -24.54 -85.73
N GLU E 205 -5.08 -24.70 -86.59
CA GLU E 205 -5.00 -23.92 -87.82
C GLU E 205 -5.98 -24.39 -88.88
N ALA E 206 -6.24 -25.71 -88.95
CA ALA E 206 -7.15 -26.22 -89.97
C ALA E 206 -8.60 -25.83 -89.68
N ILE E 207 -8.93 -25.52 -88.43
CA ILE E 207 -10.19 -24.87 -88.13
C ILE E 207 -10.17 -23.44 -88.66
N TYR E 208 -9.04 -22.74 -88.45
CA TYR E 208 -8.94 -21.31 -88.74
C TYR E 208 -9.09 -21.01 -90.22
N ASP E 209 -8.68 -21.94 -91.08
CA ASP E 209 -8.69 -21.72 -92.52
C ASP E 209 -10.11 -21.61 -93.06
N ILE E 210 -11.01 -22.45 -92.54
CA ILE E 210 -12.41 -22.36 -92.95
C ILE E 210 -13.12 -21.23 -92.19
N CYS E 211 -12.65 -20.91 -90.98
CA CYS E 211 -13.21 -19.79 -90.21
C CYS E 211 -12.97 -18.46 -90.91
N ARG E 212 -11.79 -18.28 -91.49
CA ARG E 212 -11.50 -17.00 -92.13
C ARG E 212 -12.08 -16.93 -93.53
N ARG E 213 -12.02 -18.02 -94.28
CA ARG E 213 -12.45 -17.97 -95.68
C ARG E 213 -13.95 -18.17 -95.82
N ASN E 214 -14.49 -19.22 -95.21
CA ASN E 214 -15.88 -19.59 -95.44
C ASN E 214 -16.83 -19.04 -94.38
N LEU E 215 -16.47 -19.14 -93.10
CA LEU E 215 -17.27 -18.53 -92.06
C LEU E 215 -17.14 -17.02 -92.04
N ASP E 216 -16.03 -16.48 -92.56
CA ASP E 216 -15.66 -15.07 -92.49
C ASP E 216 -15.68 -14.55 -91.06
N VAL E 217 -15.04 -15.31 -90.18
CA VAL E 217 -14.85 -14.92 -88.79
C VAL E 217 -13.40 -14.51 -88.63
N GLU E 218 -13.15 -13.19 -88.61
CA GLU E 218 -11.80 -12.67 -88.51
C GLU E 218 -11.41 -12.31 -87.07
N ARG E 219 -12.29 -12.53 -86.11
CA ARG E 219 -11.93 -12.61 -84.69
C ARG E 219 -12.45 -13.91 -84.09
N PRO E 220 -11.80 -15.05 -84.34
CA PRO E 220 -12.18 -16.27 -83.64
C PRO E 220 -11.37 -16.49 -82.37
N SER E 221 -11.99 -17.20 -81.45
CA SER E 221 -11.35 -17.57 -80.19
C SER E 221 -11.82 -18.96 -79.77
N TYR E 222 -11.58 -19.34 -78.53
CA TYR E 222 -11.96 -20.67 -78.09
C TYR E 222 -13.45 -20.80 -77.80
N THR E 223 -14.22 -19.73 -77.98
CA THR E 223 -15.67 -19.83 -77.95
C THR E 223 -16.20 -20.57 -79.18
N ASN E 224 -15.90 -20.05 -80.37
CA ASN E 224 -16.49 -20.58 -81.59
C ASN E 224 -15.80 -21.83 -82.08
N LEU E 225 -14.54 -22.05 -81.69
CA LEU E 225 -13.86 -23.31 -82.03
C LEU E 225 -14.46 -24.50 -81.29
N ASN E 226 -15.09 -24.27 -80.14
CA ASN E 226 -15.76 -25.37 -79.45
C ASN E 226 -17.06 -25.75 -80.13
N ARG E 227 -17.70 -24.80 -80.81
CA ARG E 227 -18.97 -25.09 -81.47
C ARG E 227 -18.75 -25.93 -82.73
N ILE E 228 -17.64 -25.69 -83.44
CA ILE E 228 -17.39 -26.36 -84.71
C ILE E 228 -17.01 -27.82 -84.47
N ILE E 229 -16.22 -28.08 -83.43
CA ILE E 229 -15.86 -29.45 -83.07
C ILE E 229 -17.09 -30.22 -82.60
N SER E 230 -17.97 -29.54 -81.85
CA SER E 230 -19.16 -30.19 -81.29
C SER E 230 -20.16 -30.63 -82.34
N GLN E 231 -20.15 -30.00 -83.52
CA GLN E 231 -21.01 -30.47 -84.60
C GLN E 231 -20.51 -31.81 -85.14
N VAL E 232 -19.19 -32.01 -85.16
CA VAL E 232 -18.63 -33.29 -85.54
C VAL E 232 -18.95 -34.34 -84.47
N VAL E 233 -18.98 -33.93 -83.21
CA VAL E 233 -19.35 -34.83 -82.12
C VAL E 233 -20.82 -35.21 -82.23
N SER E 234 -21.68 -34.23 -82.52
CA SER E 234 -23.11 -34.47 -82.58
C SER E 234 -23.52 -35.33 -83.77
N SER E 235 -22.77 -35.23 -84.87
CA SER E 235 -23.14 -35.97 -86.08
C SER E 235 -22.89 -37.47 -85.91
N ILE E 236 -21.94 -37.86 -85.07
CA ILE E 236 -21.75 -39.27 -84.77
C ILE E 236 -22.89 -39.79 -83.92
N THR E 237 -23.34 -39.00 -82.96
CA THR E 237 -24.42 -39.38 -82.06
C THR E 237 -25.78 -39.38 -82.75
N ALA E 238 -25.92 -38.73 -83.90
CA ALA E 238 -27.18 -38.74 -84.63
C ALA E 238 -27.51 -40.11 -85.20
N SER E 239 -26.52 -40.97 -85.38
CA SER E 239 -26.76 -42.36 -85.72
C SER E 239 -27.36 -43.14 -84.56
N LEU E 240 -27.22 -42.65 -83.33
CA LEU E 240 -27.66 -43.35 -82.14
C LEU E 240 -28.85 -42.68 -81.45
N ARG E 241 -28.90 -41.36 -81.44
CA ARG E 241 -29.96 -40.64 -80.74
C ARG E 241 -31.28 -40.63 -81.50
N PHE E 242 -31.30 -41.04 -82.76
CA PHE E 242 -32.50 -40.98 -83.57
C PHE E 242 -32.68 -42.27 -84.34
N ASP E 243 -33.76 -42.32 -85.11
CA ASP E 243 -34.15 -43.51 -85.85
C ASP E 243 -33.84 -43.27 -87.33
N GLY E 244 -32.80 -43.93 -87.84
CA GLY E 244 -32.40 -43.75 -89.22
C GLY E 244 -32.62 -45.01 -90.04
N ALA E 245 -32.63 -44.85 -91.37
CA ALA E 245 -32.85 -46.00 -92.25
C ALA E 245 -31.66 -46.94 -92.26
N LEU E 246 -30.45 -46.38 -92.29
CA LEU E 246 -29.23 -47.18 -92.27
C LEU E 246 -28.23 -46.45 -91.37
N ASN E 247 -28.15 -46.86 -90.11
CA ASN E 247 -27.33 -46.19 -89.12
C ASN E 247 -26.34 -47.19 -88.50
N VAL E 248 -25.55 -46.71 -87.55
CA VAL E 248 -24.33 -47.39 -87.14
C VAL E 248 -24.03 -47.06 -85.67
N ASP E 249 -23.71 -48.09 -84.88
CA ASP E 249 -23.35 -47.92 -83.49
C ASP E 249 -21.83 -47.94 -83.33
N LEU E 250 -21.38 -47.75 -82.07
CA LEU E 250 -19.98 -47.45 -81.81
C LEU E 250 -19.08 -48.67 -82.00
N ASN E 251 -19.61 -49.87 -81.75
CA ASN E 251 -18.84 -51.08 -82.02
C ASN E 251 -18.61 -51.27 -83.52
N GLU E 252 -19.52 -50.75 -84.34
CA GLU E 252 -19.40 -50.90 -85.79
C GLU E 252 -18.41 -49.93 -86.38
N PHE E 253 -18.23 -48.75 -85.76
CA PHE E 253 -17.26 -47.77 -86.26
C PHE E 253 -15.84 -48.32 -86.21
N GLN E 254 -15.44 -48.89 -85.06
CA GLN E 254 -14.11 -49.45 -84.95
C GLN E 254 -13.95 -50.72 -85.78
N THR E 255 -15.04 -51.43 -86.05
CA THR E 255 -14.95 -52.66 -86.85
C THR E 255 -14.64 -52.33 -88.30
N ASN E 256 -15.20 -51.23 -88.82
CA ASN E 256 -14.91 -50.86 -90.20
C ASN E 256 -13.56 -50.15 -90.32
N LEU E 257 -13.24 -49.27 -89.37
CA LEU E 257 -12.17 -48.29 -89.57
C LEU E 257 -10.83 -48.72 -88.98
N VAL E 258 -10.72 -49.90 -88.40
CA VAL E 258 -9.45 -50.34 -87.84
C VAL E 258 -8.96 -51.54 -88.65
N PRO E 259 -8.05 -51.34 -89.60
CA PRO E 259 -7.57 -52.47 -90.40
C PRO E 259 -6.55 -53.32 -89.67
N TYR E 260 -5.83 -52.70 -88.73
CA TYR E 260 -4.78 -53.33 -87.97
C TYR E 260 -4.82 -52.65 -86.60
N PRO E 261 -4.57 -53.38 -85.52
CA PRO E 261 -4.85 -52.83 -84.18
C PRO E 261 -3.93 -51.71 -83.75
N ARG E 262 -2.83 -51.44 -84.47
CA ARG E 262 -1.99 -50.32 -84.12
C ARG E 262 -2.34 -49.06 -84.90
N ILE E 263 -2.55 -49.18 -86.21
CA ILE E 263 -2.93 -48.03 -87.04
C ILE E 263 -4.45 -47.92 -86.94
N HIS E 264 -4.91 -47.11 -85.99
CA HIS E 264 -6.34 -46.92 -85.78
C HIS E 264 -6.63 -45.46 -85.49
N PHE E 265 -6.00 -44.55 -86.22
CA PHE E 265 -6.06 -43.12 -85.94
C PHE E 265 -6.50 -42.34 -87.17
N PRO E 266 -7.80 -42.29 -87.45
CA PRO E 266 -8.28 -41.39 -88.50
C PRO E 266 -8.58 -40.00 -87.94
N LEU E 267 -9.05 -39.14 -88.83
CA LEU E 267 -9.41 -37.78 -88.49
C LEU E 267 -10.81 -37.48 -89.00
N ALA E 268 -11.20 -36.21 -88.90
CA ALA E 268 -12.56 -35.80 -89.20
C ALA E 268 -12.57 -34.72 -90.28
N ALA E 269 -13.77 -34.45 -90.80
CA ALA E 269 -14.02 -33.37 -91.74
C ALA E 269 -15.51 -33.07 -91.74
N TYR E 270 -15.86 -31.81 -92.00
CA TYR E 270 -17.25 -31.38 -92.01
C TYR E 270 -17.49 -30.39 -93.14
N THR E 271 -18.61 -30.57 -93.82
CA THR E 271 -19.04 -29.73 -94.94
C THR E 271 -20.55 -29.91 -95.12
N PRO E 272 -21.29 -28.86 -95.52
CA PRO E 272 -20.89 -27.46 -95.77
C PRO E 272 -20.71 -26.65 -94.50
N LEU E 273 -19.55 -26.01 -94.40
CA LEU E 273 -19.17 -25.21 -93.23
C LEU E 273 -18.86 -23.81 -93.73
N ILE E 274 -19.90 -22.98 -93.90
CA ILE E 274 -19.78 -21.63 -94.41
C ILE E 274 -20.59 -20.70 -93.52
N SER E 275 -20.60 -19.43 -93.88
CA SER E 275 -21.35 -18.41 -93.14
C SER E 275 -22.83 -18.48 -93.51
N ALA E 276 -23.60 -17.51 -93.03
CA ALA E 276 -25.06 -17.51 -93.23
C ALA E 276 -25.49 -16.85 -94.53
N GLU E 277 -24.60 -16.15 -95.22
CA GLU E 277 -25.01 -15.41 -96.42
C GLU E 277 -24.71 -16.20 -97.69
N LYS E 278 -23.60 -16.94 -97.71
CA LYS E 278 -23.15 -17.61 -98.92
C LYS E 278 -24.00 -18.82 -99.29
N ALA E 279 -24.80 -19.34 -98.36
CA ALA E 279 -25.71 -20.44 -98.69
C ALA E 279 -26.94 -19.94 -99.42
N TYR E 280 -27.16 -18.63 -99.45
CA TYR E 280 -28.35 -18.08 -100.11
C TYR E 280 -28.20 -18.13 -101.62
N HIS E 281 -27.01 -17.78 -102.13
CA HIS E 281 -26.73 -17.75 -103.56
C HIS E 281 -26.26 -19.09 -104.11
N GLU E 282 -26.55 -20.20 -103.42
CA GLU E 282 -26.03 -21.48 -103.84
C GLU E 282 -26.96 -22.60 -103.39
N ALA E 283 -27.20 -23.55 -104.28
CA ALA E 283 -28.04 -24.71 -104.00
C ALA E 283 -27.11 -25.90 -103.80
N LEU E 284 -26.84 -26.22 -102.54
CA LEU E 284 -25.87 -27.25 -102.17
C LEU E 284 -26.52 -28.62 -102.35
N SER E 285 -26.11 -29.33 -103.40
CA SER E 285 -26.67 -30.65 -103.68
C SER E 285 -25.83 -31.71 -102.98
N VAL E 286 -26.12 -32.97 -103.26
CA VAL E 286 -25.33 -34.07 -102.72
C VAL E 286 -23.95 -34.11 -103.38
N SER E 287 -23.91 -33.98 -104.70
CA SER E 287 -22.64 -33.99 -105.43
C SER E 287 -21.80 -32.75 -105.17
N ASP E 288 -22.40 -31.68 -104.64
CA ASP E 288 -21.64 -30.48 -104.30
C ASP E 288 -20.73 -30.74 -103.12
N ILE E 289 -21.31 -31.08 -101.97
CA ILE E 289 -20.54 -31.16 -100.74
C ILE E 289 -19.76 -32.46 -100.63
N THR E 290 -20.17 -33.51 -101.33
CA THR E 290 -19.40 -34.76 -101.31
C THR E 290 -18.10 -34.61 -102.09
N ASN E 291 -18.12 -33.87 -103.19
CA ASN E 291 -16.88 -33.49 -103.85
C ASN E 291 -16.10 -32.47 -103.03
N SER E 292 -16.79 -31.71 -102.16
CA SER E 292 -16.09 -30.81 -101.24
C SER E 292 -15.44 -31.55 -100.09
N CYS E 293 -15.79 -32.82 -99.87
CA CYS E 293 -15.18 -33.60 -98.81
C CYS E 293 -13.71 -33.90 -99.07
N PHE E 294 -13.34 -34.05 -100.33
CA PHE E 294 -12.04 -34.61 -100.69
C PHE E 294 -11.14 -33.58 -101.37
N GLU E 295 -11.18 -32.36 -100.90
CA GLU E 295 -10.27 -31.31 -101.30
C GLU E 295 -9.52 -30.80 -100.06
N PRO E 296 -8.25 -30.42 -100.17
CA PRO E 296 -7.43 -30.21 -98.97
C PRO E 296 -7.80 -28.97 -98.16
N ALA E 297 -8.70 -28.13 -98.64
CA ALA E 297 -9.21 -27.01 -97.85
C ALA E 297 -10.39 -27.42 -96.96
N ASN E 298 -10.60 -28.71 -96.72
CA ASN E 298 -11.72 -29.20 -95.95
C ASN E 298 -11.31 -30.16 -94.84
N GLN E 299 -10.08 -30.69 -94.89
CA GLN E 299 -9.59 -31.56 -93.84
C GLN E 299 -9.40 -30.79 -92.53
N MET E 300 -9.61 -31.48 -91.41
CA MET E 300 -9.50 -30.86 -90.10
C MET E 300 -8.13 -30.99 -89.48
N VAL E 301 -7.19 -31.65 -90.16
CA VAL E 301 -5.78 -31.64 -89.78
C VAL E 301 -4.99 -31.07 -90.94
N LYS E 302 -4.21 -30.04 -90.68
CA LYS E 302 -3.44 -29.37 -91.73
C LYS E 302 -2.29 -30.28 -92.14
N CYS E 303 -2.50 -31.06 -93.20
CA CYS E 303 -1.47 -31.93 -93.75
C CYS E 303 -1.77 -32.09 -95.24
N ASP E 304 -1.10 -33.05 -95.88
CA ASP E 304 -1.26 -33.29 -97.31
C ASP E 304 -2.08 -34.55 -97.54
N PRO E 305 -3.38 -34.44 -97.82
CA PRO E 305 -4.18 -35.65 -98.07
C PRO E 305 -3.87 -36.29 -99.41
N ARG E 306 -3.36 -35.53 -100.37
CA ARG E 306 -2.99 -36.12 -101.66
C ARG E 306 -1.68 -36.89 -101.56
N HIS E 307 -0.83 -36.54 -100.61
CA HIS E 307 0.36 -37.32 -100.30
C HIS E 307 0.08 -38.46 -99.33
N GLY E 308 -1.13 -38.52 -98.78
CA GLY E 308 -1.58 -39.66 -98.04
C GLY E 308 -2.37 -40.62 -98.93
N LYS E 309 -2.47 -41.86 -98.47
CA LYS E 309 -3.16 -42.91 -99.20
C LYS E 309 -4.37 -43.35 -98.39
N TYR E 310 -5.57 -43.17 -98.95
CA TYR E 310 -6.79 -43.51 -98.25
C TYR E 310 -6.95 -45.02 -98.13
N MET E 311 -7.35 -45.47 -96.94
CA MET E 311 -7.52 -46.88 -96.66
C MET E 311 -8.95 -47.26 -96.31
N ALA E 312 -9.63 -46.45 -95.50
CA ALA E 312 -11.01 -46.74 -95.12
C ALA E 312 -11.69 -45.41 -94.86
N VAL E 313 -12.46 -44.93 -95.83
CA VAL E 313 -13.12 -43.63 -95.76
C VAL E 313 -14.56 -43.86 -95.32
N CYS E 314 -14.94 -43.23 -94.22
CA CYS E 314 -16.25 -43.40 -93.63
C CYS E 314 -17.10 -42.16 -93.84
N LEU E 315 -18.38 -42.36 -94.16
CA LEU E 315 -19.28 -41.27 -94.50
C LEU E 315 -20.57 -41.39 -93.73
N LEU E 316 -20.93 -40.33 -93.01
CA LEU E 316 -22.22 -40.23 -92.32
C LEU E 316 -22.93 -38.98 -92.81
N TYR E 317 -24.06 -39.18 -93.47
CA TYR E 317 -24.84 -38.06 -93.98
C TYR E 317 -25.97 -37.74 -93.00
N ARG E 318 -26.40 -36.48 -93.03
CA ARG E 318 -27.53 -36.04 -92.22
C ARG E 318 -28.46 -35.22 -93.08
N GLY E 319 -29.75 -35.29 -92.76
CA GLY E 319 -30.76 -34.63 -93.55
C GLY E 319 -31.38 -35.54 -94.58
N ASP E 320 -32.41 -35.01 -95.23
CA ASP E 320 -33.20 -35.78 -96.20
C ASP E 320 -32.39 -35.94 -97.48
N VAL E 321 -31.67 -37.06 -97.58
CA VAL E 321 -30.80 -37.35 -98.70
C VAL E 321 -31.28 -38.65 -99.34
N VAL E 322 -31.46 -38.63 -100.66
CA VAL E 322 -31.86 -39.84 -101.39
C VAL E 322 -30.61 -40.66 -101.66
N PRO E 323 -30.70 -41.99 -101.71
CA PRO E 323 -29.49 -42.80 -101.87
C PRO E 323 -29.03 -42.99 -103.31
N LYS E 324 -29.80 -42.49 -104.29
CA LYS E 324 -29.47 -42.70 -105.69
C LYS E 324 -28.21 -41.95 -106.08
N ASP E 325 -28.22 -40.63 -105.86
CA ASP E 325 -27.03 -39.84 -106.15
C ASP E 325 -25.90 -40.10 -105.16
N VAL E 326 -26.21 -40.63 -103.97
CA VAL E 326 -25.18 -41.17 -103.08
C VAL E 326 -24.45 -42.29 -103.77
N ASN E 327 -25.19 -43.25 -104.32
CA ASN E 327 -24.61 -44.36 -105.06
C ASN E 327 -24.00 -43.91 -106.38
N THR E 328 -24.26 -42.67 -106.80
CA THR E 328 -23.63 -42.07 -107.96
C THR E 328 -22.38 -41.28 -107.58
N ALA E 329 -22.47 -40.44 -106.55
CA ALA E 329 -21.38 -39.49 -106.26
C ALA E 329 -20.14 -40.19 -105.72
N ILE E 330 -20.33 -41.20 -104.87
CA ILE E 330 -19.20 -42.02 -104.42
C ILE E 330 -18.61 -42.80 -105.59
N ALA E 331 -19.46 -43.24 -106.50
CA ALA E 331 -18.96 -43.77 -107.77
C ALA E 331 -18.32 -42.66 -108.62
N ALA E 332 -18.86 -41.44 -108.55
CA ALA E 332 -18.26 -40.33 -109.28
C ALA E 332 -16.94 -39.89 -108.66
N ILE E 333 -16.76 -40.12 -107.36
CA ILE E 333 -15.43 -39.98 -106.75
C ILE E 333 -14.49 -40.99 -107.37
N LYS E 334 -14.95 -42.23 -107.56
CA LYS E 334 -14.13 -43.27 -108.16
C LYS E 334 -13.87 -43.02 -109.64
N THR E 335 -14.68 -42.20 -110.31
CA THR E 335 -14.33 -41.79 -111.66
C THR E 335 -13.11 -40.88 -111.67
N LYS E 336 -12.93 -40.08 -110.62
CA LYS E 336 -11.69 -39.34 -110.44
C LYS E 336 -10.61 -40.28 -109.93
N ARG E 337 -9.36 -39.98 -110.29
CA ARG E 337 -8.25 -40.87 -109.99
C ARG E 337 -7.29 -40.31 -108.94
N THR E 338 -7.48 -39.06 -108.51
CA THR E 338 -6.58 -38.47 -107.52
C THR E 338 -6.79 -39.10 -106.14
N ILE E 339 -8.00 -39.60 -105.87
CA ILE E 339 -8.29 -40.31 -104.63
C ILE E 339 -7.60 -41.66 -104.75
N GLN E 340 -6.47 -41.82 -104.08
CA GLN E 340 -5.68 -43.04 -104.15
C GLN E 340 -6.05 -43.99 -103.02
N PHE E 341 -6.17 -45.25 -103.36
CA PHE E 341 -6.42 -46.30 -102.38
C PHE E 341 -5.15 -47.10 -102.18
N VAL E 342 -5.26 -48.16 -101.41
CA VAL E 342 -4.24 -49.20 -101.40
C VAL E 342 -4.72 -50.31 -102.34
N ASP E 343 -3.80 -51.17 -102.78
CA ASP E 343 -4.12 -52.17 -103.78
C ASP E 343 -5.04 -53.26 -103.22
N TRP E 344 -5.05 -53.44 -101.91
CA TRP E 344 -5.80 -54.55 -101.35
C TRP E 344 -7.18 -54.15 -100.82
N CYS E 345 -7.48 -52.85 -100.73
CA CYS E 345 -8.78 -52.41 -100.20
C CYS E 345 -9.50 -51.50 -101.19
N PRO E 346 -10.31 -52.04 -102.09
CA PRO E 346 -11.27 -51.20 -102.82
C PRO E 346 -12.56 -51.01 -102.04
N THR E 347 -12.89 -51.98 -101.19
CA THR E 347 -14.14 -51.97 -100.44
C THR E 347 -13.92 -51.46 -99.02
N GLY E 348 -13.59 -50.18 -98.92
CA GLY E 348 -13.41 -49.53 -97.65
C GLY E 348 -14.39 -48.39 -97.43
N PHE E 349 -15.63 -48.59 -97.86
CA PHE E 349 -16.65 -47.55 -97.83
C PHE E 349 -17.68 -47.87 -96.76
N LYS E 350 -18.27 -46.83 -96.19
CA LYS E 350 -19.31 -46.98 -95.18
C LYS E 350 -20.46 -46.04 -95.55
N VAL E 351 -21.68 -46.56 -95.50
CA VAL E 351 -22.86 -45.82 -95.92
C VAL E 351 -23.71 -45.55 -94.69
N GLY E 352 -23.94 -44.27 -94.41
CA GLY E 352 -24.83 -43.90 -93.32
C GLY E 352 -25.62 -42.64 -93.62
N ILE E 353 -26.94 -42.74 -93.57
CA ILE E 353 -27.84 -41.62 -93.86
C ILE E 353 -28.87 -41.55 -92.76
N ASN E 354 -28.93 -40.41 -92.07
CA ASN E 354 -29.94 -40.18 -91.06
C ASN E 354 -30.95 -39.16 -91.56
N TYR E 355 -32.17 -39.25 -91.04
CA TYR E 355 -33.25 -38.37 -91.47
C TYR E 355 -33.09 -36.95 -90.94
N GLN E 356 -32.47 -36.78 -89.79
CA GLN E 356 -32.47 -35.48 -89.13
C GLN E 356 -31.36 -34.60 -89.69
N PRO E 357 -31.68 -33.40 -90.17
CA PRO E 357 -30.63 -32.46 -90.55
C PRO E 357 -30.01 -31.83 -89.33
N PRO E 358 -28.77 -31.34 -89.43
CA PRO E 358 -28.14 -30.69 -88.27
C PRO E 358 -28.78 -29.35 -87.98
N THR E 359 -29.04 -29.12 -86.69
CA THR E 359 -29.61 -27.86 -86.24
C THR E 359 -28.50 -27.01 -85.64
N VAL E 360 -28.48 -25.73 -86.01
CA VAL E 360 -27.37 -24.84 -85.69
C VAL E 360 -27.60 -24.25 -84.30
N VAL E 361 -26.50 -23.76 -83.72
CA VAL E 361 -26.49 -23.17 -82.38
C VAL E 361 -27.20 -21.83 -82.41
N PRO E 362 -27.91 -21.45 -81.35
CA PRO E 362 -28.56 -20.12 -81.33
C PRO E 362 -27.54 -19.02 -81.13
N GLY E 363 -27.67 -17.96 -81.94
CA GLY E 363 -26.72 -16.87 -81.93
C GLY E 363 -25.37 -17.18 -82.52
N GLY E 364 -25.22 -18.32 -83.20
CA GLY E 364 -23.94 -18.71 -83.74
C GLY E 364 -23.67 -18.10 -85.11
N ASP E 365 -22.62 -18.59 -85.74
CA ASP E 365 -22.16 -18.10 -87.03
C ASP E 365 -22.55 -19.00 -88.19
N LEU E 366 -23.22 -20.12 -87.92
CA LEU E 366 -23.54 -21.09 -88.95
C LEU E 366 -24.87 -20.77 -89.62
N ALA E 367 -25.25 -21.64 -90.56
CA ALA E 367 -26.50 -21.50 -91.28
C ALA E 367 -27.24 -22.84 -91.30
N LYS E 368 -28.57 -22.76 -91.26
CA LYS E 368 -29.41 -23.95 -91.26
C LYS E 368 -29.38 -24.59 -92.65
N VAL E 369 -28.60 -25.66 -92.77
CA VAL E 369 -28.46 -26.38 -94.04
C VAL E 369 -28.97 -27.80 -93.82
N PRO E 370 -29.81 -28.34 -94.71
CA PRO E 370 -30.27 -29.72 -94.53
C PRO E 370 -29.17 -30.76 -94.71
N ARG E 371 -28.32 -30.62 -95.73
CA ARG E 371 -27.28 -31.59 -96.04
C ARG E 371 -26.03 -31.30 -95.22
N ALA E 372 -25.39 -32.36 -94.73
CA ALA E 372 -24.10 -32.25 -94.06
C ALA E 372 -23.42 -33.60 -94.06
N VAL E 373 -22.08 -33.58 -94.09
CA VAL E 373 -21.27 -34.79 -94.12
C VAL E 373 -20.24 -34.70 -93.00
N CYS E 374 -20.13 -35.78 -92.23
CA CYS E 374 -19.04 -35.95 -91.27
C CYS E 374 -18.08 -36.97 -91.87
N MET E 375 -17.05 -36.49 -92.55
CA MET E 375 -16.12 -37.37 -93.24
C MET E 375 -15.06 -37.88 -92.27
N LEU E 376 -14.84 -39.20 -92.28
CA LEU E 376 -13.78 -39.83 -91.53
C LEU E 376 -12.90 -40.58 -92.51
N SER E 377 -11.61 -40.25 -92.53
CA SER E 377 -10.71 -40.76 -93.57
C SER E 377 -9.37 -41.15 -92.94
N ASN E 378 -9.21 -42.43 -92.63
CA ASN E 378 -7.92 -42.94 -92.22
C ASN E 378 -7.01 -43.00 -93.43
N THR E 379 -5.80 -42.45 -93.30
CA THR E 379 -4.91 -42.34 -94.45
C THR E 379 -3.47 -42.42 -93.99
N THR E 380 -2.56 -42.40 -94.95
CA THR E 380 -1.14 -42.41 -94.69
C THR E 380 -0.54 -41.01 -94.61
N ALA E 381 -1.39 -39.98 -94.63
CA ALA E 381 -0.94 -38.63 -94.30
C ALA E 381 -0.71 -38.44 -92.81
N ILE E 382 -1.19 -39.38 -91.98
CA ILE E 382 -0.88 -39.37 -90.56
C ILE E 382 0.61 -39.63 -90.35
N ALA E 383 1.21 -40.49 -91.19
CA ALA E 383 2.65 -40.75 -91.11
C ALA E 383 3.47 -39.51 -91.40
N GLU E 384 3.03 -38.70 -92.36
CA GLU E 384 3.70 -37.44 -92.63
C GLU E 384 3.47 -36.45 -91.50
N ALA E 385 2.38 -36.60 -90.76
CA ALA E 385 2.16 -35.87 -89.52
C ALA E 385 2.90 -36.49 -88.33
N TRP E 386 3.42 -37.71 -88.46
CA TRP E 386 4.30 -38.23 -87.41
C TRP E 386 5.72 -37.69 -87.52
N SER E 387 6.24 -37.58 -88.74
CA SER E 387 7.62 -37.17 -88.94
C SER E 387 7.85 -35.71 -88.58
N ARG E 388 6.80 -34.88 -88.68
CA ARG E 388 6.94 -33.49 -88.28
C ARG E 388 7.01 -33.35 -86.76
N LEU E 389 6.51 -34.33 -86.02
CA LEU E 389 6.58 -34.30 -84.56
C LEU E 389 7.72 -35.13 -84.01
N ASP E 390 8.14 -36.17 -84.74
CA ASP E 390 9.32 -36.93 -84.33
C ASP E 390 10.60 -36.13 -84.55
N TYR E 391 10.57 -35.10 -85.40
CA TYR E 391 11.71 -34.22 -85.56
C TYR E 391 11.85 -33.28 -84.37
N LYS E 392 10.74 -32.85 -83.79
CA LYS E 392 10.77 -31.93 -82.67
C LYS E 392 11.26 -32.60 -81.39
N PHE E 393 10.87 -33.84 -81.17
CA PHE E 393 11.10 -34.50 -79.89
C PHE E 393 12.57 -34.84 -79.69
N ASP E 394 13.23 -35.35 -80.73
CA ASP E 394 14.55 -35.95 -80.53
C ASP E 394 15.64 -34.91 -80.34
N LEU E 395 15.55 -33.78 -81.05
CA LEU E 395 16.64 -32.80 -80.99
C LEU E 395 16.67 -32.04 -79.67
N MET E 396 15.50 -31.74 -79.09
CA MET E 396 15.49 -31.20 -77.74
C MET E 396 15.88 -32.26 -76.72
N TYR E 397 15.63 -33.54 -77.02
CA TYR E 397 16.04 -34.62 -76.13
C TYR E 397 17.54 -34.83 -76.16
N ALA E 398 18.18 -34.53 -77.30
CA ALA E 398 19.61 -34.78 -77.46
C ALA E 398 20.45 -33.86 -76.58
N LYS E 399 20.04 -32.60 -76.45
CA LYS E 399 20.71 -31.68 -75.54
C LYS E 399 20.27 -31.88 -74.08
N ARG E 400 19.27 -32.75 -73.85
CA ARG E 400 18.67 -33.01 -72.54
C ARG E 400 18.13 -31.74 -71.89
N ALA E 401 17.47 -30.90 -72.69
CA ALA E 401 16.80 -29.73 -72.15
C ALA E 401 15.51 -30.14 -71.45
N PHE E 402 15.17 -29.38 -70.41
CA PHE E 402 13.93 -29.50 -69.63
C PHE E 402 13.76 -30.86 -68.97
N VAL E 403 14.86 -31.59 -68.77
CA VAL E 403 14.78 -32.89 -68.12
C VAL E 403 14.66 -32.71 -66.61
N HIS E 404 15.15 -31.60 -66.07
CA HIS E 404 15.22 -31.38 -64.63
C HIS E 404 13.86 -31.12 -63.97
N TRP E 405 12.76 -31.18 -64.72
CA TRP E 405 11.44 -31.24 -64.11
C TRP E 405 10.92 -32.68 -64.03
N TYR E 406 11.29 -33.50 -65.02
CA TYR E 406 10.81 -34.88 -65.07
C TYR E 406 11.51 -35.80 -64.07
N VAL E 407 12.65 -35.38 -63.52
CA VAL E 407 13.48 -36.29 -62.73
C VAL E 407 12.84 -36.55 -61.37
N GLY E 408 12.68 -35.50 -60.57
CA GLY E 408 12.32 -35.66 -59.18
C GLY E 408 10.86 -35.99 -58.90
N GLU E 409 10.02 -36.10 -59.93
CA GLU E 409 8.59 -36.30 -59.74
C GLU E 409 8.18 -37.77 -59.79
N GLY E 410 9.14 -38.68 -59.73
CA GLY E 410 8.83 -40.10 -59.76
C GLY E 410 8.78 -40.65 -61.17
N MET E 411 9.85 -40.45 -61.93
CA MET E 411 9.83 -40.79 -63.34
C MET E 411 11.26 -41.13 -63.79
N GLU E 412 11.35 -42.04 -64.76
CA GLU E 412 12.62 -42.54 -65.25
C GLU E 412 12.89 -42.01 -66.65
N GLU E 413 14.18 -41.89 -66.97
CA GLU E 413 14.60 -41.32 -68.25
C GLU E 413 14.72 -42.35 -69.35
N GLY E 414 14.87 -43.63 -69.01
CA GLY E 414 14.88 -44.68 -70.01
C GLY E 414 13.53 -44.90 -70.68
N GLU E 415 12.46 -44.45 -70.04
CA GLU E 415 11.14 -44.50 -70.64
C GLU E 415 11.03 -43.58 -71.85
N PHE E 416 11.86 -42.52 -71.91
CA PHE E 416 11.96 -41.71 -73.12
C PHE E 416 12.61 -42.47 -74.27
N THR E 417 13.53 -43.38 -73.96
CA THR E 417 14.22 -44.11 -75.00
C THR E 417 13.34 -45.20 -75.60
N GLU E 418 12.55 -45.88 -74.76
CA GLU E 418 11.70 -46.96 -75.24
C GLU E 418 10.56 -46.45 -76.11
N ALA E 419 10.08 -45.23 -75.85
CA ALA E 419 9.06 -44.63 -76.70
C ALA E 419 9.61 -44.20 -78.05
N ARG E 420 10.93 -44.04 -78.17
CA ARG E 420 11.51 -43.70 -79.46
C ARG E 420 11.48 -44.89 -80.41
N GLU E 421 11.86 -46.07 -79.92
CA GLU E 421 11.76 -47.28 -80.73
C GLU E 421 10.32 -47.70 -80.95
N ASP E 422 9.42 -47.29 -80.04
CA ASP E 422 8.01 -47.57 -80.20
C ASP E 422 7.38 -46.75 -81.30
N LEU E 423 7.71 -45.46 -81.38
CA LEU E 423 7.13 -44.60 -82.40
C LEU E 423 7.86 -44.67 -83.74
N ALA E 424 9.05 -45.29 -83.77
CA ALA E 424 9.78 -45.40 -85.02
C ALA E 424 9.14 -46.43 -85.94
N ALA E 425 8.75 -47.59 -85.41
CA ALA E 425 8.10 -48.61 -86.21
C ALA E 425 6.65 -48.29 -86.50
N LEU E 426 6.05 -47.36 -85.75
CA LEU E 426 4.64 -47.01 -85.97
C LEU E 426 4.46 -46.32 -87.31
N GLU E 427 5.22 -45.25 -87.56
CA GLU E 427 5.18 -44.56 -88.84
C GLU E 427 5.79 -45.38 -89.96
N LYS E 428 6.57 -46.41 -89.62
CA LYS E 428 7.02 -47.38 -90.63
C LYS E 428 5.84 -48.21 -91.16
N ASP E 429 4.89 -48.55 -90.28
CA ASP E 429 3.80 -49.43 -90.63
C ASP E 429 2.80 -48.82 -91.61
N TYR E 430 2.75 -47.49 -91.71
CA TYR E 430 2.00 -46.84 -92.78
C TYR E 430 2.60 -47.18 -94.14
N GLU E 431 3.92 -47.19 -94.22
CA GLU E 431 4.60 -47.53 -95.46
C GLU E 431 4.71 -49.04 -95.65
N GLU E 432 4.69 -49.80 -94.55
CA GLU E 432 4.75 -51.26 -94.66
C GLU E 432 3.43 -51.82 -95.18
N VAL E 433 2.31 -51.36 -94.59
CA VAL E 433 1.00 -51.77 -95.10
C VAL E 433 0.74 -51.12 -96.45
N GLY E 434 1.07 -49.85 -96.60
CA GLY E 434 0.89 -49.14 -97.85
C GLY E 434 1.85 -49.58 -98.95
N MET F 1 -6.51 -21.77 -50.88
CA MET F 1 -6.17 -23.05 -51.48
C MET F 1 -4.70 -23.04 -51.90
N ARG F 2 -4.42 -22.66 -53.14
CA ARG F 2 -3.07 -22.40 -53.59
C ARG F 2 -2.65 -21.05 -53.01
N GLU F 3 -1.73 -21.06 -52.05
CA GLU F 3 -1.49 -19.88 -51.23
C GLU F 3 -0.04 -19.43 -51.32
N ILE F 4 0.14 -18.12 -51.39
CA ILE F 4 1.43 -17.47 -51.66
C ILE F 4 1.61 -16.33 -50.67
N VAL F 5 2.73 -16.32 -49.94
CA VAL F 5 3.08 -15.21 -49.09
C VAL F 5 4.02 -14.30 -49.89
N HIS F 6 4.07 -13.03 -49.49
CA HIS F 6 4.94 -12.03 -50.10
C HIS F 6 5.77 -11.38 -49.01
N VAL F 7 7.09 -11.52 -49.11
CA VAL F 7 8.00 -11.09 -48.06
C VAL F 7 8.90 -9.99 -48.63
N GLN F 8 9.09 -8.92 -47.85
CA GLN F 8 9.89 -7.78 -48.25
C GLN F 8 11.03 -7.62 -47.25
N ALA F 9 12.24 -7.40 -47.76
CA ALA F 9 13.42 -7.25 -46.91
C ALA F 9 14.40 -6.31 -47.59
N GLY F 10 14.97 -5.39 -46.81
CA GLY F 10 15.82 -4.36 -47.38
C GLY F 10 15.02 -3.16 -47.85
N GLN F 11 15.67 -2.00 -47.93
CA GLN F 11 14.97 -0.74 -48.19
C GLN F 11 14.39 -0.68 -49.60
N CYS F 12 14.97 -1.44 -50.54
CA CYS F 12 14.45 -1.49 -51.90
C CYS F 12 13.10 -2.19 -51.95
N GLY F 13 13.06 -3.46 -51.53
CA GLY F 13 11.85 -4.25 -51.65
C GLY F 13 10.74 -3.86 -50.70
N ASN F 14 11.04 -3.04 -49.70
CA ASN F 14 10.00 -2.60 -48.78
C ASN F 14 9.09 -1.56 -49.41
N GLN F 15 9.64 -0.71 -50.27
CA GLN F 15 8.83 0.33 -50.90
C GLN F 15 8.35 -0.05 -52.29
N ILE F 16 8.81 -1.17 -52.85
CA ILE F 16 8.27 -1.65 -54.11
C ILE F 16 6.85 -2.17 -53.92
N GLY F 17 6.66 -3.00 -52.89
CA GLY F 17 5.34 -3.54 -52.61
C GLY F 17 4.37 -2.50 -52.11
N SER F 18 4.88 -1.43 -51.48
CA SER F 18 4.03 -0.38 -50.90
C SER F 18 3.20 0.33 -51.95
N LYS F 19 3.67 0.37 -53.20
CA LYS F 19 2.80 0.75 -54.30
C LYS F 19 2.19 -0.46 -54.99
N PHE F 20 2.82 -1.63 -54.87
CA PHE F 20 2.32 -2.81 -55.57
C PHE F 20 1.07 -3.39 -54.93
N TRP F 21 0.98 -3.41 -53.60
CA TRP F 21 -0.23 -3.87 -52.94
C TRP F 21 -1.44 -2.99 -53.25
N GLU F 22 -1.20 -1.72 -53.60
CA GLU F 22 -2.28 -0.79 -53.92
C GLU F 22 -3.03 -1.21 -55.17
N VAL F 23 -2.29 -1.62 -56.21
CA VAL F 23 -2.93 -2.10 -57.44
C VAL F 23 -3.64 -3.42 -57.18
N ILE F 24 -3.02 -4.29 -56.39
CA ILE F 24 -3.66 -5.54 -55.98
C ILE F 24 -4.88 -5.25 -55.12
N SER F 25 -4.83 -4.17 -54.33
CA SER F 25 -6.02 -3.72 -53.63
C SER F 25 -7.07 -3.20 -54.60
N ASP F 26 -6.64 -2.49 -55.64
CA ASP F 26 -7.60 -1.84 -56.52
C ASP F 26 -8.11 -2.74 -57.62
N GLU F 27 -7.37 -3.80 -57.97
CA GLU F 27 -7.86 -4.74 -58.98
C GLU F 27 -8.93 -5.67 -58.42
N HIS F 28 -9.08 -5.73 -57.11
CA HIS F 28 -10.05 -6.64 -56.49
C HIS F 28 -11.10 -5.89 -55.68
N GLY F 29 -11.12 -4.57 -55.73
CA GLY F 29 -12.19 -3.78 -55.13
C GLY F 29 -12.23 -3.78 -53.63
N ILE F 30 -11.10 -3.58 -52.97
CA ILE F 30 -11.08 -3.49 -51.51
C ILE F 30 -10.57 -2.11 -51.10
N GLN F 31 -10.51 -1.87 -49.80
CA GLN F 31 -10.27 -0.56 -49.20
C GLN F 31 -9.07 -0.64 -48.26
N PRO F 32 -8.54 0.48 -47.74
CA PRO F 32 -7.52 0.35 -46.68
C PRO F 32 -8.02 -0.30 -45.41
N ASP F 33 -9.32 -0.26 -45.14
CA ASP F 33 -9.91 -1.09 -44.11
C ASP F 33 -10.10 -2.54 -44.56
N GLY F 34 -9.80 -2.86 -45.82
CA GLY F 34 -10.07 -4.18 -46.34
C GLY F 34 -11.51 -4.43 -46.71
N THR F 35 -12.34 -3.39 -46.71
CA THR F 35 -13.76 -3.56 -47.01
C THR F 35 -13.94 -3.83 -48.49
N PHE F 36 -14.55 -4.97 -48.82
CA PHE F 36 -14.78 -5.32 -50.22
C PHE F 36 -15.85 -4.41 -50.81
N LYS F 37 -15.51 -3.69 -51.87
CA LYS F 37 -16.45 -2.84 -52.58
C LYS F 37 -16.49 -3.16 -54.07
N GLY F 38 -16.04 -4.36 -54.45
CA GLY F 38 -16.15 -4.77 -55.83
C GLY F 38 -17.59 -5.04 -56.23
N GLU F 39 -17.99 -4.50 -57.37
CA GLU F 39 -19.37 -4.64 -57.81
C GLU F 39 -19.66 -6.03 -58.35
N THR F 40 -18.78 -6.54 -59.21
CA THR F 40 -18.89 -7.91 -59.69
C THR F 40 -18.06 -8.82 -58.79
N ASP F 41 -18.59 -10.02 -58.52
CA ASP F 41 -17.89 -11.03 -57.73
C ASP F 41 -16.72 -11.68 -58.46
N LEU F 42 -16.40 -11.26 -59.69
CA LEU F 42 -15.15 -11.65 -60.33
C LEU F 42 -13.94 -11.14 -59.57
N GLN F 43 -14.09 -10.02 -58.84
CA GLN F 43 -13.03 -9.49 -58.00
C GLN F 43 -13.00 -10.15 -56.62
N LEU F 44 -13.91 -11.08 -56.33
CA LEU F 44 -13.94 -11.75 -55.04
C LEU F 44 -13.63 -13.24 -55.11
N GLU F 45 -13.93 -13.91 -56.22
CA GLU F 45 -13.88 -15.37 -56.25
C GLU F 45 -12.47 -15.94 -56.17
N ARG F 46 -11.43 -15.11 -56.33
CA ARG F 46 -10.06 -15.50 -56.06
C ARG F 46 -9.37 -14.43 -55.21
N ILE F 47 -10.08 -13.94 -54.19
CA ILE F 47 -9.47 -12.98 -53.27
C ILE F 47 -8.61 -13.68 -52.23
N ASP F 48 -8.79 -15.00 -52.06
CA ASP F 48 -8.18 -15.72 -50.95
C ASP F 48 -6.69 -15.96 -51.15
N VAL F 49 -6.18 -15.84 -52.38
CA VAL F 49 -4.82 -16.27 -52.70
C VAL F 49 -3.77 -15.39 -52.01
N TYR F 50 -4.07 -14.12 -51.79
CA TYR F 50 -3.13 -13.21 -51.13
C TYR F 50 -3.67 -12.66 -49.82
N TYR F 51 -4.75 -13.23 -49.30
CA TYR F 51 -5.42 -12.64 -48.14
C TYR F 51 -5.91 -13.73 -47.20
N ASN F 52 -6.07 -13.37 -45.93
CA ASN F 52 -6.64 -14.24 -44.92
C ASN F 52 -7.75 -13.46 -44.22
N GLU F 53 -8.98 -13.66 -44.67
CA GLU F 53 -10.13 -12.96 -44.09
C GLU F 53 -10.35 -13.41 -42.65
N ALA F 54 -10.64 -12.45 -41.78
CA ALA F 54 -10.83 -12.73 -40.36
C ALA F 54 -11.73 -11.64 -39.78
N ASN F 55 -12.81 -12.06 -39.13
CA ASN F 55 -13.65 -11.20 -38.28
C ASN F 55 -14.26 -10.01 -39.02
N ASN F 56 -15.25 -10.31 -39.88
CA ASN F 56 -16.10 -9.38 -40.62
C ASN F 56 -15.38 -8.69 -41.78
N GLY F 57 -14.54 -9.43 -42.48
CA GLY F 57 -14.17 -9.05 -43.83
C GLY F 57 -13.03 -8.07 -43.97
N LYS F 58 -12.36 -7.71 -42.88
CA LYS F 58 -11.17 -6.87 -42.99
C LYS F 58 -10.04 -7.79 -43.46
N TYR F 59 -9.86 -7.84 -44.79
CA TYR F 59 -8.85 -8.69 -45.38
C TYR F 59 -7.46 -8.17 -45.04
N VAL F 60 -6.60 -9.05 -44.54
CA VAL F 60 -5.22 -8.68 -44.30
C VAL F 60 -4.36 -9.28 -45.40
N PRO F 61 -3.43 -8.53 -45.96
CA PRO F 61 -2.53 -9.11 -46.96
C PRO F 61 -1.56 -10.08 -46.31
N ARG F 62 -1.28 -11.16 -47.01
CA ARG F 62 -0.37 -12.17 -46.50
C ARG F 62 1.06 -11.69 -46.76
N ALA F 63 1.50 -10.79 -45.89
CA ALA F 63 2.72 -10.03 -46.11
C ALA F 63 3.56 -10.00 -44.84
N VAL F 64 4.87 -10.03 -45.02
CA VAL F 64 5.84 -9.95 -43.94
C VAL F 64 6.76 -8.78 -44.23
N LEU F 65 6.94 -7.90 -43.25
CA LEU F 65 7.71 -6.67 -43.43
C LEU F 65 8.89 -6.69 -42.46
N VAL F 66 10.10 -6.83 -43.00
CA VAL F 66 11.30 -6.99 -42.20
C VAL F 66 12.27 -5.86 -42.55
N ASP F 67 12.86 -5.25 -41.52
CA ASP F 67 13.90 -4.26 -41.68
C ASP F 67 14.88 -4.41 -40.53
N LEU F 68 16.10 -3.90 -40.73
CA LEU F 68 17.07 -3.86 -39.65
C LEU F 68 17.00 -2.58 -38.83
N GLU F 69 16.13 -1.65 -39.19
CA GLU F 69 15.93 -0.42 -38.45
C GLU F 69 14.45 -0.06 -38.49
N PRO F 70 13.98 0.75 -37.54
CA PRO F 70 12.59 1.22 -37.60
C PRO F 70 12.34 2.40 -38.52
N GLY F 71 13.27 2.71 -39.44
CA GLY F 71 13.07 3.85 -40.30
C GLY F 71 12.02 3.62 -41.37
N THR F 72 12.12 2.49 -42.08
CA THR F 72 11.18 2.19 -43.15
C THR F 72 9.86 1.63 -42.63
N MET F 73 9.76 1.35 -41.33
CA MET F 73 8.51 0.82 -40.79
C MET F 73 7.42 1.89 -40.76
N ASP F 74 7.71 3.03 -40.12
CA ASP F 74 6.70 4.05 -39.90
C ASP F 74 6.28 4.75 -41.18
N SER F 75 7.19 4.86 -42.16
CA SER F 75 6.86 5.50 -43.42
C SER F 75 5.82 4.69 -44.21
N VAL F 76 5.95 3.37 -44.20
CA VAL F 76 4.91 2.52 -44.78
C VAL F 76 3.68 2.52 -43.88
N ARG F 77 3.89 2.60 -42.57
CA ARG F 77 2.78 2.52 -41.63
C ARG F 77 1.93 3.79 -41.64
N SER F 78 2.58 4.95 -41.64
CA SER F 78 1.84 6.21 -41.69
C SER F 78 1.47 6.62 -43.11
N GLY F 79 2.02 5.95 -44.11
CA GLY F 79 1.78 6.32 -45.50
C GLY F 79 0.46 5.80 -46.04
N PRO F 80 0.38 5.65 -47.36
CA PRO F 80 -0.87 5.17 -47.96
C PRO F 80 -1.06 3.68 -47.73
N PHE F 81 -2.32 3.30 -47.47
CA PHE F 81 -2.75 1.94 -47.12
C PHE F 81 -1.96 1.39 -45.92
N GLY F 82 -1.77 2.24 -44.90
CA GLY F 82 -1.06 1.80 -43.71
C GLY F 82 -1.89 1.01 -42.74
N GLN F 83 -3.21 1.19 -42.75
CA GLN F 83 -4.08 0.50 -41.81
C GLN F 83 -4.41 -0.92 -42.26
N LEU F 84 -3.99 -1.31 -43.46
CA LEU F 84 -4.37 -2.60 -44.01
C LEU F 84 -3.49 -3.74 -43.50
N PHE F 85 -2.26 -3.45 -43.09
CA PHE F 85 -1.31 -4.50 -42.75
C PHE F 85 -1.49 -4.96 -41.31
N ARG F 86 -1.21 -6.25 -41.08
CA ARG F 86 -1.36 -6.80 -39.74
C ARG F 86 -0.18 -6.41 -38.87
N PRO F 87 -0.42 -5.82 -37.69
CA PRO F 87 0.71 -5.41 -36.82
C PRO F 87 1.44 -6.57 -36.16
N ASP F 88 0.96 -7.80 -36.31
CA ASP F 88 1.72 -8.96 -35.84
C ASP F 88 3.00 -9.15 -36.62
N ASN F 89 3.03 -8.72 -37.88
CA ASN F 89 4.13 -9.01 -38.78
C ASN F 89 5.23 -7.96 -38.73
N PHE F 90 5.05 -6.86 -37.98
CA PHE F 90 6.01 -5.77 -37.97
C PHE F 90 7.25 -6.12 -37.15
N VAL F 91 8.05 -7.05 -37.65
CA VAL F 91 9.23 -7.54 -36.95
C VAL F 91 10.44 -6.81 -37.51
N PHE F 92 11.27 -6.26 -36.62
CA PHE F 92 12.43 -5.50 -37.07
C PHE F 92 13.52 -5.52 -36.00
N GLY F 93 14.74 -5.17 -36.43
CA GLY F 93 15.86 -5.03 -35.53
C GLY F 93 16.24 -3.58 -35.33
N GLN F 94 17.39 -3.38 -34.68
CA GLN F 94 17.85 -2.04 -34.34
C GLN F 94 19.27 -1.76 -34.84
N SER F 95 19.73 -2.46 -35.88
CA SER F 95 21.11 -2.30 -36.34
C SER F 95 21.25 -1.43 -37.58
N GLY F 96 20.64 -1.84 -38.68
CA GLY F 96 21.00 -1.29 -39.97
C GLY F 96 22.22 -1.98 -40.53
N ALA F 97 22.17 -2.43 -41.79
CA ALA F 97 23.25 -3.23 -42.34
C ALA F 97 24.48 -2.40 -42.66
N GLY F 98 24.31 -1.12 -42.97
CA GLY F 98 25.42 -0.28 -43.36
C GLY F 98 26.09 -0.69 -44.66
N ASN F 99 25.34 -1.35 -45.55
CA ASN F 99 25.84 -1.98 -46.78
C ASN F 99 27.00 -2.93 -46.49
N ASN F 100 26.68 -3.98 -45.74
CA ASN F 100 27.66 -5.01 -45.38
C ASN F 100 26.95 -6.35 -45.45
N TRP F 101 27.50 -7.27 -46.25
CA TRP F 101 26.85 -8.56 -46.47
C TRP F 101 26.94 -9.44 -45.22
N ALA F 102 28.14 -9.53 -44.63
CA ALA F 102 28.33 -10.40 -43.48
C ALA F 102 27.65 -9.87 -42.23
N LYS F 103 27.33 -8.58 -42.18
CA LYS F 103 26.41 -8.10 -41.17
C LYS F 103 24.99 -8.61 -41.44
N GLY F 104 24.55 -8.49 -42.69
CA GLY F 104 23.22 -8.96 -43.03
C GLY F 104 23.09 -10.47 -43.04
N HIS F 105 24.20 -11.19 -43.19
CA HIS F 105 24.18 -12.64 -43.25
C HIS F 105 24.63 -13.30 -41.95
N TYR F 106 25.79 -12.95 -41.44
CA TYR F 106 26.39 -13.64 -40.29
C TYR F 106 26.18 -12.92 -38.98
N THR F 107 26.28 -11.60 -38.96
CA THR F 107 26.38 -10.86 -37.70
C THR F 107 25.01 -10.41 -37.19
N GLU F 108 24.31 -9.58 -37.97
CA GLU F 108 23.07 -8.99 -37.49
C GLU F 108 21.85 -9.71 -38.02
N GLY F 109 21.91 -10.18 -39.26
CA GLY F 109 20.79 -10.92 -39.84
C GLY F 109 20.55 -12.27 -39.19
N ALA F 110 21.58 -12.85 -38.58
CA ALA F 110 21.43 -14.13 -37.89
C ALA F 110 20.59 -14.00 -36.61
N GLU F 111 20.42 -12.79 -36.10
CA GLU F 111 19.58 -12.61 -34.91
C GLU F 111 18.11 -12.52 -35.28
N LEU F 112 17.77 -11.73 -36.28
CA LEU F 112 16.38 -11.45 -36.62
C LEU F 112 15.77 -12.53 -37.52
N VAL F 113 16.58 -13.48 -38.01
CA VAL F 113 16.07 -14.54 -38.87
C VAL F 113 15.15 -15.49 -38.12
N ASP F 114 15.34 -15.63 -36.79
CA ASP F 114 14.55 -16.60 -36.04
C ASP F 114 13.12 -16.12 -35.80
N ASN F 115 12.92 -14.80 -35.69
CA ASN F 115 11.61 -14.27 -35.35
C ASN F 115 10.63 -14.43 -36.50
N VAL F 116 11.05 -14.07 -37.71
CA VAL F 116 10.16 -14.18 -38.86
C VAL F 116 10.12 -15.59 -39.42
N LEU F 117 11.03 -16.47 -39.00
CA LEU F 117 10.98 -17.87 -39.42
C LEU F 117 9.73 -18.55 -38.89
N ASP F 118 9.34 -18.22 -37.66
CA ASP F 118 8.07 -18.70 -37.14
C ASP F 118 6.89 -18.00 -37.81
N VAL F 119 7.10 -16.77 -38.28
CA VAL F 119 6.04 -16.04 -38.98
C VAL F 119 5.82 -16.63 -40.36
N ILE F 120 6.90 -17.06 -41.02
CA ILE F 120 6.79 -17.89 -42.22
C ILE F 120 6.06 -19.19 -41.90
N ARG F 121 6.35 -19.76 -40.74
CA ARG F 121 5.69 -21.00 -40.34
C ARG F 121 4.22 -20.77 -40.01
N LYS F 122 3.89 -19.63 -39.39
CA LYS F 122 2.57 -19.44 -38.78
C LYS F 122 1.47 -19.34 -39.83
N GLU F 123 1.67 -18.49 -40.84
CA GLU F 123 0.67 -18.37 -41.89
C GLU F 123 0.66 -19.58 -42.83
N ALA F 124 1.72 -20.38 -42.82
CA ALA F 124 1.73 -21.59 -43.63
C ALA F 124 1.10 -22.78 -42.91
N GLU F 125 0.91 -22.69 -41.59
CA GLU F 125 0.21 -23.72 -40.87
C GLU F 125 -1.30 -23.63 -41.03
N GLY F 126 -1.83 -22.43 -41.28
CA GLY F 126 -3.25 -22.20 -41.44
C GLY F 126 -3.80 -22.43 -42.82
N CYS F 127 -3.07 -23.14 -43.69
CA CYS F 127 -3.52 -23.39 -45.05
C CYS F 127 -3.41 -24.88 -45.37
N ASP F 128 -4.12 -25.28 -46.43
CA ASP F 128 -4.18 -26.69 -46.80
C ASP F 128 -2.93 -27.14 -47.55
N CYS F 129 -2.48 -26.36 -48.53
CA CYS F 129 -1.35 -26.74 -49.36
C CYS F 129 -0.77 -25.48 -49.98
N LEU F 130 0.46 -25.12 -49.57
CA LEU F 130 1.10 -23.94 -50.09
C LEU F 130 1.52 -24.14 -51.55
N GLN F 131 1.79 -23.03 -52.22
CA GLN F 131 2.08 -23.04 -53.65
C GLN F 131 3.45 -22.50 -54.01
N GLY F 132 3.91 -21.47 -53.31
CA GLY F 132 5.20 -20.88 -53.63
C GLY F 132 5.31 -19.51 -53.00
N PHE F 133 6.55 -19.02 -52.98
CA PHE F 133 6.85 -17.76 -52.31
C PHE F 133 7.29 -16.72 -53.33
N GLN F 134 6.96 -15.46 -53.04
CA GLN F 134 7.46 -14.33 -53.81
C GLN F 134 8.15 -13.36 -52.87
N LEU F 135 9.32 -12.89 -53.31
CA LEU F 135 10.25 -12.15 -52.45
C LEU F 135 10.77 -10.94 -53.20
N THR F 136 10.65 -9.77 -52.57
CA THR F 136 11.20 -8.53 -53.11
C THR F 136 12.31 -8.04 -52.19
N HIS F 137 13.49 -7.83 -52.76
CA HIS F 137 14.65 -7.36 -52.01
C HIS F 137 15.60 -6.69 -52.99
N SER F 138 16.82 -6.44 -52.55
CA SER F 138 17.83 -5.80 -53.39
C SER F 138 19.01 -6.73 -53.61
N LEU F 139 19.82 -6.39 -54.61
CA LEU F 139 21.13 -7.00 -54.78
C LEU F 139 22.27 -6.00 -54.73
N GLY F 140 21.96 -4.71 -54.65
CA GLY F 140 22.98 -3.68 -54.56
C GLY F 140 23.28 -3.30 -53.13
N GLY F 141 22.24 -3.21 -52.31
CA GLY F 141 22.38 -2.77 -50.94
C GLY F 141 22.91 -3.86 -50.02
N GLY F 142 22.74 -3.63 -48.72
CA GLY F 142 23.29 -4.54 -47.73
C GLY F 142 22.26 -5.30 -46.92
N THR F 143 21.10 -4.68 -46.68
CA THR F 143 20.09 -5.32 -45.85
C THR F 143 19.40 -6.45 -46.59
N GLY F 144 18.75 -6.14 -47.72
CA GLY F 144 18.04 -7.15 -48.46
C GLY F 144 18.95 -8.15 -49.15
N SER F 145 20.13 -7.71 -49.57
CA SER F 145 21.08 -8.62 -50.22
C SER F 145 21.85 -9.46 -49.22
N GLY F 146 21.77 -9.14 -47.93
CA GLY F 146 22.46 -9.92 -46.93
C GLY F 146 21.54 -10.78 -46.09
N MET F 147 20.36 -10.26 -45.79
CA MET F 147 19.38 -10.97 -44.97
C MET F 147 18.42 -11.80 -45.80
N GLY F 148 17.87 -11.25 -46.88
CA GLY F 148 17.04 -12.01 -47.79
C GLY F 148 17.79 -13.09 -48.56
N THR F 149 19.12 -12.95 -48.65
CA THR F 149 19.96 -14.02 -49.18
C THR F 149 19.87 -15.27 -48.31
N LEU F 150 20.01 -15.10 -47.00
CA LEU F 150 20.00 -16.23 -46.08
C LEU F 150 18.61 -16.83 -45.89
N LEU F 151 17.55 -16.06 -46.17
CA LEU F 151 16.19 -16.55 -45.95
C LEU F 151 15.84 -17.69 -46.90
N ILE F 152 16.32 -17.63 -48.14
CA ILE F 152 16.06 -18.69 -49.10
C ILE F 152 16.80 -19.97 -48.71
N SER F 153 17.91 -19.84 -47.99
CA SER F 153 18.64 -21.01 -47.52
C SER F 153 17.95 -21.74 -46.38
N LYS F 154 16.86 -21.19 -45.83
CA LYS F 154 16.09 -21.85 -44.79
C LYS F 154 14.65 -22.16 -45.20
N ILE F 155 14.20 -21.65 -46.35
CA ILE F 155 12.89 -22.05 -46.87
C ILE F 155 12.92 -23.48 -47.35
N ARG F 156 14.03 -23.89 -47.98
CA ARG F 156 14.16 -25.25 -48.51
C ARG F 156 14.20 -26.30 -47.41
N GLU F 157 14.61 -25.93 -46.20
CA GLU F 157 14.51 -26.84 -45.07
C GLU F 157 13.08 -27.03 -44.62
N GLU F 158 12.26 -25.98 -44.71
CA GLU F 158 10.84 -26.10 -44.42
C GLU F 158 10.06 -26.70 -45.58
N TYR F 159 10.29 -26.18 -46.79
CA TYR F 159 9.52 -26.57 -47.96
C TYR F 159 10.46 -26.78 -49.14
N PRO F 160 11.00 -27.99 -49.29
CA PRO F 160 11.85 -28.27 -50.46
C PRO F 160 11.08 -28.57 -51.73
N ASP F 161 9.80 -28.23 -51.80
CA ASP F 161 8.93 -28.66 -52.89
C ASP F 161 8.52 -27.54 -53.84
N ARG F 162 8.20 -26.36 -53.33
CA ARG F 162 7.51 -25.35 -54.11
C ARG F 162 8.50 -24.42 -54.81
N ILE F 163 7.97 -23.33 -55.36
CA ILE F 163 8.74 -22.40 -56.17
C ILE F 163 9.11 -21.18 -55.35
N MET F 164 10.12 -20.46 -55.83
CA MET F 164 10.68 -19.32 -55.11
C MET F 164 10.86 -18.16 -56.09
N SER F 165 10.04 -17.14 -55.95
CA SER F 165 10.15 -15.93 -56.75
C SER F 165 10.99 -14.92 -55.99
N SER F 166 12.18 -14.61 -56.52
CA SER F 166 13.10 -13.67 -55.89
C SER F 166 13.29 -12.50 -56.84
N PHE F 167 12.42 -11.49 -56.70
CA PHE F 167 12.48 -10.30 -57.54
C PHE F 167 13.42 -9.32 -56.88
N SER F 168 14.44 -8.87 -57.60
CA SER F 168 15.44 -7.97 -57.05
C SER F 168 16.06 -7.12 -58.15
N VAL F 169 16.41 -5.88 -57.79
CA VAL F 169 17.06 -4.98 -58.73
C VAL F 169 18.52 -5.39 -58.90
N VAL F 170 19.10 -5.01 -60.03
CA VAL F 170 20.45 -5.42 -60.39
C VAL F 170 21.27 -4.19 -60.75
N PRO F 171 22.61 -4.25 -60.67
CA PRO F 171 23.43 -3.12 -61.13
C PRO F 171 23.33 -2.90 -62.62
N SER F 172 23.68 -1.66 -63.04
CA SER F 172 23.71 -1.13 -64.39
C SER F 172 25.15 -0.86 -64.83
N PRO F 173 25.44 -0.94 -66.14
CA PRO F 173 26.82 -0.66 -66.59
C PRO F 173 27.19 0.81 -66.55
N LYS F 174 26.22 1.72 -66.56
CA LYS F 174 26.52 3.14 -66.74
C LYS F 174 27.03 3.78 -65.45
N VAL F 175 26.20 3.82 -64.42
CA VAL F 175 26.52 4.48 -63.16
C VAL F 175 26.24 3.50 -62.02
N SER F 176 27.26 3.21 -61.23
CA SER F 176 27.08 2.38 -60.05
C SER F 176 26.32 3.15 -58.98
N ASP F 177 25.53 2.44 -58.18
CA ASP F 177 24.71 3.05 -57.15
C ASP F 177 25.38 3.08 -55.78
N THR F 178 26.02 1.98 -55.37
CA THR F 178 26.76 1.95 -54.12
C THR F 178 28.21 1.54 -54.39
N VAL F 179 29.04 1.65 -53.36
CA VAL F 179 30.47 1.43 -53.52
C VAL F 179 30.79 -0.05 -53.54
N VAL F 180 30.11 -0.84 -52.73
CA VAL F 180 30.37 -2.28 -52.63
C VAL F 180 29.35 -3.02 -53.47
N GLU F 181 28.82 -2.34 -54.49
CA GLU F 181 27.82 -2.94 -55.39
C GLU F 181 28.32 -4.16 -56.17
N PRO F 182 29.55 -4.25 -56.68
CA PRO F 182 29.99 -5.55 -57.20
C PRO F 182 30.25 -6.59 -56.12
N TYR F 183 30.48 -6.18 -54.88
CA TYR F 183 30.60 -7.15 -53.79
C TYR F 183 29.25 -7.72 -53.39
N ASN F 184 28.20 -6.90 -53.44
CA ASN F 184 26.87 -7.37 -53.08
C ASN F 184 26.23 -8.20 -54.18
N ALA F 185 26.82 -8.25 -55.37
CA ALA F 185 26.24 -9.00 -56.47
C ALA F 185 26.79 -10.42 -56.54
N THR F 186 28.12 -10.58 -56.53
CA THR F 186 28.73 -11.90 -56.69
C THR F 186 28.45 -12.79 -55.49
N LEU F 187 28.42 -12.20 -54.30
CA LEU F 187 28.18 -12.97 -53.09
C LEU F 187 26.70 -13.36 -52.96
N SER F 188 25.79 -12.57 -53.54
CA SER F 188 24.38 -12.90 -53.49
C SER F 188 24.03 -13.99 -54.50
N VAL F 189 24.49 -13.82 -55.75
CA VAL F 189 24.18 -14.76 -56.84
C VAL F 189 24.79 -16.13 -56.57
N HIS F 190 25.89 -16.17 -55.79
CA HIS F 190 26.44 -17.42 -55.25
C HIS F 190 25.40 -18.22 -54.48
N GLN F 191 24.50 -17.55 -53.76
CA GLN F 191 23.41 -18.22 -53.10
C GLN F 191 22.14 -18.25 -53.94
N LEU F 192 22.03 -17.39 -54.96
CA LEU F 192 20.84 -17.39 -55.80
C LEU F 192 20.86 -18.53 -56.82
N VAL F 193 22.03 -18.94 -57.29
CA VAL F 193 22.09 -20.07 -58.20
C VAL F 193 21.98 -21.41 -57.47
N GLU F 194 22.00 -21.39 -56.15
CA GLU F 194 21.90 -22.61 -55.36
C GLU F 194 20.46 -23.05 -55.13
N ASN F 195 19.59 -22.13 -54.72
CA ASN F 195 18.28 -22.52 -54.21
C ASN F 195 17.12 -21.66 -54.68
N THR F 196 17.26 -20.94 -55.79
CA THR F 196 16.18 -20.10 -56.29
C THR F 196 15.67 -20.63 -57.63
N ASP F 197 14.51 -20.12 -58.04
CA ASP F 197 13.87 -20.59 -59.25
C ASP F 197 13.67 -19.51 -60.31
N GLU F 198 13.54 -18.24 -59.92
CA GLU F 198 13.56 -17.16 -60.91
C GLU F 198 14.02 -15.86 -60.26
N THR F 199 14.80 -15.09 -61.02
CA THR F 199 15.16 -13.72 -60.69
C THR F 199 14.85 -12.85 -61.90
N TYR F 200 14.31 -11.66 -61.66
CA TYR F 200 14.05 -10.71 -62.74
C TYR F 200 15.04 -9.55 -62.59
N CYS F 201 16.02 -9.53 -63.47
CA CYS F 201 17.09 -8.54 -63.44
C CYS F 201 16.57 -7.24 -64.04
N ILE F 202 16.08 -6.36 -63.18
CA ILE F 202 15.54 -5.05 -63.59
C ILE F 202 16.62 -4.01 -63.34
N ASP F 203 17.05 -3.33 -64.39
CA ASP F 203 18.01 -2.25 -64.27
C ASP F 203 17.32 -0.96 -63.83
N ASN F 204 17.95 -0.25 -62.89
CA ASN F 204 17.47 1.07 -62.52
C ASN F 204 17.69 2.08 -63.64
N GLU F 205 18.69 1.85 -64.48
CA GLU F 205 19.03 2.81 -65.52
C GLU F 205 18.00 2.82 -66.63
N ALA F 206 17.62 1.65 -67.13
CA ALA F 206 16.74 1.58 -68.30
C ALA F 206 15.30 1.93 -67.96
N LEU F 207 14.93 1.95 -66.67
CA LEU F 207 13.58 2.37 -66.30
C LEU F 207 13.36 3.85 -66.57
N TYR F 208 14.42 4.66 -66.48
CA TYR F 208 14.28 6.06 -66.89
C TYR F 208 14.11 6.17 -68.39
N ASP F 209 14.84 5.35 -69.15
CA ASP F 209 14.74 5.36 -70.60
C ASP F 209 13.37 4.91 -71.10
N ILE F 210 12.69 4.08 -70.31
CA ILE F 210 11.28 3.83 -70.54
C ILE F 210 10.47 5.10 -70.28
N CYS F 211 10.74 5.76 -69.15
CA CYS F 211 9.96 6.94 -68.78
C CYS F 211 10.32 8.16 -69.62
N TYR F 212 11.56 8.25 -70.09
CA TYR F 212 11.99 9.44 -70.82
C TYR F 212 11.43 9.47 -72.25
N ARG F 213 11.20 8.31 -72.86
CA ARG F 213 10.73 8.23 -74.23
C ARG F 213 9.25 7.95 -74.34
N THR F 214 8.75 6.93 -73.64
CA THR F 214 7.33 6.61 -73.71
C THR F 214 6.52 7.58 -72.85
N LEU F 215 6.82 7.61 -71.56
CA LEU F 215 6.04 8.45 -70.64
C LEU F 215 6.38 9.92 -70.75
N LYS F 216 7.58 10.25 -71.25
CA LYS F 216 8.06 11.63 -71.43
C LYS F 216 8.07 12.42 -70.11
N LEU F 217 8.21 11.73 -68.98
CA LEU F 217 8.04 12.37 -67.69
C LEU F 217 9.36 12.97 -67.22
N THR F 218 9.35 14.29 -66.99
CA THR F 218 10.56 15.01 -66.63
C THR F 218 10.94 14.79 -65.17
N ASN F 219 9.97 14.45 -64.32
CA ASN F 219 10.18 14.33 -62.88
C ASN F 219 9.88 12.90 -62.44
N PRO F 220 10.86 12.00 -62.51
CA PRO F 220 10.61 10.61 -62.08
C PRO F 220 10.51 10.48 -60.57
N THR F 221 9.28 10.33 -60.08
CA THR F 221 9.05 10.04 -58.68
C THR F 221 9.27 8.54 -58.46
N TYR F 222 9.86 8.18 -57.32
CA TYR F 222 10.10 6.78 -57.00
C TYR F 222 8.81 6.00 -56.79
N GLY F 223 7.68 6.67 -56.55
CA GLY F 223 6.40 6.00 -56.62
C GLY F 223 6.05 5.57 -58.03
N ASP F 224 6.56 6.29 -59.03
CA ASP F 224 6.21 6.00 -60.41
C ASP F 224 7.11 4.95 -61.04
N LEU F 225 8.36 4.84 -60.60
CA LEU F 225 9.23 3.80 -61.15
C LEU F 225 8.82 2.43 -60.65
N ASN F 226 8.45 2.33 -59.37
CA ASN F 226 7.93 1.08 -58.84
C ASN F 226 6.53 0.79 -59.34
N HIS F 227 5.81 1.82 -59.80
CA HIS F 227 4.50 1.62 -60.42
C HIS F 227 4.61 0.83 -61.71
N LEU F 228 5.71 1.01 -62.45
CA LEU F 228 5.94 0.18 -63.62
C LEU F 228 6.48 -1.20 -63.23
N VAL F 229 7.04 -1.32 -62.03
CA VAL F 229 7.35 -2.64 -61.50
C VAL F 229 6.07 -3.29 -60.98
N SER F 230 5.12 -2.47 -60.51
CA SER F 230 3.88 -2.98 -59.95
C SER F 230 3.01 -3.64 -61.01
N LEU F 231 2.84 -2.98 -62.15
CA LEU F 231 2.00 -3.54 -63.20
C LEU F 231 2.63 -4.74 -63.89
N THR F 232 3.95 -4.90 -63.77
CA THR F 232 4.60 -6.08 -64.31
C THR F 232 4.27 -7.32 -63.50
N MET F 233 4.31 -7.20 -62.17
CA MET F 233 4.10 -8.34 -61.30
C MET F 233 2.64 -8.79 -61.26
N SER F 234 1.70 -7.85 -61.39
CA SER F 234 0.28 -8.21 -61.35
C SER F 234 -0.15 -8.95 -62.60
N GLY F 235 0.50 -8.69 -63.73
CA GLY F 235 0.20 -9.41 -64.95
C GLY F 235 0.70 -10.83 -64.96
N VAL F 236 1.68 -11.15 -64.12
CA VAL F 236 2.22 -12.51 -64.08
C VAL F 236 1.22 -13.45 -63.42
N THR F 237 0.63 -13.03 -62.31
CA THR F 237 -0.29 -13.87 -61.54
C THR F 237 -1.74 -13.65 -61.92
N THR F 238 -2.03 -13.28 -63.15
CA THR F 238 -3.41 -13.04 -63.55
C THR F 238 -4.20 -14.32 -63.75
N CYS F 239 -3.53 -15.45 -63.95
CA CYS F 239 -4.25 -16.70 -64.17
C CYS F 239 -4.82 -17.24 -62.87
N LEU F 240 -4.05 -17.13 -61.79
CA LEU F 240 -4.49 -17.63 -60.49
C LEU F 240 -5.60 -16.78 -59.89
N ARG F 241 -5.79 -15.57 -60.39
CA ARG F 241 -6.75 -14.63 -59.82
C ARG F 241 -7.94 -14.37 -60.73
N PHE F 242 -7.89 -14.77 -61.98
CA PHE F 242 -8.95 -14.47 -62.93
C PHE F 242 -9.12 -15.63 -63.89
N PRO F 243 -10.35 -15.91 -64.33
CA PRO F 243 -10.56 -16.97 -65.33
C PRO F 243 -10.20 -16.54 -66.73
N GLY F 244 -10.47 -17.41 -67.71
CA GLY F 244 -10.16 -17.09 -69.09
C GLY F 244 -10.20 -18.34 -69.94
N GLN F 245 -9.77 -18.19 -71.19
CA GLN F 245 -9.76 -19.31 -72.12
C GLN F 245 -8.52 -20.18 -71.96
N LEU F 246 -7.50 -19.73 -71.24
CA LEU F 246 -6.29 -20.53 -71.02
C LEU F 246 -5.64 -20.04 -69.75
N ASN F 247 -5.57 -20.88 -68.73
CA ASN F 247 -4.96 -20.53 -67.46
C ASN F 247 -3.59 -21.17 -67.31
N ALA F 248 -2.68 -20.46 -66.66
CA ALA F 248 -1.26 -20.82 -66.59
C ALA F 248 -0.70 -20.33 -65.27
N ASP F 249 -0.48 -21.23 -64.31
CA ASP F 249 0.00 -20.82 -63.01
C ASP F 249 1.50 -20.50 -63.05
N LEU F 250 2.05 -20.19 -61.87
CA LEU F 250 3.46 -19.82 -61.78
C LEU F 250 4.37 -21.00 -62.08
N ARG F 251 3.92 -22.22 -61.77
CA ARG F 251 4.70 -23.39 -62.11
C ARG F 251 4.71 -23.65 -63.61
N LYS F 252 3.60 -23.35 -64.30
CA LYS F 252 3.58 -23.50 -65.75
C LYS F 252 4.45 -22.42 -66.39
N LEU F 253 4.50 -21.23 -65.80
CA LEU F 253 5.45 -20.22 -66.22
C LEU F 253 6.88 -20.63 -65.90
N ALA F 254 7.06 -21.45 -64.86
CA ALA F 254 8.39 -21.96 -64.54
C ALA F 254 8.80 -23.05 -65.52
N VAL F 255 7.97 -24.08 -65.67
CA VAL F 255 8.36 -25.29 -66.39
C VAL F 255 8.52 -25.04 -67.89
N ASN F 256 7.87 -24.02 -68.45
CA ASN F 256 7.98 -23.78 -69.87
C ASN F 256 9.30 -23.10 -70.22
N MET F 257 9.90 -22.40 -69.27
CA MET F 257 10.99 -21.48 -69.59
C MET F 257 12.36 -22.05 -69.25
N VAL F 258 12.58 -22.44 -68.00
CA VAL F 258 13.94 -22.77 -67.52
C VAL F 258 14.41 -24.11 -68.06
N PRO F 259 15.47 -24.12 -68.88
CA PRO F 259 15.85 -25.37 -69.56
C PRO F 259 16.83 -26.23 -68.76
N PHE F 260 17.54 -25.60 -67.83
CA PHE F 260 18.63 -26.20 -67.08
C PHE F 260 18.64 -25.51 -65.72
N PRO F 261 18.99 -26.23 -64.64
CA PRO F 261 18.71 -25.72 -63.28
C PRO F 261 19.47 -24.46 -62.87
N ARG F 262 20.27 -23.84 -63.74
CA ARG F 262 20.87 -22.55 -63.46
C ARG F 262 20.26 -21.42 -64.28
N LEU F 263 19.91 -21.66 -65.55
CA LEU F 263 19.55 -20.58 -66.46
C LEU F 263 18.07 -20.23 -66.27
N HIS F 264 17.83 -19.37 -65.29
CA HIS F 264 16.48 -18.92 -64.98
C HIS F 264 16.47 -17.43 -64.72
N PHE F 265 17.28 -16.69 -65.47
CA PHE F 265 17.52 -15.27 -65.21
C PHE F 265 16.86 -14.48 -66.33
N PHE F 266 15.64 -14.00 -66.08
CA PHE F 266 14.73 -13.56 -67.11
C PHE F 266 14.49 -12.05 -67.00
N MET F 267 14.33 -11.41 -68.16
CA MET F 267 13.97 -10.00 -68.07
C MET F 267 12.50 -9.80 -68.47
N PRO F 268 11.79 -8.91 -67.80
CA PRO F 268 10.37 -8.71 -68.10
C PRO F 268 10.15 -7.59 -69.12
N GLY F 269 8.92 -7.53 -69.62
CA GLY F 269 8.53 -6.51 -70.57
C GLY F 269 7.04 -6.24 -70.47
N PHE F 270 6.66 -5.03 -70.85
CA PHE F 270 5.25 -4.63 -70.77
C PHE F 270 4.90 -3.69 -71.91
N ALA F 271 3.72 -3.90 -72.48
CA ALA F 271 3.16 -3.06 -73.53
C ALA F 271 1.65 -3.01 -73.29
N PRO F 272 0.99 -1.87 -73.57
CA PRO F 272 1.48 -0.60 -74.11
C PRO F 272 2.12 0.33 -73.09
N LEU F 273 3.01 1.21 -73.57
CA LEU F 273 3.68 2.20 -72.75
C LEU F 273 3.85 3.45 -73.59
N SER F 274 3.15 4.53 -73.22
CA SER F 274 3.32 5.81 -73.86
C SER F 274 2.81 6.89 -72.92
N ALA F 275 2.91 8.15 -73.35
CA ALA F 275 2.46 9.29 -72.57
C ALA F 275 0.96 9.50 -72.70
N LYS F 276 0.48 10.66 -72.24
CA LYS F 276 -0.95 10.94 -72.25
C LYS F 276 -1.48 11.23 -73.66
N GLY F 277 -0.83 12.16 -74.37
CA GLY F 277 -1.40 12.70 -75.59
C GLY F 277 -1.34 11.80 -76.80
N THR F 278 -0.59 10.71 -76.74
CA THR F 278 -0.48 9.78 -77.86
C THR F 278 -1.45 8.61 -77.77
N GLN F 279 -2.60 8.81 -77.14
CA GLN F 279 -3.56 7.73 -76.97
C GLN F 279 -4.27 7.40 -78.28
N ALA F 280 -5.00 8.38 -78.83
CA ALA F 280 -5.82 8.14 -80.02
C ALA F 280 -5.01 8.01 -81.30
N TYR F 281 -3.81 8.60 -81.34
CA TYR F 281 -3.05 8.67 -82.58
C TYR F 281 -2.40 7.36 -83.00
N ARG F 282 -2.32 6.38 -82.11
CA ARG F 282 -1.84 5.05 -82.48
C ARG F 282 -3.00 4.06 -82.45
N ALA F 283 -2.69 2.81 -82.77
CA ALA F 283 -3.71 1.77 -82.93
C ALA F 283 -3.60 0.74 -81.82
N LEU F 284 -4.76 0.32 -81.32
CA LEU F 284 -4.83 -0.76 -80.34
C LEU F 284 -5.19 -2.07 -81.05
N THR F 285 -4.23 -2.53 -81.86
CA THR F 285 -4.37 -3.78 -82.59
C THR F 285 -3.43 -4.81 -81.98
N VAL F 286 -3.58 -6.06 -82.43
CA VAL F 286 -2.63 -7.09 -82.03
C VAL F 286 -1.27 -6.82 -82.65
N ALA F 287 -1.25 -6.25 -83.85
CA ALA F 287 0.01 -6.00 -84.55
C ALA F 287 0.79 -4.85 -83.93
N GLU F 288 0.12 -3.82 -83.44
CA GLU F 288 0.84 -2.70 -82.82
C GLU F 288 1.38 -3.10 -81.46
N LEU F 289 0.61 -3.88 -80.70
CA LEU F 289 1.09 -4.36 -79.42
C LEU F 289 2.14 -5.46 -79.55
N THR F 290 2.26 -6.07 -80.72
CA THR F 290 3.25 -7.12 -80.90
C THR F 290 4.66 -6.55 -80.99
N GLN F 291 4.87 -5.60 -81.90
CA GLN F 291 6.22 -5.16 -82.21
C GLN F 291 6.81 -4.25 -81.13
N GLN F 292 5.95 -3.70 -80.27
CA GLN F 292 6.47 -2.98 -79.11
C GLN F 292 7.16 -3.93 -78.14
N MET F 293 6.63 -5.15 -78.01
CA MET F 293 7.17 -6.14 -77.08
C MET F 293 8.57 -6.62 -77.45
N PHE F 294 8.97 -6.47 -78.71
CA PHE F 294 10.23 -7.00 -79.20
C PHE F 294 11.18 -5.89 -79.63
N ASP F 295 11.09 -4.75 -78.96
CA ASP F 295 11.96 -3.60 -79.19
C ASP F 295 12.98 -3.52 -78.06
N ALA F 296 14.10 -2.85 -78.33
CA ALA F 296 15.05 -2.53 -77.27
C ALA F 296 14.48 -1.51 -76.29
N LYS F 297 13.48 -0.74 -76.73
CA LYS F 297 12.78 0.19 -75.85
C LYS F 297 12.08 -0.52 -74.70
N ASN F 298 11.43 -1.65 -75.00
CA ASN F 298 10.68 -2.38 -73.98
C ASN F 298 11.57 -3.21 -73.07
N MET F 299 12.87 -3.29 -73.37
CA MET F 299 13.81 -4.02 -72.51
C MET F 299 13.98 -3.25 -71.20
N MET F 300 13.36 -3.75 -70.14
CA MET F 300 13.43 -3.09 -68.83
C MET F 300 14.84 -3.13 -68.24
N ALA F 301 15.66 -4.10 -68.63
CA ALA F 301 17.08 -4.07 -68.32
C ALA F 301 17.83 -3.39 -69.45
N ALA F 302 19.01 -2.89 -69.13
CA ALA F 302 19.84 -2.18 -70.11
C ALA F 302 20.80 -3.14 -70.81
N CYS F 303 20.23 -4.16 -71.42
CA CYS F 303 20.97 -5.09 -72.27
C CYS F 303 20.35 -5.09 -73.64
N ASP F 304 21.17 -5.41 -74.65
CA ASP F 304 20.76 -5.21 -76.03
C ASP F 304 20.12 -6.50 -76.55
N PRO F 305 18.83 -6.49 -76.93
CA PRO F 305 18.17 -7.74 -77.31
C PRO F 305 18.64 -8.32 -78.63
N ARG F 306 19.20 -7.51 -79.53
CA ARG F 306 19.81 -8.01 -80.75
C ARG F 306 21.28 -8.39 -80.55
N HIS F 307 21.73 -8.51 -79.30
CA HIS F 307 23.02 -9.09 -78.97
C HIS F 307 22.86 -10.44 -78.27
N GLY F 308 21.68 -11.05 -78.39
CA GLY F 308 21.40 -12.33 -77.80
C GLY F 308 20.38 -13.10 -78.62
N ARG F 309 19.74 -14.07 -77.98
CA ARG F 309 18.77 -14.95 -78.64
C ARG F 309 17.65 -15.25 -77.65
N TYR F 310 16.41 -15.10 -78.11
CA TYR F 310 15.26 -15.47 -77.29
C TYR F 310 15.11 -16.99 -77.27
N LEU F 311 15.15 -17.57 -76.07
CA LEU F 311 14.95 -19.00 -75.92
C LEU F 311 13.48 -19.34 -75.72
N THR F 312 12.87 -18.80 -74.66
CA THR F 312 11.46 -19.04 -74.36
C THR F 312 10.73 -17.71 -74.28
N VAL F 313 9.78 -17.50 -75.19
CA VAL F 313 8.98 -16.29 -75.26
C VAL F 313 7.67 -16.53 -74.54
N ALA F 314 7.45 -15.77 -73.47
CA ALA F 314 6.24 -15.89 -72.66
C ALA F 314 5.34 -14.69 -72.96
N ALA F 315 4.17 -14.95 -73.51
CA ALA F 315 3.22 -13.91 -73.90
C ALA F 315 2.00 -14.02 -73.00
N MET F 316 1.96 -13.21 -71.96
CA MET F 316 0.83 -13.14 -71.04
C MET F 316 -0.03 -11.96 -71.46
N PHE F 317 -1.01 -12.22 -72.31
CA PHE F 317 -1.86 -11.17 -72.87
C PHE F 317 -3.09 -11.00 -72.00
N ARG F 318 -3.52 -9.75 -71.83
CA ARG F 318 -4.58 -9.40 -70.92
C ARG F 318 -5.62 -8.56 -71.66
N GLY F 319 -6.84 -9.08 -71.74
CA GLY F 319 -7.94 -8.41 -72.41
C GLY F 319 -8.65 -9.34 -73.38
N ARG F 320 -9.86 -8.91 -73.75
CA ARG F 320 -10.66 -9.64 -74.74
C ARG F 320 -10.00 -9.51 -76.10
N MET F 321 -9.39 -10.59 -76.57
CA MET F 321 -8.60 -10.58 -77.79
C MET F 321 -9.04 -11.72 -78.70
N SER F 322 -8.69 -11.59 -79.97
CA SER F 322 -8.91 -12.64 -80.96
C SER F 322 -7.73 -13.58 -80.93
N MET F 323 -8.01 -14.88 -80.73
CA MET F 323 -6.96 -15.87 -80.54
C MET F 323 -6.16 -16.10 -81.82
N ARG F 324 -6.81 -16.00 -82.98
CA ARG F 324 -6.14 -16.32 -84.24
C ARG F 324 -5.12 -15.25 -84.60
N GLU F 325 -5.41 -13.98 -84.30
CA GLU F 325 -4.43 -12.94 -84.56
C GLU F 325 -3.24 -13.04 -83.62
N VAL F 326 -3.46 -13.57 -82.41
CA VAL F 326 -2.34 -13.99 -81.58
C VAL F 326 -1.63 -15.17 -82.20
N ASP F 327 -2.40 -16.12 -82.74
CA ASP F 327 -1.81 -17.27 -83.42
C ASP F 327 -1.16 -16.88 -84.74
N GLU F 328 -1.60 -15.76 -85.34
CA GLU F 328 -1.02 -15.31 -86.59
C GLU F 328 0.37 -14.73 -86.37
N GLN F 329 0.49 -13.77 -85.47
CA GLN F 329 1.68 -12.94 -85.41
C GLN F 329 2.82 -13.60 -84.65
N MET F 330 2.50 -14.50 -83.71
CA MET F 330 3.55 -15.23 -83.02
C MET F 330 4.26 -16.21 -83.95
N LEU F 331 3.57 -16.65 -85.01
CA LEU F 331 4.27 -17.30 -86.11
C LEU F 331 5.12 -16.30 -86.87
N ASN F 332 4.61 -15.09 -87.07
CA ASN F 332 5.22 -14.15 -88.00
C ASN F 332 6.52 -13.57 -87.46
N VAL F 333 6.71 -13.57 -86.14
CA VAL F 333 7.96 -13.06 -85.60
C VAL F 333 9.10 -14.02 -85.88
N GLN F 334 8.84 -15.33 -85.88
CA GLN F 334 9.90 -16.29 -86.16
C GLN F 334 10.20 -16.37 -87.66
N ASN F 335 9.23 -16.03 -88.51
CA ASN F 335 9.51 -15.89 -89.92
C ASN F 335 10.29 -14.63 -90.24
N LYS F 336 10.29 -13.65 -89.33
CA LYS F 336 11.12 -12.46 -89.46
C LYS F 336 12.47 -12.63 -88.75
N ASN F 337 12.44 -13.12 -87.52
CA ASN F 337 13.56 -13.01 -86.58
C ASN F 337 14.12 -14.37 -86.19
N SER F 338 14.32 -15.25 -87.17
CA SER F 338 14.81 -16.60 -86.89
C SER F 338 16.24 -16.59 -86.37
N SER F 339 17.04 -15.58 -86.73
CA SER F 339 18.35 -15.42 -86.12
C SER F 339 18.24 -14.99 -84.67
N TYR F 340 17.18 -14.26 -84.32
CA TYR F 340 17.00 -13.76 -82.97
C TYR F 340 16.52 -14.81 -81.99
N PHE F 341 16.27 -16.03 -82.44
CA PHE F 341 15.94 -17.14 -81.55
C PHE F 341 17.12 -18.11 -81.46
N VAL F 342 17.08 -18.94 -80.42
CA VAL F 342 17.88 -20.15 -80.43
C VAL F 342 17.33 -21.08 -81.51
N GLU F 343 18.22 -21.77 -82.21
CA GLU F 343 17.80 -22.52 -83.39
C GLU F 343 17.28 -23.91 -83.07
N TRP F 344 17.91 -24.61 -82.11
CA TRP F 344 17.58 -26.00 -81.89
C TRP F 344 16.36 -26.21 -81.00
N ILE F 345 15.77 -25.14 -80.46
CA ILE F 345 14.53 -25.22 -79.70
C ILE F 345 13.40 -24.74 -80.61
N PRO F 346 12.55 -25.63 -81.13
CA PRO F 346 11.47 -25.18 -82.00
C PRO F 346 10.30 -24.62 -81.20
N ASN F 347 9.57 -23.73 -81.86
CA ASN F 347 8.32 -23.13 -81.37
C ASN F 347 8.55 -22.41 -80.03
N ASN F 348 9.33 -21.35 -80.11
CA ASN F 348 9.81 -20.65 -78.93
C ASN F 348 8.74 -19.82 -78.24
N VAL F 349 7.54 -19.70 -78.79
CA VAL F 349 6.50 -18.86 -78.22
C VAL F 349 5.61 -19.68 -77.29
N LYS F 350 5.50 -19.23 -76.03
CA LYS F 350 4.49 -19.72 -75.11
C LYS F 350 3.45 -18.62 -74.88
N THR F 351 2.18 -18.96 -75.09
CA THR F 351 1.10 -18.00 -75.03
C THR F 351 0.12 -18.39 -73.93
N ALA F 352 -0.14 -17.46 -73.03
CA ALA F 352 -1.19 -17.59 -72.04
C ALA F 352 -2.06 -16.35 -72.09
N VAL F 353 -3.36 -16.53 -72.27
CA VAL F 353 -4.29 -15.41 -72.47
C VAL F 353 -5.37 -15.49 -71.42
N CYS F 354 -5.41 -14.51 -70.54
CA CYS F 354 -6.57 -14.25 -69.71
C CYS F 354 -7.40 -13.15 -70.37
N ASP F 355 -8.72 -13.26 -70.21
CA ASP F 355 -9.65 -12.38 -70.88
C ASP F 355 -9.97 -11.14 -70.06
N ILE F 356 -9.11 -10.75 -69.13
CA ILE F 356 -9.32 -9.60 -68.28
C ILE F 356 -8.11 -8.68 -68.42
N PRO F 357 -8.28 -7.44 -68.85
CA PRO F 357 -7.16 -6.51 -68.94
C PRO F 357 -6.94 -5.82 -67.61
N PRO F 358 -5.77 -5.20 -67.39
CA PRO F 358 -5.58 -4.40 -66.17
C PRO F 358 -6.40 -3.13 -66.21
N ARG F 359 -6.53 -2.51 -65.03
CA ARG F 359 -7.33 -1.30 -64.90
C ARG F 359 -6.58 -0.12 -65.48
N GLY F 360 -7.19 0.54 -66.47
CA GLY F 360 -6.59 1.69 -67.14
C GLY F 360 -6.38 1.50 -68.62
N LEU F 361 -6.61 0.31 -69.17
CA LEU F 361 -6.40 0.02 -70.58
C LEU F 361 -7.59 -0.75 -71.13
N LYS F 362 -7.46 -1.20 -72.37
CA LYS F 362 -8.41 -2.13 -72.97
C LYS F 362 -7.77 -3.42 -73.42
N MET F 363 -6.47 -3.41 -73.67
CA MET F 363 -5.73 -4.58 -74.13
C MET F 363 -4.26 -4.36 -73.82
N ALA F 364 -3.67 -5.30 -73.08
CA ALA F 364 -2.31 -5.15 -72.61
C ALA F 364 -1.54 -6.44 -72.86
N ALA F 365 -0.23 -6.36 -72.69
CA ALA F 365 0.65 -7.49 -72.93
C ALA F 365 1.74 -7.51 -71.87
N THR F 366 1.87 -8.63 -71.17
CA THR F 366 2.88 -8.81 -70.14
C THR F 366 3.91 -9.80 -70.66
N PHE F 367 5.12 -9.31 -70.91
CA PHE F 367 6.17 -10.10 -71.54
C PHE F 367 7.24 -10.46 -70.54
N VAL F 368 7.69 -11.71 -70.58
CA VAL F 368 8.89 -12.16 -69.89
C VAL F 368 9.72 -12.93 -70.91
N GLY F 369 10.97 -12.53 -71.09
CA GLY F 369 11.81 -13.13 -72.10
C GLY F 369 13.06 -13.75 -71.50
N ASN F 370 13.75 -14.53 -72.35
CA ASN F 370 15.02 -15.15 -72.00
C ASN F 370 15.98 -14.87 -73.15
N SER F 371 16.64 -13.73 -73.10
CA SER F 371 17.71 -13.41 -74.03
C SER F 371 19.02 -13.94 -73.48
N THR F 372 19.89 -14.44 -74.35
CA THR F 372 21.22 -14.84 -73.91
C THR F 372 22.21 -13.68 -73.93
N ALA F 373 21.72 -12.46 -74.19
CA ALA F 373 22.49 -11.24 -73.96
C ALA F 373 22.51 -10.83 -72.49
N ILE F 374 21.76 -11.52 -71.63
CA ILE F 374 21.86 -11.33 -70.18
C ILE F 374 23.14 -11.96 -69.63
N GLN F 375 23.84 -12.74 -70.46
CA GLN F 375 25.21 -13.14 -70.20
C GLN F 375 26.12 -11.94 -69.95
N GLU F 376 25.89 -10.85 -70.68
CA GLU F 376 26.68 -9.63 -70.48
C GLU F 376 26.40 -8.93 -69.16
N LEU F 377 25.28 -9.23 -68.51
CA LEU F 377 25.05 -8.70 -67.17
C LEU F 377 26.02 -9.29 -66.17
N PHE F 378 26.39 -10.54 -66.35
CA PHE F 378 27.35 -11.17 -65.47
C PHE F 378 28.77 -11.10 -66.00
N LYS F 379 28.94 -10.61 -67.23
CA LYS F 379 30.27 -10.28 -67.72
C LYS F 379 30.76 -8.97 -67.13
N ARG F 380 29.87 -7.96 -67.06
CA ARG F 380 30.29 -6.64 -66.62
C ARG F 380 30.53 -6.57 -65.12
N ILE F 381 29.85 -7.40 -64.33
CA ILE F 381 29.99 -7.32 -62.88
C ILE F 381 31.15 -8.20 -62.41
N SER F 382 31.46 -9.28 -63.14
CA SER F 382 32.58 -10.14 -62.78
C SER F 382 33.93 -9.45 -62.97
N GLU F 383 33.98 -8.40 -63.80
CA GLU F 383 35.20 -7.61 -63.88
C GLU F 383 35.27 -6.56 -62.77
N GLN F 384 34.13 -5.94 -62.44
CA GLN F 384 34.10 -4.98 -61.35
C GLN F 384 34.28 -5.65 -60.00
N PHE F 385 33.77 -6.88 -59.85
CA PHE F 385 34.04 -7.66 -58.65
C PHE F 385 35.52 -8.00 -58.53
N THR F 386 36.15 -8.37 -59.64
CA THR F 386 37.58 -8.62 -59.68
C THR F 386 38.39 -7.37 -59.99
N ALA F 387 37.77 -6.18 -59.91
CA ALA F 387 38.53 -4.95 -60.02
C ALA F 387 39.16 -4.59 -58.68
N MET F 388 38.48 -4.89 -57.58
CA MET F 388 38.91 -4.48 -56.26
C MET F 388 39.49 -5.63 -55.43
N PHE F 389 39.21 -6.88 -55.81
CA PHE F 389 39.83 -8.01 -55.13
C PHE F 389 41.31 -8.12 -55.47
N ARG F 390 41.70 -7.61 -56.64
CA ARG F 390 43.12 -7.60 -57.01
C ARG F 390 43.94 -6.63 -56.17
N ARG F 391 43.29 -5.65 -55.54
CA ARG F 391 43.97 -4.75 -54.61
C ARG F 391 43.56 -4.99 -53.17
N LYS F 392 42.63 -5.93 -52.93
CA LYS F 392 42.20 -6.37 -51.60
C LYS F 392 41.60 -5.24 -50.78
N ALA F 393 40.95 -4.30 -51.45
CA ALA F 393 40.31 -3.18 -50.77
C ALA F 393 39.04 -3.63 -50.08
N PHE F 394 38.67 -2.89 -49.02
CA PHE F 394 37.45 -3.12 -48.22
C PHE F 394 37.41 -4.50 -47.58
N LEU F 395 38.58 -5.11 -47.41
CA LEU F 395 38.62 -6.45 -46.82
C LEU F 395 38.38 -6.38 -45.31
N HIS F 396 38.68 -5.24 -44.70
CA HIS F 396 38.49 -5.04 -43.27
C HIS F 396 37.05 -4.73 -42.88
N TRP F 397 36.13 -4.67 -43.86
CA TRP F 397 34.72 -4.64 -43.55
C TRP F 397 34.07 -6.01 -43.67
N TYR F 398 34.80 -7.00 -44.18
CA TYR F 398 34.30 -8.35 -44.36
C TYR F 398 35.05 -9.36 -43.50
N THR F 399 36.38 -9.36 -43.58
CA THR F 399 37.19 -10.20 -42.71
C THR F 399 37.12 -9.72 -41.26
N GLY F 400 36.97 -8.40 -41.07
CA GLY F 400 36.64 -7.87 -39.75
C GLY F 400 35.31 -8.35 -39.23
N GLU F 401 34.37 -8.68 -40.12
CA GLU F 401 33.18 -9.42 -39.73
C GLU F 401 33.43 -10.92 -39.68
N GLY F 402 34.45 -11.42 -40.36
CA GLY F 402 34.76 -12.83 -40.35
C GLY F 402 34.45 -13.55 -41.65
N MET F 403 34.73 -12.91 -42.78
CA MET F 403 34.47 -13.51 -44.08
C MET F 403 35.74 -14.17 -44.60
N ASP F 404 35.57 -15.30 -45.28
CA ASP F 404 36.68 -16.02 -45.88
C ASP F 404 37.10 -15.36 -47.20
N GLU F 405 38.39 -15.45 -47.51
CA GLU F 405 38.87 -15.07 -48.82
C GLU F 405 38.45 -16.09 -49.88
N MET F 406 38.35 -17.36 -49.49
CA MET F 406 37.88 -18.39 -50.42
C MET F 406 36.39 -18.23 -50.73
N GLU F 407 35.65 -17.57 -49.83
CA GLU F 407 34.24 -17.26 -50.10
C GLU F 407 34.09 -16.33 -51.30
N PHE F 408 35.08 -15.47 -51.54
CA PHE F 408 35.12 -14.71 -52.79
C PHE F 408 35.39 -15.61 -53.98
N THR F 409 36.45 -16.41 -53.91
CA THR F 409 36.93 -17.15 -55.08
C THR F 409 36.02 -18.32 -55.44
N GLU F 410 35.36 -18.93 -54.44
CA GLU F 410 34.38 -19.97 -54.75
C GLU F 410 33.17 -19.38 -55.48
N ALA F 411 32.75 -18.19 -55.07
CA ALA F 411 31.72 -17.47 -55.83
C ALA F 411 32.24 -17.01 -57.17
N GLU F 412 33.53 -16.64 -57.24
CA GLU F 412 34.10 -16.11 -58.47
C GLU F 412 34.24 -17.19 -59.54
N SER F 413 34.49 -18.44 -59.14
CA SER F 413 34.54 -19.52 -60.11
C SER F 413 33.15 -19.88 -60.60
N ASN F 414 32.17 -19.90 -59.70
CA ASN F 414 30.80 -20.19 -60.09
C ASN F 414 30.14 -19.04 -60.83
N MET F 415 30.64 -17.82 -60.66
CA MET F 415 30.18 -16.71 -61.48
C MET F 415 30.62 -16.87 -62.92
N ASN F 416 31.86 -17.33 -63.13
CA ASN F 416 32.39 -17.44 -64.48
C ASN F 416 31.93 -18.70 -65.20
N ASP F 417 31.51 -19.73 -64.46
CA ASP F 417 30.89 -20.88 -65.09
C ASP F 417 29.48 -20.56 -65.59
N LEU F 418 28.86 -19.53 -65.01
CA LEU F 418 27.49 -19.16 -65.38
C LEU F 418 27.42 -18.60 -66.80
N ILE F 419 28.38 -17.74 -67.15
CA ILE F 419 28.40 -17.20 -68.50
C ILE F 419 28.89 -18.22 -69.52
N SER F 420 29.55 -19.30 -69.06
CA SER F 420 29.90 -20.38 -69.97
C SER F 420 28.66 -21.18 -70.38
N GLU F 421 27.60 -21.14 -69.58
CA GLU F 421 26.42 -21.94 -69.87
C GLU F 421 25.48 -21.22 -70.84
N TYR F 422 25.46 -19.88 -70.82
CA TYR F 422 24.86 -19.15 -71.92
C TYR F 422 25.64 -19.35 -73.21
N GLN F 423 26.97 -19.48 -73.09
CA GLN F 423 27.83 -19.69 -74.24
C GLN F 423 27.67 -21.10 -74.82
N GLN F 424 27.12 -22.03 -74.03
CA GLN F 424 27.00 -23.42 -74.45
C GLN F 424 26.03 -23.57 -75.62
N TYR F 425 24.96 -22.79 -75.65
CA TYR F 425 23.92 -22.96 -76.64
C TYR F 425 23.72 -21.74 -77.54
N GLN F 426 24.50 -20.69 -77.36
CA GLN F 426 24.33 -19.47 -78.15
C GLN F 426 24.82 -19.68 -79.58
N MET G 1 15.05 4.37 -29.37
CA MET G 1 15.41 4.23 -30.76
C MET G 1 16.90 4.58 -30.95
N ARG G 2 17.26 5.05 -32.14
CA ARG G 2 18.63 5.47 -32.38
C ARG G 2 18.87 6.81 -31.69
N GLU G 3 20.02 6.92 -31.02
CA GLU G 3 20.38 8.08 -30.21
C GLU G 3 21.88 8.31 -30.31
N VAL G 4 22.28 9.53 -30.67
CA VAL G 4 23.67 9.87 -30.93
C VAL G 4 24.12 10.94 -29.93
N ILE G 5 25.32 10.74 -29.36
CA ILE G 5 25.88 11.61 -28.34
C ILE G 5 26.97 12.47 -28.97
N SER G 6 27.03 13.74 -28.57
CA SER G 6 28.05 14.68 -29.03
C SER G 6 28.97 15.05 -27.88
N ILE G 7 30.26 15.19 -28.16
CA ILE G 7 31.25 15.60 -27.18
C ILE G 7 32.02 16.79 -27.75
N HIS G 8 32.22 17.81 -26.93
CA HIS G 8 32.84 19.06 -27.38
C HIS G 8 34.06 19.33 -26.51
N VAL G 9 35.25 19.14 -27.08
CA VAL G 9 36.51 19.24 -26.35
C VAL G 9 37.35 20.34 -26.97
N GLY G 10 37.71 21.33 -26.18
CA GLY G 10 38.48 22.46 -26.67
C GLY G 10 37.59 23.64 -27.02
N GLN G 11 38.23 24.79 -27.25
CA GLN G 11 37.50 26.01 -27.60
C GLN G 11 36.88 25.91 -28.98
N ALA G 12 37.52 25.16 -29.90
CA ALA G 12 36.87 24.85 -31.16
C ALA G 12 35.68 23.92 -30.96
N GLY G 13 35.72 23.10 -29.91
CA GLY G 13 34.54 22.33 -29.55
C GLY G 13 33.43 23.19 -28.99
N VAL G 14 33.78 24.32 -28.39
CA VAL G 14 32.77 25.13 -27.70
C VAL G 14 31.90 25.87 -28.70
N GLN G 15 32.50 26.71 -29.54
CA GLN G 15 31.71 27.62 -30.36
C GLN G 15 31.19 26.99 -31.65
N ILE G 16 31.83 25.94 -32.17
CA ILE G 16 31.22 25.19 -33.25
C ILE G 16 29.98 24.46 -32.74
N GLY G 17 30.05 23.92 -31.53
CA GLY G 17 28.88 23.37 -30.89
C GLY G 17 27.85 24.44 -30.52
N ASN G 18 28.30 25.68 -30.31
CA ASN G 18 27.38 26.78 -30.11
C ASN G 18 26.66 27.20 -31.38
N ALA G 19 27.09 26.70 -32.54
CA ALA G 19 26.40 26.97 -33.78
C ALA G 19 25.55 25.80 -34.24
N CYS G 20 26.06 24.58 -34.09
CA CYS G 20 25.36 23.39 -34.58
C CYS G 20 24.10 23.12 -33.79
N TRP G 21 24.19 23.21 -32.45
CA TRP G 21 23.00 23.04 -31.62
C TRP G 21 22.08 24.25 -31.71
N GLU G 22 22.64 25.42 -32.05
CA GLU G 22 21.82 26.58 -32.36
C GLU G 22 21.04 26.36 -33.66
N LEU G 23 21.68 25.73 -34.66
CA LEU G 23 21.03 25.50 -35.93
C LEU G 23 19.94 24.44 -35.83
N TYR G 24 20.14 23.43 -34.98
CA TYR G 24 19.18 22.33 -34.89
C TYR G 24 17.90 22.77 -34.21
N CYS G 25 17.98 23.76 -33.32
CA CYS G 25 16.79 24.37 -32.75
C CYS G 25 15.93 25.05 -33.80
N LEU G 26 16.53 25.52 -34.90
CA LEU G 26 15.74 26.07 -35.99
C LEU G 26 15.14 24.97 -36.84
N GLU G 27 15.90 23.93 -37.14
CA GLU G 27 15.43 22.91 -38.07
C GLU G 27 14.46 21.91 -37.47
N HIS G 28 14.23 21.97 -36.15
CA HIS G 28 13.18 21.17 -35.52
C HIS G 28 12.11 22.02 -34.86
N GLY G 29 12.30 23.33 -34.76
CA GLY G 29 11.31 24.19 -34.15
C GLY G 29 11.32 24.17 -32.64
N ILE G 30 12.50 24.13 -32.03
CA ILE G 30 12.64 24.05 -30.58
C ILE G 30 13.13 25.40 -30.07
N GLN G 31 12.41 25.95 -29.10
CA GLN G 31 12.81 27.23 -28.51
C GLN G 31 14.04 27.03 -27.63
N PRO G 32 14.93 28.02 -27.56
CA PRO G 32 16.22 27.83 -26.86
C PRO G 32 16.11 27.77 -25.34
N ASP G 33 14.94 28.06 -24.75
CA ASP G 33 14.82 28.00 -23.30
C ASP G 33 14.85 26.56 -22.79
N GLY G 34 14.38 25.62 -23.60
CA GLY G 34 14.43 24.22 -23.22
C GLY G 34 13.20 23.43 -23.60
N THR G 35 12.06 24.10 -23.70
CA THR G 35 10.80 23.47 -24.07
C THR G 35 10.53 23.71 -25.55
N MET G 36 9.46 23.10 -26.05
CA MET G 36 9.09 23.25 -27.43
C MET G 36 7.73 23.93 -27.54
N PRO G 37 7.50 24.68 -28.61
CA PRO G 37 6.13 25.11 -28.93
C PRO G 37 5.37 23.97 -29.59
N THR G 38 4.05 23.96 -29.34
CA THR G 38 3.19 22.88 -29.80
C THR G 38 2.96 22.89 -31.30
N GLN G 39 3.34 23.96 -32.00
CA GLN G 39 3.20 24.00 -33.45
C GLN G 39 4.22 23.10 -34.14
N SER G 40 5.39 22.89 -33.51
CA SER G 40 6.49 22.16 -34.13
C SER G 40 6.52 20.69 -33.76
N THR G 41 5.36 20.07 -33.51
CA THR G 41 5.32 18.64 -33.27
C THR G 41 5.33 17.86 -34.59
N ASN G 42 4.60 18.37 -35.59
CA ASN G 42 4.60 17.74 -36.91
C ASN G 42 5.94 17.91 -37.61
N GLU G 43 6.61 19.05 -37.40
CA GLU G 43 8.00 19.19 -37.82
C GLU G 43 8.90 18.25 -37.04
N GLY G 44 8.61 18.04 -35.75
CA GLY G 44 9.38 17.15 -34.91
C GLY G 44 9.11 15.69 -35.21
N GLU G 45 9.57 15.22 -36.36
CA GLU G 45 9.36 13.85 -36.80
C GLU G 45 10.69 13.11 -36.70
N SER G 46 10.79 12.20 -35.74
CA SER G 46 11.99 11.43 -35.41
C SER G 46 13.17 12.35 -35.09
N PHE G 47 13.00 13.14 -34.03
CA PHE G 47 14.05 14.00 -33.49
C PHE G 47 14.73 13.37 -32.28
N THR G 48 14.52 12.07 -32.06
CA THR G 48 14.90 11.43 -30.82
C THR G 48 16.38 11.09 -30.74
N THR G 49 17.15 11.34 -31.78
CA THR G 49 18.55 10.93 -31.75
C THR G 49 19.43 11.83 -30.89
N PHE G 50 18.95 13.03 -30.54
CA PHE G 50 19.74 14.00 -29.81
C PHE G 50 19.08 14.49 -28.52
N PHE G 51 17.77 14.39 -28.40
CA PHE G 51 17.02 15.12 -27.38
C PHE G 51 16.20 14.16 -26.54
N SER G 52 16.61 13.97 -25.28
CA SER G 52 15.80 13.25 -24.31
C SER G 52 14.56 14.05 -23.97
N ASP G 53 13.50 13.34 -23.58
CA ASP G 53 12.27 13.99 -23.15
C ASP G 53 12.28 14.11 -21.63
N THR G 54 11.70 15.21 -21.13
CA THR G 54 11.72 15.51 -19.70
C THR G 54 10.44 16.23 -19.32
N GLY G 55 9.58 15.57 -18.57
CA GLY G 55 8.46 16.20 -17.91
C GLY G 55 7.36 16.62 -18.84
N SER G 56 7.61 17.68 -19.62
CA SER G 56 6.68 18.13 -20.67
C SER G 56 7.50 18.76 -21.79
N GLY G 57 7.90 17.93 -22.75
CA GLY G 57 8.58 18.36 -23.96
C GLY G 57 9.94 19.01 -23.77
N ARG G 58 10.51 18.99 -22.57
CA ARG G 58 11.74 19.72 -22.32
C ARG G 58 12.91 18.86 -22.78
N TYR G 59 13.69 19.40 -23.71
CA TYR G 59 14.59 18.59 -24.53
C TYR G 59 16.03 18.97 -24.24
N VAL G 60 16.70 18.15 -23.43
CA VAL G 60 18.11 18.37 -23.17
C VAL G 60 18.91 17.81 -24.34
N PRO G 61 19.98 18.47 -24.76
CA PRO G 61 20.83 17.89 -25.80
C PRO G 61 21.73 16.82 -25.23
N ARG G 62 21.81 15.69 -25.92
CA ARG G 62 22.76 14.64 -25.55
C ARG G 62 24.14 15.12 -26.00
N SER G 63 24.74 15.96 -25.17
CA SER G 63 25.93 16.70 -25.53
C SER G 63 26.76 16.96 -24.28
N ILE G 64 28.07 16.85 -24.42
CA ILE G 64 29.00 17.03 -23.31
C ILE G 64 30.00 18.10 -23.69
N PHE G 65 30.17 19.09 -22.82
CA PHE G 65 31.09 20.20 -23.02
C PHE G 65 32.30 20.00 -22.11
N VAL G 66 33.47 19.81 -22.71
CA VAL G 66 34.70 19.52 -21.98
C VAL G 66 35.70 20.63 -22.28
N ASP G 67 36.16 21.31 -21.23
CA ASP G 67 37.14 22.36 -21.38
C ASP G 67 37.99 22.43 -20.13
N LEU G 68 39.27 22.74 -20.32
CA LEU G 68 40.17 22.95 -19.20
C LEU G 68 40.13 24.39 -18.69
N GLU G 69 39.34 25.25 -19.32
CA GLU G 69 39.30 26.67 -19.01
C GLU G 69 37.84 27.10 -18.84
N PRO G 70 37.50 27.78 -17.75
CA PRO G 70 36.09 28.11 -17.49
C PRO G 70 35.59 29.35 -18.22
N THR G 71 36.44 30.01 -19.01
CA THR G 71 36.10 31.32 -19.56
C THR G 71 35.03 31.22 -20.65
N VAL G 72 35.33 30.47 -21.72
CA VAL G 72 34.41 30.40 -22.85
C VAL G 72 33.18 29.54 -22.51
N VAL G 73 33.27 28.70 -21.47
CA VAL G 73 32.10 27.95 -21.01
C VAL G 73 31.09 28.90 -20.38
N ASP G 74 31.56 29.97 -19.73
CA ASP G 74 30.67 30.95 -19.14
C ASP G 74 29.92 31.77 -20.19
N GLU G 75 30.42 31.82 -21.43
CA GLU G 75 29.65 32.42 -22.51
C GLU G 75 28.37 31.63 -22.77
N ILE G 76 28.45 30.31 -22.66
CA ILE G 76 27.26 29.48 -22.72
C ILE G 76 26.38 29.73 -21.50
N ARG G 77 27.00 29.90 -20.33
CA ARG G 77 26.29 30.16 -19.09
C ARG G 77 25.98 31.64 -18.88
N THR G 78 25.95 32.43 -19.94
CA THR G 78 25.48 33.81 -19.91
C THR G 78 24.38 34.07 -20.92
N GLY G 79 24.48 33.51 -22.12
CA GLY G 79 23.56 33.78 -23.19
C GLY G 79 22.23 33.05 -23.02
N THR G 80 21.43 33.10 -24.09
CA THR G 80 20.10 32.50 -24.10
C THR G 80 20.15 30.98 -24.02
N TYR G 81 21.23 30.37 -24.51
CA TYR G 81 21.37 28.93 -24.55
C TYR G 81 21.93 28.35 -23.25
N LYS G 82 21.78 29.06 -22.14
CA LYS G 82 22.18 28.54 -20.84
C LYS G 82 21.20 27.49 -20.33
N LYS G 83 19.90 27.79 -20.38
CA LYS G 83 18.88 26.92 -19.83
C LYS G 83 18.59 25.71 -20.71
N LEU G 84 19.16 25.65 -21.90
CA LEU G 84 18.93 24.50 -22.77
C LEU G 84 19.76 23.28 -22.33
N PHE G 85 21.04 23.50 -22.02
CA PHE G 85 21.93 22.40 -21.69
C PHE G 85 21.78 22.02 -20.22
N HIS G 86 22.31 20.85 -19.90
CA HIS G 86 22.25 20.29 -18.56
C HIS G 86 23.50 20.68 -17.77
N PRO G 87 23.35 21.04 -16.50
CA PRO G 87 24.51 21.55 -15.74
C PRO G 87 25.56 20.50 -15.44
N GLU G 88 25.16 19.30 -15.02
CA GLU G 88 26.16 18.26 -14.76
C GLU G 88 26.69 17.64 -16.06
N GLN G 89 26.08 17.94 -17.20
CA GLN G 89 26.76 17.66 -18.46
C GLN G 89 27.89 18.63 -18.74
N MET G 90 27.85 19.84 -18.17
CA MET G 90 28.95 20.79 -18.29
C MET G 90 29.96 20.45 -17.21
N ILE G 91 31.13 19.97 -17.63
CA ILE G 91 32.25 19.71 -16.73
C ILE G 91 33.38 20.63 -17.16
N THR G 92 33.81 21.49 -16.24
CA THR G 92 34.76 22.53 -16.55
C THR G 92 36.11 22.23 -15.91
N GLY G 93 37.15 22.86 -16.47
CA GLY G 93 38.47 22.86 -15.87
C GLY G 93 38.81 24.21 -15.26
N LYS G 94 39.94 24.26 -14.60
CA LYS G 94 40.38 25.49 -13.96
C LYS G 94 41.73 25.98 -14.45
N GLU G 95 42.69 25.08 -14.60
CA GLU G 95 44.05 25.44 -14.99
C GLU G 95 44.27 25.03 -16.44
N ASP G 96 44.88 25.92 -17.22
CA ASP G 96 44.94 25.74 -18.65
C ASP G 96 46.19 24.96 -19.05
N ALA G 97 46.12 24.29 -20.20
CA ALA G 97 47.23 23.51 -20.72
C ALA G 97 48.12 24.29 -21.68
N ALA G 98 47.59 25.34 -22.30
CA ALA G 98 48.34 26.28 -23.15
C ALA G 98 49.02 25.59 -24.33
N ASN G 99 48.22 24.83 -25.09
CA ASN G 99 48.63 24.20 -26.35
C ASN G 99 49.83 23.27 -26.19
N ASN G 100 49.88 22.58 -25.07
CA ASN G 100 50.98 21.67 -24.76
C ASN G 100 50.41 20.28 -24.57
N TYR G 101 51.14 19.27 -25.05
CA TYR G 101 50.60 17.91 -25.11
C TYR G 101 50.44 17.32 -23.72
N ALA G 102 51.55 17.15 -23.00
CA ALA G 102 51.50 16.49 -21.70
C ALA G 102 50.84 17.33 -20.63
N ARG G 103 50.64 18.63 -20.88
CA ARG G 103 49.76 19.40 -20.02
C ARG G 103 48.30 19.10 -20.29
N GLY G 104 47.98 18.62 -21.49
CA GLY G 104 46.63 18.26 -21.84
C GLY G 104 46.43 16.76 -21.93
N HIS G 105 47.51 15.99 -21.88
CA HIS G 105 47.40 14.53 -21.91
C HIS G 105 47.58 13.90 -20.54
N TYR G 106 48.26 14.57 -19.62
CA TYR G 106 48.50 14.01 -18.29
C TYR G 106 48.09 14.93 -17.16
N THR G 107 48.27 16.25 -17.30
CA THR G 107 48.30 17.11 -16.14
C THR G 107 46.90 17.42 -15.61
N VAL G 108 46.08 18.10 -16.41
CA VAL G 108 44.78 18.58 -15.93
C VAL G 108 43.71 17.61 -16.44
N GLY G 109 44.06 16.88 -17.50
CA GLY G 109 43.12 15.93 -18.06
C GLY G 109 42.86 14.73 -17.18
N LYS G 110 43.90 14.21 -16.52
CA LYS G 110 43.76 13.02 -15.69
C LYS G 110 43.07 13.30 -14.36
N GLU G 111 42.85 14.55 -14.00
CA GLU G 111 42.01 14.85 -12.84
C GLU G 111 40.55 14.97 -13.22
N LEU G 112 40.25 15.10 -14.52
CA LEU G 112 38.90 15.31 -15.00
C LEU G 112 38.39 14.23 -15.93
N ILE G 113 39.24 13.27 -16.32
CA ILE G 113 38.80 12.25 -17.27
C ILE G 113 37.87 11.25 -16.59
N ASP G 114 38.01 11.04 -15.29
CA ASP G 114 37.14 10.11 -14.59
C ASP G 114 35.77 10.70 -14.32
N THR G 115 35.66 12.02 -14.27
CA THR G 115 34.36 12.65 -14.07
C THR G 115 33.53 12.57 -15.34
N VAL G 116 34.16 12.73 -16.51
CA VAL G 116 33.40 12.87 -17.74
C VAL G 116 33.00 11.51 -18.31
N LEU G 117 33.80 10.46 -18.11
CA LEU G 117 33.45 9.13 -18.62
C LEU G 117 32.26 8.53 -17.90
N ASP G 118 32.00 8.95 -16.66
CA ASP G 118 30.75 8.58 -16.00
C ASP G 118 29.57 9.23 -16.70
N ARG G 119 29.69 10.53 -17.00
CA ARG G 119 28.62 11.27 -17.68
C ARG G 119 28.39 10.76 -19.10
N ILE G 120 29.42 10.17 -19.72
CA ILE G 120 29.22 9.38 -20.93
C ILE G 120 28.32 8.19 -20.64
N ARG G 121 28.67 7.43 -19.60
CA ARG G 121 27.97 6.19 -19.31
C ARG G 121 26.59 6.44 -18.70
N ARG G 122 26.44 7.54 -17.96
CA ARG G 122 25.13 7.91 -17.42
C ARG G 122 24.12 8.18 -18.53
N LEU G 123 24.57 8.79 -19.62
CA LEU G 123 23.66 9.13 -20.69
C LEU G 123 23.49 7.98 -21.69
N ALA G 124 24.55 7.20 -21.91
CA ALA G 124 24.51 6.19 -22.97
C ALA G 124 23.74 4.94 -22.56
N ASP G 125 23.46 4.76 -21.27
CA ASP G 125 22.69 3.59 -20.85
C ASP G 125 21.20 3.73 -21.14
N ASN G 126 20.74 4.93 -21.48
CA ASN G 126 19.38 5.10 -21.97
C ASN G 126 19.21 4.59 -23.40
N CYS G 127 20.31 4.47 -24.14
CA CYS G 127 20.27 4.14 -25.55
C CYS G 127 19.99 2.66 -25.75
N SER G 128 19.13 2.35 -26.71
CA SER G 128 19.04 1.01 -27.27
C SER G 128 19.58 0.96 -28.69
N GLY G 129 19.82 2.11 -29.32
CA GLY G 129 20.29 2.19 -30.68
C GLY G 129 21.46 3.15 -30.83
N LEU G 130 22.41 3.09 -29.89
CA LEU G 130 23.53 4.02 -29.87
C LEU G 130 24.40 3.88 -31.12
N GLN G 131 24.42 4.93 -31.93
CA GLN G 131 25.04 4.88 -33.25
C GLN G 131 26.49 5.36 -33.24
N GLY G 132 26.70 6.62 -32.87
CA GLY G 132 28.01 7.21 -33.07
C GLY G 132 28.28 8.38 -32.14
N PHE G 133 29.44 8.99 -32.36
CA PHE G 133 29.93 10.08 -31.52
C PHE G 133 30.31 11.27 -32.38
N PHE G 134 29.81 12.44 -31.99
CA PHE G 134 30.29 13.71 -32.54
C PHE G 134 31.32 14.28 -31.57
N VAL G 135 32.59 14.03 -31.82
CA VAL G 135 33.67 14.62 -31.05
C VAL G 135 34.32 15.72 -31.89
N PHE G 136 34.36 16.92 -31.33
CA PHE G 136 34.89 18.10 -32.01
C PHE G 136 36.17 18.50 -31.30
N HIS G 137 37.24 18.72 -32.05
CA HIS G 137 38.52 19.04 -31.44
C HIS G 137 39.37 19.81 -32.44
N SER G 138 40.51 20.29 -31.96
CA SER G 138 41.54 20.92 -32.78
C SER G 138 42.69 19.95 -32.97
N PHE G 139 43.75 20.45 -33.60
CA PHE G 139 44.96 19.67 -33.80
C PHE G 139 46.14 20.19 -33.01
N GLY G 140 46.13 21.46 -32.62
CA GLY G 140 47.23 22.04 -31.87
C GLY G 140 46.90 22.35 -30.43
N GLY G 141 45.67 22.05 -30.02
CA GLY G 141 45.25 22.36 -28.68
C GLY G 141 45.88 21.43 -27.65
N GLY G 142 46.02 21.95 -26.43
CA GLY G 142 46.45 21.10 -25.33
C GLY G 142 45.43 20.04 -25.01
N THR G 143 44.19 20.46 -24.77
CA THR G 143 43.09 19.50 -24.72
C THR G 143 42.57 19.17 -26.11
N GLY G 144 42.95 19.94 -27.13
CA GLY G 144 42.58 19.62 -28.49
C GLY G 144 43.32 18.41 -29.02
N SER G 145 44.56 18.20 -28.57
CA SER G 145 45.36 17.05 -28.98
C SER G 145 45.65 16.08 -27.85
N GLY G 146 46.03 16.59 -26.67
CA GLY G 146 46.47 15.70 -25.60
C GLY G 146 45.33 14.94 -24.94
N PHE G 147 44.21 15.61 -24.74
CA PHE G 147 43.06 14.94 -24.14
C PHE G 147 42.23 14.17 -25.17
N THR G 148 42.22 14.63 -26.42
CA THR G 148 41.42 13.99 -27.45
C THR G 148 41.96 12.61 -27.79
N SER G 149 43.29 12.48 -27.88
CA SER G 149 43.91 11.19 -28.13
C SER G 149 43.70 10.25 -26.95
N LEU G 150 43.74 10.79 -25.73
CA LEU G 150 43.50 9.96 -24.55
C LEU G 150 42.03 9.57 -24.43
N LEU G 151 41.12 10.44 -24.87
CA LEU G 151 39.70 10.13 -24.76
C LEU G 151 39.29 9.02 -25.71
N MET G 152 39.80 9.06 -26.95
CA MET G 152 39.53 8.00 -27.91
C MET G 152 40.28 6.72 -27.58
N GLU G 153 41.31 6.81 -26.73
CA GLU G 153 42.00 5.63 -26.24
C GLU G 153 41.15 4.85 -25.24
N ARG G 154 40.14 5.49 -24.65
CA ARG G 154 39.35 4.88 -23.58
C ARG G 154 37.95 4.48 -24.01
N LEU G 155 37.33 5.19 -24.95
CA LEU G 155 35.99 4.83 -25.38
C LEU G 155 35.97 3.59 -26.26
N SER G 156 37.07 3.34 -27.00
CA SER G 156 37.16 2.10 -27.78
C SER G 156 37.28 0.88 -26.87
N VAL G 157 37.82 1.07 -25.66
CA VAL G 157 37.79 0.01 -24.66
C VAL G 157 36.37 -0.21 -24.16
N ASP G 158 35.61 0.87 -24.03
CA ASP G 158 34.26 0.79 -23.46
C ASP G 158 33.27 0.26 -24.49
N TYR G 159 33.13 0.96 -25.61
CA TYR G 159 32.07 0.65 -26.56
C TYR G 159 32.53 -0.10 -27.80
N GLY G 160 33.71 0.23 -28.33
CA GLY G 160 34.26 -0.58 -29.41
C GLY G 160 33.57 -0.44 -30.74
N LYS G 161 32.73 -1.46 -31.04
CA LYS G 161 32.07 -1.64 -32.33
C LYS G 161 31.29 -0.41 -32.80
N LYS G 162 30.71 0.36 -31.88
CA LYS G 162 29.91 1.50 -32.26
C LYS G 162 30.77 2.63 -32.84
N SER G 163 30.18 3.40 -33.75
CA SER G 163 30.93 4.26 -34.64
C SER G 163 31.35 5.56 -33.96
N LYS G 164 32.19 6.33 -34.65
CA LYS G 164 32.71 7.62 -34.20
C LYS G 164 32.86 8.56 -35.38
N LEU G 165 32.78 9.86 -35.13
CA LEU G 165 33.06 10.88 -36.14
C LEU G 165 33.80 12.06 -35.51
N GLU G 166 34.89 12.47 -36.16
CA GLU G 166 35.70 13.59 -35.72
C GLU G 166 35.62 14.72 -36.73
N PHE G 167 35.33 15.94 -36.25
CA PHE G 167 35.42 17.15 -37.05
C PHE G 167 36.54 18.01 -36.49
N SER G 168 37.38 18.55 -37.38
CA SER G 168 38.49 19.41 -36.95
C SER G 168 38.90 20.33 -38.10
N ILE G 169 39.88 21.18 -37.81
CA ILE G 169 40.35 22.21 -38.73
C ILE G 169 41.76 21.86 -39.17
N TYR G 170 41.96 21.76 -40.49
CA TYR G 170 43.30 21.54 -41.02
C TYR G 170 44.15 22.78 -40.82
N PRO G 171 45.33 22.66 -40.22
CA PRO G 171 46.20 23.83 -40.06
C PRO G 171 46.79 24.26 -41.40
N ALA G 172 46.62 25.54 -41.72
CA ALA G 172 47.07 26.06 -43.00
C ALA G 172 48.60 26.13 -43.04
N PRO G 173 49.21 25.87 -44.20
CA PRO G 173 50.67 25.92 -44.29
C PRO G 173 51.24 27.33 -44.29
N GLN G 174 50.40 28.36 -44.46
CA GLN G 174 50.87 29.74 -44.53
C GLN G 174 50.38 30.57 -43.35
N VAL G 175 49.07 30.58 -43.11
CA VAL G 175 48.46 31.46 -42.11
C VAL G 175 47.91 30.60 -40.98
N SER G 176 48.61 30.58 -39.85
CA SER G 176 48.12 29.94 -38.63
C SER G 176 48.83 30.59 -37.45
N THR G 177 48.32 30.34 -36.25
CA THR G 177 48.70 31.12 -35.09
C THR G 177 49.76 30.44 -34.23
N ALA G 178 49.45 29.27 -33.68
CA ALA G 178 50.34 28.67 -32.69
C ALA G 178 51.52 27.99 -33.35
N VAL G 179 52.71 28.23 -32.81
CA VAL G 179 53.94 27.68 -33.38
C VAL G 179 54.06 26.18 -33.11
N VAL G 180 53.41 25.69 -32.05
CA VAL G 180 53.45 24.27 -31.72
C VAL G 180 52.44 23.44 -32.52
N GLU G 181 51.72 24.06 -33.45
CA GLU G 181 50.79 23.31 -34.29
C GLU G 181 51.46 22.30 -35.23
N PRO G 182 52.65 22.54 -35.81
CA PRO G 182 53.37 21.41 -36.44
C PRO G 182 53.77 20.32 -35.47
N TYR G 183 54.01 20.63 -34.19
CA TYR G 183 54.33 19.58 -33.23
C TYR G 183 53.11 18.75 -32.88
N ASN G 184 52.01 19.40 -32.50
CA ASN G 184 50.87 18.67 -31.96
C ASN G 184 50.08 17.95 -33.03
N SER G 185 50.16 18.41 -34.29
CA SER G 185 49.48 17.69 -35.37
C SER G 185 50.14 16.35 -35.64
N ILE G 186 51.45 16.25 -35.46
CA ILE G 186 52.11 14.95 -35.51
C ILE G 186 51.73 14.12 -34.30
N LEU G 187 51.48 14.76 -33.15
CA LEU G 187 51.13 14.02 -31.95
C LEU G 187 49.69 13.54 -31.99
N THR G 188 48.77 14.36 -32.49
CA THR G 188 47.38 13.93 -32.58
C THR G 188 47.12 13.00 -33.74
N THR G 189 48.11 12.74 -34.58
CA THR G 189 47.98 11.75 -35.64
C THR G 189 48.57 10.41 -35.19
N HIS G 190 49.39 10.44 -34.13
CA HIS G 190 50.17 9.28 -33.71
C HIS G 190 49.27 8.12 -33.25
N THR G 191 48.52 8.33 -32.17
CA THR G 191 47.72 7.25 -31.61
C THR G 191 46.24 7.37 -31.93
N THR G 192 45.82 8.35 -32.73
CA THR G 192 44.44 8.46 -33.13
C THR G 192 44.15 7.79 -34.47
N LEU G 193 45.17 7.26 -35.15
CA LEU G 193 44.92 6.39 -36.29
C LEU G 193 44.18 5.14 -35.87
N GLU G 194 44.60 4.54 -34.75
CA GLU G 194 43.99 3.31 -34.26
C GLU G 194 42.65 3.56 -33.58
N HIS G 195 42.43 4.76 -33.05
CA HIS G 195 41.29 5.02 -32.17
C HIS G 195 40.28 5.99 -32.79
N SER G 196 40.22 6.08 -34.11
CA SER G 196 39.24 6.94 -34.75
C SER G 196 38.75 6.31 -36.04
N ASP G 197 37.43 6.31 -36.22
CA ASP G 197 36.85 5.78 -37.45
C ASP G 197 37.10 6.71 -38.62
N CYS G 198 36.76 8.00 -38.45
CA CYS G 198 36.99 8.97 -39.49
C CYS G 198 37.19 10.34 -38.86
N ALA G 199 38.00 11.16 -39.53
CA ALA G 199 38.32 12.51 -39.06
C ALA G 199 38.37 13.44 -40.25
N PHE G 200 37.66 14.55 -40.14
CA PHE G 200 37.51 15.51 -41.24
C PHE G 200 38.31 16.77 -40.95
N MET G 201 38.70 17.47 -42.01
CA MET G 201 39.56 18.63 -41.92
C MET G 201 39.02 19.73 -42.82
N VAL G 202 39.12 20.98 -42.35
CA VAL G 202 38.79 22.17 -43.14
C VAL G 202 39.89 23.20 -42.93
N ASP G 203 40.02 24.11 -43.89
CA ASP G 203 41.01 25.18 -43.82
C ASP G 203 40.33 26.48 -43.42
N ASN G 204 41.07 27.32 -42.70
CA ASN G 204 40.62 28.68 -42.44
C ASN G 204 40.57 29.49 -43.73
N GLU G 205 41.57 29.33 -44.59
CA GLU G 205 41.65 30.12 -45.81
C GLU G 205 40.66 29.65 -46.87
N ALA G 206 40.40 28.34 -46.95
CA ALA G 206 39.48 27.83 -47.97
C ALA G 206 38.04 28.23 -47.67
N ILE G 207 37.72 28.52 -46.42
CA ILE G 207 36.46 29.18 -46.11
C ILE G 207 36.48 30.61 -46.62
N TYR G 208 37.60 31.31 -46.42
CA TYR G 208 37.70 32.74 -46.71
C TYR G 208 37.55 33.05 -48.19
N ASP G 209 37.96 32.11 -49.06
CA ASP G 209 37.94 32.35 -50.50
C ASP G 209 36.51 32.45 -51.02
N ILE G 210 35.61 31.62 -50.51
CA ILE G 210 34.22 31.70 -50.90
C ILE G 210 33.52 32.83 -50.14
N CYS G 211 33.99 33.15 -48.92
CA CYS G 211 33.44 34.26 -48.16
C CYS G 211 33.67 35.60 -48.86
N ARG G 212 34.85 35.78 -49.44
CA ARG G 212 35.14 37.05 -50.08
C ARG G 212 34.54 37.14 -51.47
N ARG G 213 34.60 36.05 -52.23
CA ARG G 213 34.18 36.09 -53.62
C ARG G 213 32.68 35.90 -53.77
N ASN G 214 32.13 34.85 -53.15
CA ASN G 214 30.74 34.48 -53.38
C ASN G 214 29.79 35.03 -52.31
N LEU G 215 30.16 34.93 -51.04
CA LEU G 215 29.36 35.54 -49.99
C LEU G 215 29.48 37.04 -49.97
N ASP G 216 30.61 37.57 -50.49
CA ASP G 216 30.99 38.99 -50.42
C ASP G 216 30.95 39.49 -48.98
N VAL G 217 31.61 38.74 -48.09
CA VAL G 217 31.80 39.12 -46.71
C VAL G 217 33.25 39.54 -46.56
N GLU G 218 33.50 40.86 -46.54
CA GLU G 218 34.85 41.39 -46.43
C GLU G 218 35.25 41.73 -45.00
N ARG G 219 34.36 41.50 -44.03
CA ARG G 219 34.73 41.42 -42.62
C ARG G 219 34.21 40.11 -42.02
N PRO G 220 34.87 38.98 -42.28
CA PRO G 220 34.48 37.76 -41.58
C PRO G 220 35.29 37.54 -40.32
N SER G 221 34.68 36.81 -39.39
CA SER G 221 35.33 36.44 -38.14
C SER G 221 34.86 35.06 -37.73
N TYR G 222 35.11 34.67 -36.48
CA TYR G 222 34.72 33.33 -36.05
C TYR G 222 33.24 33.20 -35.76
N THR G 223 32.46 34.27 -35.92
CA THR G 223 31.01 34.18 -35.89
C THR G 223 30.49 33.44 -37.12
N ASN G 224 30.79 33.97 -38.32
CA ASN G 224 30.19 33.45 -39.53
C ASN G 224 30.87 32.18 -40.03
N LEU G 225 32.14 31.97 -39.65
CA LEU G 225 32.80 30.71 -39.98
C LEU G 225 32.22 29.52 -39.25
N ASN G 226 31.59 29.74 -38.10
CA ASN G 226 30.93 28.64 -37.41
C ASN G 226 29.61 28.27 -38.09
N ARG G 227 28.98 29.22 -38.77
CA ARG G 227 27.71 28.92 -39.43
C ARG G 227 27.92 28.09 -40.68
N ILE G 228 29.01 28.34 -41.40
CA ILE G 228 29.27 27.67 -42.67
C ILE G 228 29.64 26.21 -42.44
N ILE G 229 30.44 25.94 -41.41
CA ILE G 229 30.81 24.57 -41.06
C ILE G 229 29.58 23.81 -40.57
N SER G 230 28.69 24.47 -39.82
CA SER G 230 27.52 23.83 -39.26
C SER G 230 26.51 23.40 -40.31
N GLN G 231 26.51 24.03 -41.49
CA GLN G 231 25.65 23.56 -42.57
C GLN G 231 26.15 22.23 -43.11
N VAL G 232 27.47 22.03 -43.14
CA VAL G 232 28.03 20.74 -43.52
C VAL G 232 27.71 19.69 -42.47
N VAL G 233 27.68 20.10 -41.19
CA VAL G 233 27.31 19.19 -40.11
C VAL G 233 25.85 18.81 -40.21
N SER G 234 24.99 19.79 -40.50
CA SER G 234 23.55 19.55 -40.54
C SER G 234 23.14 18.71 -41.73
N SER G 235 23.88 18.80 -42.85
CA SER G 235 23.51 18.06 -44.05
C SER G 235 23.76 16.57 -43.90
N ILE G 236 24.71 16.18 -43.05
CA ILE G 236 24.90 14.77 -42.77
C ILE G 236 23.76 14.24 -41.92
N THR G 237 23.33 15.03 -40.94
CA THR G 237 22.24 14.64 -40.05
C THR G 237 20.88 14.64 -40.73
N ALA G 238 20.74 15.30 -41.88
CA ALA G 238 19.47 15.30 -42.61
C ALA G 238 19.14 13.92 -43.17
N SER G 239 20.14 13.07 -43.37
CA SER G 239 19.89 11.68 -43.71
C SER G 239 19.30 10.88 -42.55
N LEU G 240 19.44 11.38 -41.32
CA LEU G 240 19.00 10.67 -40.13
C LEU G 240 17.82 11.34 -39.43
N ARG G 241 17.77 12.67 -39.41
CA ARG G 241 16.71 13.38 -38.72
C ARG G 241 15.38 13.39 -39.46
N PHE G 242 15.36 12.99 -40.73
CA PHE G 242 14.16 13.05 -41.53
C PHE G 242 13.98 11.76 -42.31
N ASP G 243 12.89 11.72 -43.07
CA ASP G 243 12.50 10.54 -43.82
C ASP G 243 12.80 10.78 -45.30
N GLY G 244 13.85 10.13 -45.81
CA GLY G 244 14.24 10.30 -47.19
C GLY G 244 14.02 9.05 -48.02
N ALA G 245 14.00 9.21 -49.36
CA ALA G 245 13.77 8.07 -50.23
C ALA G 245 14.97 7.13 -50.25
N LEU G 246 16.18 7.67 -50.29
CA LEU G 246 17.40 6.88 -50.26
C LEU G 246 18.40 7.61 -49.38
N ASN G 247 18.48 7.20 -48.11
CA ASN G 247 19.31 7.86 -47.12
C ASN G 247 20.30 6.86 -46.51
N VAL G 248 21.10 7.34 -45.56
CA VAL G 248 22.32 6.66 -45.15
C VAL G 248 22.62 6.98 -43.69
N ASP G 249 22.94 5.94 -42.92
CA ASP G 249 23.31 6.11 -41.52
C ASP G 249 24.83 6.08 -41.36
N LEU G 250 25.28 6.27 -40.11
CA LEU G 250 26.68 6.57 -39.84
C LEU G 250 27.58 5.36 -40.04
N ASN G 251 27.06 4.15 -39.80
CA ASN G 251 27.82 2.93 -40.08
C ASN G 251 28.05 2.76 -41.57
N GLU G 252 27.14 3.28 -42.39
CA GLU G 252 27.25 3.13 -43.83
C GLU G 252 28.24 4.11 -44.44
N PHE G 253 28.42 5.29 -43.80
CA PHE G 253 29.39 6.26 -44.31
C PHE G 253 30.81 5.72 -44.26
N GLN G 254 31.20 5.14 -43.12
CA GLN G 254 32.54 4.57 -43.02
C GLN G 254 32.70 3.31 -43.86
N THR G 255 31.60 2.60 -44.12
CA THR G 255 31.70 1.39 -44.92
C THR G 255 32.00 1.71 -46.38
N ASN G 256 31.44 2.81 -46.89
CA ASN G 256 31.72 3.20 -48.26
C ASN G 256 33.07 3.90 -48.39
N LEU G 257 33.40 4.78 -47.45
CA LEU G 257 34.46 5.76 -47.63
C LEU G 257 35.80 5.34 -47.06
N VAL G 258 35.91 4.14 -46.48
CA VAL G 258 37.19 3.70 -45.93
C VAL G 258 37.67 2.51 -46.74
N PRO G 259 38.58 2.71 -47.70
CA PRO G 259 39.05 1.58 -48.51
C PRO G 259 40.08 0.73 -47.78
N TYR G 260 40.81 1.35 -46.85
CA TYR G 260 41.86 0.72 -46.09
C TYR G 260 41.82 1.39 -44.73
N PRO G 261 42.08 0.65 -43.63
CA PRO G 261 41.81 1.20 -42.29
C PRO G 261 42.74 2.32 -41.86
N ARG G 262 43.81 2.58 -42.59
CA ARG G 262 44.67 3.71 -42.24
C ARG G 262 44.31 4.97 -43.01
N ILE G 263 44.10 4.86 -44.33
CA ILE G 263 43.71 6.01 -45.14
C ILE G 263 42.19 6.12 -45.04
N HIS G 264 41.74 6.92 -44.09
CA HIS G 264 40.31 7.11 -43.87
C HIS G 264 40.02 8.58 -43.56
N PHE G 265 40.65 9.49 -44.30
CA PHE G 265 40.59 10.92 -44.01
C PHE G 265 40.15 11.71 -45.23
N PRO G 266 38.84 11.76 -45.52
CA PRO G 266 38.36 12.66 -46.56
C PRO G 266 38.07 14.04 -46.00
N LEU G 267 37.59 14.90 -46.88
CA LEU G 267 37.24 16.27 -46.53
C LEU G 267 35.83 16.57 -47.03
N ALA G 268 35.43 17.84 -46.92
CA ALA G 268 34.08 18.25 -47.22
C ALA G 268 34.07 19.33 -48.30
N ALA G 269 32.86 19.60 -48.80
CA ALA G 269 32.61 20.68 -49.74
C ALA G 269 31.12 20.99 -49.74
N TYR G 270 30.77 22.26 -50.00
CA TYR G 270 29.39 22.67 -49.99
C TYR G 270 29.14 23.68 -51.11
N THR G 271 28.01 23.50 -51.79
CA THR G 271 27.57 24.33 -52.90
C THR G 271 26.07 24.17 -53.08
N PRO G 272 25.33 25.22 -53.48
CA PRO G 272 25.73 26.61 -53.72
C PRO G 272 25.92 27.42 -52.45
N LEU G 273 27.07 28.06 -52.35
CA LEU G 273 27.45 28.86 -51.18
C LEU G 273 27.76 30.26 -51.68
N ILE G 274 26.73 31.08 -51.84
CA ILE G 274 26.84 32.44 -52.34
C ILE G 274 26.04 33.37 -51.45
N SER G 275 26.02 34.64 -51.80
CA SER G 275 25.28 35.65 -51.05
C SER G 275 23.79 35.59 -51.43
N ALA G 276 23.02 36.57 -50.93
CA ALA G 276 21.58 36.55 -51.13
C ALA G 276 21.13 37.22 -52.42
N GLU G 277 22.02 37.93 -53.12
CA GLU G 277 21.62 38.66 -54.30
C GLU G 277 21.91 37.88 -55.58
N LYS G 278 23.02 37.14 -55.61
CA LYS G 278 23.46 36.48 -56.82
C LYS G 278 22.61 35.27 -57.19
N ALA G 279 21.81 34.74 -56.26
CA ALA G 279 20.90 33.66 -56.59
C ALA G 279 19.66 34.15 -57.32
N TYR G 280 19.44 35.47 -57.34
CA TYR G 280 18.25 36.02 -58.00
C TYR G 280 18.39 35.97 -59.51
N HIS G 281 19.59 36.33 -60.03
CA HIS G 281 19.86 36.37 -61.45
C HIS G 281 20.32 35.01 -62.00
N GLU G 282 20.03 33.91 -61.32
CA GLU G 282 20.56 32.63 -61.75
C GLU G 282 19.63 31.51 -61.30
N ALA G 283 19.39 30.56 -62.20
CA ALA G 283 18.55 29.40 -61.91
C ALA G 283 19.48 28.20 -61.72
N LEU G 284 19.75 27.88 -60.46
CA LEU G 284 20.73 26.85 -60.10
C LEU G 284 20.08 25.48 -60.29
N SER G 285 20.48 24.78 -61.33
CA SER G 285 19.92 23.46 -61.62
C SER G 285 20.76 22.40 -60.93
N VAL G 286 20.46 21.13 -61.21
CA VAL G 286 21.26 20.03 -60.68
C VAL G 286 22.63 20.00 -61.35
N SER G 287 22.67 20.14 -62.67
CA SER G 287 23.94 20.12 -63.39
C SER G 287 24.78 21.36 -63.14
N ASP G 288 24.18 22.43 -62.61
CA ASP G 288 24.94 23.63 -62.26
C ASP G 288 25.86 23.37 -61.08
N ILE G 289 25.28 23.02 -59.94
CA ILE G 289 26.06 22.94 -58.71
C ILE G 289 26.84 21.64 -58.60
N THR G 290 26.43 20.59 -59.31
CA THR G 290 27.20 19.34 -59.29
C THR G 290 28.49 19.49 -60.07
N ASN G 291 28.46 20.24 -61.18
CA ASN G 291 29.70 20.62 -61.83
C ASN G 291 30.48 21.64 -61.02
N SER G 292 29.81 22.39 -60.14
CA SER G 292 30.50 23.28 -59.23
C SER G 292 31.16 22.54 -58.08
N CYS G 293 30.81 21.27 -57.86
CA CYS G 293 31.43 20.48 -56.80
C CYS G 293 32.89 20.20 -57.07
N PHE G 294 33.26 20.05 -58.34
CA PHE G 294 34.56 19.49 -58.71
C PHE G 294 35.46 20.51 -59.38
N GLU G 295 35.41 21.74 -58.91
CA GLU G 295 36.33 22.79 -59.30
C GLU G 295 37.07 23.30 -58.07
N PRO G 296 38.36 23.67 -58.19
CA PRO G 296 39.18 23.88 -56.99
C PRO G 296 38.82 25.11 -56.16
N ALA G 297 37.90 25.95 -56.64
CA ALA G 297 37.39 27.06 -55.84
C ALA G 297 36.22 26.66 -54.95
N ASN G 298 36.02 25.37 -54.72
CA ASN G 298 34.89 24.87 -53.95
C ASN G 298 35.31 23.91 -52.84
N GLN G 299 36.54 23.39 -52.89
CA GLN G 299 37.03 22.50 -51.84
C GLN G 299 37.22 23.27 -50.54
N MET G 300 37.02 22.57 -49.42
CA MET G 300 37.12 23.20 -48.11
C MET G 300 38.51 23.05 -47.49
N VAL G 301 39.45 22.40 -48.18
CA VAL G 301 40.85 22.41 -47.80
C VAL G 301 41.65 22.98 -48.97
N LYS G 302 42.42 24.02 -48.71
CA LYS G 302 43.20 24.68 -49.76
C LYS G 302 44.34 23.77 -50.18
N CYS G 303 44.13 23.00 -51.23
CA CYS G 303 45.15 22.14 -51.79
C CYS G 303 44.86 21.99 -53.28
N ASP G 304 45.52 21.02 -53.93
CA ASP G 304 45.35 20.79 -55.36
C ASP G 304 44.52 19.53 -55.59
N PRO G 305 43.22 19.65 -55.87
CA PRO G 305 42.42 18.44 -56.12
C PRO G 305 42.73 17.79 -57.46
N ARG G 306 43.25 18.56 -58.42
CA ARG G 306 43.60 17.98 -59.71
C ARG G 306 44.91 17.21 -59.63
N HIS G 307 45.77 17.55 -58.67
CA HIS G 307 46.97 16.77 -58.37
C HIS G 307 46.68 15.63 -57.41
N GLY G 308 45.48 15.57 -56.85
CA GLY G 308 45.02 14.41 -56.11
C GLY G 308 44.23 13.46 -57.00
N LYS G 309 44.14 12.22 -56.55
CA LYS G 309 43.43 11.18 -57.29
C LYS G 309 42.23 10.73 -56.47
N TYR G 310 41.04 10.92 -57.03
CA TYR G 310 39.81 10.58 -56.32
C TYR G 310 39.66 9.07 -56.20
N MET G 311 39.26 8.61 -55.03
CA MET G 311 39.09 7.20 -54.74
C MET G 311 37.67 6.82 -54.39
N ALA G 312 36.98 7.62 -53.58
CA ALA G 312 35.61 7.34 -53.19
C ALA G 312 34.92 8.67 -52.92
N VAL G 313 34.15 9.14 -53.89
CA VAL G 313 33.49 10.45 -53.80
C VAL G 313 32.06 10.22 -53.37
N CYS G 314 31.68 10.85 -52.25
CA CYS G 314 30.37 10.66 -51.66
C CYS G 314 29.51 11.91 -51.87
N LEU G 315 28.24 11.70 -52.17
CA LEU G 315 27.35 12.80 -52.52
C LEU G 315 26.05 12.68 -51.73
N LEU G 316 25.69 13.74 -51.02
CA LEU G 316 24.41 13.83 -50.32
C LEU G 316 23.70 15.08 -50.80
N TYR G 317 22.56 14.89 -51.46
CA TYR G 317 21.79 16.01 -51.95
C TYR G 317 20.66 16.32 -50.98
N ARG G 318 20.22 17.58 -50.99
CA ARG G 318 19.10 18.02 -50.17
C ARG G 318 18.16 18.85 -51.03
N GLY G 319 16.87 18.78 -50.70
CA GLY G 319 15.87 19.44 -51.49
C GLY G 319 15.23 18.53 -52.52
N ASP G 320 14.20 19.07 -53.17
CA ASP G 320 13.41 18.30 -54.14
C ASP G 320 14.22 18.14 -55.42
N VAL G 321 14.94 17.03 -55.52
CA VAL G 321 15.81 16.74 -56.66
C VAL G 321 15.32 15.45 -57.30
N VAL G 322 15.14 15.47 -58.62
CA VAL G 322 14.73 14.27 -59.35
C VAL G 322 15.99 13.45 -59.63
N PRO G 323 15.90 12.11 -59.69
CA PRO G 323 17.11 11.30 -59.85
C PRO G 323 17.55 11.12 -61.29
N LYS G 324 16.78 11.61 -62.26
CA LYS G 324 17.11 11.41 -63.67
C LYS G 324 18.36 12.18 -64.06
N ASP G 325 18.36 13.49 -63.84
CA ASP G 325 19.54 14.29 -64.12
C ASP G 325 20.68 14.01 -63.14
N VAL G 326 20.36 13.48 -61.95
CA VAL G 326 21.40 12.95 -61.08
C VAL G 326 22.14 11.82 -61.77
N ASN G 327 21.39 10.86 -62.31
CA ASN G 327 21.97 9.75 -63.07
C ASN G 327 22.57 10.22 -64.39
N THR G 328 22.31 11.45 -64.80
CA THR G 328 22.94 12.06 -65.97
C THR G 328 24.19 12.85 -65.59
N ALA G 329 24.11 13.69 -64.54
CA ALA G 329 25.19 14.63 -64.26
C ALA G 329 26.43 13.92 -63.73
N ILE G 330 26.25 12.92 -62.87
CA ILE G 330 27.39 12.11 -62.43
C ILE G 330 27.96 11.32 -63.60
N ALA G 331 27.11 10.88 -64.53
CA ALA G 331 27.61 10.36 -65.79
C ALA G 331 28.24 11.47 -66.64
N ALA G 332 27.71 12.70 -66.56
CA ALA G 332 28.30 13.80 -67.30
C ALA G 332 29.62 14.23 -66.68
N ILE G 333 29.80 14.01 -65.38
CA ILE G 333 31.13 14.13 -64.77
C ILE G 333 32.09 13.12 -65.40
N LYS G 334 31.61 11.90 -65.60
CA LYS G 334 32.43 10.85 -66.20
C LYS G 334 32.70 11.11 -67.68
N THR G 335 31.88 11.93 -68.35
CA THR G 335 32.22 12.36 -69.69
C THR G 335 33.45 13.26 -69.71
N LYS G 336 33.63 14.05 -68.65
CA LYS G 336 34.86 14.79 -68.48
C LYS G 336 35.95 13.85 -67.98
N ARG G 337 37.20 14.15 -68.33
CA ARG G 337 38.31 13.26 -68.03
C ARG G 337 39.28 13.81 -66.99
N THR G 338 39.10 15.07 -66.56
CA THR G 338 39.99 15.64 -65.56
C THR G 338 39.78 15.02 -64.20
N ILE G 339 38.58 14.51 -63.92
CA ILE G 339 38.29 13.80 -62.68
C ILE G 339 38.98 12.44 -62.81
N GLN G 340 40.11 12.29 -62.14
CA GLN G 340 40.90 11.07 -62.23
C GLN G 340 40.54 10.12 -61.09
N PHE G 341 40.41 8.85 -61.43
CA PHE G 341 40.17 7.80 -60.47
C PHE G 341 41.44 7.00 -60.27
N VAL G 342 41.34 5.93 -59.50
CA VAL G 342 42.35 4.89 -59.50
C VAL G 342 41.87 3.79 -60.44
N ASP G 343 42.79 2.94 -60.89
CA ASP G 343 42.46 1.93 -61.89
C ASP G 343 41.55 0.85 -61.34
N TRP G 344 41.55 0.65 -60.03
CA TRP G 344 40.78 -0.46 -59.46
C TRP G 344 39.41 -0.05 -58.92
N CYS G 345 39.11 1.24 -58.83
CA CYS G 345 37.81 1.68 -58.30
C CYS G 345 37.09 2.59 -59.27
N PRO G 346 36.27 2.05 -60.18
CA PRO G 346 35.32 2.91 -60.89
C PRO G 346 34.03 3.09 -60.12
N THR G 347 33.70 2.12 -59.27
CA THR G 347 32.45 2.12 -58.52
C THR G 347 32.67 2.63 -57.09
N GLY G 348 33.01 3.91 -57.00
CA GLY G 348 33.19 4.55 -55.71
C GLY G 348 32.22 5.69 -55.49
N PHE G 349 30.97 5.49 -55.92
CA PHE G 349 29.96 6.53 -55.88
C PHE G 349 28.93 6.20 -54.81
N LYS G 350 28.35 7.24 -54.23
CA LYS G 350 27.31 7.11 -53.22
C LYS G 350 26.16 8.04 -53.58
N VAL G 351 24.95 7.52 -53.53
CA VAL G 351 23.75 8.25 -53.94
C VAL G 351 22.90 8.52 -52.70
N GLY G 352 22.67 9.80 -52.42
CA GLY G 352 21.79 10.17 -51.32
C GLY G 352 21.01 11.43 -51.62
N ILE G 353 19.68 11.33 -51.56
CA ILE G 353 18.79 12.45 -51.84
C ILE G 353 17.76 12.52 -50.74
N ASN G 354 17.70 13.66 -50.04
CA ASN G 354 16.69 13.88 -49.02
C ASN G 354 15.68 14.91 -49.53
N TYR G 355 14.46 14.81 -49.00
CA TYR G 355 13.39 15.70 -49.41
C TYR G 355 13.54 17.12 -48.88
N GLN G 356 14.17 17.27 -47.73
CA GLN G 356 14.17 18.57 -47.08
C GLN G 356 15.28 19.46 -47.63
N PRO G 357 14.96 20.66 -48.11
CA PRO G 357 15.99 21.61 -48.49
C PRO G 357 16.63 22.23 -47.26
N PRO G 358 17.87 22.72 -47.36
CA PRO G 358 18.51 23.36 -46.21
C PRO G 358 17.86 24.70 -45.91
N THR G 359 17.61 24.93 -44.62
CA THR G 359 17.05 26.18 -44.16
C THR G 359 18.16 27.03 -43.56
N VAL G 360 18.18 28.31 -43.93
CA VAL G 360 19.28 29.19 -43.60
C VAL G 360 19.07 29.79 -42.22
N VAL G 361 20.17 30.27 -41.64
CA VAL G 361 20.18 30.85 -40.30
C VAL G 361 19.46 32.20 -40.32
N PRO G 362 18.76 32.57 -39.25
CA PRO G 362 18.11 33.90 -39.22
C PRO G 362 19.14 35.00 -39.03
N GLY G 363 19.00 36.06 -39.82
CA GLY G 363 19.95 37.15 -39.81
C GLY G 363 21.31 36.84 -40.42
N GLY G 364 21.45 35.71 -41.10
CA GLY G 364 22.73 35.32 -41.66
C GLY G 364 22.98 35.93 -43.01
N ASP G 365 24.04 35.44 -43.65
CA ASP G 365 24.49 35.94 -44.94
C ASP G 365 24.10 35.05 -46.10
N LEU G 366 23.44 33.93 -45.84
CA LEU G 366 23.12 32.95 -46.87
C LEU G 366 21.78 33.28 -47.53
N ALA G 367 21.39 32.42 -48.46
CA ALA G 367 20.13 32.55 -49.19
C ALA G 367 19.40 31.22 -49.21
N LYS G 368 18.07 31.30 -49.16
CA LYS G 368 17.22 30.11 -49.17
C LYS G 368 17.26 29.48 -50.55
N VAL G 369 18.02 28.42 -50.69
CA VAL G 369 18.17 27.69 -51.95
C VAL G 369 17.66 26.27 -51.74
N PRO G 370 16.82 25.73 -52.63
CA PRO G 370 16.36 24.36 -52.46
C PRO G 370 17.45 23.31 -52.65
N ARG G 371 18.29 23.46 -53.67
CA ARG G 371 19.33 22.49 -53.98
C ARG G 371 20.58 22.78 -53.17
N ALA G 372 21.24 21.72 -52.69
CA ALA G 372 22.53 21.82 -52.02
C ALA G 372 23.21 20.47 -52.03
N VAL G 373 24.54 20.49 -52.06
CA VAL G 373 25.35 19.28 -52.11
C VAL G 373 26.38 19.35 -50.98
N CYS G 374 26.49 18.28 -50.21
CA CYS G 374 27.59 18.12 -49.26
C CYS G 374 28.55 17.09 -49.86
N MET G 375 29.58 17.57 -50.55
CA MET G 375 30.50 16.69 -51.25
C MET G 375 31.57 16.18 -50.30
N LEU G 376 31.79 14.87 -50.31
CA LEU G 376 32.85 14.23 -49.55
C LEU G 376 33.73 13.49 -50.56
N SER G 377 35.02 13.81 -50.57
CA SER G 377 35.92 13.31 -51.61
C SER G 377 37.24 12.93 -50.99
N ASN G 378 37.41 11.64 -50.69
CA ASN G 378 38.71 11.13 -50.28
C ASN G 378 39.62 11.05 -51.50
N THR G 379 40.81 11.61 -51.37
CA THR G 379 41.71 11.73 -52.51
C THR G 379 43.15 11.64 -52.06
N THR G 380 44.05 11.66 -53.04
CA THR G 380 45.49 11.65 -52.77
C THR G 380 46.07 13.06 -52.69
N ALA G 381 45.23 14.08 -52.70
CA ALA G 381 45.67 15.43 -52.37
C ALA G 381 45.90 15.62 -50.88
N ILE G 382 45.44 14.68 -50.06
CA ILE G 382 45.76 14.69 -48.64
C ILE G 382 47.25 14.42 -48.44
N ALA G 383 47.84 13.57 -49.28
CA ALA G 383 49.28 13.30 -49.20
C ALA G 383 50.10 14.54 -49.50
N GLU G 384 49.66 15.36 -50.46
CA GLU G 384 50.33 16.62 -50.72
C GLU G 384 50.11 17.61 -49.58
N ALA G 385 49.01 17.44 -48.83
CA ALA G 385 48.80 18.18 -47.60
C ALA G 385 49.54 17.56 -46.41
N TRP G 386 50.07 16.34 -46.54
CA TRP G 386 50.94 15.80 -45.50
C TRP G 386 52.35 16.35 -45.62
N SER G 387 52.88 16.46 -46.84
CA SER G 387 54.26 16.87 -47.04
C SER G 387 54.49 18.33 -46.68
N ARG G 388 53.45 19.16 -46.77
CA ARG G 388 53.58 20.56 -46.36
C ARG G 388 53.66 20.69 -44.85
N LEU G 389 53.17 19.69 -44.10
CA LEU G 389 53.23 19.72 -42.65
C LEU G 389 54.37 18.88 -42.10
N ASP G 390 54.80 17.85 -42.83
CA ASP G 390 55.99 17.10 -42.44
C ASP G 390 57.27 17.90 -42.66
N TYR G 391 57.22 18.92 -43.50
CA TYR G 391 58.36 19.81 -43.67
C TYR G 391 58.52 20.74 -42.47
N LYS G 392 57.40 21.18 -41.89
CA LYS G 392 57.44 22.09 -40.76
C LYS G 392 57.93 21.42 -39.49
N PHE G 393 57.54 20.16 -39.28
CA PHE G 393 57.77 19.50 -37.99
C PHE G 393 59.24 19.16 -37.79
N ASP G 394 59.91 18.66 -38.83
CA ASP G 394 61.22 18.06 -38.65
C ASP G 394 62.32 19.09 -38.47
N LEU G 395 62.23 20.23 -39.16
CA LEU G 395 63.31 21.20 -39.11
C LEU G 395 63.34 21.96 -37.79
N MET G 396 62.18 22.27 -37.20
CA MET G 396 62.18 22.80 -35.85
C MET G 396 62.57 21.73 -34.82
N TYR G 397 62.32 20.46 -35.13
CA TYR G 397 62.73 19.37 -34.25
C TYR G 397 64.24 19.16 -34.30
N ALA G 398 64.87 19.47 -35.43
CA ALA G 398 66.30 19.21 -35.59
C ALA G 398 67.13 20.12 -34.71
N LYS G 399 66.73 21.39 -34.58
CA LYS G 399 67.40 22.31 -33.65
C LYS G 399 66.96 22.10 -32.21
N ARG G 400 65.97 21.23 -31.98
CA ARG G 400 65.38 20.96 -30.66
C ARG G 400 64.83 22.23 -30.01
N ALA G 401 64.18 23.07 -30.80
CA ALA G 401 63.51 24.25 -30.25
C ALA G 401 62.21 23.84 -29.56
N PHE G 402 61.88 24.58 -28.50
CA PHE G 402 60.64 24.46 -27.72
C PHE G 402 60.47 23.09 -27.06
N VAL G 403 61.58 22.38 -26.87
CA VAL G 403 61.49 21.07 -26.23
C VAL G 403 61.38 21.24 -24.72
N HIS G 404 61.88 22.35 -24.17
CA HIS G 404 61.95 22.56 -22.73
C HIS G 404 60.60 22.82 -22.07
N TRP G 405 59.49 22.76 -22.82
CA TRP G 405 58.18 22.70 -22.20
C TRP G 405 57.66 21.27 -22.13
N TYR G 406 58.02 20.45 -23.11
CA TYR G 406 57.54 19.06 -23.17
C TYR G 406 58.25 18.15 -22.18
N VAL G 407 59.39 18.56 -21.64
CA VAL G 407 60.22 17.65 -20.85
C VAL G 407 59.60 17.38 -19.48
N GLY G 408 59.42 18.43 -18.68
CA GLY G 408 59.07 18.26 -17.29
C GLY G 408 57.61 17.93 -17.00
N GLU G 409 56.77 17.82 -18.03
CA GLU G 409 55.34 17.62 -17.85
C GLU G 409 54.93 16.16 -17.89
N GLY G 410 55.90 15.24 -17.84
CA GLY G 410 55.58 13.83 -17.88
C GLY G 410 55.53 13.28 -19.28
N MET G 411 56.59 13.48 -20.05
CA MET G 411 56.57 13.15 -21.47
C MET G 411 57.98 12.81 -21.92
N GLU G 412 58.07 11.92 -22.89
CA GLU G 412 59.35 11.40 -23.39
C GLU G 412 59.62 11.94 -24.79
N GLU G 413 60.90 12.07 -25.12
CA GLU G 413 61.31 12.64 -26.39
C GLU G 413 61.44 11.61 -27.50
N GLY G 414 61.58 10.33 -27.15
CA GLY G 414 61.59 9.28 -28.16
C GLY G 414 60.25 9.07 -28.83
N GLU G 415 59.16 9.52 -28.18
CA GLU G 415 57.84 9.47 -28.79
C GLU G 415 57.74 10.39 -30.00
N PHE G 416 58.56 11.45 -30.05
CA PHE G 416 58.66 12.27 -31.25
C PHE G 416 59.29 11.51 -32.41
N THR G 417 60.22 10.60 -32.10
CA THR G 417 60.92 9.88 -33.15
C THR G 417 60.04 8.78 -33.76
N GLU G 418 59.24 8.10 -32.92
CA GLU G 418 58.39 7.03 -33.39
C GLU G 418 57.25 7.54 -34.25
N ALA G 419 56.77 8.76 -33.99
CA ALA G 419 55.75 9.36 -34.82
C ALA G 419 56.29 9.80 -36.18
N ARG G 420 57.61 9.96 -36.30
CA ARG G 420 58.18 10.31 -37.60
C ARG G 420 58.16 9.11 -38.55
N GLU G 421 58.54 7.93 -38.07
CA GLU G 421 58.44 6.73 -38.88
C GLU G 421 56.99 6.31 -39.08
N ASP G 422 56.10 6.72 -38.18
CA ASP G 422 54.67 6.44 -38.33
C ASP G 422 54.04 7.27 -39.44
N LEU G 423 54.38 8.55 -39.51
CA LEU G 423 53.80 9.42 -40.53
C LEU G 423 54.52 9.35 -41.86
N ALA G 424 55.70 8.74 -41.90
CA ALA G 424 56.43 8.62 -43.16
C ALA G 424 55.79 7.60 -44.09
N ALA G 425 55.39 6.44 -43.55
CA ALA G 425 54.74 5.42 -44.35
C ALA G 425 53.29 5.74 -44.63
N LEU G 426 52.69 6.67 -43.89
CA LEU G 426 51.29 7.02 -44.10
C LEU G 426 51.10 7.71 -45.44
N GLU G 427 51.87 8.79 -45.68
CA GLU G 427 51.81 9.48 -46.95
C GLU G 427 52.42 8.66 -48.08
N LYS G 428 53.20 7.63 -47.76
CA LYS G 428 53.64 6.67 -48.76
C LYS G 428 52.47 5.85 -49.29
N ASP G 429 51.52 5.50 -48.41
CA ASP G 429 50.42 4.61 -48.77
C ASP G 429 49.43 5.24 -49.75
N TYR G 430 49.38 6.57 -49.83
CA TYR G 430 48.62 7.21 -50.90
C TYR G 430 49.22 6.89 -52.26
N GLU G 431 50.55 6.87 -52.34
CA GLU G 431 51.22 6.54 -53.58
C GLU G 431 51.32 5.03 -53.78
N GLU G 432 51.31 4.26 -52.68
CA GLU G 432 51.36 2.80 -52.81
C GLU G 432 50.04 2.25 -53.31
N VAL G 433 48.93 2.70 -52.73
CA VAL G 433 47.61 2.30 -53.23
C VAL G 433 47.34 2.95 -54.58
N GLY G 434 47.68 4.23 -54.72
CA GLY G 434 47.49 4.93 -55.97
C GLY G 434 48.45 4.51 -57.07
N MET H 1 40.40 32.10 -8.86
CA MET H 1 40.75 30.84 -9.48
C MET H 1 42.22 30.85 -9.89
N ARG H 2 42.50 31.23 -11.13
CA ARG H 2 43.86 31.50 -11.57
C ARG H 2 44.27 32.84 -11.00
N GLU H 3 45.18 32.83 -10.03
CA GLU H 3 45.42 34.02 -9.22
C GLU H 3 46.86 34.48 -9.31
N ILE H 4 47.03 35.79 -9.38
CA ILE H 4 48.32 36.43 -9.63
C ILE H 4 48.50 37.57 -8.65
N VAL H 5 49.62 37.59 -7.94
CA VAL H 5 49.98 38.71 -7.08
C VAL H 5 50.90 39.62 -7.87
N HIS H 6 50.96 40.89 -7.47
CA HIS H 6 51.81 41.89 -8.09
C HIS H 6 52.64 42.54 -6.99
N VAL H 7 53.96 42.41 -7.09
CA VAL H 7 54.88 42.85 -6.04
C VAL H 7 55.77 43.94 -6.61
N GLN H 8 55.96 45.01 -5.83
CA GLN H 8 56.76 46.17 -6.22
C GLN H 8 57.89 46.34 -5.23
N ALA H 9 59.10 46.55 -5.72
CA ALA H 9 60.27 46.70 -4.89
C ALA H 9 61.25 47.66 -5.56
N GLY H 10 61.82 48.57 -4.79
CA GLY H 10 62.66 49.60 -5.36
C GLY H 10 61.86 50.81 -5.82
N GLN H 11 62.51 51.97 -5.91
CA GLN H 11 61.81 53.22 -6.16
C GLN H 11 61.22 53.27 -7.58
N CYS H 12 61.81 52.52 -8.52
CA CYS H 12 61.29 52.47 -9.87
C CYS H 12 59.93 51.77 -9.92
N GLY H 13 59.90 50.49 -9.52
CA GLY H 13 58.69 49.70 -9.63
C GLY H 13 57.58 50.09 -8.68
N ASN H 14 57.88 50.91 -7.67
CA ASN H 14 56.84 51.34 -6.75
C ASN H 14 55.92 52.38 -7.37
N GLN H 15 56.47 53.23 -8.24
CA GLN H 15 55.66 54.26 -8.88
C GLN H 15 55.18 53.89 -10.27
N ILE H 16 55.64 52.77 -10.82
CA ILE H 16 55.11 52.28 -12.09
C ILE H 16 53.69 51.76 -11.89
N GLY H 17 53.50 50.93 -10.86
CA GLY H 17 52.18 50.38 -10.59
C GLY H 17 51.20 51.42 -10.08
N SER H 18 51.71 52.49 -9.46
CA SER H 18 50.85 53.53 -8.88
C SER H 18 50.02 54.25 -9.93
N LYS H 19 50.49 54.28 -11.17
CA LYS H 19 49.62 54.68 -12.27
C LYS H 19 49.02 53.46 -12.98
N PHE H 20 49.65 52.28 -12.84
CA PHE H 20 49.16 51.11 -13.54
C PHE H 20 47.92 50.51 -12.92
N TRP H 21 47.82 50.51 -11.57
CA TRP H 21 46.60 50.03 -10.92
C TRP H 21 45.40 50.91 -11.23
N GLU H 22 45.63 52.18 -11.58
CA GLU H 22 44.55 53.10 -11.89
C GLU H 22 43.80 52.68 -13.15
N VAL H 23 44.54 52.28 -14.19
CA VAL H 23 43.91 51.79 -15.42
C VAL H 23 43.20 50.47 -15.16
N ILE H 24 43.83 49.59 -14.38
CA ILE H 24 43.19 48.35 -13.96
C ILE H 24 41.97 48.64 -13.10
N SER H 25 42.01 49.71 -12.31
CA SER H 25 40.82 50.16 -11.60
C SER H 25 39.78 50.68 -12.58
N ASP H 26 40.20 51.38 -13.62
CA ASP H 26 39.25 52.04 -14.51
C ASP H 26 38.74 51.13 -15.60
N GLU H 27 39.47 50.07 -15.95
CA GLU H 27 38.98 49.14 -16.96
C GLU H 27 37.93 48.20 -16.41
N HIS H 28 37.77 48.14 -15.09
CA HIS H 28 36.80 47.24 -14.47
C HIS H 28 35.74 47.96 -13.66
N GLY H 29 35.73 49.29 -13.71
CA GLY H 29 34.65 50.07 -13.12
C GLY H 29 34.60 50.07 -11.60
N ILE H 30 35.75 50.28 -10.95
CA ILE H 30 35.76 50.37 -9.49
C ILE H 30 36.27 51.75 -9.08
N GLN H 31 36.32 51.99 -7.77
CA GLN H 31 36.55 53.29 -7.18
C GLN H 31 37.76 53.22 -6.24
N PRO H 32 38.28 54.35 -5.71
CA PRO H 32 39.31 54.22 -4.67
C PRO H 32 38.81 53.57 -3.39
N ASP H 33 37.50 53.60 -3.13
CA ASP H 33 36.91 52.76 -2.10
C ASP H 33 36.74 51.32 -2.54
N GLY H 34 37.03 51.00 -3.80
CA GLY H 34 36.78 49.68 -4.33
C GLY H 34 35.33 49.43 -4.69
N THR H 35 34.50 50.46 -4.70
CA THR H 35 33.08 50.29 -4.99
C THR H 35 32.90 50.02 -6.48
N PHE H 36 32.30 48.87 -6.81
CA PHE H 36 32.06 48.53 -8.20
C PHE H 36 30.99 49.44 -8.79
N LYS H 37 31.34 50.15 -9.86
CA LYS H 37 30.38 50.99 -10.56
C LYS H 37 30.36 50.68 -12.05
N GLY H 38 30.80 49.48 -12.44
CA GLY H 38 30.69 49.08 -13.82
C GLY H 38 29.25 48.80 -14.21
N GLU H 39 28.85 49.33 -15.36
CA GLU H 39 27.48 49.20 -15.81
C GLU H 39 27.19 47.79 -16.34
N THR H 40 28.07 47.29 -17.20
CA THR H 40 27.97 45.92 -17.67
C THR H 40 28.81 45.01 -16.79
N ASP H 41 28.28 43.81 -16.50
CA ASP H 41 28.98 42.81 -15.72
C ASP H 41 30.16 42.15 -16.45
N LEU H 42 30.47 42.58 -17.68
CA LEU H 42 31.73 42.19 -18.32
C LEU H 42 32.94 42.71 -17.55
N GLN H 43 32.78 43.83 -16.84
CA GLN H 43 33.84 44.36 -15.98
C GLN H 43 33.87 43.71 -14.61
N LEU H 44 32.96 42.77 -14.31
CA LEU H 44 32.94 42.10 -13.03
C LEU H 44 33.25 40.62 -13.09
N GLU H 45 32.95 39.94 -14.20
CA GLU H 45 33.00 38.48 -14.25
C GLU H 45 34.42 37.92 -14.16
N ARG H 46 35.46 38.75 -14.32
CA ARG H 46 36.84 38.37 -14.05
C ARG H 46 37.52 39.43 -13.20
N ILE H 47 36.81 39.92 -12.18
CA ILE H 47 37.41 40.88 -11.26
C ILE H 47 38.27 40.18 -10.22
N ASP H 48 38.10 38.87 -10.05
CA ASP H 48 38.72 38.16 -8.94
C ASP H 48 40.20 37.92 -9.13
N VAL H 49 40.72 38.04 -10.36
CA VAL H 49 42.07 37.61 -10.68
C VAL H 49 43.12 38.49 -10.01
N TYR H 50 42.82 39.77 -9.78
CA TYR H 50 43.75 40.68 -9.12
C TYR H 50 43.21 41.23 -7.81
N TYR H 51 42.13 40.65 -7.28
CA TYR H 51 41.45 41.24 -6.13
C TYR H 51 40.97 40.15 -5.19
N ASN H 52 40.82 40.50 -3.92
CA ASN H 52 40.23 39.64 -2.91
C ASN H 52 39.13 40.42 -2.20
N GLU H 53 37.90 40.21 -2.65
CA GLU H 53 36.76 40.90 -2.08
C GLU H 53 36.53 40.45 -0.63
N ALA H 54 36.24 41.41 0.24
CA ALA H 54 36.05 41.12 1.66
C ALA H 54 35.14 42.21 2.23
N ASN H 55 34.05 41.79 2.88
CA ASN H 55 33.22 42.64 3.73
C ASN H 55 32.60 43.82 3.00
N ASN H 56 31.62 43.52 2.14
CA ASN H 56 30.76 44.46 1.39
C ASN H 56 31.48 45.15 0.24
N GLY H 57 32.32 44.42 -0.47
CA GLY H 57 32.70 44.80 -1.82
C GLY H 57 33.83 45.79 -1.96
N LYS H 58 34.49 46.15 -0.87
CA LYS H 58 35.69 46.99 -0.98
C LYS H 58 36.82 46.07 -1.45
N TYR H 59 36.99 46.01 -2.78
CA TYR H 59 38.02 45.17 -3.36
C TYR H 59 39.39 45.70 -3.03
N VAL H 60 40.25 44.83 -2.52
CA VAL H 60 41.64 45.21 -2.28
C VAL H 60 42.50 44.60 -3.38
N PRO H 61 43.43 45.36 -3.95
CA PRO H 61 44.33 44.78 -4.94
C PRO H 61 45.30 43.82 -4.29
N ARG H 62 45.60 42.73 -5.00
CA ARG H 62 46.51 41.72 -4.49
C ARG H 62 47.93 42.22 -4.74
N ALA H 63 48.37 43.11 -3.87
CA ALA H 63 49.58 43.89 -4.09
C ALA H 63 50.42 43.92 -2.83
N VAL H 64 51.73 43.89 -3.01
CA VAL H 64 52.70 43.98 -1.91
C VAL H 64 53.62 45.15 -2.21
N LEU H 65 53.80 46.03 -1.24
CA LEU H 65 54.56 47.26 -1.40
C LEU H 65 55.74 47.25 -0.44
N VAL H 66 56.95 47.11 -0.98
CA VAL H 66 58.16 46.97 -0.18
C VAL H 66 59.11 48.10 -0.53
N ASP H 67 59.69 48.70 0.51
CA ASP H 67 60.74 49.70 0.34
C ASP H 67 61.73 49.55 1.49
N LEU H 68 62.94 50.06 1.30
CA LEU H 68 63.91 50.10 2.38
C LEU H 68 63.83 51.39 3.19
N GLU H 69 62.96 52.31 2.84
CA GLU H 69 62.76 53.55 3.58
C GLU H 69 61.28 53.89 3.54
N PRO H 70 60.79 54.70 4.49
CA PRO H 70 59.41 55.16 4.43
C PRO H 70 59.16 56.35 3.51
N GLY H 71 60.08 56.66 2.60
CA GLY H 71 59.88 57.81 1.72
C GLY H 71 58.83 57.56 0.66
N THR H 72 58.93 56.45 -0.05
CA THR H 72 57.99 56.14 -1.12
C THR H 72 56.67 55.57 -0.60
N MET H 73 56.57 55.29 0.69
CA MET H 73 55.33 54.75 1.24
C MET H 73 54.24 55.82 1.26
N ASP H 74 54.52 56.96 1.90
CA ASP H 74 53.50 57.98 2.13
C ASP H 74 53.08 58.67 0.84
N SER H 75 53.99 58.78 -0.13
CA SER H 75 53.66 59.42 -1.40
C SER H 75 52.63 58.62 -2.18
N VAL H 76 52.76 57.29 -2.17
CA VAL H 76 51.73 56.44 -2.76
C VAL H 76 50.49 56.44 -1.87
N ARG H 77 50.70 56.51 -0.55
CA ARG H 77 49.60 56.42 0.39
C ARG H 77 48.74 57.69 0.38
N SER H 78 49.39 58.86 0.38
CA SER H 78 48.64 60.11 0.33
C SER H 78 48.27 60.52 -1.08
N GLY H 79 48.82 59.85 -2.09
CA GLY H 79 48.58 60.22 -3.47
C GLY H 79 47.26 59.70 -4.01
N PRO H 80 47.18 59.55 -5.34
CA PRO H 80 45.94 59.06 -5.94
C PRO H 80 45.75 57.57 -5.70
N PHE H 81 44.49 57.20 -5.44
CA PHE H 81 44.07 55.83 -5.10
C PHE H 81 44.86 55.29 -3.90
N GLY H 82 45.04 56.13 -2.87
CA GLY H 82 45.77 55.70 -1.69
C GLY H 82 44.93 54.91 -0.71
N GLN H 83 43.61 55.08 -0.73
CA GLN H 83 42.74 54.38 0.21
C GLN H 83 42.42 52.97 -0.24
N LEU H 84 42.84 52.57 -1.44
CA LEU H 84 42.46 51.28 -1.99
C LEU H 84 43.34 50.15 -1.48
N PHE H 85 44.57 50.44 -1.06
CA PHE H 85 45.52 49.39 -0.73
C PHE H 85 45.36 48.93 0.71
N ARG H 86 45.63 47.66 0.94
CA ARG H 86 45.49 47.09 2.28
C ARG H 86 46.68 47.49 3.14
N PRO H 87 46.43 48.07 4.33
CA PRO H 87 47.55 48.48 5.19
C PRO H 87 48.28 47.34 5.86
N ASP H 88 47.81 46.09 5.71
CA ASP H 88 48.57 44.93 6.18
C ASP H 88 49.86 44.76 5.40
N ASN H 89 49.89 45.18 4.14
CA ASN H 89 50.99 44.91 3.23
C ASN H 89 52.08 45.97 3.29
N PHE H 90 51.90 47.05 4.04
CA PHE H 90 52.86 48.15 4.05
C PHE H 90 54.09 47.80 4.87
N VAL H 91 54.90 46.88 4.36
CA VAL H 91 56.09 46.40 5.07
C VAL H 91 57.29 47.13 4.51
N PHE H 92 58.12 47.68 5.40
CA PHE H 92 59.28 48.44 4.95
C PHE H 92 60.36 48.43 6.01
N GLY H 93 61.58 48.79 5.60
CA GLY H 93 62.70 48.92 6.48
C GLY H 93 63.08 50.39 6.69
N GLN H 94 64.23 50.59 7.34
CA GLN H 94 64.68 51.93 7.68
C GLN H 94 66.10 52.22 7.19
N SER H 95 66.56 51.52 6.15
CA SER H 95 67.94 51.68 5.69
C SER H 95 68.08 52.55 4.45
N GLY H 96 67.48 52.14 3.34
CA GLY H 96 67.83 52.70 2.05
C GLY H 96 69.05 52.00 1.49
N ALA H 97 68.99 51.56 0.24
CA ALA H 97 70.09 50.76 -0.30
C ALA H 97 71.32 51.61 -0.63
N GLY H 98 71.14 52.89 -0.94
CA GLY H 98 72.26 53.73 -1.33
C GLY H 98 72.91 53.31 -2.63
N ASN H 99 72.18 52.65 -3.52
CA ASN H 99 72.67 52.03 -4.74
C ASN H 99 73.83 51.08 -4.46
N ASN H 100 73.53 50.03 -3.71
CA ASN H 100 74.50 49.01 -3.35
C ASN H 100 73.80 47.66 -3.42
N TRP H 101 74.36 46.74 -4.22
CA TRP H 101 73.71 45.45 -4.44
C TRP H 101 73.81 44.57 -3.19
N ALA H 102 75.01 44.48 -2.60
CA ALA H 102 75.19 43.61 -1.45
C ALA H 102 74.52 44.14 -0.20
N LYS H 103 74.20 45.44 -0.15
CA LYS H 103 73.26 45.91 0.86
C LYS H 103 71.86 45.39 0.59
N GLY H 104 71.40 45.50 -0.66
CA GLY H 104 70.07 45.03 -1.00
C GLY H 104 69.95 43.52 -1.02
N HIS H 105 71.07 42.82 -1.17
CA HIS H 105 71.06 41.36 -1.23
C HIS H 105 71.50 40.71 0.07
N TYR H 106 72.68 41.05 0.59
CA TYR H 106 73.27 40.36 1.73
C TYR H 106 73.06 41.08 3.06
N THR H 107 73.16 42.41 3.07
CA THR H 107 73.24 43.14 4.32
C THR H 107 71.87 43.59 4.82
N GLU H 108 71.18 44.42 4.06
CA GLU H 108 69.94 45.00 4.54
C GLU H 108 68.71 44.28 4.00
N GLY H 109 68.77 43.81 2.76
CA GLY H 109 67.66 43.06 2.19
C GLY H 109 67.42 41.72 2.83
N ALA H 110 68.46 41.14 3.46
CA ALA H 110 68.31 39.87 4.14
C ALA H 110 67.48 39.98 5.42
N GLU H 111 67.29 41.19 5.93
CA GLU H 111 66.45 41.37 7.12
C GLU H 111 64.98 41.45 6.76
N LEU H 112 64.64 42.24 5.74
CA LEU H 112 63.25 42.51 5.40
C LEU H 112 62.65 41.43 4.50
N VAL H 113 63.46 40.48 4.02
CA VAL H 113 62.96 39.43 3.15
C VAL H 113 62.04 38.47 3.91
N ASP H 114 62.22 38.33 5.23
CA ASP H 114 61.44 37.36 5.99
C ASP H 114 60.01 37.83 6.23
N ASN H 115 59.80 39.15 6.33
CA ASN H 115 58.49 39.67 6.67
C ASN H 115 57.51 39.51 5.52
N VAL H 116 57.94 39.87 4.31
CA VAL H 116 57.04 39.75 3.16
C VAL H 116 56.99 38.34 2.61
N LEU H 117 57.93 37.47 3.02
CA LEU H 117 57.87 36.07 2.60
C LEU H 117 56.62 35.39 3.12
N ASP H 118 56.23 35.71 4.36
CA ASP H 118 54.96 35.23 4.88
C ASP H 118 53.79 35.93 4.21
N VAL H 119 53.99 37.16 3.74
CA VAL H 119 52.93 37.88 3.04
C VAL H 119 52.71 37.29 1.65
N ILE H 120 53.79 36.86 1.00
CA ILE H 120 53.69 36.04 -0.20
C ILE H 120 52.96 34.73 0.11
N ARG H 121 53.26 34.16 1.27
CA ARG H 121 52.59 32.92 1.68
C ARG H 121 51.12 33.14 2.01
N LYS H 122 50.79 34.28 2.62
CA LYS H 122 49.47 34.46 3.23
C LYS H 122 48.38 34.57 2.18
N GLU H 123 48.57 35.41 1.17
CA GLU H 123 47.57 35.53 0.12
C GLU H 123 47.56 34.32 -0.81
N ALA H 124 48.62 33.51 -0.80
CA ALA H 124 48.65 32.31 -1.62
C ALA H 124 48.02 31.12 -0.90
N GLU H 125 47.83 31.22 0.42
CA GLU H 125 47.12 30.17 1.15
C GLU H 125 45.61 30.27 0.99
N GLY H 126 45.08 31.47 0.73
CA GLY H 126 43.66 31.67 0.57
C GLY H 126 43.12 31.45 -0.82
N CYS H 127 43.85 30.75 -1.68
CA CYS H 127 43.40 30.50 -3.04
C CYS H 127 43.51 29.01 -3.35
N ASP H 128 42.81 28.60 -4.41
CA ASP H 128 42.75 27.19 -4.80
C ASP H 128 44.01 26.75 -5.54
N CYS H 129 44.45 27.53 -6.52
CA CYS H 129 45.58 27.16 -7.36
C CYS H 129 46.17 28.42 -7.97
N LEU H 130 47.38 28.77 -7.56
CA LEU H 130 48.03 29.97 -8.08
C LEU H 130 48.43 29.77 -9.53
N GLN H 131 48.72 30.88 -10.21
CA GLN H 131 49.00 30.87 -11.64
C GLN H 131 50.37 31.42 -12.00
N GLY H 132 50.83 32.45 -11.30
CA GLY H 132 52.11 33.04 -11.61
C GLY H 132 52.23 34.41 -10.99
N PHE H 133 53.45 34.91 -10.96
CA PHE H 133 53.75 36.17 -10.29
C PHE H 133 54.18 37.21 -11.31
N GLN H 134 53.85 38.47 -11.01
CA GLN H 134 54.34 39.60 -11.79
C GLN H 134 55.04 40.58 -10.86
N LEU H 135 56.21 41.05 -11.29
CA LEU H 135 57.12 41.79 -10.43
C LEU H 135 57.64 43.01 -11.17
N THR H 136 57.52 44.18 -10.55
CA THR H 136 58.07 45.42 -11.09
C THR H 136 59.17 45.92 -10.17
N HIS H 137 60.35 46.13 -10.73
CA HIS H 137 61.50 46.60 -9.99
C HIS H 137 62.45 47.28 -10.97
N SER H 138 63.67 47.53 -10.53
CA SER H 138 64.69 48.17 -11.36
C SER H 138 65.86 47.25 -11.58
N LEU H 139 66.68 47.59 -12.58
CA LEU H 139 67.99 46.99 -12.76
C LEU H 139 69.12 47.99 -12.70
N GLY H 140 68.81 49.29 -12.63
CA GLY H 140 69.82 50.32 -12.54
C GLY H 140 70.12 50.70 -11.10
N GLY H 141 69.08 50.78 -10.28
CA GLY H 141 69.22 51.22 -8.91
C GLY H 141 69.76 50.13 -7.99
N GLY H 142 69.58 50.36 -6.70
CA GLY H 142 70.14 49.46 -5.71
C GLY H 142 69.11 48.69 -4.89
N THR H 143 67.95 49.30 -4.66
CA THR H 143 66.94 48.66 -3.82
C THR H 143 66.25 47.53 -4.57
N GLY H 144 65.60 47.84 -5.68
CA GLY H 144 64.89 46.82 -6.44
C GLY H 144 65.81 45.83 -7.13
N SER H 145 67.00 46.28 -7.55
CA SER H 145 67.94 45.37 -8.19
C SER H 145 68.72 44.54 -7.19
N GLY H 146 68.63 44.84 -5.90
CA GLY H 146 69.34 44.07 -4.90
C GLY H 146 68.41 43.21 -4.06
N MET H 147 67.22 43.72 -3.76
CA MET H 147 66.25 43.01 -2.94
C MET H 147 65.29 42.17 -3.78
N GLY H 148 64.74 42.73 -4.86
CA GLY H 148 63.92 41.96 -5.77
C GLY H 148 64.67 40.89 -6.53
N THR H 149 66.00 41.03 -6.62
CA THR H 149 66.84 39.96 -7.16
C THR H 149 66.77 38.71 -6.29
N LEU H 150 66.89 38.88 -4.98
CA LEU H 150 66.89 37.75 -4.05
C LEU H 150 65.51 37.15 -3.87
N LEU H 151 64.44 37.91 -4.14
CA LEU H 151 63.09 37.41 -3.92
C LEU H 151 62.73 36.27 -4.87
N ILE H 152 63.23 36.33 -6.11
CA ILE H 152 62.97 35.27 -7.09
C ILE H 152 63.70 34.00 -6.69
N SER H 153 64.82 34.14 -5.97
CA SER H 153 65.56 32.96 -5.50
C SER H 153 64.86 32.23 -4.37
N LYS H 154 63.77 32.78 -3.82
CA LYS H 154 63.01 32.12 -2.78
C LYS H 154 61.57 31.80 -3.19
N ILE H 155 61.11 32.30 -4.33
CA ILE H 155 59.80 31.92 -4.84
C ILE H 155 59.84 30.46 -5.33
N ARG H 156 60.94 30.06 -5.96
CA ARG H 156 61.09 28.71 -6.49
C ARG H 156 61.14 27.66 -5.40
N GLU H 157 61.54 28.04 -4.18
CA GLU H 157 61.46 27.11 -3.05
C GLU H 157 60.01 26.92 -2.61
N GLU H 158 59.19 27.97 -2.70
CA GLU H 158 57.78 27.84 -2.40
C GLU H 158 56.99 27.24 -3.57
N TYR H 159 57.22 27.76 -4.77
CA TYR H 159 56.45 27.38 -5.95
C TYR H 159 57.40 27.17 -7.12
N PRO H 160 57.94 25.96 -7.28
CA PRO H 160 58.80 25.68 -8.44
C PRO H 160 58.03 25.39 -9.72
N ASP H 161 56.74 25.71 -9.79
CA ASP H 161 55.87 25.28 -10.87
C ASP H 161 55.46 26.40 -11.82
N ARG H 162 55.13 27.58 -11.31
CA ARG H 162 54.44 28.58 -12.09
C ARG H 162 55.42 29.51 -12.79
N ILE H 163 54.89 30.60 -13.33
CA ILE H 163 55.65 31.53 -14.15
C ILE H 163 56.02 32.76 -13.34
N MET H 164 57.03 33.48 -13.82
CA MET H 164 57.60 34.63 -13.09
C MET H 164 57.77 35.79 -14.06
N SER H 165 56.93 36.81 -13.93
CA SER H 165 57.05 38.02 -14.73
C SER H 165 57.88 39.04 -13.97
N SER H 166 59.06 39.34 -14.49
CA SER H 166 59.98 40.29 -13.87
C SER H 166 60.16 41.46 -14.81
N PHE H 167 59.30 42.46 -14.68
CA PHE H 167 59.35 43.65 -15.52
C PHE H 167 60.29 44.64 -14.86
N SER H 168 61.30 45.09 -15.58
CA SER H 168 62.30 46.00 -15.02
C SER H 168 62.92 46.85 -16.12
N VAL H 169 63.26 48.09 -15.77
CA VAL H 169 63.91 48.99 -16.71
C VAL H 169 65.37 48.59 -16.87
N VAL H 170 65.94 48.97 -18.01
CA VAL H 170 67.30 48.57 -18.36
C VAL H 170 68.12 49.80 -18.72
N PRO H 171 69.45 49.74 -18.64
CA PRO H 171 70.28 50.87 -19.09
C PRO H 171 70.18 51.11 -20.59
N SER H 172 70.52 52.34 -21.01
CA SER H 172 70.55 52.87 -22.36
C SER H 172 71.99 53.15 -22.80
N PRO H 173 72.28 53.07 -24.10
CA PRO H 173 73.65 53.36 -24.56
C PRO H 173 74.02 54.83 -24.52
N LYS H 174 73.04 55.74 -24.52
CA LYS H 174 73.33 57.15 -24.71
C LYS H 174 73.85 57.80 -23.42
N VAL H 175 73.01 57.84 -22.39
CA VAL H 175 73.33 58.49 -21.12
C VAL H 175 73.06 57.51 -19.99
N SER H 176 74.08 57.23 -19.20
CA SER H 176 73.90 56.40 -18.01
C SER H 176 73.14 57.17 -16.95
N ASP H 177 72.35 56.44 -16.15
CA ASP H 177 71.53 57.06 -15.12
C ASP H 177 72.20 57.08 -13.75
N THR H 178 72.84 56.00 -13.33
CA THR H 178 73.59 55.95 -12.09
C THR H 178 75.03 55.56 -12.36
N VAL H 179 75.86 55.67 -11.32
CA VAL H 179 77.29 55.47 -11.49
C VAL H 179 77.62 53.98 -11.52
N VAL H 180 76.94 53.18 -10.70
CA VAL H 180 77.20 51.75 -10.60
C VAL H 180 76.18 51.00 -11.44
N GLU H 181 75.66 51.68 -12.46
CA GLU H 181 74.67 51.08 -13.35
C GLU H 181 75.16 49.86 -14.14
N PRO H 182 76.40 49.77 -14.65
CA PRO H 182 76.85 48.47 -15.17
C PRO H 182 77.11 47.44 -14.09
N TYR H 183 77.34 47.85 -12.84
CA TYR H 183 77.46 46.87 -11.76
C TYR H 183 76.11 46.31 -11.36
N ASN H 184 75.05 47.12 -11.41
CA ASN H 184 73.74 46.65 -11.05
C ASN H 184 73.09 45.81 -12.15
N ALA H 185 73.68 45.77 -13.34
CA ALA H 185 73.12 45.01 -14.44
C ALA H 185 73.66 43.59 -14.51
N THR H 186 75.00 43.44 -14.51
CA THR H 186 75.60 42.12 -14.66
C THR H 186 75.34 41.23 -13.46
N LEU H 187 75.30 41.82 -12.27
CA LEU H 187 75.05 41.05 -11.06
C LEU H 187 73.58 40.65 -10.93
N SER H 188 72.68 41.44 -11.51
CA SER H 188 71.26 41.10 -11.46
C SER H 188 70.91 40.02 -12.47
N VAL H 189 71.37 40.18 -13.73
CA VAL H 189 71.07 39.24 -14.82
C VAL H 189 71.69 37.87 -14.53
N HIS H 190 72.79 37.84 -13.77
CA HIS H 190 73.33 36.60 -13.22
C HIS H 190 72.30 35.79 -12.45
N GLN H 191 71.40 36.46 -11.74
CA GLN H 191 70.30 35.77 -11.08
C GLN H 191 69.04 35.74 -11.92
N LEU H 192 68.93 36.60 -12.94
CA LEU H 192 67.74 36.59 -13.79
C LEU H 192 67.76 35.46 -14.78
N VAL H 193 68.94 35.05 -15.27
CA VAL H 193 69.00 33.93 -16.19
C VAL H 193 68.90 32.59 -15.46
N GLU H 194 68.92 32.60 -14.13
CA GLU H 194 68.82 31.38 -13.35
C GLU H 194 67.38 30.94 -13.11
N ASN H 195 66.51 31.86 -12.70
CA ASN H 195 65.21 31.46 -12.19
C ASN H 195 64.04 32.31 -12.66
N THR H 196 64.18 33.04 -13.77
CA THR H 196 63.09 33.87 -14.27
C THR H 196 62.59 33.34 -15.60
N ASP H 197 61.42 33.84 -16.02
CA ASP H 197 60.78 33.38 -17.24
C ASP H 197 60.58 34.45 -18.29
N GLU H 198 60.45 35.72 -17.90
CA GLU H 198 60.46 36.80 -18.89
C GLU H 198 60.91 38.10 -18.24
N THR H 199 61.68 38.88 -19.00
CA THR H 199 62.04 40.25 -18.66
C THR H 199 61.74 41.12 -19.88
N TYR H 200 61.18 42.30 -19.64
CA TYR H 200 60.92 43.25 -20.71
C TYR H 200 61.91 44.41 -20.56
N CYS H 201 62.89 44.44 -21.44
CA CYS H 201 63.96 45.44 -21.42
C CYS H 201 63.42 46.74 -22.01
N ILE H 202 62.93 47.62 -21.15
CA ILE H 202 62.40 48.91 -21.56
C ILE H 202 63.47 49.97 -21.31
N ASP H 203 63.89 50.65 -22.37
CA ASP H 203 64.86 51.73 -22.24
C ASP H 203 64.16 53.02 -21.80
N ASN H 204 64.79 53.73 -20.87
CA ASN H 204 64.29 55.05 -20.49
C ASN H 204 64.51 56.05 -21.61
N GLU H 205 65.52 55.83 -22.44
CA GLU H 205 65.86 56.80 -23.49
C GLU H 205 64.82 56.81 -24.60
N ALA H 206 64.45 55.63 -25.11
CA ALA H 206 63.57 55.56 -26.26
C ALA H 206 62.12 55.90 -25.93
N LEU H 207 61.76 55.92 -24.65
CA LEU H 207 60.41 56.33 -24.28
C LEU H 207 60.18 57.81 -24.54
N TYR H 208 61.23 58.63 -24.44
CA TYR H 208 61.09 60.02 -24.85
C TYR H 208 60.92 60.14 -26.36
N ASP H 209 61.65 59.31 -27.12
CA ASP H 209 61.56 59.32 -28.58
C ASP H 209 60.18 58.88 -29.06
N ILE H 210 59.51 58.04 -28.28
CA ILE H 210 58.09 57.79 -28.51
C ILE H 210 57.28 59.05 -28.25
N CYS H 211 57.55 59.72 -27.12
CA CYS H 211 56.77 60.89 -26.75
C CYS H 211 57.11 62.11 -27.59
N TYR H 212 58.37 62.21 -28.06
CA TYR H 212 58.79 63.40 -28.79
C TYR H 212 58.22 63.43 -30.21
N ARG H 213 58.00 62.26 -30.82
CA ARG H 213 57.54 62.18 -32.20
C ARG H 213 56.05 61.89 -32.31
N THR H 214 55.56 60.88 -31.62
CA THR H 214 54.14 60.55 -31.68
C THR H 214 53.32 61.51 -30.83
N LEU H 215 53.62 61.56 -29.52
CA LEU H 215 52.85 62.38 -28.61
C LEU H 215 53.17 63.86 -28.72
N LYS H 216 54.38 64.20 -29.22
CA LYS H 216 54.85 65.58 -29.39
C LYS H 216 54.85 66.36 -28.08
N LEU H 217 55.00 65.67 -26.95
CA LEU H 217 54.83 66.31 -25.66
C LEU H 217 56.15 66.92 -25.20
N THR H 218 56.12 68.24 -24.97
CA THR H 218 57.33 68.97 -24.59
C THR H 218 57.70 68.74 -23.14
N ASN H 219 56.74 68.39 -22.29
CA ASN H 219 56.95 68.27 -20.85
C ASN H 219 56.66 66.85 -20.42
N PRO H 220 57.65 65.95 -20.48
CA PRO H 220 57.40 64.56 -20.05
C PRO H 220 57.30 64.43 -18.54
N THR H 221 56.07 64.28 -18.05
CA THR H 221 55.85 63.98 -16.65
C THR H 221 56.06 62.48 -16.43
N TYR H 222 56.66 62.13 -15.29
CA TYR H 222 56.90 60.72 -14.97
C TYR H 222 55.61 59.93 -14.76
N GLY H 223 54.48 60.62 -14.52
CA GLY H 223 53.21 59.93 -14.59
C GLY H 223 52.85 59.50 -16.00
N ASP H 224 53.37 60.23 -17.00
CA ASP H 224 53.01 59.94 -18.39
C ASP H 224 53.91 58.89 -19.01
N LEU H 225 55.17 58.78 -18.58
CA LEU H 225 56.04 57.75 -19.12
C LEU H 225 55.65 56.37 -18.62
N ASN H 226 55.28 56.27 -17.34
CA ASN H 226 54.75 55.02 -16.81
C ASN H 226 53.35 54.73 -17.32
N HIS H 227 52.63 55.75 -17.78
CA HIS H 227 51.32 55.55 -18.39
C HIS H 227 51.43 54.76 -19.69
N LEU H 228 52.53 54.94 -20.43
CA LEU H 228 52.78 54.11 -21.60
C LEU H 228 53.31 52.74 -21.21
N VAL H 229 53.88 52.62 -20.01
CA VAL H 229 54.19 51.30 -19.47
C VAL H 229 52.92 50.65 -18.96
N SER H 230 51.97 51.46 -18.49
CA SER H 230 50.72 50.93 -17.92
C SER H 230 49.85 50.29 -18.99
N LEU H 231 49.68 50.94 -20.14
CA LEU H 231 48.84 50.38 -21.18
C LEU H 231 49.48 49.18 -21.87
N THR H 232 50.80 49.03 -21.75
CA THR H 232 51.46 47.85 -22.29
C THR H 232 51.13 46.61 -21.47
N MET H 233 51.17 46.73 -20.15
CA MET H 233 50.96 45.58 -19.28
C MET H 233 49.51 45.13 -19.24
N SER H 234 48.56 46.06 -19.37
CA SER H 234 47.15 45.70 -19.33
C SER H 234 46.72 44.95 -20.59
N GLY H 235 47.37 45.23 -21.72
CA GLY H 235 47.07 44.50 -22.93
C GLY H 235 47.58 43.08 -22.95
N VAL H 236 48.56 42.76 -22.10
CA VAL H 236 49.10 41.42 -22.06
C VAL H 236 48.11 40.46 -21.40
N THR H 237 47.51 40.88 -20.29
CA THR H 237 46.60 40.03 -19.52
C THR H 237 45.14 40.24 -19.90
N THR H 238 44.85 40.62 -21.14
CA THR H 238 43.47 40.86 -21.53
C THR H 238 42.69 39.58 -21.74
N CYS H 239 43.36 38.44 -21.94
CA CYS H 239 42.65 37.19 -22.16
C CYS H 239 42.09 36.64 -20.87
N LEU H 240 42.85 36.75 -19.77
CA LEU H 240 42.41 36.26 -18.48
C LEU H 240 41.30 37.11 -17.87
N ARG H 241 41.10 38.32 -18.37
CA ARG H 241 40.14 39.25 -17.81
C ARG H 241 38.95 39.50 -18.71
N PHE H 242 39.00 39.10 -19.97
CA PHE H 242 37.94 39.40 -20.92
C PHE H 242 37.77 38.24 -21.88
N PRO H 243 36.54 37.96 -22.32
CA PRO H 243 36.34 36.90 -23.31
C PRO H 243 36.70 37.33 -24.72
N GLY H 244 36.44 36.46 -25.70
CA GLY H 244 36.74 36.78 -27.08
C GLY H 244 36.71 35.53 -27.93
N GLN H 245 37.13 35.68 -29.18
CA GLN H 245 37.16 34.57 -30.10
C GLN H 245 38.40 33.69 -29.95
N LEU H 246 39.42 34.14 -29.23
CA LEU H 246 40.62 33.36 -29.02
C LEU H 246 41.28 33.85 -27.74
N ASN H 247 41.35 33.00 -26.72
CA ASN H 247 41.96 33.36 -25.45
C ASN H 247 43.33 32.72 -25.31
N ALA H 248 44.24 33.44 -24.64
CA ALA H 248 45.66 33.08 -24.57
C ALA H 248 46.22 33.58 -23.26
N ASP H 249 46.44 32.67 -22.30
CA ASP H 249 46.91 33.09 -21.00
C ASP H 249 48.41 33.41 -21.04
N LEU H 250 48.96 33.73 -19.86
CA LEU H 250 50.37 34.10 -19.76
C LEU H 250 51.28 32.92 -20.07
N ARG H 251 50.83 31.71 -19.75
CA ARG H 251 51.63 30.53 -20.09
C ARG H 251 51.63 30.27 -21.59
N LYS H 252 50.52 30.56 -22.28
CA LYS H 252 50.52 30.43 -23.74
C LYS H 252 51.38 31.50 -24.37
N LEU H 253 51.42 32.70 -23.78
CA LEU H 253 52.37 33.71 -24.20
C LEU H 253 53.80 33.30 -23.88
N ALA H 254 53.99 32.50 -22.84
CA ALA H 254 55.32 31.99 -22.53
C ALA H 254 55.73 30.89 -23.50
N VAL H 255 54.90 29.86 -23.65
CA VAL H 255 55.29 28.65 -24.38
C VAL H 255 55.45 28.90 -25.87
N ASN H 256 54.79 29.92 -26.43
CA ASN H 256 54.91 30.17 -27.86
C ASN H 256 56.22 30.85 -28.21
N MET H 257 56.83 31.55 -27.26
CA MET H 257 57.91 32.47 -27.56
C MET H 257 59.28 31.91 -27.24
N VAL H 258 59.52 31.52 -25.98
CA VAL H 258 60.86 31.21 -25.50
C VAL H 258 61.34 29.86 -26.04
N PRO H 259 62.41 29.85 -26.86
CA PRO H 259 62.79 28.61 -27.54
C PRO H 259 63.76 27.75 -26.75
N PHE H 260 64.48 28.38 -25.82
CA PHE H 260 65.57 27.79 -25.07
C PHE H 260 65.57 28.46 -23.70
N PRO H 261 65.93 27.76 -22.62
CA PRO H 261 65.64 28.27 -21.26
C PRO H 261 66.40 29.52 -20.85
N ARG H 262 67.20 30.15 -21.72
CA ARG H 262 67.79 31.44 -21.44
C ARG H 262 67.18 32.58 -22.26
N LEU H 263 66.82 32.33 -23.52
CA LEU H 263 66.46 33.40 -24.43
C LEU H 263 64.99 33.75 -24.25
N HIS H 264 64.73 34.61 -23.27
CA HIS H 264 63.38 35.06 -22.96
C HIS H 264 63.38 36.55 -22.69
N PHE H 265 64.18 37.30 -23.44
CA PHE H 265 64.42 38.71 -23.19
C PHE H 265 63.75 39.49 -24.31
N PHE H 266 62.54 39.97 -24.05
CA PHE H 266 61.62 40.41 -25.10
C PHE H 266 61.38 41.91 -24.98
N MET H 267 61.21 42.56 -26.13
CA MET H 267 60.84 43.96 -26.04
C MET H 267 59.38 44.16 -26.44
N PRO H 268 58.66 45.05 -25.78
CA PRO H 268 57.24 45.25 -26.08
C PRO H 268 57.01 46.36 -27.09
N GLY H 269 55.79 46.42 -27.59
CA GLY H 269 55.39 47.44 -28.55
C GLY H 269 53.91 47.70 -28.45
N PHE H 270 53.51 48.91 -28.83
CA PHE H 270 52.11 49.30 -28.75
C PHE H 270 51.75 50.24 -29.89
N ALA H 271 50.57 50.03 -30.47
CA ALA H 271 50.00 50.86 -31.51
C ALA H 271 48.49 50.91 -31.27
N PRO H 272 47.83 52.05 -31.55
CA PRO H 272 48.31 53.32 -32.09
C PRO H 272 48.95 54.25 -31.06
N LEU H 273 49.84 55.13 -31.55
CA LEU H 273 50.50 56.13 -30.72
C LEU H 273 50.67 57.38 -31.57
N SER H 274 49.96 58.45 -31.19
CA SER H 274 50.13 59.74 -31.84
C SER H 274 49.62 60.82 -30.89
N ALA H 275 49.72 62.07 -31.33
CA ALA H 275 49.26 63.21 -30.54
C ALA H 275 47.75 63.41 -30.67
N LYS H 276 47.27 64.57 -30.22
CA LYS H 276 45.84 64.85 -30.22
C LYS H 276 45.32 65.13 -31.64
N GLY H 277 45.96 66.06 -32.34
CA GLY H 277 45.38 66.61 -33.56
C GLY H 277 45.45 65.71 -34.77
N THR H 278 46.20 64.61 -34.71
CA THR H 278 46.32 63.69 -35.84
C THR H 278 45.36 62.52 -35.75
N GLN H 279 44.20 62.71 -35.12
CA GLN H 279 43.25 61.62 -34.94
C GLN H 279 42.54 61.29 -36.25
N ALA H 280 41.81 62.26 -36.81
CA ALA H 280 40.99 62.03 -37.98
C ALA H 280 41.80 61.91 -39.27
N TYR H 281 42.99 62.50 -39.32
CA TYR H 281 43.76 62.58 -40.56
C TYR H 281 44.40 61.26 -40.96
N ARG H 282 44.47 60.28 -40.09
CA ARG H 282 44.97 58.96 -40.45
C ARG H 282 43.82 57.97 -40.43
N ALA H 283 44.13 56.71 -40.75
CA ALA H 283 43.13 55.68 -40.91
C ALA H 283 43.23 54.64 -39.80
N LEU H 284 42.08 54.21 -39.30
CA LEU H 284 42.01 53.13 -38.33
C LEU H 284 41.67 51.83 -39.04
N THR H 285 42.61 51.37 -39.85
CA THR H 285 42.49 50.12 -40.57
C THR H 285 43.42 49.09 -39.95
N VAL H 286 43.29 47.84 -40.41
CA VAL H 286 44.23 46.81 -40.01
C VAL H 286 45.60 47.09 -40.63
N ALA H 287 45.62 47.65 -41.84
CA ALA H 287 46.88 47.92 -42.53
C ALA H 287 47.66 49.07 -41.91
N GLU H 288 46.97 50.10 -41.42
CA GLU H 288 47.69 51.21 -40.80
C GLU H 288 48.23 50.82 -39.43
N LEU H 289 47.47 50.03 -38.68
CA LEU H 289 47.94 49.56 -37.39
C LEU H 289 48.99 48.47 -37.53
N THR H 290 49.12 47.85 -38.70
CA THR H 290 50.12 46.80 -38.88
C THR H 290 51.52 47.39 -38.97
N GLN H 291 51.73 48.34 -39.88
CA GLN H 291 53.08 48.79 -40.19
C GLN H 291 53.66 49.69 -39.11
N GLN H 292 52.80 50.24 -38.24
CA GLN H 292 53.31 50.97 -37.08
C GLN H 292 54.01 50.01 -36.12
N MET H 293 53.49 48.79 -35.98
CA MET H 293 54.03 47.80 -35.06
C MET H 293 55.44 47.34 -35.43
N PHE H 294 55.83 47.49 -36.68
CA PHE H 294 57.09 46.96 -37.18
C PHE H 294 58.04 48.07 -37.61
N ASP H 295 57.95 49.21 -36.94
CA ASP H 295 58.82 50.35 -37.17
C ASP H 295 59.83 50.44 -36.03
N ALA H 296 60.95 51.12 -36.31
CA ALA H 296 61.89 51.44 -35.25
C ALA H 296 61.32 52.47 -34.26
N LYS H 297 60.31 53.23 -34.71
CA LYS H 297 59.62 54.15 -33.83
C LYS H 297 58.92 53.43 -32.68
N ASN H 298 58.27 52.31 -32.97
CA ASN H 298 57.52 51.58 -31.95
C ASN H 298 58.42 50.74 -31.05
N MET H 299 59.72 50.67 -31.34
CA MET H 299 60.65 49.95 -30.48
C MET H 299 60.83 50.72 -29.18
N MET H 300 60.21 50.22 -28.11
CA MET H 300 60.28 50.87 -26.81
C MET H 300 61.68 50.84 -26.21
N ALA H 301 62.51 49.88 -26.60
CA ALA H 301 63.93 49.90 -26.29
C ALA H 301 64.68 50.58 -27.42
N ALA H 302 65.86 51.09 -27.10
CA ALA H 302 66.68 51.81 -28.08
C ALA H 302 67.65 50.86 -28.78
N CYS H 303 67.08 49.84 -29.40
CA CYS H 303 67.83 48.91 -30.23
C CYS H 303 67.21 48.90 -31.61
N ASP H 304 68.02 48.59 -32.62
CA ASP H 304 67.61 48.78 -34.00
C ASP H 304 66.98 47.50 -34.52
N PRO H 305 65.70 47.51 -34.90
CA PRO H 305 65.03 46.25 -35.29
C PRO H 305 65.52 45.67 -36.60
N ARG H 306 66.07 46.48 -37.50
CA ARG H 306 66.69 45.98 -38.72
C ARG H 306 68.16 45.60 -38.52
N HIS H 307 68.61 45.50 -37.28
CA HIS H 307 69.90 44.91 -36.95
C HIS H 307 69.74 43.57 -36.25
N GLY H 308 68.56 42.96 -36.37
CA GLY H 308 68.29 41.66 -35.78
C GLY H 308 67.27 40.90 -36.60
N ARG H 309 66.64 39.92 -35.96
CA ARG H 309 65.67 39.03 -36.61
C ARG H 309 64.54 38.73 -35.64
N TYR H 310 63.30 38.87 -36.09
CA TYR H 310 62.16 38.50 -35.27
C TYR H 310 62.01 36.99 -35.25
N LEU H 311 62.06 36.40 -34.05
CA LEU H 311 61.86 34.97 -33.91
C LEU H 311 60.39 34.63 -33.71
N THR H 312 59.78 35.17 -32.64
CA THR H 312 58.38 34.92 -32.34
C THR H 312 57.63 36.24 -32.26
N VAL H 313 56.68 36.44 -33.17
CA VAL H 313 55.88 37.66 -33.25
C VAL H 313 54.58 37.41 -32.52
N ALA H 314 54.35 38.16 -31.45
CA ALA H 314 53.13 38.05 -30.65
C ALA H 314 52.24 39.24 -30.93
N ALA H 315 51.07 38.97 -31.50
CA ALA H 315 50.11 40.01 -31.88
C ALA H 315 48.89 39.90 -30.98
N MET H 316 48.85 40.71 -29.94
CA MET H 316 47.71 40.77 -29.02
C MET H 316 46.86 41.95 -29.44
N PHE H 317 45.87 41.70 -30.29
CA PHE H 317 45.02 42.73 -30.85
C PHE H 317 43.79 42.91 -29.98
N ARG H 318 43.36 44.15 -29.83
CA ARG H 318 42.28 44.50 -28.90
C ARG H 318 41.25 45.32 -29.65
N GLY H 319 40.02 44.80 -29.72
CA GLY H 319 38.93 45.47 -30.40
C GLY H 319 38.22 44.54 -31.36
N ARG H 320 37.01 44.96 -31.75
CA ARG H 320 36.21 44.23 -32.73
C ARG H 320 36.88 44.36 -34.09
N MET H 321 37.49 43.28 -34.56
CA MET H 321 38.28 43.30 -35.77
C MET H 321 37.86 42.15 -36.68
N SER H 322 38.19 42.29 -37.96
CA SER H 322 37.98 41.25 -38.95
C SER H 322 39.17 40.29 -38.92
N MET H 323 38.88 39.01 -38.71
CA MET H 323 39.94 38.03 -38.53
C MET H 323 40.74 37.79 -39.80
N ARG H 324 40.10 37.89 -40.97
CA ARG H 324 40.76 37.58 -42.22
C ARG H 324 41.78 38.64 -42.59
N GLU H 325 41.49 39.91 -42.29
CA GLU H 325 42.47 40.96 -42.54
C GLU H 325 43.65 40.86 -41.61
N VAL H 326 43.43 40.33 -40.40
CA VAL H 326 44.55 39.92 -39.57
C VAL H 326 45.27 38.74 -40.18
N ASP H 327 44.50 37.78 -40.73
CA ASP H 327 45.09 36.64 -41.41
C ASP H 327 45.75 37.04 -42.72
N GLU H 328 45.30 38.14 -43.33
CA GLU H 328 45.88 38.61 -44.58
C GLU H 328 47.27 39.19 -44.36
N GLN H 329 47.38 40.14 -43.45
CA GLN H 329 48.57 40.98 -43.39
C GLN H 329 49.71 40.33 -42.64
N MET H 330 49.41 39.43 -41.69
CA MET H 330 50.45 38.69 -41.00
C MET H 330 51.17 37.72 -41.94
N LEU H 331 50.48 37.28 -42.99
CA LEU H 331 51.18 36.63 -44.09
C LEU H 331 52.03 37.64 -44.85
N ASN H 332 51.50 38.85 -45.06
CA ASN H 332 52.12 39.79 -45.99
C ASN H 332 53.41 40.38 -45.44
N VAL H 333 53.60 40.37 -44.12
CA VAL H 333 54.85 40.89 -43.59
C VAL H 333 56.00 39.93 -43.87
N GLN H 334 55.74 38.63 -43.86
CA GLN H 334 56.80 37.67 -44.14
C GLN H 334 57.11 37.59 -45.63
N ASN H 335 56.14 37.92 -46.48
CA ASN H 335 56.41 38.07 -47.91
C ASN H 335 57.20 39.34 -48.22
N LYS H 336 57.19 40.31 -47.31
CA LYS H 336 58.02 41.50 -47.44
C LYS H 336 59.36 41.34 -46.74
N ASN H 337 59.33 40.85 -45.49
CA ASN H 337 60.44 40.96 -44.57
C ASN H 337 61.01 39.60 -44.16
N SER H 338 61.22 38.72 -45.15
CA SER H 338 61.72 37.38 -44.87
C SER H 338 63.15 37.39 -44.35
N SER H 339 63.94 38.41 -44.72
CA SER H 339 65.26 38.57 -44.11
C SER H 339 65.14 39.00 -42.65
N TYR H 340 64.07 39.72 -42.30
CA TYR H 340 63.90 40.23 -40.95
C TYR H 340 63.41 39.16 -39.97
N PHE H 341 63.17 37.94 -40.42
CA PHE H 341 62.85 36.84 -39.53
C PHE H 341 64.02 35.87 -39.45
N VAL H 342 64.00 35.05 -38.40
CA VAL H 342 64.80 33.83 -38.41
C VAL H 342 64.25 32.91 -39.49
N GLU H 343 65.14 32.22 -40.19
CA GLU H 343 64.73 31.47 -41.37
C GLU H 343 64.22 30.08 -41.05
N TRP H 344 64.85 29.38 -40.10
CA TRP H 344 64.52 27.98 -39.87
C TRP H 344 63.30 27.78 -38.99
N ILE H 345 62.72 28.84 -38.43
CA ILE H 345 61.47 28.74 -37.68
C ILE H 345 60.34 29.22 -38.59
N PRO H 346 59.50 28.34 -39.12
CA PRO H 346 58.41 28.78 -39.98
C PRO H 346 57.25 29.33 -39.18
N ASN H 347 56.51 30.23 -39.84
CA ASN H 347 55.25 30.82 -39.35
C ASN H 347 55.47 31.53 -38.02
N ASN H 348 56.25 32.60 -38.10
CA ASN H 348 56.73 33.31 -36.92
C ASN H 348 55.66 34.13 -36.21
N VAL H 349 54.46 34.24 -36.77
CA VAL H 349 53.41 35.08 -36.20
C VAL H 349 52.54 34.26 -35.26
N LYS H 350 52.41 34.71 -34.02
CA LYS H 350 51.41 34.21 -33.09
C LYS H 350 50.37 35.30 -32.87
N THR H 351 49.10 34.95 -33.07
CA THR H 351 48.01 35.92 -33.01
C THR H 351 47.03 35.52 -31.92
N ALA H 352 46.76 36.45 -31.02
CA ALA H 352 45.71 36.31 -30.01
C ALA H 352 44.84 37.56 -30.08
N VAL H 353 43.54 37.36 -30.26
CA VAL H 353 42.62 38.48 -30.46
C VAL H 353 41.52 38.41 -29.41
N CYS H 354 41.49 39.38 -28.52
CA CYS H 354 40.33 39.64 -27.69
C CYS H 354 39.48 40.73 -28.35
N ASP H 355 38.17 40.61 -28.20
CA ASP H 355 37.24 41.49 -28.87
C ASP H 355 36.90 42.73 -28.05
N ILE H 356 37.77 43.12 -27.12
CA ILE H 356 37.56 44.28 -26.26
C ILE H 356 38.77 45.20 -26.40
N PRO H 357 38.58 46.44 -26.84
CA PRO H 357 39.70 47.38 -26.93
C PRO H 357 39.92 48.07 -25.59
N PRO H 358 41.08 48.68 -25.37
CA PRO H 358 41.26 49.48 -24.15
C PRO H 358 40.44 50.76 -24.19
N ARG H 359 40.31 51.37 -23.02
CA ARG H 359 39.50 52.58 -22.88
C ARG H 359 40.25 53.77 -23.46
N GLY H 360 39.64 54.42 -24.44
CA GLY H 360 40.23 55.57 -25.11
C GLY H 360 40.46 55.38 -26.60
N LEU H 361 40.23 54.19 -27.16
CA LEU H 361 40.44 53.91 -28.56
C LEU H 361 39.25 53.14 -29.10
N LYS H 362 39.39 52.68 -30.35
CA LYS H 362 38.44 51.76 -30.95
C LYS H 362 39.08 50.46 -31.40
N MET H 363 40.39 50.47 -31.66
CA MET H 363 41.13 49.31 -32.12
C MET H 363 42.60 49.53 -31.80
N ALA H 364 43.18 48.60 -31.06
CA ALA H 364 44.55 48.75 -30.59
C ALA H 364 45.32 47.46 -30.84
N ALA H 365 46.63 47.56 -30.66
CA ALA H 365 47.52 46.42 -30.91
C ALA H 365 48.61 46.41 -29.85
N THR H 366 48.74 45.28 -29.15
CA THR H 366 49.75 45.12 -28.12
C THR H 366 50.79 44.13 -28.65
N PHE H 367 51.98 44.62 -28.89
CA PHE H 367 53.04 43.83 -29.53
C PHE H 367 54.12 43.48 -28.52
N VAL H 368 54.57 42.23 -28.56
CA VAL H 368 55.77 41.79 -27.88
C VAL H 368 56.60 41.01 -28.89
N GLY H 369 57.86 41.42 -29.07
CA GLY H 369 58.70 40.83 -30.08
C GLY H 369 59.95 40.21 -29.49
N ASN H 370 60.64 39.43 -30.32
CA ASN H 370 61.92 38.82 -29.98
C ASN H 370 62.88 39.11 -31.13
N SER H 371 63.53 40.26 -31.09
CA SER H 371 64.60 40.58 -32.01
C SER H 371 65.91 40.06 -31.45
N THR H 372 66.78 39.55 -32.33
CA THR H 372 68.12 39.15 -31.89
C THR H 372 69.10 40.32 -31.90
N ALA H 373 68.61 41.54 -32.16
CA ALA H 373 69.37 42.77 -31.93
C ALA H 373 69.39 43.17 -30.47
N ILE H 374 68.64 42.48 -29.60
CA ILE H 374 68.74 42.67 -28.16
C ILE H 374 70.02 42.05 -27.61
N GLN H 375 70.73 41.27 -28.44
CA GLN H 375 72.10 40.87 -28.17
C GLN H 375 73.00 42.07 -27.93
N GLU H 376 72.76 43.18 -28.65
CA GLU H 376 73.56 44.39 -28.46
C GLU H 376 73.27 45.08 -27.13
N LEU H 377 72.14 44.78 -26.48
CA LEU H 377 71.91 45.31 -25.14
C LEU H 377 72.90 44.73 -24.14
N PHE H 378 73.27 43.48 -24.32
CA PHE H 378 74.23 42.85 -23.44
C PHE H 378 75.65 42.93 -23.97
N LYS H 379 75.81 43.41 -25.21
CA LYS H 379 77.14 43.76 -25.69
C LYS H 379 77.62 45.06 -25.09
N ARG H 380 76.73 46.06 -25.03
CA ARG H 380 77.15 47.39 -24.59
C ARG H 380 77.39 47.47 -23.08
N ILE H 381 76.71 46.63 -22.30
CA ILE H 381 76.86 46.70 -20.85
C ILE H 381 78.01 45.83 -20.37
N SER H 382 78.33 44.77 -21.11
CA SER H 382 79.45 43.90 -20.74
C SER H 382 80.80 44.60 -20.94
N GLU H 383 80.84 45.65 -21.77
CA GLU H 383 82.06 46.44 -21.85
C GLU H 383 82.12 47.49 -20.74
N GLN H 384 80.99 48.11 -20.41
CA GLN H 384 80.96 49.07 -19.32
C GLN H 384 81.13 48.39 -17.97
N PHE H 385 80.63 47.16 -17.82
CA PHE H 385 80.90 46.38 -16.62
C PHE H 385 82.38 46.05 -16.50
N THR H 386 83.01 45.69 -17.60
CA THR H 386 84.44 45.44 -17.65
C THR H 386 85.25 46.69 -17.96
N ALA H 387 84.62 47.87 -17.88
CA ALA H 387 85.38 49.11 -17.99
C ALA H 387 86.02 49.48 -16.65
N MET H 388 85.33 49.17 -15.55
CA MET H 388 85.76 49.57 -14.22
C MET H 388 86.34 48.44 -13.40
N PHE H 389 86.07 47.18 -13.79
CA PHE H 389 86.69 46.06 -13.10
C PHE H 389 88.17 45.96 -13.44
N ARG H 390 88.57 46.46 -14.61
CA ARG H 390 89.98 46.48 -14.99
C ARG H 390 90.78 47.45 -14.14
N ARG H 391 90.15 48.43 -13.50
CA ARG H 391 90.82 49.32 -12.58
C ARG H 391 90.40 49.09 -11.13
N LYS H 392 89.48 48.15 -10.90
CA LYS H 392 89.05 47.70 -9.57
C LYS H 392 88.44 48.83 -8.74
N ALA H 393 87.79 49.78 -9.42
CA ALA H 393 87.16 50.89 -8.73
C ALA H 393 85.88 50.43 -8.04
N PHE H 394 85.50 51.16 -6.99
CA PHE H 394 84.29 50.94 -6.19
C PHE H 394 84.25 49.55 -5.56
N LEU H 395 85.43 48.94 -5.37
CA LEU H 395 85.47 47.61 -4.78
C LEU H 395 85.23 47.67 -3.28
N HIS H 396 85.52 48.82 -2.66
CA HIS H 396 85.33 49.02 -1.23
C HIS H 396 83.89 49.32 -0.86
N TRP H 397 82.98 49.38 -1.82
CA TRP H 397 81.56 49.40 -1.51
C TRP H 397 80.92 48.03 -1.64
N TYR H 398 81.65 47.04 -2.15
CA TYR H 398 81.16 45.68 -2.32
C TYR H 398 81.92 44.68 -1.47
N THR H 399 83.25 44.69 -1.55
CA THR H 399 84.06 43.84 -0.68
C THR H 399 83.99 44.33 0.76
N GLY H 400 83.81 45.65 0.97
CA GLY H 400 83.50 46.17 2.28
C GLY H 400 82.16 45.69 2.80
N GLU H 401 81.22 45.36 1.91
CA GLU H 401 80.05 44.62 2.30
C GLU H 401 80.29 43.11 2.35
N GLY H 402 81.32 42.62 1.67
CA GLY H 402 81.63 41.21 1.68
C GLY H 402 81.33 40.49 0.38
N MET H 403 81.61 41.12 -0.75
CA MET H 403 81.35 40.53 -2.06
C MET H 403 82.62 39.88 -2.58
N ASP H 404 82.46 38.75 -3.26
CA ASP H 404 83.58 38.04 -3.86
C ASP H 404 83.99 38.68 -5.17
N GLU H 405 85.29 38.60 -5.47
CA GLU H 405 85.76 38.99 -6.79
C GLU H 405 85.34 37.97 -7.85
N MET H 406 85.25 36.70 -7.46
CA MET H 406 84.78 35.68 -8.39
C MET H 406 83.30 35.83 -8.70
N GLU H 407 82.54 36.48 -7.81
CA GLU H 407 81.14 36.78 -8.08
C GLU H 407 80.98 37.71 -9.27
N PHE H 408 81.97 38.57 -9.52
CA PHE H 408 82.01 39.34 -10.75
C PHE H 408 82.28 38.44 -11.95
N THR H 409 83.35 37.64 -11.88
CA THR H 409 83.83 36.91 -13.05
C THR H 409 82.93 35.73 -13.41
N GLU H 410 82.26 35.11 -12.41
CA GLU H 410 81.29 34.07 -12.73
C GLU H 410 80.09 34.65 -13.45
N ALA H 411 79.64 35.85 -13.05
CA ALA H 411 78.62 36.56 -13.80
C ALA H 411 79.14 37.03 -15.15
N GLU H 412 80.42 37.39 -15.22
CA GLU H 412 81.00 37.93 -16.45
C GLU H 412 81.14 36.86 -17.51
N SER H 413 81.40 35.61 -17.11
CA SER H 413 81.46 34.52 -18.08
C SER H 413 80.06 34.16 -18.57
N ASN H 414 79.08 34.14 -17.67
CA ASN H 414 77.71 33.83 -18.07
C ASN H 414 77.05 34.99 -18.80
N MET H 415 77.55 36.21 -18.64
CA MET H 415 77.07 37.31 -19.45
C MET H 415 77.52 37.16 -20.89
N ASN H 416 78.75 36.71 -21.10
CA ASN H 416 79.30 36.60 -22.46
C ASN H 416 78.83 35.34 -23.18
N ASP H 417 78.42 34.31 -22.43
CA ASP H 417 77.79 33.15 -23.06
C ASP H 417 76.40 33.47 -23.56
N LEU H 418 75.76 34.50 -22.99
CA LEU H 418 74.40 34.85 -23.35
C LEU H 418 74.33 35.42 -24.77
N ILE H 419 75.28 36.28 -25.13
CA ILE H 419 75.30 36.83 -26.48
C ILE H 419 75.79 35.81 -27.49
N SER H 420 76.46 34.74 -27.04
CA SER H 420 76.81 33.65 -27.94
C SER H 420 75.59 32.84 -28.36
N GLU H 421 74.52 32.88 -27.54
CA GLU H 421 73.33 32.09 -27.85
C GLU H 421 72.40 32.80 -28.81
N TYR H 422 72.38 34.14 -28.79
CA TYR H 422 71.77 34.86 -29.90
C TYR H 422 72.55 34.67 -31.19
N GLN H 423 73.88 34.55 -31.07
CA GLN H 423 74.74 34.33 -32.22
C GLN H 423 74.59 32.93 -32.79
N GLN H 424 74.05 31.99 -32.01
CA GLN H 424 73.93 30.60 -32.42
C GLN H 424 72.96 30.44 -33.60
N TYR H 425 71.89 31.22 -33.63
CA TYR H 425 70.85 31.05 -34.62
C TYR H 425 70.64 32.27 -35.51
N GLN H 426 71.42 33.33 -35.34
CA GLN H 426 71.24 34.54 -36.13
C GLN H 426 71.74 34.33 -37.56
N MET I 1 -87.59 -34.94 11.56
CA MET I 1 -86.86 -36.05 10.98
C MET I 1 -85.59 -36.33 11.79
N ARG I 2 -84.58 -36.88 11.14
CA ARG I 2 -83.30 -37.11 11.81
C ARG I 2 -82.58 -35.77 12.00
N GLU I 3 -82.02 -35.57 13.20
CA GLU I 3 -81.40 -34.31 13.58
C GLU I 3 -80.22 -34.62 14.50
N VAL I 4 -79.04 -34.10 14.16
CA VAL I 4 -77.80 -34.41 14.87
C VAL I 4 -77.24 -33.13 15.47
N ILE I 5 -76.81 -33.21 16.73
CA ILE I 5 -76.32 -32.07 17.49
C ILE I 5 -74.79 -32.17 17.60
N SER I 6 -74.11 -31.03 17.48
CA SER I 6 -72.66 -30.94 17.61
C SER I 6 -72.29 -30.17 18.87
N ILE I 7 -71.23 -30.60 19.54
CA ILE I 7 -70.74 -29.93 20.74
C ILE I 7 -69.24 -29.68 20.53
N HIS I 8 -68.79 -28.47 20.86
CA HIS I 8 -67.42 -28.05 20.62
C HIS I 8 -66.80 -27.62 21.94
N VAL I 9 -65.90 -28.44 22.47
CA VAL I 9 -65.32 -28.24 23.79
C VAL I 9 -63.81 -28.09 23.63
N GLY I 10 -63.27 -26.96 24.06
CA GLY I 10 -61.86 -26.70 23.93
C GLY I 10 -61.55 -25.86 22.70
N GLN I 11 -60.31 -25.37 22.64
CA GLN I 11 -59.89 -24.54 21.52
C GLN I 11 -59.78 -25.36 20.24
N ALA I 12 -59.46 -26.64 20.35
CA ALA I 12 -59.56 -27.53 19.19
C ALA I 12 -61.02 -27.73 18.78
N GLY I 13 -61.94 -27.64 19.73
CA GLY I 13 -63.35 -27.62 19.38
C GLY I 13 -63.77 -26.35 18.68
N VAL I 14 -63.07 -25.24 18.93
CA VAL I 14 -63.50 -23.95 18.40
C VAL I 14 -63.19 -23.86 16.92
N GLN I 15 -61.93 -23.98 16.54
CA GLN I 15 -61.55 -23.66 15.17
C GLN I 15 -61.75 -24.80 14.19
N ILE I 16 -61.77 -26.05 14.65
CA ILE I 16 -62.21 -27.14 13.78
C ILE I 16 -63.70 -26.99 13.47
N GLY I 17 -64.48 -26.59 14.46
CA GLY I 17 -65.87 -26.23 14.21
C GLY I 17 -66.02 -24.98 13.39
N ASN I 18 -65.02 -24.09 13.43
CA ASN I 18 -65.03 -22.92 12.56
C ASN I 18 -64.71 -23.27 11.11
N ALA I 19 -64.27 -24.49 10.84
CA ALA I 19 -64.04 -24.93 9.47
C ALA I 19 -65.15 -25.83 8.96
N CYS I 20 -65.65 -26.73 9.81
CA CYS I 20 -66.65 -27.70 9.39
C CYS I 20 -67.98 -27.03 9.09
N TRP I 21 -68.41 -26.12 9.97
CA TRP I 21 -69.65 -25.38 9.71
C TRP I 21 -69.45 -24.34 8.64
N GLU I 22 -68.20 -23.88 8.44
CA GLU I 22 -67.88 -23.05 7.28
C GLU I 22 -68.00 -23.84 5.99
N LEU I 23 -67.57 -25.11 6.01
CA LEU I 23 -67.62 -25.94 4.82
C LEU I 23 -69.05 -26.33 4.45
N TYR I 24 -69.90 -26.53 5.46
CA TYR I 24 -71.27 -26.99 5.19
C TYR I 24 -72.11 -25.90 4.59
N CYS I 25 -71.80 -24.63 4.88
CA CYS I 25 -72.44 -23.51 4.21
C CYS I 25 -72.14 -23.49 2.72
N LEU I 26 -71.00 -24.04 2.30
CA LEU I 26 -70.72 -24.15 0.88
C LEU I 26 -71.47 -25.32 0.26
N GLU I 27 -71.51 -26.46 0.95
CA GLU I 27 -72.06 -27.67 0.35
C GLU I 27 -73.59 -27.71 0.37
N HIS I 28 -74.24 -26.75 1.03
CA HIS I 28 -75.68 -26.61 0.94
C HIS I 28 -76.14 -25.29 0.34
N GLY I 29 -75.21 -24.37 0.12
CA GLY I 29 -75.58 -23.08 -0.47
C GLY I 29 -76.21 -22.11 0.50
N ILE I 30 -75.71 -22.06 1.73
CA ILE I 30 -76.26 -21.20 2.77
C ILE I 30 -75.29 -20.05 3.01
N GLN I 31 -75.81 -18.82 2.94
CA GLN I 31 -74.99 -17.65 3.19
C GLN I 31 -74.67 -17.54 4.68
N PRO I 32 -73.48 -17.03 5.02
CA PRO I 32 -73.04 -17.05 6.44
C PRO I 32 -73.78 -16.08 7.34
N ASP I 33 -74.60 -15.17 6.80
CA ASP I 33 -75.32 -14.23 7.66
C ASP I 33 -76.42 -14.91 8.45
N GLY I 34 -76.99 -15.98 7.92
CA GLY I 34 -77.99 -16.73 8.65
C GLY I 34 -79.14 -17.21 7.79
N THR I 35 -79.43 -16.50 6.71
CA THR I 35 -80.50 -16.85 5.80
C THR I 35 -79.93 -17.57 4.59
N MET I 36 -80.81 -18.05 3.72
CA MET I 36 -80.39 -18.75 2.53
C MET I 36 -80.82 -17.98 1.29
N PRO I 37 -80.05 -18.08 0.20
CA PRO I 37 -80.56 -17.63 -1.09
C PRO I 37 -81.51 -18.65 -1.68
N THR I 38 -82.48 -18.15 -2.45
CA THR I 38 -83.54 -18.98 -3.00
C THR I 38 -83.06 -19.90 -4.12
N GLN I 39 -81.85 -19.70 -4.64
CA GLN I 39 -81.34 -20.59 -5.67
C GLN I 39 -80.94 -21.94 -5.10
N SER I 40 -80.56 -22.00 -3.81
CA SER I 40 -80.04 -23.21 -3.19
C SER I 40 -81.11 -24.01 -2.46
N THR I 41 -82.36 -23.98 -2.92
CA THR I 41 -83.38 -24.81 -2.34
C THR I 41 -83.32 -26.23 -2.92
N ASN I 42 -83.08 -26.34 -4.24
CA ASN I 42 -82.93 -27.64 -4.86
C ASN I 42 -81.65 -28.34 -4.42
N GLU I 43 -80.58 -27.58 -4.19
CA GLU I 43 -79.41 -28.13 -3.52
C GLU I 43 -79.73 -28.53 -2.09
N GLY I 44 -80.59 -27.76 -1.42
CA GLY I 44 -80.98 -28.04 -0.05
C GLY I 44 -81.96 -29.19 0.04
N GLU I 45 -81.48 -30.39 -0.21
CA GLU I 45 -82.30 -31.59 -0.20
C GLU I 45 -81.93 -32.41 1.03
N SER I 46 -82.84 -32.45 2.01
CA SER I 46 -82.67 -33.10 3.32
C SER I 46 -81.44 -32.57 4.05
N PHE I 47 -81.49 -31.25 4.35
CA PHE I 47 -80.49 -30.58 5.15
C PHE I 47 -80.92 -30.42 6.60
N THR I 48 -81.97 -31.13 7.01
CA THR I 48 -82.64 -30.86 8.27
C THR I 48 -81.92 -31.46 9.47
N THR I 49 -80.81 -32.17 9.28
CA THR I 49 -80.16 -32.82 10.40
C THR I 49 -79.37 -31.86 11.27
N PHE I 50 -79.08 -30.65 10.77
CA PHE I 50 -78.24 -29.70 11.49
C PHE I 50 -78.90 -28.34 11.69
N PHE I 51 -79.87 -27.96 10.86
CA PHE I 51 -80.32 -26.58 10.75
C PHE I 51 -81.81 -26.49 11.03
N SER I 52 -82.17 -25.91 12.16
CA SER I 52 -83.56 -25.57 12.44
C SER I 52 -84.02 -24.44 11.52
N ASP I 53 -85.32 -24.41 11.27
CA ASP I 53 -85.90 -23.33 10.46
C ASP I 53 -86.44 -22.25 11.39
N THR I 54 -86.33 -21.00 10.95
CA THR I 54 -86.72 -19.86 11.78
C THR I 54 -87.25 -18.76 10.88
N GLY I 55 -88.55 -18.50 10.97
CA GLY I 55 -89.16 -17.32 10.39
C GLY I 55 -89.23 -17.33 8.89
N SER I 56 -88.08 -17.17 8.23
CA SER I 56 -87.99 -17.28 6.77
C SER I 56 -86.59 -17.80 6.44
N GLY I 57 -86.45 -19.12 6.38
CA GLY I 57 -85.24 -19.79 5.95
C GLY I 57 -84.00 -19.57 6.81
N ARG I 58 -84.14 -18.96 7.98
CA ARG I 58 -82.96 -18.60 8.78
C ARG I 58 -82.55 -19.82 9.58
N TYR I 59 -81.31 -20.26 9.37
CA TYR I 59 -80.91 -21.61 9.74
C TYR I 59 -79.83 -21.54 10.81
N VAL I 60 -80.23 -21.77 12.06
CA VAL I 60 -79.27 -21.82 13.15
C VAL I 60 -78.63 -23.21 13.16
N PRO I 61 -77.33 -23.30 13.41
CA PRO I 61 -76.72 -24.62 13.54
C PRO I 61 -77.04 -25.24 14.89
N ARG I 62 -77.42 -26.51 14.86
CA ARG I 62 -77.59 -27.26 16.10
C ARG I 62 -76.20 -27.60 16.63
N SER I 63 -75.63 -26.62 17.31
CA SER I 63 -74.21 -26.65 17.68
C SER I 63 -74.02 -25.87 18.97
N ILE I 64 -73.16 -26.39 19.85
CA ILE I 64 -72.90 -25.79 21.14
C ILE I 64 -71.40 -25.55 21.26
N PHE I 65 -71.03 -24.32 21.62
CA PHE I 65 -69.64 -23.92 21.78
C PHE I 65 -69.34 -23.79 23.27
N VAL I 66 -68.44 -24.64 23.77
CA VAL I 66 -68.12 -24.69 25.19
C VAL I 66 -66.64 -24.37 25.35
N ASP I 67 -66.35 -23.32 26.12
CA ASP I 67 -64.96 -22.95 26.38
C ASP I 67 -64.88 -22.30 27.76
N LEU I 68 -63.76 -22.56 28.43
CA LEU I 68 -63.49 -21.91 29.71
C LEU I 68 -62.83 -20.55 29.54
N GLU I 69 -62.53 -20.15 28.30
CA GLU I 69 -61.80 -18.92 28.01
C GLU I 69 -62.55 -18.13 26.96
N PRO I 70 -62.80 -16.83 27.20
CA PRO I 70 -63.62 -16.06 26.26
C PRO I 70 -62.87 -15.51 25.06
N THR I 71 -61.57 -15.81 24.93
CA THR I 71 -60.75 -15.15 23.92
C THR I 71 -61.07 -15.65 22.51
N VAL I 72 -60.90 -16.95 22.28
CA VAL I 72 -61.10 -17.50 20.94
C VAL I 72 -62.58 -17.56 20.57
N VAL I 73 -63.48 -17.49 21.56
CA VAL I 73 -64.91 -17.40 21.28
C VAL I 73 -65.24 -16.05 20.67
N ASP I 74 -64.51 -15.00 21.06
CA ASP I 74 -64.72 -13.67 20.48
C ASP I 74 -64.27 -13.59 19.04
N GLU I 75 -63.40 -14.49 18.58
CA GLU I 75 -63.09 -14.57 17.16
C GLU I 75 -64.32 -14.96 16.35
N ILE I 76 -65.15 -15.84 16.91
CA ILE I 76 -66.43 -16.15 16.30
C ILE I 76 -67.35 -14.94 16.38
N ARG I 77 -67.31 -14.22 17.50
CA ARG I 77 -68.13 -13.03 17.69
C ARG I 77 -67.49 -11.76 17.14
N THR I 78 -66.56 -11.89 16.19
CA THR I 78 -66.02 -10.76 15.43
C THR I 78 -66.17 -10.95 13.93
N GLY I 79 -65.95 -12.16 13.43
CA GLY I 79 -65.96 -12.43 12.01
C GLY I 79 -67.36 -12.47 11.43
N THR I 80 -67.42 -12.92 10.17
CA THR I 80 -68.66 -12.99 9.41
C THR I 80 -69.63 -14.02 9.98
N TYR I 81 -69.10 -15.07 10.63
CA TYR I 81 -69.90 -16.16 11.17
C TYR I 81 -70.43 -15.86 12.57
N LYS I 82 -70.54 -14.58 12.95
CA LYS I 82 -71.14 -14.20 14.23
C LYS I 82 -72.65 -14.35 14.19
N LYS I 83 -73.29 -13.82 13.15
CA LYS I 83 -74.75 -13.81 13.07
C LYS I 83 -75.34 -15.16 12.69
N LEU I 84 -74.52 -16.14 12.35
CA LEU I 84 -75.05 -17.46 12.01
C LEU I 84 -75.44 -18.24 13.26
N PHE I 85 -74.59 -18.23 14.28
CA PHE I 85 -74.83 -19.03 15.47
C PHE I 85 -75.76 -18.30 16.43
N HIS I 86 -76.30 -19.05 17.38
CA HIS I 86 -77.24 -18.56 18.37
C HIS I 86 -76.48 -18.11 19.62
N PRO I 87 -76.89 -16.97 20.20
CA PRO I 87 -76.11 -16.43 21.33
C PRO I 87 -76.20 -17.26 22.59
N GLU I 88 -77.40 -17.71 22.98
CA GLU I 88 -77.50 -18.55 24.17
C GLU I 88 -77.01 -19.98 23.92
N GLN I 89 -76.75 -20.35 22.68
CA GLN I 89 -75.96 -21.56 22.44
C GLN I 89 -74.49 -21.35 22.76
N MET I 90 -73.99 -20.13 22.69
CA MET I 90 -72.62 -19.83 23.09
C MET I 90 -72.61 -19.63 24.59
N ILE I 91 -71.98 -20.56 25.31
CA ILE I 91 -71.77 -20.46 26.74
C ILE I 91 -70.27 -20.38 26.97
N THR I 92 -69.82 -19.29 27.57
CA THR I 92 -68.41 -19.01 27.72
C THR I 92 -67.97 -19.18 29.17
N GLY I 93 -66.66 -19.38 29.35
CA GLY I 93 -66.04 -19.34 30.64
C GLY I 93 -65.21 -18.07 30.83
N LYS I 94 -64.71 -17.91 32.04
CA LYS I 94 -63.91 -16.74 32.36
C LYS I 94 -62.50 -17.08 32.84
N GLU I 95 -62.37 -18.07 33.71
CA GLU I 95 -61.09 -18.43 34.30
C GLU I 95 -60.61 -19.73 33.67
N ASP I 96 -59.34 -19.78 33.32
CA ASP I 96 -58.82 -20.87 32.51
C ASP I 96 -58.32 -22.02 33.39
N ALA I 97 -58.32 -23.22 32.81
CA ALA I 97 -57.87 -24.41 33.52
C ALA I 97 -56.40 -24.72 33.30
N ALA I 98 -55.82 -24.25 32.18
CA ALA I 98 -54.39 -24.34 31.87
C ALA I 98 -53.90 -25.79 31.83
N ASN I 99 -54.59 -26.60 31.03
CA ASN I 99 -54.20 -27.98 30.71
C ASN I 99 -54.06 -28.86 31.95
N ASN I 100 -54.93 -28.63 32.93
CA ASN I 100 -54.91 -29.36 34.19
C ASN I 100 -56.24 -30.06 34.35
N TYR I 101 -56.19 -31.29 34.89
CA TYR I 101 -57.38 -32.14 34.91
C TYR I 101 -58.43 -31.61 35.87
N ALA I 102 -58.10 -31.55 37.16
CA ALA I 102 -59.08 -31.16 38.16
C ALA I 102 -59.43 -29.68 38.11
N ARG I 103 -58.64 -28.87 37.39
CA ARG I 103 -59.08 -27.53 37.07
C ARG I 103 -60.13 -27.53 35.97
N GLY I 104 -60.14 -28.57 35.13
CA GLY I 104 -61.12 -28.69 34.08
C GLY I 104 -62.17 -29.76 34.36
N HIS I 105 -61.96 -30.56 35.40
CA HIS I 105 -62.93 -31.58 35.77
C HIS I 105 -63.78 -31.16 36.97
N TYR I 106 -63.29 -30.27 37.82
CA TYR I 106 -64.02 -29.87 39.01
C TYR I 106 -64.18 -28.36 39.14
N THR I 107 -63.17 -27.58 38.76
CA THR I 107 -63.08 -26.21 39.23
C THR I 107 -64.03 -25.27 38.49
N VAL I 108 -63.82 -25.09 37.19
CA VAL I 108 -64.56 -24.09 36.42
C VAL I 108 -65.66 -24.82 35.67
N GLY I 109 -65.47 -26.13 35.46
CA GLY I 109 -66.46 -26.92 34.76
C GLY I 109 -67.74 -27.11 35.52
N LYS I 110 -67.65 -27.32 36.83
CA LYS I 110 -68.84 -27.59 37.64
C LYS I 110 -69.67 -26.34 37.91
N GLU I 111 -69.17 -25.15 37.59
CA GLU I 111 -70.00 -23.96 37.63
C GLU I 111 -70.74 -23.73 36.32
N LEU I 112 -70.31 -24.42 35.25
CA LEU I 112 -70.88 -24.20 33.93
C LEU I 112 -71.51 -25.45 33.33
N ILE I 113 -71.40 -26.61 33.98
CA ILE I 113 -71.94 -27.83 33.41
C ILE I 113 -73.46 -27.85 33.50
N ASP I 114 -74.04 -27.18 34.50
CA ASP I 114 -75.49 -27.14 34.62
C ASP I 114 -76.13 -26.18 33.64
N THR I 115 -75.39 -25.19 33.17
CA THR I 115 -75.92 -24.26 32.18
C THR I 115 -76.00 -24.94 30.81
N VAL I 116 -75.01 -25.75 30.47
CA VAL I 116 -74.91 -26.26 29.11
C VAL I 116 -75.81 -27.48 28.90
N LEU I 117 -76.01 -28.31 29.93
CA LEU I 117 -76.87 -29.48 29.79
C LEU I 117 -78.33 -29.12 29.60
N ASP I 118 -78.75 -27.94 30.07
CA ASP I 118 -80.07 -27.43 29.73
C ASP I 118 -80.15 -27.11 28.25
N ARG I 119 -79.14 -26.42 27.72
CA ARG I 119 -79.09 -26.07 26.30
C ARG I 119 -78.98 -27.29 25.41
N ILE I 120 -78.42 -28.38 25.92
CA ILE I 120 -78.55 -29.69 25.26
C ILE I 120 -80.01 -30.09 25.21
N ARG I 121 -80.70 -30.05 26.36
CA ARG I 121 -82.06 -30.54 26.45
C ARG I 121 -83.05 -29.60 25.78
N ARG I 122 -82.77 -28.29 25.78
CA ARG I 122 -83.63 -27.32 25.10
C ARG I 122 -83.66 -27.58 23.60
N LEU I 123 -82.53 -27.99 23.02
CA LEU I 123 -82.48 -28.22 21.59
C LEU I 123 -82.89 -29.63 21.21
N ALA I 124 -82.60 -30.61 22.06
CA ALA I 124 -82.84 -32.00 21.68
C ALA I 124 -84.30 -32.42 21.80
N ASP I 125 -85.13 -31.63 22.49
CA ASP I 125 -86.54 -31.96 22.58
C ASP I 125 -87.31 -31.67 21.30
N ASN I 126 -86.72 -30.91 20.38
CA ASN I 126 -87.31 -30.74 19.06
C ASN I 126 -87.16 -32.00 18.21
N CYS I 127 -86.20 -32.86 18.54
CA CYS I 127 -85.86 -34.00 17.72
C CYS I 127 -86.90 -35.11 17.88
N SER I 128 -87.27 -35.73 16.75
CA SER I 128 -87.93 -37.02 16.79
C SER I 128 -87.04 -38.13 16.28
N GLY I 129 -85.90 -37.79 15.68
CA GLY I 129 -84.97 -38.75 15.12
C GLY I 129 -83.54 -38.49 15.54
N LEU I 130 -83.33 -38.17 16.82
CA LEU I 130 -82.02 -37.80 17.33
C LEU I 130 -81.02 -38.95 17.19
N GLN I 131 -80.01 -38.75 16.35
CA GLN I 131 -79.10 -39.82 15.97
C GLN I 131 -77.84 -39.86 16.83
N GLY I 132 -77.06 -38.79 16.81
CA GLY I 132 -75.75 -38.85 17.41
C GLY I 132 -75.22 -37.49 17.81
N PHE I 133 -73.97 -37.51 18.30
CA PHE I 133 -73.31 -36.33 18.82
C PHE I 133 -71.96 -36.15 18.16
N PHE I 134 -71.69 -34.93 17.68
CA PHE I 134 -70.36 -34.53 17.27
C PHE I 134 -69.72 -33.76 18.41
N VAL I 135 -68.94 -34.45 19.24
CA VAL I 135 -68.17 -33.81 20.30
C VAL I 135 -66.71 -33.77 19.87
N PHE I 136 -66.15 -32.56 19.86
CA PHE I 136 -64.78 -32.32 19.43
C PHE I 136 -63.98 -31.90 20.64
N HIS I 137 -62.83 -32.53 20.86
CA HIS I 137 -62.03 -32.24 22.04
C HIS I 137 -60.58 -32.59 21.75
N SER I 138 -59.72 -32.25 22.71
CA SER I 138 -58.31 -32.61 22.70
C SER I 138 -58.08 -33.73 23.70
N PHE I 139 -56.81 -34.09 23.89
CA PHE I 139 -56.42 -35.08 24.87
C PHE I 139 -55.63 -34.52 26.03
N GLY I 140 -55.01 -33.35 25.86
CA GLY I 140 -54.22 -32.76 26.92
C GLY I 140 -54.83 -31.51 27.50
N GLY I 141 -56.00 -31.12 26.99
CA GLY I 141 -56.64 -29.90 27.46
C GLY I 141 -57.23 -30.06 28.85
N GLY I 142 -57.31 -28.93 29.55
CA GLY I 142 -58.00 -28.92 30.83
C GLY I 142 -59.49 -29.19 30.66
N THR I 143 -60.14 -28.41 29.80
CA THR I 143 -61.49 -28.74 29.36
C THR I 143 -61.47 -29.75 28.22
N GLY I 144 -60.31 -29.97 27.60
CA GLY I 144 -60.21 -31.00 26.58
C GLY I 144 -60.25 -32.40 27.15
N SER I 145 -59.76 -32.59 28.37
CA SER I 145 -59.80 -33.88 29.05
C SER I 145 -60.67 -33.90 30.28
N GLY I 146 -60.60 -32.87 31.13
CA GLY I 146 -61.29 -32.92 32.40
C GLY I 146 -62.79 -32.71 32.27
N PHE I 147 -63.19 -31.81 31.38
CA PHE I 147 -64.62 -31.58 31.17
C PHE I 147 -65.23 -32.57 30.19
N THR I 148 -64.42 -33.07 29.24
CA THR I 148 -64.94 -33.98 28.22
C THR I 148 -65.31 -35.33 28.83
N SER I 149 -64.48 -35.83 29.75
CA SER I 149 -64.79 -37.07 30.44
C SER I 149 -66.00 -36.90 31.35
N LEU I 150 -66.14 -35.74 31.98
CA LEU I 150 -67.30 -35.48 32.83
C LEU I 150 -68.57 -35.29 32.01
N LEU I 151 -68.45 -34.72 30.80
CA LEU I 151 -69.62 -34.48 29.96
C LEU I 151 -70.19 -35.79 29.43
N MET I 152 -69.33 -36.71 29.00
CA MET I 152 -69.78 -38.01 28.54
C MET I 152 -70.23 -38.90 29.69
N GLU I 153 -69.83 -38.55 30.92
CA GLU I 153 -70.34 -39.25 32.08
C GLU I 153 -71.79 -38.91 32.37
N ARG I 154 -72.29 -37.80 31.84
CA ARG I 154 -73.64 -37.32 32.16
C ARG I 154 -74.64 -37.51 31.03
N LEU I 155 -74.21 -37.46 29.77
CA LEU I 155 -75.15 -37.63 28.67
C LEU I 155 -75.58 -39.08 28.49
N SER I 156 -74.72 -40.03 28.88
CA SER I 156 -75.12 -41.45 28.85
C SER I 156 -76.17 -41.74 29.90
N VAL I 157 -76.19 -40.97 30.99
CA VAL I 157 -77.30 -41.05 31.94
C VAL I 157 -78.57 -40.49 31.33
N ASP I 158 -78.44 -39.43 30.53
CA ASP I 158 -79.61 -38.77 29.97
C ASP I 158 -80.18 -39.54 28.78
N TYR I 159 -79.38 -39.75 27.74
CA TYR I 159 -79.89 -40.31 26.50
C TYR I 159 -79.54 -41.78 26.29
N GLY I 160 -78.34 -42.20 26.68
CA GLY I 160 -78.04 -43.63 26.64
C GLY I 160 -77.87 -44.21 25.26
N LYS I 161 -78.93 -44.90 24.81
CA LYS I 161 -78.96 -45.70 23.58
C LYS I 161 -78.51 -44.94 22.33
N LYS I 162 -78.77 -43.64 22.27
CA LYS I 162 -78.42 -42.85 21.09
C LYS I 162 -76.91 -42.68 20.97
N SER I 163 -76.45 -42.56 19.73
CA SER I 163 -75.04 -42.74 19.42
C SER I 163 -74.22 -41.49 19.73
N LYS I 164 -72.89 -41.63 19.63
CA LYS I 164 -71.93 -40.56 19.87
C LYS I 164 -70.76 -40.72 18.92
N LEU I 165 -70.09 -39.61 18.61
CA LEU I 165 -68.85 -39.62 17.84
C LEU I 165 -67.88 -38.59 18.37
N GLU I 166 -66.63 -39.01 18.59
CA GLU I 166 -65.57 -38.15 19.09
C GLU I 166 -64.49 -37.99 18.02
N PHE I 167 -64.11 -36.75 17.73
CA PHE I 167 -62.96 -36.43 16.90
C PHE I 167 -61.91 -35.76 17.77
N SER I 168 -60.64 -36.18 17.63
CA SER I 168 -59.56 -35.60 18.39
C SER I 168 -58.24 -35.81 17.66
N ILE I 169 -57.17 -35.28 18.27
CA ILE I 169 -55.84 -35.28 17.68
C ILE I 169 -54.95 -36.21 18.51
N TYR I 170 -54.33 -37.19 17.84
CA TYR I 170 -53.38 -38.05 18.52
C TYR I 170 -52.11 -37.26 18.84
N PRO I 171 -51.66 -37.28 20.10
CA PRO I 171 -50.41 -36.58 20.42
C PRO I 171 -49.20 -37.32 19.86
N ALA I 172 -48.37 -36.57 19.13
CA ALA I 172 -47.22 -37.16 18.47
C ALA I 172 -46.16 -37.55 19.49
N PRO I 173 -45.44 -38.66 19.26
CA PRO I 173 -44.41 -39.08 20.21
C PRO I 173 -43.15 -38.23 20.17
N GLN I 174 -42.98 -37.40 19.14
CA GLN I 174 -41.78 -36.59 18.99
C GLN I 174 -42.06 -35.10 19.11
N VAL I 175 -43.01 -34.58 18.34
CA VAL I 175 -43.27 -33.14 18.28
C VAL I 175 -44.64 -32.86 18.88
N SER I 176 -44.65 -32.31 20.09
CA SER I 176 -45.87 -31.85 20.72
C SER I 176 -45.48 -30.80 21.77
N THR I 177 -46.48 -30.05 22.24
CA THR I 177 -46.20 -28.84 23.00
C THR I 177 -46.28 -29.05 24.51
N ALA I 178 -47.45 -29.43 25.03
CA ALA I 178 -47.65 -29.44 26.46
C ALA I 178 -47.04 -30.68 27.09
N VAL I 179 -46.32 -30.48 28.20
CA VAL I 179 -45.63 -31.56 28.87
C VAL I 179 -46.60 -32.47 29.61
N VAL I 180 -47.77 -31.95 29.99
CA VAL I 180 -48.79 -32.75 30.68
C VAL I 180 -49.63 -33.58 29.73
N GLU I 181 -49.34 -33.56 28.43
CA GLU I 181 -50.08 -34.40 27.50
C GLU I 181 -49.89 -35.91 27.67
N PRO I 182 -48.72 -36.45 28.08
CA PRO I 182 -48.71 -37.84 28.55
C PRO I 182 -49.53 -38.09 29.79
N TYR I 183 -49.70 -37.10 30.67
CA TYR I 183 -50.54 -37.29 31.85
C TYR I 183 -52.02 -37.32 31.49
N ASN I 184 -52.48 -36.31 30.74
CA ASN I 184 -53.92 -36.16 30.51
C ASN I 184 -54.45 -37.17 29.50
N SER I 185 -53.61 -37.69 28.62
CA SER I 185 -54.05 -38.72 27.69
C SER I 185 -54.35 -40.03 28.41
N ILE I 186 -53.62 -40.32 29.48
CA ILE I 186 -53.99 -41.45 30.33
C ILE I 186 -55.26 -41.15 31.09
N LEU I 187 -55.49 -39.87 31.44
CA LEU I 187 -56.68 -39.51 32.19
C LEU I 187 -57.92 -39.49 31.31
N THR I 188 -57.80 -39.00 30.08
CA THR I 188 -58.95 -38.97 29.18
C THR I 188 -59.24 -40.34 28.57
N THR I 189 -58.40 -41.33 28.82
CA THR I 189 -58.69 -42.69 28.37
C THR I 189 -59.31 -43.50 29.49
N HIS I 190 -59.19 -43.01 30.73
CA HIS I 190 -59.59 -43.76 31.93
C HIS I 190 -61.09 -44.02 31.96
N THR I 191 -61.89 -42.98 32.05
CA THR I 191 -63.33 -43.15 32.18
C THR I 191 -64.11 -42.89 30.90
N THR I 192 -63.44 -42.60 29.80
CA THR I 192 -64.11 -42.41 28.52
C THR I 192 -64.18 -43.69 27.69
N LEU I 193 -63.56 -44.78 28.15
CA LEU I 193 -63.80 -46.08 27.52
C LEU I 193 -65.27 -46.48 27.68
N GLU I 194 -65.81 -46.30 28.87
CA GLU I 194 -67.19 -46.67 29.15
C GLU I 194 -68.19 -45.70 28.56
N HIS I 195 -67.81 -44.43 28.36
CA HIS I 195 -68.75 -43.37 28.03
C HIS I 195 -68.55 -42.82 26.62
N SER I 196 -67.99 -43.61 25.70
CA SER I 196 -67.84 -43.15 24.33
C SER I 196 -68.02 -44.31 23.37
N ASP I 197 -68.81 -44.08 22.33
CA ASP I 197 -69.04 -45.10 21.32
C ASP I 197 -67.79 -45.27 20.45
N CYS I 198 -67.29 -44.17 19.90
CA CYS I 198 -66.09 -44.23 19.08
C CYS I 198 -65.35 -42.90 19.19
N ALA I 199 -64.03 -42.98 19.07
CA ALA I 199 -63.16 -41.81 19.16
C ALA I 199 -62.05 -41.95 18.13
N PHE I 200 -61.86 -40.89 17.35
CA PHE I 200 -60.90 -40.90 16.25
C PHE I 200 -59.70 -40.03 16.59
N MET I 201 -58.57 -40.33 15.97
CA MET I 201 -57.30 -39.70 16.25
C MET I 201 -56.59 -39.35 14.94
N VAL I 202 -55.92 -38.19 14.92
CA VAL I 202 -55.08 -37.79 13.80
C VAL I 202 -53.79 -37.21 14.37
N ASP I 203 -52.73 -37.24 13.57
CA ASP I 203 -51.44 -36.69 13.96
C ASP I 203 -51.22 -35.33 13.32
N ASN I 204 -50.51 -34.46 14.03
CA ASN I 204 -50.04 -33.21 13.44
C ASN I 204 -49.04 -33.47 12.32
N GLU I 205 -48.13 -34.42 12.53
CA GLU I 205 -47.08 -34.69 11.56
C GLU I 205 -47.60 -35.44 10.34
N ALA I 206 -48.55 -36.35 10.53
CA ALA I 206 -49.06 -37.13 9.40
C ALA I 206 -49.88 -36.28 8.45
N ILE I 207 -50.42 -35.16 8.94
CA ILE I 207 -50.96 -34.16 8.02
C ILE I 207 -49.85 -33.49 7.25
N TYR I 208 -48.74 -33.16 7.94
CA TYR I 208 -47.66 -32.37 7.38
C TYR I 208 -46.96 -33.08 6.22
N ASP I 209 -46.92 -34.42 6.27
CA ASP I 209 -46.19 -35.18 5.26
C ASP I 209 -46.85 -35.07 3.89
N ILE I 210 -48.18 -35.09 3.86
CA ILE I 210 -48.89 -34.91 2.59
C ILE I 210 -48.95 -33.43 2.22
N CYS I 211 -48.93 -32.54 3.22
CA CYS I 211 -48.91 -31.10 2.96
C CYS I 211 -47.63 -30.67 2.26
N ARG I 212 -46.50 -31.24 2.65
CA ARG I 212 -45.24 -30.83 2.05
C ARG I 212 -45.00 -31.54 0.72
N ARG I 213 -45.35 -32.82 0.63
CA ARG I 213 -45.03 -33.58 -0.57
C ARG I 213 -46.08 -33.41 -1.66
N ASN I 214 -47.35 -33.60 -1.31
CA ASN I 214 -48.40 -33.63 -2.31
C ASN I 214 -49.12 -32.30 -2.48
N LEU I 215 -49.47 -31.64 -1.38
CA LEU I 215 -50.04 -30.30 -1.47
C LEU I 215 -49.01 -29.26 -1.85
N ASP I 216 -47.73 -29.52 -1.57
CA ASP I 216 -46.62 -28.58 -1.71
C ASP I 216 -46.91 -27.26 -0.98
N VAL I 217 -47.31 -27.40 0.28
CA VAL I 217 -47.51 -26.27 1.17
C VAL I 217 -46.35 -26.28 2.16
N GLU I 218 -45.37 -25.39 1.93
CA GLU I 218 -44.20 -25.31 2.77
C GLU I 218 -44.30 -24.24 3.85
N ARG I 219 -45.43 -23.53 3.91
CA ARG I 219 -45.82 -22.76 5.09
C ARG I 219 -47.23 -23.15 5.52
N PRO I 220 -47.40 -24.29 6.19
CA PRO I 220 -48.72 -24.60 6.75
C PRO I 220 -48.84 -24.14 8.20
N SER I 221 -50.08 -23.88 8.58
CA SER I 221 -50.39 -23.50 9.96
C SER I 221 -51.75 -24.08 10.33
N TYR I 222 -52.34 -23.61 11.42
CA TYR I 222 -53.62 -24.16 11.85
C TYR I 222 -54.80 -23.66 11.04
N THR I 223 -54.56 -22.81 10.05
CA THR I 223 -55.60 -22.47 9.07
C THR I 223 -55.90 -23.65 8.16
N ASN I 224 -54.88 -24.13 7.44
CA ASN I 224 -55.11 -25.15 6.41
C ASN I 224 -55.25 -26.55 6.99
N LEU I 225 -54.70 -26.79 8.18
CA LEU I 225 -54.92 -28.07 8.84
C LEU I 225 -56.36 -28.28 9.28
N ASN I 226 -57.11 -27.20 9.50
CA ASN I 226 -58.52 -27.35 9.82
C ASN I 226 -59.33 -27.70 8.60
N ARG I 227 -58.89 -27.31 7.41
CA ARG I 227 -59.63 -27.60 6.19
C ARG I 227 -59.50 -29.07 5.81
N ILE I 228 -58.33 -29.66 6.04
CA ILE I 228 -58.07 -31.03 5.64
C ILE I 228 -58.84 -32.02 6.52
N ILE I 229 -58.90 -31.73 7.82
CA ILE I 229 -59.67 -32.58 8.74
C ILE I 229 -61.16 -32.46 8.42
N SER I 230 -61.62 -31.27 8.07
CA SER I 230 -63.04 -31.03 7.80
C SER I 230 -63.55 -31.76 6.56
N GLN I 231 -62.67 -32.08 5.62
CA GLN I 231 -63.08 -32.90 4.48
C GLN I 231 -63.37 -34.33 4.91
N VAL I 232 -62.63 -34.84 5.88
CA VAL I 232 -62.90 -36.15 6.45
C VAL I 232 -64.21 -36.11 7.24
N VAL I 233 -64.49 -34.98 7.89
CA VAL I 233 -65.75 -34.82 8.61
C VAL I 233 -66.91 -34.76 7.63
N SER I 234 -66.74 -34.02 6.53
CA SER I 234 -67.82 -33.83 5.57
C SER I 234 -68.14 -35.10 4.80
N SER I 235 -67.14 -35.97 4.59
CA SER I 235 -67.35 -37.18 3.79
C SER I 235 -68.20 -38.20 4.55
N ILE I 236 -68.16 -38.17 5.88
CA ILE I 236 -69.04 -39.04 6.65
C ILE I 236 -70.47 -38.55 6.56
N THR I 237 -70.67 -37.23 6.62
CA THR I 237 -71.99 -36.63 6.54
C THR I 237 -72.61 -36.70 5.15
N ALA I 238 -71.81 -36.96 4.12
CA ALA I 238 -72.35 -37.09 2.77
C ALA I 238 -73.21 -38.35 2.61
N SER I 239 -73.01 -39.35 3.47
CA SER I 239 -73.91 -40.50 3.52
C SER I 239 -75.27 -40.13 4.10
N LEU I 240 -75.37 -39.02 4.81
CA LEU I 240 -76.59 -38.61 5.49
C LEU I 240 -77.24 -37.37 4.88
N ARG I 241 -76.44 -36.40 4.43
CA ARG I 241 -76.98 -35.15 3.90
C ARG I 241 -77.54 -35.29 2.50
N PHE I 242 -77.28 -36.40 1.81
CA PHE I 242 -77.70 -36.55 0.43
C PHE I 242 -78.33 -37.91 0.23
N ASP I 243 -78.75 -38.16 -1.01
CA ASP I 243 -79.44 -39.38 -1.38
C ASP I 243 -78.49 -40.26 -2.19
N GLY I 244 -78.01 -41.33 -1.57
CA GLY I 244 -77.08 -42.23 -2.22
C GLY I 244 -77.66 -43.59 -2.51
N ALA I 245 -77.02 -44.35 -3.40
CA ALA I 245 -77.54 -45.67 -3.76
C ALA I 245 -77.34 -46.66 -2.63
N LEU I 246 -76.17 -46.62 -1.98
CA LEU I 246 -75.88 -47.50 -0.85
C LEU I 246 -75.14 -46.67 0.18
N ASN I 247 -75.86 -46.16 1.18
CA ASN I 247 -75.30 -45.26 2.17
C ASN I 247 -75.53 -45.83 3.57
N VAL I 248 -75.09 -45.08 4.59
CA VAL I 248 -74.88 -45.63 5.92
C VAL I 248 -75.08 -44.53 6.96
N ASP I 249 -75.84 -44.84 8.01
CA ASP I 249 -76.06 -43.91 9.11
C ASP I 249 -75.15 -44.22 10.28
N LEU I 250 -75.25 -43.40 11.33
CA LEU I 250 -74.24 -43.38 12.39
C LEU I 250 -74.33 -44.61 13.28
N ASN I 251 -75.54 -45.16 13.46
CA ASN I 251 -75.69 -46.40 14.21
C ASN I 251 -75.04 -47.57 13.48
N GLU I 252 -74.97 -47.50 12.15
CA GLU I 252 -74.41 -48.58 11.35
C GLU I 252 -72.88 -48.55 11.36
N PHE I 253 -72.29 -47.35 11.51
CA PHE I 253 -70.82 -47.25 11.56
C PHE I 253 -70.25 -47.98 12.77
N GLN I 254 -70.81 -47.76 13.95
CA GLN I 254 -70.34 -48.45 15.14
C GLN I 254 -70.69 -49.92 15.12
N THR I 255 -71.75 -50.31 14.42
CA THR I 255 -72.13 -51.72 14.36
C THR I 255 -71.13 -52.53 13.54
N ASN I 256 -70.59 -51.93 12.48
CA ASN I 256 -69.59 -52.64 11.67
C ASN I 256 -68.22 -52.58 12.31
N LEU I 257 -67.84 -51.43 12.86
CA LEU I 257 -66.44 -51.15 13.18
C LEU I 257 -66.06 -51.44 14.63
N VAL I 258 -66.98 -51.92 15.46
CA VAL I 258 -66.64 -52.22 16.84
C VAL I 258 -66.74 -53.72 17.05
N PRO I 259 -65.63 -54.45 17.01
CA PRO I 259 -65.70 -55.91 17.20
C PRO I 259 -65.85 -56.31 18.66
N TYR I 260 -65.37 -55.45 19.55
CA TYR I 260 -65.37 -55.68 20.98
C TYR I 260 -65.55 -54.31 21.60
N PRO I 261 -66.29 -54.18 22.71
CA PRO I 261 -66.68 -52.84 23.20
C PRO I 261 -65.54 -52.02 23.76
N ARG I 262 -64.35 -52.60 23.98
CA ARG I 262 -63.23 -51.80 24.44
C ARG I 262 -62.35 -51.32 23.28
N ILE I 263 -62.02 -52.20 22.34
CA ILE I 263 -61.21 -51.83 21.19
C ILE I 263 -62.19 -51.27 20.15
N HIS I 264 -62.37 -49.95 20.17
CA HIS I 264 -63.28 -49.29 19.25
C HIS I 264 -62.67 -47.99 18.76
N PHE I 265 -61.38 -48.00 18.46
CA PHE I 265 -60.64 -46.79 18.13
C PHE I 265 -59.93 -46.90 16.79
N PRO I 266 -60.64 -46.71 15.68
CA PRO I 266 -59.96 -46.62 14.39
C PRO I 266 -59.51 -45.20 14.09
N LEU I 267 -58.91 -45.04 12.92
CA LEU I 267 -58.43 -43.75 12.45
C LEU I 267 -58.96 -43.48 11.05
N ALA I 268 -58.47 -42.41 10.44
CA ALA I 268 -58.98 -41.95 9.16
C ALA I 268 -57.87 -41.90 8.12
N ALA I 269 -58.27 -41.72 6.87
CA ALA I 269 -57.37 -41.49 5.74
C ALA I 269 -58.16 -40.88 4.60
N TYR I 270 -57.49 -40.07 3.78
CA TYR I 270 -58.13 -39.39 2.67
C TYR I 270 -57.21 -39.35 1.47
N THR I 271 -57.78 -39.62 0.30
CA THR I 271 -57.08 -39.64 -0.98
C THR I 271 -58.12 -39.46 -2.10
N PRO I 272 -57.77 -38.79 -3.20
CA PRO I 272 -56.54 -38.07 -3.52
C PRO I 272 -56.42 -36.71 -2.85
N LEU I 273 -55.30 -36.51 -2.17
CA LEU I 273 -55.02 -35.29 -1.42
C LEU I 273 -53.72 -34.71 -1.98
N ILE I 274 -53.83 -33.96 -3.07
CA ILE I 274 -52.68 -33.35 -3.73
C ILE I 274 -53.00 -31.90 -4.04
N SER I 275 -52.06 -31.22 -4.68
CA SER I 275 -52.21 -29.82 -5.05
C SER I 275 -53.08 -29.71 -6.31
N ALA I 276 -53.18 -28.50 -6.86
CA ALA I 276 -54.06 -28.24 -8.00
C ALA I 276 -53.40 -28.49 -9.34
N GLU I 277 -52.07 -28.69 -9.38
CA GLU I 277 -51.39 -28.84 -10.66
C GLU I 277 -51.18 -30.30 -11.01
N LYS I 278 -50.89 -31.15 -10.01
CA LYS I 278 -50.52 -32.54 -10.26
C LYS I 278 -51.70 -33.40 -10.71
N ALA I 279 -52.93 -32.94 -10.50
CA ALA I 279 -54.09 -33.68 -11.00
C ALA I 279 -54.29 -33.48 -12.49
N TYR I 280 -53.59 -32.50 -13.09
CA TYR I 280 -53.77 -32.23 -14.50
C TYR I 280 -53.08 -33.29 -15.36
N HIS I 281 -51.86 -33.69 -14.95
CA HIS I 281 -51.07 -34.68 -15.68
C HIS I 281 -51.39 -36.11 -15.28
N GLU I 282 -52.55 -36.37 -14.69
CA GLU I 282 -52.84 -37.70 -14.19
C GLU I 282 -54.34 -37.94 -14.19
N ALA I 283 -54.74 -39.13 -14.63
CA ALA I 283 -56.14 -39.54 -14.67
C ALA I 283 -56.36 -40.50 -13.50
N LEU I 284 -56.90 -39.98 -12.41
CA LEU I 284 -57.06 -40.73 -11.16
C LEU I 284 -58.27 -41.65 -11.30
N SER I 285 -58.02 -42.94 -11.46
CA SER I 285 -59.11 -43.91 -11.61
C SER I 285 -59.50 -44.44 -10.23
N VAL I 286 -60.38 -45.43 -10.22
CA VAL I 286 -60.77 -46.08 -8.97
C VAL I 286 -59.61 -46.90 -8.41
N SER I 287 -58.96 -47.68 -9.27
CA SER I 287 -57.84 -48.51 -8.83
C SER I 287 -56.60 -47.69 -8.47
N ASP I 288 -56.55 -46.43 -8.91
CA ASP I 288 -55.43 -45.56 -8.54
C ASP I 288 -55.47 -45.22 -7.06
N ILE I 289 -56.55 -44.56 -6.62
CA ILE I 289 -56.59 -44.02 -5.27
C ILE I 289 -56.93 -45.08 -4.24
N THR I 290 -57.58 -46.18 -4.64
CA THR I 290 -57.87 -47.25 -3.69
C THR I 290 -56.59 -48.01 -3.32
N ASN I 291 -55.70 -48.20 -4.28
CA ASN I 291 -54.37 -48.69 -3.95
C ASN I 291 -53.55 -47.64 -3.20
N SER I 292 -53.87 -46.35 -3.38
CA SER I 292 -53.23 -45.31 -2.59
C SER I 292 -53.74 -45.26 -1.15
N CYS I 293 -54.86 -45.93 -0.86
CA CYS I 293 -55.39 -45.94 0.50
C CYS I 293 -54.48 -46.72 1.44
N PHE I 294 -53.82 -47.76 0.95
CA PHE I 294 -53.17 -48.74 1.81
C PHE I 294 -51.65 -48.70 1.68
N GLU I 295 -51.10 -47.51 1.56
CA GLU I 295 -49.67 -47.27 1.62
C GLU I 295 -49.37 -46.31 2.76
N PRO I 296 -48.24 -46.47 3.47
CA PRO I 296 -48.06 -45.75 4.73
C PRO I 296 -47.85 -44.25 4.61
N ALA I 297 -47.73 -43.71 3.40
CA ALA I 297 -47.69 -42.28 3.19
C ALA I 297 -49.08 -41.65 3.06
N ASN I 298 -50.14 -42.36 3.48
CA ASN I 298 -51.50 -41.91 3.34
C ASN I 298 -52.29 -41.98 4.64
N GLN I 299 -51.80 -42.71 5.63
CA GLN I 299 -52.45 -42.77 6.93
C GLN I 299 -52.38 -41.43 7.65
N MET I 300 -53.41 -41.14 8.44
CA MET I 300 -53.48 -39.86 9.15
C MET I 300 -52.91 -39.94 10.56
N VAL I 301 -52.43 -41.09 10.99
CA VAL I 301 -51.65 -41.22 12.22
C VAL I 301 -50.29 -41.80 11.85
N LYS I 302 -49.23 -41.10 12.23
CA LYS I 302 -47.88 -41.53 11.89
C LYS I 302 -47.52 -42.75 12.73
N CYS I 303 -47.72 -43.93 12.16
CA CYS I 303 -47.35 -45.18 12.80
C CYS I 303 -47.04 -46.19 11.69
N ASP I 304 -46.94 -47.47 12.05
CA ASP I 304 -46.62 -48.53 11.11
C ASP I 304 -47.86 -49.34 10.78
N PRO I 305 -48.53 -49.09 9.65
CA PRO I 305 -49.71 -49.90 9.32
C PRO I 305 -49.37 -51.31 8.89
N ARG I 306 -48.15 -51.54 8.40
CA ARG I 306 -47.75 -52.89 8.02
C ARG I 306 -47.42 -53.73 9.25
N HIS I 307 -47.02 -53.09 10.34
CA HIS I 307 -46.86 -53.78 11.61
C HIS I 307 -48.15 -53.87 12.40
N GLY I 308 -49.22 -53.22 11.92
CA GLY I 308 -50.55 -53.43 12.45
C GLY I 308 -51.30 -54.47 11.63
N LYS I 309 -52.34 -55.03 12.25
CA LYS I 309 -53.16 -56.06 11.62
C LYS I 309 -54.56 -55.52 11.44
N TYR I 310 -55.01 -55.44 10.18
CA TYR I 310 -56.32 -54.88 9.89
C TYR I 310 -57.42 -55.83 10.34
N MET I 311 -58.45 -55.26 10.94
CA MET I 311 -59.57 -56.04 11.46
C MET I 311 -60.90 -55.69 10.80
N ALA I 312 -61.16 -54.41 10.58
CA ALA I 312 -62.41 -53.98 9.95
C ALA I 312 -62.13 -52.68 9.21
N VAL I 313 -61.94 -52.77 7.90
CA VAL I 313 -61.58 -51.62 7.08
C VAL I 313 -62.85 -51.10 6.42
N CYS I 314 -63.17 -49.84 6.65
CA CYS I 314 -64.39 -49.22 6.17
C CYS I 314 -64.08 -48.26 5.04
N LEU I 315 -64.92 -48.25 4.01
CA LEU I 315 -64.67 -47.47 2.81
C LEU I 315 -65.93 -46.69 2.43
N LEU I 316 -65.79 -45.38 2.31
CA LEU I 316 -66.86 -44.52 1.82
C LEU I 316 -66.35 -43.76 0.60
N TYR I 317 -66.94 -44.01 -0.55
CA TYR I 317 -66.54 -43.34 -1.77
C TYR I 317 -67.49 -42.17 -2.05
N ARG I 318 -66.97 -41.18 -2.76
CA ARG I 318 -67.77 -40.04 -3.17
C ARG I 318 -67.52 -39.75 -4.65
N GLY I 319 -68.54 -39.25 -5.32
CA GLY I 319 -68.47 -39.02 -6.74
C GLY I 319 -69.03 -40.17 -7.54
N ASP I 320 -69.11 -39.95 -8.85
CA ASP I 320 -69.71 -40.90 -9.78
C ASP I 320 -68.76 -42.07 -9.97
N VAL I 321 -68.95 -43.12 -9.17
CA VAL I 321 -68.09 -44.30 -9.19
C VAL I 321 -68.96 -45.51 -9.53
N VAL I 322 -68.53 -46.31 -10.50
CA VAL I 322 -69.25 -47.52 -10.86
C VAL I 322 -68.82 -48.62 -9.89
N PRO I 323 -69.71 -49.57 -9.56
CA PRO I 323 -69.35 -50.58 -8.55
C PRO I 323 -68.58 -51.77 -9.10
N LYS I 324 -68.38 -51.86 -10.41
CA LYS I 324 -67.72 -53.01 -11.01
C LYS I 324 -66.25 -53.06 -10.62
N ASP I 325 -65.51 -51.99 -10.91
CA ASP I 325 -64.11 -51.93 -10.51
C ASP I 325 -63.95 -51.78 -9.00
N VAL I 326 -64.97 -51.29 -8.30
CA VAL I 326 -64.99 -51.37 -6.83
C VAL I 326 -64.94 -52.83 -6.39
N ASN I 327 -65.80 -53.66 -6.96
CA ASN I 327 -65.82 -55.09 -6.68
C ASN I 327 -64.58 -55.79 -7.24
N THR I 328 -63.81 -55.12 -8.09
CA THR I 328 -62.53 -55.62 -8.58
C THR I 328 -61.36 -55.15 -7.71
N ALA I 329 -61.32 -53.85 -7.37
CA ALA I 329 -60.12 -53.29 -6.74
C ALA I 329 -59.98 -53.78 -5.30
N ILE I 330 -61.08 -53.88 -4.56
CA ILE I 330 -61.03 -54.47 -3.22
C ILE I 330 -60.66 -55.95 -3.31
N ALA I 331 -61.12 -56.63 -4.35
CA ALA I 331 -60.59 -57.96 -4.64
C ALA I 331 -59.14 -57.91 -5.09
N ALA I 332 -58.75 -56.84 -5.81
CA ALA I 332 -57.35 -56.70 -6.21
C ALA I 332 -56.47 -56.34 -5.03
N ILE I 333 -57.02 -55.71 -4.00
CA ILE I 333 -56.32 -55.58 -2.72
C ILE I 333 -56.07 -56.96 -2.13
N LYS I 334 -57.08 -57.82 -2.19
CA LYS I 334 -56.95 -59.18 -1.67
C LYS I 334 -56.00 -60.04 -2.49
N THR I 335 -55.75 -59.67 -3.75
CA THR I 335 -54.70 -60.35 -4.51
C THR I 335 -53.33 -60.04 -3.94
N LYS I 336 -53.14 -58.84 -3.40
CA LYS I 336 -51.91 -58.54 -2.67
C LYS I 336 -52.01 -59.16 -1.27
N ARG I 337 -50.84 -59.53 -0.73
CA ARG I 337 -50.80 -60.26 0.54
C ARG I 337 -50.25 -59.45 1.69
N THR I 338 -49.75 -58.23 1.43
CA THR I 338 -49.20 -57.41 2.52
C THR I 338 -50.30 -56.89 3.44
N ILE I 339 -51.52 -56.74 2.93
CA ILE I 339 -52.66 -56.37 3.74
C ILE I 339 -53.03 -57.59 4.58
N GLN I 340 -52.66 -57.56 5.85
CA GLN I 340 -52.87 -58.69 6.74
C GLN I 340 -54.16 -58.53 7.52
N PHE I 341 -54.91 -59.61 7.61
CA PHE I 341 -56.13 -59.65 8.38
C PHE I 341 -55.89 -60.43 9.68
N VAL I 342 -56.94 -60.66 10.42
CA VAL I 342 -56.92 -61.66 11.47
C VAL I 342 -57.55 -62.92 10.89
N ASP I 343 -57.30 -64.07 11.53
CA ASP I 343 -57.74 -65.34 10.99
C ASP I 343 -59.25 -65.50 11.05
N TRP I 344 -59.92 -64.78 11.94
CA TRP I 344 -61.35 -64.98 12.12
C TRP I 344 -62.21 -63.98 11.37
N CYS I 345 -61.64 -62.93 10.80
CA CYS I 345 -62.43 -61.92 10.08
C CYS I 345 -61.94 -61.73 8.66
N PRO I 346 -62.44 -62.47 7.68
CA PRO I 346 -62.24 -62.09 6.29
C PRO I 346 -63.29 -61.10 5.81
N THR I 347 -64.46 -61.14 6.44
CA THR I 347 -65.59 -60.31 6.03
C THR I 347 -65.71 -59.08 6.93
N GLY I 348 -64.72 -58.20 6.81
CA GLY I 348 -64.73 -56.95 7.55
C GLY I 348 -64.74 -55.75 6.64
N PHE I 349 -65.50 -55.83 5.55
CA PHE I 349 -65.54 -54.80 4.53
C PHE I 349 -66.85 -54.05 4.60
N LYS I 350 -66.82 -52.78 4.22
CA LYS I 350 -68.01 -51.94 4.18
C LYS I 350 -68.03 -51.21 2.84
N VAL I 351 -69.18 -51.21 2.18
CA VAL I 351 -69.32 -50.65 0.84
C VAL I 351 -70.23 -49.42 0.95
N GLY I 352 -69.69 -48.27 0.56
CA GLY I 352 -70.48 -47.05 0.51
C GLY I 352 -70.09 -46.15 -0.63
N ILE I 353 -71.04 -45.82 -1.49
CA ILE I 353 -70.80 -44.98 -2.66
C ILE I 353 -71.90 -43.92 -2.71
N ASN I 354 -71.51 -42.66 -2.68
CA ASN I 354 -72.44 -41.54 -2.81
C ASN I 354 -72.25 -40.88 -4.16
N TYR I 355 -73.33 -40.28 -4.66
CA TYR I 355 -73.32 -39.64 -5.97
C TYR I 355 -72.53 -38.34 -5.97
N GLN I 356 -72.49 -37.64 -4.85
CA GLN I 356 -71.95 -36.29 -4.86
C GLN I 356 -70.43 -36.33 -4.71
N PRO I 357 -69.69 -35.70 -5.62
CA PRO I 357 -68.24 -35.56 -5.44
C PRO I 357 -67.94 -34.49 -4.41
N PRO I 358 -66.78 -34.55 -3.77
CA PRO I 358 -66.42 -33.51 -2.80
C PRO I 358 -66.12 -32.19 -3.48
N THR I 359 -66.67 -31.12 -2.92
CA THR I 359 -66.45 -29.77 -3.43
C THR I 359 -65.42 -29.09 -2.54
N VAL I 360 -64.45 -28.43 -3.17
CA VAL I 360 -63.29 -27.88 -2.47
C VAL I 360 -63.63 -26.50 -1.93
N VAL I 361 -62.84 -26.08 -0.94
CA VAL I 361 -63.01 -24.79 -0.27
C VAL I 361 -62.63 -23.66 -1.23
N PRO I 362 -63.29 -22.50 -1.16
CA PRO I 362 -62.89 -21.38 -2.02
C PRO I 362 -61.60 -20.75 -1.53
N GLY I 363 -60.69 -20.49 -2.48
CA GLY I 363 -59.39 -19.96 -2.15
C GLY I 363 -58.44 -20.94 -1.49
N GLY I 364 -58.79 -22.23 -1.45
CA GLY I 364 -57.96 -23.22 -0.78
C GLY I 364 -56.85 -23.74 -1.66
N ASP I 365 -56.20 -24.79 -1.16
CA ASP I 365 -55.06 -25.39 -1.82
C ASP I 365 -55.41 -26.69 -2.55
N LEU I 366 -56.66 -27.12 -2.48
CA LEU I 366 -57.06 -28.39 -3.05
C LEU I 366 -57.46 -28.24 -4.52
N ALA I 367 -57.88 -29.36 -5.11
CA ALA I 367 -58.32 -29.40 -6.49
C ALA I 367 -59.65 -30.17 -6.59
N LYS I 368 -60.48 -29.72 -7.52
CA LYS I 368 -61.79 -30.34 -7.74
C LYS I 368 -61.59 -31.69 -8.39
N VAL I 369 -61.71 -32.75 -7.60
CA VAL I 369 -61.55 -34.12 -8.06
C VAL I 369 -62.87 -34.84 -7.83
N PRO I 370 -63.39 -35.58 -8.82
CA PRO I 370 -64.64 -36.32 -8.59
C PRO I 370 -64.50 -37.48 -7.61
N ARG I 371 -63.44 -38.26 -7.71
CA ARG I 371 -63.24 -39.43 -6.87
C ARG I 371 -62.57 -39.04 -5.56
N ALA I 372 -63.00 -39.64 -4.45
CA ALA I 372 -62.36 -39.48 -3.16
C ALA I 372 -62.77 -40.62 -2.25
N VAL I 373 -61.87 -40.99 -1.34
CA VAL I 373 -62.07 -42.09 -0.41
C VAL I 373 -61.80 -41.58 1.00
N CYS I 374 -62.72 -41.86 1.92
CA CYS I 374 -62.50 -41.66 3.34
C CYS I 374 -62.27 -43.02 3.97
N MET I 375 -61.00 -43.41 4.10
CA MET I 375 -60.67 -44.74 4.59
C MET I 375 -60.67 -44.76 6.11
N LEU I 376 -61.35 -45.75 6.67
CA LEU I 376 -61.36 -46.00 8.11
C LEU I 376 -60.85 -47.41 8.34
N SER I 377 -59.78 -47.54 9.12
CA SER I 377 -59.09 -48.82 9.25
C SER I 377 -58.71 -49.05 10.70
N ASN I 378 -59.54 -49.79 11.43
CA ASN I 378 -59.18 -50.24 12.77
C ASN I 378 -58.12 -51.33 12.65
N THR I 379 -57.03 -51.17 13.40
CA THR I 379 -55.89 -52.08 13.26
C THR I 379 -55.19 -52.23 14.59
N THR I 380 -54.18 -53.10 14.61
CA THR I 380 -53.35 -53.32 15.78
C THR I 380 -52.11 -52.43 15.79
N ALA I 381 -52.01 -51.48 14.86
CA ALA I 381 -51.00 -50.43 14.95
C ALA I 381 -51.34 -49.39 16.00
N ILE I 382 -52.59 -49.38 16.49
CA ILE I 382 -52.96 -48.54 17.62
C ILE I 382 -52.22 -48.99 18.87
N ALA I 383 -52.03 -50.30 19.03
CA ALA I 383 -51.28 -50.83 20.18
C ALA I 383 -49.83 -50.38 20.17
N GLU I 384 -49.22 -50.30 18.99
CA GLU I 384 -47.87 -49.76 18.89
C GLU I 384 -47.86 -48.26 19.14
N ALA I 385 -49.00 -47.59 18.90
CA ALA I 385 -49.18 -46.20 19.30
C ALA I 385 -49.57 -46.07 20.77
N TRP I 386 -49.94 -47.16 21.45
CA TRP I 386 -50.12 -47.09 22.89
C TRP I 386 -48.80 -47.15 23.64
N SER I 387 -47.89 -48.02 23.19
CA SER I 387 -46.63 -48.23 23.91
C SER I 387 -45.71 -47.02 23.83
N ARG I 388 -45.84 -46.22 22.77
CA ARG I 388 -45.04 -45.00 22.67
C ARG I 388 -45.52 -43.94 23.65
N LEU I 389 -46.78 -44.02 24.10
CA LEU I 389 -47.30 -43.06 25.05
C LEU I 389 -47.31 -43.61 26.47
N ASP I 390 -47.39 -44.93 26.64
CA ASP I 390 -47.24 -45.51 27.96
C ASP I 390 -45.81 -45.45 28.47
N TYR I 391 -44.84 -45.26 27.57
CA TYR I 391 -43.46 -45.05 27.99
C TYR I 391 -43.27 -43.65 28.56
N LYS I 392 -43.97 -42.66 28.00
CA LYS I 392 -43.82 -41.28 28.44
C LYS I 392 -44.45 -41.05 29.82
N PHE I 393 -45.59 -41.69 30.08
CA PHE I 393 -46.37 -41.39 31.26
C PHE I 393 -45.70 -41.88 32.54
N ASP I 394 -45.15 -43.11 32.51
CA ASP I 394 -44.75 -43.76 33.74
C ASP I 394 -43.44 -43.21 34.30
N LEU I 395 -42.50 -42.84 33.43
CA LEU I 395 -41.19 -42.41 33.90
C LEU I 395 -41.23 -41.01 34.53
N MET I 396 -42.05 -40.11 33.99
CA MET I 396 -42.27 -38.84 34.68
C MET I 396 -43.11 -39.03 35.93
N TYR I 397 -43.95 -40.06 35.97
CA TYR I 397 -44.73 -40.37 37.17
C TYR I 397 -43.85 -40.94 38.27
N ALA I 398 -42.77 -41.64 37.89
CA ALA I 398 -41.93 -42.31 38.88
C ALA I 398 -41.16 -41.32 39.74
N LYS I 399 -40.68 -40.22 39.13
CA LYS I 399 -40.05 -39.15 39.89
C LYS I 399 -41.05 -38.23 40.56
N ARG I 400 -42.35 -38.43 40.29
CA ARG I 400 -43.45 -37.60 40.80
C ARG I 400 -43.28 -36.12 40.42
N ALA I 401 -42.85 -35.88 39.19
CA ALA I 401 -42.78 -34.52 38.69
C ALA I 401 -44.17 -33.99 38.36
N PHE I 402 -44.35 -32.68 38.55
CA PHE I 402 -45.57 -31.92 38.20
C PHE I 402 -46.81 -32.42 38.95
N VAL I 403 -46.62 -33.10 40.08
CA VAL I 403 -47.75 -33.57 40.85
C VAL I 403 -48.35 -32.43 41.67
N HIS I 404 -47.54 -31.42 42.00
CA HIS I 404 -47.95 -30.35 42.91
C HIS I 404 -48.95 -29.37 42.29
N TRP I 405 -49.41 -29.60 41.07
CA TRP I 405 -50.57 -28.89 40.54
C TRP I 405 -51.84 -29.71 40.69
N TYR I 406 -51.73 -31.04 40.57
CA TYR I 406 -52.88 -31.92 40.65
C TYR I 406 -53.40 -32.11 42.07
N VAL I 407 -52.61 -31.77 43.08
CA VAL I 407 -52.96 -32.12 44.46
C VAL I 407 -54.10 -31.24 44.97
N GLY I 408 -53.89 -29.93 45.02
CA GLY I 408 -54.80 -29.05 45.71
C GLY I 408 -56.08 -28.70 44.98
N GLU I 409 -56.28 -29.22 43.77
CA GLU I 409 -57.42 -28.86 42.94
C GLU I 409 -58.59 -29.81 43.10
N GLY I 410 -58.56 -30.69 44.10
CA GLY I 410 -59.65 -31.62 44.31
C GLY I 410 -59.45 -32.92 43.56
N MET I 411 -58.31 -33.57 43.75
CA MET I 411 -57.95 -34.72 42.94
C MET I 411 -57.05 -35.64 43.76
N GLU I 412 -57.15 -36.94 43.50
CA GLU I 412 -56.44 -37.95 44.24
C GLU I 412 -55.35 -38.57 43.36
N GLU I 413 -54.29 -39.04 44.02
CA GLU I 413 -53.13 -39.58 43.33
C GLU I 413 -53.24 -41.07 43.04
N GLY I 414 -54.09 -41.79 43.77
CA GLY I 414 -54.34 -43.19 43.47
C GLY I 414 -55.09 -43.41 42.18
N GLU I 415 -55.78 -42.38 41.68
CA GLU I 415 -56.44 -42.45 40.38
C GLU I 415 -55.42 -42.57 39.24
N PHE I 416 -54.20 -42.07 39.45
CA PHE I 416 -53.13 -42.31 38.49
C PHE I 416 -52.71 -43.77 38.45
N THR I 417 -52.78 -44.47 39.59
CA THR I 417 -52.36 -45.86 39.65
C THR I 417 -53.39 -46.78 39.00
N GLU I 418 -54.68 -46.50 39.19
CA GLU I 418 -55.73 -47.35 38.63
C GLU I 418 -55.80 -47.24 37.12
N ALA I 419 -55.45 -46.08 36.56
CA ALA I 419 -55.40 -45.93 35.11
C ALA I 419 -54.21 -46.66 34.50
N ARG I 420 -53.19 -46.98 35.29
CA ARG I 420 -52.07 -47.75 34.76
C ARG I 420 -52.45 -49.20 34.51
N GLU I 421 -53.14 -49.81 35.48
CA GLU I 421 -53.63 -51.17 35.27
C GLU I 421 -54.76 -51.21 34.26
N ASP I 422 -55.47 -50.09 34.07
CA ASP I 422 -56.52 -50.01 33.07
C ASP I 422 -55.95 -49.98 31.66
N LEU I 423 -54.89 -49.21 31.44
CA LEU I 423 -54.31 -49.09 30.10
C LEU I 423 -53.34 -50.22 29.79
N ALA I 424 -52.92 -50.99 30.79
CA ALA I 424 -51.99 -52.10 30.54
C ALA I 424 -52.69 -53.25 29.83
N ALA I 425 -53.90 -53.61 30.27
CA ALA I 425 -54.64 -54.69 29.63
C ALA I 425 -55.28 -54.25 28.32
N LEU I 426 -55.40 -52.95 28.08
CA LEU I 426 -56.02 -52.46 26.85
C LEU I 426 -55.15 -52.79 25.64
N GLU I 427 -53.88 -52.40 25.69
CA GLU I 427 -52.94 -52.73 24.62
C GLU I 427 -52.60 -54.22 24.58
N LYS I 428 -52.86 -54.95 25.67
CA LYS I 428 -52.77 -56.39 25.66
C LYS I 428 -53.84 -57.01 24.77
N ASP I 429 -55.05 -56.42 24.77
CA ASP I 429 -56.19 -56.98 24.05
C ASP I 429 -56.05 -56.92 22.53
N TYR I 430 -55.20 -56.02 22.02
CA TYR I 430 -54.86 -56.06 20.60
C TYR I 430 -54.11 -57.34 20.26
N GLU I 431 -53.21 -57.77 21.15
CA GLU I 431 -52.48 -59.00 20.94
C GLU I 431 -53.28 -60.22 21.37
N GLU I 432 -54.22 -60.05 22.30
CA GLU I 432 -55.05 -61.16 22.73
C GLU I 432 -56.07 -61.53 21.65
N VAL I 433 -56.76 -60.53 21.10
CA VAL I 433 -57.67 -60.79 19.99
C VAL I 433 -56.88 -61.14 18.73
N GLY I 434 -55.80 -60.42 18.47
CA GLY I 434 -54.95 -60.69 17.31
C GLY I 434 -54.15 -61.97 17.44
N MET J 1 -61.98 -8.58 33.20
CA MET J 1 -62.31 -9.98 33.47
C MET J 1 -61.16 -10.64 34.23
N ARG J 2 -60.23 -11.25 33.51
CA ARG J 2 -58.99 -11.73 34.11
C ARG J 2 -58.10 -10.51 34.35
N GLU J 3 -57.91 -10.13 35.61
CA GLU J 3 -57.34 -8.84 35.92
C GLU J 3 -56.07 -8.96 36.75
N ILE J 4 -55.10 -8.13 36.41
CA ILE J 4 -53.74 -8.19 36.95
C ILE J 4 -53.30 -6.79 37.35
N VAL J 5 -52.87 -6.61 38.59
CA VAL J 5 -52.29 -5.37 39.04
C VAL J 5 -50.77 -5.49 38.89
N HIS J 6 -50.09 -4.34 38.80
CA HIS J 6 -48.64 -4.27 38.69
C HIS J 6 -48.14 -3.32 39.77
N VAL J 7 -47.32 -3.84 40.69
CA VAL J 7 -46.88 -3.10 41.85
C VAL J 7 -45.37 -2.93 41.78
N GLN J 8 -44.89 -1.72 42.07
CA GLN J 8 -43.47 -1.39 42.03
C GLN J 8 -43.05 -0.93 43.41
N ALA J 9 -41.91 -1.44 43.87
CA ALA J 9 -41.38 -1.10 45.19
C ALA J 9 -39.86 -1.14 45.16
N GLY J 10 -39.24 -0.13 45.76
CA GLY J 10 -37.79 0.00 45.67
C GLY J 10 -37.36 0.76 44.43
N GLN J 11 -36.17 1.36 44.47
CA GLN J 11 -35.73 2.27 43.42
C GLN J 11 -35.49 1.54 42.10
N CYS J 12 -35.20 0.24 42.15
CA CYS J 12 -35.01 -0.54 40.93
C CYS J 12 -36.32 -0.70 40.17
N GLY J 13 -37.32 -1.33 40.80
CA GLY J 13 -38.56 -1.64 40.12
C GLY J 13 -39.44 -0.43 39.82
N ASN J 14 -39.14 0.72 40.42
CA ASN J 14 -39.93 1.91 40.14
C ASN J 14 -39.61 2.48 38.77
N GLN J 15 -38.35 2.38 38.33
CA GLN J 15 -37.96 2.92 37.03
C GLN J 15 -37.94 1.87 35.93
N ILE J 16 -38.11 0.59 36.25
CA ILE J 16 -38.25 -0.42 35.22
C ILE J 16 -39.59 -0.27 34.52
N GLY J 17 -40.66 -0.15 35.29
CA GLY J 17 -41.98 0.02 34.71
C GLY J 17 -42.18 1.33 34.01
N SER J 18 -41.42 2.37 34.43
CA SER J 18 -41.57 3.72 33.87
C SER J 18 -41.22 3.76 32.39
N LYS J 19 -40.38 2.85 31.92
CA LYS J 19 -40.25 2.64 30.49
C LYS J 19 -41.12 1.50 30.01
N PHE J 20 -41.50 0.58 30.89
CA PHE J 20 -42.28 -0.58 30.48
C PHE J 20 -43.73 -0.25 30.18
N TRP J 21 -44.35 0.64 30.97
CA TRP J 21 -45.72 1.07 30.67
C TRP J 21 -45.82 1.82 29.34
N GLU J 22 -44.72 2.43 28.90
CA GLU J 22 -44.71 3.17 27.64
C GLU J 22 -44.95 2.25 26.44
N VAL J 23 -44.29 1.09 26.43
CA VAL J 23 -44.49 0.13 25.36
C VAL J 23 -45.91 -0.45 25.43
N ILE J 24 -46.39 -0.74 26.65
CA ILE J 24 -47.76 -1.18 26.85
C ILE J 24 -48.73 -0.07 26.46
N SER J 25 -48.35 1.19 26.65
CA SER J 25 -49.13 2.29 26.12
C SER J 25 -49.10 2.31 24.59
N ASP J 26 -47.94 2.02 24.01
CA ASP J 26 -47.77 2.16 22.57
C ASP J 26 -48.23 0.95 21.80
N GLU J 27 -48.28 -0.23 22.43
CA GLU J 27 -48.76 -1.42 21.74
C GLU J 27 -50.29 -1.43 21.63
N HIS J 28 -50.97 -0.56 22.38
CA HIS J 28 -52.43 -0.55 22.37
C HIS J 28 -52.99 0.79 21.91
N GLY J 29 -52.14 1.70 21.45
CA GLY J 29 -52.60 2.93 20.83
C GLY J 29 -53.25 3.93 21.76
N ILE J 30 -52.65 4.20 22.92
CA ILE J 30 -53.18 5.20 23.82
C ILE J 30 -52.15 6.31 24.01
N GLN J 31 -52.50 7.31 24.80
CA GLN J 31 -51.77 8.56 24.94
C GLN J 31 -51.41 8.80 26.40
N PRO J 32 -50.58 9.79 26.76
CA PRO J 32 -50.42 10.10 28.20
C PRO J 32 -51.69 10.60 28.86
N ASP J 33 -52.63 11.16 28.09
CA ASP J 33 -53.98 11.40 28.59
C ASP J 33 -54.82 10.13 28.63
N GLY J 34 -54.31 9.01 28.14
CA GLY J 34 -55.09 7.81 28.04
C GLY J 34 -56.05 7.78 26.87
N THR J 35 -55.95 8.73 25.96
CA THR J 35 -56.85 8.81 24.82
C THR J 35 -56.52 7.70 23.84
N PHE J 36 -57.50 6.84 23.56
CA PHE J 36 -57.31 5.75 22.60
C PHE J 36 -57.19 6.30 21.20
N LYS J 37 -56.07 6.02 20.54
CA LYS J 37 -55.86 6.42 19.15
C LYS J 37 -55.47 5.23 18.29
N GLY J 38 -55.77 4.01 18.73
CA GLY J 38 -55.52 2.85 17.90
C GLY J 38 -56.49 2.80 16.73
N GLU J 39 -55.93 2.54 15.54
CA GLU J 39 -56.74 2.52 14.34
C GLU J 39 -57.58 1.27 14.23
N THR J 40 -56.97 0.10 14.45
CA THR J 40 -57.70 -1.15 14.51
C THR J 40 -58.11 -1.44 15.95
N ASP J 41 -59.33 -1.96 16.14
CA ASP J 41 -59.83 -2.35 17.45
C ASP J 41 -59.18 -3.61 18.02
N LEU J 42 -58.19 -4.19 17.32
CA LEU J 42 -57.35 -5.24 17.93
C LEU J 42 -56.54 -4.69 19.10
N GLN J 43 -56.23 -3.39 19.09
CA GLN J 43 -55.57 -2.75 20.22
C GLN J 43 -56.52 -2.33 21.33
N LEU J 44 -57.83 -2.55 21.16
CA LEU J 44 -58.81 -2.18 22.17
C LEU J 44 -59.52 -3.35 22.82
N GLU J 45 -59.68 -4.48 22.10
CA GLU J 45 -60.55 -5.55 22.57
C GLU J 45 -60.02 -6.28 23.80
N ARG J 46 -58.75 -6.08 24.17
CA ARG J 46 -58.20 -6.55 25.43
C ARG J 46 -57.43 -5.43 26.12
N ILE J 47 -58.00 -4.23 26.13
CA ILE J 47 -57.39 -3.11 26.83
C ILE J 47 -57.70 -3.17 28.31
N ASP J 48 -58.71 -3.94 28.72
CA ASP J 48 -59.21 -3.90 30.08
C ASP J 48 -58.32 -4.59 31.08
N VAL J 49 -57.40 -5.44 30.62
CA VAL J 49 -56.65 -6.33 31.51
C VAL J 49 -55.68 -5.55 32.40
N TYR J 50 -55.16 -4.42 31.93
CA TYR J 50 -54.25 -3.60 32.73
C TYR J 50 -54.80 -2.21 33.00
N TYR J 51 -56.09 -1.98 32.75
CA TYR J 51 -56.64 -0.63 32.84
C TYR J 51 -58.03 -0.65 33.43
N ASN J 52 -58.43 0.47 34.01
CA ASN J 52 -59.78 0.67 34.53
C ASN J 52 -60.31 1.98 33.95
N GLU J 53 -61.06 1.88 32.86
CA GLU J 53 -61.60 3.07 32.21
C GLU J 53 -62.63 3.74 33.10
N ALA J 54 -62.58 5.06 33.15
CA ALA J 54 -63.47 5.84 34.00
C ALA J 54 -63.60 7.23 33.39
N ASN J 55 -64.86 7.66 33.17
CA ASN J 55 -65.21 9.04 32.85
C ASN J 55 -64.57 9.56 31.58
N ASN J 56 -65.04 9.07 30.43
CA ASN J 56 -64.71 9.47 29.07
C ASN J 56 -63.32 9.02 28.63
N GLY J 57 -62.94 7.80 29.00
CA GLY J 57 -61.89 7.10 28.29
C GLY J 57 -60.47 7.40 28.69
N LYS J 58 -60.26 8.19 29.74
CA LYS J 58 -58.90 8.37 30.25
C LYS J 58 -58.54 7.11 31.03
N TYR J 59 -57.92 6.17 30.32
CA TYR J 59 -57.53 4.90 30.93
C TYR J 59 -56.45 5.12 31.97
N VAL J 60 -56.65 4.59 33.16
CA VAL J 60 -55.59 4.64 34.17
C VAL J 60 -54.97 3.26 34.27
N PRO J 61 -53.64 3.17 34.33
CA PRO J 61 -53.01 1.86 34.52
C PRO J 61 -53.25 1.34 35.91
N ARG J 62 -53.45 0.03 36.01
CA ARG J 62 -53.71 -0.60 37.29
C ARG J 62 -52.36 -0.80 37.97
N ALA J 63 -51.86 0.28 38.57
CA ALA J 63 -50.49 0.36 39.03
C ALA J 63 -50.44 0.97 40.42
N VAL J 64 -49.53 0.47 41.25
CA VAL J 64 -49.29 0.98 42.59
C VAL J 64 -47.82 1.36 42.69
N LEU J 65 -47.56 2.59 43.16
CA LEU J 65 -46.21 3.13 43.20
C LEU J 65 -45.85 3.42 44.65
N VAL J 66 -44.92 2.65 45.20
CA VAL J 66 -44.56 2.73 46.61
C VAL J 66 -43.07 3.05 46.71
N ASP J 67 -42.73 3.99 47.60
CA ASP J 67 -41.35 4.30 47.91
C ASP J 67 -41.27 4.68 49.39
N LEU J 68 -40.07 4.57 49.96
CA LEU J 68 -39.87 5.05 51.32
C LEU J 68 -39.44 6.51 51.38
N GLU J 69 -39.28 7.17 50.25
CA GLU J 69 -38.92 8.58 50.19
C GLU J 69 -39.66 9.21 49.01
N PRO J 70 -39.86 10.53 49.02
CA PRO J 70 -40.45 11.20 47.86
C PRO J 70 -39.48 11.51 46.74
N GLY J 71 -38.31 10.87 46.70
CA GLY J 71 -37.35 11.17 45.65
C GLY J 71 -37.75 10.60 44.31
N THR J 72 -38.09 9.31 44.28
CA THR J 72 -38.47 8.66 43.03
C THR J 72 -39.90 8.95 42.61
N MET J 73 -40.68 9.62 43.44
CA MET J 73 -42.06 9.94 43.09
C MET J 73 -42.11 11.01 42.00
N ASP J 74 -41.46 12.16 42.25
CA ASP J 74 -41.57 13.31 41.35
C ASP J 74 -40.88 13.07 40.02
N SER J 75 -39.81 12.26 40.01
CA SER J 75 -39.09 11.99 38.77
C SER J 75 -39.96 11.19 37.80
N VAL J 76 -40.72 10.22 38.31
CA VAL J 76 -41.68 9.52 37.48
C VAL J 76 -42.87 10.43 37.17
N ARG J 77 -43.23 11.29 38.13
CA ARG J 77 -44.40 12.15 37.98
C ARG J 77 -44.14 13.27 36.97
N SER J 78 -42.98 13.92 37.06
CA SER J 78 -42.66 14.98 36.12
C SER J 78 -42.06 14.45 34.82
N GLY J 79 -41.70 13.17 34.78
CA GLY J 79 -41.06 12.58 33.63
C GLY J 79 -42.02 12.23 32.51
N PRO J 80 -41.63 11.28 31.65
CA PRO J 80 -42.49 10.88 30.54
C PRO J 80 -43.66 10.04 31.03
N PHE J 81 -44.83 10.29 30.43
CA PHE J 81 -46.11 9.66 30.78
C PHE J 81 -46.44 9.84 32.26
N GLY J 82 -46.21 11.05 32.78
CA GLY J 82 -46.50 11.32 34.17
C GLY J 82 -47.96 11.63 34.46
N GLN J 83 -48.70 12.10 33.46
CA GLN J 83 -50.10 12.46 33.67
C GLN J 83 -51.02 11.24 33.59
N LEU J 84 -50.49 10.08 33.25
CA LEU J 84 -51.33 8.90 33.04
C LEU J 84 -51.68 8.19 34.34
N PHE J 85 -50.87 8.33 35.38
CA PHE J 85 -51.05 7.55 36.59
C PHE J 85 -52.05 8.20 37.53
N ARG J 86 -52.77 7.37 38.27
CA ARG J 86 -53.77 7.89 39.19
C ARG J 86 -53.10 8.42 40.46
N PRO J 87 -53.38 9.66 40.87
CA PRO J 87 -52.75 10.21 42.07
C PRO J 87 -53.27 9.63 43.38
N ASP J 88 -54.31 8.78 43.34
CA ASP J 88 -54.74 8.06 44.53
C ASP J 88 -53.68 7.07 45.00
N ASN J 89 -52.87 6.55 44.07
CA ASN J 89 -51.95 5.47 44.37
C ASN J 89 -50.59 5.94 44.85
N PHE J 90 -50.34 7.25 44.86
CA PHE J 90 -49.02 7.78 45.20
C PHE J 90 -48.77 7.72 46.70
N VAL J 91 -48.62 6.53 47.24
CA VAL J 91 -48.44 6.32 48.67
C VAL J 91 -46.96 6.14 48.95
N PHE J 92 -46.43 6.89 49.91
CA PHE J 92 -45.01 6.81 50.21
C PHE J 92 -44.75 7.21 51.66
N GLY J 93 -43.56 6.85 52.13
CA GLY J 93 -43.09 7.22 53.45
C GLY J 93 -42.01 8.29 53.39
N GLN J 94 -41.40 8.54 54.55
CA GLN J 94 -40.39 9.58 54.67
C GLN J 94 -39.09 9.08 55.27
N SER J 95 -38.79 7.78 55.14
CA SER J 95 -37.60 7.22 55.78
C SER J 95 -36.44 6.99 54.81
N GLY J 96 -36.65 6.14 53.81
CA GLY J 96 -35.53 5.60 53.06
C GLY J 96 -34.93 4.41 53.79
N ALA J 97 -34.73 3.30 53.09
CA ALA J 97 -34.30 2.08 53.77
C ALA J 97 -32.83 2.12 54.17
N GLY J 98 -32.00 2.88 53.43
CA GLY J 98 -30.57 2.91 53.71
C GLY J 98 -29.87 1.60 53.49
N ASN J 99 -30.40 0.76 52.60
CA ASN J 99 -29.97 -0.62 52.36
C ASN J 99 -29.93 -1.43 53.67
N ASN J 100 -31.11 -1.60 54.26
CA ASN J 100 -31.26 -2.36 55.49
C ASN J 100 -32.55 -3.16 55.37
N TRP J 101 -32.43 -4.49 55.54
CA TRP J 101 -33.58 -5.37 55.36
C TRP J 101 -34.59 -5.21 56.49
N ALA J 102 -34.11 -5.22 57.74
CA ALA J 102 -35.01 -5.13 58.88
C ALA J 102 -35.63 -3.75 59.03
N LYS J 103 -35.05 -2.72 58.42
CA LYS J 103 -35.78 -1.47 58.27
C LYS J 103 -36.91 -1.63 57.26
N GLY J 104 -36.62 -2.24 56.11
CA GLY J 104 -37.64 -2.43 55.10
C GLY J 104 -38.68 -3.48 55.48
N HIS J 105 -38.33 -4.38 56.39
CA HIS J 105 -39.23 -5.45 56.80
C HIS J 105 -39.90 -5.19 58.15
N TYR J 106 -39.13 -4.92 59.19
CA TYR J 106 -39.64 -4.83 60.55
C TYR J 106 -39.88 -3.40 61.02
N THR J 107 -38.98 -2.48 60.68
CA THR J 107 -38.98 -1.17 61.31
C THR J 107 -39.80 -0.15 60.54
N GLU J 108 -39.41 0.13 59.29
CA GLU J 108 -40.05 1.20 58.54
C GLU J 108 -41.08 0.67 57.56
N GLY J 109 -40.83 -0.50 56.96
CA GLY J 109 -41.79 -1.09 56.05
C GLY J 109 -43.07 -1.55 56.71
N ALA J 110 -43.01 -1.85 58.01
CA ALA J 110 -44.20 -2.26 58.74
C ALA J 110 -45.20 -1.12 58.93
N GLU J 111 -44.77 0.13 58.74
CA GLU J 111 -45.69 1.25 58.86
C GLU J 111 -46.46 1.48 57.56
N LEU J 112 -45.76 1.47 56.44
CA LEU J 112 -46.36 1.83 55.15
C LEU J 112 -47.06 0.64 54.49
N VAL J 113 -46.93 -0.57 55.05
CA VAL J 113 -47.57 -1.74 54.47
C VAL J 113 -49.09 -1.68 54.61
N ASP J 114 -49.60 -0.97 55.61
CA ASP J 114 -51.05 -0.95 55.85
C ASP J 114 -51.78 -0.07 54.85
N ASN J 115 -51.12 0.98 54.35
CA ASN J 115 -51.80 1.94 53.48
C ASN J 115 -52.06 1.35 52.11
N VAL J 116 -51.06 0.70 51.52
CA VAL J 116 -51.23 0.11 50.20
C VAL J 116 -51.93 -1.24 50.25
N LEU J 117 -52.05 -1.84 51.46
CA LEU J 117 -52.79 -3.09 51.58
C LEU J 117 -54.26 -2.88 51.25
N ASP J 118 -54.82 -1.75 51.66
CA ASP J 118 -56.17 -1.40 51.25
C ASP J 118 -56.22 -1.03 49.78
N VAL J 119 -55.11 -0.51 49.22
CA VAL J 119 -55.05 -0.17 47.81
C VAL J 119 -55.00 -1.43 46.96
N ILE J 120 -54.29 -2.46 47.44
CA ILE J 120 -54.39 -3.79 46.85
C ILE J 120 -55.81 -4.32 46.96
N ARG J 121 -56.47 -4.04 48.08
CA ARG J 121 -57.86 -4.48 48.26
C ARG J 121 -58.81 -3.70 47.36
N LYS J 122 -58.57 -2.41 47.16
CA LYS J 122 -59.56 -1.52 46.56
C LYS J 122 -59.79 -1.83 45.09
N GLU J 123 -58.70 -1.94 44.31
CA GLU J 123 -58.84 -2.28 42.90
C GLU J 123 -59.24 -3.73 42.68
N ALA J 124 -59.05 -4.59 43.69
CA ALA J 124 -59.46 -5.98 43.56
C ALA J 124 -60.93 -6.18 43.95
N GLU J 125 -61.53 -5.20 44.63
CA GLU J 125 -62.95 -5.26 44.92
C GLU J 125 -63.81 -4.90 43.71
N GLY J 126 -63.29 -4.07 42.82
CA GLY J 126 -64.02 -3.64 41.64
C GLY J 126 -63.95 -4.55 40.45
N CYS J 127 -63.55 -5.81 40.63
CA CYS J 127 -63.45 -6.75 39.53
C CYS J 127 -64.19 -8.04 39.87
N ASP J 128 -64.46 -8.82 38.82
CA ASP J 128 -65.24 -10.05 38.99
C ASP J 128 -64.39 -11.20 39.54
N CYS J 129 -63.20 -11.40 38.98
CA CYS J 129 -62.35 -12.53 39.37
C CYS J 129 -60.92 -12.18 39.00
N LEU J 130 -60.07 -12.00 40.00
CA LEU J 130 -58.67 -11.67 39.76
C LEU J 130 -57.93 -12.87 39.18
N GLN J 131 -56.77 -12.60 38.60
CA GLN J 131 -55.99 -13.61 37.90
C GLN J 131 -54.60 -13.83 38.46
N GLY J 132 -53.94 -12.79 38.91
CA GLY J 132 -52.60 -12.91 39.43
C GLY J 132 -51.91 -11.57 39.48
N PHE J 133 -50.80 -11.53 40.20
CA PHE J 133 -50.09 -10.29 40.44
C PHE J 133 -48.73 -10.33 39.78
N GLN J 134 -48.26 -9.16 39.34
CA GLN J 134 -46.91 -9.00 38.83
C GLN J 134 -46.22 -7.89 39.62
N LEU J 135 -44.98 -8.15 40.02
CA LEU J 135 -44.27 -7.32 40.98
C LEU J 135 -42.85 -7.09 40.49
N THR J 136 -42.45 -5.82 40.44
CA THR J 136 -41.08 -5.45 40.10
C THR J 136 -40.42 -4.79 41.30
N HIS J 137 -39.28 -5.33 41.70
CA HIS J 137 -38.53 -4.83 42.85
C HIS J 137 -37.08 -5.25 42.68
N SER J 138 -36.30 -5.12 43.75
CA SER J 138 -34.90 -5.48 43.73
C SER J 138 -34.62 -6.61 44.71
N LEU J 139 -33.45 -7.23 44.54
CA LEU J 139 -32.91 -8.13 45.53
C LEU J 139 -31.55 -7.69 46.06
N GLY J 140 -30.97 -6.64 45.48
CA GLY J 140 -29.69 -6.14 45.93
C GLY J 140 -29.85 -5.01 46.94
N GLY J 141 -30.81 -4.13 46.70
CA GLY J 141 -31.02 -2.97 47.54
C GLY J 141 -31.72 -3.28 48.83
N GLY J 142 -32.24 -2.23 49.47
CA GLY J 142 -32.86 -2.38 50.77
C GLY J 142 -34.35 -2.11 50.80
N THR J 143 -34.82 -1.21 49.94
CA THR J 143 -36.23 -0.84 49.97
C THR J 143 -37.09 -1.94 49.35
N GLY J 144 -36.85 -2.27 48.09
CA GLY J 144 -37.65 -3.29 47.42
C GLY J 144 -37.40 -4.68 47.95
N SER J 145 -36.17 -4.97 48.38
CA SER J 145 -35.86 -6.29 48.91
C SER J 145 -36.28 -6.45 50.36
N GLY J 146 -36.68 -5.36 51.02
CA GLY J 146 -37.13 -5.45 52.39
C GLY J 146 -38.63 -5.26 52.55
N MET J 147 -39.20 -4.37 51.75
CA MET J 147 -40.63 -4.08 51.80
C MET J 147 -41.44 -4.95 50.85
N GLY J 148 -41.00 -5.11 49.61
CA GLY J 148 -41.65 -6.02 48.68
C GLY J 148 -41.52 -7.48 49.07
N THR J 149 -40.53 -7.82 49.90
CA THR J 149 -40.42 -9.14 50.49
C THR J 149 -41.63 -9.44 51.38
N LEU J 150 -41.98 -8.50 52.25
CA LEU J 150 -43.07 -8.70 53.20
C LEU J 150 -44.45 -8.63 52.52
N LEU J 151 -44.54 -7.99 51.35
CA LEU J 151 -45.83 -7.82 50.69
C LEU J 151 -46.40 -9.14 50.20
N ILE J 152 -45.53 -10.04 49.74
CA ILE J 152 -45.96 -11.35 49.27
C ILE J 152 -46.45 -12.20 50.43
N SER J 153 -45.94 -11.94 51.64
CA SER J 153 -46.39 -12.66 52.82
C SER J 153 -47.77 -12.25 53.28
N LYS J 154 -48.36 -11.21 52.68
CA LYS J 154 -49.72 -10.80 53.02
C LYS J 154 -50.68 -10.89 51.84
N ILE J 155 -50.19 -11.15 50.63
CA ILE J 155 -51.09 -11.41 49.51
C ILE J 155 -51.77 -12.76 49.68
N ARG J 156 -51.04 -13.76 50.18
CA ARG J 156 -51.59 -15.10 50.37
C ARG J 156 -52.68 -15.15 51.44
N GLU J 157 -52.68 -14.20 52.37
CA GLU J 157 -53.79 -14.09 53.32
C GLU J 157 -55.04 -13.55 52.64
N GLU J 158 -54.86 -12.64 51.68
CA GLU J 158 -56.00 -12.14 50.91
C GLU J 158 -56.40 -13.11 49.80
N TYR J 159 -55.43 -13.60 49.03
CA TYR J 159 -55.69 -14.42 47.86
C TYR J 159 -54.71 -15.59 47.84
N PRO J 160 -55.07 -16.71 48.51
CA PRO J 160 -54.20 -17.89 48.46
C PRO J 160 -54.36 -18.72 47.19
N ASP J 161 -54.98 -18.18 46.14
CA ASP J 161 -55.36 -18.96 44.97
C ASP J 161 -54.53 -18.67 43.73
N ARG J 162 -54.21 -17.41 43.46
CA ARG J 162 -53.70 -17.02 42.15
C ARG J 162 -52.17 -17.09 42.12
N ILE J 163 -51.61 -16.52 41.05
CA ILE J 163 -50.18 -16.61 40.78
C ILE J 163 -49.50 -15.31 41.18
N MET J 164 -48.18 -15.38 41.36
CA MET J 164 -47.39 -14.26 41.86
C MET J 164 -46.14 -14.12 41.00
N SER J 165 -46.10 -13.08 40.17
CA SER J 165 -44.92 -12.78 39.37
C SER J 165 -44.05 -11.79 40.12
N SER J 166 -42.86 -12.24 40.53
CA SER J 166 -41.92 -11.41 41.29
C SER J 166 -40.67 -11.25 40.44
N PHE J 167 -40.66 -10.21 39.60
CA PHE J 167 -39.52 -9.93 38.73
C PHE J 167 -38.56 -9.06 39.51
N SER J 168 -37.31 -9.49 39.62
CA SER J 168 -36.32 -8.76 40.40
C SER J 168 -34.91 -9.04 39.87
N VAL J 169 -34.06 -8.02 39.94
CA VAL J 169 -32.67 -8.17 39.52
C VAL J 169 -31.89 -8.96 40.58
N VAL J 170 -30.81 -9.58 40.14
CA VAL J 170 -30.03 -10.48 41.00
C VAL J 170 -28.57 -10.07 40.96
N PRO J 171 -27.76 -10.42 41.97
CA PRO J 171 -26.32 -10.14 41.91
C PRO J 171 -25.62 -10.92 40.81
N SER J 172 -24.44 -10.41 40.41
CA SER J 172 -23.53 -10.91 39.40
C SER J 172 -22.24 -11.41 40.05
N PRO J 173 -21.55 -12.39 39.45
CA PRO J 173 -20.29 -12.86 40.04
C PRO J 173 -19.13 -11.89 39.87
N LYS J 174 -19.19 -10.99 38.89
CA LYS J 174 -18.02 -10.18 38.54
C LYS J 174 -17.82 -9.03 39.51
N VAL J 175 -18.76 -8.10 39.57
CA VAL J 175 -18.66 -6.90 40.39
C VAL J 175 -19.92 -6.77 41.23
N SER J 176 -19.77 -6.74 42.55
CA SER J 176 -20.91 -6.51 43.42
C SER J 176 -21.36 -5.07 43.32
N ASP J 177 -22.66 -4.84 43.51
CA ASP J 177 -23.23 -3.51 43.39
C ASP J 177 -23.34 -2.78 44.72
N THR J 178 -23.79 -3.45 45.78
CA THR J 178 -23.84 -2.88 47.12
C THR J 178 -23.04 -3.73 48.08
N VAL J 179 -22.85 -3.21 49.29
CA VAL J 179 -21.98 -3.85 50.26
C VAL J 179 -22.69 -5.01 50.94
N VAL J 180 -23.99 -4.85 51.23
CA VAL J 180 -24.76 -5.88 51.93
C VAL J 180 -25.56 -6.68 50.91
N GLU J 181 -25.04 -6.71 49.68
CA GLU J 181 -25.70 -7.44 48.60
C GLU J 181 -25.83 -8.96 48.82
N PRO J 182 -24.86 -9.69 49.41
CA PRO J 182 -25.18 -11.08 49.79
C PRO J 182 -26.11 -11.17 50.99
N TYR J 183 -26.22 -10.13 51.82
CA TYR J 183 -27.20 -10.16 52.89
C TYR J 183 -28.61 -9.93 52.37
N ASN J 184 -28.76 -9.09 51.35
CA ASN J 184 -30.07 -8.84 50.79
C ASN J 184 -30.57 -9.96 49.90
N ALA J 185 -29.71 -10.93 49.57
CA ALA J 185 -30.11 -12.03 48.71
C ALA J 185 -30.63 -13.23 49.49
N THR J 186 -29.85 -13.70 50.48
CA THR J 186 -30.22 -14.91 51.22
C THR J 186 -31.46 -14.68 52.08
N LEU J 187 -31.60 -13.47 52.62
CA LEU J 187 -32.75 -13.17 53.46
C LEU J 187 -34.01 -12.95 52.63
N SER J 188 -33.87 -12.54 51.37
CA SER J 188 -35.03 -12.35 50.51
C SER J 188 -35.53 -13.68 49.97
N VAL J 189 -34.61 -14.51 49.44
CA VAL J 189 -34.95 -15.80 48.83
C VAL J 189 -35.53 -16.75 49.87
N HIS J 190 -35.15 -16.58 51.14
CA HIS J 190 -35.80 -17.25 52.27
C HIS J 190 -37.31 -17.04 52.28
N GLN J 191 -37.76 -15.86 51.89
CA GLN J 191 -39.19 -15.61 51.74
C GLN J 191 -39.69 -15.84 50.33
N LEU J 192 -38.80 -15.85 49.34
CA LEU J 192 -39.23 -16.09 47.96
C LEU J 192 -39.52 -17.56 47.70
N VAL J 193 -38.80 -18.47 48.34
CA VAL J 193 -39.10 -19.89 48.16
C VAL J 193 -40.32 -20.34 48.97
N GLU J 194 -40.84 -19.47 49.82
CA GLU J 194 -42.00 -19.79 50.63
C GLU J 194 -43.32 -19.56 49.91
N ASN J 195 -43.49 -18.40 49.27
CA ASN J 195 -44.81 -17.99 48.80
C ASN J 195 -44.82 -17.37 47.40
N THR J 196 -43.81 -17.63 46.57
CA THR J 196 -43.79 -17.07 45.23
C THR J 196 -43.91 -18.16 44.19
N ASP J 197 -44.17 -17.76 42.95
CA ASP J 197 -44.39 -18.71 41.86
C ASP J 197 -43.40 -18.58 40.72
N GLU J 198 -42.84 -17.39 40.47
CA GLU J 198 -41.75 -17.27 39.51
C GLU J 198 -40.89 -16.06 39.84
N THR J 199 -39.58 -16.21 39.66
CA THR J 199 -38.61 -15.12 39.69
C THR J 199 -37.76 -15.21 38.44
N TYR J 200 -37.47 -14.06 37.83
CA TYR J 200 -36.59 -14.03 36.66
C TYR J 200 -35.29 -13.37 37.09
N CYS J 201 -34.26 -14.20 37.22
CA CYS J 201 -32.94 -13.77 37.68
C CYS J 201 -32.22 -13.09 36.52
N ILE J 202 -32.34 -11.76 36.44
CA ILE J 202 -31.70 -10.97 35.40
C ILE J 202 -30.43 -10.36 35.98
N ASP J 203 -29.28 -10.68 35.39
CA ASP J 203 -28.03 -10.08 35.81
C ASP J 203 -27.84 -8.71 35.20
N ASN J 204 -27.38 -7.77 36.02
CA ASN J 204 -27.01 -6.45 35.50
C ASN J 204 -25.77 -6.52 34.63
N GLU J 205 -24.90 -7.50 34.87
CA GLU J 205 -23.65 -7.60 34.15
C GLU J 205 -23.85 -8.03 32.70
N ALA J 206 -24.64 -9.09 32.49
CA ALA J 206 -24.77 -9.66 31.15
C ALA J 206 -25.64 -8.80 30.24
N LEU J 207 -26.40 -7.85 30.79
CA LEU J 207 -27.17 -6.94 29.95
C LEU J 207 -26.27 -6.02 29.16
N TYR J 208 -25.11 -5.66 29.70
CA TYR J 208 -24.15 -4.89 28.90
C TYR J 208 -23.57 -5.74 27.79
N ASP J 209 -23.30 -7.03 28.08
CA ASP J 209 -22.74 -7.94 27.09
C ASP J 209 -23.73 -8.20 25.95
N ILE J 210 -25.02 -8.09 26.23
CA ILE J 210 -26.02 -8.04 25.16
C ILE J 210 -25.85 -6.75 24.36
N CYS J 211 -25.72 -5.63 25.06
CA CYS J 211 -25.64 -4.33 24.38
C CYS J 211 -24.29 -4.12 23.71
N TYR J 212 -23.23 -4.69 24.26
CA TYR J 212 -21.89 -4.45 23.71
C TYR J 212 -21.65 -5.20 22.42
N ARG J 213 -22.28 -6.35 22.23
CA ARG J 213 -22.07 -7.18 21.06
C ARG J 213 -23.17 -7.05 20.02
N THR J 214 -24.43 -7.18 20.44
CA THR J 214 -25.53 -7.06 19.50
C THR J 214 -25.82 -5.60 19.17
N LEU J 215 -26.14 -4.81 20.18
CA LEU J 215 -26.49 -3.42 19.96
C LEU J 215 -25.30 -2.53 19.66
N LYS J 216 -24.09 -2.95 20.08
CA LYS J 216 -22.83 -2.22 19.88
C LYS J 216 -22.88 -0.81 20.47
N LEU J 217 -23.68 -0.60 21.50
CA LEU J 217 -23.93 0.74 22.02
C LEU J 217 -22.88 1.12 23.05
N THR J 218 -22.15 2.20 22.77
CA THR J 218 -21.05 2.63 23.63
C THR J 218 -21.54 3.31 24.89
N ASN J 219 -22.75 3.89 24.85
CA ASN J 219 -23.28 4.69 25.95
C ASN J 219 -24.56 4.04 26.47
N PRO J 220 -24.46 3.09 27.41
CA PRO J 220 -25.67 2.45 27.93
C PRO J 220 -26.46 3.38 28.87
N THR J 221 -27.56 3.91 28.36
CA THR J 221 -28.47 4.68 29.20
C THR J 221 -29.37 3.71 29.94
N TYR J 222 -29.67 4.04 31.21
CA TYR J 222 -30.54 3.18 32.02
C TYR J 222 -31.97 3.12 31.49
N GLY J 223 -32.37 4.06 30.64
CA GLY J 223 -33.61 3.88 29.90
C GLY J 223 -33.54 2.75 28.89
N ASP J 224 -32.32 2.47 28.39
CA ASP J 224 -32.16 1.46 27.35
C ASP J 224 -31.98 0.06 27.91
N LEU J 225 -31.41 -0.07 29.11
CA LEU J 225 -31.26 -1.39 29.70
C LEU J 225 -32.60 -1.93 30.17
N ASN J 226 -33.44 -1.07 30.76
CA ASN J 226 -34.79 -1.47 31.11
C ASN J 226 -35.69 -1.62 29.89
N HIS J 227 -35.32 -1.00 28.78
CA HIS J 227 -36.05 -1.18 27.52
C HIS J 227 -35.93 -2.62 27.02
N LEU J 228 -34.80 -3.27 27.27
CA LEU J 228 -34.68 -4.69 26.97
C LEU J 228 -35.35 -5.55 28.02
N VAL J 229 -35.57 -5.01 29.22
CA VAL J 229 -36.42 -5.68 30.19
C VAL J 229 -37.88 -5.47 29.82
N SER J 230 -38.18 -4.32 29.20
CA SER J 230 -39.56 -3.97 28.84
C SER J 230 -40.10 -4.90 27.76
N LEU J 231 -39.32 -5.13 26.70
CA LEU J 231 -39.80 -5.98 25.61
C LEU J 231 -39.85 -7.45 26.01
N THR J 232 -39.14 -7.85 27.06
CA THR J 232 -39.22 -9.21 27.54
C THR J 232 -40.56 -9.48 28.23
N MET J 233 -41.01 -8.53 29.06
CA MET J 233 -42.23 -8.73 29.83
C MET J 233 -43.48 -8.61 28.96
N SER J 234 -43.45 -7.78 27.91
CA SER J 234 -44.62 -7.62 27.06
C SER J 234 -44.86 -8.85 26.19
N GLY J 235 -43.80 -9.57 25.84
CA GLY J 235 -43.95 -10.79 25.08
C GLY J 235 -44.51 -11.95 25.88
N VAL J 236 -44.42 -11.89 27.21
CA VAL J 236 -44.94 -12.97 28.04
C VAL J 236 -46.46 -12.94 28.06
N THR J 237 -47.05 -11.76 28.21
CA THR J 237 -48.49 -11.61 28.32
C THR J 237 -49.16 -11.31 27.00
N THR J 238 -48.59 -11.77 25.88
CA THR J 238 -49.18 -11.47 24.58
C THR J 238 -50.43 -12.31 24.29
N CYS J 239 -50.62 -13.42 25.00
CA CYS J 239 -51.79 -14.27 24.75
C CYS J 239 -53.04 -13.64 25.34
N LEU J 240 -52.92 -13.07 26.54
CA LEU J 240 -54.06 -12.45 27.21
C LEU J 240 -54.49 -11.16 26.55
N ARG J 241 -53.65 -10.58 25.71
CA ARG J 241 -53.93 -9.29 25.10
C ARG J 241 -54.17 -9.36 23.60
N PHE J 242 -53.86 -10.49 22.96
CA PHE J 242 -53.98 -10.59 21.52
C PHE J 242 -54.43 -12.00 21.16
N PRO J 243 -55.22 -12.16 20.09
CA PRO J 243 -55.63 -13.49 19.65
C PRO J 243 -54.53 -14.20 18.87
N GLY J 244 -54.85 -15.39 18.34
CA GLY J 244 -53.87 -16.14 17.57
C GLY J 244 -54.34 -17.56 17.39
N GLN J 245 -53.44 -18.38 16.86
CA GLN J 245 -53.76 -19.79 16.64
C GLN J 245 -53.56 -20.65 17.88
N LEU J 246 -52.91 -20.13 18.92
CA LEU J 246 -52.70 -20.88 20.15
C LEU J 246 -52.48 -19.88 21.27
N ASN J 247 -53.40 -19.85 22.24
CA ASN J 247 -53.30 -18.92 23.36
C ASN J 247 -52.87 -19.65 24.62
N ALA J 248 -52.09 -18.96 25.46
CA ALA J 248 -51.42 -19.56 26.61
C ALA J 248 -51.29 -18.50 27.70
N ASP J 249 -52.11 -18.59 28.74
CA ASP J 249 -52.08 -17.57 29.78
C ASP J 249 -50.88 -17.78 30.70
N LEU J 250 -50.81 -16.94 31.75
CA LEU J 250 -49.69 -16.99 32.68
C LEU J 250 -49.71 -18.28 33.50
N ARG J 251 -50.90 -18.82 33.77
CA ARG J 251 -50.99 -20.08 34.48
C ARG J 251 -50.53 -21.24 33.61
N LYS J 252 -50.79 -21.18 32.29
CA LYS J 252 -50.27 -22.22 31.41
C LYS J 252 -48.77 -22.11 31.27
N LEU J 253 -48.24 -20.89 31.31
CA LEU J 253 -46.79 -20.71 31.39
C LEU J 253 -46.25 -21.18 32.73
N ALA J 254 -47.07 -21.13 33.78
CA ALA J 254 -46.65 -21.65 35.07
C ALA J 254 -46.66 -23.17 35.09
N VAL J 255 -47.81 -23.77 34.73
CA VAL J 255 -48.02 -25.21 34.92
C VAL J 255 -47.13 -26.05 34.01
N ASN J 256 -46.69 -25.51 32.87
CA ASN J 256 -45.86 -26.31 31.96
C ASN J 256 -44.43 -26.40 32.46
N MET J 257 -43.99 -25.45 33.27
CA MET J 257 -42.57 -25.30 33.54
C MET J 257 -42.16 -25.85 34.91
N VAL J 258 -42.78 -25.38 35.99
CA VAL J 258 -42.29 -25.65 37.34
C VAL J 258 -42.60 -27.09 37.75
N PRO J 259 -41.58 -27.92 37.99
CA PRO J 259 -41.83 -29.35 38.22
C PRO J 259 -42.07 -29.70 39.68
N PHE J 260 -41.58 -28.85 40.58
CA PHE J 260 -41.56 -29.08 42.01
C PHE J 260 -41.68 -27.71 42.66
N PRO J 261 -42.36 -27.60 43.82
CA PRO J 261 -42.77 -26.28 44.33
C PRO J 261 -41.65 -25.33 44.74
N ARG J 262 -40.39 -25.68 44.55
CA ARG J 262 -39.28 -24.74 44.73
C ARG J 262 -38.63 -24.31 43.43
N LEU J 263 -38.50 -25.21 42.46
CA LEU J 263 -37.68 -24.94 41.28
C LEU J 263 -38.50 -24.17 40.25
N HIS J 264 -38.53 -22.86 40.43
CA HIS J 264 -39.25 -21.97 39.53
C HIS J 264 -38.42 -20.73 39.23
N PHE J 265 -37.11 -20.91 39.08
CA PHE J 265 -36.16 -19.81 38.97
C PHE J 265 -35.65 -19.80 37.54
N PHE J 266 -36.24 -18.97 36.70
CA PHE J 266 -36.13 -19.07 35.26
C PHE J 266 -35.39 -17.88 34.69
N MET J 267 -34.61 -18.12 33.64
CA MET J 267 -33.99 -16.97 32.99
C MET J 267 -34.66 -16.69 31.65
N PRO J 268 -34.85 -15.43 31.28
CA PRO J 268 -35.52 -15.10 30.03
C PRO J 268 -34.54 -14.91 28.87
N GLY J 269 -35.11 -14.87 27.67
CA GLY J 269 -34.33 -14.65 26.47
C GLY J 269 -35.17 -14.00 25.40
N PHE J 270 -34.50 -13.28 24.50
CA PHE J 270 -35.20 -12.56 23.44
C PHE J 270 -34.37 -12.54 22.18
N ALA J 271 -35.04 -12.75 21.04
CA ALA J 271 -34.46 -12.68 19.72
C ALA J 271 -35.50 -12.08 18.79
N PRO J 272 -35.10 -11.27 17.80
CA PRO J 272 -33.75 -10.86 17.38
C PRO J 272 -33.17 -9.71 18.20
N LEU J 273 -31.84 -9.64 18.24
CA LEU J 273 -31.11 -8.58 18.92
C LEU J 273 -29.86 -8.29 18.11
N SER J 274 -29.80 -7.10 17.52
CA SER J 274 -28.60 -6.64 16.82
C SER J 274 -28.65 -5.13 16.72
N ALA J 275 -27.61 -4.54 16.12
CA ALA J 275 -27.51 -3.11 15.95
C ALA J 275 -28.32 -2.63 14.73
N LYS J 276 -28.08 -1.39 14.33
CA LYS J 276 -28.85 -0.81 13.22
C LYS J 276 -28.42 -1.38 11.86
N GLY J 277 -27.12 -1.36 11.58
CA GLY J 277 -26.65 -1.62 10.23
C GLY J 277 -26.67 -3.06 9.77
N THR J 278 -26.90 -4.00 10.69
CA THR J 278 -26.94 -5.42 10.35
C THR J 278 -28.35 -5.92 10.10
N GLN J 279 -29.24 -5.06 9.62
CA GLN J 279 -30.63 -5.45 9.40
C GLN J 279 -30.75 -6.35 8.17
N ALA J 280 -30.39 -5.82 7.00
CA ALA J 280 -30.59 -6.53 5.74
C ALA J 280 -29.60 -7.68 5.54
N TYR J 281 -28.43 -7.62 6.16
CA TYR J 281 -27.37 -8.57 5.89
C TYR J 281 -27.61 -9.95 6.50
N ARG J 282 -28.54 -10.09 7.42
CA ARG J 282 -28.91 -11.40 7.95
C ARG J 282 -30.30 -11.77 7.46
N ALA J 283 -30.75 -12.96 7.86
CA ALA J 283 -32.01 -13.51 7.38
C ALA J 283 -33.05 -13.56 8.49
N LEU J 284 -34.29 -13.22 8.12
CA LEU J 284 -35.42 -13.33 9.03
C LEU J 284 -36.18 -14.62 8.74
N THR J 285 -35.51 -15.73 9.03
CA THR J 285 -36.08 -17.06 8.89
C THR J 285 -36.37 -17.64 10.26
N VAL J 286 -37.07 -18.77 10.26
CA VAL J 286 -37.27 -19.50 11.50
C VAL J 286 -35.94 -20.09 11.99
N ALA J 287 -35.07 -20.47 11.06
CA ALA J 287 -33.79 -21.09 11.42
C ALA J 287 -32.82 -20.08 12.00
N GLU J 288 -32.81 -18.85 11.50
CA GLU J 288 -31.89 -17.86 12.06
C GLU J 288 -32.35 -17.39 13.44
N LEU J 289 -33.67 -17.24 13.62
CA LEU J 289 -34.18 -16.87 14.93
C LEU J 289 -34.14 -18.03 15.92
N THR J 290 -33.96 -19.26 15.46
CA THR J 290 -33.90 -20.39 16.38
C THR J 290 -32.57 -20.42 17.14
N GLN J 291 -31.46 -20.39 16.40
CA GLN J 291 -30.15 -20.65 17.01
C GLN J 291 -29.65 -19.46 17.82
N GLN J 292 -30.22 -18.27 17.60
CA GLN J 292 -29.92 -17.15 18.47
C GLN J 292 -30.46 -17.39 19.88
N MET J 293 -31.63 -18.02 19.98
CA MET J 293 -32.28 -18.26 21.25
C MET J 293 -31.52 -19.22 22.16
N PHE J 294 -30.64 -20.04 21.60
CA PHE J 294 -29.94 -21.09 22.33
C PHE J 294 -28.44 -20.83 22.38
N ASP J 295 -28.06 -19.56 22.38
CA ASP J 295 -26.67 -19.14 22.49
C ASP J 295 -26.42 -18.61 23.90
N ALA J 296 -25.15 -18.62 24.30
CA ALA J 296 -24.76 -17.96 25.55
C ALA J 296 -24.89 -16.44 25.44
N LYS J 297 -24.89 -15.91 24.22
CA LYS J 297 -25.11 -14.49 23.99
C LYS J 297 -26.50 -14.06 24.45
N ASN J 298 -27.53 -14.87 24.17
CA ASN J 298 -28.89 -14.52 24.51
C ASN J 298 -29.21 -14.77 25.98
N MET J 299 -28.29 -15.36 26.74
CA MET J 299 -28.49 -15.57 28.17
C MET J 299 -28.43 -14.23 28.88
N MET J 300 -29.60 -13.72 29.28
CA MET J 300 -29.67 -12.42 29.95
C MET J 300 -29.02 -12.44 31.33
N ALA J 301 -28.94 -13.60 31.97
CA ALA J 301 -28.11 -13.77 33.16
C ALA J 301 -26.73 -14.23 32.75
N ALA J 302 -25.76 -13.99 33.63
CA ALA J 302 -24.36 -14.33 33.37
C ALA J 302 -24.04 -15.73 33.90
N CYS J 303 -24.81 -16.70 33.43
CA CYS J 303 -24.56 -18.11 33.72
C CYS J 303 -24.40 -18.85 32.39
N ASP J 304 -23.65 -19.94 32.43
CA ASP J 304 -23.23 -20.60 31.21
C ASP J 304 -24.24 -21.67 30.83
N PRO J 305 -24.91 -21.56 29.68
CA PRO J 305 -25.98 -22.52 29.36
C PRO J 305 -25.49 -23.92 29.04
N ARG J 306 -24.24 -24.08 28.61
CA ARG J 306 -23.65 -25.40 28.42
C ARG J 306 -23.01 -25.94 29.70
N HIS J 307 -23.30 -25.33 30.85
CA HIS J 307 -22.97 -25.88 32.16
C HIS J 307 -24.21 -26.33 32.90
N GLY J 308 -25.31 -26.52 32.19
CA GLY J 308 -26.56 -26.97 32.77
C GLY J 308 -27.37 -27.78 31.77
N ARG J 309 -28.67 -27.88 32.04
CA ARG J 309 -29.58 -28.66 31.22
C ARG J 309 -30.92 -27.93 31.14
N TYR J 310 -31.45 -27.79 29.94
CA TYR J 310 -32.77 -27.20 29.77
C TYR J 310 -33.84 -28.22 30.15
N LEU J 311 -34.68 -27.87 31.12
CA LEU J 311 -35.77 -28.74 31.53
C LEU J 311 -37.03 -28.44 30.72
N THR J 312 -37.54 -27.21 30.80
CA THR J 312 -38.73 -26.80 30.08
C THR J 312 -38.41 -25.61 29.19
N VAL J 313 -38.53 -25.80 27.88
CA VAL J 313 -38.25 -24.77 26.89
C VAL J 313 -39.56 -24.11 26.51
N ALA J 314 -39.68 -22.82 26.79
CA ALA J 314 -40.88 -22.05 26.48
C ALA J 314 -40.59 -21.15 25.29
N ALA J 315 -41.29 -21.39 24.18
CA ALA J 315 -41.09 -20.63 22.95
C ALA J 315 -42.34 -19.79 22.69
N MET J 316 -42.29 -18.53 23.07
CA MET J 316 -43.37 -17.58 22.84
C MET J 316 -43.01 -16.78 21.59
N PHE J 317 -43.47 -17.25 20.45
CA PHE J 317 -43.13 -16.64 19.16
C PHE J 317 -44.18 -15.62 18.80
N ARG J 318 -43.74 -14.52 18.20
CA ARG J 318 -44.61 -13.38 17.92
C ARG J 318 -44.46 -12.99 16.46
N GLY J 319 -45.54 -13.08 15.70
CA GLY J 319 -45.57 -12.75 14.30
C GLY J 319 -46.22 -13.83 13.47
N ARG J 320 -46.59 -13.46 12.25
CA ARG J 320 -47.16 -14.40 11.28
C ARG J 320 -46.09 -15.37 10.84
N MET J 321 -46.17 -16.61 11.31
CA MET J 321 -45.14 -17.61 11.10
C MET J 321 -45.77 -18.89 10.58
N SER J 322 -44.93 -19.72 9.96
CA SER J 322 -45.33 -21.05 9.50
C SER J 322 -45.16 -22.01 10.66
N MET J 323 -46.24 -22.72 10.99
CA MET J 323 -46.25 -23.59 12.17
C MET J 323 -45.35 -24.81 11.99
N ARG J 324 -45.24 -25.32 10.76
CA ARG J 324 -44.48 -26.54 10.53
C ARG J 324 -42.97 -26.30 10.69
N GLU J 325 -42.49 -25.13 10.27
CA GLU J 325 -41.08 -24.81 10.47
C GLU J 325 -40.76 -24.60 11.95
N VAL J 326 -41.73 -24.13 12.72
CA VAL J 326 -41.61 -24.17 14.17
C VAL J 326 -41.63 -25.62 14.65
N ASP J 327 -42.51 -26.44 14.07
CA ASP J 327 -42.58 -27.86 14.40
C ASP J 327 -41.34 -28.61 13.90
N GLU J 328 -40.69 -28.09 12.86
CA GLU J 328 -39.50 -28.74 12.32
C GLU J 328 -38.31 -28.57 13.26
N GLN J 329 -38.01 -27.32 13.62
CA GLN J 329 -36.72 -27.02 14.23
C GLN J 329 -36.71 -27.31 15.73
N MET J 330 -37.87 -27.24 16.39
CA MET J 330 -37.93 -27.60 17.80
C MET J 330 -37.69 -29.08 18.01
N LEU J 331 -37.99 -29.90 16.99
CA LEU J 331 -37.49 -31.27 16.99
C LEU J 331 -35.97 -31.29 16.79
N ASN J 332 -35.47 -30.42 15.91
CA ASN J 332 -34.09 -30.52 15.46
C ASN J 332 -33.09 -30.11 16.53
N VAL J 333 -33.52 -29.31 17.51
CA VAL J 333 -32.60 -28.93 18.57
C VAL J 333 -32.34 -30.11 19.50
N GLN J 334 -33.33 -30.96 19.73
CA GLN J 334 -33.13 -32.10 20.60
C GLN J 334 -32.37 -33.22 19.89
N ASN J 335 -32.44 -33.27 18.56
CA ASN J 335 -31.58 -34.17 17.80
C ASN J 335 -30.13 -33.70 17.77
N LYS J 336 -29.89 -32.41 18.03
CA LYS J 336 -28.55 -31.87 18.17
C LYS J 336 -28.07 -31.90 19.60
N ASN J 337 -28.91 -31.43 20.53
CA ASN J 337 -28.49 -31.05 21.87
C ASN J 337 -29.14 -31.91 22.95
N SER J 338 -29.16 -33.24 22.74
CA SER J 338 -29.80 -34.14 23.70
C SER J 338 -29.07 -34.17 25.04
N SER J 339 -27.76 -33.91 25.04
CA SER J 339 -27.05 -33.76 26.30
C SER J 339 -27.46 -32.47 27.02
N TYR J 340 -27.85 -31.45 26.26
CA TYR J 340 -28.20 -30.16 26.83
C TYR J 340 -29.60 -30.14 27.45
N PHE J 341 -30.34 -31.23 27.38
CA PHE J 341 -31.61 -31.35 28.06
C PHE J 341 -31.49 -32.30 29.24
N VAL J 342 -32.47 -32.20 30.15
CA VAL J 342 -32.70 -33.28 31.09
C VAL J 342 -33.21 -34.49 30.30
N GLU J 343 -32.77 -35.68 30.69
CA GLU J 343 -33.02 -36.87 29.90
C GLU J 343 -34.37 -37.50 30.18
N TRP J 344 -34.79 -37.54 31.44
CA TRP J 344 -35.99 -38.30 31.80
C TRP J 344 -37.29 -37.53 31.55
N ILE J 345 -37.22 -36.27 31.16
CA ILE J 345 -38.41 -35.50 30.79
C ILE J 345 -38.47 -35.43 29.27
N PRO J 346 -39.36 -36.18 28.62
CA PRO J 346 -39.44 -36.13 27.16
C PRO J 346 -40.18 -34.90 26.67
N ASN J 347 -39.83 -34.49 25.45
CA ASN J 347 -40.47 -33.41 24.69
C ASN J 347 -40.43 -32.10 25.48
N ASN J 348 -39.20 -31.61 25.65
CA ASN J 348 -38.93 -30.47 26.51
C ASN J 348 -39.41 -29.13 25.94
N VAL J 349 -39.89 -29.09 24.71
CA VAL J 349 -40.27 -27.84 24.07
C VAL J 349 -41.75 -27.58 24.30
N LYS J 350 -42.06 -26.42 24.87
CA LYS J 350 -43.42 -25.89 24.90
C LYS J 350 -43.51 -24.69 23.97
N THR J 351 -44.47 -24.71 23.06
CA THR J 351 -44.60 -23.70 22.02
C THR J 351 -45.94 -23.00 22.16
N ALA J 352 -45.90 -21.67 22.24
CA ALA J 352 -47.09 -20.84 22.18
C ALA J 352 -46.84 -19.75 21.14
N VAL J 353 -47.74 -19.65 20.17
CA VAL J 353 -47.56 -18.74 19.04
C VAL J 353 -48.76 -17.81 18.96
N CYS J 354 -48.53 -16.53 19.20
CA CYS J 354 -49.47 -15.50 18.82
C CYS J 354 -49.05 -14.92 17.47
N ASP J 355 -50.05 -14.54 16.68
CA ASP J 355 -49.83 -14.10 15.32
C ASP J 355 -49.60 -12.60 15.22
N ILE J 356 -49.17 -11.96 16.30
CA ILE J 356 -48.92 -10.52 16.34
C ILE J 356 -47.50 -10.29 16.80
N PRO J 357 -46.64 -9.64 16.01
CA PRO J 357 -45.29 -9.35 16.45
C PRO J 357 -45.27 -8.05 17.24
N PRO J 358 -44.20 -7.79 18.00
CA PRO J 358 -44.09 -6.48 18.66
C PRO J 358 -43.80 -5.37 17.66
N ARG J 359 -43.97 -4.14 18.11
CA ARG J 359 -43.79 -2.98 17.26
C ARG J 359 -42.31 -2.71 17.04
N GLY J 360 -41.90 -2.73 15.78
CA GLY J 360 -40.51 -2.52 15.42
C GLY J 360 -39.86 -3.68 14.68
N LEU J 361 -40.53 -4.82 14.55
CA LEU J 361 -39.99 -6.00 13.88
C LEU J 361 -41.03 -6.57 12.94
N LYS J 362 -40.72 -7.74 12.39
CA LYS J 362 -41.68 -8.53 11.63
C LYS J 362 -41.89 -9.91 12.21
N MET J 363 -40.93 -10.42 12.96
CA MET J 363 -40.99 -11.75 13.55
C MET J 363 -40.01 -11.79 14.72
N ALA J 364 -40.52 -12.12 15.90
CA ALA J 364 -39.73 -12.08 17.11
C ALA J 364 -39.94 -13.37 17.90
N ALA J 365 -39.10 -13.56 18.90
CA ALA J 365 -39.13 -14.75 19.73
C ALA J 365 -38.87 -14.38 21.18
N THR J 366 -39.79 -14.75 22.06
CA THR J 366 -39.66 -14.48 23.49
C THR J 366 -39.39 -15.80 24.19
N PHE J 367 -38.19 -15.94 24.72
CA PHE J 367 -37.74 -17.19 25.32
C PHE J 367 -37.67 -17.08 26.83
N VAL J 368 -38.15 -18.12 27.51
CA VAL J 368 -37.93 -18.32 28.94
C VAL J 368 -37.46 -19.76 29.12
N GLY J 369 -36.30 -19.93 29.75
CA GLY J 369 -35.72 -21.23 29.89
C GLY J 369 -35.53 -21.62 31.35
N ASN J 370 -35.23 -22.91 31.55
CA ASN J 370 -34.92 -23.47 32.86
C ASN J 370 -33.63 -24.28 32.71
N SER J 371 -32.50 -23.61 32.84
CA SER J 371 -31.21 -24.28 32.91
C SER J 371 -30.93 -24.64 34.35
N THR J 372 -30.31 -25.82 34.56
CA THR J 372 -29.86 -26.17 35.91
C THR J 372 -28.48 -25.62 36.23
N ALA J 373 -27.92 -24.80 35.34
CA ALA J 373 -26.74 -23.99 35.64
C ALA J 373 -27.07 -22.75 36.46
N ILE J 374 -28.36 -22.48 36.69
CA ILE J 374 -28.77 -21.43 37.63
C ILE J 374 -28.56 -21.86 39.07
N GLN J 375 -28.24 -23.14 39.29
CA GLN J 375 -27.71 -23.63 40.55
C GLN J 375 -26.47 -22.86 40.96
N GLU J 376 -25.62 -22.49 39.99
CA GLU J 376 -24.41 -21.72 40.29
C GLU J 376 -24.71 -20.29 40.72
N LEU J 377 -25.91 -19.77 40.43
CA LEU J 377 -26.28 -18.46 40.96
C LEU J 377 -26.42 -18.49 42.46
N PHE J 378 -26.90 -19.60 43.01
CA PHE J 378 -27.02 -19.73 44.45
C PHE J 378 -25.83 -20.41 45.08
N LYS J 379 -24.91 -20.91 44.26
CA LYS J 379 -23.62 -21.35 44.78
C LYS J 379 -22.72 -20.17 45.09
N ARG J 380 -22.70 -19.17 44.20
CA ARG J 380 -21.76 -18.06 44.35
C ARG J 380 -22.18 -17.10 45.46
N ILE J 381 -23.48 -16.99 45.74
CA ILE J 381 -23.93 -16.03 46.74
C ILE J 381 -23.93 -16.65 48.13
N SER J 382 -24.10 -17.98 48.22
CA SER J 382 -24.06 -18.65 49.51
C SER J 382 -22.67 -18.65 50.12
N GLU J 383 -21.62 -18.47 49.30
CA GLU J 383 -20.29 -18.29 49.87
C GLU J 383 -20.04 -16.85 50.27
N GLN J 384 -20.53 -15.89 49.49
CA GLN J 384 -20.39 -14.48 49.87
C GLN J 384 -21.27 -14.13 51.06
N PHE J 385 -22.44 -14.76 51.19
CA PHE J 385 -23.25 -14.61 52.39
C PHE J 385 -22.54 -15.17 53.61
N THR J 386 -21.90 -16.33 53.46
CA THR J 386 -21.11 -16.92 54.53
C THR J 386 -19.66 -16.45 54.50
N ALA J 387 -19.35 -15.39 53.74
CA ALA J 387 -18.03 -14.79 53.83
C ALA J 387 -17.93 -13.83 55.00
N MET J 388 -19.04 -13.15 55.31
CA MET J 388 -19.04 -12.12 56.34
C MET J 388 -19.72 -12.55 57.63
N PHE J 389 -20.54 -13.60 57.59
CA PHE J 389 -21.12 -14.12 58.81
C PHE J 389 -20.09 -14.83 59.67
N ARG J 390 -19.02 -15.34 59.05
CA ARG J 390 -17.93 -15.96 59.80
C ARG J 390 -17.14 -14.94 60.61
N ARG J 391 -17.21 -13.66 60.25
CA ARG J 391 -16.58 -12.60 61.02
C ARG J 391 -17.59 -11.72 61.74
N LYS J 392 -18.89 -11.98 61.52
CA LYS J 392 -20.01 -11.31 62.21
C LYS J 392 -20.02 -9.80 61.95
N ALA J 393 -19.58 -9.40 60.76
CA ALA J 393 -19.57 -8.00 60.41
C ALA J 393 -20.98 -7.52 60.09
N PHE J 394 -21.20 -6.21 60.27
CA PHE J 394 -22.46 -5.52 59.99
C PHE J 394 -23.63 -6.08 60.80
N LEU J 395 -23.33 -6.71 61.94
CA LEU J 395 -24.38 -7.28 62.76
C LEU J 395 -25.12 -6.18 63.52
N HIS J 396 -24.46 -5.06 63.76
CA HIS J 396 -25.05 -3.94 64.48
C HIS J 396 -25.95 -3.08 63.61
N TRP J 397 -26.12 -3.42 62.32
CA TRP J 397 -27.16 -2.81 61.51
C TRP J 397 -28.40 -3.68 61.41
N TYR J 398 -28.34 -4.92 61.91
CA TYR J 398 -29.44 -5.86 61.87
C TYR J 398 -29.94 -6.22 63.26
N THR J 399 -29.03 -6.64 64.15
CA THR J 399 -29.39 -6.89 65.55
C THR J 399 -29.73 -5.58 66.26
N GLY J 400 -29.08 -4.48 65.86
CA GLY J 400 -29.51 -3.16 66.30
C GLY J 400 -30.91 -2.80 65.84
N GLU J 401 -31.35 -3.36 64.73
CA GLU J 401 -32.76 -3.30 64.37
C GLU J 401 -33.58 -4.40 65.05
N GLY J 402 -32.92 -5.47 65.49
CA GLY J 402 -33.61 -6.56 66.16
C GLY J 402 -33.74 -7.82 65.33
N MET J 403 -32.69 -8.19 64.62
CA MET J 403 -32.69 -9.39 63.80
C MET J 403 -32.06 -10.54 64.57
N ASP J 404 -32.60 -11.74 64.37
CA ASP J 404 -32.07 -12.94 65.00
C ASP J 404 -30.85 -13.45 64.24
N GLU J 405 -29.93 -14.06 65.00
CA GLU J 405 -28.82 -14.77 64.37
C GLU J 405 -29.30 -16.06 63.73
N MET J 406 -30.34 -16.69 64.30
CA MET J 406 -30.90 -17.89 63.70
C MET J 406 -31.65 -17.58 62.41
N GLU J 407 -32.10 -16.33 62.24
CA GLU J 407 -32.71 -15.91 60.99
C GLU J 407 -31.73 -15.99 59.82
N PHE J 408 -30.44 -15.80 60.10
CA PHE J 408 -29.41 -16.08 59.09
C PHE J 408 -29.31 -17.57 58.80
N THR J 409 -29.15 -18.39 59.86
CA THR J 409 -28.81 -19.79 59.68
C THR J 409 -30.01 -20.62 59.18
N GLU J 410 -31.23 -20.23 59.54
CA GLU J 410 -32.41 -20.89 58.98
C GLU J 410 -32.53 -20.62 57.48
N ALA J 411 -32.22 -19.39 57.07
CA ALA J 411 -32.13 -19.10 55.64
C ALA J 411 -30.94 -19.78 55.00
N GLU J 412 -29.84 -19.92 55.75
CA GLU J 412 -28.61 -20.50 55.21
C GLU J 412 -28.77 -22.00 54.96
N SER J 413 -29.55 -22.68 55.80
CA SER J 413 -29.80 -24.11 55.56
C SER J 413 -30.73 -24.31 54.37
N ASN J 414 -31.76 -23.47 54.25
CA ASN J 414 -32.68 -23.56 53.13
C ASN J 414 -32.09 -23.03 51.84
N MET J 415 -31.06 -22.20 51.92
CA MET J 415 -30.32 -21.83 50.72
C MET J 415 -29.53 -23.00 50.16
N ASN J 416 -28.92 -23.79 51.03
CA ASN J 416 -28.08 -24.89 50.60
C ASN J 416 -28.88 -26.13 50.21
N ASP J 417 -30.12 -26.26 50.71
CA ASP J 417 -30.99 -27.32 50.23
C ASP J 417 -31.50 -27.04 48.83
N LEU J 418 -31.50 -25.77 48.43
CA LEU J 418 -32.02 -25.38 47.12
C LEU J 418 -31.12 -25.88 45.99
N ILE J 419 -29.80 -25.76 46.16
CA ILE J 419 -28.89 -26.27 45.15
C ILE J 419 -28.79 -27.78 45.17
N SER J 420 -29.22 -28.42 46.26
CA SER J 420 -29.31 -29.88 46.28
C SER J 420 -30.44 -30.38 45.40
N GLU J 421 -31.45 -29.54 45.16
CA GLU J 421 -32.60 -29.97 44.37
C GLU J 421 -32.37 -29.84 42.88
N TYR J 422 -31.54 -28.88 42.46
CA TYR J 422 -31.02 -28.91 41.09
C TYR J 422 -30.10 -30.10 40.89
N GLN J 423 -29.35 -30.48 41.94
CA GLN J 423 -28.46 -31.61 41.88
C GLN J 423 -29.20 -32.95 41.85
N GLN J 424 -30.48 -32.94 42.25
CA GLN J 424 -31.26 -34.17 42.34
C GLN J 424 -31.51 -34.78 40.97
N TYR J 425 -31.70 -33.95 39.94
CA TYR J 425 -32.09 -34.44 38.63
C TYR J 425 -31.08 -34.10 37.54
N GLN J 426 -29.97 -33.44 37.87
CA GLN J 426 -28.99 -33.06 36.87
C GLN J 426 -28.21 -34.27 36.37
N MET K 1 -40.24 18.18 53.81
CA MET K 1 -39.51 17.07 53.22
C MET K 1 -38.25 16.80 54.03
N ARG K 2 -37.22 16.25 53.38
CA ARG K 2 -35.95 16.02 54.04
C ARG K 2 -35.24 17.37 54.24
N GLU K 3 -34.68 17.57 55.44
CA GLU K 3 -34.05 18.82 55.84
C GLU K 3 -32.87 18.52 56.75
N VAL K 4 -31.70 19.04 56.41
CA VAL K 4 -30.46 18.74 57.12
C VAL K 4 -29.90 20.01 57.73
N ILE K 5 -29.47 19.93 58.98
CA ILE K 5 -28.98 21.06 59.76
C ILE K 5 -27.46 20.97 59.86
N SER K 6 -26.78 22.11 59.74
CA SER K 6 -25.34 22.21 59.87
C SER K 6 -24.97 22.98 61.13
N ILE K 7 -23.91 22.54 61.81
CA ILE K 7 -23.40 23.21 63.01
C ILE K 7 -21.92 23.47 62.80
N HIS K 8 -21.47 24.68 63.14
CA HIS K 8 -20.10 25.10 62.89
C HIS K 8 -19.48 25.53 64.22
N VAL K 9 -18.59 24.70 64.75
CA VAL K 9 -17.99 24.91 66.07
C VAL K 9 -16.49 25.05 65.91
N GLY K 10 -15.95 26.18 66.35
CA GLY K 10 -14.54 26.45 66.22
C GLY K 10 -14.23 27.31 64.99
N GLN K 11 -12.99 27.80 64.93
CA GLN K 11 -12.57 28.63 63.82
C GLN K 11 -12.47 27.83 62.52
N ALA K 12 -12.14 26.53 62.63
CA ALA K 12 -12.24 25.66 61.47
C ALA K 12 -13.70 25.46 61.06
N GLY K 13 -14.62 25.54 62.02
CA GLY K 13 -16.02 25.54 61.66
C GLY K 13 -16.45 26.81 60.96
N VAL K 14 -15.76 27.93 61.22
CA VAL K 14 -16.20 29.22 60.70
C VAL K 14 -15.89 29.33 59.21
N GLN K 15 -14.62 29.21 58.84
CA GLN K 15 -14.23 29.53 57.47
C GLN K 15 -14.44 28.40 56.48
N ILE K 16 -14.47 27.14 56.94
CA ILE K 16 -14.90 26.05 56.06
C ILE K 16 -16.38 26.20 55.74
N GLY K 17 -17.17 26.59 56.75
CA GLY K 17 -18.56 26.95 56.50
C GLY K 17 -18.71 28.20 55.68
N ASN K 18 -17.71 29.11 55.73
CA ASN K 18 -17.72 30.27 54.86
C ASN K 18 -17.41 29.93 53.41
N ALA K 19 -16.96 28.71 53.13
CA ALA K 19 -16.72 28.28 51.77
C ALA K 19 -17.84 27.37 51.25
N CYS K 20 -18.33 26.47 52.10
CA CYS K 20 -19.33 25.49 51.67
C CYS K 20 -20.66 26.17 51.38
N TRP K 21 -21.10 27.06 52.26
CA TRP K 21 -22.33 27.80 52.01
C TRP K 21 -22.14 28.85 50.92
N GLU K 22 -20.89 29.31 50.73
CA GLU K 22 -20.58 30.15 49.58
C GLU K 22 -20.70 29.36 48.28
N LEU K 23 -20.26 28.09 48.30
CA LEU K 23 -20.31 27.27 47.10
C LEU K 23 -21.73 26.88 46.74
N TYR K 24 -22.58 26.67 47.73
CA TYR K 24 -23.95 26.20 47.48
C TYR K 24 -24.80 27.30 46.88
N CYS K 25 -24.48 28.56 47.17
CA CYS K 25 -25.13 29.70 46.50
C CYS K 25 -24.83 29.73 45.01
N LEU K 26 -23.69 29.18 44.59
CA LEU K 26 -23.41 29.07 43.17
C LEU K 26 -24.15 27.90 42.55
N GLU K 27 -24.19 26.76 43.23
CA GLU K 27 -24.75 25.55 42.63
C GLU K 27 -26.26 25.50 42.65
N HIS K 28 -26.92 26.46 43.30
CA HIS K 28 -28.37 26.58 43.22
C HIS K 28 -28.81 27.91 42.63
N GLY K 29 -27.91 28.85 42.41
CA GLY K 29 -28.28 30.12 41.82
C GLY K 29 -28.91 31.08 42.80
N ILE K 30 -28.41 31.13 44.03
CA ILE K 30 -28.96 31.99 45.07
C ILE K 30 -28.00 33.15 45.32
N GLN K 31 -28.52 34.37 45.25
CA GLN K 31 -27.70 35.55 45.51
C GLN K 31 -27.38 35.65 47.00
N PRO K 32 -26.19 36.16 47.35
CA PRO K 32 -25.76 36.14 48.75
C PRO K 32 -26.50 37.11 49.66
N ASP K 33 -27.32 38.02 49.13
CA ASP K 33 -28.03 38.95 49.99
C ASP K 33 -29.13 38.26 50.79
N GLY K 34 -29.71 37.18 50.25
CA GLY K 34 -30.71 36.43 50.98
C GLY K 34 -31.86 35.95 50.12
N THR K 35 -32.15 36.66 49.04
CA THR K 35 -33.21 36.32 48.12
C THR K 35 -32.64 35.59 46.91
N MET K 36 -33.52 35.12 46.04
CA MET K 36 -33.10 34.43 44.84
C MET K 36 -33.52 35.21 43.61
N PRO K 37 -32.76 35.10 42.52
CA PRO K 37 -33.26 35.56 41.22
C PRO K 37 -34.22 34.54 40.63
N THR K 38 -35.19 35.04 39.87
CA THR K 38 -36.24 34.21 39.31
C THR K 38 -35.77 33.30 38.19
N GLN K 39 -34.56 33.50 37.67
CA GLN K 39 -34.04 32.62 36.64
C GLN K 39 -33.63 31.26 37.20
N SER K 40 -33.26 31.21 38.48
CA SER K 40 -32.73 29.99 39.10
C SER K 40 -33.80 29.19 39.83
N THR K 41 -35.04 29.22 39.36
CA THR K 41 -36.07 28.37 39.95
C THR K 41 -36.01 26.96 39.36
N ASN K 42 -35.77 26.86 38.05
CA ASN K 42 -35.61 25.56 37.41
C ASN K 42 -34.33 24.87 37.85
N GLU K 43 -33.26 25.63 38.09
CA GLU K 43 -32.09 25.07 38.76
C GLU K 43 -32.40 24.67 40.19
N GLY K 44 -33.26 25.44 40.86
CA GLY K 44 -33.65 25.15 42.23
C GLY K 44 -34.64 24.00 42.32
N GLU K 45 -34.15 22.79 42.06
CA GLU K 45 -34.97 21.59 42.06
C GLU K 45 -34.60 20.76 43.29
N SER K 46 -35.51 20.73 44.27
CA SER K 46 -35.33 20.07 45.57
C SER K 46 -34.11 20.61 46.31
N PHE K 47 -34.16 21.91 46.62
CA PHE K 47 -33.16 22.58 47.42
C PHE K 47 -33.59 22.75 48.86
N THR K 48 -34.63 22.03 49.27
CA THR K 48 -35.31 22.28 50.53
C THR K 48 -34.58 21.70 51.73
N THR K 49 -33.48 20.98 51.53
CA THR K 49 -32.83 20.33 52.66
C THR K 49 -32.04 21.29 53.53
N PHE K 50 -31.74 22.50 53.04
CA PHE K 50 -30.92 23.46 53.75
C PHE K 50 -31.57 24.82 53.96
N PHE K 51 -32.55 25.19 53.14
CA PHE K 51 -33.01 26.56 53.04
C PHE K 51 -34.50 26.65 53.30
N SER K 52 -34.86 27.23 54.45
CA SER K 52 -36.25 27.56 54.72
C SER K 52 -36.71 28.68 53.81
N ASP K 53 -38.02 28.73 53.55
CA ASP K 53 -38.59 29.79 52.75
C ASP K 53 -39.15 30.88 53.68
N THR K 54 -39.04 32.12 53.25
CA THR K 54 -39.42 33.26 54.09
C THR K 54 -39.97 34.37 53.19
N GLY K 55 -41.27 34.62 53.27
CA GLY K 55 -41.87 35.80 52.71
C GLY K 55 -41.95 35.79 51.20
N SER K 56 -40.80 35.96 50.55
CA SER K 56 -40.70 35.86 49.09
C SER K 56 -39.30 35.35 48.76
N GLY K 57 -39.16 34.02 48.68
CA GLY K 57 -37.94 33.36 48.26
C GLY K 57 -36.71 33.58 49.12
N ARG K 58 -36.84 34.19 50.29
CA ARG K 58 -35.68 34.54 51.09
C ARG K 58 -35.25 33.32 51.88
N TYR K 59 -34.02 32.88 51.68
CA TYR K 59 -33.60 31.54 52.04
C TYR K 59 -32.54 31.61 53.11
N VAL K 60 -32.93 31.37 54.36
CA VAL K 60 -31.98 31.32 55.45
C VAL K 60 -31.32 29.93 55.45
N PRO K 61 -30.03 29.85 55.71
CA PRO K 61 -29.40 28.53 55.83
C PRO K 61 -29.72 27.90 57.17
N ARG K 62 -30.11 26.63 57.14
CA ARG K 62 -30.27 25.87 58.38
C ARG K 62 -28.88 25.54 58.91
N SER K 63 -28.30 26.52 59.59
CA SER K 63 -26.90 26.49 59.96
C SER K 63 -26.71 27.27 61.25
N ILE K 64 -25.85 26.74 62.13
CA ILE K 64 -25.59 27.34 63.44
C ILE K 64 -24.09 27.59 63.55
N PHE K 65 -23.73 28.81 63.92
CA PHE K 65 -22.33 29.22 64.07
C PHE K 65 -22.04 29.34 65.56
N VAL K 66 -21.13 28.50 66.07
CA VAL K 66 -20.80 28.44 67.48
C VAL K 66 -19.33 28.77 67.64
N ASP K 67 -19.04 29.81 68.42
CA ASP K 67 -17.66 30.19 68.68
C ASP K 67 -17.57 30.82 70.05
N LEU K 68 -16.46 30.58 70.73
CA LEU K 68 -16.19 31.22 72.01
C LEU K 68 -15.53 32.58 71.85
N GLU K 69 -15.24 32.99 70.61
CA GLU K 69 -14.52 34.21 70.33
C GLU K 69 -15.26 35.02 69.28
N PRO K 70 -15.52 36.31 69.52
CA PRO K 70 -16.34 37.08 68.58
C PRO K 70 -15.59 37.63 67.38
N THR K 71 -14.29 37.34 67.25
CA THR K 71 -13.46 38.01 66.25
C THR K 71 -13.79 37.52 64.84
N VAL K 72 -13.62 36.21 64.61
CA VAL K 72 -13.82 35.67 63.27
C VAL K 72 -15.29 35.62 62.89
N VAL K 73 -16.19 35.67 63.88
CA VAL K 73 -17.62 35.76 63.60
C VAL K 73 -17.96 37.11 63.00
N ASP K 74 -17.23 38.16 63.39
CA ASP K 74 -17.44 39.49 62.82
C ASP K 74 -17.00 39.58 61.37
N GLU K 75 -16.13 38.68 60.91
CA GLU K 75 -15.81 38.61 59.49
C GLU K 75 -17.04 38.22 58.69
N ILE K 76 -17.86 37.34 59.23
CA ILE K 76 -19.15 37.03 58.62
C ILE K 76 -20.08 38.23 58.71
N ARG K 77 -20.03 38.95 59.83
CA ARG K 77 -20.86 40.13 60.03
C ARG K 77 -20.22 41.41 59.47
N THR K 78 -19.30 41.28 58.53
CA THR K 78 -18.76 42.41 57.78
C THR K 78 -18.90 42.23 56.27
N GLY K 79 -18.68 41.02 55.77
CA GLY K 79 -18.70 40.77 54.36
C GLY K 79 -20.10 40.71 53.76
N THR K 80 -20.15 40.27 52.50
CA THR K 80 -21.39 40.20 51.74
C THR K 80 -22.35 39.17 52.32
N TYR K 81 -21.82 38.12 52.95
CA TYR K 81 -22.63 37.02 53.50
C TYR K 81 -23.15 37.31 54.90
N LYS K 82 -23.27 38.59 55.28
CA LYS K 82 -23.87 38.95 56.55
C LYS K 82 -25.38 38.81 56.52
N LYS K 83 -26.01 39.34 55.48
CA LYS K 83 -27.47 39.36 55.40
C LYS K 83 -28.06 38.01 55.02
N LEU K 84 -27.23 37.02 54.67
CA LEU K 84 -27.76 35.71 54.33
C LEU K 84 -28.15 34.91 55.57
N PHE K 85 -27.30 34.92 56.59
CA PHE K 85 -27.54 34.12 57.78
C PHE K 85 -28.48 34.84 58.74
N HIS K 86 -29.01 34.08 59.69
CA HIS K 86 -29.94 34.58 60.68
C HIS K 86 -29.20 35.02 61.93
N PRO K 87 -29.61 36.15 62.52
CA PRO K 87 -28.83 36.69 63.65
C PRO K 87 -28.92 35.86 64.92
N GLU K 88 -30.12 35.39 65.30
CA GLU K 88 -30.21 34.55 66.48
C GLU K 88 -29.72 33.14 66.23
N GLN K 89 -29.46 32.76 64.99
CA GLN K 89 -28.66 31.56 64.73
C GLN K 89 -27.19 31.76 65.06
N MET K 90 -26.70 32.99 65.00
CA MET K 90 -25.33 33.30 65.39
C MET K 90 -25.31 33.48 66.91
N ILE K 91 -24.69 32.56 67.61
CA ILE K 91 -24.48 32.65 69.05
C ILE K 91 -22.97 32.74 69.28
N THR K 92 -22.53 33.83 69.89
CA THR K 92 -21.11 34.10 70.03
C THR K 92 -20.68 33.94 71.48
N GLY K 93 -19.37 33.75 71.65
CA GLY K 93 -18.75 33.78 72.96
C GLY K 93 -17.92 35.05 73.14
N LYS K 94 -17.43 35.20 74.36
CA LYS K 94 -16.62 36.38 74.68
C LYS K 94 -15.23 36.04 75.16
N GLU K 95 -15.09 35.05 76.03
CA GLU K 95 -13.81 34.68 76.62
C GLU K 95 -13.32 33.38 75.98
N ASP K 96 -12.04 33.34 75.64
CA ASP K 96 -11.52 32.26 74.82
C ASP K 96 -11.02 31.12 75.69
N ALA K 97 -11.02 29.91 75.11
CA ALA K 97 -10.57 28.72 75.81
C ALA K 97 -9.10 28.41 75.59
N ALA K 98 -8.52 28.89 74.47
CA ALA K 98 -7.09 28.80 74.17
C ALA K 98 -6.58 27.37 74.11
N ASN K 99 -7.28 26.54 73.31
CA ASN K 99 -6.88 25.16 72.99
C ASN K 99 -6.74 24.30 74.23
N ASN K 100 -7.61 24.51 75.21
CA ASN K 100 -7.59 23.78 76.47
C ASN K 100 -8.91 23.06 76.62
N TYR K 101 -8.86 21.84 77.16
CA TYR K 101 -10.05 20.99 77.17
C TYR K 101 -11.10 21.51 78.14
N ALA K 102 -10.77 21.57 79.43
CA ALA K 102 -11.76 21.95 80.44
C ALA K 102 -12.11 23.43 80.38
N ARG K 103 -11.32 24.23 79.66
CA ARG K 103 -11.77 25.59 79.35
C ARG K 103 -12.81 25.58 78.25
N GLY K 104 -12.82 24.54 77.41
CA GLY K 104 -13.80 24.43 76.36
C GLY K 104 -14.84 23.37 76.63
N HIS K 105 -14.64 22.55 77.67
CA HIS K 105 -15.60 21.53 78.04
C HIS K 105 -16.45 21.93 79.23
N TYR K 106 -15.97 22.83 80.09
CA TYR K 106 -16.69 23.23 81.28
C TYR K 106 -16.86 24.73 81.43
N THR K 107 -15.86 25.52 81.04
CA THR K 107 -15.77 26.89 81.52
C THR K 107 -16.72 27.82 80.77
N VAL K 108 -16.51 28.01 79.47
CA VAL K 108 -17.25 29.00 78.71
C VAL K 108 -18.35 28.27 77.96
N GLY K 109 -18.15 26.97 77.76
CA GLY K 109 -19.14 26.18 77.03
C GLY K 109 -20.43 25.97 77.80
N LYS K 110 -20.34 25.77 79.12
CA LYS K 110 -21.53 25.49 79.92
C LYS K 110 -22.36 26.74 80.20
N GLU K 111 -21.86 27.93 79.87
CA GLU K 111 -22.69 29.12 79.93
C GLU K 111 -23.43 29.34 78.61
N LEU K 112 -23.01 28.67 77.54
CA LEU K 112 -23.57 28.88 76.22
C LEU K 112 -24.21 27.63 75.62
N ILE K 113 -24.08 26.48 76.27
CA ILE K 113 -24.63 25.25 75.68
C ILE K 113 -26.15 25.24 75.77
N ASP K 114 -26.72 25.91 76.78
CA ASP K 114 -28.17 25.92 76.90
C ASP K 114 -28.82 26.89 75.92
N THR K 115 -28.07 27.89 75.46
CA THR K 115 -28.62 28.81 74.46
C THR K 115 -28.69 28.16 73.10
N VAL K 116 -27.70 27.34 72.76
CA VAL K 116 -27.60 26.84 71.40
C VAL K 116 -28.48 25.61 71.17
N LEU K 117 -28.70 24.78 72.21
CA LEU K 117 -29.55 23.60 72.06
C LEU K 117 -31.02 23.96 71.87
N ASP K 118 -31.43 25.14 72.35
CA ASP K 118 -32.76 25.65 72.01
C ASP K 118 -32.84 25.96 70.52
N ARG K 119 -31.82 26.66 69.99
CA ARG K 119 -31.78 27.02 68.59
C ARG K 119 -31.66 25.80 67.68
N ILE K 120 -31.09 24.71 68.20
CA ILE K 120 -31.23 23.41 67.53
C ILE K 120 -32.70 23.00 67.47
N ARG K 121 -33.37 23.04 68.62
CA ARG K 121 -34.74 22.54 68.71
C ARG K 121 -35.73 23.49 68.05
N ARG K 122 -35.45 24.79 68.05
CA ARG K 122 -36.31 25.76 67.37
C ARG K 122 -36.34 25.50 65.87
N LEU K 123 -35.21 25.10 65.30
CA LEU K 123 -35.15 24.88 63.86
C LEU K 123 -35.57 23.47 63.48
N ALA K 124 -35.27 22.48 64.32
CA ALA K 124 -35.51 21.09 63.94
C ALA K 124 -36.96 20.68 64.06
N ASP K 125 -37.80 21.46 64.74
CA ASP K 125 -39.21 21.12 64.85
C ASP K 125 -39.98 21.42 63.57
N ASN K 126 -39.39 22.18 62.65
CA ASN K 126 -39.98 22.35 61.33
C ASN K 126 -39.83 21.10 60.46
N CYS K 127 -38.87 20.25 60.80
CA CYS K 127 -38.52 19.10 59.97
C CYS K 127 -39.55 17.99 60.12
N SER K 128 -39.92 17.37 59.00
CA SER K 128 -40.59 16.08 59.02
C SER K 128 -39.69 14.96 58.51
N GLY K 129 -38.55 15.31 57.91
CA GLY K 129 -37.62 14.37 57.34
C GLY K 129 -36.19 14.63 57.77
N LEU K 130 -35.98 14.94 59.05
CA LEU K 130 -34.67 15.31 59.56
C LEU K 130 -33.67 14.17 59.42
N GLN K 131 -32.65 14.38 58.58
CA GLN K 131 -31.74 13.32 58.20
C GLN K 131 -30.49 13.27 59.06
N GLY K 132 -29.70 14.35 59.05
CA GLY K 132 -28.39 14.30 59.64
C GLY K 132 -27.86 15.64 60.05
N PHE K 133 -26.62 15.63 60.54
CA PHE K 133 -25.96 16.82 61.07
C PHE K 133 -24.61 17.00 60.40
N PHE K 134 -24.35 18.21 59.93
CA PHE K 134 -23.02 18.63 59.51
C PHE K 134 -22.38 19.39 60.67
N VAL K 135 -21.60 18.70 61.48
CA VAL K 135 -20.83 19.33 62.55
C VAL K 135 -19.37 19.40 62.12
N PHE K 136 -18.81 20.60 62.13
CA PHE K 136 -17.45 20.84 61.68
C PHE K 136 -16.64 21.26 62.91
N HIS K 137 -15.49 20.62 63.12
CA HIS K 137 -14.69 20.92 64.30
C HIS K 137 -13.25 20.58 64.02
N SER K 138 -12.38 20.92 64.97
CA SER K 138 -10.98 20.56 64.96
C SER K 138 -10.74 19.44 65.96
N PHE K 139 -9.47 19.09 66.14
CA PHE K 139 -9.07 18.08 67.12
C PHE K 139 -8.29 18.65 68.29
N GLY K 140 -7.67 19.81 68.12
CA GLY K 140 -6.88 20.41 69.19
C GLY K 140 -7.50 21.66 69.76
N GLY K 141 -8.67 22.04 69.26
CA GLY K 141 -9.31 23.26 69.73
C GLY K 141 -9.90 23.10 71.12
N GLY K 142 -9.99 24.22 71.83
CA GLY K 142 -10.69 24.22 73.10
C GLY K 142 -12.16 23.95 72.93
N THR K 143 -12.82 24.73 72.08
CA THR K 143 -14.17 24.40 71.64
C THR K 143 -14.15 23.39 70.50
N GLY K 144 -12.99 23.18 69.87
CA GLY K 144 -12.88 22.15 68.85
C GLY K 144 -12.92 20.74 69.41
N SER K 145 -12.43 20.56 70.64
CA SER K 145 -12.45 19.27 71.30
C SER K 145 -13.33 19.23 72.53
N GLY K 146 -13.26 20.26 73.39
CA GLY K 146 -13.97 20.20 74.66
C GLY K 146 -15.46 20.40 74.52
N PHE K 147 -15.87 21.32 73.65
CA PHE K 147 -17.28 21.54 73.44
C PHE K 147 -17.88 20.55 72.45
N THR K 148 -17.09 20.07 71.50
CA THR K 148 -17.61 19.15 70.48
C THR K 148 -17.97 17.80 71.08
N SER K 149 -17.14 17.30 72.00
CA SER K 149 -17.44 16.05 72.69
C SER K 149 -18.66 16.21 73.60
N LEU K 150 -18.81 17.37 74.23
CA LEU K 150 -19.96 17.62 75.08
C LEU K 150 -21.23 17.82 74.25
N LEU K 151 -21.10 18.39 73.05
CA LEU K 151 -22.28 18.63 72.21
C LEU K 151 -22.85 17.32 71.68
N MET K 152 -21.98 16.41 71.24
CA MET K 152 -22.43 15.11 70.78
C MET K 152 -22.88 14.22 71.93
N GLU K 153 -22.49 14.55 73.16
CA GLU K 153 -22.98 13.85 74.32
C GLU K 153 -24.44 14.19 74.61
N ARG K 154 -24.95 15.30 74.07
CA ARG K 154 -26.29 15.76 74.40
C ARG K 154 -27.30 15.58 73.27
N LEU K 155 -26.86 15.64 72.00
CA LEU K 155 -27.80 15.46 70.89
C LEU K 155 -28.22 14.01 70.73
N SER K 156 -27.36 13.06 71.11
CA SER K 156 -27.75 11.65 71.07
C SER K 156 -28.82 11.35 72.12
N VAL K 157 -28.84 12.11 73.22
CA VAL K 157 -29.94 12.03 74.17
C VAL K 157 -31.22 12.58 73.55
N ASP K 158 -31.09 13.64 72.75
CA ASP K 158 -32.26 14.31 72.20
C ASP K 158 -32.82 13.54 71.01
N TYR K 159 -32.02 13.34 69.97
CA TYR K 159 -32.53 12.78 68.72
C TYR K 159 -32.17 11.32 68.51
N GLY K 160 -30.97 10.89 68.89
CA GLY K 160 -30.68 9.47 68.85
C GLY K 160 -30.50 8.89 67.47
N LYS K 161 -31.56 8.19 67.02
CA LYS K 161 -31.58 7.40 65.78
C LYS K 161 -31.13 8.17 64.55
N LYS K 162 -31.40 9.47 64.48
CA LYS K 162 -31.05 10.26 63.31
C LYS K 162 -29.55 10.44 63.20
N SER K 163 -29.08 10.57 61.95
CA SER K 163 -27.66 10.39 61.63
C SER K 163 -26.85 11.64 61.96
N LYS K 164 -25.54 11.50 61.86
CA LYS K 164 -24.57 12.58 62.10
C LYS K 164 -23.40 12.42 61.15
N LEU K 165 -22.73 13.54 60.85
CA LEU K 165 -21.49 13.54 60.07
C LEU K 165 -20.53 14.57 60.61
N GLU K 166 -19.27 14.15 60.82
CA GLU K 166 -18.21 15.02 61.32
C GLU K 166 -17.13 15.18 60.27
N PHE K 167 -16.77 16.42 59.98
CA PHE K 167 -15.61 16.75 59.16
C PHE K 167 -14.56 17.43 60.02
N SER K 168 -13.30 17.01 59.88
CA SER K 168 -12.22 17.59 60.64
C SER K 168 -10.89 17.39 59.91
N ILE K 169 -9.82 17.91 60.52
CA ILE K 169 -8.50 17.91 59.93
C ILE K 169 -7.60 16.99 60.76
N TYR K 170 -6.98 16.01 60.09
CA TYR K 170 -6.03 15.15 60.76
C TYR K 170 -4.77 15.94 61.08
N PRO K 171 -4.31 15.93 62.34
CA PRO K 171 -3.06 16.63 62.68
C PRO K 171 -1.86 15.90 62.11
N ALA K 172 -1.02 16.65 61.37
CA ALA K 172 0.13 16.07 60.71
C ALA K 172 1.19 15.68 61.74
N PRO K 173 1.92 14.57 61.50
CA PRO K 173 2.95 14.15 62.45
C PRO K 173 4.21 15.00 62.42
N GLN K 174 4.37 15.83 61.38
CA GLN K 174 5.57 16.64 61.23
C GLN K 174 5.28 18.15 61.37
N VAL K 175 4.33 18.66 60.60
CA VAL K 175 4.07 20.09 60.54
C VAL K 175 2.69 20.37 61.14
N SER K 176 2.68 20.91 62.35
CA SER K 176 1.46 21.37 62.99
C SER K 176 1.84 22.42 64.03
N THR K 177 0.85 23.16 64.51
CA THR K 177 1.12 24.37 65.28
C THR K 177 1.04 24.16 66.78
N ALA K 178 -0.12 23.77 67.30
CA ALA K 178 -0.33 23.75 68.73
C ALA K 178 0.29 22.50 69.36
N VAL K 179 1.01 22.71 70.46
CA VAL K 179 1.70 21.63 71.14
C VAL K 179 0.73 20.71 71.86
N VAL K 180 -0.44 21.22 72.25
CA VAL K 180 -1.45 20.42 72.93
C VAL K 180 -2.30 19.59 71.99
N GLU K 181 -2.01 19.61 70.68
CA GLU K 181 -2.75 18.77 69.75
C GLU K 181 -2.54 17.27 69.93
N PRO K 182 -1.37 16.74 70.32
CA PRO K 182 -1.35 15.34 70.79
C PRO K 182 -2.19 15.09 72.03
N TYR K 183 -2.35 16.07 72.92
CA TYR K 183 -3.19 15.87 74.09
C TYR K 183 -4.67 15.84 73.73
N ASN K 184 -5.14 16.85 72.99
CA ASN K 184 -6.57 16.99 72.76
C ASN K 184 -7.10 15.98 71.75
N SER K 185 -6.25 15.48 70.86
CA SER K 185 -6.70 14.44 69.93
C SER K 185 -6.99 13.14 70.64
N ILE K 186 -6.27 12.84 71.71
CA ILE K 186 -6.62 11.70 72.55
C ILE K 186 -7.91 12.00 73.32
N LEU K 187 -8.13 13.27 73.68
CA LEU K 187 -9.32 13.63 74.43
C LEU K 187 -10.56 13.64 73.54
N THR K 188 -10.45 14.15 72.32
CA THR K 188 -11.59 14.18 71.42
C THR K 188 -11.88 12.81 70.79
N THR K 189 -11.04 11.81 71.04
CA THR K 189 -11.32 10.45 70.59
C THR K 189 -11.94 9.64 71.71
N HIS K 190 -11.82 10.13 72.95
CA HIS K 190 -12.22 9.38 74.14
C HIS K 190 -13.72 9.10 74.18
N THR K 191 -14.53 10.15 74.26
CA THR K 191 -15.97 9.97 74.41
C THR K 191 -16.75 10.24 73.12
N THR K 192 -16.07 10.53 72.02
CA THR K 192 -16.75 10.72 70.74
C THR K 192 -16.81 9.45 69.90
N LEU K 193 -16.19 8.35 70.36
CA LEU K 193 -16.43 7.06 69.72
C LEU K 193 -17.89 6.65 69.88
N GLU K 194 -18.44 6.82 71.07
CA GLU K 194 -19.81 6.44 71.36
C GLU K 194 -20.82 7.42 70.77
N HIS K 195 -20.43 8.69 70.57
CA HIS K 195 -21.38 9.74 70.25
C HIS K 195 -21.18 10.30 68.84
N SER K 196 -20.62 9.52 67.91
CA SER K 196 -20.46 9.99 66.54
C SER K 196 -20.65 8.82 65.59
N ASP K 197 -21.45 9.06 64.54
CA ASP K 197 -21.66 8.04 63.53
C ASP K 197 -20.42 7.88 62.66
N CYS K 198 -19.91 8.99 62.12
CA CYS K 198 -18.72 8.94 61.30
C CYS K 198 -17.98 10.26 61.41
N ALA K 199 -16.66 10.19 61.30
CA ALA K 199 -15.80 11.36 61.39
C ALA K 199 -14.69 11.24 60.36
N PHE K 200 -14.49 12.29 59.57
CA PHE K 200 -13.54 12.30 58.48
C PHE K 200 -12.34 13.17 58.83
N MET K 201 -11.21 12.86 58.20
CA MET K 201 -9.94 13.51 58.49
C MET K 201 -9.23 13.86 57.18
N VAL K 202 -8.57 15.01 57.15
CA VAL K 202 -7.72 15.43 56.04
C VAL K 202 -6.44 16.02 56.62
N ASP K 203 -5.38 15.99 55.81
CA ASP K 203 -4.09 16.54 56.20
C ASP K 203 -3.87 17.90 55.57
N ASN K 204 -3.17 18.77 56.29
CA ASN K 204 -2.71 20.02 55.70
C ASN K 204 -1.70 19.77 54.58
N GLU K 205 -0.79 18.82 54.78
CA GLU K 205 0.27 18.57 53.81
C GLU K 205 -0.25 17.81 52.59
N ALA K 206 -1.21 16.90 52.78
CA ALA K 206 -1.71 16.12 51.65
C ALA K 206 -2.55 16.98 50.69
N ILE K 207 -3.08 18.09 51.19
CA ILE K 207 -3.63 19.09 50.27
C ILE K 207 -2.50 19.77 49.50
N TYR K 208 -1.41 20.10 50.20
CA TYR K 208 -0.32 20.89 49.64
C TYR K 208 0.38 20.19 48.48
N ASP K 209 0.42 18.86 48.52
CA ASP K 209 1.15 18.10 47.51
C ASP K 209 0.50 18.21 46.15
N ILE K 210 -0.84 18.19 46.12
CA ILE K 210 -1.54 18.38 44.85
C ILE K 210 -1.61 19.86 44.49
N CYS K 211 -1.59 20.75 45.49
CA CYS K 211 -1.58 22.18 45.23
C CYS K 211 -0.30 22.61 44.53
N ARG K 212 0.83 22.05 44.92
CA ARG K 212 2.09 22.47 44.32
C ARG K 212 2.33 21.77 42.98
N ARG K 213 1.99 20.49 42.89
CA ARG K 213 2.31 19.72 41.69
C ARG K 213 1.27 19.90 40.60
N ASN K 214 0.00 19.70 40.95
CA ASN K 214 -1.06 19.67 39.94
C ASN K 214 -1.78 21.00 39.79
N LEU K 215 -2.13 21.66 40.89
CA LEU K 215 -2.71 23.00 40.81
C LEU K 215 -1.69 24.04 40.42
N ASP K 216 -0.40 23.78 40.71
CA ASP K 216 0.71 24.73 40.57
C ASP K 216 0.41 26.04 41.31
N VAL K 217 0.01 25.90 42.56
CA VAL K 217 -0.20 27.02 43.46
C VAL K 217 0.96 27.02 44.44
N GLU K 218 1.94 27.91 44.21
CA GLU K 218 3.12 27.98 45.06
C GLU K 218 3.01 29.05 46.14
N ARG K 219 1.88 29.76 46.21
CA ARG K 219 1.49 30.53 47.40
C ARG K 219 0.08 30.12 47.83
N PRO K 220 -0.09 28.97 48.48
CA PRO K 220 -1.41 28.67 49.05
C PRO K 220 -1.52 29.11 50.50
N SER K 221 -2.77 29.38 50.88
CA SER K 221 -3.09 29.75 52.25
C SER K 221 -4.44 29.16 52.62
N TYR K 222 -5.04 29.63 53.71
CA TYR K 222 -6.31 29.06 54.15
C TYR K 222 -7.49 29.57 53.33
N THR K 223 -7.25 30.43 52.35
CA THR K 223 -8.29 30.77 51.37
C THR K 223 -8.59 29.59 50.46
N ASN K 224 -7.57 29.11 49.74
CA ASN K 224 -7.79 28.11 48.71
C ASN K 224 -7.93 26.70 49.28
N LEU K 225 -7.38 26.46 50.47
CA LEU K 225 -7.60 25.16 51.12
C LEU K 225 -9.04 24.95 51.55
N ASN K 226 -9.79 26.03 51.78
CA ASN K 226 -11.20 25.87 52.11
C ASN K 226 -12.02 25.52 50.87
N ARG K 227 -11.56 25.93 49.69
CA ARG K 227 -12.31 25.63 48.47
C ARG K 227 -12.18 24.16 48.09
N ILE K 228 -11.00 23.58 48.32
CA ILE K 228 -10.74 22.20 47.90
C ILE K 228 -11.50 21.22 48.78
N ILE K 229 -11.56 21.49 50.09
CA ILE K 229 -12.34 20.65 50.99
C ILE K 229 -13.83 20.75 50.68
N SER K 230 -14.29 21.95 50.33
CA SER K 230 -15.71 22.19 50.06
C SER K 230 -16.22 21.46 48.82
N GLN K 231 -15.34 21.14 47.88
CA GLN K 231 -15.74 20.33 46.74
C GLN K 231 -16.03 18.90 47.16
N VAL K 232 -15.27 18.38 48.14
CA VAL K 232 -15.56 17.07 48.70
C VAL K 232 -16.86 17.10 49.48
N VAL K 233 -17.15 18.22 50.14
CA VAL K 233 -18.41 18.38 50.86
C VAL K 233 -19.57 18.45 49.88
N SER K 234 -19.40 19.19 48.78
CA SER K 234 -20.48 19.37 47.82
C SER K 234 -20.79 18.10 47.05
N SER K 235 -19.78 17.26 46.83
CA SER K 235 -20.00 16.04 46.04
C SER K 235 -20.85 15.02 46.78
N ILE K 236 -20.80 15.03 48.11
CA ILE K 236 -21.69 14.16 48.88
C ILE K 236 -23.12 14.65 48.79
N THR K 237 -23.32 15.96 48.86
CA THR K 237 -24.63 16.56 48.79
C THR K 237 -25.25 16.49 47.40
N ALA K 238 -24.46 16.25 46.36
CA ALA K 238 -25.00 16.11 45.01
C ALA K 238 -25.85 14.86 44.84
N SER K 239 -25.64 13.85 45.70
CA SER K 239 -26.54 12.71 45.74
C SER K 239 -27.90 13.06 46.32
N LEU K 240 -28.01 14.17 47.04
CA LEU K 240 -29.24 14.57 47.72
C LEU K 240 -29.88 15.81 47.12
N ARG K 241 -29.09 16.78 46.68
CA ARG K 241 -29.63 18.03 46.15
C ARG K 241 -30.19 17.90 44.74
N PHE K 242 -29.93 16.80 44.05
CA PHE K 242 -30.36 16.65 42.67
C PHE K 242 -30.98 15.28 42.46
N ASP K 243 -31.39 15.03 41.23
CA ASP K 243 -32.08 13.81 40.84
C ASP K 243 -31.13 12.95 40.04
N GLY K 244 -30.65 11.87 40.65
CA GLY K 244 -29.70 10.99 40.00
C GLY K 244 -30.29 9.62 39.71
N ALA K 245 -29.65 8.87 38.80
CA ALA K 245 -30.16 7.55 38.45
C ALA K 245 -29.96 6.54 39.58
N LEU K 246 -28.80 6.59 40.22
CA LEU K 246 -28.50 5.71 41.35
C LEU K 246 -27.75 6.53 42.39
N ASN K 247 -28.48 7.04 43.38
CA ASN K 247 -27.92 7.94 44.38
C ASN K 247 -28.15 7.36 45.78
N VAL K 248 -27.71 8.10 46.79
CA VAL K 248 -27.51 7.55 48.14
C VAL K 248 -27.71 8.65 49.17
N ASP K 249 -28.46 8.34 50.22
CA ASP K 249 -28.70 9.26 51.32
C ASP K 249 -27.77 8.95 52.49
N LEU K 250 -27.88 9.77 53.54
CA LEU K 250 -26.88 9.78 54.60
C LEU K 250 -26.96 8.55 55.50
N ASN K 251 -28.17 7.99 55.67
CA ASN K 251 -28.30 6.74 56.41
C ASN K 251 -27.66 5.58 55.67
N GLU K 252 -27.59 5.66 54.35
CA GLU K 252 -27.01 4.59 53.55
C GLU K 252 -25.50 4.63 53.56
N PHE K 253 -24.90 5.82 53.71
CA PHE K 253 -23.44 5.93 53.76
C PHE K 253 -22.87 5.18 54.96
N GLN K 254 -23.43 5.41 56.14
CA GLN K 254 -22.96 4.72 57.33
C GLN K 254 -23.30 3.24 57.31
N THR K 255 -24.37 2.85 56.61
CA THR K 255 -24.73 1.44 56.54
C THR K 255 -23.72 0.65 55.73
N ASN K 256 -23.19 1.25 54.66
CA ASN K 256 -22.19 0.54 53.85
C ASN K 256 -20.81 0.60 54.50
N LEU K 257 -20.43 1.75 55.05
CA LEU K 257 -19.05 2.03 55.36
C LEU K 257 -18.66 1.74 56.81
N VAL K 258 -19.58 1.25 57.64
CA VAL K 258 -19.24 0.95 59.02
C VAL K 258 -19.33 -0.56 59.23
N PRO K 259 -18.22 -1.28 59.19
CA PRO K 259 -18.28 -2.74 59.37
C PRO K 259 -18.44 -3.15 60.82
N TYR K 260 -17.96 -2.29 61.73
CA TYR K 260 -17.97 -2.53 63.15
C TYR K 260 -18.15 -1.15 63.77
N PRO K 261 -18.89 -1.03 64.89
CA PRO K 261 -19.27 0.30 65.37
C PRO K 261 -18.14 1.13 65.94
N ARG K 262 -16.95 0.55 66.16
CA ARG K 262 -15.83 1.34 66.62
C ARG K 262 -14.95 1.83 65.47
N ILE K 263 -14.63 0.96 64.53
CA ILE K 263 -13.82 1.34 63.36
C ILE K 263 -14.79 1.90 62.34
N HIS K 264 -14.98 3.21 62.37
CA HIS K 264 -15.89 3.87 61.44
C HIS K 264 -15.29 5.19 60.96
N PHE K 265 -13.99 5.18 60.65
CA PHE K 265 -13.25 6.40 60.33
C PHE K 265 -12.54 6.29 58.99
N PRO K 266 -13.26 6.49 57.88
CA PRO K 266 -12.59 6.58 56.59
C PRO K 266 -12.13 8.01 56.31
N LEU K 267 -11.54 8.17 55.13
CA LEU K 267 -11.06 9.47 54.67
C LEU K 267 -11.60 9.73 53.26
N ALA K 268 -11.10 10.81 52.67
CA ALA K 268 -11.61 11.27 51.38
C ALA K 268 -10.50 11.33 50.35
N ALA K 269 -10.91 11.52 49.09
CA ALA K 269 -10.01 11.75 47.97
C ALA K 269 -10.80 12.37 46.83
N TYR K 270 -10.13 13.19 46.02
CA TYR K 270 -10.78 13.86 44.91
C TYR K 270 -9.85 13.91 43.71
N THR K 271 -10.43 13.64 42.53
CA THR K 271 -9.73 13.63 41.26
C THR K 271 -10.75 13.81 40.14
N PRO K 272 -10.41 14.49 39.04
CA PRO K 272 -9.18 15.21 38.71
C PRO K 272 -9.07 16.57 39.40
N LEU K 273 -7.94 16.78 40.08
CA LEU K 273 -7.67 17.99 40.82
C LEU K 273 -6.38 18.58 40.28
N ILE K 274 -6.48 19.33 39.19
CA ILE K 274 -5.34 19.94 38.52
C ILE K 274 -5.66 21.40 38.23
N SER K 275 -4.73 22.08 37.59
CA SER K 275 -4.88 23.49 37.23
C SER K 275 -5.76 23.60 35.97
N ALA K 276 -5.85 24.81 35.42
CA ALA K 276 -6.73 25.08 34.29
C ALA K 276 -6.07 24.81 32.94
N GLU K 277 -4.75 24.63 32.90
CA GLU K 277 -4.06 24.48 31.62
C GLU K 277 -3.84 23.03 31.26
N LYS K 278 -3.56 22.18 32.26
CA LYS K 278 -3.18 20.80 32.00
C LYS K 278 -4.35 19.93 31.56
N ALA K 279 -5.60 20.38 31.76
CA ALA K 279 -6.74 19.63 31.26
C ALA K 279 -6.95 19.85 29.76
N TYR K 280 -6.27 20.83 29.17
CA TYR K 280 -6.43 21.10 27.75
C TYR K 280 -5.73 20.05 26.91
N HIS K 281 -4.52 19.65 27.30
CA HIS K 281 -3.72 18.67 26.57
C HIS K 281 -4.04 17.23 26.97
N GLU K 282 -5.20 16.97 27.55
CA GLU K 282 -5.49 15.64 28.06
C GLU K 282 -6.99 15.39 28.04
N ALA K 283 -7.38 14.20 27.61
CA ALA K 283 -8.78 13.78 27.57
C ALA K 283 -9.00 12.81 28.72
N LEU K 284 -9.53 13.34 29.83
CA LEU K 284 -9.70 12.58 31.07
C LEU K 284 -10.90 11.65 30.92
N SER K 285 -10.64 10.36 30.76
CA SER K 285 -11.73 9.40 30.61
C SER K 285 -12.12 8.86 31.98
N VAL K 286 -13.00 7.86 31.99
CA VAL K 286 -13.39 7.21 33.24
C VAL K 286 -12.23 6.39 33.79
N SER K 287 -11.56 5.61 32.93
CA SER K 287 -10.45 4.79 33.36
C SER K 287 -9.21 5.61 33.72
N ASP K 288 -9.16 6.87 33.30
CA ASP K 288 -8.05 7.74 33.67
C ASP K 288 -8.10 8.08 35.15
N ILE K 289 -9.17 8.74 35.58
CA ILE K 289 -9.21 9.26 36.94
C ILE K 289 -9.56 8.21 37.97
N THR K 290 -10.19 7.10 37.56
CA THR K 290 -10.48 6.03 38.51
C THR K 290 -9.21 5.28 38.88
N ASN K 291 -8.31 5.09 37.92
CA ASN K 291 -6.98 4.60 38.25
C ASN K 291 -6.16 5.65 38.99
N SER K 292 -6.49 6.93 38.83
CA SER K 292 -5.85 7.97 39.62
C SER K 292 -6.36 8.02 41.05
N CYS K 293 -7.47 7.35 41.34
CA CYS K 293 -8.00 7.33 42.70
C CYS K 293 -7.10 6.54 43.65
N PHE K 294 -6.43 5.51 43.15
CA PHE K 294 -5.78 4.53 44.00
C PHE K 294 -4.26 4.58 43.88
N GLU K 295 -3.72 5.77 43.76
CA GLU K 295 -2.29 6.01 43.82
C GLU K 295 -1.99 6.97 44.97
N PRO K 296 -0.86 6.82 45.67
CA PRO K 296 -0.68 7.52 46.95
C PRO K 296 -0.48 9.03 46.83
N ALA K 297 -0.36 9.57 45.62
CA ALA K 297 -0.33 11.01 45.42
C ALA K 297 -1.72 11.62 45.29
N ASN K 298 -2.76 10.91 45.71
CA ASN K 298 -4.13 11.36 45.55
C ASN K 298 -4.92 11.29 46.86
N GLN K 299 -4.42 10.56 47.85
CA GLN K 299 -5.08 10.48 49.15
C GLN K 299 -5.02 11.82 49.88
N MET K 300 -6.04 12.11 50.67
CA MET K 300 -6.12 13.37 51.38
C MET K 300 -5.55 13.30 52.80
N VAL K 301 -5.06 12.14 53.21
CA VAL K 301 -4.29 12.02 54.44
C VAL K 301 -2.93 11.44 54.07
N LYS K 302 -1.87 12.14 54.46
CA LYS K 302 -0.51 11.72 54.12
C LYS K 302 -0.15 10.50 54.95
N CYS K 303 -0.35 9.32 54.37
CA CYS K 303 0.02 8.06 55.01
C CYS K 303 0.34 7.07 53.90
N ASP K 304 0.43 5.78 54.26
CA ASP K 304 0.77 4.73 53.30
C ASP K 304 -0.47 3.91 52.98
N PRO K 305 -1.14 4.17 51.85
CA PRO K 305 -2.32 3.36 51.51
C PRO K 305 -1.98 1.95 51.08
N ARG K 306 -0.76 1.71 50.59
CA ARG K 306 -0.35 0.38 50.20
C ARG K 306 -0.02 -0.47 51.43
N HIS K 307 0.38 0.17 52.53
CA HIS K 307 0.55 -0.51 53.80
C HIS K 307 -0.75 -0.61 54.58
N GLY K 308 -1.81 0.02 54.11
CA GLY K 308 -3.15 -0.19 54.63
C GLY K 308 -3.90 -1.23 53.81
N LYS K 309 -4.93 -1.80 54.43
CA LYS K 309 -5.74 -2.83 53.79
C LYS K 309 -7.15 -2.29 53.61
N TYR K 310 -7.60 -2.20 52.36
CA TYR K 310 -8.91 -1.65 52.06
C TYR K 310 -10.01 -2.61 52.51
N MET K 311 -11.04 -2.04 53.12
CA MET K 311 -12.15 -2.83 53.62
C MET K 311 -13.48 -2.48 52.97
N ALA K 312 -13.76 -1.19 52.75
CA ALA K 312 -15.01 -0.77 52.13
C ALA K 312 -14.74 0.53 51.40
N VAL K 313 -14.54 0.45 50.09
CA VAL K 313 -14.18 1.60 49.26
C VAL K 313 -15.46 2.11 48.61
N CYS K 314 -15.77 3.38 48.84
CA CYS K 314 -17.00 3.99 48.36
C CYS K 314 -16.69 4.96 47.23
N LEU K 315 -17.53 4.97 46.20
CA LEU K 315 -17.29 5.77 45.02
C LEU K 315 -18.54 6.53 44.64
N LEU K 316 -18.40 7.85 44.51
CA LEU K 316 -19.48 8.71 44.02
C LEU K 316 -18.97 9.47 42.82
N TYR K 317 -19.56 9.23 41.66
CA TYR K 317 -19.17 9.91 40.45
C TYR K 317 -20.11 11.06 40.17
N ARG K 318 -19.61 12.07 39.47
CA ARG K 318 -20.41 13.21 39.06
C ARG K 318 -20.16 13.49 37.59
N GLY K 319 -21.18 14.01 36.92
CA GLY K 319 -21.10 14.24 35.49
C GLY K 319 -21.66 13.09 34.69
N ASP K 320 -21.75 13.32 33.37
CA ASP K 320 -22.34 12.36 32.45
C ASP K 320 -21.39 11.20 32.24
N VAL K 321 -21.57 10.14 33.04
CA VAL K 321 -20.72 8.96 33.02
C VAL K 321 -21.58 7.76 32.68
N VAL K 322 -21.14 6.97 31.71
CA VAL K 322 -21.86 5.74 31.35
C VAL K 322 -21.44 4.64 32.31
N PRO K 323 -22.32 3.69 32.62
CA PRO K 323 -21.96 2.67 33.63
C PRO K 323 -21.19 1.49 33.09
N LYS K 324 -20.98 1.41 31.77
CA LYS K 324 -20.31 0.27 31.17
C LYS K 324 -18.84 0.22 31.55
N ASP K 325 -18.11 1.29 31.27
CA ASP K 325 -16.71 1.35 31.67
C ASP K 325 -16.54 1.50 33.18
N VAL K 326 -17.57 1.98 33.89
CA VAL K 326 -17.59 1.89 35.34
C VAL K 326 -17.53 0.44 35.79
N ASN K 327 -18.39 -0.40 35.21
CA ASN K 327 -18.40 -1.82 35.48
C ASN K 327 -17.17 -2.52 34.93
N THR K 328 -16.39 -1.84 34.08
CA THR K 328 -15.12 -2.33 33.59
C THR K 328 -13.95 -1.86 34.46
N ALA K 329 -13.91 -0.57 34.80
CA ALA K 329 -12.72 -0.01 35.45
C ALA K 329 -12.57 -0.50 36.88
N ILE K 330 -13.68 -0.61 37.62
CA ILE K 330 -13.62 -1.20 38.95
C ILE K 330 -13.23 -2.68 38.86
N ALA K 331 -13.71 -3.36 37.82
CA ALA K 331 -13.17 -4.69 37.52
C ALA K 331 -11.72 -4.62 37.08
N ALA K 332 -11.33 -3.56 36.36
CA ALA K 332 -9.93 -3.42 35.96
C ALA K 332 -9.04 -3.05 37.14
N ILE K 333 -9.61 -2.42 38.17
CA ILE K 333 -8.90 -2.29 39.44
C ILE K 333 -8.65 -3.67 40.04
N LYS K 334 -9.65 -4.54 39.97
CA LYS K 334 -9.52 -5.90 40.49
C LYS K 334 -8.58 -6.75 39.66
N THR K 335 -8.33 -6.39 38.40
CA THR K 335 -7.27 -7.05 37.64
C THR K 335 -5.90 -6.75 38.21
N LYS K 336 -5.71 -5.56 38.76
CA LYS K 336 -4.50 -5.25 39.49
C LYS K 336 -4.58 -5.88 40.88
N ARG K 337 -3.42 -6.23 41.43
CA ARG K 337 -3.37 -6.97 42.69
C ARG K 337 -2.82 -6.17 43.85
N THR K 338 -2.34 -4.95 43.60
CA THR K 338 -1.79 -4.13 44.68
C THR K 338 -2.89 -3.62 45.61
N ILE K 339 -4.11 -3.47 45.10
CA ILE K 339 -5.25 -3.10 45.91
C ILE K 339 -5.61 -4.33 46.75
N GLN K 340 -5.23 -4.31 48.02
CA GLN K 340 -5.44 -5.44 48.90
C GLN K 340 -6.74 -5.28 49.67
N PHE K 341 -7.48 -6.37 49.76
CA PHE K 341 -8.71 -6.41 50.55
C PHE K 341 -8.45 -7.20 51.82
N VAL K 342 -9.52 -7.43 52.58
CA VAL K 342 -9.49 -8.44 53.62
C VAL K 342 -10.11 -9.70 53.04
N ASP K 343 -9.86 -10.85 53.67
CA ASP K 343 -10.30 -12.13 53.11
C ASP K 343 -11.81 -12.29 53.18
N TRP K 344 -12.48 -11.57 54.07
CA TRP K 344 -13.91 -11.77 54.25
C TRP K 344 -14.78 -10.77 53.51
N CYS K 345 -14.21 -9.72 52.93
CA CYS K 345 -15.00 -8.71 52.23
C CYS K 345 -14.51 -8.50 50.81
N PRO K 346 -15.01 -9.25 49.83
CA PRO K 346 -14.80 -8.86 48.43
C PRO K 346 -15.86 -7.88 47.96
N THR K 347 -17.04 -7.92 48.59
CA THR K 347 -18.17 -7.09 48.18
C THR K 347 -18.29 -5.87 49.09
N GLY K 348 -17.30 -4.99 48.98
CA GLY K 348 -17.31 -3.74 49.72
C GLY K 348 -17.33 -2.53 48.81
N PHE K 349 -18.09 -2.61 47.72
CA PHE K 349 -18.12 -1.57 46.70
C PHE K 349 -19.45 -0.83 46.77
N LYS K 350 -19.41 0.44 46.40
CA LYS K 350 -20.62 1.28 46.35
C LYS K 350 -20.63 2.01 45.03
N VAL K 351 -21.78 2.00 44.36
CA VAL K 351 -21.93 2.58 43.03
C VAL K 351 -22.83 3.80 43.14
N GLY K 352 -22.31 4.96 42.75
CA GLY K 352 -23.10 6.17 42.72
C GLY K 352 -22.70 7.08 41.58
N ILE K 353 -23.67 7.41 40.71
CA ILE K 353 -23.43 8.26 39.55
C ILE K 353 -24.52 9.31 39.50
N ASN K 354 -24.14 10.58 39.54
CA ASN K 354 -25.07 11.68 39.41
C ASN K 354 -24.89 12.35 38.07
N TYR K 355 -25.98 12.95 37.57
CA TYR K 355 -25.95 13.59 36.26
C TYR K 355 -25.18 14.90 36.26
N GLN K 356 -25.13 15.60 37.39
CA GLN K 356 -24.60 16.94 37.39
C GLN K 356 -23.08 16.92 37.53
N PRO K 357 -22.34 17.54 36.63
CA PRO K 357 -20.89 17.69 36.81
C PRO K 357 -20.60 18.76 37.84
N PRO K 358 -19.43 18.70 38.48
CA PRO K 358 -19.08 19.73 39.46
C PRO K 358 -18.79 21.06 38.78
N THR K 359 -19.34 22.13 39.35
CA THR K 359 -19.11 23.47 38.85
C THR K 359 -18.09 24.17 39.74
N VAL K 360 -17.13 24.82 39.11
CA VAL K 360 -15.98 25.37 39.81
C VAL K 360 -16.31 26.75 40.35
N VAL K 361 -15.53 27.17 41.34
CA VAL K 361 -15.70 28.46 42.01
C VAL K 361 -15.33 29.59 41.07
N PRO K 362 -15.99 30.74 41.14
CA PRO K 362 -15.60 31.88 40.28
C PRO K 362 -14.29 32.51 40.77
N GLY K 363 -13.39 32.77 39.83
CA GLY K 363 -12.08 33.30 40.16
C GLY K 363 -11.15 32.33 40.83
N GLY K 364 -11.49 31.04 40.85
CA GLY K 364 -10.66 30.05 41.51
C GLY K 364 -9.54 29.53 40.64
N ASP K 365 -8.89 28.49 41.13
CA ASP K 365 -7.74 27.88 40.47
C ASP K 365 -8.08 26.60 39.73
N LEU K 366 -9.35 26.16 39.80
CA LEU K 366 -9.74 24.88 39.22
C LEU K 366 -10.13 25.04 37.76
N ALA K 367 -10.55 23.92 37.17
CA ALA K 367 -11.00 23.88 35.78
C ALA K 367 -12.31 23.12 35.68
N LYS K 368 -13.16 23.56 34.75
CA LYS K 368 -14.47 22.95 34.52
C LYS K 368 -14.26 21.58 33.87
N VAL K 369 -14.37 20.54 34.66
CA VAL K 369 -14.21 19.16 34.19
C VAL K 369 -15.52 18.43 34.42
N PRO K 370 -16.04 17.69 33.43
CA PRO K 370 -17.29 16.96 33.66
C PRO K 370 -17.14 15.79 34.64
N ARG K 371 -16.08 15.01 34.53
CA ARG K 371 -15.88 13.84 35.37
C ARG K 371 -15.20 14.24 36.67
N ALA K 372 -15.64 13.63 37.77
CA ALA K 372 -15.00 13.78 39.07
C ALA K 372 -15.41 12.63 39.98
N VAL K 373 -14.49 12.27 40.88
CA VAL K 373 -14.70 11.17 41.81
C VAL K 373 -14.43 11.67 43.22
N CYS K 374 -15.35 11.38 44.14
CA CYS K 374 -15.13 11.59 45.57
C CYS K 374 -14.90 10.21 46.18
N MET K 375 -13.63 9.83 46.32
CA MET K 375 -13.29 8.49 46.80
C MET K 375 -13.30 8.47 48.32
N LEU K 376 -13.97 7.47 48.88
CA LEU K 376 -13.99 7.22 50.32
C LEU K 376 -13.46 5.81 50.53
N SER K 377 -12.40 5.68 51.32
CA SER K 377 -11.70 4.40 51.44
C SER K 377 -11.32 4.17 52.90
N ASN K 378 -12.14 3.42 53.62
CA ASN K 378 -11.78 2.97 54.95
C ASN K 378 -10.72 1.89 54.83
N THR K 379 -9.63 2.04 55.58
CA THR K 379 -8.49 1.14 55.45
C THR K 379 -7.79 0.99 56.78
N THR K 380 -6.78 0.12 56.79
CA THR K 380 -5.95 -0.10 57.95
C THR K 380 -4.71 0.80 57.97
N ALA K 381 -4.62 1.75 57.05
CA ALA K 381 -3.61 2.80 57.14
C ALA K 381 -3.96 3.84 58.20
N ILE K 382 -5.20 3.83 58.68
CA ILE K 382 -5.57 4.67 59.81
C ILE K 382 -4.84 4.22 61.06
N ALA K 383 -4.63 2.90 61.22
CA ALA K 383 -3.89 2.38 62.37
C ALA K 383 -2.45 2.83 62.36
N GLU K 384 -1.83 2.92 61.18
CA GLU K 384 -0.48 3.46 61.09
C GLU K 384 -0.48 4.96 61.34
N ALA K 385 -1.61 5.63 61.10
CA ALA K 385 -1.79 7.01 61.51
C ALA K 385 -2.19 7.14 62.98
N TRP K 386 -2.55 6.05 63.65
CA TRP K 386 -2.74 6.11 65.10
C TRP K 386 -1.43 6.04 65.85
N SER K 387 -0.50 5.19 65.38
CA SER K 387 0.75 4.98 66.11
C SER K 387 1.67 6.19 66.04
N ARG K 388 1.54 6.99 64.98
CA ARG K 388 2.34 8.21 64.89
C ARG K 388 1.85 9.27 65.87
N LEU K 389 0.59 9.19 66.31
CA LEU K 389 0.05 10.13 67.27
C LEU K 389 0.06 9.59 68.69
N ASP K 390 -0.01 8.26 68.85
CA ASP K 390 0.13 7.66 70.17
C ASP K 390 1.56 7.75 70.68
N TYR K 391 2.53 7.93 69.78
CA TYR K 391 3.91 8.15 70.20
C TYR K 391 4.10 9.55 70.78
N LYS K 392 3.39 10.54 70.22
CA LYS K 392 3.54 11.92 70.67
C LYS K 392 2.91 12.14 72.05
N PHE K 393 1.77 11.48 72.30
CA PHE K 393 0.99 11.78 73.50
C PHE K 393 1.67 11.29 74.77
N ASP K 394 2.21 10.07 74.73
CA ASP K 394 2.62 9.41 75.96
C ASP K 394 3.92 9.97 76.52
N LEU K 395 4.87 10.34 75.66
CA LEU K 395 6.17 10.78 76.13
C LEU K 395 6.12 12.17 76.75
N MET K 396 5.31 13.08 76.22
CA MET K 396 5.07 14.33 76.91
C MET K 396 4.24 14.14 78.17
N TYR K 397 3.40 13.11 78.21
CA TYR K 397 2.63 12.80 79.40
C TYR K 397 3.51 12.21 80.50
N ALA K 398 4.59 11.52 80.12
CA ALA K 398 5.43 10.84 81.10
C ALA K 398 6.20 11.84 81.96
N LYS K 399 6.67 12.94 81.37
CA LYS K 399 7.30 14.01 82.12
C LYS K 399 6.30 14.93 82.80
N ARG K 400 5.00 14.73 82.53
CA ARG K 400 3.89 15.56 83.04
C ARG K 400 4.06 17.02 82.67
N ALA K 401 4.49 17.28 81.44
CA ALA K 401 4.56 18.65 80.95
C ALA K 401 3.16 19.17 80.61
N PHE K 402 2.98 20.47 80.81
CA PHE K 402 1.76 21.23 80.47
C PHE K 402 0.52 20.72 81.21
N VAL K 403 0.71 20.04 82.33
CA VAL K 403 -0.42 19.56 83.10
C VAL K 403 -1.01 20.70 83.93
N HIS K 404 -0.21 21.71 84.27
CA HIS K 404 -0.63 22.77 85.18
C HIS K 404 -1.63 23.75 84.56
N TRP K 405 -2.09 23.52 83.34
CA TRP K 405 -3.25 24.24 82.83
C TRP K 405 -4.52 23.41 82.96
N TYR K 406 -4.40 22.08 82.85
CA TYR K 406 -5.54 21.20 82.91
C TYR K 406 -6.08 21.01 84.33
N VAL K 407 -5.28 21.35 85.34
CA VAL K 407 -5.63 20.98 86.72
C VAL K 407 -6.78 21.86 87.24
N GLY K 408 -6.55 23.16 87.30
CA GLY K 408 -7.48 24.05 87.99
C GLY K 408 -8.76 24.39 87.25
N GLU K 409 -8.95 23.87 86.04
CA GLU K 409 -10.10 24.24 85.21
C GLU K 409 -11.27 23.27 85.37
N GLY K 410 -11.24 22.39 86.37
CA GLY K 410 -12.32 21.46 86.58
C GLY K 410 -12.12 20.17 85.81
N MET K 411 -10.98 19.52 86.01
CA MET K 411 -10.61 18.37 85.20
C MET K 411 -9.71 17.46 86.01
N GLU K 412 -9.82 16.16 85.74
CA GLU K 412 -9.09 15.13 86.48
C GLU K 412 -8.00 14.53 85.60
N GLU K 413 -6.93 14.06 86.26
CA GLU K 413 -5.77 13.53 85.56
C GLU K 413 -5.88 12.04 85.27
N GLY K 414 -6.73 11.31 85.99
CA GLY K 414 -6.97 9.91 85.68
C GLY K 414 -7.72 9.69 84.39
N GLU K 415 -8.42 10.72 83.90
CA GLU K 415 -9.07 10.65 82.60
C GLU K 415 -8.06 10.55 81.46
N PHE K 416 -6.84 11.04 81.68
CA PHE K 416 -5.76 10.81 80.71
C PHE K 416 -5.34 9.35 80.66
N THR K 417 -5.42 8.65 81.80
CA THR K 417 -4.98 7.27 81.85
C THR K 417 -6.01 6.34 81.20
N GLU K 418 -7.30 6.63 81.39
CA GLU K 418 -8.35 5.77 80.83
C GLU K 418 -8.42 5.88 79.31
N ALA K 419 -8.07 7.05 78.76
CA ALA K 419 -8.03 7.21 77.32
C ALA K 419 -6.84 6.48 76.70
N ARG K 420 -5.81 6.16 77.49
CA ARG K 420 -4.69 5.41 76.96
C ARG K 420 -5.06 3.95 76.71
N GLU K 421 -5.76 3.32 77.66
CA GLU K 421 -6.24 1.97 77.46
C GLU K 421 -7.37 1.92 76.45
N ASP K 422 -8.07 3.05 76.27
CA ASP K 422 -9.13 3.13 75.27
C ASP K 422 -8.56 3.17 73.85
N LEU K 423 -7.51 3.94 73.64
CA LEU K 423 -6.92 4.06 72.30
C LEU K 423 -5.94 2.94 71.98
N ALA K 424 -5.53 2.16 72.98
CA ALA K 424 -4.60 1.06 72.72
C ALA K 424 -5.29 -0.09 72.00
N ALA K 425 -6.50 -0.45 72.45
CA ALA K 425 -7.24 -1.53 71.80
C ALA K 425 -7.88 -1.10 70.49
N LEU K 426 -8.00 0.22 70.26
CA LEU K 426 -8.62 0.70 69.02
C LEU K 426 -7.75 0.37 67.82
N GLU K 427 -6.47 0.77 67.87
CA GLU K 427 -5.54 0.45 66.79
C GLU K 427 -5.20 -1.03 66.76
N LYS K 428 -5.46 -1.76 67.85
CA LYS K 428 -5.36 -3.22 67.82
C LYS K 428 -6.43 -3.83 66.93
N ASP K 429 -7.63 -3.25 66.93
CA ASP K 429 -8.77 -3.81 66.21
C ASP K 429 -8.64 -3.74 64.70
N TYR K 430 -7.79 -2.84 64.18
CA TYR K 430 -7.45 -2.87 62.77
C TYR K 430 -6.70 -4.15 62.43
N GLU K 431 -5.80 -4.57 63.31
CA GLU K 431 -5.05 -5.80 63.09
C GLU K 431 -5.86 -7.03 63.52
N GLU K 432 -6.79 -6.86 64.45
CA GLU K 432 -7.63 -7.97 64.88
C GLU K 432 -8.64 -8.35 63.80
N VAL K 433 -9.33 -7.35 63.25
CA VAL K 433 -10.24 -7.61 62.14
C VAL K 433 -9.45 -7.95 60.88
N GLY K 434 -8.37 -7.22 60.61
CA GLY K 434 -7.53 -7.49 59.46
C GLY K 434 -6.71 -8.77 59.58
N MET L 1 -14.60 44.45 75.78
CA MET L 1 -14.92 43.06 76.05
C MET L 1 -13.77 42.40 76.80
N ARG L 2 -12.83 41.79 76.08
CA ARG L 2 -11.59 41.32 76.66
C ARG L 2 -10.71 42.54 76.90
N GLU L 3 -10.51 42.92 78.16
CA GLU L 3 -9.95 44.22 78.47
C GLU L 3 -8.67 44.10 79.29
N ILE L 4 -7.70 44.94 78.95
CA ILE L 4 -6.34 44.88 79.47
C ILE L 4 -5.91 46.28 79.86
N VAL L 5 -5.46 46.46 81.11
CA VAL L 5 -4.88 47.71 81.55
C VAL L 5 -3.36 47.60 81.39
N HIS L 6 -2.69 48.74 81.29
CA HIS L 6 -1.24 48.82 81.18
C HIS L 6 -0.74 49.76 82.26
N VAL L 7 0.09 49.25 83.16
CA VAL L 7 0.53 50.00 84.34
C VAL L 7 2.04 50.16 84.25
N GLN L 8 2.52 51.38 84.54
CA GLN L 8 3.93 51.73 84.48
C GLN L 8 4.37 52.18 85.86
N ALA L 9 5.51 51.68 86.32
CA ALA L 9 6.04 52.02 87.64
C ALA L 9 7.56 51.99 87.59
N GLY L 10 8.19 53.00 88.18
CA GLY L 10 9.64 53.13 88.09
C GLY L 10 10.05 53.89 86.85
N GLN L 11 11.25 54.50 86.88
CA GLN L 11 11.68 55.41 85.82
C GLN L 11 11.91 54.68 84.49
N CYS L 12 12.21 53.38 84.54
CA CYS L 12 12.39 52.60 83.32
C CYS L 12 11.07 52.43 82.57
N GLY L 13 10.09 51.80 83.21
CA GLY L 13 8.84 51.49 82.54
C GLY L 13 7.96 52.69 82.25
N ASN L 14 8.26 53.85 82.84
CA ASN L 14 7.46 55.03 82.56
C ASN L 14 7.78 55.60 81.19
N GLN L 15 9.02 55.51 80.75
CA GLN L 15 9.40 56.04 79.45
C GLN L 15 9.42 54.99 78.34
N ILE L 16 9.25 53.72 78.67
CA ILE L 16 9.11 52.69 77.63
C ILE L 16 7.77 52.84 76.93
N GLY L 17 6.70 52.97 77.73
CA GLY L 17 5.38 53.12 77.15
C GLY L 17 5.17 54.44 76.44
N SER L 18 5.92 55.47 76.87
CA SER L 18 5.78 56.82 76.30
C SER L 18 6.10 56.87 74.83
N LYS L 19 6.95 55.96 74.35
CA LYS L 19 7.08 55.75 72.92
C LYS L 19 6.20 54.61 72.44
N PHE L 20 5.83 53.69 73.33
CA PHE L 20 5.06 52.52 72.92
C PHE L 20 3.60 52.85 72.63
N TRP L 21 2.98 53.74 73.42
CA TRP L 21 1.61 54.16 73.13
C TRP L 21 1.50 54.91 71.82
N GLU L 22 2.59 55.52 71.36
CA GLU L 22 2.59 56.27 70.10
C GLU L 22 2.35 55.35 68.91
N VAL L 23 3.01 54.18 68.88
CA VAL L 23 2.80 53.23 67.81
C VAL L 23 1.40 52.64 67.90
N ILE L 24 0.92 52.35 69.11
CA ILE L 24 -0.45 51.91 69.34
C ILE L 24 -1.43 53.01 68.94
N SER L 25 -1.04 54.27 69.13
CA SER L 25 -1.84 55.37 68.60
C SER L 25 -1.81 55.39 67.09
N ASP L 26 -0.65 55.10 66.49
CA ASP L 26 -0.50 55.25 65.05
C ASP L 26 -0.96 54.01 64.28
N GLU L 27 -0.99 52.85 64.92
CA GLU L 27 -1.49 51.66 64.22
C GLU L 27 -3.01 51.64 64.13
N HIS L 28 -3.69 52.50 64.87
CA HIS L 28 -5.14 52.51 64.88
C HIS L 28 -5.71 53.85 64.42
N GLY L 29 -4.87 54.76 63.96
CA GLY L 29 -5.34 56.00 63.34
C GLY L 29 -5.99 57.00 64.27
N ILE L 30 -5.39 57.25 65.42
CA ILE L 30 -5.91 58.26 66.33
C ILE L 30 -4.88 59.37 66.51
N GLN L 31 -5.24 60.38 67.31
CA GLN L 31 -4.51 61.63 67.43
C GLN L 31 -4.14 61.86 68.90
N PRO L 32 -3.31 62.86 69.25
CA PRO L 32 -3.14 63.17 70.68
C PRO L 32 -4.41 63.68 71.36
N ASP L 33 -5.35 64.22 70.59
CA ASP L 33 -6.70 64.47 71.10
C ASP L 33 -7.54 63.19 71.15
N GLY L 34 -7.02 62.06 70.66
CA GLY L 34 -7.80 60.85 70.56
C GLY L 34 -8.77 60.83 69.40
N THR L 35 -8.67 61.79 68.48
CA THR L 35 -9.59 61.85 67.35
C THR L 35 -9.27 60.74 66.36
N PHE L 36 -10.24 59.88 66.09
CA PHE L 36 -10.05 58.79 65.14
C PHE L 36 -9.94 59.35 63.73
N LYS L 37 -8.82 59.08 63.07
CA LYS L 37 -8.62 59.47 61.69
C LYS L 37 -8.23 58.28 60.81
N GLY L 38 -8.53 57.06 61.26
CA GLY L 38 -8.29 55.90 60.42
C GLY L 38 -9.25 55.85 59.26
N GLU L 39 -8.70 55.58 58.08
CA GLU L 39 -9.52 55.56 56.87
C GLU L 39 -10.36 54.30 56.78
N THR L 40 -9.75 53.14 57.00
CA THR L 40 -10.47 51.88 57.06
C THR L 40 -10.87 51.60 58.50
N ASP L 41 -12.08 51.07 58.69
CA ASP L 41 -12.57 50.68 60.01
C ASP L 41 -11.91 49.43 60.58
N LEU L 42 -10.93 48.84 59.87
CA LEU L 42 -10.08 47.81 60.47
C LEU L 42 -9.27 48.35 61.64
N GLN L 43 -8.97 49.65 61.63
CA GLN L 43 -8.29 50.29 62.75
C GLN L 43 -9.24 50.72 63.86
N LEU L 44 -10.54 50.49 63.70
CA LEU L 44 -11.52 50.86 64.72
C LEU L 44 -12.22 49.68 65.37
N GLU L 45 -12.38 48.56 64.66
CA GLU L 45 -13.24 47.48 65.14
C GLU L 45 -12.70 46.76 66.36
N ARG L 46 -11.44 46.96 66.73
CA ARG L 46 -10.88 46.49 67.98
C ARG L 46 -10.11 47.61 68.67
N ILE L 47 -10.69 48.82 68.67
CA ILE L 47 -10.06 49.94 69.37
C ILE L 47 -10.37 49.88 70.86
N ASP L 48 -11.37 49.11 71.27
CA ASP L 48 -11.87 49.15 72.64
C ASP L 48 -10.97 48.45 73.63
N VAL L 49 -10.04 47.61 73.16
CA VAL L 49 -9.28 46.73 74.05
C VAL L 49 -8.32 47.52 74.94
N TYR L 50 -7.81 48.64 74.47
CA TYR L 50 -6.89 49.46 75.25
C TYR L 50 -7.45 50.86 75.53
N TYR L 51 -8.74 51.08 75.29
CA TYR L 51 -9.29 52.43 75.37
C TYR L 51 -10.68 52.39 75.98
N ASN L 52 -11.08 53.51 76.56
CA ASN L 52 -12.43 53.72 77.08
C ASN L 52 -12.95 55.02 76.51
N GLU L 53 -13.72 54.92 75.42
CA GLU L 53 -14.27 56.10 74.78
C GLU L 53 -15.30 56.77 75.67
N ALA L 54 -15.24 58.10 75.72
CA ALA L 54 -16.13 58.87 76.59
C ALA L 54 -16.28 60.26 75.96
N ASN L 55 -17.54 60.69 75.75
CA ASN L 55 -17.90 62.06 75.44
C ASN L 55 -17.26 62.59 74.16
N ASN L 56 -17.74 62.09 73.01
CA ASN L 56 -17.42 62.50 71.65
C ASN L 56 -16.03 62.04 71.19
N GLY L 57 -15.65 60.83 71.57
CA GLY L 57 -14.60 60.13 70.85
C GLY L 57 -13.18 60.43 71.25
N LYS L 58 -12.96 61.22 72.29
CA LYS L 58 -11.60 61.41 72.79
C LYS L 58 -11.23 60.16 73.57
N TYR L 59 -10.61 59.21 72.86
CA TYR L 59 -10.22 57.95 73.47
C TYR L 59 -9.12 58.18 74.49
N VAL L 60 -9.31 57.65 75.70
CA VAL L 60 -8.26 57.70 76.69
C VAL L 60 -7.62 56.31 76.80
N PRO L 61 -6.30 56.24 76.85
CA PRO L 61 -5.66 54.93 77.02
C PRO L 61 -5.89 54.41 78.43
N ARG L 62 -6.09 53.10 78.52
CA ARG L 62 -6.33 52.47 79.81
C ARG L 62 -4.98 52.28 80.48
N ALA L 63 -4.49 53.36 81.07
CA ALA L 63 -3.11 53.43 81.53
C ALA L 63 -3.05 54.05 82.92
N VAL L 64 -2.13 53.55 83.74
CA VAL L 64 -1.90 54.07 85.08
C VAL L 64 -0.43 54.46 85.16
N LEU L 65 -0.15 55.68 85.63
CA LEU L 65 1.20 56.22 85.67
C LEU L 65 1.56 56.53 87.11
N VAL L 66 2.50 55.75 87.66
CA VAL L 66 2.87 55.83 89.07
C VAL L 66 4.35 56.16 89.16
N ASP L 67 4.69 57.11 90.04
CA ASP L 67 6.09 57.42 90.34
C ASP L 67 6.16 57.80 91.82
N LEU L 68 7.36 57.71 92.39
CA LEU L 68 7.59 58.17 93.74
C LEU L 68 8.00 59.64 93.80
N GLU L 69 8.15 60.30 92.66
CA GLU L 69 8.50 61.70 92.60
C GLU L 69 7.75 62.33 91.43
N PRO L 70 7.54 63.65 91.45
CA PRO L 70 6.95 64.33 90.29
C PRO L 70 7.91 64.63 89.15
N GLY L 71 9.09 64.00 89.11
CA GLY L 71 10.04 64.31 88.05
C GLY L 71 9.64 63.72 86.71
N THR L 72 9.30 62.44 86.69
CA THR L 72 8.91 61.79 85.44
C THR L 72 7.48 62.07 85.03
N MET L 73 6.69 62.74 85.87
CA MET L 73 5.32 63.06 85.51
C MET L 73 5.26 64.12 84.44
N ASP L 74 5.91 65.27 84.67
CA ASP L 74 5.78 66.42 83.79
C ASP L 74 6.46 66.19 82.44
N SER L 75 7.54 65.39 82.43
CA SER L 75 8.25 65.11 81.18
C SER L 75 7.37 64.32 80.22
N VAL L 76 6.63 63.33 80.74
CA VAL L 76 5.66 62.63 79.91
C VAL L 76 4.47 63.54 79.62
N ARG L 77 4.12 64.40 80.57
CA ARG L 77 2.94 65.26 80.42
C ARG L 77 3.18 66.37 79.43
N SER L 78 4.34 67.02 79.50
CA SER L 78 4.65 68.09 78.55
C SER L 78 5.25 67.55 77.25
N GLY L 79 5.62 66.27 77.21
CA GLY L 79 6.25 65.69 76.05
C GLY L 79 5.28 65.34 74.94
N PRO L 80 5.67 64.39 74.09
CA PRO L 80 4.80 64.00 72.99
C PRO L 80 3.64 63.14 73.47
N PHE L 81 2.47 63.39 72.87
CA PHE L 81 1.19 62.75 73.24
C PHE L 81 0.87 62.94 74.72
N GLY L 82 1.10 64.14 75.24
CA GLY L 82 0.82 64.41 76.63
C GLY L 82 -0.64 64.71 76.93
N GLN L 83 -1.39 65.18 75.94
CA GLN L 83 -2.79 65.54 76.15
C GLN L 83 -3.71 64.32 76.09
N LEU L 84 -3.18 63.15 75.74
CA LEU L 84 -4.02 61.98 75.54
C LEU L 84 -4.36 61.27 76.84
N PHE L 85 -3.54 61.41 77.87
CA PHE L 85 -3.70 60.62 79.09
C PHE L 85 -4.70 61.28 80.03
N ARG L 86 -5.41 60.45 80.78
CA ARG L 86 -6.41 60.96 81.71
C ARG L 86 -5.74 61.49 82.96
N PRO L 87 -6.02 62.73 83.37
CA PRO L 87 -5.38 63.29 84.58
C PRO L 87 -5.89 62.70 85.88
N ASP L 88 -6.92 61.85 85.85
CA ASP L 88 -7.34 61.14 87.05
C ASP L 88 -6.28 60.14 87.51
N ASN L 89 -5.48 59.63 86.58
CA ASN L 89 -4.55 58.55 86.87
C ASN L 89 -3.18 59.03 87.34
N PHE L 90 -2.94 60.34 87.34
CA PHE L 90 -1.63 60.87 87.68
C PHE L 90 -1.36 60.82 89.18
N VAL L 91 -1.20 59.62 89.71
CA VAL L 91 -1.01 59.41 91.14
C VAL L 91 0.47 59.24 91.40
N PHE L 92 1.00 59.99 92.38
CA PHE L 92 2.43 59.92 92.66
C PHE L 92 2.69 60.31 94.12
N GLY L 93 3.89 59.97 94.58
CA GLY L 93 4.35 60.34 95.89
C GLY L 93 5.43 61.41 95.82
N GLN L 94 6.05 61.66 96.98
CA GLN L 94 7.05 62.71 97.10
C GLN L 94 8.37 62.21 97.68
N SER L 95 8.67 60.91 97.55
CA SER L 95 9.87 60.36 98.19
C SER L 95 11.02 60.13 97.21
N GLY L 96 10.82 59.28 96.21
CA GLY L 96 11.93 58.75 95.46
C GLY L 96 12.53 57.55 96.18
N ALA L 97 12.74 56.45 95.48
CA ALA L 97 13.18 55.23 96.15
C ALA L 97 14.65 55.28 96.54
N GLY L 98 15.47 56.04 95.81
CA GLY L 98 16.89 56.08 96.07
C GLY L 98 17.61 54.76 95.85
N ASN L 99 17.06 53.91 94.97
CA ASN L 99 17.51 52.54 94.73
C ASN L 99 17.56 51.73 96.03
N ASN L 100 16.38 51.56 96.63
CA ASN L 100 16.24 50.80 97.87
C ASN L 100 14.96 49.99 97.76
N TRP L 101 15.08 48.67 97.92
CA TRP L 101 13.93 47.79 97.74
C TRP L 101 12.92 47.95 98.88
N ALA L 102 13.41 47.94 100.12
CA ALA L 102 12.52 48.01 101.28
C ALA L 102 11.89 49.39 101.42
N LYS L 103 12.47 50.43 100.82
CA LYS L 103 11.74 51.68 100.67
C LYS L 103 10.59 51.51 99.67
N GLY L 104 10.88 50.90 98.51
CA GLY L 104 9.85 50.71 97.52
C GLY L 104 8.83 49.65 97.90
N HIS L 105 9.18 48.76 98.82
CA HIS L 105 8.28 47.69 99.23
C HIS L 105 7.62 47.95 100.57
N TYR L 106 8.41 48.21 101.62
CA TYR L 106 7.89 48.31 102.98
C TYR L 106 7.66 49.73 103.45
N THR L 107 8.55 50.66 103.11
CA THR L 107 8.55 51.97 103.74
C THR L 107 7.73 52.99 102.96
N GLU L 108 8.11 53.26 101.71
CA GLU L 108 7.45 54.33 100.96
C GLU L 108 6.41 53.80 99.99
N GLY L 109 6.67 52.64 99.39
CA GLY L 109 5.71 52.04 98.48
C GLY L 109 4.44 51.56 99.15
N ALA L 110 4.50 51.27 100.45
CA ALA L 110 3.31 50.86 101.20
C ALA L 110 2.31 52.00 101.39
N GLU L 111 2.75 53.24 101.20
CA GLU L 111 1.82 54.36 101.32
C GLU L 111 1.04 54.58 100.02
N LEU L 112 1.73 54.58 98.89
CA LEU L 112 1.12 54.93 97.62
C LEU L 112 0.42 53.74 96.96
N VAL L 113 0.56 52.53 97.52
CA VAL L 113 -0.08 51.36 96.94
C VAL L 113 -1.60 51.42 97.09
N ASP L 114 -2.11 52.13 98.11
CA ASP L 114 -3.55 52.14 98.35
C ASP L 114 -4.29 53.02 97.35
N ASN L 115 -3.64 54.08 96.85
CA ASN L 115 -4.33 55.03 95.99
C ASN L 115 -4.59 54.43 94.61
N VAL L 116 -3.59 53.78 94.03
CA VAL L 116 -3.78 53.20 92.70
C VAL L 116 -4.47 51.85 92.76
N LEU L 117 -4.57 51.24 93.96
CA LEU L 117 -5.31 49.99 94.10
C LEU L 117 -6.79 50.19 93.77
N ASP L 118 -7.35 51.33 94.18
CA ASP L 118 -8.70 51.66 93.78
C ASP L 118 -8.76 52.04 92.31
N VAL L 119 -7.66 52.55 91.76
CA VAL L 119 -7.62 52.90 90.34
C VAL L 119 -7.55 51.63 89.49
N ILE L 120 -6.84 50.62 89.96
CA ILE L 120 -6.93 49.28 89.38
C ILE L 120 -8.36 48.75 89.49
N ARG L 121 -9.02 49.02 90.62
CA ARG L 121 -10.39 48.58 90.81
C ARG L 121 -11.36 49.35 89.91
N LYS L 122 -11.12 50.66 89.72
CA LYS L 122 -12.13 51.54 89.12
C LYS L 122 -12.34 51.23 87.64
N GLU L 123 -11.27 51.11 86.87
CA GLU L 123 -11.42 50.78 85.45
C GLU L 123 -11.81 49.32 85.24
N ALA L 124 -11.61 48.47 86.24
CA ALA L 124 -12.02 47.08 86.13
C ALA L 124 -13.48 46.87 86.52
N GLU L 125 -14.09 47.85 87.20
CA GLU L 125 -15.51 47.77 87.50
C GLU L 125 -16.38 48.14 86.30
N GLY L 126 -15.87 48.97 85.40
CA GLY L 126 -16.61 49.40 84.23
C GLY L 126 -16.54 48.49 83.03
N CYS L 127 -16.14 47.23 83.21
CA CYS L 127 -16.03 46.29 82.11
C CYS L 127 -16.76 44.99 82.46
N ASP L 128 -17.05 44.21 81.42
CA ASP L 128 -17.82 42.98 81.59
C ASP L 128 -16.96 41.84 82.13
N CYS L 129 -15.77 41.63 81.57
CA CYS L 129 -14.92 40.52 81.96
C CYS L 129 -13.49 40.85 81.57
N LEU L 130 -12.62 41.05 82.57
CA LEU L 130 -11.24 41.38 82.32
C LEU L 130 -10.50 40.19 81.74
N GLN L 131 -9.33 40.46 81.14
CA GLN L 131 -8.56 39.44 80.43
C GLN L 131 -7.17 39.24 80.99
N GLY L 132 -6.50 40.29 81.43
CA GLY L 132 -5.15 40.16 81.94
C GLY L 132 -4.48 41.51 81.98
N PHE L 133 -3.37 41.55 82.71
CA PHE L 133 -2.66 42.79 82.95
C PHE L 133 -1.29 42.76 82.26
N GLN L 134 -0.84 43.93 81.82
CA GLN L 134 0.51 44.09 81.31
C GLN L 134 1.20 45.21 82.09
N LEU L 135 2.44 44.95 82.49
CA LEU L 135 3.16 45.79 83.44
C LEU L 135 4.58 46.02 82.95
N THR L 136 4.98 47.29 82.89
CA THR L 136 6.33 47.67 82.53
C THR L 136 6.99 48.32 83.73
N HIS L 137 8.15 47.79 84.14
CA HIS L 137 8.90 48.30 85.27
C HIS L 137 10.35 47.89 85.10
N SER L 138 11.13 48.02 86.15
CA SER L 138 12.54 47.66 86.13
C SER L 138 12.83 46.54 87.11
N LEU L 139 13.99 45.91 86.93
CA LEU L 139 14.55 45.02 87.92
C LEU L 139 15.90 45.47 88.44
N GLY L 140 16.49 46.52 87.85
CA GLY L 140 17.77 47.02 88.30
C GLY L 140 17.61 48.15 89.31
N GLY L 141 16.64 49.02 89.07
CA GLY L 141 16.44 50.18 89.90
C GLY L 141 15.73 49.87 91.21
N GLY L 142 15.23 50.92 91.85
CA GLY L 142 14.61 50.78 93.15
C GLY L 142 13.12 51.04 93.19
N THR L 143 12.64 51.94 92.34
CA THR L 143 11.23 52.30 92.36
C THR L 143 10.37 51.20 91.77
N GLY L 144 10.60 50.87 90.49
CA GLY L 144 9.81 49.84 89.84
C GLY L 144 10.07 48.45 90.36
N SER L 145 11.30 48.17 90.78
CA SER L 145 11.62 46.86 91.32
C SER L 145 11.20 46.69 92.77
N GLY L 146 10.81 47.77 93.43
CA GLY L 146 10.36 47.69 94.82
C GLY L 146 8.87 47.87 94.98
N MET L 147 8.29 48.76 94.17
CA MET L 147 6.86 49.05 94.24
C MET L 147 6.04 48.16 93.29
N GLY L 148 6.48 48.01 92.05
CA GLY L 148 5.82 47.10 91.13
C GLY L 148 5.96 45.63 91.51
N THR L 149 6.96 45.31 92.34
CA THR L 149 7.07 43.98 92.92
C THR L 149 5.87 43.68 93.83
N LEU L 150 5.52 44.62 94.70
CA LEU L 150 4.43 44.42 95.65
C LEU L 150 3.06 44.49 94.98
N LEU L 151 2.95 45.13 93.82
CA LEU L 151 1.66 45.29 93.17
C LEU L 151 1.10 43.96 92.67
N ILE L 152 1.97 43.06 92.21
CA ILE L 152 1.53 41.76 91.74
C ILE L 152 1.05 40.90 92.92
N SER L 153 1.58 41.16 94.12
CA SER L 153 1.13 40.44 95.30
C SER L 153 -0.26 40.86 95.77
N LYS L 154 -0.85 41.89 95.18
CA LYS L 154 -2.21 42.30 95.52
C LYS L 154 -3.18 42.20 94.35
N ILE L 155 -2.69 41.94 93.14
CA ILE L 155 -3.59 41.67 92.01
C ILE L 155 -4.27 40.33 92.19
N ARG L 156 -3.53 39.33 92.69
CA ARG L 156 -4.08 37.98 92.88
C ARG L 156 -5.16 37.94 93.95
N GLU L 157 -5.16 38.88 94.89
CA GLU L 157 -6.26 38.99 95.84
C GLU L 157 -7.52 39.53 95.17
N GLU L 158 -7.35 40.44 94.21
CA GLU L 158 -8.50 40.93 93.44
C GLU L 158 -8.90 39.95 92.34
N TYR L 159 -7.93 39.48 91.57
CA TYR L 159 -8.19 38.64 90.40
C TYR L 159 -7.22 37.48 90.38
N PRO L 160 -7.55 36.37 91.05
CA PRO L 160 -6.69 35.18 90.99
C PRO L 160 -6.85 34.35 89.73
N ASP L 161 -7.48 34.88 88.68
CA ASP L 161 -7.87 34.11 87.52
C ASP L 161 -7.04 34.40 86.27
N ARG L 162 -6.73 35.66 85.99
CA ARG L 162 -6.23 36.04 84.69
C ARG L 162 -4.71 35.99 84.63
N ILE L 163 -4.15 36.56 83.57
CA ILE L 163 -2.73 36.47 83.29
C ILE L 163 -2.04 37.78 83.68
N MET L 164 -0.73 37.72 83.85
CA MET L 164 0.06 38.84 84.34
C MET L 164 1.30 38.98 83.48
N SER L 165 1.35 40.02 82.65
CA SER L 165 2.51 40.33 81.83
C SER L 165 3.39 41.32 82.59
N SER L 166 4.58 40.87 82.98
CA SER L 166 5.52 41.70 83.73
C SER L 166 6.77 41.87 82.88
N PHE L 167 6.77 42.90 82.04
CA PHE L 167 7.89 43.19 81.16
C PHE L 167 8.87 44.07 81.94
N SER L 168 10.12 43.64 82.04
CA SER L 168 11.11 44.37 82.80
C SER L 168 12.51 44.11 82.27
N VAL L 169 13.36 45.12 82.33
CA VAL L 169 14.75 44.97 81.91
C VAL L 169 15.53 44.20 82.96
N VAL L 170 16.62 43.57 82.52
CA VAL L 170 17.40 42.68 83.37
C VAL L 170 18.87 43.10 83.32
N PRO L 171 19.68 42.75 84.33
CA PRO L 171 21.11 43.04 84.25
C PRO L 171 21.82 42.26 83.15
N SER L 172 22.99 42.76 82.75
CA SER L 172 23.90 42.26 81.73
C SER L 172 25.20 41.78 82.37
N PRO L 173 25.88 40.80 81.77
CA PRO L 173 27.15 40.33 82.35
C PRO L 173 28.31 41.30 82.16
N LYS L 174 28.23 42.21 81.19
CA LYS L 174 29.40 43.02 80.83
C LYS L 174 29.61 44.17 81.81
N VAL L 175 28.65 45.10 81.87
CA VAL L 175 28.76 46.30 82.69
C VAL L 175 27.50 46.41 83.53
N SER L 176 27.66 46.45 84.85
CA SER L 176 26.53 46.68 85.74
C SER L 176 26.07 48.13 85.64
N ASP L 177 24.77 48.34 85.83
CA ASP L 177 24.19 49.68 85.72
C ASP L 177 24.09 50.40 87.05
N THR L 178 23.65 49.73 88.11
CA THR L 178 23.60 50.30 89.44
C THR L 178 24.42 49.45 90.41
N VAL L 179 24.61 49.99 91.61
CA VAL L 179 25.50 49.34 92.58
C VAL L 179 24.79 48.17 93.26
N VAL L 180 23.50 48.34 93.56
CA VAL L 180 22.73 47.31 94.26
C VAL L 180 21.94 46.50 93.24
N GLU L 181 22.44 46.47 92.01
CA GLU L 181 21.78 45.73 90.93
C GLU L 181 21.65 44.22 91.17
N PRO L 182 22.63 43.49 91.74
CA PRO L 182 22.32 42.10 92.13
C PRO L 182 21.39 42.00 93.34
N TYR L 183 21.29 43.04 94.16
CA TYR L 183 20.32 43.02 95.24
C TYR L 183 18.90 43.24 94.73
N ASN L 184 18.74 44.07 93.71
CA ASN L 184 17.42 44.32 93.16
C ASN L 184 16.92 43.20 92.27
N ALA L 185 17.78 42.24 91.93
CA ALA L 185 17.38 41.13 91.08
C ALA L 185 16.88 39.93 91.86
N THR L 186 17.66 39.47 92.86
CA THR L 186 17.30 38.26 93.59
C THR L 186 16.06 38.48 94.46
N LEU L 187 15.92 39.69 95.00
CA LEU L 187 14.77 39.98 95.85
C LEU L 187 13.50 40.20 95.03
N SER L 188 13.64 40.62 93.77
CA SER L 188 12.47 40.79 92.91
C SER L 188 11.97 39.46 92.37
N VAL L 189 12.89 38.64 91.84
CA VAL L 189 12.56 37.35 91.23
C VAL L 189 11.99 36.39 92.28
N HIS L 190 12.38 36.57 93.55
CA HIS L 190 11.73 35.90 94.68
C HIS L 190 10.22 36.10 94.70
N GLN L 191 9.76 37.28 94.32
CA GLN L 191 8.34 37.52 94.18
C GLN L 191 7.83 37.30 92.76
N LEU L 192 8.71 37.28 91.77
CA LEU L 192 8.27 37.04 90.40
C LEU L 192 7.99 35.57 90.13
N VAL L 193 8.71 34.65 90.78
CA VAL L 193 8.41 33.24 90.60
C VAL L 193 7.21 32.79 91.42
N GLU L 194 6.68 33.66 92.27
CA GLU L 194 5.53 33.33 93.10
C GLU L 194 4.20 33.56 92.37
N ASN L 195 4.03 34.71 91.73
CA ASN L 195 2.71 35.12 91.27
C ASN L 195 2.69 35.73 89.87
N THR L 196 3.68 35.48 89.03
CA THR L 196 3.70 36.05 87.69
C THR L 196 3.58 34.94 86.65
N ASP L 197 3.30 35.35 85.42
CA ASP L 197 3.08 34.40 84.33
C ASP L 197 4.06 34.53 83.18
N GLU L 198 4.61 35.71 82.93
CA GLU L 198 5.70 35.85 81.97
C GLU L 198 6.56 37.06 82.29
N THR L 199 7.87 36.91 82.10
CA THR L 199 8.83 38.00 82.13
C THR L 199 9.67 37.91 80.86
N TYR L 200 9.96 39.06 80.26
CA TYR L 200 10.83 39.11 79.08
C TYR L 200 12.14 39.76 79.50
N CYS L 201 13.17 38.93 79.62
CA CYS L 201 14.49 39.38 80.07
C CYS L 201 15.20 40.06 78.91
N ILE L 202 15.08 41.38 78.83
CA ILE L 202 15.71 42.17 77.77
C ILE L 202 16.97 42.79 78.35
N ASP L 203 18.12 42.47 77.76
CA ASP L 203 19.37 43.07 78.18
C ASP L 203 19.54 44.45 77.56
N ASN L 204 20.02 45.39 78.37
CA ASN L 204 20.37 46.71 77.85
C ASN L 204 21.60 46.64 76.97
N GLU L 205 22.48 45.67 77.21
CA GLU L 205 23.74 45.58 76.48
C GLU L 205 23.52 45.15 75.03
N ALA L 206 22.74 44.08 74.82
CA ALA L 206 22.59 43.51 73.49
C ALA L 206 21.72 44.37 72.58
N LEU L 207 20.95 45.30 73.14
CA LEU L 207 20.17 46.21 72.30
C LEU L 207 21.06 47.15 71.50
N TYR L 208 22.24 47.51 72.03
CA TYR L 208 23.18 48.27 71.24
C TYR L 208 23.77 47.42 70.11
N ASP L 209 24.04 46.14 70.40
CA ASP L 209 24.59 45.22 69.41
C ASP L 209 23.60 44.97 68.28
N ILE L 210 22.31 45.07 68.57
CA ILE L 210 21.31 45.12 67.51
C ILE L 210 21.47 46.41 66.71
N CYS L 211 21.59 47.54 67.40
CA CYS L 211 21.66 48.83 66.71
C CYS L 211 23.01 49.05 66.03
N TYR L 212 24.09 48.48 66.58
CA TYR L 212 25.41 48.72 66.03
C TYR L 212 25.65 47.98 64.73
N ARG L 213 25.01 46.82 64.55
CA ARG L 213 25.23 45.98 63.37
C ARG L 213 24.12 46.11 62.34
N THR L 214 22.86 45.98 62.78
CA THR L 214 21.75 46.09 61.84
C THR L 214 21.46 47.55 61.51
N LEU L 215 21.15 48.35 62.53
CA LEU L 215 20.78 49.73 62.31
C LEU L 215 21.97 50.62 61.99
N LYS L 216 23.18 50.22 62.42
CA LYS L 216 24.44 50.95 62.21
C LYS L 216 24.39 52.36 62.79
N LEU L 217 23.58 52.56 63.83
CA LEU L 217 23.34 53.90 64.34
C LEU L 217 24.41 54.29 65.37
N THR L 218 25.12 55.37 65.07
CA THR L 218 26.22 55.81 65.93
C THR L 218 25.74 56.50 67.19
N ASN L 219 24.53 57.06 67.17
CA ASN L 219 24.00 57.86 68.27
C ASN L 219 22.73 57.20 68.80
N PRO L 220 22.83 56.26 69.73
CA PRO L 220 21.63 55.62 70.27
C PRO L 220 20.85 56.53 71.20
N THR L 221 19.75 57.07 70.71
CA THR L 221 18.83 57.83 71.54
C THR L 221 17.94 56.86 72.30
N TYR L 222 17.65 57.18 73.57
CA TYR L 222 16.79 56.33 74.38
C TYR L 222 15.36 56.26 73.87
N GLY L 223 14.94 57.20 73.02
CA GLY L 223 13.70 57.01 72.29
C GLY L 223 13.78 55.88 71.28
N ASP L 224 14.99 55.61 70.77
CA ASP L 224 15.14 54.60 69.73
C ASP L 224 15.33 53.20 70.29
N LEU L 225 15.92 53.08 71.49
CA LEU L 225 16.06 51.75 72.07
C LEU L 225 14.73 51.21 72.56
N ASN L 226 13.90 52.07 73.15
CA ASN L 226 12.55 51.66 73.51
C ASN L 226 11.64 51.50 72.30
N HIS L 227 12.00 52.14 71.17
CA HIS L 227 11.27 51.94 69.93
C HIS L 227 11.38 50.51 69.43
N LEU L 228 12.52 49.86 69.67
CA LEU L 228 12.64 48.44 69.37
C LEU L 228 11.98 47.58 70.42
N VAL L 229 11.77 48.12 71.62
CA VAL L 229 10.93 47.44 72.60
C VAL L 229 9.47 47.66 72.24
N SER L 230 9.16 48.80 71.61
CA SER L 230 7.78 49.13 71.27
C SER L 230 7.23 48.22 70.19
N LEU L 231 8.01 47.98 69.13
CA LEU L 231 7.52 47.12 68.05
C LEU L 231 7.49 45.66 68.44
N THR L 232 8.21 45.27 69.49
CA THR L 232 8.13 43.90 69.98
C THR L 232 6.79 43.64 70.67
N MET L 233 6.34 44.58 71.49
CA MET L 233 5.13 44.38 72.27
C MET L 233 3.87 44.49 71.41
N SER L 234 3.89 45.32 70.38
CA SER L 234 2.71 45.47 69.54
C SER L 234 2.47 44.24 68.66
N GLY L 235 3.54 43.52 68.30
CA GLY L 235 3.39 42.30 67.54
C GLY L 235 2.83 41.14 68.35
N VAL L 236 2.94 41.21 69.68
CA VAL L 236 2.43 40.13 70.51
C VAL L 236 0.91 40.15 70.54
N THR L 237 0.31 41.33 70.70
CA THR L 237 -1.13 41.46 70.82
C THR L 237 -1.81 41.78 69.49
N THR L 238 -1.25 41.31 68.37
CA THR L 238 -1.85 41.60 67.08
C THR L 238 -3.09 40.76 66.80
N CYS L 239 -3.27 39.64 67.50
CA CYS L 239 -4.44 38.80 67.26
C CYS L 239 -5.69 39.42 67.87
N LEU L 240 -5.57 40.00 69.06
CA LEU L 240 -6.70 40.60 69.74
C LEU L 240 -7.15 41.90 69.08
N ARG L 241 -6.31 42.48 68.23
CA ARG L 241 -6.60 43.77 67.63
C ARG L 241 -6.85 43.70 66.13
N PHE L 242 -6.54 42.57 65.49
CA PHE L 242 -6.66 42.46 64.05
C PHE L 242 -7.12 41.05 63.69
N PRO L 243 -7.92 40.90 62.62
CA PRO L 243 -8.31 39.56 62.19
C PRO L 243 -7.22 38.85 61.41
N GLY L 244 -7.54 37.67 60.88
CA GLY L 244 -6.57 36.91 60.11
C GLY L 244 -7.03 35.49 59.93
N GLN L 245 -6.13 34.67 59.39
CA GLN L 245 -6.44 33.27 59.18
C GLN L 245 -6.24 32.40 60.41
N LEU L 246 -5.57 32.93 61.45
CA LEU L 246 -5.36 32.18 62.68
C LEU L 246 -5.14 33.18 63.80
N ASN L 247 -6.05 33.21 64.77
CA ASN L 247 -5.95 34.14 65.89
C ASN L 247 -5.51 33.40 67.14
N ALA L 248 -4.72 34.10 67.98
CA ALA L 248 -4.05 33.50 69.12
C ALA L 248 -3.91 34.57 70.21
N ASP L 249 -4.73 34.48 71.25
CA ASP L 249 -4.69 35.50 72.30
C ASP L 249 -3.49 35.29 73.22
N LEU L 250 -3.41 36.13 74.25
CA LEU L 250 -2.28 36.08 75.18
C LEU L 250 -2.30 34.80 76.00
N ARG L 251 -3.48 34.26 76.28
CA ARG L 251 -3.56 32.99 76.99
C ARG L 251 -3.10 31.84 76.12
N LYS L 252 -3.37 31.90 74.81
CA LYS L 252 -2.86 30.86 73.91
C LYS L 252 -1.35 30.97 73.78
N LEU L 253 -0.82 32.19 73.81
CA LEU L 253 0.62 32.38 73.88
C LEU L 253 1.18 31.91 75.22
N ALA L 254 0.35 31.96 76.27
CA ALA L 254 0.79 31.45 77.56
C ALA L 254 0.78 29.92 77.58
N VAL L 255 -0.37 29.31 77.23
CA VAL L 255 -0.56 27.89 77.42
C VAL L 255 0.32 27.03 76.50
N ASN L 256 0.76 27.58 75.37
CA ASN L 256 1.57 26.80 74.45
C ASN L 256 3.01 26.70 74.93
N MET L 257 3.46 27.66 75.74
CA MET L 257 4.87 27.81 76.00
C MET L 257 5.30 27.26 77.37
N VAL L 258 4.68 27.73 78.45
CA VAL L 258 5.18 27.46 79.80
C VAL L 258 4.87 26.01 80.22
N PRO L 259 5.90 25.19 80.45
CA PRO L 259 5.66 23.76 80.68
C PRO L 259 5.44 23.42 82.14
N PHE L 260 5.92 24.26 83.04
CA PHE L 260 5.96 24.03 84.47
C PHE L 260 5.82 25.40 85.12
N PRO L 261 5.16 25.51 86.28
CA PRO L 261 4.74 26.83 86.79
C PRO L 261 5.87 27.79 87.20
N ARG L 262 7.13 27.45 87.00
CA ARG L 262 8.23 28.38 87.17
C ARG L 262 8.87 28.83 85.87
N LEU L 263 9.00 27.93 84.90
CA LEU L 263 9.81 28.19 83.71
C LEU L 263 8.98 28.95 82.69
N HIS L 264 8.95 30.27 82.87
CA HIS L 264 8.22 31.15 81.98
C HIS L 264 9.04 32.39 81.66
N PHE L 265 10.34 32.22 81.51
CA PHE L 265 11.30 33.33 81.39
C PHE L 265 11.80 33.33 79.96
N PHE L 266 11.19 34.17 79.12
CA PHE L 266 11.30 34.05 77.67
C PHE L 266 12.03 35.25 77.10
N MET L 267 12.80 35.01 76.04
CA MET L 267 13.41 36.17 75.39
C MET L 267 12.73 36.43 74.05
N PRO L 268 12.54 37.70 73.69
CA PRO L 268 11.85 38.03 72.44
C PRO L 268 12.82 38.22 71.28
N GLY L 269 12.26 38.27 70.08
CA GLY L 269 13.03 38.47 68.87
C GLY L 269 12.18 39.13 67.80
N PHE L 270 12.83 39.85 66.90
CA PHE L 270 12.12 40.56 65.85
C PHE L 270 12.95 40.58 64.57
N ALA L 271 12.28 40.37 63.44
CA ALA L 271 12.85 40.45 62.12
C ALA L 271 11.80 41.04 61.20
N PRO L 272 12.19 41.85 60.19
CA PRO L 272 13.53 42.27 59.78
C PRO L 272 14.11 43.42 60.59
N LEU L 273 15.45 43.49 60.62
CA LEU L 273 16.18 44.56 61.30
C LEU L 273 17.42 44.85 60.48
N SER L 274 17.48 46.04 59.88
CA SER L 274 18.67 46.50 59.18
C SER L 274 18.60 48.02 59.08
N ALA L 275 19.64 48.59 58.47
CA ALA L 275 19.73 50.03 58.30
C ALA L 275 18.93 50.51 57.09
N LYS L 276 19.15 51.76 56.67
CA LYS L 276 18.37 52.33 55.58
C LYS L 276 18.79 51.76 54.22
N GLY L 277 20.09 51.79 53.93
CA GLY L 277 20.56 51.54 52.57
C GLY L 277 20.53 50.09 52.12
N THR L 278 20.32 49.15 53.04
CA THR L 278 20.29 47.73 52.70
C THR L 278 18.87 47.22 52.46
N GLN L 279 17.97 48.08 51.99
CA GLN L 279 16.58 47.67 51.78
C GLN L 279 16.45 46.78 50.54
N ALA L 280 16.81 47.31 49.37
CA ALA L 280 16.61 46.59 48.11
C ALA L 280 17.60 45.46 47.90
N TYR L 281 18.78 45.52 48.53
CA TYR L 281 19.84 44.57 48.25
C TYR L 281 19.61 43.20 48.86
N ARG L 282 18.67 43.05 49.79
CA ARG L 282 18.32 41.74 50.32
C ARG L 282 16.92 41.36 49.84
N ALA L 283 16.48 40.18 50.24
CA ALA L 283 15.22 39.61 49.76
C ALA L 283 14.19 39.57 50.88
N LEU L 284 12.95 39.90 50.52
CA LEU L 284 11.82 39.78 51.44
C LEU L 284 11.07 38.48 51.15
N THR L 285 11.74 37.38 51.45
CA THR L 285 11.17 36.05 51.29
C THR L 285 10.89 35.47 52.67
N VAL L 286 10.20 34.32 52.68
CA VAL L 286 10.01 33.60 53.92
C VAL L 286 11.34 33.02 54.40
N ALA L 287 12.21 32.64 53.46
CA ALA L 287 13.48 32.04 53.82
C ALA L 287 14.47 33.04 54.40
N GLU L 288 14.46 34.28 53.91
CA GLU L 288 15.38 35.27 54.45
C GLU L 288 14.93 35.74 55.83
N LEU L 289 13.62 35.89 56.02
CA LEU L 289 13.10 36.24 57.34
C LEU L 289 13.16 35.10 58.33
N THR L 290 13.35 33.86 57.86
CA THR L 290 13.42 32.73 58.78
C THR L 290 14.75 32.71 59.52
N GLN L 291 15.86 32.74 58.79
CA GLN L 291 17.16 32.49 59.39
C GLN L 291 17.66 33.68 60.20
N GLN L 292 17.09 34.86 59.98
CA GLN L 292 17.40 35.99 60.85
C GLN L 292 16.87 35.76 62.25
N MET L 293 15.70 35.12 62.37
CA MET L 293 15.05 34.86 63.65
C MET L 293 15.83 33.92 64.55
N PHE L 294 16.71 33.10 63.97
CA PHE L 294 17.41 32.06 64.70
C PHE L 294 18.91 32.32 64.75
N ASP L 295 19.29 33.59 64.74
CA ASP L 295 20.68 34.01 64.85
C ASP L 295 20.93 34.54 66.26
N ALA L 296 22.21 34.54 66.65
CA ALA L 296 22.60 35.20 67.89
C ALA L 296 22.46 36.72 67.79
N LYS L 297 22.46 37.25 66.56
CA LYS L 297 22.22 38.67 66.33
C LYS L 297 20.84 39.10 66.80
N ASN L 298 19.82 38.29 66.52
CA ASN L 298 18.45 38.63 66.88
C ASN L 298 18.15 38.37 68.35
N MET L 299 19.07 37.79 69.10
CA MET L 299 18.88 37.57 70.53
C MET L 299 18.94 38.92 71.24
N MET L 300 17.78 39.43 71.65
CA MET L 300 17.70 40.73 72.33
C MET L 300 18.36 40.71 73.70
N ALA L 301 18.45 39.55 74.33
CA ALA L 301 19.28 39.38 75.52
C ALA L 301 20.67 38.93 75.11
N ALA L 302 21.64 39.17 75.98
CA ALA L 302 23.04 38.83 75.70
C ALA L 302 23.36 37.44 76.23
N CYS L 303 22.59 36.46 75.77
CA CYS L 303 22.86 35.06 76.05
C CYS L 303 23.02 34.32 74.74
N ASP L 304 23.76 33.23 74.76
CA ASP L 304 24.19 32.57 73.54
C ASP L 304 23.17 31.50 73.18
N PRO L 305 22.49 31.61 72.03
CA PRO L 305 21.42 30.64 71.71
C PRO L 305 21.91 29.24 71.39
N ARG L 306 23.16 29.09 70.96
CA ARG L 306 23.76 27.76 70.77
C ARG L 306 24.41 27.23 72.04
N HIS L 307 24.12 27.85 73.19
CA HIS L 307 24.47 27.30 74.49
C HIS L 307 23.23 26.85 75.25
N GLY L 308 22.12 26.64 74.54
CA GLY L 308 20.89 26.19 75.13
C GLY L 308 20.07 25.38 74.15
N ARG L 309 18.77 25.27 74.41
CA ARG L 309 17.85 24.49 73.60
C ARG L 309 16.52 25.22 73.53
N TYR L 310 15.98 25.35 72.33
CA TYR L 310 14.65 25.93 72.17
C TYR L 310 13.59 24.91 72.55
N LEU L 311 12.77 25.27 73.54
CA LEU L 311 11.67 24.39 73.95
C LEU L 311 10.40 24.68 73.15
N THR L 312 9.90 25.91 73.23
CA THR L 312 8.69 26.32 72.52
C THR L 312 9.02 27.51 71.62
N VAL L 313 8.88 27.32 70.32
CA VAL L 313 9.15 28.35 69.32
C VAL L 313 7.83 29.00 68.95
N ALA L 314 7.71 30.29 69.23
CA ALA L 314 6.50 31.06 68.93
C ALA L 314 6.79 31.96 67.73
N ALA L 315 6.08 31.72 66.64
CA ALA L 315 6.26 32.47 65.40
C ALA L 315 5.01 33.30 65.15
N MET L 316 5.07 34.57 65.53
CA MET L 316 3.98 35.51 65.30
C MET L 316 4.32 36.32 64.06
N PHE L 317 3.86 35.84 62.91
CA PHE L 317 4.19 36.45 61.63
C PHE L 317 3.13 37.47 61.26
N ARG L 318 3.56 38.58 60.67
CA ARG L 318 2.69 39.71 60.38
C ARG L 318 2.83 40.09 58.92
N GLY L 319 1.73 40.00 58.18
CA GLY L 319 1.71 40.33 56.77
C GLY L 319 1.05 39.25 55.95
N ARG L 320 0.68 39.61 54.73
CA ARG L 320 0.09 38.67 53.77
C ARG L 320 1.17 37.70 53.32
N MET L 321 1.10 36.46 53.79
CA MET L 321 2.13 35.47 53.57
C MET L 321 1.50 34.18 53.06
N SER L 322 2.33 33.36 52.43
CA SER L 322 1.94 32.03 51.98
C SER L 322 2.12 31.06 53.14
N MET L 323 1.04 30.34 53.48
CA MET L 323 1.05 29.49 54.65
C MET L 323 1.96 28.27 54.47
N ARG L 324 2.06 27.77 53.25
CA ARG L 324 2.83 26.55 53.01
C ARG L 324 4.32 26.79 53.16
N GLU L 325 4.80 27.96 52.74
CA GLU L 325 6.21 28.28 52.93
C GLU L 325 6.54 28.50 54.39
N VAL L 326 5.56 28.96 55.18
CA VAL L 326 5.70 28.92 56.63
C VAL L 326 5.69 27.47 57.10
N ASP L 327 4.80 26.65 56.53
CA ASP L 327 4.75 25.24 56.87
C ASP L 327 5.98 24.49 56.36
N GLU L 328 6.63 25.00 55.31
CA GLU L 328 7.82 24.35 54.77
C GLU L 328 9.01 24.54 55.70
N GLN L 329 9.32 25.78 56.05
CA GLN L 329 10.59 26.09 56.66
C GLN L 329 10.62 25.81 58.16
N MET L 330 9.47 25.87 58.83
CA MET L 330 9.42 25.51 60.24
C MET L 330 9.65 24.03 60.44
N LEU L 331 9.36 23.20 59.43
CA LEU L 331 9.87 21.85 59.43
C LEU L 331 11.37 21.83 59.22
N ASN L 332 11.87 22.70 58.34
CA ASN L 332 13.25 22.60 57.87
C ASN L 332 14.26 23.01 58.94
N VAL L 333 13.83 23.81 59.92
CA VAL L 333 14.76 24.20 60.97
C VAL L 333 15.03 23.03 61.90
N GLN L 334 14.03 22.17 62.14
CA GLN L 334 14.26 21.03 63.01
C GLN L 334 15.02 19.91 62.30
N ASN L 335 14.94 19.86 60.97
CA ASN L 335 15.80 18.97 60.20
C ASN L 335 17.23 19.45 60.16
N LYS L 336 17.46 20.73 60.42
CA LYS L 336 18.82 21.27 60.55
C LYS L 336 19.30 21.26 61.98
N ASN L 337 18.47 21.71 62.91
CA ASN L 337 18.90 22.10 64.25
C ASN L 337 18.25 21.24 65.33
N SER L 338 18.24 19.92 65.13
CA SER L 338 17.61 19.01 66.08
C SER L 338 18.34 18.97 67.42
N SER L 339 19.65 19.24 67.41
CA SER L 339 20.37 19.40 68.68
C SER L 339 19.97 20.68 69.39
N TYR L 340 19.58 21.71 68.63
CA TYR L 340 19.22 23.00 69.21
C TYR L 340 17.83 23.01 69.84
N PHE L 341 17.09 21.91 69.77
CA PHE L 341 15.81 21.79 70.46
C PHE L 341 15.95 20.84 71.64
N VAL L 342 14.98 20.95 72.55
CA VAL L 342 14.75 19.86 73.50
C VAL L 342 14.24 18.65 72.71
N GLU L 343 14.69 17.46 73.10
CA GLU L 343 14.44 16.28 72.31
C GLU L 343 13.08 15.64 72.60
N TRP L 344 12.67 15.59 73.87
CA TRP L 344 11.48 14.83 74.22
C TRP L 344 10.19 15.59 73.99
N ILE L 345 10.24 16.86 73.60
CA ILE L 345 9.05 17.62 73.23
C ILE L 345 8.99 17.68 71.70
N PRO L 346 8.09 16.94 71.07
CA PRO L 346 8.00 16.98 69.61
C PRO L 346 7.26 18.20 69.13
N ASN L 347 7.60 18.62 67.90
CA ASN L 347 6.94 19.69 67.15
C ASN L 347 6.99 21.01 67.93
N ASN L 348 8.21 21.50 68.09
CA ASN L 348 8.48 22.65 68.96
C ASN L 348 8.00 23.98 68.38
N VAL L 349 7.51 24.02 67.15
CA VAL L 349 7.12 25.27 66.52
C VAL L 349 5.63 25.53 66.76
N LYS L 350 5.33 26.69 67.33
CA LYS L 350 3.96 27.21 67.37
C LYS L 350 3.87 28.42 66.45
N THR L 351 2.90 28.38 65.54
CA THR L 351 2.76 29.39 64.50
C THR L 351 1.41 30.09 64.63
N ALA L 352 1.46 31.41 64.73
CA ALA L 352 0.27 32.25 64.67
C ALA L 352 0.49 33.33 63.63
N VAL L 353 -0.40 33.43 62.66
CA VAL L 353 -0.23 34.33 61.54
C VAL L 353 -1.44 35.26 61.46
N CYS L 354 -1.20 36.54 61.69
CA CYS L 354 -2.16 37.58 61.32
C CYS L 354 -1.75 38.15 59.97
N ASP L 355 -2.76 38.51 59.18
CA ASP L 355 -2.54 38.97 57.82
C ASP L 355 -2.32 40.47 57.72
N ILE L 356 -1.89 41.11 58.79
CA ILE L 356 -1.65 42.55 58.83
C ILE L 356 -0.22 42.79 59.29
N PRO L 357 0.62 43.43 58.49
CA PRO L 357 1.99 43.74 58.92
C PRO L 357 2.01 45.03 59.71
N PRO L 358 3.07 45.30 60.47
CA PRO L 358 3.19 46.61 61.12
C PRO L 358 3.47 47.72 60.11
N ARG L 359 3.29 48.95 60.58
CA ARG L 359 3.46 50.11 59.72
C ARG L 359 4.94 50.38 59.49
N GLY L 360 5.35 50.37 58.23
CA GLY L 360 6.74 50.58 57.85
C GLY L 360 7.38 49.43 57.12
N LEU L 361 6.71 48.28 56.98
CA LEU L 361 7.26 47.11 56.32
C LEU L 361 6.21 46.53 55.38
N LYS L 362 6.52 45.35 54.83
CA LYS L 362 5.56 44.56 54.07
C LYS L 362 5.36 43.19 54.65
N MET L 363 6.33 42.67 55.40
CA MET L 363 6.28 41.35 55.99
C MET L 363 7.25 41.31 57.16
N ALA L 364 6.75 40.97 58.34
CA ALA L 364 7.56 41.02 59.54
C ALA L 364 7.36 39.73 60.33
N ALA L 365 8.21 39.56 61.34
CA ALA L 365 8.17 38.35 62.17
C ALA L 365 8.45 38.74 63.60
N THR L 366 7.54 38.36 64.50
CA THR L 366 7.68 38.63 65.93
C THR L 366 7.95 37.31 66.63
N PHE L 367 9.17 37.17 67.16
CA PHE L 367 9.63 35.92 67.74
C PHE L 367 9.70 36.03 69.25
N VAL L 368 9.23 35.00 69.93
CA VAL L 368 9.45 34.80 71.36
C VAL L 368 9.93 33.37 71.55
N GLY L 369 11.09 33.20 72.17
CA GLY L 369 11.69 31.89 72.31
C GLY L 369 11.89 31.51 73.76
N ASN L 370 12.20 30.22 73.96
CA ASN L 370 12.52 29.66 75.27
C ASN L 370 13.80 28.85 75.12
N SER L 371 14.93 29.53 75.24
CA SER L 371 16.21 28.87 75.30
C SER L 371 16.52 28.51 76.74
N THR L 372 17.14 27.34 76.95
CA THR L 372 17.59 26.98 78.29
C THR L 372 18.98 27.54 78.60
N ALA L 373 19.54 28.36 77.71
CA ALA L 373 20.71 29.17 78.00
C ALA L 373 20.38 30.41 78.82
N ILE L 374 19.09 30.69 79.07
CA ILE L 374 18.68 31.73 80.00
C ILE L 374 18.91 31.30 81.45
N GLN L 375 19.23 30.02 81.65
CA GLN L 375 19.77 29.54 82.92
C GLN L 375 21.02 30.32 83.32
N GLU L 376 21.85 30.68 82.35
CA GLU L 376 23.06 31.45 82.63
C GLU L 376 22.75 32.89 83.07
N LEU L 377 21.56 33.40 82.78
CA LEU L 377 21.18 34.71 83.31
C LEU L 377 21.05 34.69 84.82
N PHE L 378 20.58 33.58 85.37
CA PHE L 378 20.47 33.44 86.80
C PHE L 378 21.68 32.77 87.43
N LYS L 379 22.59 32.26 86.61
CA LYS L 379 23.88 31.83 87.12
C LYS L 379 24.78 33.03 87.42
N ARG L 380 24.79 34.02 86.53
CA ARG L 380 25.72 35.13 86.67
C ARG L 380 25.30 36.09 87.78
N ILE L 381 24.00 36.20 88.08
CA ILE L 381 23.56 37.15 89.08
C ILE L 381 23.57 36.52 90.47
N SER L 382 23.41 35.20 90.56
CA SER L 382 23.46 34.53 91.85
C SER L 382 24.87 34.54 92.45
N GLU L 383 25.89 34.73 91.62
CA GLU L 383 27.24 34.91 92.17
C GLU L 383 27.48 36.35 92.59
N GLN L 384 26.97 37.31 91.81
CA GLN L 384 27.11 38.72 92.18
C GLN L 384 26.24 39.07 93.38
N PHE L 385 25.08 38.43 93.51
CA PHE L 385 24.27 38.58 94.72
C PHE L 385 24.99 38.02 95.94
N THR L 386 25.63 36.87 95.79
CA THR L 386 26.43 36.28 96.84
C THR L 386 27.88 36.75 96.81
N ALA L 387 28.19 37.81 96.05
CA ALA L 387 29.51 38.41 96.13
C ALA L 387 29.61 39.38 97.30
N MET L 388 28.50 40.06 97.62
CA MET L 388 28.50 41.09 98.65
C MET L 388 27.82 40.65 99.93
N PHE L 389 27.01 39.60 99.90
CA PHE L 389 26.44 39.08 101.13
C PHE L 389 27.49 38.37 101.98
N ARG L 390 28.55 37.87 101.36
CA ARG L 390 29.64 37.26 102.09
C ARG L 390 30.44 38.28 102.91
N ARG L 391 30.37 39.56 102.54
CA ARG L 391 31.00 40.62 103.31
C ARG L 391 29.98 41.49 104.02
N LYS L 392 28.68 41.23 103.83
CA LYS L 392 27.56 41.89 104.52
C LYS L 392 27.54 43.40 104.26
N ALA L 393 27.98 43.80 103.07
CA ALA L 393 27.98 45.21 102.71
C ALA L 393 26.57 45.69 102.40
N PHE L 394 26.34 46.99 102.58
CA PHE L 394 25.08 47.68 102.30
C PHE L 394 23.92 47.12 103.13
N LEU L 395 24.23 46.49 104.25
CA LEU L 395 23.18 45.92 105.09
C LEU L 395 22.44 47.01 105.85
N HIS L 396 23.11 48.13 106.09
CA HIS L 396 22.52 49.25 106.81
C HIS L 396 21.60 50.11 105.95
N TRP L 397 21.42 49.77 104.66
CA TRP L 397 20.38 50.37 103.86
C TRP L 397 19.14 49.49 103.77
N TYR L 398 19.22 48.26 104.27
CA TYR L 398 18.12 47.31 104.24
C TYR L 398 17.63 46.95 105.63
N THR L 399 18.54 46.54 106.51
CA THR L 399 18.19 46.29 107.91
C THR L 399 17.85 47.60 108.62
N GLY L 400 18.49 48.70 108.22
CA GLY L 400 18.07 50.01 108.66
C GLY L 400 16.66 50.37 108.21
N GLU L 401 16.21 49.82 107.10
CA GLU L 401 14.79 49.86 106.75
C GLU L 401 14.00 48.76 107.44
N GLY L 402 14.65 47.69 107.87
CA GLY L 402 13.96 46.61 108.55
C GLY L 402 13.84 45.34 107.74
N MET L 403 14.89 44.98 107.00
CA MET L 403 14.89 43.78 106.19
C MET L 403 15.53 42.63 106.95
N ASP L 404 15.00 41.43 106.76
CA ASP L 404 15.53 40.23 107.38
C ASP L 404 16.75 39.72 106.62
N GLU L 405 17.68 39.12 107.37
CA GLU L 405 18.79 38.41 106.73
C GLU L 405 18.29 37.12 106.10
N MET L 406 17.28 36.49 106.68
CA MET L 406 16.71 35.27 106.09
C MET L 406 15.95 35.58 104.80
N GLU L 407 15.49 36.83 104.63
CA GLU L 407 14.87 37.26 103.38
C GLU L 407 15.84 37.18 102.21
N PHE L 408 17.15 37.37 102.48
CA PHE L 408 18.16 37.10 101.46
C PHE L 408 18.26 35.61 101.18
N THR L 409 18.44 34.79 102.24
CA THR L 409 18.77 33.38 102.05
C THR L 409 17.58 32.56 101.56
N GLU L 410 16.36 32.95 101.93
CA GLU L 410 15.18 32.28 101.37
C GLU L 410 15.05 32.54 99.88
N ALA L 411 15.35 33.76 99.45
CA ALA L 411 15.43 34.06 98.03
C ALA L 411 16.62 33.37 97.38
N GLU L 412 17.72 33.25 98.12
CA GLU L 412 18.94 32.67 97.57
C GLU L 412 18.80 31.17 97.33
N SER L 413 18.03 30.48 98.17
CA SER L 413 17.78 29.06 97.94
C SER L 413 16.83 28.86 96.75
N ASN L 414 15.81 29.69 96.65
CA ASN L 414 14.87 29.60 95.54
C ASN L 414 15.46 30.12 94.23
N MET L 415 16.50 30.96 94.30
CA MET L 415 17.21 31.34 93.10
C MET L 415 18.01 30.17 92.54
N ASN L 416 18.62 29.37 93.41
CA ASN L 416 19.47 28.27 92.96
C ASN L 416 18.67 27.04 92.59
N ASP L 417 17.44 26.89 93.10
CA ASP L 417 16.57 25.83 92.62
C ASP L 417 16.05 26.12 91.22
N LEU L 418 16.03 27.39 90.81
CA LEU L 418 15.51 27.78 89.51
C LEU L 418 16.41 27.28 88.38
N ILE L 419 17.73 27.40 88.54
CA ILE L 419 18.63 26.90 87.52
C ILE L 419 18.73 25.38 87.55
N SER L 420 18.31 24.75 88.64
CA SER L 420 18.23 23.29 88.66
C SER L 420 17.09 22.78 87.79
N GLU L 421 16.08 23.62 87.55
CA GLU L 421 14.93 23.17 86.78
C GLU L 421 15.16 23.31 85.28
N TYR L 422 15.97 24.28 84.85
CA TYR L 422 16.48 24.23 83.49
C TYR L 422 17.41 23.05 83.28
N GLN L 423 18.15 22.68 84.32
CA GLN L 423 19.07 21.55 84.26
C GLN L 423 18.32 20.22 84.23
N GLN L 424 17.05 20.22 84.65
CA GLN L 424 16.27 18.98 84.74
C GLN L 424 16.01 18.37 83.36
N TYR L 425 15.82 19.20 82.35
CA TYR L 425 15.42 18.71 81.04
C TYR L 425 16.42 19.05 79.93
N GLN L 426 17.53 19.71 80.26
CA GLN L 426 18.50 20.10 79.25
C GLN L 426 19.28 18.89 78.75
PG GTP M . -21.60 -36.84 -14.45
O1G GTP M . -21.83 -35.37 -14.77
O2G GTP M . -22.06 -37.16 -13.06
O3G GTP M . -20.12 -37.17 -14.53
O3B GTP M . -22.40 -37.80 -15.46
PB GTP M . -22.79 -37.33 -16.95
O1B GTP M . -23.55 -36.02 -16.93
O2B GTP M . -23.62 -38.41 -17.61
O3A GTP M . -21.37 -37.15 -17.66
PA GTP M . -21.32 -37.27 -19.26
O1A GTP M . -20.17 -36.45 -19.78
O2A GTP M . -22.63 -36.77 -19.81
O5' GTP M . -21.07 -38.82 -19.61
C5' GTP M . -20.00 -39.16 -20.44
C4' GTP M . -20.47 -39.49 -21.86
O4' GTP M . -21.72 -38.90 -22.13
C3' GTP M . -19.52 -38.93 -22.91
O3' GTP M . -18.65 -39.95 -23.36
C2' GTP M . -20.42 -38.49 -24.04
O2' GTP M . -20.20 -39.28 -25.18
C1' GTP M . -21.83 -38.68 -23.53
N9 GTP M . -22.63 -37.47 -23.79
C8 GTP M . -23.09 -36.59 -22.86
N7 GTP M . -23.79 -35.62 -23.48
C5 GTP M . -23.81 -35.88 -24.80
C6 GTP M . -24.38 -35.21 -25.86
O6 GTP M . -25.02 -34.18 -25.66
N1 GTP M . -24.23 -35.70 -27.14
C2 GTP M . -23.51 -36.85 -27.34
N2 GTP M . -23.36 -37.33 -28.57
N3 GTP M . -22.94 -37.52 -26.28
C4 GTP M . -23.08 -37.04 -25.02
PB GDP N . 1.19 -11.77 4.36
O1B GDP N . 0.61 -13.16 4.20
O2B GDP N . 0.10 -10.77 4.60
O3B GDP N . 2.13 -11.76 5.53
O3A GDP N . 2.00 -11.39 3.03
PA GDP N . 1.20 -11.26 1.64
O1A GDP N . -0.19 -11.80 1.79
O2A GDP N . 1.17 -9.83 1.19
O5' GDP N . 2.07 -12.15 0.62
C5' GDP N . 2.99 -11.49 -0.24
C4' GDP N . 2.83 -11.96 -1.68
O4' GDP N . 1.55 -11.55 -2.14
C3' GDP N . 3.87 -11.30 -2.57
O3' GDP N . 4.62 -12.30 -3.27
C2' GDP N . 3.09 -10.46 -3.57
O2' GDP N . 3.55 -10.69 -4.89
C1' GDP N . 1.65 -10.92 -3.43
N9 GDP N . 0.75 -9.74 -3.48
C8 GDP N . 0.41 -8.97 -2.44
N7 GDP N . -0.43 -7.98 -2.83
C5 GDP N . -0.65 -8.13 -4.15
C6 GDP N . -1.44 -7.43 -5.18
O6 GDP N . -2.12 -6.44 -4.89
N1 GDP N . -1.39 -7.91 -6.42
C2 GDP N . -0.66 -8.97 -6.76
N2 GDP N . -0.67 -9.38 -8.05
N3 GDP N . 0.09 -9.67 -5.87
C4 GDP N . 0.13 -9.29 -4.57
PG GTP O . 24.46 14.48 28.29
O1G GTP O . 23.98 13.75 29.52
O2G GTP O . 23.90 15.88 28.23
O3G GTP O . 25.96 14.51 28.35
O3B GTP O . 24.01 13.60 27.02
PB GTP O . 23.65 14.28 25.60
O1B GTP O . 23.17 13.21 24.65
O2B GTP O . 22.59 15.34 25.77
O3A GTP O . 25.04 14.92 25.14
PA GTP O . 25.26 15.17 23.57
O1A GTP O . 23.92 15.46 22.95
O2A GTP O . 26.20 16.32 23.37
O5' GTP O . 25.91 13.83 22.97
C5' GTP O . 27.11 13.93 22.23
C4' GTP O . 26.86 13.82 20.74
O4' GTP O . 25.53 14.15 20.41
C3' GTP O . 27.73 14.79 19.95
O3' GTP O . 28.85 14.13 19.44
C2' GTP O . 26.84 15.26 18.82
O2' GTP O . 27.35 14.80 17.59
C1' GTP O . 25.49 14.65 19.08
N9 GTP O . 24.43 15.67 18.94
C8 GTP O . 23.69 16.18 19.96
N7 GTP O . 22.82 17.08 19.44
C5 GTP O . 22.98 17.12 18.11
C6 GTP O . 22.35 17.85 17.12
O6 GTP O . 21.46 18.64 17.42
N1 GTP O . 22.73 17.70 15.81
C2 GTP O . 23.74 16.82 15.49
N2 GTP O . 24.10 16.67 14.22
N3 GTP O . 24.36 16.09 16.48
C4 GTP O . 24.00 16.24 17.77
PB GDP P . 48.91 42.26 46.60
O1B GDP P . 48.42 40.84 46.56
O2B GDP P . 47.77 43.22 46.78
O3B GDP P . 49.87 42.42 47.74
O3A GDP P . 49.68 42.58 45.23
PA GDP P . 48.86 42.54 43.85
O1A GDP P . 47.49 41.95 44.06
O2A GDP P . 48.74 43.94 43.28
O5' GDP P . 49.76 41.63 42.89
C5' GDP P . 50.64 42.27 41.96
C4' GDP P . 50.48 41.67 40.57
O4' GDP P . 49.18 41.97 40.08
C3' GDP P . 51.47 42.31 39.61
O3' GDP P . 52.26 41.29 38.97
C2' GDP P . 50.63 43.02 38.56
O2' GDP P . 51.09 42.72 37.25
C1' GDP P . 49.23 42.50 38.76
N9 GDP P . 48.26 43.61 38.63
C8 GDP P . 47.89 44.45 39.61
N7 GDP P . 46.99 45.35 39.16
C5 GDP P . 46.76 45.08 37.86
C6 GDP P . 45.92 45.65 36.79
O6 GDP P . 45.18 46.63 37.01
N1 GDP P . 45.98 45.09 35.58
C2 GDP P . 46.77 44.03 35.32
N2 GDP P . 46.76 43.52 34.07
N3 GDP P . 47.56 43.46 36.26
C4 GDP P . 47.60 43.93 37.51
PG GTP Q . -2.66 -28.97 -67.02
O1G GTP Q . -2.40 -29.99 -65.94
O2G GTP Q . -3.47 -27.81 -66.48
O3G GTP Q . -1.33 -28.48 -67.52
O3B GTP Q . -3.43 -29.73 -68.22
PB GTP Q . -4.50 -28.99 -69.15
O1B GTP Q . -5.10 -29.98 -70.11
O2B GTP Q . -5.58 -28.33 -68.32
O3A GTP Q . -3.62 -27.88 -69.91
PA GTP Q . -4.15 -27.34 -71.32
O1A GTP Q . -5.66 -27.38 -71.29
O2A GTP Q . -3.66 -25.93 -71.54
O5' GTP Q . -3.57 -28.30 -72.46
C5' GTP Q . -2.86 -27.73 -73.53
C4' GTP Q . -3.70 -27.68 -74.79
O4' GTP Q . -5.08 -27.71 -74.50
C3' GTP Q . -3.49 -26.38 -75.56
O3' GTP Q . -2.58 -26.59 -76.61
C2' GTP Q . -4.86 -26.03 -76.11
O2' GTP Q . -4.84 -26.11 -77.51
C1' GTP Q . -5.80 -27.05 -75.53
N9 GTP Q . -6.99 -26.40 -74.98
C8 GTP Q . -7.32 -26.30 -73.66
N7 GTP Q . -8.49 -25.64 -73.55
C5 GTP Q . -8.93 -25.34 -74.78
C6 GTP Q . -10.06 -24.69 -75.23
O6 GTP Q . -10.89 -24.27 -74.42
N1 GTP Q . -10.27 -24.52 -76.58
C2 GTP Q . -9.35 -24.99 -77.47
N2 GTP Q . -9.54 -24.82 -78.77
N3 GTP Q . -8.22 -25.63 -77.03
C4 GTP Q . -8.01 -25.81 -75.70
PB GDP R . 19.87 -1.63 -48.79
O1B GDP R . 19.53 -3.06 -49.14
O2B GDP R . 18.86 -1.06 -47.83
O3B GDP R . 21.23 -1.60 -48.14
O3A GDP R . 19.91 -0.77 -50.13
PA GDP R . 18.56 -0.58 -50.98
O1A GDP R . 17.48 -1.51 -50.48
O2A GDP R . 18.09 0.85 -50.90
O5' GDP R . 19.00 -0.94 -52.49
C5' GDP R . 19.30 0.13 -53.37
C4' GDP R . 18.59 -0.05 -54.71
O4' GDP R . 17.18 0.06 -54.48
C3' GDP R . 18.97 1.05 -55.68
O3' GDP R . 19.47 0.48 -56.89
C2' GDP R . 17.71 1.82 -55.95
O2' GDP R . 17.54 2.02 -57.36
C1' GDP R . 16.58 0.95 -55.42
N9 GDP R . 15.58 1.80 -54.75
C8 GDP R . 15.63 2.21 -53.47
N7 GDP R . 14.55 2.96 -53.16
C5 GDP R . 13.78 3.04 -54.26
C6 GDP R . 12.50 3.69 -54.62
O6 GDP R . 11.87 4.35 -53.79
N1 GDP R . 12.05 3.52 -55.87
C2 GDP R . 12.72 2.81 -56.79
N2 GDP R . 12.19 2.69 -58.02
N3 GDP R . 13.90 2.18 -56.52
C4 GDP R . 14.47 2.27 -55.31
PG GTP S . 44.21 24.17 -24.73
O1G GTP S . 44.39 23.11 -23.68
O2G GTP S . 43.47 25.37 -24.18
O3G GTP S . 45.59 24.59 -25.20
O3B GTP S . 43.43 23.51 -25.97
PB GTP S . 42.42 24.35 -26.90
O1B GTP S . 41.77 23.41 -27.89
O2B GTP S . 41.37 25.04 -26.07
O3A GTP S . 43.38 25.41 -27.61
PA GTP S . 42.90 26.03 -29.00
O1A GTP S . 41.40 26.08 -29.00
O2A GTP S . 43.50 27.40 -29.17
O5' GTP S . 43.45 25.06 -30.17
C5' GTP S . 44.22 25.61 -31.21
C4' GTP S . 43.41 25.76 -32.48
O4' GTP S . 42.02 25.81 -32.21
C3' GTP S . 43.71 27.07 -33.20
O3' GTP S . 44.62 26.84 -34.24
C2' GTP S . 42.38 27.53 -33.76
O2' GTP S . 42.41 27.48 -35.17
C1' GTP S . 41.36 26.54 -33.23
N9 GTP S . 40.20 27.25 -32.69
C8 GTP S . 39.86 27.34 -31.37
N7 GTP S . 38.73 28.07 -31.25
C5 GTP S . 38.34 28.43 -32.49
C6 GTP S . 37.25 29.17 -32.93
O6 GTP S . 36.45 29.62 -32.11
N1 GTP S . 37.08 29.40 -34.27
C2 GTP S . 37.99 28.89 -35.17
N2 GTP S . 37.83 29.11 -36.47
N3 GTP S . 39.07 28.16 -34.72
C4 GTP S . 39.24 27.93 -33.40
PB GDP T . 66.76 52.21 -6.29
O1B GDP T . 66.59 50.77 -6.71
O2B GDP T . 65.61 52.64 -5.42
O3B GDP T . 68.05 52.33 -5.51
O3A GDP T . 66.84 53.13 -7.60
PA GDP T . 65.56 53.22 -8.56
O1A GDP T . 64.55 52.17 -8.20
O2A GDP T . 64.96 54.60 -8.48
O5' GDP T . 66.17 52.97 -10.03
C5' GDP T . 66.46 54.09 -10.85
C4' GDP T . 65.89 53.90 -12.25
O4' GDP T . 64.47 53.87 -12.16
C3' GDP T . 66.26 55.07 -13.14
O3' GDP T . 66.92 54.60 -14.32
C2' GDP T . 64.96 55.74 -13.52
O2' GDP T . 64.90 55.98 -14.92
C1' GDP T . 63.87 54.74 -13.12
N9 GDP T . 62.73 55.46 -12.52
C8 GDP T . 62.63 55.83 -11.23
N7 GDP T . 61.46 56.47 -11.00
C5 GDP T . 60.79 56.53 -12.17
C6 GDP T . 59.50 57.06 -12.64
O6 GDP T . 58.73 57.63 -11.85
N1 GDP T . 59.18 56.91 -13.93
C2 GDP T . 60.00 56.29 -14.80
N2 GDP T . 59.60 56.18 -16.09
N3 GDP T . 61.20 55.78 -14.45
C4 GDP T . 61.64 55.86 -13.17
PG GTP U . -57.91 -25.41 28.44
O1G GTP U . -58.85 -25.54 29.61
O2G GTP U . -58.03 -24.05 27.80
O3G GTP U . -56.52 -25.63 28.96
O3B GTP U . -58.28 -26.58 27.41
PB GTP U . -58.10 -26.40 25.82
O1B GTP U . -58.61 -27.63 25.11
O2B GTP U . -58.81 -25.16 25.32
O3A GTP U . -56.51 -26.24 25.65
PA GTP U . -55.87 -26.61 24.23
O1A GTP U . -56.89 -26.31 23.16
O2A GTP U . -54.62 -25.80 24.01
O5' GTP U . -55.50 -28.18 24.28
C5' GTP U . -54.18 -28.58 23.97
C4' GTP U . -54.09 -29.16 22.57
O4' GTP U . -55.16 -28.72 21.75
C3' GTP U . -52.83 -28.72 21.85
O3' GTP U . -51.85 -29.72 21.94
C2' GTP U . -53.24 -28.52 20.41
O2' GTP U . -52.62 -29.48 19.59
C1' GTP U . -54.75 -28.73 20.39
N9 GTP U . -55.41 -27.66 19.64
C8 GTP U . -56.19 -26.68 20.17
N7 GTP U . -56.63 -25.87 19.18
C5 GTP U . -56.14 -26.35 18.01
C6 GTP U . -56.29 -25.91 16.71
O6 GTP U . -56.97 -24.92 16.47
N1 GTP U . -55.67 -26.59 15.68
C2 GTP U . -54.92 -27.70 15.97
N2 GTP U . -54.32 -28.36 14.99
N3 GTP U . -54.77 -28.13 17.28
C4 GTP U . -55.38 -27.47 18.28
PB GDP V . -33.15 0.31 47.11
O1B GDP V . -34.04 -0.92 47.15
O2B GDP V . -33.94 1.51 46.67
O3B GDP V . -32.58 0.56 48.48
O3A GDP V . -31.96 0.03 46.07
PA GDP V . -32.29 -0.20 44.53
O1A GDP V . -33.78 -0.38 44.33
O2A GDP V . -31.79 0.96 43.71
O5' GDP V . -31.48 -1.53 44.15
C5' GDP V . -30.21 -1.40 43.50
C4' GDP V . -30.13 -2.32 42.29
O4' GDP V . -31.07 -1.86 41.32
C3' GDP V . -28.75 -2.22 41.66
O3' GDP V . -28.16 -3.52 41.56
C2' GDP V . -28.97 -1.65 40.26
O2' GDP V . -28.27 -2.42 39.29
C1' GDP V . -30.47 -1.76 40.03
N9 GDP V . -30.95 -0.54 39.35
C8 GDP V . -31.31 0.60 39.95
N7 GDP V . -31.71 1.53 39.04
C5 GDP V . -31.61 0.96 37.83
C6 GDP V . -31.87 1.38 36.43
O6 GDP V . -32.30 2.52 36.18
N1 GDP V . -31.64 0.50 35.46
C2 GDP V . -31.18 -0.74 35.71
N2 GDP V . -30.98 -1.57 34.66
N3 GDP V . -30.92 -1.20 36.96
C4 GDP V . -31.11 -0.41 38.03
PG GTP W . -9.41 28.60 70.60
O1G GTP W . -10.33 28.77 71.77
O2G GTP W . -9.12 29.93 69.93
O3G GTP W . -8.13 28.00 71.10
O3B GTP W . -10.11 27.57 69.58
PB GTP W . -9.91 27.66 68.00
O1B GTP W . -10.77 26.61 67.32
O2B GTP W . -10.25 29.03 67.48
O3A GTP W . -8.35 27.34 67.81
PA GTP W . -7.86 26.77 66.39
O1A GTP W . -8.77 27.33 65.33
O2A GTP W . -6.43 27.18 66.15
O5' GTP W . -7.97 25.17 66.48
C5' GTP W . -6.82 24.41 66.16
C4' GTP W . -6.93 23.79 64.78
O4' GTP W . -7.84 24.50 63.96
C3' GTP W . -5.61 23.82 64.04
O3' GTP W . -4.96 22.58 64.14
C2' GTP W . -5.97 24.10 62.59
O2' GTP W . -5.66 22.99 61.80
C1' GTP W . -7.48 24.33 62.60
N9 GTP W . -7.80 25.55 61.83
C8 GTP W . -8.25 26.72 62.34
N7 GTP W . -8.46 27.58 61.33
C5 GTP W . -8.16 26.98 60.18
C6 GTP W . -8.19 27.41 58.87
O6 GTP W . -8.56 28.55 58.61
N1 GTP W . -7.81 26.56 57.86
C2 GTP W . -7.40 25.28 58.16
N2 GTP W . -7.04 24.45 57.19
N3 GTP W . -7.37 24.85 59.47
C4 GTP W . -7.74 25.69 60.47
PB GDP X . 14.36 53.36 89.75
O1B GDP X . 13.58 52.06 89.82
O2B GDP X . 13.44 54.48 89.34
O3B GDP X . 14.92 53.66 91.12
O3A GDP X . 15.55 53.20 88.69
PA GDP X . 15.20 52.96 87.15
O1A GDP X . 13.74 52.63 86.99
O2A GDP X . 15.57 54.16 86.33
O5' GDP X . 16.13 51.70 86.74
C5' GDP X . 17.36 51.96 86.08
C4' GDP X . 17.51 51.07 84.86
O4' GDP X . 16.50 51.42 83.90
C3' GDP X . 18.85 51.29 84.19
O3' GDP X . 19.56 50.06 84.07
C2' GDP X . 18.55 51.85 82.81
O2' GDP X . 19.30 51.15 81.82
C1' GDP X . 17.07 51.60 82.61
N9 GDP X . 16.45 52.77 81.94
C8 GDP X . 16.01 53.86 82.56
N7 GDP X . 15.49 54.75 81.67
C5 GDP X . 15.62 54.20 80.45
C6 GDP X . 15.29 54.60 79.06
O6 GDP X . 14.75 55.70 78.83
N1 GDP X . 15.58 53.75 78.08
C2 GDP X . 16.16 52.57 78.31
N2 GDP X . 16.42 51.76 77.25
N3 GDP X . 16.50 52.13 79.55
C4 GDP X . 16.26 52.90 80.64
#